data_6EEE
#
_entry.id   6EEE
#
_cell.length_a   173.680
_cell.length_b   177.395
_cell.length_c   229.445
_cell.angle_alpha   90.00
_cell.angle_beta   90.00
_cell.angle_gamma   90.00
#
_symmetry.space_group_name_H-M   'P 21 21 21'
#
loop_
_entity.id
_entity.type
_entity.pdbx_description
1 polymer 'M17 LEUCYL-AMINOPEPTIDASE'
2 non-polymer "(1R,2r,3S,5R,7R)-N-[(1R)-2-(hydroxyamino)-2-oxo-1-(3',4',5'-trifluoro[1,1'-biphenyl]-4-yl)ethyl]tricyclo[3.3.1.1~3,7~]decane-2-carboxamide"
3 non-polymer 'CARBONATE ION'
4 non-polymer 'ZINC ION'
5 non-polymer 'SULFATE ION'
6 non-polymer 'DIMETHYL SULFOXIDE'
7 non-polymer 'PENTAETHYLENE GLYCOL'
8 non-polymer 1,2-ETHANEDIOL
9 non-polymer 'NONAETHYLENE GLYCOL'
10 water water
#
_entity_poly.entity_id   1
_entity_poly.type   'polypeptide(L)'
_entity_poly.pdbx_seq_one_letter_code
;ASEVPQVVSLDPTSIPIEYNTPIHDIKVQVYDIKGGCNVEEGLTIFLVNNPGKENGPVKISSKVNDKQVSEFLKDENMEK
FNVKLGTSKHFYMFNDNKNSVAVGYVGCGSVADLSEADMKRVVLSLVTMLHDNKLSKLTVVFEINVDKNLFRFFLETLFY
EYMTDERFKSTDKNVNMEYIKHLGVYINNADTYKEEVEKARVYYFGTYYASQLIAAPSNYCNPVSLSNAAVELAQKLNLE
YKILGVKELEELKMGAYLSVGKGSMYPNKFIHLTYKSKGDVKKKIALVGKGITFDSGGYNLKAAPGSMIDLMKFDMSGCA
AVLGCAYCVGTLKPENVEIHFLSAVCENMVSKNSYRPGDIITASNGKTIEVGNTDAEGRLTLADALVYAEKLGVDYIVDI
ATLTGAMLYSLGTSYAGVFGNNEELINKILQSSKTSNEPVWWLPIINEYRATLNSKYADINQISSSVKASSIVASLFLKE
FVQNTAWAHIDIAGVSWNFKARKPKGFGVRLLTEFVLND
;
_entity_poly.pdbx_strand_id   A,B,C,D,E,F,G,H,I,J,K,L
#
loop_
_chem_comp.id
_chem_comp.type
_chem_comp.name
_chem_comp.formula
1PE non-polymer 'PENTAETHYLENE GLYCOL' 'C10 H22 O6'
2PE non-polymer 'NONAETHYLENE GLYCOL' 'C18 H38 O10'
CO3 non-polymer 'CARBONATE ION' 'C O3 -2'
DMS non-polymer 'DIMETHYL SULFOXIDE' 'C2 H6 O S'
EDO non-polymer 1,2-ETHANEDIOL 'C2 H6 O2'
J4V non-polymer (1R,2r,3S,5R,7R)-N-[(1R)-2-(hydroxyamino)-2-oxo-1-(3',4',5'-trifluoro[1,1'-biphenyl]-4-yl)ethyl]tricyclo[3.3.1.1~3,7~]decane-2-carboxamide 'C25 H25 F3 N2 O3'
SO4 non-polymer 'SULFATE ION' 'O4 S -2'
ZN non-polymer 'ZINC ION' 'Zn 2'
#
# COMPACT_ATOMS: atom_id res chain seq x y z
N ALA A 1 -37.05 13.72 61.31
CA ALA A 1 -38.42 14.00 60.88
C ALA A 1 -38.81 15.47 61.11
N SER A 2 -39.09 16.18 60.01
CA SER A 2 -39.50 17.57 60.10
C SER A 2 -40.92 17.77 59.54
N GLU A 3 -41.68 18.66 60.16
CA GLU A 3 -43.00 18.99 59.64
C GLU A 3 -42.91 19.82 58.37
N VAL A 4 -43.64 19.38 57.35
CA VAL A 4 -43.76 20.09 56.10
C VAL A 4 -44.72 21.26 56.24
N PRO A 5 -44.23 22.47 55.96
CA PRO A 5 -45.04 23.69 56.01
C PRO A 5 -46.10 23.73 54.90
N GLN A 6 -47.26 24.30 55.20
CA GLN A 6 -48.35 24.39 54.22
C GLN A 6 -48.89 25.81 54.13
N VAL A 7 -49.45 26.18 52.99
CA VAL A 7 -50.11 27.48 52.89
C VAL A 7 -51.58 27.29 53.19
N VAL A 8 -52.13 26.19 52.71
CA VAL A 8 -53.49 25.78 53.06
C VAL A 8 -53.44 24.33 53.51
N SER A 9 -54.45 23.89 54.23
CA SER A 9 -54.47 22.55 54.84
C SER A 9 -54.60 21.43 53.81
N LEU A 10 -54.87 21.80 52.56
CA LEU A 10 -54.98 20.84 51.48
C LEU A 10 -53.60 20.58 50.84
N ASP A 11 -52.61 21.40 51.17
CA ASP A 11 -51.23 21.18 50.72
C ASP A 11 -50.72 19.84 51.24
N PRO A 12 -50.12 19.01 50.37
CA PRO A 12 -49.60 17.72 50.81
C PRO A 12 -48.35 17.79 51.70
N THR A 13 -48.30 16.89 52.68
CA THR A 13 -47.23 16.89 53.65
C THR A 13 -46.25 15.72 53.50
N SER A 14 -46.42 14.94 52.46
CA SER A 14 -45.46 13.84 52.22
C SER A 14 -45.49 13.42 50.77
N ILE A 15 -44.45 12.73 50.33
CA ILE A 15 -44.38 12.18 49.00
C ILE A 15 -44.94 10.78 48.99
N PRO A 16 -46.05 10.57 48.30
CA PRO A 16 -46.53 9.18 48.24
C PRO A 16 -45.50 8.31 47.53
N ILE A 17 -45.12 7.21 48.15
CA ILE A 17 -44.13 6.32 47.57
C ILE A 17 -44.62 4.89 47.65
N GLU A 18 -44.49 4.15 46.55
CA GLU A 18 -44.88 2.75 46.50
C GLU A 18 -43.64 1.89 46.63
N TYR A 19 -43.53 1.15 47.73
CA TYR A 19 -42.38 0.25 47.89
C TYR A 19 -42.68 -1.15 47.36
N ASN A 20 -43.81 -1.72 47.78
CA ASN A 20 -44.22 -3.05 47.29
C ASN A 20 -44.97 -2.99 45.97
N THR A 21 -44.24 -3.13 44.85
CA THR A 21 -44.85 -3.02 43.53
C THR A 21 -45.27 -4.41 43.01
N PRO A 22 -46.24 -4.46 42.07
CA PRO A 22 -46.68 -5.73 41.50
C PRO A 22 -45.53 -6.54 40.92
N ILE A 23 -44.57 -5.85 40.30
CA ILE A 23 -43.34 -6.46 39.83
C ILE A 23 -42.66 -7.33 40.91
N HIS A 24 -42.73 -6.90 42.16
CA HIS A 24 -42.10 -7.64 43.24
C HIS A 24 -42.84 -8.96 43.59
N ASP A 25 -44.06 -9.11 43.09
CA ASP A 25 -44.78 -10.37 43.29
C ASP A 25 -44.54 -11.36 42.14
N ILE A 26 -43.91 -10.92 41.07
CA ILE A 26 -43.68 -11.83 39.95
C ILE A 26 -42.63 -12.89 40.32
N LYS A 27 -43.02 -14.15 40.28
CA LYS A 27 -42.08 -15.27 40.43
C LYS A 27 -41.33 -15.50 39.13
N VAL A 28 -39.99 -15.53 39.19
CA VAL A 28 -39.20 -15.70 37.97
C VAL A 28 -38.53 -17.07 37.91
N GLN A 29 -38.67 -17.76 36.78
CA GLN A 29 -38.05 -19.06 36.62
C GLN A 29 -37.27 -19.10 35.32
N VAL A 30 -35.98 -19.40 35.43
CA VAL A 30 -35.14 -19.54 34.26
C VAL A 30 -34.87 -21.01 33.94
N TYR A 31 -35.00 -21.37 32.68
CA TYR A 31 -34.73 -22.75 32.26
C TYR A 31 -33.73 -22.79 31.11
N ASP A 32 -32.97 -23.87 31.02
CA ASP A 32 -32.06 -24.06 29.90
C ASP A 32 -32.83 -24.53 28.66
N ILE A 33 -32.54 -23.94 27.50
CA ILE A 33 -33.24 -24.26 26.26
C ILE A 33 -32.98 -25.70 25.84
N LYS A 34 -31.81 -26.21 26.18
CA LYS A 34 -31.44 -27.59 25.86
C LYS A 34 -32.53 -28.60 26.28
N GLY A 35 -33.29 -28.26 27.31
CA GLY A 35 -34.34 -29.13 27.80
C GLY A 35 -35.65 -29.04 27.03
N GLY A 36 -35.73 -28.06 26.13
CA GLY A 36 -36.95 -27.81 25.37
C GLY A 36 -37.93 -26.91 26.12
N CYS A 37 -38.79 -26.23 25.38
CA CYS A 37 -39.75 -25.31 26.00
C CYS A 37 -41.12 -25.95 26.20
N ASN A 38 -41.71 -25.74 27.38
CA ASN A 38 -43.10 -26.09 27.62
C ASN A 38 -44.03 -24.90 27.37
N VAL A 39 -45.07 -25.12 26.56
CA VAL A 39 -45.98 -24.05 26.21
C VAL A 39 -47.35 -24.32 26.82
N GLU A 40 -47.65 -23.62 27.91
CA GLU A 40 -48.93 -23.81 28.58
C GLU A 40 -49.65 -22.51 28.81
N GLU A 41 -50.06 -22.24 30.04
CA GLU A 41 -50.87 -21.06 30.27
C GLU A 41 -50.09 -19.78 29.94
N GLY A 42 -50.83 -18.71 29.68
CA GLY A 42 -50.25 -17.40 29.48
C GLY A 42 -49.90 -17.07 28.04
N LEU A 43 -48.76 -16.40 27.90
CA LEU A 43 -48.23 -16.04 26.59
C LEU A 43 -46.77 -16.48 26.50
N THR A 44 -46.43 -17.23 25.45
CA THR A 44 -45.03 -17.59 25.25
C THR A 44 -44.46 -16.84 24.04
N ILE A 45 -43.55 -15.90 24.29
CA ILE A 45 -43.00 -15.10 23.21
C ILE A 45 -41.56 -15.51 22.85
N PHE A 46 -41.31 -15.70 21.56
CA PHE A 46 -39.97 -15.97 21.08
C PHE A 46 -39.24 -14.69 20.62
N LEU A 47 -38.02 -14.49 21.12
CA LEU A 47 -37.15 -13.41 20.64
C LEU A 47 -36.26 -13.96 19.53
N VAL A 48 -36.57 -13.59 18.29
CA VAL A 48 -35.92 -14.18 17.12
C VAL A 48 -35.33 -13.14 16.18
N ASN A 49 -34.14 -13.43 15.65
CA ASN A 49 -33.52 -12.56 14.65
C ASN A 49 -33.13 -13.32 13.37
N ASN A 50 -32.49 -12.62 12.45
CA ASN A 50 -31.99 -13.25 11.24
C ASN A 50 -30.77 -12.47 10.74
N PRO A 51 -29.58 -12.84 11.24
CA PRO A 51 -28.33 -12.11 11.05
C PRO A 51 -28.06 -11.72 9.59
N GLY A 52 -27.89 -10.41 9.36
CA GLY A 52 -27.50 -9.90 8.05
C GLY A 52 -28.63 -9.66 7.06
N LYS A 53 -29.69 -10.45 7.16
CA LYS A 53 -30.81 -10.34 6.21
C LYS A 53 -31.89 -9.39 6.71
N GLU A 54 -31.86 -8.14 6.23
CA GLU A 54 -32.88 -7.17 6.58
C GLU A 54 -34.26 -7.75 6.28
N ASN A 55 -35.15 -7.68 7.27
CA ASN A 55 -36.47 -8.33 7.23
C ASN A 55 -36.42 -9.80 6.79
N GLY A 56 -35.41 -10.53 7.25
CA GLY A 56 -35.32 -11.96 6.97
C GLY A 56 -36.49 -12.72 7.59
N PRO A 57 -36.72 -13.96 7.15
CA PRO A 57 -37.78 -14.78 7.73
C PRO A 57 -37.53 -15.28 9.16
N VAL A 58 -38.62 -15.40 9.92
CA VAL A 58 -38.61 -16.03 11.25
C VAL A 58 -38.36 -17.53 11.16
N LYS A 59 -37.42 -18.03 11.96
CA LYS A 59 -37.27 -19.46 12.15
C LYS A 59 -37.13 -19.77 13.64
N ILE A 60 -37.95 -20.70 14.14
CA ILE A 60 -37.88 -21.07 15.56
C ILE A 60 -36.94 -22.26 15.74
N SER A 61 -35.83 -22.02 16.43
CA SER A 61 -34.81 -23.03 16.54
C SER A 61 -35.00 -23.95 17.75
N SER A 62 -35.61 -23.42 18.81
CA SER A 62 -35.72 -24.19 20.06
C SER A 62 -36.68 -25.38 19.97
N LYS A 63 -36.36 -26.48 20.65
CA LYS A 63 -37.28 -27.59 20.76
C LYS A 63 -38.45 -27.19 21.63
N VAL A 64 -39.67 -27.45 21.16
CA VAL A 64 -40.87 -27.21 21.93
C VAL A 64 -41.53 -28.53 22.30
N ASN A 65 -41.54 -28.87 23.58
CA ASN A 65 -42.00 -30.18 24.03
C ASN A 65 -43.50 -30.37 23.85
N ASP A 66 -43.96 -30.27 22.60
CA ASP A 66 -45.38 -30.36 22.27
C ASP A 66 -45.55 -30.53 20.77
N LYS A 67 -46.32 -31.54 20.36
CA LYS A 67 -46.44 -31.92 18.96
C LYS A 67 -47.23 -30.88 18.15
N GLN A 68 -48.38 -30.49 18.69
CA GLN A 68 -49.19 -29.44 18.07
C GLN A 68 -48.40 -28.14 17.90
N VAL A 69 -47.88 -27.62 19.01
CA VAL A 69 -47.20 -26.35 18.99
C VAL A 69 -45.96 -26.41 18.09
N SER A 70 -45.28 -27.55 18.09
CA SER A 70 -44.13 -27.74 17.19
C SER A 70 -44.52 -27.69 15.73
N GLU A 71 -45.68 -28.25 15.41
CA GLU A 71 -46.15 -28.26 14.04
C GLU A 71 -46.41 -26.83 13.61
N PHE A 72 -47.17 -26.10 14.43
CA PHE A 72 -47.53 -24.71 14.16
C PHE A 72 -46.28 -23.87 13.90
N LEU A 73 -45.26 -24.06 14.73
CA LEU A 73 -44.07 -23.23 14.68
C LEU A 73 -43.03 -23.72 13.69
N LYS A 74 -43.42 -24.59 12.76
CA LYS A 74 -42.47 -25.11 11.78
C LYS A 74 -42.10 -24.00 10.78
N ASP A 75 -40.95 -24.16 10.13
CA ASP A 75 -40.39 -23.15 9.24
C ASP A 75 -41.35 -22.71 8.14
N GLU A 76 -42.03 -23.67 7.52
CA GLU A 76 -42.92 -23.38 6.40
C GLU A 76 -44.02 -22.43 6.83
N ASN A 77 -44.40 -22.50 8.10
CA ASN A 77 -45.45 -21.63 8.63
C ASN A 77 -44.92 -20.27 9.07
N MET A 78 -43.67 -20.25 9.52
CA MET A 78 -43.10 -19.02 10.05
C MET A 78 -42.50 -18.11 8.96
N GLU A 79 -42.09 -18.70 7.85
CA GLU A 79 -41.41 -17.95 6.78
C GLU A 79 -42.21 -16.76 6.24
N LYS A 80 -43.51 -16.74 6.51
CA LYS A 80 -44.39 -15.66 6.08
C LYS A 80 -44.27 -14.45 7.00
N PHE A 81 -43.49 -14.58 8.06
CA PHE A 81 -43.22 -13.45 8.94
C PHE A 81 -41.75 -13.08 8.95
N ASN A 82 -41.46 -11.80 9.15
CA ASN A 82 -40.07 -11.36 9.19
C ASN A 82 -39.65 -10.86 10.56
N VAL A 83 -38.36 -10.68 10.72
CA VAL A 83 -37.75 -10.40 12.00
C VAL A 83 -37.51 -8.92 12.25
N LYS A 84 -38.14 -8.04 11.48
CA LYS A 84 -37.85 -6.61 11.55
C LYS A 84 -37.91 -6.14 12.99
N LEU A 85 -36.94 -5.33 13.39
CA LEU A 85 -36.75 -4.99 14.80
C LEU A 85 -37.98 -4.36 15.41
N GLY A 86 -38.60 -5.07 16.34
CA GLY A 86 -39.77 -4.57 17.04
C GLY A 86 -41.09 -5.05 16.46
N THR A 87 -41.04 -5.75 15.34
CA THR A 87 -42.28 -6.31 14.81
C THR A 87 -42.71 -7.46 15.72
N SER A 88 -44.01 -7.74 15.75
CA SER A 88 -44.52 -8.79 16.62
C SER A 88 -45.80 -9.40 16.09
N LYS A 89 -46.12 -10.59 16.61
CA LYS A 89 -47.25 -11.38 16.13
C LYS A 89 -47.80 -12.24 17.25
N HIS A 90 -49.12 -12.34 17.32
CA HIS A 90 -49.83 -13.22 18.28
C HIS A 90 -50.33 -14.48 17.56
N PHE A 91 -50.03 -15.65 18.11
CA PHE A 91 -50.56 -16.89 17.58
C PHE A 91 -51.51 -17.54 18.57
N TYR A 92 -52.44 -18.34 18.06
CA TYR A 92 -53.39 -19.06 18.92
C TYR A 92 -53.62 -20.46 18.37
N MET A 93 -53.51 -21.44 19.25
CA MET A 93 -53.63 -22.84 18.86
C MET A 93 -53.93 -23.70 20.09
N PHE A 94 -54.26 -24.96 19.86
CA PHE A 94 -54.45 -25.92 20.94
C PHE A 94 -53.21 -26.82 21.07
N ASN A 95 -52.85 -27.17 22.30
CA ASN A 95 -51.68 -28.02 22.48
C ASN A 95 -52.10 -29.50 22.54
N ASP A 96 -51.18 -30.37 22.97
CA ASP A 96 -51.43 -31.80 23.02
C ASP A 96 -52.52 -32.21 24.03
N ASN A 97 -52.65 -31.45 25.11
CA ASN A 97 -53.67 -31.75 26.11
C ASN A 97 -54.98 -31.03 25.79
N LYS A 98 -55.14 -30.65 24.52
CA LYS A 98 -56.34 -29.97 24.05
C LYS A 98 -56.66 -28.68 24.82
N ASN A 99 -55.64 -28.03 25.36
CA ASN A 99 -55.83 -26.69 25.91
C ASN A 99 -55.36 -25.62 24.94
N SER A 100 -56.03 -24.47 24.95
CA SER A 100 -55.66 -23.35 24.12
C SER A 100 -54.40 -22.66 24.68
N VAL A 101 -53.47 -22.31 23.80
CA VAL A 101 -52.27 -21.59 24.20
C VAL A 101 -52.01 -20.39 23.30
N ALA A 102 -51.44 -19.34 23.89
CA ALA A 102 -51.04 -18.15 23.13
C ALA A 102 -49.53 -18.12 22.94
N VAL A 103 -49.10 -17.96 21.70
CA VAL A 103 -47.67 -17.95 21.37
C VAL A 103 -47.41 -16.71 20.53
N GLY A 104 -46.15 -16.33 20.39
CA GLY A 104 -45.79 -15.24 19.50
C GLY A 104 -44.30 -15.01 19.49
N TYR A 105 -43.88 -13.98 18.77
CA TYR A 105 -42.47 -13.63 18.67
C TYR A 105 -42.27 -12.12 18.66
N VAL A 106 -41.06 -11.68 19.01
CA VAL A 106 -40.65 -10.31 18.72
C VAL A 106 -39.43 -10.34 17.79
N GLY A 107 -39.49 -9.54 16.73
CA GLY A 107 -38.36 -9.41 15.81
C GLY A 107 -37.21 -8.65 16.43
N CYS A 108 -36.02 -9.22 16.33
CA CYS A 108 -34.85 -8.61 16.94
C CYS A 108 -33.86 -8.18 15.86
N GLY A 109 -34.36 -8.06 14.64
CA GLY A 109 -33.61 -7.46 13.55
C GLY A 109 -32.64 -8.37 12.84
N SER A 110 -31.63 -7.76 12.26
CA SER A 110 -30.71 -8.45 11.37
C SER A 110 -29.27 -8.43 11.88
N VAL A 111 -29.06 -7.77 13.03
CA VAL A 111 -27.71 -7.62 13.59
C VAL A 111 -27.50 -8.59 14.74
N ALA A 112 -26.38 -9.30 14.70
CA ALA A 112 -26.14 -10.42 15.61
C ALA A 112 -26.13 -10.01 17.08
N ASP A 113 -25.65 -8.81 17.37
CA ASP A 113 -25.67 -8.35 18.75
C ASP A 113 -26.35 -7.01 18.91
N LEU A 114 -27.40 -7.01 19.73
CA LEU A 114 -28.24 -5.85 19.96
C LEU A 114 -27.58 -4.78 20.83
N SER A 115 -27.76 -3.53 20.46
CA SER A 115 -27.38 -2.42 21.32
C SER A 115 -28.45 -2.25 22.40
N GLU A 116 -28.12 -1.51 23.44
CA GLU A 116 -29.07 -1.28 24.51
C GLU A 116 -30.27 -0.53 23.96
N ALA A 117 -30.04 0.24 22.90
CA ALA A 117 -31.13 0.98 22.26
C ALA A 117 -32.07 0.03 21.53
N ASP A 118 -31.51 -0.99 20.90
CA ASP A 118 -32.29 -1.96 20.15
C ASP A 118 -33.08 -2.81 21.13
N MET A 119 -32.40 -3.31 22.15
CA MET A 119 -32.99 -4.13 23.18
C MET A 119 -34.18 -3.40 23.82
N LYS A 120 -34.04 -2.10 24.00
CA LYS A 120 -35.11 -1.28 24.55
C LYS A 120 -36.33 -1.32 23.62
N ARG A 121 -36.08 -1.32 22.31
CA ARG A 121 -37.16 -1.36 21.36
C ARG A 121 -37.82 -2.74 21.40
N VAL A 122 -37.02 -3.79 21.62
CA VAL A 122 -37.56 -5.12 21.74
C VAL A 122 -38.46 -5.23 22.97
N VAL A 123 -38.01 -4.64 24.07
CA VAL A 123 -38.78 -4.64 25.30
C VAL A 123 -40.09 -3.89 25.10
N LEU A 124 -40.03 -2.73 24.47
CA LEU A 124 -41.22 -1.93 24.21
C LEU A 124 -42.28 -2.69 23.40
N SER A 125 -41.84 -3.52 22.46
CA SER A 125 -42.80 -4.32 21.67
C SER A 125 -43.40 -5.36 22.58
N LEU A 126 -42.56 -6.01 23.39
CA LEU A 126 -43.01 -7.01 24.35
C LEU A 126 -44.03 -6.44 25.34
N VAL A 127 -43.72 -5.28 25.91
CA VAL A 127 -44.60 -4.66 26.88
C VAL A 127 -45.96 -4.30 26.26
N THR A 128 -45.98 -4.10 24.94
CA THR A 128 -47.24 -3.87 24.23
C THR A 128 -48.11 -5.12 24.23
N MET A 129 -47.48 -6.29 24.22
CA MET A 129 -48.21 -7.56 24.21
C MET A 129 -48.75 -7.90 25.59
N LEU A 130 -48.16 -7.30 26.61
CA LEU A 130 -48.60 -7.48 28.00
C LEU A 130 -49.79 -6.56 28.33
N HIS A 131 -49.79 -5.37 27.74
CA HIS A 131 -50.84 -4.41 28.00
C HIS A 131 -52.11 -4.84 27.27
N ASP A 132 -53.26 -4.54 27.89
CA ASP A 132 -54.57 -4.81 27.29
C ASP A 132 -54.82 -6.31 27.13
N ASN A 133 -54.12 -7.10 27.92
CA ASN A 133 -54.30 -8.54 27.93
C ASN A 133 -54.16 -9.11 29.34
N LYS A 134 -55.28 -9.53 29.93
CA LYS A 134 -55.24 -10.11 31.25
C LYS A 134 -54.53 -11.46 31.19
N LEU A 135 -53.26 -11.44 31.53
CA LEU A 135 -52.40 -12.61 31.49
C LEU A 135 -51.97 -13.01 32.90
N SER A 136 -51.75 -14.30 33.12
CA SER A 136 -51.27 -14.75 34.41
C SER A 136 -49.77 -15.06 34.35
N LYS A 137 -49.31 -15.44 33.16
CA LYS A 137 -47.90 -15.75 32.97
C LYS A 137 -47.39 -15.25 31.61
N LEU A 138 -46.14 -14.79 31.59
CA LEU A 138 -45.41 -14.52 30.35
C LEU A 138 -44.22 -15.44 30.31
N THR A 139 -43.96 -16.02 29.15
CA THR A 139 -42.76 -16.84 28.98
C THR A 139 -41.95 -16.33 27.79
N VAL A 140 -40.68 -16.01 28.03
CA VAL A 140 -39.80 -15.44 27.01
C VAL A 140 -38.74 -16.45 26.57
N VAL A 141 -38.68 -16.77 25.29
CA VAL A 141 -37.64 -17.67 24.80
C VAL A 141 -36.56 -16.92 24.03
N PHE A 142 -35.34 -16.97 24.53
CA PHE A 142 -34.22 -16.27 23.91
C PHE A 142 -33.60 -17.07 22.78
N GLU A 143 -33.86 -16.66 21.56
CA GLU A 143 -33.21 -17.25 20.40
C GLU A 143 -32.17 -16.28 19.87
N ILE A 144 -31.76 -15.37 20.74
CA ILE A 144 -30.72 -14.41 20.41
C ILE A 144 -29.67 -14.50 21.49
N ASN A 145 -28.46 -14.10 21.18
CA ASN A 145 -27.37 -14.16 22.15
C ASN A 145 -27.22 -12.85 22.89
N VAL A 146 -27.29 -12.94 24.22
CA VAL A 146 -27.11 -11.77 25.06
C VAL A 146 -26.04 -12.06 26.09
N ASP A 147 -25.26 -11.04 26.44
CA ASP A 147 -24.34 -11.21 27.55
C ASP A 147 -25.14 -10.97 28.83
N LYS A 148 -24.54 -11.30 29.96
CA LYS A 148 -25.26 -11.28 31.23
C LYS A 148 -25.80 -9.90 31.56
N ASN A 149 -24.97 -8.88 31.37
CA ASN A 149 -25.38 -7.50 31.59
C ASN A 149 -26.58 -7.08 30.73
N LEU A 150 -26.61 -7.53 29.49
CA LEU A 150 -27.73 -7.19 28.61
C LEU A 150 -28.97 -8.04 28.94
N PHE A 151 -28.75 -9.28 29.39
CA PHE A 151 -29.85 -10.10 29.90
C PHE A 151 -30.48 -9.38 31.08
N ARG A 152 -29.65 -8.81 31.94
CA ARG A 152 -30.17 -8.11 33.12
C ARG A 152 -30.90 -6.85 32.70
N PHE A 153 -30.31 -6.13 31.74
CA PHE A 153 -30.89 -4.92 31.19
C PHE A 153 -32.25 -5.20 30.59
N PHE A 154 -32.38 -6.31 29.87
CA PHE A 154 -33.69 -6.77 29.38
C PHE A 154 -34.71 -6.85 30.53
N LEU A 155 -34.34 -7.51 31.61
CA LEU A 155 -35.24 -7.67 32.76
C LEU A 155 -35.61 -6.34 33.44
N GLU A 156 -34.60 -5.53 33.74
CA GLU A 156 -34.80 -4.22 34.38
C GLU A 156 -35.72 -3.31 33.58
N THR A 157 -35.54 -3.34 32.27
CA THR A 157 -36.31 -2.49 31.39
C THR A 157 -37.74 -3.00 31.25
N LEU A 158 -37.85 -4.32 31.14
CA LEU A 158 -39.15 -4.99 31.14
C LEU A 158 -39.95 -4.58 32.40
N PHE A 159 -39.37 -4.80 33.59
CA PHE A 159 -40.02 -4.45 34.85
C PHE A 159 -40.37 -2.96 34.92
N TYR A 160 -39.48 -2.11 34.41
CA TYR A 160 -39.64 -0.67 34.56
C TYR A 160 -40.74 -0.15 33.66
N GLU A 161 -40.75 -0.62 32.42
CA GLU A 161 -41.72 -0.14 31.45
C GLU A 161 -43.12 -0.70 31.76
N TYR A 162 -43.18 -1.97 32.12
CA TYR A 162 -44.45 -2.67 32.44
C TYR A 162 -45.16 -1.99 33.62
N MET A 163 -44.40 -1.68 34.66
CA MET A 163 -44.89 -0.97 35.84
C MET A 163 -45.56 0.37 35.45
N THR A 164 -46.70 0.68 36.07
CA THR A 164 -47.39 1.95 35.80
C THR A 164 -47.59 2.76 37.10
N ASP A 165 -47.14 4.02 37.11
CA ASP A 165 -47.19 4.82 38.33
C ASP A 165 -48.52 5.56 38.42
N GLU A 166 -49.37 5.11 39.36
CA GLU A 166 -50.74 5.59 39.48
C GLU A 166 -50.99 6.33 40.77
N ARG A 167 -49.92 6.78 41.43
CA ARG A 167 -50.04 7.46 42.72
C ARG A 167 -50.96 8.69 42.70
N PHE A 168 -51.02 9.39 41.59
CA PHE A 168 -51.74 10.66 41.57
C PHE A 168 -53.08 10.56 40.84
N LYS A 169 -53.45 9.32 40.50
CA LYS A 169 -54.77 9.02 39.96
C LYS A 169 -55.82 8.97 41.05
N SER A 170 -56.98 9.53 40.77
CA SER A 170 -58.10 9.47 41.68
C SER A 170 -59.28 8.83 40.97
N THR A 171 -59.98 9.65 40.18
CA THR A 171 -61.17 9.22 39.45
C THR A 171 -60.84 8.53 38.12
N ASP A 172 -59.59 8.63 37.68
CA ASP A 172 -59.17 8.06 36.40
C ASP A 172 -58.40 6.75 36.58
N GLU A 178 -54.37 -5.75 35.54
CA GLU A 178 -53.76 -6.73 36.41
C GLU A 178 -52.45 -7.24 35.82
N TYR A 179 -51.46 -7.46 36.67
CA TYR A 179 -50.13 -7.84 36.24
C TYR A 179 -49.94 -9.35 36.26
N ILE A 180 -49.02 -9.85 35.43
CA ILE A 180 -48.69 -11.27 35.46
C ILE A 180 -48.14 -11.64 36.84
N LYS A 181 -48.32 -12.91 37.20
CA LYS A 181 -47.81 -13.44 38.47
C LYS A 181 -46.55 -14.30 38.27
N HIS A 182 -46.29 -14.70 37.03
CA HIS A 182 -45.14 -15.57 36.74
C HIS A 182 -44.45 -15.17 35.46
N LEU A 183 -43.12 -15.22 35.50
CA LEU A 183 -42.28 -14.94 34.36
C LEU A 183 -41.36 -16.13 34.13
N GLY A 184 -41.46 -16.78 32.99
CA GLY A 184 -40.54 -17.85 32.66
C GLY A 184 -39.57 -17.36 31.61
N VAL A 185 -38.30 -17.77 31.72
CA VAL A 185 -37.28 -17.41 30.74
C VAL A 185 -36.50 -18.63 30.26
N TYR A 186 -36.49 -18.84 28.95
CA TYR A 186 -35.68 -19.89 28.34
C TYR A 186 -34.49 -19.28 27.66
N ILE A 187 -33.32 -19.79 27.97
CA ILE A 187 -32.09 -19.24 27.44
C ILE A 187 -31.02 -20.32 27.51
N ASN A 188 -30.06 -20.28 26.59
CA ASN A 188 -28.97 -21.23 26.66
C ASN A 188 -28.12 -20.89 27.88
N ASN A 189 -27.54 -21.93 28.49
CA ASN A 189 -26.71 -21.80 29.70
C ASN A 189 -27.40 -21.06 30.83
N ALA A 190 -28.62 -21.51 31.14
CA ALA A 190 -29.47 -20.80 32.09
C ALA A 190 -28.80 -20.55 33.43
N ASP A 191 -27.96 -21.49 33.86
CA ASP A 191 -27.31 -21.38 35.17
C ASP A 191 -26.42 -20.15 35.27
N THR A 192 -25.78 -19.77 34.18
CA THR A 192 -24.90 -18.63 34.20
C THR A 192 -25.67 -17.31 34.33
N TYR A 193 -26.96 -17.33 34.00
CA TYR A 193 -27.75 -16.09 33.99
C TYR A 193 -28.61 -15.88 35.23
N LYS A 194 -28.92 -16.96 35.94
CA LYS A 194 -29.81 -16.93 37.10
C LYS A 194 -29.43 -15.89 38.16
N GLU A 195 -28.14 -15.62 38.33
CA GLU A 195 -27.71 -14.66 39.35
C GLU A 195 -28.09 -13.23 38.96
N GLU A 196 -28.30 -13.00 37.67
CA GLU A 196 -28.72 -11.69 37.17
C GLU A 196 -30.15 -11.31 37.54
N VAL A 197 -30.96 -12.30 37.89
CA VAL A 197 -32.40 -12.07 38.02
C VAL A 197 -32.73 -11.15 39.21
N GLU A 198 -32.24 -11.45 40.40
CA GLU A 198 -32.63 -10.62 41.54
C GLU A 198 -31.88 -9.29 41.51
N LYS A 199 -30.69 -9.28 40.91
CA LYS A 199 -29.97 -8.04 40.71
C LYS A 199 -30.81 -7.10 39.84
N ALA A 200 -31.44 -7.67 38.81
CA ALA A 200 -32.32 -6.92 37.90
C ALA A 200 -33.52 -6.35 38.66
N ARG A 201 -34.02 -7.13 39.59
CA ARG A 201 -35.14 -6.71 40.42
C ARG A 201 -34.73 -5.55 41.32
N VAL A 202 -33.56 -5.67 41.93
CA VAL A 202 -33.03 -4.62 42.78
C VAL A 202 -32.79 -3.35 41.96
N TYR A 203 -32.12 -3.51 40.82
CA TYR A 203 -31.86 -2.38 39.90
C TYR A 203 -33.14 -1.72 39.38
N TYR A 204 -34.13 -2.54 39.02
CA TYR A 204 -35.45 -2.03 38.63
C TYR A 204 -36.04 -1.12 39.68
N PHE A 205 -36.09 -1.55 40.95
CA PHE A 205 -36.77 -0.71 41.92
C PHE A 205 -36.01 0.56 42.28
N GLY A 206 -34.68 0.48 42.36
CA GLY A 206 -33.90 1.69 42.55
C GLY A 206 -34.25 2.67 41.44
N THR A 207 -34.26 2.15 40.21
CA THR A 207 -34.60 2.97 39.07
C THR A 207 -36.01 3.53 39.19
N TYR A 208 -36.95 2.69 39.57
CA TYR A 208 -38.35 3.06 39.68
C TYR A 208 -38.56 4.01 40.86
N TYR A 209 -37.90 3.75 41.97
CA TYR A 209 -37.92 4.66 43.11
C TYR A 209 -37.46 6.08 42.74
N ALA A 210 -36.37 6.18 41.98
CA ALA A 210 -35.84 7.49 41.59
C ALA A 210 -36.89 8.20 40.78
N SER A 211 -37.56 7.43 39.94
CA SER A 211 -38.62 7.94 39.07
C SER A 211 -39.86 8.46 39.82
N GLN A 212 -40.27 7.79 40.90
CA GLN A 212 -41.39 8.28 41.69
C GLN A 212 -41.07 9.63 42.31
N LEU A 213 -39.84 9.81 42.80
CA LEU A 213 -39.45 11.10 43.37
C LEU A 213 -39.39 12.19 42.28
N ILE A 214 -38.82 11.84 41.12
CA ILE A 214 -38.74 12.83 40.04
C ILE A 214 -40.12 13.23 39.52
N ALA A 215 -40.95 12.23 39.22
CA ALA A 215 -42.32 12.44 38.76
C ALA A 215 -43.20 13.15 39.79
N ALA A 216 -42.88 12.98 41.07
CA ALA A 216 -43.65 13.69 42.09
C ALA A 216 -43.50 15.20 41.89
N PRO A 217 -44.63 15.90 41.76
CA PRO A 217 -44.62 17.36 41.57
C PRO A 217 -44.06 18.08 42.80
N SER A 218 -43.82 19.37 42.61
CA SER A 218 -43.08 20.16 43.57
C SER A 218 -43.89 20.51 44.79
N ASN A 219 -45.21 20.50 44.67
CA ASN A 219 -46.03 20.71 45.85
C ASN A 219 -46.02 19.45 46.75
N TYR A 220 -45.80 18.28 46.16
CA TYR A 220 -45.64 17.06 46.95
C TYR A 220 -44.17 16.87 47.34
N CYS A 221 -43.30 16.98 46.34
CA CYS A 221 -41.88 16.75 46.55
C CYS A 221 -41.14 18.08 46.62
N ASN A 222 -40.89 18.48 47.86
CA ASN A 222 -40.32 19.75 48.23
C ASN A 222 -39.13 19.43 49.12
N PRO A 223 -38.28 20.44 49.46
CA PRO A 223 -37.09 20.09 50.24
C PRO A 223 -37.35 19.29 51.54
N VAL A 224 -38.44 19.57 52.23
CA VAL A 224 -38.68 18.93 53.50
C VAL A 224 -39.21 17.51 53.30
N SER A 225 -40.14 17.34 52.37
CA SER A 225 -40.72 16.01 52.16
C SER A 225 -39.71 15.10 51.48
N LEU A 226 -38.78 15.67 50.70
CA LEU A 226 -37.83 14.84 49.99
C LEU A 226 -36.76 14.33 50.96
N SER A 227 -36.41 15.17 51.94
CA SER A 227 -35.47 14.72 52.96
C SER A 227 -36.18 13.78 53.94
N ASN A 228 -37.47 14.00 54.22
CA ASN A 228 -38.25 13.03 55.02
C ASN A 228 -38.24 11.66 54.36
N ALA A 229 -38.49 11.60 53.05
CA ALA A 229 -38.40 10.34 52.29
C ALA A 229 -37.02 9.70 52.42
N ALA A 230 -35.96 10.50 52.37
CA ALA A 230 -34.59 9.99 52.48
C ALA A 230 -34.37 9.31 53.84
N VAL A 231 -34.87 9.93 54.91
CA VAL A 231 -34.76 9.36 56.24
C VAL A 231 -35.46 8.01 56.29
N GLU A 232 -36.70 8.00 55.84
CA GLU A 232 -37.52 6.80 55.78
C GLU A 232 -36.83 5.68 55.01
N LEU A 233 -36.18 6.06 53.91
CA LEU A 233 -35.45 5.08 53.10
C LEU A 233 -34.29 4.47 53.90
N ALA A 234 -33.58 5.33 54.64
CA ALA A 234 -32.42 4.91 55.42
C ALA A 234 -32.80 3.96 56.56
N GLN A 235 -33.95 4.22 57.16
CA GLN A 235 -34.45 3.41 58.25
C GLN A 235 -34.80 2.00 57.76
N LYS A 236 -35.44 1.92 56.60
CA LYS A 236 -35.79 0.62 56.04
C LYS A 236 -34.54 -0.12 55.60
N LEU A 237 -33.48 0.62 55.30
CA LEU A 237 -32.27 0.00 54.76
C LEU A 237 -31.13 -0.19 55.78
N ASN A 238 -31.29 0.38 56.97
CA ASN A 238 -30.25 0.38 57.99
C ASN A 238 -29.01 1.18 57.62
N LEU A 239 -29.19 2.31 56.94
CA LEU A 239 -28.07 3.21 56.68
C LEU A 239 -28.01 4.24 57.78
N GLU A 240 -26.84 4.82 58.00
CA GLU A 240 -26.73 5.98 58.88
C GLU A 240 -27.27 7.16 58.11
N TYR A 241 -27.91 8.08 58.80
CA TYR A 241 -28.36 9.29 58.13
C TYR A 241 -28.20 10.49 59.03
N LYS A 242 -28.04 11.63 58.40
CA LYS A 242 -28.03 12.90 59.08
C LYS A 242 -28.71 13.88 58.12
N ILE A 243 -29.67 14.64 58.62
CA ILE A 243 -30.25 15.73 57.85
C ILE A 243 -29.85 17.07 58.47
N LEU A 244 -29.06 17.86 57.73
CA LEU A 244 -28.65 19.18 58.21
C LEU A 244 -29.68 20.26 57.89
N GLY A 245 -30.13 20.96 58.91
CA GLY A 245 -31.11 22.01 58.75
C GLY A 245 -30.39 23.33 58.61
N VAL A 246 -31.14 24.42 58.59
CA VAL A 246 -30.55 25.72 58.29
C VAL A 246 -29.49 26.11 59.30
N LYS A 247 -29.81 25.92 60.58
CA LYS A 247 -28.92 26.30 61.68
C LYS A 247 -27.56 25.61 61.57
N GLU A 248 -27.58 24.32 61.26
CA GLU A 248 -26.30 23.64 61.09
C GLU A 248 -25.56 24.12 59.82
N LEU A 249 -26.30 24.30 58.73
CA LEU A 249 -25.75 24.80 57.48
C LEU A 249 -25.14 26.20 57.64
N GLU A 250 -25.77 27.04 58.46
CA GLU A 250 -25.24 28.38 58.75
C GLU A 250 -23.90 28.28 59.47
N GLU A 251 -23.83 27.39 60.46
CA GLU A 251 -22.61 27.17 61.23
C GLU A 251 -21.49 26.66 60.33
N LEU A 252 -21.86 25.93 59.27
CA LEU A 252 -20.88 25.46 58.31
C LEU A 252 -20.60 26.51 57.24
N LYS A 253 -21.27 27.66 57.38
CA LYS A 253 -21.11 28.77 56.45
C LYS A 253 -21.31 28.35 54.99
N MET A 254 -22.34 27.56 54.72
CA MET A 254 -22.60 27.19 53.32
C MET A 254 -23.36 28.29 52.57
N GLY A 255 -22.74 29.47 52.49
CA GLY A 255 -23.40 30.62 51.87
C GLY A 255 -23.97 30.42 50.48
N ALA A 256 -23.27 29.68 49.62
CA ALA A 256 -23.77 29.46 48.27
C ALA A 256 -25.13 28.72 48.30
N TYR A 257 -25.13 27.52 48.87
CA TYR A 257 -26.33 26.69 49.03
C TYR A 257 -27.48 27.46 49.69
N LEU A 258 -27.19 28.11 50.82
CA LEU A 258 -28.24 28.83 51.53
C LEU A 258 -28.82 30.00 50.72
N SER A 259 -27.99 30.67 49.92
CA SER A 259 -28.47 31.81 49.14
C SER A 259 -29.55 31.40 48.13
N VAL A 260 -29.36 30.24 47.52
CA VAL A 260 -30.28 29.73 46.53
C VAL A 260 -31.67 29.50 47.14
N GLY A 261 -31.70 28.91 48.33
CA GLY A 261 -32.95 28.57 48.99
C GLY A 261 -33.60 29.70 49.76
N LYS A 262 -32.93 30.85 49.86
CA LYS A 262 -33.46 31.98 50.63
C LYS A 262 -34.90 32.32 50.27
N GLY A 263 -35.20 32.27 48.99
CA GLY A 263 -36.49 32.68 48.50
C GLY A 263 -37.62 31.68 48.74
N SER A 264 -37.30 30.48 49.24
CA SER A 264 -38.32 29.43 49.34
C SER A 264 -39.01 29.38 50.71
N MET A 265 -40.30 29.05 50.71
CA MET A 265 -41.09 28.87 51.93
C MET A 265 -40.66 27.60 52.67
N TYR A 266 -39.90 26.76 51.98
CA TYR A 266 -39.36 25.56 52.56
C TYR A 266 -37.91 25.79 53.03
N PRO A 267 -37.61 25.38 54.26
CA PRO A 267 -36.20 25.53 54.70
C PRO A 267 -35.34 24.49 54.01
N ASN A 268 -34.11 24.84 53.68
CA ASN A 268 -33.19 23.92 53.05
C ASN A 268 -32.94 22.72 53.93
N LYS A 269 -32.64 21.58 53.31
CA LYS A 269 -32.28 20.36 54.00
C LYS A 269 -31.15 19.64 53.29
N PHE A 270 -30.03 19.45 53.98
CA PHE A 270 -28.91 18.72 53.40
C PHE A 270 -28.98 17.25 53.80
N ILE A 271 -29.11 16.38 52.81
CA ILE A 271 -29.21 14.95 53.05
C ILE A 271 -27.83 14.33 53.06
N HIS A 272 -27.52 13.55 54.10
CA HIS A 272 -26.29 12.77 54.13
C HIS A 272 -26.62 11.35 54.59
N LEU A 273 -26.63 10.40 53.67
CA LEU A 273 -26.77 9.01 54.07
C LEU A 273 -25.39 8.38 54.05
N THR A 274 -25.22 7.30 54.79
CA THR A 274 -23.96 6.58 54.76
C THR A 274 -24.19 5.08 54.81
N TYR A 275 -23.49 4.36 53.95
CA TYR A 275 -23.43 2.91 54.04
C TYR A 275 -21.98 2.51 54.32
N LYS A 276 -21.76 1.78 55.40
CA LYS A 276 -20.44 1.25 55.70
C LYS A 276 -20.44 -0.27 55.56
N SER A 277 -19.34 -0.85 55.09
CA SER A 277 -19.25 -2.31 55.00
C SER A 277 -18.94 -2.86 56.38
N LYS A 278 -19.17 -4.16 56.55
CA LYS A 278 -18.91 -4.81 57.83
C LYS A 278 -17.41 -5.08 57.98
N GLY A 279 -16.77 -5.41 56.86
CA GLY A 279 -15.35 -5.72 56.87
C GLY A 279 -14.46 -4.48 56.87
N ASP A 280 -13.19 -4.67 56.49
CA ASP A 280 -12.24 -3.57 56.44
C ASP A 280 -12.58 -2.67 55.27
N VAL A 281 -12.59 -1.37 55.49
CA VAL A 281 -12.93 -0.45 54.42
C VAL A 281 -11.69 -0.15 53.58
N LYS A 282 -11.74 -0.55 52.31
CA LYS A 282 -10.62 -0.33 51.40
C LYS A 282 -10.88 0.81 50.41
N LYS A 283 -12.07 1.39 50.43
CA LYS A 283 -12.43 2.43 49.46
C LYS A 283 -13.56 3.30 49.96
N LYS A 284 -13.35 4.62 49.97
CA LYS A 284 -14.37 5.56 50.40
C LYS A 284 -14.85 6.42 49.24
N ILE A 285 -16.16 6.65 49.18
CA ILE A 285 -16.77 7.31 48.04
C ILE A 285 -17.85 8.28 48.47
N ALA A 286 -17.93 9.43 47.79
CA ALA A 286 -19.04 10.37 47.98
C ALA A 286 -19.79 10.55 46.67
N LEU A 287 -21.09 10.27 46.70
CA LEU A 287 -21.97 10.48 45.56
C LEU A 287 -22.83 11.69 45.84
N VAL A 288 -22.82 12.65 44.94
CA VAL A 288 -23.49 13.92 45.19
C VAL A 288 -24.52 14.15 44.10
N GLY A 289 -25.77 14.34 44.49
CA GLY A 289 -26.82 14.60 43.51
C GLY A 289 -27.39 15.99 43.66
N LYS A 290 -27.62 16.66 42.54
CA LYS A 290 -28.27 17.96 42.56
C LYS A 290 -29.73 17.80 42.98
N GLY A 291 -30.15 18.61 43.93
CA GLY A 291 -31.50 18.50 44.49
C GLY A 291 -32.30 19.78 44.55
N ILE A 292 -32.60 20.36 43.38
CA ILE A 292 -33.53 21.48 43.30
C ILE A 292 -34.95 20.93 43.03
N THR A 293 -35.84 20.99 44.04
CA THR A 293 -37.15 20.33 43.95
C THR A 293 -38.08 21.10 43.02
N PHE A 294 -37.83 22.39 42.86
CA PHE A 294 -38.43 23.14 41.79
C PHE A 294 -37.55 24.31 41.41
N ASP A 295 -37.34 24.48 40.10
CA ASP A 295 -36.45 25.52 39.60
C ASP A 295 -37.22 26.49 38.72
N SER A 296 -37.75 27.54 39.34
CA SER A 296 -38.45 28.61 38.62
C SER A 296 -37.49 29.49 37.85
N GLY A 297 -36.19 29.36 38.15
CA GLY A 297 -35.18 30.25 37.60
C GLY A 297 -34.80 31.33 38.60
N GLY A 298 -35.73 31.71 39.47
CA GLY A 298 -35.46 32.80 40.39
C GLY A 298 -35.72 34.13 39.68
N TYR A 299 -35.05 35.21 40.10
CA TYR A 299 -35.31 36.52 39.49
C TYR A 299 -34.95 36.51 38.02
N ASN A 300 -33.97 35.68 37.63
CA ASN A 300 -33.82 35.29 36.23
C ASN A 300 -34.88 34.22 35.86
N LEU A 301 -36.14 34.61 35.93
CA LEU A 301 -37.27 33.70 35.76
C LEU A 301 -37.24 32.98 34.42
N LYS A 302 -37.63 31.70 34.42
CA LYS A 302 -37.72 30.93 33.19
C LYS A 302 -38.98 31.38 32.43
N ALA A 303 -38.82 32.47 31.67
CA ALA A 303 -39.93 33.07 30.93
C ALA A 303 -39.73 32.98 29.41
N ALA A 304 -38.52 32.65 28.99
CA ALA A 304 -38.20 32.62 27.58
C ALA A 304 -38.85 31.41 26.93
N PRO A 305 -39.22 31.55 25.64
CA PRO A 305 -39.83 30.43 24.90
C PRO A 305 -38.94 29.20 24.93
N GLY A 306 -39.51 28.03 25.25
CA GLY A 306 -38.72 26.82 25.33
C GLY A 306 -37.94 26.63 26.63
N SER A 307 -38.09 27.51 27.61
CA SER A 307 -37.43 27.28 28.89
C SER A 307 -38.17 26.22 29.74
N MET A 308 -39.38 25.84 29.32
CA MET A 308 -40.13 24.71 29.90
C MET A 308 -40.22 24.68 31.42
N ILE A 309 -40.65 25.80 31.99
CA ILE A 309 -40.70 25.93 33.44
C ILE A 309 -41.57 24.84 34.05
N ASP A 310 -42.53 24.33 33.28
CA ASP A 310 -43.44 23.30 33.80
C ASP A 310 -42.77 21.91 33.97
N LEU A 311 -41.54 21.76 33.51
CA LEU A 311 -40.85 20.49 33.64
C LEU A 311 -39.89 20.49 34.87
N MET A 312 -39.76 21.63 35.54
CA MET A 312 -38.64 21.82 36.46
C MET A 312 -38.75 21.10 37.82
N LYS A 313 -39.79 20.28 37.99
CA LYS A 313 -39.83 19.35 39.10
C LYS A 313 -38.72 18.31 38.95
N PHE A 314 -38.19 18.18 37.73
CA PHE A 314 -37.21 17.15 37.41
C PHE A 314 -35.78 17.57 37.79
N ASP A 315 -35.63 18.80 38.26
CA ASP A 315 -34.30 19.34 38.62
C ASP A 315 -33.74 18.77 39.92
N MET A 316 -34.41 17.79 40.51
CA MET A 316 -33.81 17.00 41.59
C MET A 316 -33.56 15.55 41.16
N SER A 317 -33.54 15.31 39.84
CA SER A 317 -33.24 13.99 39.27
C SER A 317 -31.89 13.45 39.72
N GLY A 318 -30.96 14.37 40.00
CA GLY A 318 -29.64 14.01 40.48
C GLY A 318 -29.72 13.40 41.87
N CYS A 319 -30.40 14.12 42.75
CA CYS A 319 -30.65 13.61 44.09
C CYS A 319 -31.36 12.24 44.04
N ALA A 320 -32.35 12.10 43.15
CA ALA A 320 -33.11 10.85 43.07
C ALA A 320 -32.25 9.68 42.59
N ALA A 321 -31.40 9.94 41.61
CA ALA A 321 -30.43 8.94 41.17
C ALA A 321 -29.56 8.48 42.34
N VAL A 322 -29.15 9.44 43.17
CA VAL A 322 -28.33 9.12 44.33
C VAL A 322 -29.12 8.31 45.40
N LEU A 323 -30.34 8.71 45.71
CA LEU A 323 -31.14 7.95 46.67
C LEU A 323 -31.51 6.58 46.09
N GLY A 324 -31.72 6.52 44.78
CA GLY A 324 -31.98 5.26 44.11
C GLY A 324 -30.79 4.35 44.22
N CYS A 325 -29.61 4.93 44.07
CA CYS A 325 -28.38 4.16 44.23
C CYS A 325 -28.21 3.65 45.66
N ALA A 326 -28.64 4.46 46.64
CA ALA A 326 -28.57 4.08 48.05
C ALA A 326 -29.43 2.84 48.30
N TYR A 327 -30.61 2.81 47.70
CA TYR A 327 -31.46 1.64 47.80
C TYR A 327 -30.73 0.39 47.30
N CYS A 328 -30.07 0.50 46.15
CA CYS A 328 -29.42 -0.68 45.59
C CYS A 328 -28.24 -1.12 46.46
N VAL A 329 -27.44 -0.17 46.93
CA VAL A 329 -26.24 -0.50 47.68
C VAL A 329 -26.61 -1.05 49.07
N GLY A 330 -27.61 -0.46 49.71
CA GLY A 330 -28.08 -0.92 51.00
C GLY A 330 -28.71 -2.30 50.92
N THR A 331 -29.20 -2.66 49.73
CA THR A 331 -29.88 -3.92 49.54
C THR A 331 -28.88 -5.01 49.19
N LEU A 332 -28.03 -4.72 48.21
CA LEU A 332 -27.08 -5.71 47.72
C LEU A 332 -25.90 -5.86 48.69
N LYS A 333 -25.65 -4.80 49.45
CA LYS A 333 -24.60 -4.79 50.47
C LYS A 333 -23.20 -5.18 49.97
N PRO A 334 -22.57 -4.33 49.16
CA PRO A 334 -21.17 -4.53 48.74
C PRO A 334 -20.21 -4.53 49.94
N GLU A 335 -19.11 -5.25 49.80
CA GLU A 335 -18.11 -5.31 50.84
C GLU A 335 -17.01 -4.29 50.60
N ASN A 336 -16.21 -4.06 51.64
CA ASN A 336 -14.91 -3.42 51.45
C ASN A 336 -15.01 -2.00 50.91
N VAL A 337 -16.03 -1.29 51.36
CA VAL A 337 -16.33 0.04 50.86
C VAL A 337 -17.19 0.88 51.83
N GLU A 338 -17.11 2.19 51.71
CA GLU A 338 -17.97 3.11 52.48
C GLU A 338 -18.53 4.15 51.51
N ILE A 339 -19.84 4.38 51.55
CA ILE A 339 -20.45 5.27 50.57
C ILE A 339 -21.24 6.36 51.25
N HIS A 340 -20.97 7.59 50.88
CA HIS A 340 -21.79 8.71 51.34
C HIS A 340 -22.71 9.15 50.22
N PHE A 341 -23.99 9.29 50.53
CA PHE A 341 -24.95 9.77 49.56
C PHE A 341 -25.32 11.18 49.97
N LEU A 342 -25.01 12.17 49.13
CA LEU A 342 -25.21 13.56 49.52
C LEU A 342 -26.14 14.29 48.57
N SER A 343 -26.94 15.19 49.12
CA SER A 343 -27.68 16.12 48.30
C SER A 343 -27.98 17.40 49.06
N ALA A 344 -27.57 18.54 48.52
CA ALA A 344 -27.92 19.81 49.10
C ALA A 344 -29.25 20.23 48.51
N VAL A 345 -30.33 19.81 49.16
CA VAL A 345 -31.68 19.99 48.62
C VAL A 345 -32.24 21.38 48.91
N CYS A 346 -32.84 22.00 47.91
CA CYS A 346 -33.53 23.26 48.13
C CYS A 346 -34.42 23.56 46.94
N GLU A 347 -35.08 24.71 46.98
CA GLU A 347 -36.01 25.10 45.94
C GLU A 347 -35.79 26.57 45.55
N ASN A 348 -35.75 26.86 44.25
CA ASN A 348 -35.35 28.18 43.70
C ASN A 348 -36.55 29.01 43.28
N MET A 349 -36.87 30.02 44.06
CA MET A 349 -38.15 30.71 43.94
C MET A 349 -38.00 32.22 43.85
N VAL A 350 -39.07 32.87 43.44
CA VAL A 350 -39.10 34.31 43.38
C VAL A 350 -39.84 34.80 44.59
N SER A 351 -39.22 35.73 45.32
CA SER A 351 -39.74 36.20 46.59
C SER A 351 -39.07 37.50 46.99
N LYS A 352 -39.62 38.16 47.99
CA LYS A 352 -38.93 39.31 48.57
C LYS A 352 -37.62 38.87 49.23
N ASN A 353 -37.50 37.58 49.55
CA ASN A 353 -36.31 37.08 50.25
C ASN A 353 -35.29 36.38 49.34
N SER A 354 -35.60 36.27 48.06
CA SER A 354 -34.71 35.60 47.11
C SER A 354 -33.38 36.28 46.97
N TYR A 355 -32.36 35.50 46.68
CA TYR A 355 -31.09 36.12 46.35
C TYR A 355 -31.25 36.78 44.98
N ARG A 356 -30.53 37.88 44.77
CA ARG A 356 -30.68 38.69 43.55
C ARG A 356 -29.58 38.47 42.53
N PRO A 357 -29.87 38.74 41.25
CA PRO A 357 -28.78 38.80 40.27
C PRO A 357 -27.83 39.94 40.63
N GLY A 358 -26.55 39.64 40.72
CA GLY A 358 -25.55 40.62 41.13
C GLY A 358 -25.03 40.39 42.54
N ASP A 359 -25.80 39.68 43.35
CA ASP A 359 -25.39 39.39 44.73
C ASP A 359 -24.02 38.72 44.77
N ILE A 360 -23.19 39.11 45.74
CA ILE A 360 -21.94 38.40 45.99
C ILE A 360 -22.04 37.53 47.23
N ILE A 361 -21.85 36.23 47.06
CA ILE A 361 -22.03 35.29 48.17
C ILE A 361 -20.77 34.45 48.46
N THR A 362 -20.68 33.95 49.69
CA THR A 362 -19.46 33.26 50.12
C THR A 362 -19.72 31.78 50.33
N ALA A 363 -18.98 30.93 49.64
CA ALA A 363 -19.11 29.49 49.83
C ALA A 363 -18.47 29.05 51.14
N SER A 364 -18.64 27.77 51.48
CA SER A 364 -18.17 27.25 52.75
C SER A 364 -16.65 27.15 52.83
N ASN A 365 -15.96 27.26 51.69
CA ASN A 365 -14.50 27.24 51.71
C ASN A 365 -13.92 28.66 51.66
N GLY A 366 -14.78 29.67 51.79
CA GLY A 366 -14.32 31.05 51.82
C GLY A 366 -14.27 31.78 50.48
N LYS A 367 -14.41 31.06 49.36
CA LYS A 367 -14.44 31.71 48.06
C LYS A 367 -15.72 32.51 47.86
N THR A 368 -15.56 33.77 47.49
CA THR A 368 -16.70 34.61 47.17
C THR A 368 -17.05 34.48 45.71
N ILE A 369 -18.35 34.58 45.43
CA ILE A 369 -18.91 34.28 44.12
C ILE A 369 -19.84 35.43 43.74
N GLU A 370 -19.64 35.97 42.54
CA GLU A 370 -20.55 36.97 42.01
C GLU A 370 -21.64 36.28 41.16
N VAL A 371 -22.88 36.42 41.58
CA VAL A 371 -24.00 35.83 40.88
C VAL A 371 -24.39 36.66 39.64
N GLY A 372 -24.24 36.07 38.47
CA GLY A 372 -24.65 36.72 37.22
C GLY A 372 -26.04 36.29 36.76
N ASN A 373 -26.48 35.12 37.19
CA ASN A 373 -27.78 34.61 36.74
C ASN A 373 -28.38 33.65 37.77
N THR A 374 -29.47 34.05 38.41
CA THR A 374 -30.04 33.21 39.46
C THR A 374 -30.56 31.86 38.96
N ASP A 375 -30.69 31.68 37.66
CA ASP A 375 -31.12 30.39 37.12
C ASP A 375 -29.93 29.44 36.96
N ALA A 376 -28.76 29.88 37.37
CA ALA A 376 -27.61 28.96 37.39
C ALA A 376 -27.36 28.46 38.82
N GLU A 377 -28.43 28.08 39.51
CA GLU A 377 -28.38 27.83 40.94
C GLU A 377 -27.74 26.49 41.29
N GLY A 378 -27.84 25.52 40.39
CA GLY A 378 -27.37 24.17 40.68
C GLY A 378 -25.90 24.16 41.05
N ARG A 379 -25.09 24.95 40.34
CA ARG A 379 -23.66 24.95 40.59
C ARG A 379 -23.34 25.62 41.93
N LEU A 380 -24.22 26.50 42.39
CA LEU A 380 -24.03 27.11 43.70
C LEU A 380 -24.27 26.08 44.80
N THR A 381 -25.36 25.33 44.69
CA THR A 381 -25.66 24.30 45.69
C THR A 381 -24.60 23.20 45.66
N LEU A 382 -24.13 22.84 44.48
CA LEU A 382 -23.12 21.78 44.34
C LEU A 382 -21.77 22.17 44.93
N ALA A 383 -21.45 23.45 44.87
CA ALA A 383 -20.17 23.95 45.35
C ALA A 383 -20.01 23.67 46.84
N ASP A 384 -21.05 24.00 47.60
CA ASP A 384 -21.05 23.71 49.04
C ASP A 384 -21.15 22.21 49.33
N ALA A 385 -21.93 21.48 48.52
CA ALA A 385 -22.02 20.02 48.68
C ALA A 385 -20.66 19.36 48.41
N LEU A 386 -19.95 19.86 47.41
CA LEU A 386 -18.62 19.32 47.08
C LEU A 386 -17.59 19.63 48.15
N VAL A 387 -17.64 20.82 48.74
CA VAL A 387 -16.72 21.18 49.81
C VAL A 387 -16.94 20.25 51.01
N TYR A 388 -18.20 20.08 51.37
CA TYR A 388 -18.61 19.17 52.44
C TYR A 388 -18.11 17.77 52.14
N ALA A 389 -18.34 17.31 50.92
CA ALA A 389 -17.93 15.98 50.50
C ALA A 389 -16.43 15.78 50.67
N GLU A 390 -15.61 16.75 50.26
CA GLU A 390 -14.17 16.58 50.41
C GLU A 390 -13.74 16.59 51.88
N LYS A 391 -14.39 17.38 52.73
CA LYS A 391 -14.12 17.33 54.16
C LYS A 391 -14.37 15.94 54.78
N LEU A 392 -15.16 15.09 54.11
CA LEU A 392 -15.37 13.73 54.59
C LEU A 392 -14.12 12.88 54.41
N GLY A 393 -13.17 13.37 53.62
CA GLY A 393 -11.96 12.62 53.32
C GLY A 393 -12.19 11.34 52.54
N VAL A 394 -12.72 11.45 51.33
CA VAL A 394 -12.98 10.26 50.50
C VAL A 394 -11.93 10.06 49.39
N ASP A 395 -11.96 8.90 48.74
CA ASP A 395 -11.07 8.64 47.61
C ASP A 395 -11.64 9.14 46.27
N TYR A 396 -12.95 9.04 46.10
CA TYR A 396 -13.63 9.56 44.91
C TYR A 396 -14.84 10.41 45.26
N ILE A 397 -14.97 11.54 44.58
CA ILE A 397 -16.21 12.27 44.56
C ILE A 397 -16.82 12.21 43.17
N VAL A 398 -18.09 11.79 43.09
CA VAL A 398 -18.83 11.76 41.83
C VAL A 398 -20.15 12.49 42.03
N ASP A 399 -20.35 13.55 41.24
CA ASP A 399 -21.62 14.24 41.30
C ASP A 399 -22.44 13.93 40.06
N ILE A 400 -23.76 14.04 40.21
CA ILE A 400 -24.67 13.76 39.11
C ILE A 400 -25.76 14.82 39.20
N ALA A 401 -26.08 15.43 38.07
CA ALA A 401 -26.83 16.67 38.12
C ALA A 401 -27.44 17.05 36.78
N THR A 402 -28.64 17.63 36.84
CA THR A 402 -29.25 18.22 35.67
C THR A 402 -28.74 19.66 35.54
N LEU A 403 -27.45 19.80 35.24
CA LEU A 403 -26.80 21.11 35.37
C LEU A 403 -27.08 22.06 34.23
N THR A 404 -26.90 21.63 32.98
CA THR A 404 -26.98 22.59 31.87
C THR A 404 -27.91 22.19 30.72
N GLY A 405 -28.79 23.11 30.34
CA GLY A 405 -29.62 22.93 29.16
C GLY A 405 -28.82 22.61 27.91
N ALA A 406 -27.58 23.13 27.84
CA ALA A 406 -26.73 22.96 26.67
C ALA A 406 -26.49 21.48 26.34
N MET A 407 -26.70 20.60 27.31
CA MET A 407 -26.50 19.17 27.09
C MET A 407 -27.41 18.67 25.98
N LEU A 408 -28.51 19.37 25.77
CA LEU A 408 -29.45 18.94 24.73
C LEU A 408 -28.87 19.23 23.34
N TYR A 409 -28.03 20.26 23.24
CA TYR A 409 -27.41 20.61 21.97
C TYR A 409 -26.13 19.84 21.72
N SER A 410 -25.59 19.21 22.75
CA SER A 410 -24.30 18.55 22.61
C SER A 410 -24.48 17.05 22.44
N LEU A 411 -25.09 16.38 23.42
CA LEU A 411 -25.22 14.94 23.33
C LEU A 411 -26.66 14.46 23.14
N GLY A 412 -27.63 15.33 23.39
CA GLY A 412 -29.03 15.02 23.14
C GLY A 412 -29.72 14.37 24.31
N THR A 413 -30.68 13.48 24.02
CA THR A 413 -31.50 12.88 25.05
C THR A 413 -31.09 11.46 25.39
N SER A 414 -30.10 10.93 24.69
CA SER A 414 -29.71 9.53 24.93
C SER A 414 -28.50 9.40 25.82
N TYR A 415 -27.44 10.18 25.58
CA TYR A 415 -26.23 10.02 26.39
C TYR A 415 -26.06 11.17 27.37
N ALA A 416 -25.66 10.83 28.59
CA ALA A 416 -25.23 11.86 29.54
C ALA A 416 -23.77 12.20 29.27
N GLY A 417 -23.34 13.36 29.77
CA GLY A 417 -21.94 13.77 29.67
C GLY A 417 -21.19 13.66 30.98
N VAL A 418 -19.98 13.12 30.93
CA VAL A 418 -19.12 13.07 32.11
C VAL A 418 -17.86 13.97 31.95
N PHE A 419 -17.60 14.76 32.98
CA PHE A 419 -16.43 15.63 33.06
C PHE A 419 -15.64 15.24 34.31
N GLY A 420 -14.37 15.56 34.38
CA GLY A 420 -13.65 15.32 35.62
C GLY A 420 -12.22 15.82 35.63
N ASN A 421 -11.58 15.70 36.80
CA ASN A 421 -10.21 16.16 36.97
C ASN A 421 -9.21 15.01 37.04
N ASN A 422 -9.71 13.79 36.86
CA ASN A 422 -8.91 12.59 37.04
C ASN A 422 -9.29 11.47 36.06
N GLU A 423 -8.32 11.06 35.25
CA GLU A 423 -8.58 10.15 34.14
C GLU A 423 -8.95 8.72 34.58
N GLU A 424 -8.34 8.24 35.65
CA GLU A 424 -8.63 6.92 36.18
C GLU A 424 -10.08 6.85 36.66
N LEU A 425 -10.52 7.91 37.33
CA LEU A 425 -11.91 7.99 37.80
C LEU A 425 -12.90 8.07 36.62
N ILE A 426 -12.58 8.86 35.60
CA ILE A 426 -13.44 8.99 34.41
C ILE A 426 -13.58 7.67 33.67
N ASN A 427 -12.51 6.89 33.59
CA ASN A 427 -12.59 5.62 32.88
C ASN A 427 -13.46 4.63 33.64
N LYS A 428 -13.37 4.65 34.98
CA LYS A 428 -14.24 3.82 35.82
C LYS A 428 -15.70 4.16 35.62
N ILE A 429 -16.01 5.45 35.51
CA ILE A 429 -17.36 5.88 35.14
C ILE A 429 -17.75 5.31 33.77
N LEU A 430 -16.80 5.29 32.84
CA LEU A 430 -17.09 4.79 31.50
C LEU A 430 -17.27 3.28 31.53
N GLN A 431 -16.56 2.62 32.43
CA GLN A 431 -16.70 1.18 32.55
C GLN A 431 -18.08 0.84 33.15
N SER A 432 -18.51 1.60 34.15
CA SER A 432 -19.86 1.50 34.71
C SER A 432 -20.94 1.72 33.64
N SER A 433 -20.69 2.68 32.75
CA SER A 433 -21.61 3.01 31.69
C SER A 433 -21.85 1.78 30.83
N LYS A 434 -20.75 1.08 30.55
CA LYS A 434 -20.79 -0.07 29.67
C LYS A 434 -21.56 -1.22 30.33
N THR A 435 -21.37 -1.39 31.62
CA THR A 435 -21.90 -2.58 32.28
C THR A 435 -23.32 -2.33 32.79
N SER A 436 -23.66 -1.06 32.99
CA SER A 436 -25.02 -0.72 33.40
C SER A 436 -25.93 -0.50 32.20
N ASN A 437 -25.31 -0.40 31.03
CA ASN A 437 -25.98 -0.01 29.79
C ASN A 437 -26.68 1.36 29.88
N GLU A 438 -26.12 2.26 30.69
CA GLU A 438 -26.60 3.65 30.72
C GLU A 438 -25.54 4.48 30.02
N PRO A 439 -25.86 5.00 28.83
CA PRO A 439 -24.82 5.62 27.99
C PRO A 439 -24.30 6.95 28.52
N VAL A 440 -22.98 7.07 28.58
CA VAL A 440 -22.33 8.28 29.04
C VAL A 440 -21.17 8.60 28.11
N TRP A 441 -20.93 9.88 27.83
CA TRP A 441 -19.83 10.27 26.97
C TRP A 441 -18.87 11.24 27.65
N TRP A 442 -17.57 10.98 27.54
CA TRP A 442 -16.56 11.86 28.15
C TRP A 442 -16.44 13.18 27.39
N LEU A 443 -16.60 14.29 28.11
CA LEU A 443 -16.44 15.62 27.53
C LEU A 443 -15.27 16.38 28.17
N PRO A 444 -14.69 17.36 27.44
CA PRO A 444 -13.50 18.01 27.99
C PRO A 444 -13.80 19.12 28.98
N ILE A 445 -12.91 19.29 29.96
CA ILE A 445 -12.88 20.52 30.74
C ILE A 445 -11.76 21.35 30.12
N ILE A 446 -12.14 22.33 29.30
CA ILE A 446 -11.17 23.14 28.55
C ILE A 446 -10.73 24.34 29.39
N ASN A 447 -9.46 24.34 29.80
CA ASN A 447 -8.98 25.37 30.73
C ASN A 447 -8.88 26.76 30.11
N GLU A 448 -8.75 26.84 28.80
CA GLU A 448 -8.75 28.14 28.13
C GLU A 448 -9.95 29.03 28.50
N TYR A 449 -11.07 28.41 28.90
CA TYR A 449 -12.27 29.19 29.25
C TYR A 449 -12.27 29.67 30.70
N ARG A 450 -11.30 29.20 31.47
CA ARG A 450 -11.27 29.53 32.90
C ARG A 450 -11.29 31.03 33.17
N ALA A 451 -10.57 31.79 32.35
CA ALA A 451 -10.43 33.22 32.56
C ALA A 451 -11.75 34.01 32.48
N THR A 452 -12.78 33.50 31.80
CA THR A 452 -14.05 34.21 31.83
C THR A 452 -14.75 34.08 33.18
N LEU A 453 -14.23 33.26 34.08
CA LEU A 453 -14.82 33.17 35.41
C LEU A 453 -14.16 34.17 36.40
N ASN A 454 -13.18 34.92 35.92
CA ASN A 454 -12.55 36.00 36.68
C ASN A 454 -13.46 37.20 36.94
N SER A 455 -14.04 37.28 38.13
CA SER A 455 -14.86 38.42 38.53
C SER A 455 -14.02 39.66 38.86
N LYS A 456 -14.53 40.83 38.51
CA LYS A 456 -13.89 42.09 38.86
C LYS A 456 -13.87 42.31 40.39
N TYR A 457 -14.88 41.83 41.09
CA TYR A 457 -15.03 42.09 42.52
C TYR A 457 -14.88 40.86 43.42
N ALA A 458 -15.51 39.75 43.04
CA ALA A 458 -15.48 38.55 43.85
C ALA A 458 -14.29 37.68 43.42
N ASP A 459 -14.06 36.60 44.16
CA ASP A 459 -13.02 35.67 43.79
C ASP A 459 -13.35 35.00 42.46
N ILE A 460 -14.63 34.74 42.22
CA ILE A 460 -15.01 34.05 41.00
C ILE A 460 -16.41 34.41 40.52
N ASN A 461 -16.57 34.48 39.20
CA ASN A 461 -17.89 34.52 38.57
C ASN A 461 -18.63 33.17 38.64
N GLN A 462 -19.90 33.23 39.01
CA GLN A 462 -20.82 32.08 38.85
C GLN A 462 -20.90 31.64 37.38
N ILE A 463 -21.10 32.61 36.50
CA ILE A 463 -21.25 32.33 35.07
C ILE A 463 -20.27 33.07 34.16
N SER A 464 -20.21 32.60 32.92
CA SER A 464 -19.41 33.23 31.89
C SER A 464 -20.24 34.24 31.10
N SER A 465 -19.70 35.44 30.92
CA SER A 465 -20.38 36.45 30.11
C SER A 465 -20.19 36.24 28.59
N SER A 466 -19.19 35.47 28.19
CA SER A 466 -18.91 35.35 26.75
C SER A 466 -18.96 33.91 26.23
N VAL A 467 -18.37 32.98 26.96
CA VAL A 467 -18.30 31.59 26.50
C VAL A 467 -19.67 30.90 26.51
N LYS A 468 -20.10 30.40 25.35
CA LYS A 468 -21.42 29.79 25.27
C LYS A 468 -21.42 28.29 25.58
N ALA A 469 -20.25 27.67 25.71
CA ALA A 469 -20.19 26.25 26.02
C ALA A 469 -20.52 26.02 27.50
N SER A 470 -21.81 26.14 27.82
CA SER A 470 -22.29 26.17 29.21
C SER A 470 -21.94 24.94 30.07
N SER A 471 -21.90 23.75 29.48
CA SER A 471 -21.59 22.56 30.25
C SER A 471 -20.15 22.58 30.72
N ILE A 472 -19.24 23.02 29.85
CA ILE A 472 -17.82 23.08 30.19
C ILE A 472 -17.56 24.17 31.24
N VAL A 473 -18.14 25.34 31.07
CA VAL A 473 -17.94 26.44 32.01
C VAL A 473 -18.44 26.04 33.38
N ALA A 474 -19.58 25.35 33.43
CA ALA A 474 -20.12 24.90 34.69
C ALA A 474 -19.12 23.93 35.36
N SER A 475 -18.55 23.02 34.58
CA SER A 475 -17.55 22.10 35.10
C SER A 475 -16.29 22.83 35.59
N LEU A 476 -15.94 23.94 34.95
CA LEU A 476 -14.78 24.71 35.40
C LEU A 476 -15.09 25.32 36.77
N PHE A 477 -16.33 25.75 36.94
CA PHE A 477 -16.75 26.37 38.20
C PHE A 477 -16.69 25.35 39.31
N LEU A 478 -17.39 24.23 39.14
CA LEU A 478 -17.35 23.13 40.10
C LEU A 478 -15.93 22.66 40.46
N LYS A 479 -15.03 22.71 39.49
CA LYS A 479 -13.69 22.22 39.71
C LYS A 479 -12.99 23.03 40.81
N GLU A 480 -13.30 24.32 40.86
CA GLU A 480 -12.74 25.23 41.85
C GLU A 480 -13.08 24.85 43.27
N PHE A 481 -13.99 23.89 43.44
CA PHE A 481 -14.43 23.59 44.80
C PHE A 481 -14.00 22.20 45.26
N VAL A 482 -13.15 21.57 44.46
CA VAL A 482 -12.44 20.37 44.87
C VAL A 482 -10.94 20.61 44.78
N GLN A 483 -10.27 20.64 45.93
CA GLN A 483 -8.87 21.05 45.94
C GLN A 483 -7.92 19.90 45.68
N ASN A 484 -8.27 18.69 46.12
CA ASN A 484 -7.28 17.64 46.11
C ASN A 484 -7.81 16.21 46.06
N THR A 485 -8.94 16.02 45.39
CA THR A 485 -9.59 14.73 45.35
C THR A 485 -10.08 14.37 43.94
N ALA A 486 -9.91 13.11 43.55
CA ALA A 486 -10.41 12.65 42.25
C ALA A 486 -11.93 12.86 42.17
N TRP A 487 -12.34 13.64 41.16
CA TRP A 487 -13.72 14.11 41.06
C TRP A 487 -14.26 14.00 39.63
N ALA A 488 -15.52 13.59 39.52
CA ALA A 488 -16.18 13.57 38.21
C ALA A 488 -17.61 14.06 38.33
N HIS A 489 -18.07 14.63 37.23
CA HIS A 489 -19.34 15.31 37.13
C HIS A 489 -20.16 14.68 35.99
N ILE A 490 -21.39 14.30 36.29
CA ILE A 490 -22.25 13.68 35.28
C ILE A 490 -23.44 14.59 35.08
N ASP A 491 -23.45 15.27 33.93
CA ASP A 491 -24.52 16.20 33.61
C ASP A 491 -25.63 15.44 32.90
N ILE A 492 -26.80 15.38 33.52
CA ILE A 492 -27.88 14.56 33.00
C ILE A 492 -29.10 15.39 32.62
N ALA A 493 -28.91 16.69 32.49
CA ALA A 493 -29.96 17.61 32.08
C ALA A 493 -30.67 17.21 30.77
N GLY A 494 -30.02 16.40 29.95
CA GLY A 494 -30.62 15.99 28.69
C GLY A 494 -31.23 14.59 28.68
N VAL A 495 -30.79 13.72 29.58
CA VAL A 495 -31.23 12.33 29.55
C VAL A 495 -32.19 11.99 30.68
N SER A 496 -32.51 12.95 31.53
CA SER A 496 -33.23 12.63 32.75
C SER A 496 -34.70 12.29 32.49
N TRP A 497 -35.27 12.96 31.49
CA TRP A 497 -36.68 12.87 31.21
C TRP A 497 -36.93 12.20 29.86
N ASN A 498 -37.93 11.35 29.82
CA ASN A 498 -38.32 10.64 28.60
C ASN A 498 -39.48 11.38 27.96
N PHE A 499 -39.17 12.24 27.00
CA PHE A 499 -40.15 13.14 26.40
C PHE A 499 -41.17 12.40 25.56
N LYS A 500 -40.75 11.34 24.88
CA LYS A 500 -41.70 10.56 24.09
C LYS A 500 -42.74 9.93 25.02
N ALA A 501 -42.31 9.31 26.12
CA ALA A 501 -43.22 8.59 27.03
C ALA A 501 -43.77 9.46 28.16
N ARG A 502 -43.24 10.67 28.34
CA ARG A 502 -43.76 11.64 29.32
C ARG A 502 -43.57 11.19 30.76
N LYS A 503 -42.40 10.64 31.07
CA LYS A 503 -42.10 10.12 32.40
C LYS A 503 -40.59 10.18 32.64
N PRO A 504 -40.12 10.09 33.90
CA PRO A 504 -38.66 10.13 34.07
C PRO A 504 -38.04 8.83 33.59
N LYS A 505 -36.72 8.81 33.41
CA LYS A 505 -36.06 7.57 33.09
C LYS A 505 -35.46 6.96 34.34
N GLY A 506 -35.46 7.73 35.42
CA GLY A 506 -34.71 7.37 36.61
C GLY A 506 -33.26 7.11 36.23
N PHE A 507 -32.72 7.98 35.37
CA PHE A 507 -31.37 7.80 34.82
C PHE A 507 -30.30 7.94 35.89
N GLY A 508 -29.35 7.02 35.88
CA GLY A 508 -28.17 7.17 36.70
C GLY A 508 -28.07 6.22 37.86
N VAL A 509 -29.20 5.69 38.31
CA VAL A 509 -29.20 4.78 39.46
C VAL A 509 -28.32 3.56 39.19
N ARG A 510 -28.52 2.96 38.02
CA ARG A 510 -27.78 1.76 37.67
C ARG A 510 -26.31 2.09 37.42
N LEU A 511 -26.08 3.21 36.74
CA LEU A 511 -24.73 3.69 36.48
C LEU A 511 -23.92 3.82 37.77
N LEU A 512 -24.49 4.50 38.75
CA LEU A 512 -23.79 4.73 40.01
C LEU A 512 -23.58 3.43 40.81
N THR A 513 -24.56 2.52 40.73
CA THR A 513 -24.48 1.30 41.53
C THR A 513 -23.45 0.35 40.92
N GLU A 514 -23.40 0.25 39.60
CA GLU A 514 -22.33 -0.52 38.96
C GLU A 514 -20.96 0.02 39.36
N PHE A 515 -20.85 1.34 39.43
CA PHE A 515 -19.60 1.99 39.80
C PHE A 515 -19.15 1.56 41.20
N VAL A 516 -20.10 1.54 42.14
CA VAL A 516 -19.83 1.17 43.52
C VAL A 516 -19.47 -0.32 43.62
N LEU A 517 -20.16 -1.15 42.85
CA LEU A 517 -19.95 -2.60 42.92
C LEU A 517 -18.63 -3.04 42.30
N ASN A 518 -18.31 -2.56 41.11
CA ASN A 518 -17.06 -2.96 40.43
C ASN A 518 -15.82 -2.52 41.21
N ASP A 519 -16.00 -1.54 42.07
CA ASP A 519 -14.93 -0.96 42.87
C ASP A 519 -14.81 -1.67 44.22
N SER B 2 -32.61 51.10 61.33
CA SER B 2 -31.17 50.97 61.63
C SER B 2 -30.67 49.52 61.59
N GLU B 3 -31.42 48.58 62.16
CA GLU B 3 -31.08 47.17 62.08
C GLU B 3 -31.41 46.60 60.70
N VAL B 4 -30.45 45.90 60.10
CA VAL B 4 -30.62 45.35 58.78
C VAL B 4 -31.24 43.95 58.87
N PRO B 5 -32.46 43.77 58.34
CA PRO B 5 -33.07 42.43 58.38
C PRO B 5 -32.28 41.42 57.56
N GLN B 6 -32.23 40.20 58.04
CA GLN B 6 -31.56 39.11 57.33
C GLN B 6 -32.51 37.93 57.12
N VAL B 7 -32.31 37.16 56.07
CA VAL B 7 -33.05 35.92 55.87
C VAL B 7 -32.27 34.78 56.50
N VAL B 8 -30.97 34.78 56.30
CA VAL B 8 -30.10 33.83 56.98
C VAL B 8 -29.06 34.64 57.74
N SER B 9 -28.42 34.00 58.69
CA SER B 9 -27.43 34.66 59.51
C SER B 9 -26.19 35.05 58.69
N LEU B 10 -26.05 34.45 57.51
CA LEU B 10 -24.92 34.77 56.63
C LEU B 10 -25.16 35.99 55.71
N ASP B 11 -26.36 36.57 55.74
CA ASP B 11 -26.62 37.79 55.01
C ASP B 11 -25.92 38.99 55.66
N PRO B 12 -25.21 39.80 54.86
CA PRO B 12 -24.44 40.93 55.42
C PRO B 12 -25.35 41.95 56.08
N THR B 13 -24.86 42.63 57.10
CA THR B 13 -25.61 43.68 57.76
C THR B 13 -25.00 45.06 57.59
N SER B 14 -24.02 45.18 56.70
CA SER B 14 -23.54 46.50 56.31
C SER B 14 -22.70 46.46 55.05
N ILE B 15 -22.46 47.64 54.48
CA ILE B 15 -21.60 47.78 53.34
C ILE B 15 -20.17 48.03 53.79
N PRO B 16 -19.25 47.16 53.38
CA PRO B 16 -17.86 47.46 53.71
C PRO B 16 -17.42 48.69 52.90
N ILE B 17 -16.79 49.65 53.56
CA ILE B 17 -16.32 50.84 52.89
C ILE B 17 -14.92 51.19 53.37
N GLU B 18 -13.99 51.34 52.42
CA GLU B 18 -12.65 51.81 52.73
C GLU B 18 -12.62 53.33 52.64
N TYR B 19 -12.45 53.98 53.79
CA TYR B 19 -12.31 55.44 53.82
C TYR B 19 -10.86 55.87 53.59
N ASN B 20 -9.91 55.29 54.32
CA ASN B 20 -8.51 55.61 54.06
C ASN B 20 -7.91 54.68 53.02
N THR B 21 -7.81 55.16 51.78
CA THR B 21 -7.29 54.35 50.70
C THR B 21 -5.78 54.53 50.55
N PRO B 22 -5.12 53.58 49.88
CA PRO B 22 -3.69 53.73 49.54
C PRO B 22 -3.39 55.03 48.81
N ILE B 23 -4.34 55.53 48.02
CA ILE B 23 -4.17 56.82 47.36
C ILE B 23 -3.94 57.92 48.39
N HIS B 24 -4.57 57.81 49.55
CA HIS B 24 -4.46 58.84 50.56
C HIS B 24 -3.07 58.84 51.19
N ASP B 25 -2.40 57.70 51.13
CA ASP B 25 -1.09 57.57 51.74
C ASP B 25 0.02 58.00 50.78
N ILE B 26 -0.37 58.60 49.67
CA ILE B 26 0.62 59.10 48.71
C ILE B 26 0.95 60.56 48.99
N LYS B 27 2.21 60.81 49.34
CA LYS B 27 2.67 62.19 49.46
C LYS B 27 2.88 62.79 48.07
N VAL B 28 2.23 63.92 47.81
CA VAL B 28 2.34 64.59 46.51
C VAL B 28 3.17 65.89 46.59
N GLN B 29 4.07 66.05 45.63
CA GLN B 29 4.93 67.22 45.55
C GLN B 29 4.89 67.82 44.16
N VAL B 30 4.61 69.10 44.07
CA VAL B 30 4.69 69.78 42.78
C VAL B 30 5.93 70.66 42.71
N TYR B 31 6.74 70.41 41.69
CA TYR B 31 7.96 71.17 41.43
C TYR B 31 7.85 71.94 40.12
N ASP B 32 8.56 73.06 40.05
CA ASP B 32 8.62 73.82 38.80
C ASP B 32 9.65 73.19 37.88
N ILE B 33 9.21 72.91 36.65
CA ILE B 33 10.06 72.25 35.65
C ILE B 33 11.17 73.19 35.18
N LYS B 34 10.94 74.51 35.29
CA LYS B 34 11.94 75.51 34.93
C LYS B 34 13.19 75.36 35.77
N GLY B 35 13.10 74.57 36.85
CA GLY B 35 14.22 74.35 37.74
C GLY B 35 14.96 73.04 37.53
N GLY B 36 14.52 72.26 36.54
CA GLY B 36 15.17 71.00 36.23
C GLY B 36 14.67 69.81 37.04
N CYS B 37 14.76 68.61 36.48
CA CYS B 37 14.30 67.39 37.15
C CYS B 37 15.45 66.58 37.75
N ASN B 38 15.22 66.02 38.94
CA ASN B 38 16.15 65.08 39.52
C ASN B 38 15.62 63.65 39.33
N VAL B 39 16.13 62.95 38.33
CA VAL B 39 15.69 61.59 38.04
C VAL B 39 16.53 60.58 38.81
N GLU B 40 16.09 60.26 40.03
CA GLU B 40 16.91 59.45 40.93
C GLU B 40 16.27 58.13 41.37
N GLU B 41 14.98 58.17 41.66
CA GLU B 41 14.33 57.02 42.30
C GLU B 41 13.01 56.69 41.62
N GLY B 42 12.48 55.50 41.89
CA GLY B 42 11.20 55.08 41.35
C GLY B 42 11.17 55.04 39.84
N LEU B 43 10.12 55.60 39.27
CA LEU B 43 9.94 55.63 37.82
C LEU B 43 9.61 57.05 37.37
N THR B 44 10.33 57.53 36.36
CA THR B 44 10.13 58.90 35.87
C THR B 44 9.58 58.91 34.47
N ILE B 45 8.43 59.55 34.32
CA ILE B 45 7.71 59.53 33.05
C ILE B 45 7.51 60.95 32.50
N PHE B 46 7.86 61.12 31.23
CA PHE B 46 7.68 62.39 30.51
C PHE B 46 6.43 62.35 29.62
N LEU B 47 5.52 63.30 29.83
CA LEU B 47 4.34 63.39 28.99
C LEU B 47 4.65 64.27 27.76
N VAL B 48 4.89 63.62 26.63
CA VAL B 48 5.37 64.32 25.45
C VAL B 48 4.34 64.41 24.32
N ASN B 49 4.39 65.54 23.62
CA ASN B 49 3.59 65.77 22.44
C ASN B 49 4.46 66.06 21.24
N ASN B 50 3.83 66.29 20.10
CA ASN B 50 4.54 66.82 18.95
C ASN B 50 3.56 67.58 18.06
N PRO B 51 3.33 68.86 18.40
CA PRO B 51 2.30 69.72 17.82
C PRO B 51 2.19 69.61 16.30
N GLY B 52 1.02 69.14 15.85
CA GLY B 52 0.68 69.12 14.43
C GLY B 52 1.33 68.05 13.57
N LYS B 53 2.56 67.68 13.93
CA LYS B 53 3.38 66.83 13.07
C LYS B 53 2.98 65.36 13.06
N GLU B 54 1.76 65.06 12.62
CA GLU B 54 1.25 63.68 12.50
C GLU B 54 1.56 62.84 13.73
N ASN B 55 2.33 61.78 13.53
CA ASN B 55 2.90 61.03 14.66
C ASN B 55 4.38 61.38 14.83
N GLY B 56 4.62 62.63 15.24
CA GLY B 56 5.97 63.15 15.38
C GLY B 56 6.82 62.38 16.35
N PRO B 57 8.14 62.57 16.28
CA PRO B 57 9.09 61.89 17.18
C PRO B 57 9.05 62.43 18.60
N VAL B 58 9.63 61.67 19.52
CA VAL B 58 9.68 62.07 20.93
C VAL B 58 10.82 63.06 21.11
N LYS B 59 10.47 64.28 21.51
CA LYS B 59 11.46 65.32 21.79
C LYS B 59 11.41 65.76 23.26
N ILE B 60 12.51 65.54 23.98
CA ILE B 60 12.58 65.92 25.39
C ILE B 60 13.00 67.37 25.60
N SER B 61 12.02 68.22 25.91
CA SER B 61 12.23 69.67 26.03
C SER B 61 12.81 70.10 27.40
N SER B 62 12.66 69.23 28.39
CA SER B 62 12.92 69.60 29.78
C SER B 62 14.38 69.46 30.19
N LYS B 63 14.83 70.29 31.13
CA LYS B 63 16.20 70.26 31.61
C LYS B 63 16.36 69.24 32.74
N VAL B 64 17.35 68.37 32.61
CA VAL B 64 17.48 67.24 33.54
C VAL B 64 18.80 67.29 34.30
N ASN B 65 18.72 67.40 35.63
CA ASN B 65 19.90 67.63 36.46
C ASN B 65 20.70 66.37 36.73
N ASP B 66 20.88 65.57 35.68
CA ASP B 66 21.78 64.42 35.70
C ASP B 66 22.41 64.30 34.32
N LYS B 67 23.74 64.41 34.25
CA LYS B 67 24.45 64.40 32.97
C LYS B 67 24.20 63.11 32.20
N GLN B 68 24.27 61.98 32.91
CA GLN B 68 24.06 60.65 32.32
C GLN B 68 22.69 60.54 31.65
N VAL B 69 21.64 60.83 32.41
CA VAL B 69 20.28 60.76 31.89
C VAL B 69 20.12 61.72 30.71
N SER B 70 20.76 62.88 30.81
CA SER B 70 20.71 63.87 29.75
C SER B 70 21.28 63.31 28.45
N GLU B 71 22.31 62.48 28.57
CA GLU B 71 22.90 61.82 27.40
C GLU B 71 21.93 60.82 26.80
N PHE B 72 21.29 60.02 27.65
CA PHE B 72 20.32 59.02 27.19
C PHE B 72 19.13 59.69 26.49
N LEU B 73 18.64 60.78 27.06
CA LEU B 73 17.43 61.43 26.56
C LEU B 73 17.68 62.36 25.37
N LYS B 74 18.91 62.34 24.84
CA LYS B 74 19.28 63.15 23.68
C LYS B 74 18.30 62.98 22.53
N ASP B 75 18.17 64.01 21.70
CA ASP B 75 17.21 64.00 20.59
C ASP B 75 17.48 62.87 19.60
N GLU B 76 18.75 62.46 19.51
CA GLU B 76 19.13 61.36 18.61
C GLU B 76 18.54 60.05 19.09
N ASN B 77 18.59 59.82 20.40
CA ASN B 77 18.13 58.58 21.00
C ASN B 77 16.62 58.41 21.01
N MET B 78 15.89 59.53 21.01
CA MET B 78 14.45 59.51 21.15
C MET B 78 13.72 59.65 19.82
N GLU B 79 14.48 59.66 18.73
CA GLU B 79 13.95 59.93 17.40
C GLU B 79 13.17 58.73 16.84
N LYS B 80 13.54 57.54 17.29
CA LYS B 80 12.92 56.29 16.85
C LYS B 80 11.65 55.97 17.64
N PHE B 81 11.31 56.86 18.56
CA PHE B 81 10.06 56.76 19.31
C PHE B 81 9.13 57.87 18.83
N ASN B 82 7.83 57.58 18.74
CA ASN B 82 6.88 58.63 18.39
C ASN B 82 5.91 58.93 19.53
N VAL B 83 5.04 59.92 19.31
CA VAL B 83 4.21 60.48 20.38
C VAL B 83 2.74 60.11 20.24
N LYS B 84 2.48 59.02 19.51
CA LYS B 84 1.13 58.48 19.34
C LYS B 84 0.35 58.50 20.65
N LEU B 85 -0.85 59.08 20.63
CA LEU B 85 -1.68 59.17 21.83
C LEU B 85 -1.88 57.81 22.48
N GLY B 86 -1.33 57.63 23.68
CA GLY B 86 -1.48 56.40 24.43
C GLY B 86 -0.26 55.51 24.41
N THR B 87 0.73 55.85 23.60
CA THR B 87 1.90 55.00 23.46
C THR B 87 2.91 55.23 24.58
N SER B 88 3.72 54.22 24.88
CA SER B 88 4.71 54.32 25.95
C SER B 88 5.93 53.39 25.77
N LYS B 89 7.06 53.80 26.34
CA LYS B 89 8.31 53.04 26.30
C LYS B 89 9.04 53.17 27.63
N HIS B 90 9.79 52.14 27.99
CA HIS B 90 10.57 52.15 29.22
C HIS B 90 12.06 52.27 28.98
N PHE B 91 12.72 53.10 29.79
CA PHE B 91 14.15 53.34 29.66
C PHE B 91 14.89 52.91 30.92
N TYR B 92 16.01 52.22 30.72
CA TYR B 92 16.86 51.80 31.84
C TYR B 92 18.28 52.34 31.72
N MET B 93 18.83 52.88 32.81
CA MET B 93 20.17 53.45 32.77
C MET B 93 20.81 53.60 34.16
N PHE B 94 22.04 54.09 34.18
CA PHE B 94 22.74 54.40 35.42
C PHE B 94 23.03 55.89 35.47
N ASN B 95 22.81 56.51 36.62
CA ASN B 95 22.91 57.97 36.70
C ASN B 95 24.30 58.46 37.09
N ASP B 96 24.39 59.76 37.39
CA ASP B 96 25.65 60.37 37.83
C ASP B 96 26.11 59.77 39.15
N ASN B 97 25.16 59.35 39.96
CA ASN B 97 25.47 58.72 41.23
C ASN B 97 25.88 57.26 41.03
N LYS B 98 25.83 56.82 39.76
CA LYS B 98 25.99 55.41 39.41
C LYS B 98 24.90 54.57 40.08
N ASN B 99 23.71 55.15 40.22
CA ASN B 99 22.55 54.41 40.69
C ASN B 99 21.58 54.10 39.55
N SER B 100 21.10 52.86 39.51
CA SER B 100 20.09 52.44 38.55
C SER B 100 18.81 53.25 38.69
N VAL B 101 18.37 53.89 37.60
CA VAL B 101 17.08 54.56 37.59
C VAL B 101 16.23 54.09 36.41
N ALA B 102 14.94 54.43 36.45
CA ALA B 102 14.03 54.03 35.38
C ALA B 102 13.28 55.23 34.82
N VAL B 103 13.22 55.32 33.49
CA VAL B 103 12.69 56.48 32.79
C VAL B 103 11.79 56.01 31.64
N GLY B 104 10.85 56.85 31.22
CA GLY B 104 10.04 56.53 30.06
C GLY B 104 9.15 57.69 29.66
N TYR B 105 8.30 57.49 28.66
CA TYR B 105 7.39 58.54 28.24
C TYR B 105 6.00 57.99 27.92
N VAL B 106 5.01 58.87 27.93
CA VAL B 106 3.68 58.56 27.42
C VAL B 106 3.36 59.58 26.33
N GLY B 107 3.07 59.08 25.13
CA GLY B 107 2.73 59.94 24.01
C GLY B 107 1.40 60.64 24.20
N CYS B 108 1.38 61.95 23.95
CA CYS B 108 0.16 62.73 24.13
C CYS B 108 -0.36 63.28 22.79
N GLY B 109 0.20 62.80 21.69
CA GLY B 109 -0.31 63.13 20.37
C GLY B 109 0.19 64.43 19.74
N SER B 110 -0.65 65.02 18.90
CA SER B 110 -0.32 66.19 18.08
C SER B 110 -1.09 67.44 18.47
N VAL B 111 -2.33 67.27 18.90
CA VAL B 111 -3.21 68.39 19.21
C VAL B 111 -2.91 68.99 20.59
N ALA B 112 -2.54 70.26 20.63
CA ALA B 112 -2.24 70.93 21.89
C ALA B 112 -3.52 71.20 22.68
N LEU B 114 -5.45 68.91 24.72
CA LEU B 114 -6.13 67.63 24.92
C LEU B 114 -7.47 67.83 25.63
N SER B 115 -8.49 67.08 25.21
CA SER B 115 -9.79 67.14 25.87
C SER B 115 -9.84 66.07 26.96
N GLU B 116 -10.98 65.99 27.66
CA GLU B 116 -11.17 64.99 28.71
C GLU B 116 -10.86 63.58 28.20
N ALA B 117 -11.56 63.18 27.14
CA ALA B 117 -11.40 61.83 26.56
C ALA B 117 -9.97 61.55 26.10
N ASP B 118 -9.23 62.59 25.71
CA ASP B 118 -7.82 62.43 25.34
C ASP B 118 -6.98 62.08 26.55
N MET B 119 -7.18 62.85 27.62
CA MET B 119 -6.36 62.75 28.81
C MET B 119 -6.49 61.40 29.47
N LYS B 120 -7.72 60.86 29.48
CA LYS B 120 -8.01 59.57 30.06
C LYS B 120 -7.09 58.49 29.49
N ARG B 121 -7.05 58.41 28.16
CA ARG B 121 -6.18 57.44 27.50
C ARG B 121 -4.73 57.64 27.90
N VAL B 122 -4.35 58.87 28.21
CA VAL B 122 -3.00 59.13 28.68
C VAL B 122 -2.81 58.47 30.05
N VAL B 123 -3.76 58.69 30.94
CA VAL B 123 -3.65 58.19 32.31
C VAL B 123 -3.70 56.66 32.37
N LEU B 124 -4.59 56.06 31.57
CA LEU B 124 -4.67 54.60 31.48
C LEU B 124 -3.35 53.99 31.03
N SER B 125 -2.60 54.73 30.22
CA SER B 125 -1.27 54.31 29.82
C SER B 125 -0.30 54.40 30.99
N LEU B 126 -0.37 55.51 31.73
CA LEU B 126 0.44 55.65 32.93
C LEU B 126 0.10 54.52 33.88
N VAL B 127 -1.20 54.28 34.11
CA VAL B 127 -1.62 53.32 35.14
C VAL B 127 -1.15 51.92 34.77
N THR B 128 -1.12 51.61 33.49
CA THR B 128 -0.60 50.32 33.03
C THR B 128 0.84 50.15 33.52
N MET B 129 1.62 51.22 33.44
CA MET B 129 3.00 51.22 33.89
C MET B 129 3.11 51.04 35.42
N LEU B 130 2.09 51.47 36.15
CA LEU B 130 2.08 51.31 37.61
C LEU B 130 1.60 49.93 38.05
N HIS B 131 0.94 49.20 37.14
CA HIS B 131 0.54 47.82 37.39
C HIS B 131 1.67 46.89 36.91
N ASP B 132 1.86 45.78 37.63
CA ASP B 132 2.92 44.81 37.32
C ASP B 132 4.32 45.45 37.31
N ASN B 133 4.50 46.43 38.17
CA ASN B 133 5.84 46.93 38.51
C ASN B 133 5.79 47.52 39.92
N LYS B 134 6.60 46.97 40.82
CA LYS B 134 6.67 47.45 42.19
C LYS B 134 7.55 48.71 42.28
N LEU B 135 6.93 49.83 42.63
CA LEU B 135 7.62 51.11 42.65
C LEU B 135 7.31 51.84 43.94
N SER B 136 8.28 52.60 44.46
CA SER B 136 8.05 53.36 45.68
C SER B 136 7.59 54.79 45.36
N LYS B 137 7.90 55.25 44.16
CA LYS B 137 7.54 56.60 43.77
C LYS B 137 7.37 56.73 42.27
N LEU B 138 6.36 57.48 41.85
CA LEU B 138 6.22 57.86 40.46
C LEU B 138 6.55 59.34 40.32
N THR B 139 7.32 59.68 39.29
CA THR B 139 7.52 61.08 38.96
C THR B 139 7.03 61.36 37.54
N VAL B 140 6.23 62.41 37.38
CA VAL B 140 5.70 62.76 36.07
C VAL B 140 6.07 64.17 35.65
N VAL B 141 6.74 64.27 34.50
CA VAL B 141 7.18 65.55 33.96
C VAL B 141 6.26 66.00 32.83
N PHE B 142 5.54 67.10 33.03
CA PHE B 142 4.68 67.62 31.97
C PHE B 142 5.50 68.37 30.92
N GLU B 143 5.36 67.93 29.67
CA GLU B 143 5.91 68.65 28.54
C GLU B 143 4.78 68.86 27.57
N ILE B 144 3.60 69.09 28.14
CA ILE B 144 2.39 69.44 27.42
C ILE B 144 1.76 70.58 28.18
N ASN B 145 0.74 71.22 27.61
CA ASN B 145 0.12 72.34 28.29
C ASN B 145 -1.28 72.01 28.75
N VAL B 146 -1.52 72.16 30.05
CA VAL B 146 -2.86 71.93 30.60
C VAL B 146 -3.28 73.12 31.46
N ASP B 147 -4.56 73.47 31.43
CA ASP B 147 -5.04 74.50 32.34
C ASP B 147 -5.22 73.85 33.72
N LYS B 148 -5.67 74.64 34.70
CA LYS B 148 -5.77 74.12 36.07
C LYS B 148 -6.86 73.06 36.19
N ASN B 149 -8.00 73.29 35.53
CA ASN B 149 -9.07 72.30 35.56
C ASN B 149 -8.60 70.97 34.98
N LEU B 150 -7.75 71.03 33.96
CA LEU B 150 -7.31 69.83 33.27
C LEU B 150 -6.26 69.08 34.09
N PHE B 151 -5.42 69.84 34.78
CA PHE B 151 -4.44 69.24 35.66
C PHE B 151 -5.12 68.47 36.79
N ARG B 152 -6.17 69.06 37.35
CA ARG B 152 -6.91 68.41 38.42
C ARG B 152 -7.59 67.14 37.90
N PHE B 153 -8.13 67.22 36.69
CA PHE B 153 -8.73 66.08 36.04
C PHE B 153 -7.72 64.94 35.88
N PHE B 154 -6.51 65.29 35.45
CA PHE B 154 -5.42 64.32 35.36
C PHE B 154 -5.24 63.62 36.70
N LEU B 155 -5.20 64.38 37.80
CA LEU B 155 -4.95 63.80 39.12
C LEU B 155 -6.13 62.94 39.60
N GLU B 156 -7.33 63.53 39.60
CA GLU B 156 -8.57 62.80 39.86
C GLU B 156 -8.61 61.48 39.13
N THR B 157 -8.35 61.54 37.83
CA THR B 157 -8.46 60.34 37.01
C THR B 157 -7.32 59.38 37.35
N LEU B 158 -6.15 59.92 37.66
CA LEU B 158 -5.02 59.05 38.00
C LEU B 158 -5.34 58.26 39.26
N PHE B 159 -5.82 58.97 40.27
CA PHE B 159 -6.14 58.35 41.55
C PHE B 159 -7.21 57.29 41.37
N TYR B 160 -8.27 57.64 40.64
CA TYR B 160 -9.45 56.79 40.51
C TYR B 160 -9.13 55.47 39.78
N GLU B 161 -8.45 55.57 38.66
CA GLU B 161 -8.10 54.40 37.87
C GLU B 161 -7.00 53.55 38.53
N TYR B 162 -6.14 54.18 39.33
CA TYR B 162 -5.05 53.47 40.01
C TYR B 162 -5.61 52.60 41.14
N MET B 163 -6.54 53.17 41.89
CA MET B 163 -7.16 52.51 43.02
C MET B 163 -7.95 51.26 42.59
N THR B 164 -7.83 50.19 43.37
CA THR B 164 -8.47 48.93 43.05
C THR B 164 -9.37 48.48 44.19
N ASP B 165 -10.62 48.15 43.87
CA ASP B 165 -11.63 47.82 44.88
C ASP B 165 -11.53 46.34 45.20
N GLU B 166 -11.08 46.01 46.40
CA GLU B 166 -10.92 44.61 46.79
C GLU B 166 -11.80 44.18 47.95
N ARG B 167 -12.81 44.97 48.28
CA ARG B 167 -13.68 44.67 49.42
C ARG B 167 -14.36 43.30 49.34
N PHE B 168 -14.44 42.69 48.16
CA PHE B 168 -15.19 41.46 48.07
C PHE B 168 -14.35 40.25 47.64
N LYS B 169 -13.04 40.43 47.60
CA LYS B 169 -12.14 39.29 47.47
C LYS B 169 -11.91 38.64 48.84
N SER B 170 -11.68 37.33 48.84
CA SER B 170 -11.26 36.60 50.04
C SER B 170 -10.07 35.74 49.68
N THR B 171 -10.31 34.61 49.01
CA THR B 171 -9.23 33.85 48.38
C THR B 171 -8.61 34.69 47.25
N GLU B 178 1.47 46.45 45.53
CA GLU B 178 2.33 47.47 46.11
C GLU B 178 2.10 48.84 45.50
N TYR B 179 1.34 49.68 46.21
CA TYR B 179 1.13 51.06 45.81
C TYR B 179 2.38 51.93 46.01
N ILE B 180 2.61 52.89 45.13
CA ILE B 180 3.68 53.86 45.35
C ILE B 180 3.36 54.68 46.60
N LYS B 181 4.39 55.30 47.17
CA LYS B 181 4.22 56.12 48.36
C LYS B 181 4.46 57.61 48.11
N HIS B 182 5.05 57.93 46.96
CA HIS B 182 5.33 59.33 46.61
C HIS B 182 4.97 59.67 45.15
N LEU B 183 4.34 60.82 44.95
CA LEU B 183 4.11 61.29 43.58
C LEU B 183 4.80 62.64 43.38
N GLY B 184 5.78 62.67 42.48
CA GLY B 184 6.42 63.91 42.11
C GLY B 184 5.92 64.41 40.76
N VAL B 185 5.58 65.68 40.68
CA VAL B 185 5.10 66.26 39.44
C VAL B 185 5.97 67.46 39.03
N TYR B 186 6.44 67.45 37.79
CA TYR B 186 7.17 68.59 37.24
C TYR B 186 6.30 69.33 36.21
N ILE B 187 5.97 70.59 36.51
CA ILE B 187 5.07 71.36 35.67
C ILE B 187 5.44 72.85 35.70
N ASN B 188 5.20 73.55 34.61
CA ASN B 188 5.53 74.96 34.58
C ASN B 188 4.55 75.80 35.39
N ASN B 189 5.04 76.88 35.98
CA ASN B 189 4.26 77.71 36.90
C ASN B 189 3.60 76.83 37.98
N ALA B 190 4.43 76.01 38.62
CA ALA B 190 4.00 74.99 39.57
C ALA B 190 3.15 75.55 40.71
N ASP B 191 3.34 76.84 41.01
CA ASP B 191 2.71 77.41 42.20
C ASP B 191 1.21 77.60 42.02
N THR B 192 0.80 77.87 40.79
CA THR B 192 -0.62 77.97 40.49
C THR B 192 -1.32 76.61 40.55
N TYR B 193 -0.55 75.53 40.42
CA TYR B 193 -1.12 74.19 40.29
C TYR B 193 -1.26 73.44 41.62
N LYS B 194 -0.44 73.82 42.59
CA LYS B 194 -0.40 73.12 43.88
C LYS B 194 -1.77 73.05 44.54
N GLU B 195 -2.52 74.13 44.47
CA GLU B 195 -3.83 74.22 45.12
C GLU B 195 -4.78 73.13 44.61
N GLU B 196 -4.58 72.75 43.35
CA GLU B 196 -5.42 71.74 42.71
C GLU B 196 -5.22 70.35 43.28
N VAL B 197 -4.06 70.11 43.90
CA VAL B 197 -3.70 68.75 44.34
C VAL B 197 -4.66 68.16 45.38
N GLU B 198 -4.98 68.92 46.40
CA GLU B 198 -5.85 68.35 47.43
C GLU B 198 -7.31 68.46 47.02
N LYS B 199 -7.60 69.35 46.08
CA LYS B 199 -8.93 69.40 45.52
C LYS B 199 -9.18 68.11 44.72
N ALA B 200 -8.19 67.72 43.92
CA ALA B 200 -8.25 66.47 43.18
C ALA B 200 -8.44 65.27 44.10
N ARG B 201 -7.70 65.26 45.21
CA ARG B 201 -7.73 64.12 46.09
C ARG B 201 -9.09 64.03 46.80
N VAL B 202 -9.74 65.16 46.98
CA VAL B 202 -11.06 65.17 47.56
C VAL B 202 -12.08 64.65 46.54
N TYR B 203 -12.00 65.18 45.31
CA TYR B 203 -12.85 64.79 44.20
C TYR B 203 -12.67 63.32 43.88
N TYR B 204 -11.42 62.86 43.94
CA TYR B 204 -11.15 61.45 43.80
C TYR B 204 -11.94 60.65 44.84
N PHE B 205 -11.89 61.05 46.11
CA PHE B 205 -12.53 60.17 47.07
C PHE B 205 -14.07 60.21 46.99
N GLY B 206 -14.65 61.35 46.67
CA GLY B 206 -16.10 61.46 46.62
C GLY B 206 -16.61 60.58 45.48
N THR B 207 -15.79 60.52 44.44
CA THR B 207 -16.02 59.68 43.29
C THR B 207 -15.83 58.19 43.58
N TYR B 208 -14.74 57.84 44.24
CA TYR B 208 -14.45 56.44 44.56
C TYR B 208 -15.41 55.91 45.62
N TYR B 209 -15.86 56.80 46.50
CA TYR B 209 -16.88 56.47 47.49
C TYR B 209 -18.21 56.15 46.81
N ALA B 210 -18.58 56.93 45.80
CA ALA B 210 -19.80 56.65 45.05
C ALA B 210 -19.64 55.33 44.32
N SER B 211 -18.45 55.10 43.78
CA SER B 211 -18.16 53.84 43.12
C SER B 211 -18.29 52.62 44.07
N GLN B 212 -17.88 52.79 45.32
CA GLN B 212 -17.92 51.72 46.30
C GLN B 212 -19.35 51.26 46.58
N LEU B 213 -20.24 52.22 46.75
CA LEU B 213 -21.63 51.93 47.05
C LEU B 213 -22.29 51.24 45.83
N ILE B 214 -22.01 51.78 44.65
CA ILE B 214 -22.61 51.28 43.43
C ILE B 214 -22.16 49.85 43.17
N ALA B 215 -20.84 49.65 43.11
CA ALA B 215 -20.26 48.33 42.94
C ALA B 215 -20.71 47.33 44.02
N ALA B 216 -20.97 47.81 45.23
CA ALA B 216 -21.53 46.96 46.30
C ALA B 216 -22.88 46.35 45.89
N PRO B 217 -22.96 45.01 45.85
CA PRO B 217 -24.15 44.26 45.41
C PRO B 217 -25.35 44.49 46.32
N SER B 218 -26.53 44.12 45.83
CA SER B 218 -27.74 44.50 46.49
C SER B 218 -28.00 43.73 47.80
N ASN B 219 -27.32 42.60 48.02
CA ASN B 219 -27.44 41.94 49.32
C ASN B 219 -26.54 42.62 50.38
N TYR B 220 -25.55 43.39 49.93
CA TYR B 220 -24.79 44.20 50.86
C TYR B 220 -25.44 45.56 50.98
N CYS B 221 -25.75 46.12 49.82
CA CYS B 221 -26.28 47.48 49.73
C CYS B 221 -27.78 47.45 49.53
N ASN B 222 -28.48 47.55 50.65
CA ASN B 222 -29.93 47.56 50.67
C ASN B 222 -30.38 48.89 51.28
N PRO B 223 -31.68 49.21 51.22
CA PRO B 223 -32.11 50.51 51.76
C PRO B 223 -31.65 50.79 53.20
N VAL B 224 -31.60 49.78 54.05
CA VAL B 224 -31.21 50.00 55.43
C VAL B 224 -29.72 50.26 55.57
N SER B 225 -28.90 49.40 54.96
CA SER B 225 -27.44 49.55 55.01
C SER B 225 -26.92 50.79 54.25
N LEU B 226 -27.58 51.16 53.15
CA LEU B 226 -27.16 52.35 52.43
C LEU B 226 -27.47 53.57 53.29
N SER B 227 -28.63 53.59 53.93
CA SER B 227 -28.95 54.76 54.75
C SER B 227 -28.17 54.77 56.06
N ASN B 228 -27.80 53.60 56.59
CA ASN B 228 -26.86 53.59 57.71
C ASN B 228 -25.52 54.17 57.28
N ALA B 229 -25.13 53.86 56.05
CA ALA B 229 -23.88 54.33 55.50
C ALA B 229 -23.91 55.84 55.37
N ALA B 230 -25.07 56.37 54.98
CA ALA B 230 -25.24 57.82 54.87
C ALA B 230 -25.11 58.52 56.22
N VAL B 231 -25.69 57.93 57.26
CA VAL B 231 -25.62 58.49 58.61
C VAL B 231 -24.15 58.53 59.04
N GLU B 232 -23.45 57.43 58.81
CA GLU B 232 -22.06 57.30 59.19
C GLU B 232 -21.18 58.33 58.48
N LEU B 233 -21.50 58.61 57.22
CA LEU B 233 -20.84 59.65 56.46
C LEU B 233 -21.19 61.02 57.05
N ALA B 234 -22.46 61.25 57.37
CA ALA B 234 -22.85 62.54 57.93
C ALA B 234 -22.09 62.83 59.25
N GLN B 235 -22.10 61.87 60.16
CA GLN B 235 -21.46 62.04 61.46
C GLN B 235 -19.98 62.40 61.34
N LYS B 236 -19.29 61.79 60.38
CA LYS B 236 -17.88 62.04 60.15
C LYS B 236 -17.60 63.40 59.50
N LEU B 237 -18.64 63.98 58.90
CA LEU B 237 -18.50 65.27 58.22
C LEU B 237 -19.13 66.38 59.03
N ASN B 238 -19.74 66.01 60.15
CA ASN B 238 -20.52 66.94 60.97
C ASN B 238 -21.68 67.60 60.22
N LEU B 239 -22.26 66.88 59.26
CA LEU B 239 -23.50 67.31 58.63
C LEU B 239 -24.70 67.03 59.53
N GLU B 240 -25.71 67.89 59.48
CA GLU B 240 -27.00 67.57 60.08
C GLU B 240 -27.63 66.46 59.23
N TYR B 241 -28.47 65.62 59.85
CA TYR B 241 -29.06 64.49 59.15
C TYR B 241 -30.33 63.98 59.81
N LYS B 242 -31.24 63.47 59.00
CA LYS B 242 -32.49 62.95 59.48
C LYS B 242 -32.84 61.78 58.55
N ILE B 243 -33.18 60.63 59.12
CA ILE B 243 -33.67 59.52 58.30
C ILE B 243 -35.14 59.28 58.55
N LEU B 244 -35.93 59.40 57.50
CA LEU B 244 -37.36 59.19 57.62
C LEU B 244 -37.68 57.71 57.45
N GLY B 245 -38.38 57.14 58.44
CA GLY B 245 -38.80 55.75 58.37
C GLY B 245 -40.20 55.61 57.81
N VAL B 246 -40.72 54.39 57.76
CA VAL B 246 -42.02 54.14 57.15
C VAL B 246 -43.13 54.93 57.84
N LYS B 247 -43.10 55.01 59.17
CA LYS B 247 -44.16 55.74 59.87
C LYS B 247 -44.24 57.23 59.49
N GLU B 248 -43.10 57.89 59.39
CA GLU B 248 -43.10 59.30 59.02
C GLU B 248 -43.36 59.49 57.54
N LEU B 249 -42.92 58.54 56.72
CA LEU B 249 -43.23 58.57 55.30
C LEU B 249 -44.74 58.41 55.10
N GLU B 250 -45.37 57.59 55.94
CA GLU B 250 -46.82 57.44 55.88
C GLU B 250 -47.49 58.74 56.27
N GLU B 251 -46.97 59.39 57.33
CA GLU B 251 -47.51 60.65 57.80
C GLU B 251 -47.29 61.77 56.78
N LEU B 252 -46.26 61.62 55.98
CA LEU B 252 -45.96 62.59 54.94
C LEU B 252 -46.69 62.24 53.64
N LYS B 253 -47.40 61.11 53.67
CA LYS B 253 -48.22 60.64 52.57
C LYS B 253 -47.43 60.37 51.30
N MET B 254 -46.23 59.83 51.44
CA MET B 254 -45.41 59.50 50.28
C MET B 254 -45.85 58.20 49.59
N GLY B 255 -47.09 58.22 49.11
CA GLY B 255 -47.72 57.01 48.58
C GLY B 255 -47.06 56.45 47.34
N ALA B 256 -46.45 57.30 46.53
CA ALA B 256 -45.83 56.82 45.31
C ALA B 256 -44.56 56.07 45.65
N TYR B 257 -43.72 56.72 46.44
CA TYR B 257 -42.46 56.15 46.90
C TYR B 257 -42.68 54.91 47.78
N LEU B 258 -43.69 54.93 48.63
CA LEU B 258 -43.95 53.76 49.48
C LEU B 258 -44.46 52.60 48.64
N SER B 259 -45.18 52.89 47.55
CA SER B 259 -45.70 51.82 46.69
C SER B 259 -44.59 50.98 46.08
N VAL B 260 -43.55 51.66 45.58
CA VAL B 260 -42.44 50.96 44.98
C VAL B 260 -41.80 50.02 46.00
N GLY B 261 -41.70 50.48 47.25
CA GLY B 261 -41.04 49.72 48.31
C GLY B 261 -41.88 48.62 48.94
N LYS B 262 -43.16 48.53 48.59
CA LYS B 262 -44.06 47.55 49.20
C LYS B 262 -43.52 46.13 49.12
N GLY B 263 -43.02 45.75 47.95
CA GLY B 263 -42.62 44.37 47.75
C GLY B 263 -41.31 43.92 48.39
N SER B 264 -40.60 44.83 49.03
CA SER B 264 -39.26 44.51 49.52
C SER B 264 -39.27 44.01 50.97
N MET B 265 -38.24 43.28 51.37
CA MET B 265 -38.10 42.91 52.79
C MET B 265 -37.44 44.05 53.59
N TYR B 266 -36.86 45.01 52.89
CA TYR B 266 -36.18 46.14 53.54
C TYR B 266 -37.10 47.34 53.57
N PRO B 267 -37.37 47.87 54.76
CA PRO B 267 -38.21 49.06 54.84
C PRO B 267 -37.61 50.24 54.07
N ASN B 268 -38.47 51.07 53.47
CA ASN B 268 -38.02 52.29 52.84
C ASN B 268 -37.28 53.17 53.85
N LYS B 269 -36.16 53.74 53.43
CA LYS B 269 -35.45 54.73 54.23
C LYS B 269 -35.17 55.96 53.37
N PHE B 270 -35.71 57.11 53.79
CA PHE B 270 -35.47 58.36 53.07
C PHE B 270 -34.27 59.09 53.65
N ILE B 271 -33.23 59.29 52.84
CA ILE B 271 -32.04 59.97 53.31
C ILE B 271 -32.13 61.49 53.18
N HIS B 272 -31.79 62.20 54.25
CA HIS B 272 -31.76 63.67 54.20
C HIS B 272 -30.58 64.23 54.98
N LEU B 273 -29.54 64.66 54.26
CA LEU B 273 -28.39 65.29 54.88
C LEU B 273 -28.49 66.79 54.62
N THR B 274 -27.84 67.59 55.46
CA THR B 274 -27.78 69.02 55.20
C THR B 274 -26.43 69.63 55.50
N TYR B 275 -25.90 70.39 54.55
CA TYR B 275 -24.75 71.25 54.80
C TYR B 275 -25.22 72.68 54.85
N LYS B 276 -24.77 73.41 55.86
CA LYS B 276 -25.07 74.82 55.97
C LYS B 276 -23.79 75.61 56.26
N SER B 277 -23.50 76.58 55.41
CA SER B 277 -22.38 77.49 55.60
C SER B 277 -22.59 78.31 56.85
N LYS B 278 -21.49 78.62 57.52
CA LYS B 278 -21.52 79.64 58.56
C LYS B 278 -21.73 80.97 57.85
N GLY B 279 -22.35 81.93 58.53
CA GLY B 279 -22.49 83.25 57.95
C GLY B 279 -23.74 83.38 57.12
N ASP B 280 -23.69 84.26 56.11
CA ASP B 280 -24.87 84.56 55.30
C ASP B 280 -25.13 83.46 54.30
N VAL B 281 -26.33 82.89 54.36
CA VAL B 281 -26.75 81.90 53.37
C VAL B 281 -27.51 82.57 52.21
N LYS B 282 -26.94 82.47 51.02
CA LYS B 282 -27.46 83.17 49.85
C LYS B 282 -28.21 82.25 48.87
N LYS B 283 -27.79 80.99 48.78
CA LYS B 283 -28.40 80.03 47.86
C LYS B 283 -28.76 78.76 48.62
N LYS B 284 -30.03 78.36 48.52
CA LYS B 284 -30.49 77.10 49.10
C LYS B 284 -30.75 76.08 47.99
N ILE B 285 -29.97 75.00 48.01
CA ILE B 285 -30.06 74.01 46.95
C ILE B 285 -30.47 72.64 47.49
N ALA B 286 -31.38 71.98 46.77
CA ALA B 286 -31.75 70.59 47.08
C ALA B 286 -31.22 69.66 46.01
N LEU B 287 -30.36 68.74 46.41
CA LEU B 287 -29.83 67.73 45.50
C LEU B 287 -30.52 66.40 45.78
N VAL B 288 -31.25 65.88 44.78
CA VAL B 288 -32.03 64.66 44.90
C VAL B 288 -31.47 63.48 44.09
N GLY B 289 -31.28 62.32 44.72
CA GLY B 289 -30.75 61.17 44.01
C GLY B 289 -31.69 59.96 43.95
N LYS B 290 -31.79 59.35 42.77
CA LYS B 290 -32.55 58.10 42.65
C LYS B 290 -31.80 56.99 43.36
N GLY B 291 -32.48 56.35 44.31
CA GLY B 291 -31.80 55.37 45.14
C GLY B 291 -32.49 54.02 45.19
N ILE B 292 -32.53 53.33 44.05
CA ILE B 292 -33.08 51.98 44.00
C ILE B 292 -31.94 50.99 44.12
N THR B 293 -31.90 50.22 45.22
CA THR B 293 -30.71 49.42 45.52
C THR B 293 -30.73 48.15 44.69
N PHE B 294 -31.92 47.74 44.28
CA PHE B 294 -32.03 46.76 43.22
C PHE B 294 -33.34 46.92 42.44
N ASP B 295 -33.25 46.86 41.12
CA ASP B 295 -34.43 46.95 40.25
C ASP B 295 -34.65 45.62 39.54
N SER B 296 -35.56 44.81 40.07
CA SER B 296 -35.94 43.57 39.43
C SER B 296 -36.85 43.87 38.26
N GLY B 297 -37.54 45.00 38.36
CA GLY B 297 -38.58 45.34 37.42
C GLY B 297 -39.94 45.27 38.08
N GLY B 298 -40.01 44.53 39.18
CA GLY B 298 -41.28 44.27 39.83
C GLY B 298 -42.05 43.32 38.93
N TYR B 299 -43.37 43.38 38.95
CA TYR B 299 -44.17 42.42 38.18
C TYR B 299 -43.96 42.60 36.67
N ASN B 300 -43.54 43.79 36.24
CA ASN B 300 -42.96 43.93 34.90
C ASN B 300 -41.49 43.53 34.93
N LEU B 301 -41.27 42.26 35.22
CA LEU B 301 -39.94 41.73 35.51
C LEU B 301 -38.97 42.00 34.38
N LYS B 302 -37.76 42.44 34.70
CA LYS B 302 -36.72 42.60 33.67
C LYS B 302 -36.31 41.24 33.11
N ALA B 303 -37.09 40.72 32.16
CA ALA B 303 -36.87 39.38 31.62
C ALA B 303 -36.65 39.37 30.10
N ALA B 304 -36.94 40.49 29.44
CA ALA B 304 -36.64 40.62 28.03
C ALA B 304 -35.13 40.55 27.79
N PRO B 305 -34.73 39.97 26.65
CA PRO B 305 -33.32 39.95 26.24
C PRO B 305 -32.78 41.37 26.09
N GLY B 306 -31.66 41.66 26.73
CA GLY B 306 -31.11 43.00 26.72
C GLY B 306 -31.48 43.86 27.92
N SER B 307 -32.31 43.34 28.83
CA SER B 307 -32.76 44.16 29.95
C SER B 307 -31.74 44.16 31.08
N MET B 308 -30.79 43.22 31.04
CA MET B 308 -29.59 43.27 31.88
C MET B 308 -29.87 43.31 33.38
N ILE B 309 -30.70 42.38 33.87
CA ILE B 309 -31.16 42.44 35.25
C ILE B 309 -29.99 42.37 36.27
N ASP B 310 -28.89 41.75 35.88
CA ASP B 310 -27.75 41.54 36.78
C ASP B 310 -26.97 42.84 37.03
N LEU B 311 -27.30 43.90 36.29
CA LEU B 311 -26.60 45.17 36.38
C LEU B 311 -27.27 46.07 37.40
N MET B 312 -28.44 45.65 37.85
CA MET B 312 -29.39 46.60 38.43
C MET B 312 -29.14 46.99 39.88
N LYS B 313 -28.08 46.45 40.48
CA LYS B 313 -27.50 47.05 41.68
C LYS B 313 -27.10 48.52 41.43
N PHE B 314 -26.89 48.92 40.17
CA PHE B 314 -26.42 50.27 39.83
C PHE B 314 -27.53 51.32 39.94
N ASP B 315 -28.77 50.87 40.16
CA ASP B 315 -29.92 51.78 40.07
C ASP B 315 -30.01 52.77 41.25
N MET B 316 -28.97 52.81 42.09
CA MET B 316 -28.91 53.84 43.12
C MET B 316 -27.68 54.73 42.91
N SER B 317 -27.18 54.76 41.67
CA SER B 317 -26.07 55.62 41.25
C SER B 317 -26.31 57.10 41.53
N GLY B 318 -27.57 57.52 41.43
CA GLY B 318 -27.91 58.91 41.70
C GLY B 318 -27.69 59.26 43.16
N CYS B 319 -28.22 58.40 44.04
CA CYS B 319 -27.99 58.52 45.46
C CYS B 319 -26.49 58.51 45.76
N ALA B 320 -25.77 57.63 45.08
CA ALA B 320 -24.32 57.54 45.25
C ALA B 320 -23.67 58.88 44.93
N ALA B 321 -23.99 59.46 43.76
CA ALA B 321 -23.48 60.75 43.35
C ALA B 321 -23.76 61.83 44.37
N VAL B 322 -24.99 61.86 44.86
CA VAL B 322 -25.38 62.87 45.83
C VAL B 322 -24.59 62.73 47.15
N LEU B 323 -24.40 61.49 47.63
CA LEU B 323 -23.67 61.27 48.87
C LEU B 323 -22.18 61.57 48.66
N GLY B 324 -21.66 61.21 47.49
CA GLY B 324 -20.28 61.53 47.11
C GLY B 324 -20.04 63.03 47.15
N CYS B 325 -20.99 63.75 46.58
CA CYS B 325 -20.97 65.20 46.60
C CYS B 325 -21.04 65.73 48.02
N ALA B 326 -21.78 65.05 48.89
CA ALA B 326 -21.89 65.45 50.28
C ALA B 326 -20.52 65.39 50.95
N TYR B 327 -19.74 64.38 50.59
CA TYR B 327 -18.40 64.25 51.13
C TYR B 327 -17.53 65.42 50.68
N CYS B 328 -17.57 65.70 49.38
CA CYS B 328 -16.78 66.79 48.81
C CYS B 328 -17.16 68.14 49.41
N VAL B 329 -18.45 68.44 49.43
CA VAL B 329 -18.93 69.70 49.94
C VAL B 329 -18.70 69.79 51.47
N GLY B 330 -18.94 68.69 52.19
CA GLY B 330 -18.71 68.69 53.63
C GLY B 330 -17.23 68.85 53.99
N THR B 331 -16.38 68.42 53.07
CA THR B 331 -14.95 68.57 53.23
C THR B 331 -14.49 69.97 52.80
N LEU B 332 -14.88 70.42 51.61
CA LEU B 332 -14.38 71.70 51.11
C LEU B 332 -15.04 72.91 51.77
N LYS B 333 -16.24 72.73 52.31
CA LYS B 333 -16.94 73.75 53.11
C LYS B 333 -17.08 75.10 52.40
N PRO B 334 -17.88 75.14 51.34
CA PRO B 334 -18.06 76.44 50.67
C PRO B 334 -18.89 77.36 51.55
N GLU B 335 -18.89 78.65 51.22
CA GLU B 335 -19.65 79.64 51.97
C GLU B 335 -20.95 79.98 51.26
N ASN B 336 -21.85 80.63 51.99
CA ASN B 336 -23.04 81.27 51.41
C ASN B 336 -24.14 80.29 50.97
N VAL B 337 -23.91 78.99 51.11
CA VAL B 337 -24.94 78.03 50.69
C VAL B 337 -25.48 77.13 51.79
N GLU B 338 -26.70 76.66 51.57
CA GLU B 338 -27.27 75.55 52.33
C GLU B 338 -27.61 74.44 51.34
N ILE B 339 -27.02 73.26 51.51
CA ILE B 339 -27.28 72.15 50.61
C ILE B 339 -28.01 70.99 51.31
N HIS B 340 -29.15 70.59 50.74
CA HIS B 340 -29.88 69.40 51.21
C HIS B 340 -29.61 68.23 50.30
N PHE B 341 -29.09 67.14 50.87
CA PHE B 341 -28.81 65.93 50.11
C PHE B 341 -29.89 64.90 50.38
N LEU B 342 -30.69 64.61 49.36
CA LEU B 342 -31.89 63.79 49.53
C LEU B 342 -31.83 62.52 48.69
N SER B 343 -32.34 61.43 49.24
CA SER B 343 -32.62 60.26 48.42
C SER B 343 -33.68 59.33 49.02
N ALA B 344 -34.68 59.02 48.20
CA ALA B 344 -35.74 58.09 48.57
C ALA B 344 -35.29 56.68 48.25
N VAL B 345 -34.66 56.05 49.23
CA VAL B 345 -34.10 54.72 49.04
C VAL B 345 -35.15 53.62 49.25
N CYS B 346 -35.15 52.64 48.36
CA CYS B 346 -36.02 51.46 48.47
C CYS B 346 -35.50 50.42 47.49
N GLU B 347 -36.13 49.25 47.52
CA GLU B 347 -35.82 48.17 46.60
C GLU B 347 -37.10 47.82 45.84
N ASN B 348 -36.99 47.50 44.54
CA ASN B 348 -38.17 47.18 43.72
C ASN B 348 -38.20 45.68 43.36
N MET B 349 -39.09 44.95 44.03
CA MET B 349 -39.01 43.47 44.06
C MET B 349 -40.34 42.79 43.70
N VAL B 350 -40.28 41.47 43.52
CA VAL B 350 -41.45 40.67 43.20
C VAL B 350 -41.89 39.87 44.42
N SER B 351 -43.13 40.08 44.80
CA SER B 351 -43.62 39.57 46.06
C SER B 351 -45.13 39.57 46.06
N LYS B 352 -45.72 38.79 46.97
CA LYS B 352 -47.14 38.91 47.23
C LYS B 352 -47.48 40.36 47.63
N ASN B 353 -46.54 41.09 48.22
CA ASN B 353 -46.84 42.44 48.68
C ASN B 353 -46.54 43.56 47.67
N SER B 354 -45.92 43.22 46.54
CA SER B 354 -45.50 44.22 45.56
C SER B 354 -46.64 45.08 44.99
N TYR B 355 -46.32 46.26 44.46
CA TYR B 355 -47.34 47.05 43.78
C TYR B 355 -47.56 46.41 42.42
N ARG B 356 -48.75 46.59 41.84
CA ARG B 356 -49.08 45.92 40.59
C ARG B 356 -49.26 46.89 39.45
N PRO B 357 -48.96 46.42 38.22
CA PRO B 357 -49.35 47.17 37.03
C PRO B 357 -50.85 47.47 37.08
N GLY B 358 -51.25 48.72 36.83
CA GLY B 358 -52.64 49.11 36.93
C GLY B 358 -53.00 49.84 38.20
N ASP B 359 -52.23 49.61 39.27
CA ASP B 359 -52.52 50.22 40.57
C ASP B 359 -52.62 51.74 40.46
N ILE B 360 -53.49 52.32 41.28
CA ILE B 360 -53.56 53.78 41.34
C ILE B 360 -53.08 54.23 42.71
N ILE B 361 -52.01 55.02 42.69
CA ILE B 361 -51.33 55.39 43.91
C ILE B 361 -51.34 56.89 44.03
N THR B 362 -51.34 57.35 45.28
CA THR B 362 -51.46 58.78 45.58
C THR B 362 -50.12 59.34 46.06
N ALA B 363 -49.66 60.39 45.37
CA ALA B 363 -48.43 61.08 45.72
C ALA B 363 -48.64 62.07 46.88
N SER B 364 -47.56 62.50 47.51
CA SER B 364 -47.68 63.36 48.69
C SER B 364 -48.21 64.77 48.39
N ASN B 365 -48.25 65.14 47.12
CA ASN B 365 -48.83 66.42 46.72
C ASN B 365 -50.30 66.29 46.36
N GLY B 366 -50.83 65.08 46.53
CA GLY B 366 -52.24 64.82 46.31
C GLY B 366 -52.57 64.20 44.95
N LYS B 367 -51.58 64.16 44.05
CA LYS B 367 -51.81 63.67 42.70
C LYS B 367 -51.88 62.15 42.61
N THR B 368 -52.97 61.65 42.01
CA THR B 368 -53.13 60.22 41.79
C THR B 368 -52.46 59.79 40.48
N ILE B 369 -51.81 58.64 40.53
CA ILE B 369 -51.01 58.15 39.44
C ILE B 369 -51.41 56.74 39.05
N GLU B 370 -51.74 56.55 37.77
CA GLU B 370 -52.02 55.21 37.27
C GLU B 370 -50.70 54.57 36.89
N VAL B 371 -50.38 53.45 37.52
CA VAL B 371 -49.15 52.74 37.22
C VAL B 371 -49.36 51.92 35.96
N GLY B 372 -48.51 52.13 34.96
CA GLY B 372 -48.60 51.40 33.70
C GLY B 372 -47.58 50.28 33.64
N ASN B 373 -46.47 50.47 34.36
CA ASN B 373 -45.36 49.54 34.29
C ASN B 373 -44.51 49.68 35.55
N THR B 374 -44.42 48.61 36.33
CA THR B 374 -43.75 48.66 37.62
C THR B 374 -42.24 48.88 37.45
N ASP B 375 -41.74 48.78 36.21
CA ASP B 375 -40.32 49.01 36.00
C ASP B 375 -40.00 50.49 35.74
N ALA B 376 -41.02 51.32 35.69
CA ALA B 376 -40.77 52.76 35.68
C ALA B 376 -40.87 53.31 37.11
N GLU B 377 -40.16 52.68 38.05
CA GLU B 377 -40.35 53.00 39.46
C GLU B 377 -39.52 54.19 39.91
N GLY B 378 -38.48 54.49 39.15
CA GLY B 378 -37.61 55.60 39.50
C GLY B 378 -38.39 56.90 39.61
N ARG B 379 -39.29 57.14 38.67
CA ARG B 379 -39.99 58.43 38.62
C ARG B 379 -41.05 58.54 39.72
N LEU B 380 -41.51 57.41 40.24
CA LEU B 380 -42.42 57.39 41.37
C LEU B 380 -41.71 57.78 42.67
N THR B 381 -40.48 57.33 42.83
CA THR B 381 -39.76 57.66 44.05
C THR B 381 -39.32 59.13 43.96
N LEU B 382 -38.94 59.57 42.75
CA LEU B 382 -38.50 60.94 42.56
C LEU B 382 -39.67 61.91 42.73
N ALA B 383 -40.88 61.47 42.40
CA ALA B 383 -42.05 62.34 42.53
C ALA B 383 -42.23 62.82 43.99
N ASP B 384 -42.21 61.89 44.94
CA ASP B 384 -42.37 62.25 46.33
C ASP B 384 -41.12 62.93 46.89
N ALA B 385 -39.95 62.60 46.36
CA ALA B 385 -38.74 63.22 46.85
C ALA B 385 -38.73 64.68 46.40
N LEU B 386 -39.23 64.93 45.19
CA LEU B 386 -39.29 66.27 44.63
C LEU B 386 -40.32 67.13 45.36
N VAL B 387 -41.46 66.55 45.71
CA VAL B 387 -42.45 67.26 46.52
C VAL B 387 -41.83 67.68 47.86
N TYR B 388 -41.11 66.73 48.46
CA TYR B 388 -40.35 66.97 49.68
C TYR B 388 -39.31 68.09 49.49
N ALA B 389 -38.53 68.01 48.41
CA ALA B 389 -37.45 68.97 48.16
C ALA B 389 -38.01 70.38 48.04
N GLU B 390 -39.08 70.55 47.27
CA GLU B 390 -39.66 71.86 47.07
C GLU B 390 -40.25 72.43 48.37
N LYS B 391 -40.74 71.56 49.25
CA LYS B 391 -41.24 72.03 50.55
C LYS B 391 -40.14 72.61 51.46
N LEU B 392 -38.88 72.25 51.21
CA LEU B 392 -37.74 72.79 51.98
C LEU B 392 -37.55 74.29 51.76
N GLY B 393 -38.14 74.82 50.69
CA GLY B 393 -38.01 76.23 50.35
C GLY B 393 -36.70 76.59 49.70
N VAL B 394 -36.33 75.85 48.66
CA VAL B 394 -35.03 76.04 48.02
C VAL B 394 -35.14 76.85 46.73
N ASP B 395 -33.98 77.26 46.21
CA ASP B 395 -33.89 78.05 45.00
C ASP B 395 -33.67 77.15 43.79
N TYR B 396 -32.87 76.11 43.98
CA TYR B 396 -32.64 75.12 42.93
C TYR B 396 -32.86 73.71 43.43
N ILE B 397 -33.54 72.90 42.61
CA ILE B 397 -33.62 71.46 42.79
C ILE B 397 -32.97 70.75 41.59
N VAL B 398 -31.92 69.98 41.85
CA VAL B 398 -31.30 69.17 40.81
C VAL B 398 -31.41 67.70 41.18
N ASP B 399 -32.09 66.91 40.35
CA ASP B 399 -32.15 65.47 40.63
C ASP B 399 -31.22 64.78 39.66
N ILE B 400 -30.66 63.65 40.09
CA ILE B 400 -29.80 62.87 39.21
C ILE B 400 -30.18 61.40 39.38
N ALA B 401 -30.31 60.68 38.27
CA ALA B 401 -30.99 59.38 38.25
C ALA B 401 -30.60 58.50 37.08
N THR B 402 -30.53 57.20 37.35
CA THR B 402 -30.46 56.19 36.31
C THR B 402 -31.87 55.92 35.79
N LEU B 403 -32.46 56.90 35.12
CA LEU B 403 -33.90 56.86 34.89
C LEU B 403 -34.34 56.00 33.70
N THR B 404 -33.78 56.25 32.51
CA THR B 404 -34.27 55.59 31.30
C THR B 404 -33.22 54.94 30.41
N GLY B 405 -33.47 53.70 30.02
CA GLY B 405 -32.58 52.98 29.13
C GLY B 405 -32.41 53.64 27.78
N ALA B 406 -33.37 54.46 27.38
CA ALA B 406 -33.32 55.14 26.08
C ALA B 406 -32.11 56.08 25.96
N MET B 407 -31.55 56.50 27.10
CA MET B 407 -30.34 57.32 27.08
C MET B 407 -29.22 56.65 26.26
N LEU B 408 -29.14 55.33 26.31
CA LEU B 408 -28.12 54.58 25.58
C LEU B 408 -28.21 54.81 24.07
N TYR B 409 -29.42 55.05 23.60
CA TYR B 409 -29.70 55.27 22.19
C TYR B 409 -29.64 56.74 21.81
N SER B 410 -29.74 57.63 22.79
CA SER B 410 -29.67 59.06 22.49
C SER B 410 -28.25 59.60 22.62
N LEU B 411 -27.64 59.44 23.78
CA LEU B 411 -26.33 60.02 23.98
C LEU B 411 -25.28 58.94 24.15
N GLY B 412 -25.71 57.73 24.47
CA GLY B 412 -24.77 56.65 24.64
C GLY B 412 -24.11 56.62 26.01
N THR B 413 -22.88 56.11 26.07
CA THR B 413 -22.27 55.84 27.35
C THR B 413 -21.38 56.99 27.83
N SER B 414 -21.20 58.03 27.00
CA SER B 414 -20.29 59.12 27.37
C SER B 414 -20.96 60.35 27.96
N TYR B 415 -22.10 60.74 27.41
CA TYR B 415 -22.73 61.97 27.85
C TYR B 415 -23.99 61.72 28.64
N ALA B 416 -24.13 62.36 29.79
CA ALA B 416 -25.41 62.36 30.46
C ALA B 416 -26.34 63.33 29.77
N GLY B 417 -27.63 63.25 30.07
CA GLY B 417 -28.57 64.22 29.54
C GLY B 417 -29.16 65.08 30.64
N VAL B 418 -29.24 66.38 30.43
CA VAL B 418 -29.96 67.24 31.37
C VAL B 418 -31.24 67.80 30.75
N PHE B 419 -32.29 67.79 31.55
CA PHE B 419 -33.57 68.39 31.24
C PHE B 419 -33.85 69.35 32.36
N GLY B 420 -34.73 70.32 32.12
CA GLY B 420 -35.13 71.23 33.18
C GLY B 420 -36.18 72.23 32.76
N ASN B 421 -36.69 72.98 33.73
CA ASN B 421 -37.70 73.99 33.44
C ASN B 421 -37.13 75.42 33.51
N ASN B 422 -35.81 75.53 33.57
CA ASN B 422 -35.16 76.82 33.78
C ASN B 422 -33.83 76.97 33.05
N GLU B 423 -33.79 77.92 32.13
CA GLU B 423 -32.62 78.13 31.29
C GLU B 423 -31.37 78.49 32.08
N GLU B 424 -31.51 79.37 33.06
CA GLU B 424 -30.38 79.79 33.87
C GLU B 424 -29.78 78.59 34.62
N LEU B 425 -30.64 77.81 35.27
CA LEU B 425 -30.21 76.58 35.95
C LEU B 425 -29.50 75.63 34.98
N ILE B 426 -30.11 75.40 33.83
CA ILE B 426 -29.53 74.48 32.86
C ILE B 426 -28.14 74.95 32.43
N ASN B 427 -27.98 76.25 32.25
CA ASN B 427 -26.66 76.79 31.88
C ASN B 427 -25.61 76.54 32.98
N LYS B 428 -25.98 76.83 34.23
CA LYS B 428 -25.14 76.52 35.38
C LYS B 428 -24.75 75.02 35.44
N ILE B 429 -25.70 74.13 35.18
CA ILE B 429 -25.37 72.71 35.06
C ILE B 429 -24.35 72.50 33.94
N LEU B 430 -24.59 73.11 32.78
CA LEU B 430 -23.69 72.98 31.65
C LEU B 430 -22.31 73.57 31.94
N GLN B 431 -22.28 74.71 32.62
CA GLN B 431 -21.00 75.32 32.99
C GLN B 431 -20.27 74.40 33.96
N SER B 432 -21.01 73.75 34.86
CA SER B 432 -20.41 72.77 35.79
C SER B 432 -19.88 71.54 35.08
N SER B 433 -20.51 71.17 33.96
CA SER B 433 -20.08 70.03 33.17
C SER B 433 -18.69 70.31 32.58
N LYS B 434 -18.51 71.53 32.11
CA LYS B 434 -17.23 71.98 31.58
C LYS B 434 -16.08 71.90 32.60
N THR B 435 -16.26 72.52 33.77
CA THR B 435 -15.21 72.58 34.80
C THR B 435 -15.02 71.26 35.57
N SER B 436 -16.04 70.40 35.58
CA SER B 436 -15.89 69.10 36.24
C SER B 436 -15.35 68.05 35.27
N ASN B 437 -15.44 68.37 33.99
CA ASN B 437 -15.07 67.44 32.93
C ASN B 437 -15.91 66.17 32.90
N GLU B 438 -17.13 66.27 33.41
CA GLU B 438 -18.12 65.23 33.20
C GLU B 438 -19.13 65.78 32.22
N PRO B 439 -19.09 65.29 30.98
CA PRO B 439 -19.91 65.80 29.87
C PRO B 439 -21.41 65.51 30.03
N VAL B 440 -22.19 66.54 29.72
CA VAL B 440 -23.64 66.51 29.79
C VAL B 440 -24.14 67.25 28.54
N TRP B 441 -25.27 66.82 28.00
CA TRP B 441 -25.85 67.49 26.87
C TRP B 441 -27.30 67.81 27.18
N TRP B 442 -27.68 69.03 26.85
CA TRP B 442 -29.02 69.51 27.12
C TRP B 442 -30.04 68.92 26.13
N LEU B 443 -31.06 68.27 26.69
CA LEU B 443 -32.10 67.65 25.90
C LEU B 443 -33.43 68.35 26.19
N PRO B 444 -34.33 68.38 25.20
CA PRO B 444 -35.55 69.17 25.37
C PRO B 444 -36.68 68.47 26.13
N ILE B 445 -37.41 69.22 26.94
CA ILE B 445 -38.69 68.74 27.43
C ILE B 445 -39.82 69.14 26.47
N ILE B 446 -40.19 68.21 25.59
CA ILE B 446 -41.16 68.48 24.52
C ILE B 446 -42.59 68.36 25.00
N ASN B 447 -43.27 69.50 25.13
CA ASN B 447 -44.60 69.54 25.75
C ASN B 447 -45.68 68.88 24.92
N GLU B 448 -45.41 68.71 23.63
CA GLU B 448 -46.36 68.03 22.75
C GLU B 448 -46.69 66.63 23.30
N TYR B 449 -45.74 66.00 23.99
CA TYR B 449 -45.94 64.62 24.44
C TYR B 449 -46.76 64.51 25.70
N ARG B 450 -47.01 65.63 26.36
CA ARG B 450 -47.61 65.63 27.70
C ARG B 450 -49.03 65.03 27.68
N ALA B 451 -49.74 65.21 26.57
CA ALA B 451 -51.12 64.72 26.47
C ALA B 451 -51.19 63.21 26.61
N THR B 452 -50.13 62.49 26.26
CA THR B 452 -50.19 61.04 26.40
C THR B 452 -50.13 60.64 27.87
N LEU B 453 -49.76 61.56 28.76
CA LEU B 453 -49.73 61.23 30.19
C LEU B 453 -51.08 61.42 30.84
N ASN B 454 -52.08 61.84 30.07
CA ASN B 454 -53.44 61.99 30.59
C ASN B 454 -54.07 60.61 30.83
N SER B 455 -54.49 60.37 32.06
CA SER B 455 -55.14 59.13 32.44
C SER B 455 -56.64 59.27 32.37
N LYS B 456 -57.32 58.20 31.97
CA LYS B 456 -58.76 58.17 32.01
C LYS B 456 -59.27 58.19 33.45
N TYR B 457 -58.53 57.56 34.36
CA TYR B 457 -59.01 57.36 35.72
C TYR B 457 -58.23 58.17 36.76
N ALA B 458 -56.90 58.10 36.71
CA ALA B 458 -56.04 58.83 37.64
C ALA B 458 -55.76 60.27 37.18
N ASP B 459 -55.15 61.07 38.06
CA ASP B 459 -54.73 62.42 37.70
C ASP B 459 -53.75 62.38 36.54
N ILE B 460 -52.86 61.38 36.55
CA ILE B 460 -51.82 61.30 35.53
C ILE B 460 -51.36 59.86 35.34
N ASN B 461 -50.97 59.54 34.12
CA ASN B 461 -50.36 58.25 33.82
C ASN B 461 -48.90 58.31 34.21
N GLN B 462 -48.40 57.19 34.70
CA GLN B 462 -47.00 57.00 34.99
C GLN B 462 -46.18 57.06 33.72
N ILE B 463 -46.68 56.37 32.70
CA ILE B 463 -45.98 56.23 31.43
C ILE B 463 -46.86 56.52 30.24
N SER B 464 -46.23 56.67 29.08
CA SER B 464 -46.93 56.83 27.82
C SER B 464 -47.17 55.48 27.17
N SER B 465 -48.32 55.30 26.56
CA SER B 465 -48.54 54.08 25.81
C SER B 465 -48.13 54.27 24.34
N SER B 466 -47.80 55.49 23.93
CA SER B 466 -47.54 55.73 22.50
C SER B 466 -46.24 56.43 22.16
N VAL B 467 -45.62 57.14 23.08
CA VAL B 467 -44.38 57.86 22.73
C VAL B 467 -43.14 57.04 23.13
N LYS B 468 -42.24 56.85 22.19
CA LYS B 468 -41.05 56.01 22.41
C LYS B 468 -39.85 56.78 22.98
N ALA B 469 -39.97 58.11 23.08
CA ALA B 469 -38.88 58.96 23.59
C ALA B 469 -38.96 59.00 25.12
N SER B 470 -38.54 57.92 25.76
CA SER B 470 -38.78 57.67 27.17
C SER B 470 -38.19 58.72 28.09
N SER B 471 -36.98 59.14 27.78
CA SER B 471 -36.29 60.17 28.58
C SER B 471 -37.12 61.46 28.68
N ILE B 472 -37.77 61.84 27.59
CA ILE B 472 -38.55 63.08 27.60
C ILE B 472 -39.87 62.91 28.37
N VAL B 473 -40.56 61.79 28.15
CA VAL B 473 -41.80 61.52 28.85
C VAL B 473 -41.56 61.51 30.36
N ALA B 474 -40.52 60.81 30.82
CA ALA B 474 -40.17 60.78 32.24
C ALA B 474 -39.90 62.18 32.80
N SER B 475 -39.25 63.01 32.00
CA SER B 475 -38.98 64.40 32.37
C SER B 475 -40.27 65.19 32.54
N LEU B 476 -41.22 64.97 31.63
CA LEU B 476 -42.55 65.58 31.72
C LEU B 476 -43.32 65.06 32.95
N PHE B 477 -43.15 63.79 33.28
CA PHE B 477 -43.74 63.26 34.50
C PHE B 477 -43.18 63.98 35.74
N LEU B 478 -41.85 64.06 35.85
CA LEU B 478 -41.24 64.71 37.01
C LEU B 478 -41.65 66.18 37.15
N LYS B 479 -41.79 66.86 36.01
CA LYS B 479 -42.13 68.28 35.98
C LYS B 479 -43.48 68.57 36.64
N GLU B 480 -44.38 67.59 36.60
CA GLU B 480 -45.65 67.69 37.29
C GLU B 480 -45.48 67.78 38.79
N PHE B 481 -44.32 67.37 39.30
CA PHE B 481 -44.14 67.33 40.74
C PHE B 481 -43.20 68.44 41.27
N VAL B 482 -42.96 69.46 40.45
CA VAL B 482 -42.32 70.71 40.89
C VAL B 482 -43.20 71.89 40.49
N GLN B 483 -43.76 72.59 41.47
CA GLN B 483 -44.76 73.63 41.21
C GLN B 483 -44.23 74.99 40.78
N ASN B 484 -43.23 75.50 41.49
CA ASN B 484 -42.78 76.85 41.20
C ASN B 484 -41.33 77.09 41.62
N THR B 485 -40.45 76.16 41.26
CA THR B 485 -39.05 76.21 41.64
C THR B 485 -38.20 75.80 40.46
N ALA B 486 -37.06 76.47 40.29
CA ALA B 486 -36.11 76.11 39.25
C ALA B 486 -35.61 74.68 39.44
N TRP B 487 -35.77 73.85 38.42
CA TRP B 487 -35.50 72.40 38.52
C TRP B 487 -34.80 71.85 37.29
N ALA B 488 -33.85 70.94 37.50
CA ALA B 488 -33.21 70.26 36.38
C ALA B 488 -32.97 68.78 36.72
N HIS B 489 -32.84 67.98 35.69
CA HIS B 489 -32.91 66.55 35.83
C HIS B 489 -31.80 65.95 35.00
N ILE B 490 -30.86 65.31 35.67
CA ILE B 490 -29.72 64.70 34.99
C ILE B 490 -29.92 63.19 34.95
N ASP B 491 -30.14 62.67 33.74
CA ASP B 491 -30.35 61.26 33.52
C ASP B 491 -29.03 60.58 33.22
N ILE B 492 -28.56 59.76 34.15
CA ILE B 492 -27.26 59.13 34.02
C ILE B 492 -27.32 57.63 33.75
N ALA B 493 -28.45 57.15 33.23
CA ALA B 493 -28.64 55.73 32.97
C ALA B 493 -27.61 55.15 32.01
N GLY B 494 -27.24 55.93 30.99
CA GLY B 494 -26.26 55.47 30.03
C GLY B 494 -24.80 55.60 30.46
N VAL B 495 -24.47 56.56 31.31
CA VAL B 495 -23.06 56.84 31.58
C VAL B 495 -22.55 56.35 32.92
N SER B 496 -23.42 55.75 33.72
CA SER B 496 -23.03 55.47 35.09
C SER B 496 -22.10 54.25 35.22
N TRP B 497 -22.35 53.22 34.42
CA TRP B 497 -21.53 52.01 34.44
C TRP B 497 -20.53 51.96 33.28
N ASN B 498 -19.30 51.58 33.59
CA ASN B 498 -18.26 51.48 32.58
C ASN B 498 -18.13 50.03 32.11
N PHE B 499 -18.78 49.70 30.99
CA PHE B 499 -18.86 48.32 30.52
C PHE B 499 -17.50 47.76 30.11
N LYS B 500 -16.62 48.63 29.65
CA LYS B 500 -15.26 48.25 29.24
C LYS B 500 -14.44 47.80 30.45
N ALA B 501 -14.42 48.63 31.50
CA ALA B 501 -13.66 48.30 32.71
C ALA B 501 -14.48 47.48 33.72
N ARG B 502 -15.77 47.32 33.48
CA ARG B 502 -16.66 46.54 34.36
C ARG B 502 -16.71 47.11 35.77
N LYS B 503 -16.93 48.42 35.88
CA LYS B 503 -16.97 49.08 37.17
C LYS B 503 -17.74 50.39 37.07
N PRO B 504 -18.21 50.92 38.20
CA PRO B 504 -18.85 52.24 38.18
C PRO B 504 -17.90 53.35 37.71
N LYS B 505 -18.45 54.50 37.38
CA LYS B 505 -17.59 55.65 37.11
C LYS B 505 -17.67 56.61 38.28
N GLY B 506 -18.69 56.46 39.10
CA GLY B 506 -19.02 57.45 40.12
C GLY B 506 -19.44 58.76 39.46
N PHE B 507 -20.11 58.65 38.30
CA PHE B 507 -20.45 59.81 37.49
C PHE B 507 -21.35 60.77 38.25
N GLY B 508 -20.99 62.05 38.23
CA GLY B 508 -21.84 63.09 38.78
C GLY B 508 -21.38 63.74 40.07
N VAL B 509 -20.47 63.08 40.79
CA VAL B 509 -19.94 63.65 42.03
C VAL B 509 -19.23 65.00 41.77
N ARG B 510 -18.27 64.99 40.86
CA ARG B 510 -17.58 66.20 40.46
C ARG B 510 -18.52 67.25 39.83
N LEU B 511 -19.37 66.81 38.91
CA LEU B 511 -20.37 67.69 38.30
C LEU B 511 -21.20 68.43 39.35
N LEU B 512 -21.72 67.72 40.35
CA LEU B 512 -22.60 68.37 41.31
C LEU B 512 -21.78 69.26 42.27
N THR B 513 -20.57 68.84 42.63
CA THR B 513 -19.74 69.65 43.52
C THR B 513 -19.31 70.95 42.82
N GLU B 514 -18.91 70.86 41.56
CA GLU B 514 -18.60 72.07 40.79
C GLU B 514 -19.83 72.98 40.71
N PHE B 515 -21.02 72.40 40.63
CA PHE B 515 -22.24 73.22 40.62
C PHE B 515 -22.43 73.97 41.94
N VAL B 516 -22.23 73.26 43.05
CA VAL B 516 -22.35 73.84 44.38
C VAL B 516 -21.32 74.94 44.60
N LEU B 517 -20.06 74.62 44.36
CA LEU B 517 -18.96 75.53 44.64
C LEU B 517 -19.06 76.82 43.82
N ASN B 518 -19.49 76.68 42.58
CA ASN B 518 -19.47 77.79 41.63
C ASN B 518 -20.60 78.78 41.87
N ASP B 519 -21.59 78.39 42.66
CA ASP B 519 -22.77 79.23 42.89
C ASP B 519 -22.56 80.26 44.02
N SER C 2 -63.43 39.81 56.25
CA SER C 2 -63.96 41.17 56.36
C SER C 2 -62.90 42.25 56.44
N GLU C 3 -61.88 42.06 57.26
CA GLU C 3 -60.85 43.10 57.43
C GLU C 3 -59.81 43.05 56.29
N VAL C 4 -59.61 44.18 55.62
CA VAL C 4 -58.72 44.23 54.46
C VAL C 4 -57.28 44.44 54.91
N PRO C 5 -56.39 43.50 54.58
CA PRO C 5 -54.96 43.62 54.92
C PRO C 5 -54.25 44.71 54.11
N GLN C 6 -53.29 45.39 54.74
CA GLN C 6 -52.49 46.42 54.09
C GLN C 6 -51.01 46.19 54.31
N VAL C 7 -50.19 46.56 53.34
CA VAL C 7 -48.74 46.55 53.52
C VAL C 7 -48.28 47.83 54.21
N VAL C 8 -48.83 48.96 53.77
CA VAL C 8 -48.59 50.24 54.43
C VAL C 8 -49.95 50.87 54.70
N SER C 9 -49.98 51.86 55.58
CA SER C 9 -51.22 52.51 55.96
C SER C 9 -51.87 53.31 54.82
N LEU C 10 -51.10 53.68 53.80
CA LEU C 10 -51.67 54.38 52.64
C LEU C 10 -52.49 53.45 51.72
N ASP C 11 -52.33 52.13 51.87
CA ASP C 11 -53.11 51.17 51.07
C ASP C 11 -54.61 51.29 51.32
N PRO C 12 -55.40 51.34 50.24
CA PRO C 12 -56.87 51.41 50.30
C PRO C 12 -57.46 50.21 51.02
N THR C 13 -58.51 50.41 51.80
CA THR C 13 -59.14 49.32 52.53
C THR C 13 -60.58 49.05 52.06
N SER C 14 -61.02 49.79 51.05
CA SER C 14 -62.28 49.51 50.39
C SER C 14 -62.35 50.12 48.98
N ILE C 15 -63.25 49.60 48.16
CA ILE C 15 -63.48 50.09 46.82
C ILE C 15 -64.44 51.26 46.89
N PRO C 16 -64.02 52.43 46.40
CA PRO C 16 -64.98 53.53 46.34
C PRO C 16 -66.11 53.18 45.37
N ILE C 17 -67.36 53.36 45.79
CA ILE C 17 -68.47 53.02 44.93
C ILE C 17 -69.52 54.12 44.94
N GLU C 18 -69.89 54.55 43.75
CA GLU C 18 -70.95 55.53 43.60
C GLU C 18 -72.26 54.80 43.32
N TYR C 19 -73.26 55.05 44.16
CA TYR C 19 -74.58 54.48 43.96
C TYR C 19 -75.52 55.53 43.37
N ASN C 20 -75.58 56.68 44.03
CA ASN C 20 -76.36 57.81 43.55
C ASN C 20 -75.60 58.61 42.52
N THR C 21 -75.66 58.17 41.27
CA THR C 21 -75.01 58.89 40.18
C THR C 21 -75.89 60.06 39.77
N PRO C 22 -75.30 61.06 39.07
CA PRO C 22 -76.05 62.15 38.45
C PRO C 22 -77.16 61.67 37.51
N ILE C 23 -77.00 60.47 36.94
CA ILE C 23 -77.99 59.93 36.03
C ILE C 23 -79.32 59.73 36.77
N HIS C 24 -79.23 59.36 38.04
CA HIS C 24 -80.42 59.01 38.80
C HIS C 24 -81.26 60.23 39.13
N ASP C 25 -80.67 61.40 38.96
CA ASP C 25 -81.37 62.62 39.28
C ASP C 25 -81.91 63.31 38.02
N ILE C 26 -81.80 62.65 36.88
CA ILE C 26 -82.39 63.18 35.66
C ILE C 26 -83.86 62.78 35.60
N LYS C 27 -84.74 63.77 35.48
CA LYS C 27 -86.16 63.48 35.29
C LYS C 27 -86.39 63.14 33.82
N VAL C 28 -86.98 61.98 33.58
CA VAL C 28 -87.26 61.55 32.22
C VAL C 28 -88.76 61.54 31.98
N GLN C 29 -89.20 62.33 31.00
CA GLN C 29 -90.59 62.29 30.55
C GLN C 29 -90.62 61.90 29.08
N VAL C 30 -91.58 61.04 28.75
CA VAL C 30 -91.78 60.60 27.39
C VAL C 30 -93.11 61.14 26.90
N TYR C 31 -93.08 61.79 25.74
CA TYR C 31 -94.28 62.37 25.16
C TYR C 31 -94.55 61.70 23.83
N ASP C 32 -95.82 61.67 23.43
CA ASP C 32 -96.12 61.19 22.10
C ASP C 32 -95.93 62.30 21.08
N ILE C 33 -95.16 61.99 20.05
CA ILE C 33 -94.76 62.95 19.04
C ILE C 33 -95.97 63.53 18.29
N LYS C 34 -97.10 62.83 18.29
CA LYS C 34 -98.23 63.23 17.45
C LYS C 34 -98.88 64.51 17.97
N GLY C 35 -98.50 64.94 19.17
CA GLY C 35 -99.04 66.15 19.74
C GLY C 35 -98.15 67.38 19.56
N GLY C 36 -97.05 67.22 18.84
CA GLY C 36 -96.16 68.33 18.57
C GLY C 36 -95.15 68.65 19.67
N CYS C 37 -93.94 69.02 19.26
CA CYS C 37 -92.84 69.27 20.20
C CYS C 37 -92.85 70.70 20.73
N ASN C 38 -92.60 70.86 22.02
CA ASN C 38 -92.36 72.19 22.56
C ASN C 38 -90.86 72.40 22.66
N VAL C 39 -90.40 73.55 22.19
CA VAL C 39 -88.99 73.85 22.13
C VAL C 39 -88.73 75.11 22.92
N GLU C 40 -88.46 74.96 24.21
CA GLU C 40 -88.40 76.13 25.08
C GLU C 40 -87.04 76.40 25.71
N GLU C 41 -86.19 75.38 25.80
CA GLU C 41 -84.97 75.50 26.60
C GLU C 41 -84.03 74.31 26.44
N GLY C 42 -82.76 74.53 26.76
CA GLY C 42 -81.76 73.48 26.63
C GLY C 42 -81.48 73.16 25.19
N LEU C 43 -81.24 71.87 24.93
CA LEU C 43 -80.89 71.41 23.59
C LEU C 43 -81.88 70.37 23.08
N THR C 44 -82.50 70.65 21.93
CA THR C 44 -83.46 69.72 21.33
C THR C 44 -82.89 69.05 20.08
N ILE C 45 -82.76 67.73 20.13
CA ILE C 45 -82.12 67.00 19.06
C ILE C 45 -83.09 66.05 18.33
N PHE C 46 -83.11 66.17 17.00
CA PHE C 46 -83.89 65.31 16.15
C PHE C 46 -83.06 64.13 15.65
N LEU C 47 -83.60 62.93 15.83
CA LEU C 47 -82.99 61.73 15.26
C LEU C 47 -83.59 61.48 13.90
N VAL C 48 -82.80 61.76 12.87
CA VAL C 48 -83.33 61.77 11.52
C VAL C 48 -82.55 60.82 10.60
N ASN C 49 -83.29 60.05 9.80
CA ASN C 49 -82.65 59.27 8.75
C ASN C 49 -83.20 59.70 7.39
N ASN C 50 -82.74 59.08 6.31
CA ASN C 50 -83.37 59.27 5.00
C ASN C 50 -83.27 57.97 4.21
N PRO C 51 -84.36 57.19 4.17
CA PRO C 51 -84.32 55.85 3.58
C PRO C 51 -84.00 55.84 2.10
N GLY C 52 -83.11 54.93 1.71
CA GLY C 52 -82.79 54.72 0.32
C GLY C 52 -81.70 55.64 -0.21
N LYS C 53 -81.74 56.90 0.17
CA LYS C 53 -80.77 57.87 -0.31
C LYS C 53 -79.56 57.98 0.63
N GLU C 54 -78.46 57.29 0.28
CA GLU C 54 -77.24 57.34 1.08
C GLU C 54 -76.73 58.78 1.17
N ASN C 55 -76.55 59.27 2.39
CA ASN C 55 -76.18 60.66 2.64
C ASN C 55 -77.20 61.61 2.04
N GLY C 56 -78.47 61.22 2.05
CA GLY C 56 -79.53 62.06 1.55
C GLY C 56 -79.74 63.24 2.47
N PRO C 57 -80.62 64.17 2.08
CA PRO C 57 -80.82 65.40 2.84
C PRO C 57 -81.63 65.18 4.13
N VAL C 58 -81.54 66.16 5.03
CA VAL C 58 -82.33 66.18 6.24
C VAL C 58 -83.69 66.80 5.99
N LYS C 59 -84.75 66.05 6.28
CA LYS C 59 -86.08 66.63 6.30
C LYS C 59 -86.70 66.32 7.65
N ILE C 60 -87.10 67.38 8.35
CA ILE C 60 -87.75 67.25 9.64
C ILE C 60 -89.26 67.06 9.46
N SER C 61 -89.78 65.95 9.95
CA SER C 61 -91.20 65.63 9.70
C SER C 61 -92.12 65.85 10.90
N SER C 62 -91.56 66.10 12.08
CA SER C 62 -92.40 66.32 13.26
C SER C 62 -93.11 67.66 13.18
N LYS C 63 -94.23 67.78 13.88
CA LYS C 63 -94.85 69.06 14.08
C LYS C 63 -94.15 69.75 15.26
N VAL C 64 -93.76 71.01 15.07
CA VAL C 64 -93.11 71.76 16.13
C VAL C 64 -94.03 72.89 16.55
N ASN C 65 -94.34 72.97 17.84
CA ASN C 65 -95.30 73.94 18.31
C ASN C 65 -94.72 75.33 18.48
N ASP C 66 -94.05 75.81 17.45
CA ASP C 66 -93.37 77.10 17.52
C ASP C 66 -93.03 77.58 16.11
N LYS C 67 -93.53 78.75 15.76
CA LYS C 67 -93.38 79.27 14.40
C LYS C 67 -91.93 79.53 14.05
N GLN C 68 -91.23 80.29 14.90
CA GLN C 68 -89.85 80.65 14.60
C GLN C 68 -88.96 79.42 14.45
N VAL C 69 -89.17 78.42 15.31
CA VAL C 69 -88.39 77.19 15.21
C VAL C 69 -88.79 76.39 13.97
N SER C 70 -90.08 76.34 13.68
CA SER C 70 -90.57 75.71 12.44
C SER C 70 -90.00 76.37 11.19
N GLU C 71 -89.96 77.70 11.19
CA GLU C 71 -89.43 78.44 10.05
C GLU C 71 -87.98 78.03 9.81
N PHE C 72 -87.20 77.99 10.88
CA PHE C 72 -85.81 77.58 10.81
C PHE C 72 -85.69 76.13 10.28
N LEU C 73 -86.64 75.27 10.61
CA LEU C 73 -86.53 73.84 10.27
C LEU C 73 -87.16 73.44 8.91
N LYS C 74 -87.61 74.42 8.12
CA LYS C 74 -88.14 74.14 6.78
C LYS C 74 -87.06 73.45 5.96
N ASP C 75 -87.48 72.65 4.99
CA ASP C 75 -86.55 71.80 4.27
C ASP C 75 -85.62 72.57 3.35
N GLU C 76 -86.03 73.76 2.93
CA GLU C 76 -85.12 74.62 2.17
C GLU C 76 -83.92 75.03 3.04
N ASN C 77 -84.16 75.30 4.33
CA ASN C 77 -83.04 75.63 5.21
CA ASN C 77 -83.11 75.61 5.31
C ASN C 77 -82.28 74.38 5.63
N MET C 78 -82.94 73.21 5.60
CA MET C 78 -82.27 71.98 6.03
C MET C 78 -81.60 71.16 4.95
N GLU C 79 -81.75 71.58 3.70
CA GLU C 79 -81.31 70.79 2.54
C GLU C 79 -79.79 70.59 2.47
N LYS C 80 -79.06 71.52 3.07
CA LYS C 80 -77.61 71.49 3.02
C LYS C 80 -77.00 70.44 3.95
N PHE C 81 -77.81 69.94 4.87
CA PHE C 81 -77.35 68.95 5.82
C PHE C 81 -77.80 67.55 5.41
N ASN C 82 -76.93 66.56 5.59
CA ASN C 82 -77.27 65.19 5.27
C ASN C 82 -77.25 64.26 6.48
N VAL C 83 -77.78 63.05 6.28
CA VAL C 83 -78.11 62.14 7.35
C VAL C 83 -77.05 61.06 7.60
N LYS C 84 -75.86 61.25 7.03
CA LYS C 84 -74.75 60.31 7.22
C LYS C 84 -74.60 59.89 8.70
N LEU C 85 -74.76 58.60 8.98
CA LEU C 85 -74.72 58.05 10.35
C LEU C 85 -73.62 58.63 11.25
N GLY C 86 -74.03 59.28 12.33
CA GLY C 86 -73.09 59.84 13.27
C GLY C 86 -72.89 61.35 13.12
N THR C 87 -73.26 61.87 11.96
CA THR C 87 -73.21 63.32 11.70
C THR C 87 -74.12 64.05 12.65
N SER C 88 -73.73 65.24 13.07
CA SER C 88 -74.64 66.10 13.81
C SER C 88 -74.37 67.55 13.50
N LYS C 89 -75.32 68.41 13.88
CA LYS C 89 -75.21 69.86 13.67
C LYS C 89 -75.98 70.51 14.80
N HIS C 90 -75.54 71.70 15.21
CA HIS C 90 -76.25 72.50 16.20
C HIS C 90 -76.88 73.70 15.51
N PHE C 91 -78.08 74.10 15.93
CA PHE C 91 -78.63 75.36 15.46
C PHE C 91 -78.96 76.26 16.62
N TYR C 92 -79.01 77.56 16.34
CA TYR C 92 -79.33 78.57 17.34
C TYR C 92 -80.39 79.53 16.82
N MET C 93 -81.39 79.85 17.66
CA MET C 93 -82.51 80.70 17.26
C MET C 93 -83.33 81.19 18.44
N PHE C 94 -84.24 82.13 18.17
CA PHE C 94 -85.18 82.62 19.18
C PHE C 94 -86.59 82.10 18.95
N ASN C 95 -87.22 81.51 19.97
CA ASN C 95 -88.56 80.96 19.79
C ASN C 95 -89.61 82.07 19.86
N ASP C 96 -90.88 81.69 19.92
CA ASP C 96 -91.98 82.66 19.88
C ASP C 96 -92.04 83.54 21.12
N ASN C 97 -91.66 82.95 22.26
CA ASN C 97 -91.62 83.65 23.54
C ASN C 97 -90.43 84.59 23.66
N LYS C 98 -89.71 84.76 22.56
CA LYS C 98 -88.51 85.59 22.48
C LYS C 98 -87.38 85.02 23.33
N ASN C 99 -87.35 83.69 23.46
CA ASN C 99 -86.26 83.04 24.20
C ASN C 99 -85.33 82.26 23.27
N SER C 100 -84.03 82.44 23.49
CA SER C 100 -83.00 81.73 22.76
C SER C 100 -83.09 80.23 23.06
N VAL C 101 -82.97 79.40 22.03
CA VAL C 101 -82.95 77.96 22.24
C VAL C 101 -81.93 77.34 21.32
N ALA C 102 -81.50 76.13 21.66
CA ALA C 102 -80.63 75.38 20.77
C ALA C 102 -81.34 74.13 20.26
N VAL C 103 -81.21 73.91 18.95
CA VAL C 103 -81.81 72.79 18.28
C VAL C 103 -80.70 72.12 17.49
N GLY C 104 -80.88 70.86 17.11
CA GLY C 104 -79.93 70.19 16.24
C GLY C 104 -80.46 68.85 15.75
N TYR C 105 -79.60 68.09 15.07
CA TYR C 105 -79.99 66.75 14.68
C TYR C 105 -78.83 65.79 14.73
N VAL C 106 -79.12 64.51 14.86
CA VAL C 106 -78.09 63.49 14.68
C VAL C 106 -78.54 62.56 13.56
N GLY C 107 -77.63 62.33 12.60
CA GLY C 107 -77.94 61.49 11.47
C GLY C 107 -77.96 60.01 11.80
N CYS C 108 -78.91 59.29 11.19
CA CYS C 108 -79.08 57.87 11.45
C CYS C 108 -78.95 57.02 10.17
N GLY C 109 -78.61 57.65 9.05
CA GLY C 109 -78.28 56.91 7.84
C GLY C 109 -79.45 56.64 6.92
N SER C 110 -79.28 55.66 6.02
CA SER C 110 -80.31 55.36 5.03
C SER C 110 -81.03 54.06 5.25
N VAL C 111 -80.43 53.16 6.01
CA VAL C 111 -81.06 51.90 6.37
C VAL C 111 -82.12 52.13 7.45
N ALA C 112 -83.36 51.74 7.16
CA ALA C 112 -84.48 51.98 8.07
C ALA C 112 -84.45 51.07 9.29
N ASP C 113 -83.38 50.31 9.43
CA ASP C 113 -83.23 49.39 10.55
C ASP C 113 -81.84 49.48 11.17
N LEU C 114 -81.74 50.19 12.28
CA LEU C 114 -80.47 50.37 12.97
C LEU C 114 -80.07 49.14 13.79
N SER C 115 -78.84 48.68 13.60
CA SER C 115 -78.31 47.64 14.45
C SER C 115 -77.86 48.25 15.78
N GLU C 116 -77.48 47.41 16.75
CA GLU C 116 -76.97 47.90 18.02
C GLU C 116 -75.78 48.82 17.79
N ALA C 117 -74.89 48.37 16.92
CA ALA C 117 -73.68 49.11 16.56
C ALA C 117 -74.02 50.47 15.95
N ASP C 118 -75.00 50.48 15.06
CA ASP C 118 -75.47 51.73 14.48
C ASP C 118 -76.01 52.66 15.57
N MET C 119 -76.87 52.15 16.43
CA MET C 119 -77.46 52.96 17.49
C MET C 119 -76.42 53.49 18.48
N LYS C 120 -75.40 52.68 18.76
CA LYS C 120 -74.31 53.13 19.62
C LYS C 120 -73.59 54.33 18.97
N ARG C 121 -73.41 54.30 17.65
CA ARG C 121 -72.75 55.39 16.97
C ARG C 121 -73.61 56.67 17.07
N VAL C 122 -74.93 56.51 17.05
CA VAL C 122 -75.82 57.66 17.18
C VAL C 122 -75.79 58.24 18.60
N VAL C 123 -75.86 57.36 19.61
CA VAL C 123 -75.74 57.80 21.00
C VAL C 123 -74.42 58.50 21.24
N LEU C 124 -73.32 57.95 20.72
CA LEU C 124 -72.01 58.58 20.91
C LEU C 124 -71.95 59.97 20.30
N SER C 125 -72.67 60.21 19.20
CA SER C 125 -72.65 61.56 18.64
C SER C 125 -73.43 62.51 19.51
N LEU C 126 -74.52 62.01 20.06
CA LEU C 126 -75.36 62.74 20.98
C LEU C 126 -74.58 63.17 22.20
N VAL C 127 -73.79 62.24 22.74
CA VAL C 127 -73.02 62.50 23.95
C VAL C 127 -71.96 63.57 23.71
N THR C 128 -71.35 63.59 22.51
CA THR C 128 -70.41 64.65 22.17
C THR C 128 -71.11 66.01 22.22
N MET C 129 -72.41 66.02 21.98
CA MET C 129 -73.18 67.27 22.04
C MET C 129 -73.50 67.71 23.47
N LEU C 130 -73.49 66.76 24.40
CA LEU C 130 -73.76 67.07 25.80
C LEU C 130 -72.50 67.51 26.53
N HIS C 131 -71.35 67.14 25.98
CA HIS C 131 -70.05 67.49 26.56
C HIS C 131 -69.61 68.91 26.16
N ASP C 132 -68.84 69.54 27.04
CA ASP C 132 -68.35 70.91 26.83
C ASP C 132 -69.47 71.90 26.46
N ASN C 133 -70.67 71.66 26.97
CA ASN C 133 -71.75 72.62 26.85
C ASN C 133 -72.62 72.47 28.09
N LYS C 134 -72.74 73.54 28.86
CA LYS C 134 -73.56 73.51 30.06
C LYS C 134 -75.05 73.65 29.73
N LEU C 135 -75.76 72.53 29.82
CA LEU C 135 -77.19 72.45 29.56
C LEU C 135 -77.96 71.91 30.76
N SER C 136 -79.17 72.42 30.95
CA SER C 136 -80.03 71.93 32.02
C SER C 136 -81.00 70.85 31.52
N LYS C 137 -81.24 70.82 30.23
CA LYS C 137 -82.22 69.88 29.67
C LYS C 137 -81.82 69.40 28.29
N LEU C 138 -82.00 68.11 28.04
CA LEU C 138 -81.89 67.55 26.70
C LEU C 138 -83.24 66.98 26.27
N THR C 139 -83.61 67.24 25.02
CA THR C 139 -84.81 66.68 24.44
C THR C 139 -84.46 65.93 23.17
N VAL C 140 -84.93 64.70 23.08
CA VAL C 140 -84.65 63.87 21.92
C VAL C 140 -85.95 63.54 21.17
N VAL C 141 -85.98 63.86 19.88
CA VAL C 141 -87.16 63.62 19.05
C VAL C 141 -86.93 62.49 18.04
N PHE C 142 -87.58 61.35 18.27
CA PHE C 142 -87.40 60.17 17.44
C PHE C 142 -88.20 60.30 16.14
N GLU C 143 -87.48 60.52 15.05
CA GLU C 143 -88.06 60.55 13.72
C GLU C 143 -87.49 59.39 12.93
N ILE C 144 -87.21 58.32 13.66
CA ILE C 144 -86.84 57.04 13.08
C ILE C 144 -87.71 56.01 13.79
N ASN C 145 -87.82 54.81 13.22
CA ASN C 145 -88.54 53.73 13.90
C ASN C 145 -87.61 52.84 14.71
N VAL C 146 -87.96 52.62 15.97
CA VAL C 146 -87.22 51.69 16.82
C VAL C 146 -88.21 50.88 17.65
N ASP C 147 -87.91 49.61 17.90
CA ASP C 147 -88.80 48.82 18.75
C ASP C 147 -88.50 49.12 20.21
N LYS C 148 -89.26 48.50 21.12
CA LYS C 148 -89.10 48.77 22.54
C LYS C 148 -87.71 48.38 23.04
N ASN C 149 -87.14 47.31 22.50
CA ASN C 149 -85.84 46.85 22.96
C ASN C 149 -84.74 47.80 22.51
N LEU C 150 -84.91 48.39 21.33
CA LEU C 150 -83.94 49.32 20.79
C LEU C 150 -84.02 50.64 21.55
N PHE C 151 -85.23 51.00 21.95
CA PHE C 151 -85.47 52.21 22.69
C PHE C 151 -84.79 52.15 24.06
N ARG C 152 -84.87 50.99 24.71
CA ARG C 152 -84.23 50.83 26.01
C ARG C 152 -82.72 50.87 25.86
N PHE C 153 -82.23 50.23 24.80
CA PHE C 153 -80.82 50.17 24.53
C PHE C 153 -80.28 51.57 24.29
N PHE C 154 -81.10 52.41 23.68
CA PHE C 154 -80.71 53.79 23.42
C PHE C 154 -80.46 54.53 24.72
N LEU C 155 -81.42 54.43 25.64
CA LEU C 155 -81.32 55.02 26.96
C LEU C 155 -80.15 54.49 27.80
N GLU C 156 -80.02 53.17 27.88
CA GLU C 156 -78.94 52.54 28.64
C GLU C 156 -77.61 53.05 28.18
N THR C 157 -77.46 53.06 26.86
CA THR C 157 -76.21 53.45 26.23
C THR C 157 -75.98 54.94 26.45
N LEU C 158 -77.04 55.73 26.38
CA LEU C 158 -76.91 57.16 26.61
C LEU C 158 -76.47 57.40 28.06
N PHE C 159 -77.16 56.75 28.99
CA PHE C 159 -76.83 56.88 30.41
C PHE C 159 -75.40 56.48 30.75
N TYR C 160 -74.98 55.33 30.27
CA TYR C 160 -73.67 54.77 30.57
C TYR C 160 -72.53 55.60 29.98
N GLU C 161 -72.71 56.01 28.72
CA GLU C 161 -71.72 56.80 28.00
C GLU C 161 -71.64 58.24 28.47
N TYR C 162 -72.76 58.78 28.94
CA TYR C 162 -72.82 60.14 29.51
C TYR C 162 -72.16 60.22 30.90
N MET C 163 -72.33 59.18 31.70
CA MET C 163 -71.75 59.14 33.04
C MET C 163 -70.23 59.07 32.98
N THR C 164 -69.56 59.81 33.85
CA THR C 164 -68.10 59.85 33.86
C THR C 164 -67.59 59.41 35.22
N ASP C 165 -66.71 58.42 35.22
CA ASP C 165 -66.17 57.86 36.45
C ASP C 165 -64.98 58.68 36.98
N GLU C 166 -65.20 59.40 38.08
CA GLU C 166 -64.17 60.27 38.64
C GLU C 166 -63.76 59.91 40.08
N ARG C 167 -63.99 58.66 40.47
CA ARG C 167 -63.66 58.22 41.81
C ARG C 167 -62.17 58.42 42.13
N PHE C 168 -61.33 58.30 41.12
CA PHE C 168 -59.88 58.28 41.33
C PHE C 168 -59.19 59.53 40.86
N LYS C 169 -59.96 60.55 40.50
CA LYS C 169 -59.42 61.87 40.19
C LYS C 169 -59.22 62.61 41.51
N SER C 170 -58.14 63.37 41.59
CA SER C 170 -57.83 64.14 42.79
C SER C 170 -57.61 65.61 42.45
N THR C 171 -56.44 65.93 41.89
CA THR C 171 -56.14 67.31 41.48
C THR C 171 -56.66 67.62 40.08
N ASP C 172 -57.15 66.60 39.38
CA ASP C 172 -57.44 66.74 37.95
C ASP C 172 -58.88 66.39 37.61
N LYS C 173 -59.80 66.73 38.52
CA LYS C 173 -61.23 66.70 38.22
C LYS C 173 -61.52 67.49 36.94
N ASN C 174 -62.68 67.24 36.32
CA ASN C 174 -63.13 68.11 35.25
C ASN C 174 -63.95 69.25 35.85
N VAL C 175 -63.45 70.47 35.70
CA VAL C 175 -64.02 71.64 36.36
C VAL C 175 -65.38 72.09 35.79
N ASN C 176 -65.71 71.65 34.57
CA ASN C 176 -66.95 72.08 33.92
C ASN C 176 -67.95 70.94 33.66
N MET C 177 -67.84 69.87 34.43
CA MET C 177 -68.66 68.67 34.25
C MET C 177 -70.08 68.80 34.85
N GLU C 178 -70.92 69.57 34.18
CA GLU C 178 -72.31 69.71 34.62
C GLU C 178 -73.16 68.63 33.97
N TYR C 179 -74.20 68.18 34.68
CA TYR C 179 -75.13 67.21 34.09
C TYR C 179 -76.49 67.84 33.87
N ILE C 180 -77.15 67.46 32.79
CA ILE C 180 -78.54 67.88 32.61
C ILE C 180 -79.36 67.34 33.76
N LYS C 181 -80.45 68.03 34.09
CA LYS C 181 -81.34 67.61 35.16
C LYS C 181 -82.61 67.00 34.56
N HIS C 182 -82.77 67.16 33.26
CA HIS C 182 -83.99 66.78 32.58
C HIS C 182 -83.73 66.12 31.23
N LEU C 183 -84.49 65.07 30.95
CA LEU C 183 -84.48 64.45 29.65
C LEU C 183 -85.91 64.34 29.14
N GLY C 184 -86.19 64.98 28.00
CA GLY C 184 -87.47 64.85 27.33
C GLY C 184 -87.34 63.94 26.13
N VAL C 185 -88.34 63.09 25.91
CA VAL C 185 -88.39 62.23 24.72
C VAL C 185 -89.74 62.28 24.00
N TYR C 186 -89.69 62.53 22.70
CA TYR C 186 -90.88 62.52 21.87
C TYR C 186 -90.82 61.34 20.92
N ILE C 187 -91.85 60.51 20.92
CA ILE C 187 -91.83 59.30 20.13
C ILE C 187 -93.26 58.83 19.81
N ASN C 188 -93.44 58.20 18.65
CA ASN C 188 -94.72 57.60 18.27
C ASN C 188 -95.14 56.52 19.26
N ASN C 189 -96.44 56.43 19.52
CA ASN C 189 -96.99 55.41 20.42
C ASN C 189 -96.27 55.41 21.77
N ALA C 190 -96.05 56.61 22.31
CA ALA C 190 -95.24 56.82 23.52
C ALA C 190 -95.66 55.99 24.74
N ASP C 191 -96.94 55.63 24.82
CA ASP C 191 -97.44 54.94 26.00
C ASP C 191 -96.75 53.60 26.19
N THR C 192 -96.43 52.92 25.09
CA THR C 192 -95.85 51.59 25.17
C THR C 192 -94.36 51.63 25.48
N TYR C 193 -93.76 52.81 25.34
CA TYR C 193 -92.33 52.98 25.60
C TYR C 193 -92.05 53.45 27.01
N LYS C 194 -93.05 54.04 27.65
CA LYS C 194 -92.88 54.63 28.99
C LYS C 194 -92.32 53.67 30.03
N GLU C 195 -92.65 52.39 29.91
CA GLU C 195 -92.21 51.37 30.88
C GLU C 195 -90.75 50.99 30.69
N GLU C 196 -90.19 51.35 29.54
CA GLU C 196 -88.80 50.99 29.25
C GLU C 196 -87.83 51.93 29.93
N VAL C 197 -88.34 53.06 30.42
CA VAL C 197 -87.49 54.09 30.99
C VAL C 197 -86.81 53.63 32.26
N GLU C 198 -87.56 53.23 33.28
CA GLU C 198 -86.91 52.90 34.54
C GLU C 198 -86.19 51.56 34.45
N LYS C 199 -86.66 50.66 33.60
CA LYS C 199 -85.89 49.46 33.30
C LYS C 199 -84.52 49.84 32.73
N ALA C 200 -84.49 50.80 31.81
CA ALA C 200 -83.21 51.29 31.25
C ALA C 200 -82.32 51.85 32.35
N ARG C 201 -82.94 52.62 33.25
CA ARG C 201 -82.23 53.24 34.34
C ARG C 201 -81.60 52.17 35.24
N VAL C 202 -82.32 51.06 35.40
CA VAL C 202 -81.84 49.97 36.22
C VAL C 202 -80.71 49.26 35.51
N TYR C 203 -80.93 48.92 34.23
CA TYR C 203 -79.90 48.24 33.44
C TYR C 203 -78.61 49.07 33.34
N TYR C 204 -78.78 50.39 33.22
CA TYR C 204 -77.65 51.30 33.23
C TYR C 204 -76.81 51.13 34.49
N PHE C 205 -77.43 51.17 35.67
CA PHE C 205 -76.62 51.12 36.88
C PHE C 205 -75.95 49.77 37.10
N GLY C 206 -76.60 48.68 36.70
CA GLY C 206 -76.00 47.36 36.80
C GLY C 206 -74.71 47.35 35.98
N THR C 207 -74.81 47.86 34.76
CA THR C 207 -73.65 48.00 33.90
C THR C 207 -72.59 48.92 34.54
N TYR C 208 -73.02 50.10 34.98
CA TYR C 208 -72.08 51.05 35.53
C TYR C 208 -71.42 50.49 36.78
N TYR C 209 -72.19 49.78 37.59
CA TYR C 209 -71.69 49.17 38.80
C TYR C 209 -70.61 48.15 38.49
N ALA C 210 -70.89 47.28 37.53
CA ALA C 210 -69.91 46.32 37.03
C ALA C 210 -68.69 47.05 36.57
N SER C 211 -68.91 48.16 35.86
CA SER C 211 -67.81 48.96 35.33
C SER C 211 -66.89 49.53 36.43
N GLN C 212 -67.50 49.98 37.52
CA GLN C 212 -66.75 50.56 38.65
C GLN C 212 -65.82 49.54 39.30
N LEU C 213 -66.33 48.33 39.50
CA LEU C 213 -65.55 47.23 40.03
C LEU C 213 -64.39 46.87 39.12
N ILE C 214 -64.68 46.75 37.84
CA ILE C 214 -63.69 46.35 36.85
C ILE C 214 -62.58 47.39 36.73
N ALA C 215 -62.96 48.66 36.64
CA ALA C 215 -61.97 49.73 36.45
C ALA C 215 -61.15 50.00 37.72
N ALA C 216 -61.78 49.86 38.89
CA ALA C 216 -61.09 49.87 40.17
C ALA C 216 -59.84 49.01 40.10
N PRO C 217 -58.67 49.61 40.36
CA PRO C 217 -57.40 48.88 40.27
C PRO C 217 -57.22 47.81 41.36
N SER C 218 -56.20 46.99 41.18
CA SER C 218 -56.05 45.78 41.98
C SER C 218 -55.65 46.06 43.42
N ASN C 219 -55.09 47.24 43.69
CA ASN C 219 -54.83 47.57 45.08
C ASN C 219 -56.17 47.86 45.77
N TYR C 220 -57.03 48.64 45.11
CA TYR C 220 -58.36 48.98 45.63
C TYR C 220 -59.31 47.77 45.65
N CYS C 221 -59.37 47.07 44.51
CA CYS C 221 -60.27 45.96 44.31
C CYS C 221 -59.53 44.65 44.43
N ASN C 222 -59.56 44.07 45.63
CA ASN C 222 -58.86 42.82 45.90
C ASN C 222 -59.87 41.79 46.44
N PRO C 223 -59.44 40.55 46.71
CA PRO C 223 -60.51 39.61 47.07
C PRO C 223 -61.29 39.98 48.33
N VAL C 224 -60.67 40.66 49.29
CA VAL C 224 -61.42 40.98 50.48
C VAL C 224 -62.37 42.14 50.22
N SER C 225 -61.88 43.19 49.56
CA SER C 225 -62.68 44.40 49.38
C SER C 225 -63.82 44.19 48.40
N LEU C 226 -63.62 43.31 47.43
CA LEU C 226 -64.64 42.96 46.45
C LEU C 226 -65.75 42.12 47.08
N SER C 227 -65.38 41.10 47.85
CA SER C 227 -66.40 40.34 48.59
C SER C 227 -67.09 41.22 49.65
N ASN C 228 -66.35 42.15 50.24
CA ASN C 228 -66.98 43.18 51.06
C ASN C 228 -67.97 44.01 50.25
N ALA C 229 -67.61 44.34 49.01
CA ALA C 229 -68.51 45.14 48.18
C ALA C 229 -69.81 44.35 47.94
N ALA C 230 -69.67 43.05 47.69
CA ALA C 230 -70.82 42.17 47.40
C ALA C 230 -71.81 42.10 48.57
N VAL C 231 -71.27 42.00 49.79
CA VAL C 231 -72.10 41.95 51.00
C VAL C 231 -72.96 43.20 51.09
N GLU C 232 -72.29 44.33 50.95
CA GLU C 232 -72.92 45.63 51.03
C GLU C 232 -74.04 45.75 50.01
N LEU C 233 -73.78 45.27 48.80
CA LEU C 233 -74.78 45.28 47.75
C LEU C 233 -75.95 44.41 48.20
N ALA C 234 -75.63 43.19 48.61
CA ALA C 234 -76.62 42.23 49.08
C ALA C 234 -77.50 42.82 50.18
N GLN C 235 -76.87 43.49 51.14
CA GLN C 235 -77.57 44.12 52.26
C GLN C 235 -78.56 45.18 51.80
N LYS C 236 -78.30 45.78 50.64
CA LYS C 236 -79.12 46.88 50.16
C LYS C 236 -80.31 46.38 49.36
N LEU C 237 -80.22 45.16 48.86
CA LEU C 237 -81.28 44.60 48.02
C LEU C 237 -82.04 43.50 48.74
N ASN C 238 -81.67 43.26 49.99
CA ASN C 238 -82.23 42.17 50.79
C ASN C 238 -82.06 40.83 50.12
N LEU C 239 -80.84 40.53 49.71
CA LEU C 239 -80.54 39.20 49.21
C LEU C 239 -79.91 38.42 50.34
N GLU C 240 -80.22 37.14 50.44
CA GLU C 240 -79.42 36.28 51.29
C GLU C 240 -78.02 36.33 50.75
N TYR C 241 -77.03 36.36 51.64
CA TYR C 241 -75.64 36.30 51.22
C TYR C 241 -74.80 35.45 52.16
N LYS C 242 -73.79 34.82 51.59
CA LYS C 242 -72.81 34.13 52.39
C LYS C 242 -71.43 34.35 51.75
N ILE C 243 -70.43 34.65 52.57
CA ILE C 243 -69.06 34.70 52.07
C ILE C 243 -68.23 33.62 52.71
N LEU C 244 -67.74 32.70 51.90
CA LEU C 244 -66.97 31.59 52.43
C LEU C 244 -65.51 31.97 52.53
N GLY C 245 -64.98 31.88 53.76
CA GLY C 245 -63.58 32.11 53.99
C GLY C 245 -62.72 30.88 53.73
N VAL C 246 -61.41 31.07 53.83
CA VAL C 246 -60.43 30.05 53.50
C VAL C 246 -60.67 28.74 54.27
N LYS C 247 -61.08 28.83 55.52
CA LYS C 247 -61.26 27.61 56.30
C LYS C 247 -62.50 26.83 55.90
N GLU C 248 -63.56 27.54 55.54
CA GLU C 248 -64.76 26.87 55.06
C GLU C 248 -64.49 26.28 53.69
N LEU C 249 -63.63 26.96 52.93
CA LEU C 249 -63.23 26.49 51.60
C LEU C 249 -62.41 25.22 51.74
N GLU C 250 -61.58 25.17 52.78
CA GLU C 250 -60.78 23.98 53.07
C GLU C 250 -61.60 22.75 53.40
N GLU C 251 -62.61 22.94 54.25
CA GLU C 251 -63.43 21.79 54.63
C GLU C 251 -64.28 21.36 53.43
N LEU C 252 -64.52 22.26 52.47
CA LEU C 252 -65.19 21.87 51.25
C LEU C 252 -64.21 21.28 50.22
N LYS C 253 -62.91 21.35 50.51
CA LYS C 253 -61.87 20.70 49.70
C LYS C 253 -61.69 21.29 48.28
N MET C 254 -61.83 22.62 48.19
CA MET C 254 -61.65 23.30 46.91
C MET C 254 -60.16 23.56 46.67
N GLY C 255 -59.40 22.51 46.44
CA GLY C 255 -57.96 22.60 46.24
C GLY C 255 -57.56 23.26 44.92
N ALA C 256 -58.47 23.27 43.96
CA ALA C 256 -58.12 23.86 42.68
C ALA C 256 -58.15 25.38 42.83
N TYR C 257 -59.27 25.87 43.34
CA TYR C 257 -59.45 27.28 43.67
C TYR C 257 -58.42 27.78 44.67
N LEU C 258 -58.27 27.11 45.80
CA LEU C 258 -57.35 27.59 46.84
C LEU C 258 -55.91 27.64 46.34
N SER C 259 -55.53 26.67 45.51
CA SER C 259 -54.18 26.67 44.95
C SER C 259 -53.87 27.94 44.17
N VAL C 260 -54.83 28.42 43.39
CA VAL C 260 -54.63 29.65 42.60
C VAL C 260 -54.32 30.84 43.52
N GLY C 261 -55.05 30.97 44.63
CA GLY C 261 -54.87 32.08 45.56
C GLY C 261 -53.72 31.96 46.56
N LYS C 262 -53.09 30.79 46.66
CA LYS C 262 -52.02 30.54 47.64
C LYS C 262 -50.96 31.65 47.75
N GLY C 263 -50.56 32.22 46.63
CA GLY C 263 -49.54 33.26 46.62
C GLY C 263 -50.01 34.69 46.86
N SER C 264 -51.28 34.88 47.19
CA SER C 264 -51.76 36.25 47.44
C SER C 264 -51.66 36.62 48.93
N MET C 265 -51.61 37.93 49.20
CA MET C 265 -51.63 38.42 50.59
C MET C 265 -53.08 38.56 51.05
N TYR C 266 -54.00 38.54 50.10
CA TYR C 266 -55.41 38.56 50.41
C TYR C 266 -55.91 37.12 50.45
N PRO C 267 -56.66 36.77 51.48
CA PRO C 267 -57.27 35.43 51.61
C PRO C 267 -58.34 35.21 50.54
N ASN C 268 -58.48 33.99 50.04
CA ASN C 268 -59.57 33.68 49.13
C ASN C 268 -60.93 33.99 49.78
N LYS C 269 -61.86 34.53 49.00
CA LYS C 269 -63.22 34.69 49.46
C LYS C 269 -64.19 34.22 48.38
N PHE C 270 -65.13 33.39 48.76
CA PHE C 270 -66.10 32.86 47.81
C PHE C 270 -67.43 33.57 48.02
N ILE C 271 -67.89 34.31 47.01
CA ILE C 271 -69.14 35.04 47.09
C ILE C 271 -70.30 34.15 46.71
N HIS C 272 -71.37 34.18 47.52
CA HIS C 272 -72.60 33.47 47.24
C HIS C 272 -73.81 34.32 47.63
N LEU C 273 -74.42 34.95 46.64
CA LEU C 273 -75.65 35.71 46.84
C LEU C 273 -76.84 34.92 46.30
N THR C 274 -78.01 35.10 46.90
CA THR C 274 -79.19 34.41 46.42
C THR C 274 -80.40 35.32 46.36
N TYR C 275 -81.10 35.28 45.23
CA TYR C 275 -82.41 35.90 45.14
C TYR C 275 -83.46 34.81 45.00
N LYS C 276 -84.51 34.92 45.78
CA LYS C 276 -85.64 34.01 45.66
C LYS C 276 -86.96 34.77 45.55
N SER C 277 -87.71 34.51 44.48
CA SER C 277 -89.08 35.02 44.36
C SER C 277 -89.91 34.54 45.53
N LYS C 278 -90.90 35.32 45.92
CA LYS C 278 -91.98 34.78 46.74
C LYS C 278 -92.82 33.87 45.86
N GLY C 279 -93.58 32.96 46.46
CA GLY C 279 -94.41 32.05 45.70
C GLY C 279 -93.63 30.82 45.26
N ASP C 280 -94.09 30.19 44.16
CA ASP C 280 -93.48 28.96 43.66
C ASP C 280 -92.25 29.23 42.80
N VAL C 281 -91.15 28.55 43.11
CA VAL C 281 -89.95 28.68 42.30
C VAL C 281 -89.95 27.64 41.18
N LYS C 282 -90.16 28.09 39.94
CA LYS C 282 -90.25 27.14 38.85
C LYS C 282 -88.88 26.86 38.24
N LYS C 283 -87.95 27.79 38.45
CA LYS C 283 -86.63 27.70 37.84
C LYS C 283 -85.51 28.09 38.81
N LYS C 284 -84.49 27.24 38.89
CA LYS C 284 -83.32 27.50 39.73
C LYS C 284 -82.08 27.68 38.86
N ILE C 285 -81.39 28.81 39.05
CA ILE C 285 -80.27 29.16 38.17
C ILE C 285 -79.02 29.55 38.96
N ALA C 286 -77.87 29.02 38.54
CA ALA C 286 -76.59 29.42 39.09
C ALA C 286 -75.81 30.22 38.03
N LEU C 287 -75.50 31.47 38.37
CA LEU C 287 -74.61 32.33 37.60
C LEU C 287 -73.21 32.38 38.23
N VAL C 288 -72.21 31.93 37.49
CA VAL C 288 -70.84 31.86 38.00
C VAL C 288 -69.94 32.87 37.29
N GLY C 289 -69.27 33.72 38.06
CA GLY C 289 -68.40 34.73 37.49
C GLY C 289 -66.94 34.54 37.89
N LYS C 290 -66.05 34.52 36.91
CA LYS C 290 -64.62 34.42 37.20
C LYS C 290 -64.14 35.69 37.91
N GLY C 291 -63.60 35.52 39.11
CA GLY C 291 -63.21 36.65 39.93
C GLY C 291 -61.74 36.69 40.32
N ILE C 292 -60.88 36.91 39.32
CA ILE C 292 -59.46 37.05 39.56
C ILE C 292 -59.13 38.55 39.65
N THR C 293 -58.92 39.09 40.86
CA THR C 293 -58.82 40.56 41.01
C THR C 293 -57.58 41.13 40.33
N PHE C 294 -56.57 40.29 40.19
CA PHE C 294 -55.42 40.61 39.38
C PHE C 294 -54.76 39.33 38.90
N ASP C 295 -54.30 39.34 37.65
CA ASP C 295 -53.68 38.14 37.12
C ASP C 295 -52.32 38.45 36.53
N SER C 296 -51.29 38.16 37.31
CA SER C 296 -49.93 38.43 36.89
C SER C 296 -49.46 37.28 36.01
N GLY C 297 -50.24 36.21 36.01
CA GLY C 297 -49.85 34.96 35.36
C GLY C 297 -49.26 33.97 36.35
N GLY C 298 -48.90 34.44 37.54
CA GLY C 298 -48.19 33.59 38.49
C GLY C 298 -46.83 33.25 37.93
N TYR C 299 -46.27 32.10 38.30
CA TYR C 299 -44.92 31.78 37.87
C TYR C 299 -44.75 31.67 36.36
N ASN C 300 -45.84 31.47 35.63
CA ASN C 300 -45.83 31.67 34.18
C ASN C 300 -46.15 33.13 33.92
N LEU C 301 -45.28 33.99 34.42
CA LEU C 301 -45.49 35.44 34.42
C LEU C 301 -45.86 35.98 33.04
N LYS C 302 -46.84 36.87 32.99
CA LYS C 302 -47.17 37.55 31.75
C LYS C 302 -46.05 38.51 31.38
N ALA C 303 -44.96 37.98 30.81
CA ALA C 303 -43.81 38.82 30.52
C ALA C 303 -43.62 39.01 29.02
N ALA C 304 -44.18 38.09 28.24
CA ALA C 304 -44.10 38.11 26.79
C ALA C 304 -44.64 39.42 26.21
N PRO C 305 -44.05 39.89 25.10
CA PRO C 305 -44.57 41.11 24.48
C PRO C 305 -46.02 40.91 24.03
N GLY C 306 -46.88 41.88 24.33
CA GLY C 306 -48.29 41.75 24.01
C GLY C 306 -49.16 41.05 25.04
N SER C 307 -48.58 40.67 26.17
CA SER C 307 -49.38 39.99 27.20
C SER C 307 -50.21 40.98 28.03
N MET C 308 -49.87 42.26 27.94
CA MET C 308 -50.62 43.34 28.61
C MET C 308 -50.94 43.09 30.08
N ILE C 309 -49.91 42.95 30.90
CA ILE C 309 -50.11 42.67 32.32
C ILE C 309 -50.86 43.83 33.00
N ASP C 310 -50.74 45.03 32.46
CA ASP C 310 -51.37 46.20 33.09
C ASP C 310 -52.90 46.26 32.93
N LEU C 311 -53.45 45.44 32.05
CA LEU C 311 -54.89 45.39 31.88
C LEU C 311 -55.50 44.40 32.89
N MET C 312 -54.64 43.60 33.51
CA MET C 312 -55.10 42.36 34.14
C MET C 312 -55.89 42.56 35.44
N LYS C 313 -56.15 43.82 35.80
CA LYS C 313 -57.20 44.11 36.77
C LYS C 313 -58.61 43.76 36.24
N PHE C 314 -58.72 43.43 34.95
CA PHE C 314 -59.99 43.24 34.24
C PHE C 314 -60.45 41.80 34.37
N ASP C 315 -59.66 41.01 35.08
CA ASP C 315 -59.85 39.57 35.11
C ASP C 315 -60.92 39.13 36.14
N MET C 316 -61.62 40.10 36.71
CA MET C 316 -62.80 39.84 37.52
C MET C 316 -64.05 40.43 36.88
N SER C 317 -63.99 40.69 35.58
CA SER C 317 -65.15 41.20 34.84
C SER C 317 -66.34 40.25 34.91
N GLY C 318 -66.07 38.95 34.92
CA GLY C 318 -67.15 37.97 34.96
C GLY C 318 -67.92 38.16 36.25
N CYS C 319 -67.17 38.18 37.34
CA CYS C 319 -67.70 38.42 38.66
C CYS C 319 -68.49 39.72 38.71
N ALA C 320 -67.95 40.75 38.07
CA ALA C 320 -68.60 42.05 38.05
C ALA C 320 -69.96 41.98 37.35
N ALA C 321 -70.00 41.30 36.20
CA ALA C 321 -71.25 41.13 35.46
C ALA C 321 -72.32 40.43 36.32
N VAL C 322 -71.91 39.42 37.06
CA VAL C 322 -72.83 38.71 37.93
C VAL C 322 -73.36 39.58 39.10
N LEU C 323 -72.48 40.37 39.72
CA LEU C 323 -72.92 41.28 40.79
C LEU C 323 -73.83 42.39 40.26
N GLY C 324 -73.54 42.89 39.06
CA GLY C 324 -74.45 43.82 38.40
C GLY C 324 -75.78 43.16 38.02
N CYS C 325 -75.72 41.89 37.62
CA CYS C 325 -76.96 41.17 37.37
C CYS C 325 -77.75 41.07 38.67
N ALA C 326 -77.04 40.81 39.77
CA ALA C 326 -77.67 40.72 41.07
C ALA C 326 -78.36 42.04 41.40
N TYR C 327 -77.72 43.16 41.04
CA TYR C 327 -78.36 44.46 41.26
C TYR C 327 -79.67 44.55 40.48
N CYS C 328 -79.65 44.19 39.20
CA CYS C 328 -80.83 44.29 38.35
C CYS C 328 -81.96 43.34 38.77
N VAL C 329 -81.59 42.10 39.06
CA VAL C 329 -82.56 41.08 39.48
C VAL C 329 -83.17 41.41 40.84
N GLY C 330 -82.32 41.76 41.81
CA GLY C 330 -82.79 42.17 43.12
C GLY C 330 -83.57 43.48 43.11
N THR C 331 -83.39 44.28 42.06
CA THR C 331 -84.11 45.54 41.91
C THR C 331 -85.46 45.35 41.20
N LEU C 332 -85.47 44.59 40.10
CA LEU C 332 -86.68 44.38 39.31
C LEU C 332 -87.55 43.23 39.84
N LYS C 333 -86.98 42.42 40.74
CA LYS C 333 -87.69 41.36 41.48
C LYS C 333 -88.61 40.48 40.63
N PRO C 334 -88.02 39.62 39.79
CA PRO C 334 -88.80 38.73 38.95
C PRO C 334 -89.45 37.61 39.76
N GLU C 335 -90.52 37.02 39.22
CA GLU C 335 -91.24 35.92 39.86
C GLU C 335 -90.71 34.55 39.44
N ASN C 336 -91.09 33.54 40.21
CA ASN C 336 -90.94 32.15 39.81
C ASN C 336 -89.50 31.69 39.61
N VAL C 337 -88.55 32.39 40.22
CA VAL C 337 -87.14 32.04 40.05
C VAL C 337 -86.34 32.11 41.35
N GLU C 338 -85.32 31.26 41.41
CA GLU C 338 -84.31 31.35 42.45
C GLU C 338 -82.94 31.38 41.76
N ILE C 339 -82.18 32.44 42.01
CA ILE C 339 -80.89 32.65 41.36
C ILE C 339 -79.76 32.74 42.36
N HIS C 340 -78.76 31.90 42.17
CA HIS C 340 -77.56 31.97 42.98
C HIS C 340 -76.48 32.74 42.20
N PHE C 341 -75.88 33.74 42.82
CA PHE C 341 -74.81 34.56 42.21
C PHE C 341 -73.49 34.22 42.86
N LEU C 342 -72.60 33.56 42.10
CA LEU C 342 -71.42 32.98 42.69
C LEU C 342 -70.14 33.58 42.12
N SER C 343 -69.11 33.62 42.94
CA SER C 343 -67.79 33.99 42.46
C SER C 343 -66.72 33.54 43.44
N ALA C 344 -65.79 32.75 42.90
CA ALA C 344 -64.60 32.32 43.61
C ALA C 344 -63.52 33.40 43.42
N VAL C 345 -63.54 34.38 44.33
CA VAL C 345 -62.69 35.54 44.19
C VAL C 345 -61.28 35.29 44.74
N CYS C 346 -60.26 35.59 43.94
CA CYS C 346 -58.87 35.52 44.41
C CYS C 346 -57.94 36.30 43.49
N GLU C 347 -56.66 36.28 43.83
CA GLU C 347 -55.60 37.00 43.14
C GLU C 347 -54.49 36.01 42.77
N ASN C 348 -54.05 36.02 41.52
CA ASN C 348 -52.97 35.15 41.03
C ASN C 348 -51.62 35.89 41.07
N MET C 349 -50.77 35.54 42.04
CA MET C 349 -49.57 36.31 42.36
C MET C 349 -48.30 35.49 42.34
N VAL C 350 -47.16 36.18 42.40
CA VAL C 350 -45.85 35.53 42.47
C VAL C 350 -45.25 35.73 43.85
N SER C 351 -44.83 34.63 44.45
CA SER C 351 -44.56 34.58 45.87
C SER C 351 -43.81 33.30 46.19
N LYS C 352 -43.26 33.19 47.39
CA LYS C 352 -42.68 31.92 47.80
C LYS C 352 -43.81 30.91 48.05
N ASN C 353 -45.02 31.42 48.22
CA ASN C 353 -46.17 30.57 48.56
C ASN C 353 -47.01 30.10 47.36
N SER C 354 -46.73 30.62 46.16
CA SER C 354 -47.55 30.36 44.99
C SER C 354 -47.55 28.89 44.56
N TYR C 355 -48.56 28.51 43.79
CA TYR C 355 -48.58 27.16 43.23
C TYR C 355 -47.65 27.22 42.01
N ARG C 356 -47.10 26.07 41.60
CA ARG C 356 -46.11 25.99 40.53
C ARG C 356 -46.61 25.20 39.33
N PRO C 357 -46.11 25.53 38.14
CA PRO C 357 -46.23 24.66 36.99
C PRO C 357 -45.80 23.27 37.37
N GLY C 358 -46.57 22.26 37.02
CA GLY C 358 -46.20 20.91 37.36
C GLY C 358 -46.93 20.41 38.60
N ASP C 359 -47.35 21.31 39.48
CA ASP C 359 -48.12 20.92 40.67
C ASP C 359 -49.39 20.15 40.31
N ILE C 360 -49.60 19.03 41.01
CA ILE C 360 -50.86 18.28 40.90
C ILE C 360 -51.77 18.64 42.07
N ILE C 361 -52.95 19.12 41.75
CA ILE C 361 -53.83 19.62 42.79
C ILE C 361 -55.18 18.88 42.73
N THR C 362 -55.98 19.00 43.78
CA THR C 362 -57.19 18.18 43.89
C THR C 362 -58.47 19.00 44.00
N ALA C 363 -59.34 18.85 43.00
CA ALA C 363 -60.60 19.57 42.94
C ALA C 363 -61.60 18.96 43.92
N SER C 364 -62.67 19.71 44.21
CA SER C 364 -63.62 19.32 45.24
C SER C 364 -64.51 18.12 44.82
N ASN C 365 -64.50 17.79 43.53
CA ASN C 365 -65.18 16.57 43.09
C ASN C 365 -64.23 15.38 43.08
N GLY C 366 -63.01 15.62 43.57
CA GLY C 366 -62.03 14.56 43.73
C GLY C 366 -61.08 14.33 42.57
N LYS C 367 -61.29 15.03 41.46
CA LYS C 367 -60.38 14.87 40.33
C LYS C 367 -59.07 15.58 40.58
N THR C 368 -57.97 14.89 40.29
CA THR C 368 -56.65 15.50 40.36
C THR C 368 -56.36 16.22 39.03
N ILE C 369 -55.78 17.41 39.16
CA ILE C 369 -55.45 18.23 38.02
C ILE C 369 -53.95 18.51 37.98
N GLU C 370 -53.34 18.29 36.82
CA GLU C 370 -51.94 18.64 36.63
C GLU C 370 -51.80 20.03 36.03
N VAL C 371 -51.29 20.98 36.79
CA VAL C 371 -51.12 22.33 36.30
C VAL C 371 -50.02 22.37 35.22
N GLY C 372 -50.36 22.86 34.04
CA GLY C 372 -49.38 22.99 32.98
C GLY C 372 -48.92 24.43 32.85
N ASN C 373 -49.76 25.35 33.29
CA ASN C 373 -49.46 26.77 33.19
C ASN C 373 -50.25 27.54 34.20
N THR C 374 -49.55 28.25 35.10
CA THR C 374 -50.20 28.93 36.23
C THR C 374 -51.02 30.10 35.77
N ASP C 375 -50.85 30.50 34.51
CA ASP C 375 -51.63 31.60 33.96
C ASP C 375 -52.98 31.10 33.38
N ALA C 376 -53.27 29.81 33.49
CA ALA C 376 -54.61 29.31 33.15
C ALA C 376 -55.39 29.06 34.43
N GLU C 377 -55.33 30.06 35.30
CA GLU C 377 -55.80 29.97 36.68
C GLU C 377 -57.32 30.04 36.74
N GLY C 378 -57.91 30.74 35.78
CA GLY C 378 -59.34 30.98 35.79
C GLY C 378 -60.14 29.70 35.73
N ARG C 379 -59.71 28.77 34.89
CA ARG C 379 -60.46 27.51 34.71
C ARG C 379 -60.39 26.65 35.98
N LEU C 380 -59.29 26.78 36.73
CA LEU C 380 -59.15 26.04 37.99
C LEU C 380 -60.09 26.61 39.02
N THR C 381 -60.27 27.93 39.01
CA THR C 381 -61.16 28.51 40.00
C THR C 381 -62.60 28.16 39.64
N LEU C 382 -62.88 28.15 38.33
CA LEU C 382 -64.25 27.87 37.85
C LEU C 382 -64.61 26.43 38.13
N ALA C 383 -63.62 25.54 38.07
CA ALA C 383 -63.81 24.12 38.35
C ALA C 383 -64.47 23.88 39.71
N ASP C 384 -63.92 24.49 40.74
CA ASP C 384 -64.46 24.31 42.07
C ASP C 384 -65.78 25.06 42.18
N ALA C 385 -65.90 26.18 41.47
CA ALA C 385 -67.14 26.94 41.56
C ALA C 385 -68.28 26.18 40.88
N LEU C 386 -67.95 25.46 39.81
CA LEU C 386 -68.97 24.73 39.06
C LEU C 386 -69.45 23.54 39.88
N VAL C 387 -68.53 22.87 40.57
CA VAL C 387 -68.86 21.76 41.46
C VAL C 387 -69.80 22.25 42.57
N TYR C 388 -69.46 23.40 43.15
CA TYR C 388 -70.30 24.05 44.16
C TYR C 388 -71.66 24.40 43.59
N ALA C 389 -71.66 24.99 42.39
CA ALA C 389 -72.89 25.35 41.72
C ALA C 389 -73.79 24.13 41.57
N GLU C 390 -73.27 23.06 41.00
CA GLU C 390 -74.08 21.89 40.73
C GLU C 390 -74.62 21.23 42.02
N LYS C 391 -73.85 21.29 43.11
CA LYS C 391 -74.29 20.77 44.42
C LYS C 391 -75.52 21.51 44.96
N LEU C 392 -75.76 22.74 44.48
CA LEU C 392 -76.95 23.50 44.88
C LEU C 392 -78.22 22.92 44.25
N GLY C 393 -78.06 21.96 43.36
CA GLY C 393 -79.20 21.32 42.68
C GLY C 393 -79.98 22.26 41.78
N VAL C 394 -79.30 22.93 40.86
CA VAL C 394 -79.96 23.93 40.03
C VAL C 394 -80.27 23.38 38.64
N ASP C 395 -81.16 24.07 37.93
CA ASP C 395 -81.60 23.68 36.59
C ASP C 395 -80.60 24.12 35.52
N TYR C 396 -80.08 25.33 35.70
CA TYR C 396 -79.11 25.86 34.76
C TYR C 396 -77.88 26.35 35.49
N ILE C 397 -76.70 26.02 34.96
CA ILE C 397 -75.46 26.66 35.37
C ILE C 397 -74.92 27.49 34.20
N VAL C 398 -74.77 28.79 34.40
CA VAL C 398 -74.16 29.65 33.38
C VAL C 398 -72.95 30.37 33.96
N ASP C 399 -71.77 30.14 33.39
CA ASP C 399 -70.64 30.93 33.83
C ASP C 399 -70.26 31.98 32.78
N ILE C 400 -69.72 33.09 33.26
CA ILE C 400 -69.25 34.15 32.40
C ILE C 400 -67.87 34.53 32.91
N ALA C 401 -66.89 34.61 32.01
CA ALA C 401 -65.50 34.75 32.43
C ALA C 401 -64.59 35.36 31.35
N THR C 402 -63.62 36.16 31.80
CA THR C 402 -62.54 36.62 30.91
C THR C 402 -61.52 35.51 30.75
N LEU C 403 -61.90 34.42 30.07
CA LEU C 403 -61.17 33.17 30.22
C LEU C 403 -59.97 33.01 29.28
N THR C 404 -60.14 33.20 27.96
CA THR C 404 -59.02 33.00 27.02
C THR C 404 -58.75 34.12 26.02
N GLY C 405 -57.46 34.45 25.87
CA GLY C 405 -57.01 35.46 24.93
C GLY C 405 -57.38 35.13 23.49
N ALA C 406 -57.44 33.84 23.18
CA ALA C 406 -57.77 33.37 21.83
C ALA C 406 -59.06 33.97 21.27
N MET C 407 -59.97 34.38 22.15
CA MET C 407 -61.19 35.05 21.72
C MET C 407 -60.91 36.27 20.84
N LEU C 408 -59.81 36.96 21.10
CA LEU C 408 -59.41 38.10 20.26
C LEU C 408 -59.19 37.68 18.81
N TYR C 409 -58.75 36.44 18.63
CA TYR C 409 -58.43 35.93 17.31
C TYR C 409 -59.58 35.19 16.65
N SER C 410 -60.60 34.82 17.41
CA SER C 410 -61.75 34.15 16.83
C SER C 410 -62.94 35.08 16.59
N LEU C 411 -63.27 35.92 17.58
CA LEU C 411 -64.43 36.78 17.46
C LEU C 411 -64.08 38.27 17.58
N GLY C 412 -62.91 38.58 18.12
CA GLY C 412 -62.48 39.95 18.28
C GLY C 412 -63.16 40.67 19.44
N THR C 413 -63.37 41.98 19.29
CA THR C 413 -63.76 42.81 20.42
C THR C 413 -65.28 43.06 20.53
N SER C 414 -66.05 42.71 19.50
CA SER C 414 -67.51 42.94 19.55
C SER C 414 -68.36 41.76 20.06
N TYR C 415 -67.99 40.52 19.71
CA TYR C 415 -68.83 39.38 20.07
C TYR C 415 -68.15 38.52 21.12
N ALA C 416 -68.88 38.16 22.17
CA ALA C 416 -68.43 37.12 23.09
C ALA C 416 -68.83 35.77 22.52
N GLY C 417 -68.13 34.72 22.93
CA GLY C 417 -68.45 33.39 22.46
C GLY C 417 -69.16 32.62 23.55
N VAL C 418 -70.17 31.83 23.16
CA VAL C 418 -70.81 30.95 24.11
C VAL C 418 -70.54 29.49 23.72
N PHE C 419 -70.19 28.69 24.72
CA PHE C 419 -70.03 27.26 24.59
C PHE C 419 -71.02 26.63 25.56
N GLY C 420 -71.33 25.35 25.40
CA GLY C 420 -72.29 24.74 26.31
C GLY C 420 -72.52 23.27 26.06
N ASN C 421 -73.09 22.58 27.06
CA ASN C 421 -73.37 21.15 26.94
C ASN C 421 -74.82 20.86 26.60
N ASN C 422 -75.61 21.92 26.35
CA ASN C 422 -77.05 21.76 26.22
C ASN C 422 -77.68 22.76 25.28
N GLU C 423 -78.32 22.27 24.23
CA GLU C 423 -78.75 23.13 23.13
C GLU C 423 -79.88 24.08 23.51
N GLU C 424 -80.79 23.63 24.35
CA GLU C 424 -81.90 24.48 24.75
C GLU C 424 -81.36 25.67 25.53
N LEU C 425 -80.41 25.41 26.43
CA LEU C 425 -79.82 26.46 27.25
C LEU C 425 -79.04 27.44 26.36
N ILE C 426 -78.33 26.90 25.39
CA ILE C 426 -77.55 27.72 24.48
C ILE C 426 -78.43 28.67 23.66
N ASN C 427 -79.57 28.18 23.19
CA ASN C 427 -80.53 29.03 22.50
C ASN C 427 -81.15 30.10 23.40
N LYS C 428 -81.29 29.80 24.69
CA LYS C 428 -81.82 30.78 25.62
C LYS C 428 -80.83 31.95 25.83
N ILE C 429 -79.54 31.64 25.82
CA ILE C 429 -78.52 32.69 25.91
C ILE C 429 -78.56 33.55 24.63
N LEU C 430 -78.67 32.91 23.48
CA LEU C 430 -78.70 33.61 22.20
C LEU C 430 -79.91 34.52 22.08
N GLN C 431 -81.04 34.09 22.64
CA GLN C 431 -82.22 34.95 22.65
C GLN C 431 -81.96 36.17 23.54
N SER C 432 -81.39 35.92 24.71
CA SER C 432 -81.03 37.01 25.61
C SER C 432 -79.97 37.91 24.98
N SER C 433 -79.08 37.32 24.21
CA SER C 433 -78.12 38.11 23.47
C SER C 433 -78.85 39.10 22.57
N LYS C 434 -79.86 38.59 21.88
CA LYS C 434 -80.66 39.39 20.96
C LYS C 434 -81.44 40.51 21.67
N THR C 435 -82.07 40.21 22.80
CA THR C 435 -82.89 41.25 23.46
C THR C 435 -82.09 42.14 24.43
N SER C 436 -80.90 41.72 24.83
CA SER C 436 -80.03 42.58 25.65
C SER C 436 -79.22 43.49 24.73
N ASN C 437 -79.23 43.16 23.44
CA ASN C 437 -78.36 43.76 22.45
C ASN C 437 -76.88 43.70 22.81
N GLU C 438 -76.53 42.66 23.57
CA GLU C 438 -75.15 42.34 23.87
C GLU C 438 -74.78 41.09 23.07
N PRO C 439 -74.02 41.26 21.98
CA PRO C 439 -73.75 40.23 20.96
C PRO C 439 -72.91 39.06 21.45
N VAL C 440 -73.35 37.87 21.08
CA VAL C 440 -72.75 36.59 21.45
C VAL C 440 -72.84 35.61 20.26
N TRP C 441 -71.79 34.81 20.05
CA TRP C 441 -71.79 33.82 18.98
C TRP C 441 -71.53 32.40 19.50
N TRP C 442 -72.25 31.42 18.98
CA TRP C 442 -72.12 30.04 19.46
C TRP C 442 -70.89 29.38 18.85
N LEU C 443 -70.00 28.88 19.70
CA LEU C 443 -68.77 28.20 19.28
C LEU C 443 -68.78 26.75 19.79
N PRO C 444 -68.07 25.86 19.09
CA PRO C 444 -68.30 24.44 19.43
C PRO C 444 -67.37 23.91 20.53
N ILE C 445 -67.83 22.88 21.23
CA ILE C 445 -66.93 22.12 22.08
C ILE C 445 -66.54 20.87 21.31
N ILE C 446 -65.30 20.87 20.80
CA ILE C 446 -64.84 19.80 19.91
C ILE C 446 -64.25 18.66 20.73
N ASN C 447 -64.98 17.54 20.76
CA ASN C 447 -64.62 16.44 21.64
C ASN C 447 -63.36 15.73 21.19
N GLU C 448 -63.08 15.80 19.90
CA GLU C 448 -61.86 15.23 19.36
C GLU C 448 -60.58 15.77 20.07
N TYR C 449 -60.64 16.97 20.64
CA TYR C 449 -59.48 17.51 21.36
C TYR C 449 -59.38 17.00 22.81
N ARG C 450 -60.43 16.37 23.31
CA ARG C 450 -60.50 15.98 24.72
C ARG C 450 -59.31 15.12 25.15
N ALA C 451 -58.81 14.30 24.24
CA ALA C 451 -57.71 13.38 24.56
C ALA C 451 -56.38 14.09 24.89
N THR C 452 -56.23 15.36 24.52
CA THR C 452 -55.00 16.07 24.84
C THR C 452 -55.00 16.57 26.28
N LEU C 453 -56.11 16.40 26.99
CA LEU C 453 -56.17 16.74 28.40
C LEU C 453 -55.95 15.48 29.27
N ASN C 454 -55.59 14.37 28.64
CA ASN C 454 -55.23 13.18 29.41
C ASN C 454 -53.84 13.29 30.02
N SER C 455 -53.78 13.39 31.34
CA SER C 455 -52.51 13.46 32.05
C SER C 455 -51.90 12.08 32.28
N LYS C 456 -50.59 11.98 32.14
CA LYS C 456 -49.87 10.74 32.45
C LYS C 456 -49.96 10.35 33.93
N TYR C 457 -50.06 11.34 34.82
CA TYR C 457 -50.04 11.06 36.25
C TYR C 457 -51.33 11.43 36.95
N ALA C 458 -51.90 12.58 36.62
CA ALA C 458 -53.15 13.03 37.23
C ALA C 458 -54.35 12.51 36.43
N ASP C 459 -55.55 12.79 36.95
CA ASP C 459 -56.77 12.45 36.22
C ASP C 459 -56.83 13.25 34.93
N ILE C 460 -56.55 14.55 35.02
CA ILE C 460 -56.72 15.40 33.86
C ILE C 460 -55.66 16.50 33.82
N ASN C 461 -55.21 16.85 32.61
CA ASN C 461 -54.35 18.01 32.41
C ASN C 461 -55.22 19.26 32.44
N GLN C 462 -54.66 20.33 32.99
CA GLN C 462 -55.25 21.65 32.96
C GLN C 462 -55.21 22.28 31.55
N ILE C 463 -54.09 22.08 30.85
CA ILE C 463 -53.93 22.65 29.51
C ILE C 463 -53.49 21.64 28.47
N SER C 464 -53.77 21.94 27.21
CA SER C 464 -53.27 21.12 26.12
C SER C 464 -51.84 21.49 25.79
N SER C 465 -51.04 20.51 25.40
CA SER C 465 -49.68 20.79 24.94
C SER C 465 -49.59 20.80 23.40
N SER C 466 -50.71 20.56 22.73
CA SER C 466 -50.69 20.43 21.27
C SER C 466 -51.80 21.23 20.55
N VAL C 467 -52.99 21.29 21.13
CA VAL C 467 -54.07 22.07 20.53
C VAL C 467 -53.94 23.57 20.83
N LYS C 468 -54.08 24.40 19.80
CA LYS C 468 -53.96 25.85 19.95
C LYS C 468 -55.32 26.54 20.13
N ALA C 469 -56.40 25.78 19.94
CA ALA C 469 -57.75 26.30 20.10
C ALA C 469 -58.09 26.43 21.57
N SER C 470 -57.48 27.41 22.22
CA SER C 470 -57.50 27.49 23.67
C SER C 470 -58.90 27.66 24.26
N SER C 471 -59.72 28.45 23.60
CA SER C 471 -61.07 28.74 24.09
C SER C 471 -61.89 27.46 24.13
N ILE C 472 -61.60 26.54 23.21
CA ILE C 472 -62.35 25.31 23.10
C ILE C 472 -61.84 24.29 24.12
N VAL C 473 -60.52 24.17 24.21
CA VAL C 473 -59.90 23.32 25.22
C VAL C 473 -60.35 23.71 26.62
N ALA C 474 -60.32 25.01 26.94
CA ALA C 474 -60.74 25.46 28.27
C ALA C 474 -62.20 25.07 28.54
N SER C 475 -63.04 25.09 27.52
CA SER C 475 -64.44 24.67 27.65
C SER C 475 -64.55 23.17 27.96
N LEU C 476 -63.77 22.36 27.28
CA LEU C 476 -63.66 20.92 27.57
C LEU C 476 -63.28 20.67 29.04
N PHE C 477 -62.23 21.35 29.51
CA PHE C 477 -61.81 21.21 30.91
C PHE C 477 -62.96 21.55 31.87
N LEU C 478 -63.63 22.66 31.66
CA LEU C 478 -64.75 23.03 32.52
C LEU C 478 -65.91 22.01 32.45
N LYS C 479 -66.16 21.44 31.29
CA LYS C 479 -67.24 20.47 31.14
C LYS C 479 -67.02 19.27 32.05
N GLU C 480 -65.76 18.98 32.33
CA GLU C 480 -65.39 17.84 33.16
C GLU C 480 -65.88 18.00 34.60
N PHE C 481 -66.28 19.20 34.96
CA PHE C 481 -66.69 19.50 36.33
C PHE C 481 -68.20 19.74 36.43
N VAL C 482 -68.93 19.53 35.34
CA VAL C 482 -70.38 19.56 35.38
C VAL C 482 -70.86 18.16 35.02
N GLN C 483 -71.45 17.49 36.00
CA GLN C 483 -71.71 16.06 35.89
C GLN C 483 -72.97 15.75 35.08
N ASN C 484 -74.08 16.39 35.43
CA ASN C 484 -75.38 16.05 34.86
C ASN C 484 -76.35 17.22 34.94
N THR C 485 -75.89 18.39 34.54
CA THR C 485 -76.66 19.62 34.61
C THR C 485 -76.49 20.41 33.31
N ALA C 486 -77.57 21.04 32.82
CA ALA C 486 -77.47 21.93 31.67
C ALA C 486 -76.53 23.12 31.99
N TRP C 487 -75.45 23.28 31.24
CA TRP C 487 -74.46 24.29 31.56
C TRP C 487 -73.96 25.07 30.33
N ALA C 488 -73.82 26.39 30.47
CA ALA C 488 -73.24 27.22 29.42
C ALA C 488 -72.10 28.10 29.93
N HIS C 489 -71.14 28.33 29.04
CA HIS C 489 -69.92 29.10 29.31
C HIS C 489 -69.76 30.28 28.36
N ILE C 490 -69.71 31.49 28.90
CA ILE C 490 -69.55 32.67 28.08
C ILE C 490 -68.18 33.33 28.28
N ASP C 491 -67.34 33.21 27.26
CA ASP C 491 -65.98 33.77 27.28
C ASP C 491 -65.99 35.24 26.83
N ILE C 492 -65.68 36.14 27.75
CA ILE C 492 -65.71 37.58 27.49
C ILE C 492 -64.33 38.26 27.59
N ALA C 493 -63.27 37.50 27.35
CA ALA C 493 -61.90 38.05 27.39
C ALA C 493 -61.68 39.13 26.32
N GLY C 494 -62.29 38.94 25.16
CA GLY C 494 -62.08 39.83 24.04
C GLY C 494 -62.96 41.06 24.02
N VAL C 495 -64.07 41.01 24.75
CA VAL C 495 -65.09 42.05 24.66
C VAL C 495 -65.26 42.86 25.94
N SER C 496 -64.68 42.39 27.03
CA SER C 496 -64.88 43.04 28.31
C SER C 496 -64.37 44.49 28.33
N TRP C 497 -63.20 44.69 27.74
CA TRP C 497 -62.54 45.99 27.81
C TRP C 497 -62.70 46.80 26.52
N ASN C 498 -63.23 48.02 26.64
CA ASN C 498 -63.34 48.93 25.52
C ASN C 498 -62.02 49.67 25.29
N PHE C 499 -61.19 49.14 24.39
CA PHE C 499 -59.87 49.69 24.13
C PHE C 499 -59.89 51.11 23.57
N LYS C 500 -60.84 51.40 22.69
CA LYS C 500 -60.92 52.71 22.06
C LYS C 500 -61.32 53.79 23.06
N ALA C 501 -62.20 53.45 23.99
CA ALA C 501 -62.61 54.39 25.02
C ALA C 501 -61.74 54.31 26.30
N ARG C 502 -60.85 53.32 26.38
CA ARG C 502 -59.99 53.12 27.55
C ARG C 502 -60.77 52.91 28.85
N LYS C 503 -61.82 52.09 28.80
CA LYS C 503 -62.68 51.84 29.94
C LYS C 503 -63.40 50.48 29.82
N PRO C 504 -63.97 49.97 30.93
CA PRO C 504 -64.70 48.71 30.79
C PRO C 504 -66.02 48.92 30.06
N LYS C 505 -66.63 47.82 29.58
CA LYS C 505 -67.97 47.89 28.98
C LYS C 505 -69.05 47.46 29.97
N GLY C 506 -68.66 46.80 31.05
CA GLY C 506 -69.64 46.21 31.95
C GLY C 506 -70.44 45.13 31.22
N PHE C 507 -69.76 44.47 30.29
CA PHE C 507 -70.37 43.50 29.40
C PHE C 507 -70.94 42.30 30.18
N GLY C 508 -72.14 41.87 29.81
CA GLY C 508 -72.73 40.72 30.43
C GLY C 508 -73.87 40.99 31.40
N VAL C 509 -73.87 42.17 32.02
CA VAL C 509 -74.91 42.48 32.99
C VAL C 509 -76.31 42.35 32.34
N ARG C 510 -76.47 43.01 31.20
CA ARG C 510 -77.76 42.99 30.52
C ARG C 510 -78.09 41.63 29.89
N LEU C 511 -77.09 40.97 29.32
CA LEU C 511 -77.26 39.63 28.77
C LEU C 511 -77.83 38.71 29.84
N LEU C 512 -77.16 38.68 31.01
CA LEU C 512 -77.55 37.81 32.10
C LEU C 512 -78.89 38.18 32.71
N THR C 513 -79.18 39.47 32.84
CA THR C 513 -80.47 39.82 33.44
C THR C 513 -81.65 39.45 32.53
N GLU C 514 -81.52 39.74 31.24
CA GLU C 514 -82.58 39.39 30.29
C GLU C 514 -82.81 37.87 30.31
N PHE C 515 -81.71 37.12 30.39
CA PHE C 515 -81.76 35.69 30.55
C PHE C 515 -82.64 35.27 31.72
N VAL C 516 -82.37 35.85 32.90
CA VAL C 516 -83.18 35.59 34.08
C VAL C 516 -84.64 36.02 33.86
N LEU C 517 -84.86 37.22 33.35
CA LEU C 517 -86.23 37.73 33.19
C LEU C 517 -87.04 36.95 32.17
N ASN C 518 -86.46 36.68 31.00
CA ASN C 518 -87.17 35.91 29.99
C ASN C 518 -87.43 34.47 30.45
N ASP C 519 -86.87 34.09 31.59
CA ASP C 519 -87.23 32.82 32.25
C ASP C 519 -87.98 33.08 33.55
N ALA D 1 -50.93 22.76 -22.39
CA ALA D 1 -49.68 22.29 -21.84
C ALA D 1 -48.56 23.28 -22.07
N SER D 2 -48.17 24.01 -21.02
CA SER D 2 -47.03 24.93 -21.13
C SER D 2 -45.75 24.26 -20.63
N GLU D 3 -44.61 24.81 -21.05
CA GLU D 3 -43.33 24.25 -20.65
C GLU D 3 -42.93 24.77 -19.27
N VAL D 4 -42.49 23.86 -18.40
CA VAL D 4 -42.07 24.27 -17.07
C VAL D 4 -40.65 24.82 -17.12
N PRO D 5 -40.47 26.10 -16.79
CA PRO D 5 -39.11 26.66 -16.71
C PRO D 5 -38.27 25.96 -15.65
N GLN D 6 -36.98 25.80 -15.92
CA GLN D 6 -36.06 25.18 -14.98
C GLN D 6 -34.87 26.09 -14.69
N VAL D 7 -34.33 26.05 -13.47
CA VAL D 7 -33.07 26.72 -13.18
C VAL D 7 -31.91 25.79 -13.57
N VAL D 8 -31.98 24.54 -13.16
CA VAL D 8 -31.03 23.53 -13.62
C VAL D 8 -31.82 22.37 -14.24
N SER D 9 -31.14 21.49 -14.95
CA SER D 9 -31.83 20.48 -15.75
C SER D 9 -32.37 19.36 -14.87
N LEU D 10 -31.91 19.32 -13.62
CA LEU D 10 -32.37 18.37 -12.62
C LEU D 10 -33.70 18.80 -11.98
N ASP D 11 -34.17 20.00 -12.27
CA ASP D 11 -35.46 20.46 -11.75
C ASP D 11 -36.60 19.70 -12.42
N PRO D 12 -37.56 19.21 -11.63
CA PRO D 12 -38.69 18.45 -12.21
C PRO D 12 -39.61 19.32 -13.07
N THR D 13 -40.17 18.73 -14.12
CA THR D 13 -41.07 19.46 -15.03
C THR D 13 -42.50 18.96 -14.99
N SER D 14 -42.84 18.13 -14.01
CA SER D 14 -44.23 17.71 -13.84
C SER D 14 -44.48 17.15 -12.47
N ILE D 15 -45.74 17.22 -12.04
CA ILE D 15 -46.18 16.58 -10.81
C ILE D 15 -46.53 15.12 -11.10
N PRO D 16 -45.79 14.19 -10.50
CA PRO D 16 -46.17 12.77 -10.65
C PRO D 16 -47.54 12.53 -10.02
N ILE D 17 -48.40 11.83 -10.74
CA ILE D 17 -49.75 11.53 -10.30
C ILE D 17 -50.03 10.02 -10.39
N GLU D 18 -50.53 9.44 -9.31
CA GLU D 18 -51.01 8.05 -9.36
C GLU D 18 -52.51 8.10 -9.56
N TYR D 19 -52.95 7.60 -10.72
CA TYR D 19 -54.37 7.50 -11.04
C TYR D 19 -54.94 6.14 -10.64
N ASN D 20 -54.29 5.07 -11.12
CA ASN D 20 -54.61 3.71 -10.71
C ASN D 20 -53.90 3.34 -9.43
N THR D 21 -54.67 3.12 -8.38
CA THR D 21 -54.12 2.71 -7.09
C THR D 21 -54.59 1.30 -6.76
N PRO D 22 -53.87 0.62 -5.85
CA PRO D 22 -54.31 -0.71 -5.40
C PRO D 22 -55.70 -0.70 -4.77
N ILE D 23 -56.14 0.43 -4.20
CA ILE D 23 -57.50 0.50 -3.67
C ILE D 23 -58.54 0.12 -4.75
N HIS D 24 -58.26 0.51 -5.98
CA HIS D 24 -59.18 0.30 -7.09
C HIS D 24 -59.27 -1.16 -7.50
N ASP D 25 -58.37 -1.98 -6.97
CA ASP D 25 -58.35 -3.40 -7.31
C ASP D 25 -59.11 -4.22 -6.27
N ILE D 26 -59.40 -3.61 -5.13
CA ILE D 26 -60.06 -4.33 -4.05
C ILE D 26 -61.53 -4.60 -4.36
N LYS D 27 -61.90 -5.88 -4.41
CA LYS D 27 -63.29 -6.29 -4.57
C LYS D 27 -64.03 -6.15 -3.24
N VAL D 28 -65.11 -5.40 -3.24
CA VAL D 28 -65.86 -5.16 -2.02
C VAL D 28 -67.21 -5.91 -2.04
N GLN D 29 -67.44 -6.76 -1.04
CA GLN D 29 -68.73 -7.41 -0.85
C GLN D 29 -69.36 -7.05 0.49
N VAL D 30 -70.64 -6.71 0.49
CA VAL D 30 -71.35 -6.45 1.74
C VAL D 30 -72.40 -7.53 2.04
N TYR D 31 -72.35 -8.08 3.25
CA TYR D 31 -73.25 -9.14 3.70
C TYR D 31 -74.08 -8.71 4.89
N ASP D 32 -75.27 -9.31 5.02
CA ASP D 32 -76.13 -9.01 6.16
C ASP D 32 -75.66 -9.77 7.39
N ILE D 33 -75.51 -9.05 8.50
CA ILE D 33 -74.92 -9.65 9.69
C ILE D 33 -75.85 -10.63 10.40
N LYS D 34 -77.13 -10.59 10.07
CA LYS D 34 -78.09 -11.46 10.77
C LYS D 34 -77.87 -12.92 10.40
N GLY D 35 -77.11 -13.15 9.34
CA GLY D 35 -76.88 -14.50 8.85
C GLY D 35 -75.65 -15.18 9.41
N GLY D 36 -74.90 -14.45 10.23
CA GLY D 36 -73.65 -14.99 10.75
C GLY D 36 -72.54 -14.81 9.75
N CYS D 37 -71.31 -15.13 10.16
CA CYS D 37 -70.11 -14.75 9.40
C CYS D 37 -69.29 -15.94 8.90
N ASN D 38 -68.87 -15.85 7.64
CA ASN D 38 -67.90 -16.78 7.07
C ASN D 38 -66.49 -16.31 7.36
N VAL D 39 -65.68 -17.15 8.01
CA VAL D 39 -64.34 -16.74 8.43
C VAL D 39 -63.25 -17.74 8.03
N GLU D 40 -63.45 -18.43 6.93
CA GLU D 40 -62.49 -19.45 6.49
C GLU D 40 -61.29 -18.84 5.73
N GLU D 41 -61.32 -17.55 5.47
CA GLU D 41 -60.32 -16.94 4.61
C GLU D 41 -59.87 -15.55 5.09
N GLY D 42 -58.56 -15.36 5.20
CA GLY D 42 -57.98 -14.05 5.41
C GLY D 42 -57.99 -13.48 6.84
N LEU D 43 -58.23 -12.18 6.93
CA LEU D 43 -58.25 -11.49 8.21
C LEU D 43 -59.67 -11.04 8.56
N THR D 44 -60.17 -11.51 9.70
CA THR D 44 -61.50 -11.12 10.16
C THR D 44 -61.36 -10.24 11.39
N ILE D 45 -61.88 -9.00 11.32
CA ILE D 45 -61.81 -8.08 12.45
C ILE D 45 -63.20 -7.66 12.88
N PHE D 46 -63.50 -7.84 14.17
CA PHE D 46 -64.78 -7.44 14.73
C PHE D 46 -64.72 -6.03 15.35
N LEU D 47 -65.63 -5.15 14.94
CA LEU D 47 -65.79 -3.86 15.61
C LEU D 47 -66.79 -4.02 16.74
N VAL D 48 -66.33 -3.88 17.98
CA VAL D 48 -67.19 -4.16 19.13
C VAL D 48 -67.13 -3.09 20.21
N ASN D 49 -68.26 -2.86 20.87
CA ASN D 49 -68.28 -1.95 22.01
C ASN D 49 -68.79 -2.64 23.26
N ASN D 50 -68.75 -1.93 24.38
CA ASN D 50 -69.41 -2.39 25.60
C ASN D 50 -70.07 -1.21 26.27
N PRO D 51 -71.31 -0.90 25.86
CA PRO D 51 -72.02 0.26 26.40
C PRO D 51 -72.11 0.25 27.93
N GLY D 52 -71.96 1.41 28.54
CA GLY D 52 -72.03 1.52 29.99
C GLY D 52 -70.72 1.17 30.67
N LYS D 53 -70.13 0.04 30.29
CA LYS D 53 -68.90 -0.44 30.93
C LYS D 53 -67.63 0.16 30.31
N GLU D 54 -67.11 1.22 30.93
CA GLU D 54 -65.90 1.89 30.45
C GLU D 54 -64.74 0.91 30.49
N ASN D 55 -64.01 0.79 29.38
CA ASN D 55 -62.93 -0.19 29.24
C ASN D 55 -63.41 -1.61 29.52
N GLY D 56 -64.68 -1.88 29.22
CA GLY D 56 -65.28 -3.18 29.48
C GLY D 56 -64.74 -4.32 28.63
N PRO D 57 -64.99 -5.56 29.05
CA PRO D 57 -64.44 -6.69 28.30
C PRO D 57 -65.03 -6.80 26.89
N VAL D 58 -64.32 -7.49 26.01
CA VAL D 58 -64.80 -7.74 24.68
C VAL D 58 -65.72 -8.96 24.71
N LYS D 59 -66.85 -8.84 24.03
CA LYS D 59 -67.74 -9.97 23.80
C LYS D 59 -68.16 -10.02 22.34
N ILE D 60 -67.92 -11.15 21.68
CA ILE D 60 -68.38 -11.34 20.31
C ILE D 60 -69.65 -12.19 20.27
N SER D 61 -70.67 -11.68 19.59
CA SER D 61 -71.98 -12.32 19.54
C SER D 61 -72.19 -13.18 18.30
N SER D 62 -71.61 -12.77 17.18
CA SER D 62 -71.88 -13.42 15.90
C SER D 62 -71.51 -14.89 15.85
N LYS D 63 -72.39 -15.67 15.22
CA LYS D 63 -72.06 -17.06 14.92
C LYS D 63 -71.08 -17.07 13.77
N VAL D 64 -70.09 -17.96 13.82
CA VAL D 64 -69.15 -18.09 12.73
C VAL D 64 -69.04 -19.56 12.26
N ASN D 65 -68.70 -19.75 11.00
CA ASN D 65 -68.79 -21.05 10.35
C ASN D 65 -67.53 -21.90 10.51
N ASP D 66 -66.78 -21.64 11.57
CA ASP D 66 -65.53 -22.36 11.83
C ASP D 66 -65.44 -22.65 13.33
N LYS D 67 -65.25 -23.93 13.68
CA LYS D 67 -65.22 -24.34 15.08
C LYS D 67 -63.98 -23.78 15.80
N GLN D 68 -62.85 -23.74 15.09
CA GLN D 68 -61.62 -23.24 15.68
C GLN D 68 -61.76 -21.78 16.08
N VAL D 69 -62.15 -20.94 15.11
CA VAL D 69 -62.36 -19.51 15.33
C VAL D 69 -63.46 -19.30 16.36
N SER D 70 -64.48 -20.17 16.35
CA SER D 70 -65.53 -20.13 17.38
C SER D 70 -64.95 -20.29 18.79
N GLU D 71 -64.06 -21.26 18.96
CA GLU D 71 -63.43 -21.48 20.25
C GLU D 71 -62.64 -20.24 20.66
N PHE D 72 -61.81 -19.76 19.75
CA PHE D 72 -61.03 -18.55 19.98
C PHE D 72 -61.93 -17.42 20.45
N LEU D 73 -63.17 -17.41 19.94
CA LEU D 73 -64.09 -16.28 20.15
C LEU D 73 -65.04 -16.46 21.33
N LYS D 74 -64.88 -17.57 22.08
CA LYS D 74 -65.63 -17.79 23.32
C LYS D 74 -65.43 -16.63 24.30
N ASP D 75 -66.43 -16.36 25.14
CA ASP D 75 -66.39 -15.23 26.06
C ASP D 75 -65.23 -15.34 27.06
N GLU D 76 -64.92 -16.55 27.50
CA GLU D 76 -63.83 -16.79 28.43
C GLU D 76 -62.52 -16.22 27.88
N ASN D 77 -62.27 -16.44 26.60
CA ASN D 77 -61.03 -15.95 26.03
C ASN D 77 -61.10 -14.45 25.72
N MET D 78 -62.19 -14.03 25.10
CA MET D 78 -62.29 -12.66 24.62
C MET D 78 -62.32 -11.62 25.75
N GLU D 79 -62.72 -12.05 26.95
CA GLU D 79 -62.90 -11.14 28.08
C GLU D 79 -61.55 -10.73 28.67
N LYS D 80 -60.48 -11.33 28.17
CA LYS D 80 -59.14 -10.92 28.56
C LYS D 80 -58.74 -9.61 27.88
N PHE D 81 -59.54 -9.18 26.90
CA PHE D 81 -59.30 -7.93 26.19
C PHE D 81 -60.39 -6.93 26.49
N ASN D 82 -60.10 -5.65 26.25
CA ASN D 82 -61.10 -4.62 26.51
C ASN D 82 -61.36 -3.73 25.29
N VAL D 83 -62.47 -3.01 25.33
CA VAL D 83 -62.95 -2.26 24.17
C VAL D 83 -62.52 -0.80 24.16
N LYS D 84 -61.44 -0.46 24.86
CA LYS D 84 -60.99 0.92 24.90
C LYS D 84 -60.81 1.40 23.46
N LEU D 85 -61.41 2.54 23.14
CA LEU D 85 -61.46 3.03 21.76
C LEU D 85 -60.07 2.99 21.11
N GLY D 86 -59.95 2.30 19.98
CA GLY D 86 -58.69 2.20 19.26
C GLY D 86 -57.89 0.94 19.57
N THR D 87 -58.12 0.35 20.74
CA THR D 87 -57.37 -0.83 21.18
C THR D 87 -57.68 -2.02 20.29
N SER D 88 -56.66 -2.75 19.88
CA SER D 88 -56.83 -3.86 18.98
C SER D 88 -55.99 -5.06 19.39
N LYS D 89 -56.45 -6.25 19.02
CA LYS D 89 -55.69 -7.48 19.14
C LYS D 89 -56.05 -8.32 17.93
N HIS D 90 -55.11 -9.10 17.44
CA HIS D 90 -55.43 -10.09 16.43
C HIS D 90 -54.43 -11.22 16.52
N PHE D 91 -54.90 -12.43 16.22
CA PHE D 91 -54.12 -13.65 16.41
C PHE D 91 -54.16 -14.49 15.14
N TYR D 92 -53.04 -15.14 14.84
CA TYR D 92 -52.99 -16.11 13.76
C TYR D 92 -53.27 -17.52 14.27
N MET D 93 -54.05 -18.27 13.49
CA MET D 93 -54.43 -19.61 13.89
C MET D 93 -54.76 -20.44 12.66
N PHE D 94 -55.01 -21.72 12.86
CA PHE D 94 -55.42 -22.59 11.76
C PHE D 94 -56.91 -22.87 11.82
N ASN D 95 -57.59 -22.77 10.68
CA ASN D 95 -59.05 -22.99 10.66
C ASN D 95 -59.41 -24.47 10.57
N ASP D 96 -60.66 -24.76 10.25
CA ASP D 96 -61.12 -26.15 10.20
C ASP D 96 -60.41 -26.94 9.10
N ASN D 97 -60.02 -26.24 8.03
CA ASN D 97 -59.38 -26.89 6.90
C ASN D 97 -57.87 -26.86 7.01
N LYS D 98 -57.40 -26.50 8.20
CA LYS D 98 -55.96 -26.34 8.48
C LYS D 98 -55.29 -25.25 7.60
N ASN D 99 -56.06 -24.22 7.27
CA ASN D 99 -55.53 -23.04 6.59
C ASN D 99 -55.35 -21.86 7.55
N SER D 100 -54.36 -21.02 7.26
CA SER D 100 -54.06 -19.91 8.16
C SER D 100 -55.06 -18.78 8.01
N VAL D 101 -55.68 -18.37 9.12
CA VAL D 101 -56.49 -17.16 9.15
C VAL D 101 -56.00 -16.25 10.28
N ALA D 102 -56.52 -15.03 10.31
CA ALA D 102 -56.27 -14.19 11.46
C ALA D 102 -57.58 -13.59 11.91
N VAL D 103 -57.72 -13.49 13.23
CA VAL D 103 -58.95 -13.06 13.85
C VAL D 103 -58.63 -12.07 14.97
N GLY D 104 -59.37 -10.97 15.01
CA GLY D 104 -59.19 -10.01 16.08
C GLY D 104 -60.32 -9.02 16.12
N TYR D 105 -60.06 -7.88 16.73
CA TYR D 105 -61.13 -6.93 16.98
C TYR D 105 -60.56 -5.51 17.10
N VAL D 106 -61.44 -4.51 16.98
CA VAL D 106 -61.10 -3.14 17.34
C VAL D 106 -62.14 -2.64 18.34
N GLY D 107 -61.68 -2.11 19.48
CA GLY D 107 -62.57 -1.54 20.48
C GLY D 107 -63.19 -0.23 20.02
N CYS D 108 -64.49 -0.07 20.26
CA CYS D 108 -65.18 1.14 19.86
C CYS D 108 -65.77 1.88 21.06
N GLY D 109 -65.22 1.61 22.23
CA GLY D 109 -65.55 2.37 23.41
C GLY D 109 -66.83 1.95 24.07
N SER D 110 -67.42 2.87 24.84
CA SER D 110 -68.56 2.59 25.67
C SER D 110 -69.79 3.34 25.23
N VAL D 111 -69.71 4.03 24.10
CA VAL D 111 -70.84 4.82 23.64
C VAL D 111 -71.43 4.22 22.36
N ALA D 112 -72.75 4.11 22.32
CA ALA D 112 -73.45 3.42 21.23
C ALA D 112 -73.43 4.20 19.91
N ASP D 113 -73.20 5.52 20.01
CA ASP D 113 -73.05 6.36 18.83
C ASP D 113 -71.60 6.70 18.61
N LEU D 114 -71.05 6.28 17.48
CA LEU D 114 -69.68 6.65 17.17
C LEU D 114 -69.65 7.97 16.44
N SER D 115 -68.88 8.90 16.98
CA SER D 115 -68.59 10.13 16.27
C SER D 115 -67.71 9.80 15.06
N GLU D 116 -67.67 10.74 14.12
CA GLU D 116 -66.78 10.63 12.97
C GLU D 116 -65.35 10.55 13.47
N ALA D 117 -65.03 11.42 14.44
CA ALA D 117 -63.70 11.47 15.04
C ALA D 117 -63.32 10.12 15.64
N ASP D 118 -64.24 9.54 16.39
CA ASP D 118 -64.04 8.22 16.96
C ASP D 118 -63.87 7.16 15.89
N MET D 119 -64.64 7.27 14.82
CA MET D 119 -64.56 6.29 13.74
C MET D 119 -63.19 6.35 13.05
N LYS D 120 -62.61 7.54 12.96
CA LYS D 120 -61.29 7.67 12.35
C LYS D 120 -60.24 6.91 13.19
N ARG D 121 -60.36 7.01 14.52
CA ARG D 121 -59.51 6.24 15.43
C ARG D 121 -59.63 4.73 15.21
N VAL D 122 -60.87 4.25 15.07
CA VAL D 122 -61.10 2.84 14.79
C VAL D 122 -60.44 2.49 13.47
N VAL D 123 -60.63 3.34 12.47
CA VAL D 123 -60.09 3.04 11.15
C VAL D 123 -58.57 3.00 11.21
N LEU D 124 -57.98 3.96 11.93
CA LEU D 124 -56.54 4.02 12.08
C LEU D 124 -56.02 2.73 12.74
N SER D 125 -56.73 2.24 13.75
CA SER D 125 -56.29 1.01 14.42
C SER D 125 -56.35 -0.17 13.46
N LEU D 126 -57.39 -0.20 12.65
CA LEU D 126 -57.52 -1.23 11.62
C LEU D 126 -56.39 -1.15 10.62
N VAL D 127 -56.07 0.05 10.17
CA VAL D 127 -55.08 0.25 9.10
C VAL D 127 -53.70 -0.18 9.56
N THR D 128 -53.43 0.02 10.84
CA THR D 128 -52.17 -0.41 11.44
C THR D 128 -51.98 -1.91 11.23
N MET D 129 -53.05 -2.66 11.48
CA MET D 129 -53.07 -4.12 11.29
C MET D 129 -52.85 -4.49 9.82
N LEU D 130 -53.55 -3.78 8.94
CA LEU D 130 -53.42 -4.01 7.51
C LEU D 130 -51.99 -3.74 7.03
N HIS D 131 -51.32 -2.74 7.60
CA HIS D 131 -49.96 -2.40 7.19
C HIS D 131 -48.93 -3.46 7.64
N ASP D 132 -49.33 -4.41 8.48
CA ASP D 132 -48.49 -5.58 8.74
C ASP D 132 -49.15 -6.89 8.24
N ASN D 133 -50.10 -6.77 7.32
CA ASN D 133 -50.87 -7.94 6.85
C ASN D 133 -50.49 -8.33 5.43
N LYS D 134 -50.37 -9.63 5.18
CA LYS D 134 -50.14 -10.15 3.84
C LYS D 134 -51.26 -11.10 3.43
N LEU D 135 -52.32 -11.16 4.21
CA LEU D 135 -53.45 -12.01 3.88
C LEU D 135 -54.34 -11.36 2.82
N SER D 136 -54.86 -12.19 1.93
CA SER D 136 -55.58 -11.74 0.75
C SER D 136 -56.88 -10.97 1.04
N LYS D 137 -57.61 -11.38 2.07
CA LYS D 137 -58.92 -10.81 2.32
C LYS D 137 -59.00 -10.19 3.70
N LEU D 138 -59.70 -9.07 3.79
CA LEU D 138 -60.06 -8.51 5.08
C LEU D 138 -61.56 -8.54 5.20
N THR D 139 -62.05 -9.07 6.32
CA THR D 139 -63.47 -9.09 6.64
C THR D 139 -63.73 -8.24 7.88
N VAL D 140 -64.60 -7.27 7.76
CA VAL D 140 -64.92 -6.40 8.89
C VAL D 140 -66.36 -6.64 9.37
N VAL D 141 -66.50 -7.08 10.61
CA VAL D 141 -67.81 -7.42 11.17
C VAL D 141 -68.31 -6.35 12.14
N PHE D 142 -69.37 -5.64 11.74
CA PHE D 142 -69.91 -4.53 12.53
C PHE D 142 -70.86 -4.97 13.66
N GLU D 143 -70.33 -5.23 14.85
CA GLU D 143 -71.20 -5.47 16.00
C GLU D 143 -71.43 -4.16 16.78
N ILE D 144 -71.52 -3.06 16.04
CA ILE D 144 -71.86 -1.75 16.58
C ILE D 144 -72.89 -1.13 15.64
N ASN D 145 -73.52 -0.05 16.06
CA ASN D 145 -74.47 0.58 15.17
C ASN D 145 -73.81 1.66 14.32
N VAL D 146 -74.07 1.63 13.02
CA VAL D 146 -73.61 2.67 12.10
C VAL D 146 -74.70 2.99 11.08
N ASP D 147 -74.66 4.18 10.51
CA ASP D 147 -75.63 4.56 9.48
C ASP D 147 -74.98 4.56 8.10
N LYS D 148 -75.80 4.71 7.06
CA LYS D 148 -75.29 4.71 5.69
C LYS D 148 -74.16 5.74 5.49
N ASN D 149 -74.34 6.96 5.96
CA ASN D 149 -73.31 7.99 5.78
C ASN D 149 -72.07 7.72 6.64
N LEU D 150 -72.26 7.15 7.82
CA LEU D 150 -71.14 6.80 8.67
C LEU D 150 -70.35 5.63 8.06
N PHE D 151 -71.08 4.65 7.51
CA PHE D 151 -70.44 3.52 6.86
C PHE D 151 -69.62 3.96 5.64
N ARG D 152 -70.18 4.88 4.85
CA ARG D 152 -69.47 5.37 3.68
C ARG D 152 -68.19 6.10 4.14
N PHE D 153 -68.28 6.81 5.26
CA PHE D 153 -67.12 7.49 5.85
C PHE D 153 -66.05 6.46 6.25
N PHE D 154 -66.49 5.38 6.91
CA PHE D 154 -65.59 4.29 7.26
C PHE D 154 -64.82 3.82 6.02
N LEU D 155 -65.54 3.54 4.93
CA LEU D 155 -64.89 3.09 3.70
C LEU D 155 -63.90 4.10 3.11
N GLU D 156 -64.31 5.36 2.98
CA GLU D 156 -63.45 6.41 2.43
C GLU D 156 -62.19 6.59 3.27
N THR D 157 -62.38 6.56 4.58
CA THR D 157 -61.31 6.80 5.54
C THR D 157 -60.35 5.63 5.50
N LEU D 158 -60.92 4.43 5.42
CA LEU D 158 -60.13 3.20 5.34
C LEU D 158 -59.25 3.18 4.10
N PHE D 159 -59.86 3.45 2.95
CA PHE D 159 -59.16 3.53 1.67
C PHE D 159 -58.01 4.56 1.68
N TYR D 160 -58.33 5.79 2.08
CA TYR D 160 -57.37 6.87 2.12
C TYR D 160 -56.21 6.51 3.07
N GLU D 161 -56.54 6.17 4.31
CA GLU D 161 -55.52 5.82 5.29
C GLU D 161 -54.74 4.56 4.91
N TYR D 162 -55.37 3.64 4.20
CA TYR D 162 -54.71 2.42 3.75
C TYR D 162 -53.66 2.71 2.69
N MET D 163 -54.04 3.54 1.71
CA MET D 163 -53.15 3.92 0.61
C MET D 163 -51.96 4.76 1.10
N THR D 164 -50.76 4.44 0.63
CA THR D 164 -49.60 5.25 0.97
C THR D 164 -48.96 5.84 -0.27
N ASP D 165 -48.46 7.06 -0.11
CA ASP D 165 -47.95 7.87 -1.21
C ASP D 165 -46.44 7.68 -1.36
N GLU D 166 -46.03 6.89 -2.34
CA GLU D 166 -44.62 6.55 -2.48
C GLU D 166 -43.97 7.22 -3.69
N ARG D 167 -44.63 8.24 -4.23
CA ARG D 167 -44.17 8.88 -5.46
C ARG D 167 -42.73 9.42 -5.39
N PHE D 168 -42.30 9.82 -4.19
CA PHE D 168 -41.01 10.46 -4.09
C PHE D 168 -40.00 9.57 -3.40
N LYS D 169 -40.34 8.29 -3.26
CA LYS D 169 -39.43 7.30 -2.69
C LYS D 169 -38.63 6.64 -3.79
N SER D 170 -37.36 6.32 -3.54
CA SER D 170 -36.55 5.73 -4.60
C SER D 170 -36.37 4.22 -4.46
N ASN D 174 -44.89 -2.33 1.19
CA ASN D 174 -43.77 -2.66 2.07
C ASN D 174 -43.19 -4.04 1.76
N VAL D 175 -42.26 -4.48 2.60
CA VAL D 175 -41.79 -5.85 2.57
C VAL D 175 -42.41 -6.56 3.77
N ASN D 176 -43.37 -5.89 4.40
CA ASN D 176 -44.01 -6.44 5.60
C ASN D 176 -45.54 -6.48 5.47
N MET D 177 -46.07 -5.82 4.45
CA MET D 177 -47.49 -5.88 4.14
C MET D 177 -47.72 -6.22 2.68
N GLU D 178 -49.01 -6.31 2.32
CA GLU D 178 -49.44 -6.47 0.93
C GLU D 178 -50.88 -6.05 0.83
N TYR D 179 -51.24 -5.33 -0.24
CA TYR D 179 -52.60 -4.83 -0.36
C TYR D 179 -53.59 -5.96 -0.63
N ILE D 180 -54.62 -6.05 0.21
CA ILE D 180 -55.68 -7.03 0.00
C ILE D 180 -56.37 -6.89 -1.35
N LYS D 181 -56.97 -7.99 -1.81
CA LYS D 181 -57.70 -8.02 -3.08
C LYS D 181 -59.21 -8.12 -2.86
N HIS D 182 -59.61 -8.44 -1.64
CA HIS D 182 -61.03 -8.58 -1.30
C HIS D 182 -61.32 -7.96 0.05
N LEU D 183 -62.44 -7.25 0.14
CA LEU D 183 -62.88 -6.72 1.42
C LEU D 183 -64.33 -7.13 1.67
N GLY D 184 -64.56 -7.82 2.79
CA GLY D 184 -65.90 -8.26 3.15
C GLY D 184 -66.47 -7.52 4.34
N VAL D 185 -67.70 -7.07 4.21
CA VAL D 185 -68.35 -6.34 5.28
C VAL D 185 -69.62 -7.06 5.73
N TYR D 186 -69.70 -7.38 7.02
CA TYR D 186 -70.97 -7.84 7.59
C TYR D 186 -71.59 -6.72 8.41
N ILE D 187 -72.84 -6.39 8.10
CA ILE D 187 -73.52 -5.28 8.73
C ILE D 187 -75.03 -5.44 8.61
N ASN D 188 -75.79 -4.91 9.56
CA ASN D 188 -77.24 -4.96 9.48
C ASN D 188 -77.71 -4.17 8.26
N ASN D 189 -78.71 -4.71 7.55
CA ASN D 189 -79.23 -4.13 6.30
C ASN D 189 -78.20 -3.94 5.21
N ALA D 190 -77.47 -5.01 4.90
CA ALA D 190 -76.43 -4.98 3.89
C ALA D 190 -76.86 -4.34 2.57
N ASP D 191 -78.08 -4.66 2.12
CA ASP D 191 -78.53 -4.22 0.80
C ASP D 191 -78.69 -2.71 0.68
N THR D 192 -79.02 -2.05 1.78
CA THR D 192 -79.14 -0.61 1.77
C THR D 192 -77.76 0.05 1.73
N TYR D 193 -76.74 -0.66 2.22
CA TYR D 193 -75.40 -0.11 2.34
C TYR D 193 -74.55 -0.37 1.10
N LYS D 194 -75.00 -1.27 0.24
CA LYS D 194 -74.23 -1.67 -0.93
C LYS D 194 -73.91 -0.50 -1.86
N GLU D 195 -74.88 0.39 -2.07
CA GLU D 195 -74.69 1.45 -3.02
C GLU D 195 -73.70 2.51 -2.51
N GLU D 196 -73.43 2.49 -1.21
CA GLU D 196 -72.47 3.41 -0.64
C GLU D 196 -71.04 3.05 -1.03
N VAL D 197 -70.83 1.86 -1.57
CA VAL D 197 -69.47 1.40 -1.81
C VAL D 197 -68.74 2.16 -2.92
N GLU D 198 -69.34 2.24 -4.11
CA GLU D 198 -68.66 2.88 -5.23
C GLU D 198 -68.67 4.38 -5.07
N LYS D 199 -69.64 4.90 -4.33
CA LYS D 199 -69.58 6.31 -3.99
C LYS D 199 -68.37 6.59 -3.10
N ALA D 200 -68.09 5.68 -2.17
CA ALA D 200 -66.94 5.86 -1.29
C ALA D 200 -65.63 5.74 -2.08
N ARG D 201 -65.62 4.82 -3.04
CA ARG D 201 -64.44 4.65 -3.86
C ARG D 201 -64.15 5.95 -4.64
N VAL D 202 -65.19 6.63 -5.11
CA VAL D 202 -65.03 7.89 -5.85
C VAL D 202 -64.54 9.01 -4.92
N TYR D 203 -65.19 9.13 -3.76
CA TYR D 203 -64.81 10.14 -2.79
C TYR D 203 -63.40 9.90 -2.31
N TYR D 204 -63.01 8.64 -2.19
CA TYR D 204 -61.63 8.36 -1.82
C TYR D 204 -60.62 8.91 -2.83
N PHE D 205 -60.85 8.70 -4.12
CA PHE D 205 -59.80 9.06 -5.05
C PHE D 205 -59.70 10.58 -5.21
N GLY D 206 -60.85 11.26 -5.21
CA GLY D 206 -60.86 12.71 -5.30
C GLY D 206 -60.03 13.28 -4.17
N THR D 207 -60.23 12.72 -2.97
CA THR D 207 -59.48 13.12 -1.80
C THR D 207 -58.00 12.71 -1.88
N TYR D 208 -57.72 11.52 -2.40
CA TYR D 208 -56.34 11.09 -2.52
C TYR D 208 -55.61 11.91 -3.59
N TYR D 209 -56.35 12.29 -4.63
CA TYR D 209 -55.77 13.06 -5.73
C TYR D 209 -55.35 14.45 -5.24
N ALA D 210 -56.22 15.12 -4.47
CA ALA D 210 -55.90 16.39 -3.83
C ALA D 210 -54.68 16.24 -2.92
N SER D 211 -54.68 15.21 -2.10
CA SER D 211 -53.56 14.92 -1.24
C SER D 211 -52.25 14.76 -2.02
N GLN D 212 -52.30 14.16 -3.21
CA GLN D 212 -51.10 14.04 -4.02
C GLN D 212 -50.62 15.39 -4.53
N LEU D 213 -51.54 16.28 -4.85
CA LEU D 213 -51.17 17.60 -5.30
C LEU D 213 -50.58 18.40 -4.13
N ILE D 214 -51.27 18.35 -2.99
CA ILE D 214 -50.85 19.08 -1.80
C ILE D 214 -49.47 18.66 -1.33
N ALA D 215 -49.27 17.37 -1.16
CA ALA D 215 -48.02 16.81 -0.64
C ALA D 215 -46.84 17.03 -1.58
N ALA D 216 -47.12 17.09 -2.87
CA ALA D 216 -46.08 17.31 -3.87
C ALA D 216 -45.42 18.66 -3.62
N PRO D 217 -44.09 18.66 -3.42
CA PRO D 217 -43.33 19.86 -3.02
C PRO D 217 -43.28 20.92 -4.12
N SER D 218 -42.99 22.15 -3.73
CA SER D 218 -43.16 23.28 -4.63
C SER D 218 -42.20 23.29 -5.81
N ASN D 219 -41.10 22.55 -5.74
CA ASN D 219 -40.31 22.35 -6.95
C ASN D 219 -41.00 21.37 -7.93
N TYR D 220 -41.90 20.53 -7.44
CA TYR D 220 -42.70 19.69 -8.33
C TYR D 220 -44.01 20.37 -8.68
N CYS D 221 -44.64 20.93 -7.65
CA CYS D 221 -45.95 21.58 -7.80
C CYS D 221 -45.79 23.09 -7.86
N ASN D 222 -45.68 23.62 -9.08
CA ASN D 222 -45.59 25.05 -9.30
C ASN D 222 -46.74 25.47 -10.20
N PRO D 223 -46.91 26.78 -10.46
CA PRO D 223 -48.11 27.16 -11.20
C PRO D 223 -48.22 26.53 -12.59
N VAL D 224 -47.09 26.35 -13.23
CA VAL D 224 -47.07 25.68 -14.54
C VAL D 224 -47.45 24.19 -14.44
N SER D 225 -46.80 23.47 -13.52
CA SER D 225 -47.06 22.03 -13.39
C SER D 225 -48.46 21.76 -12.87
N LEU D 226 -48.98 22.66 -12.04
CA LEU D 226 -50.29 22.44 -11.45
C LEU D 226 -51.39 22.65 -12.49
N SER D 227 -51.20 23.67 -13.33
CA SER D 227 -52.15 23.94 -14.40
C SER D 227 -52.09 22.81 -15.44
N ASN D 228 -50.90 22.30 -15.70
CA ASN D 228 -50.77 21.17 -16.60
C ASN D 228 -51.52 19.95 -16.05
N ALA D 229 -51.36 19.66 -14.76
CA ALA D 229 -52.08 18.55 -14.13
C ALA D 229 -53.58 18.71 -14.29
N ALA D 230 -54.08 19.91 -14.08
CA ALA D 230 -55.51 20.17 -14.15
C ALA D 230 -56.02 19.93 -15.56
N VAL D 231 -55.24 20.38 -16.55
CA VAL D 231 -55.56 20.13 -17.97
C VAL D 231 -55.67 18.63 -18.23
N GLU D 232 -54.69 17.88 -17.75
CA GLU D 232 -54.65 16.44 -17.92
C GLU D 232 -55.88 15.78 -17.27
N LEU D 233 -56.28 16.30 -16.11
CA LEU D 233 -57.43 15.75 -15.40
C LEU D 233 -58.68 15.98 -16.20
N ALA D 234 -58.83 17.22 -16.67
CA ALA D 234 -60.00 17.61 -17.44
C ALA D 234 -60.15 16.74 -18.68
N GLN D 235 -59.03 16.39 -19.30
CA GLN D 235 -59.06 15.55 -20.48
C GLN D 235 -59.50 14.13 -20.15
N LYS D 236 -59.08 13.61 -19.00
CA LYS D 236 -59.53 12.27 -18.61
C LYS D 236 -61.02 12.21 -18.29
N LEU D 237 -61.61 13.35 -17.94
CA LEU D 237 -63.01 13.38 -17.52
C LEU D 237 -63.92 14.03 -18.55
N ASN D 238 -63.35 14.43 -19.68
CA ASN D 238 -64.10 15.10 -20.75
C ASN D 238 -64.67 16.43 -20.31
N LEU D 239 -63.89 17.18 -19.53
CA LEU D 239 -64.33 18.49 -19.09
C LEU D 239 -63.91 19.57 -20.07
N GLU D 240 -64.67 20.65 -20.12
CA GLU D 240 -64.22 21.86 -20.81
C GLU D 240 -63.12 22.43 -19.95
N TYR D 241 -62.11 23.02 -20.59
CA TYR D 241 -61.01 23.61 -19.86
C TYR D 241 -60.34 24.76 -20.59
N LYS D 242 -59.79 25.67 -19.81
CA LYS D 242 -59.13 26.86 -20.30
CA LYS D 242 -58.98 26.72 -20.36
C LYS D 242 -58.09 27.31 -19.28
N ILE D 243 -56.83 27.48 -19.66
CA ILE D 243 -55.83 28.02 -18.77
C ILE D 243 -55.44 29.40 -19.27
N LEU D 244 -55.60 30.40 -18.41
CA LEU D 244 -55.34 31.76 -18.78
C LEU D 244 -53.92 32.13 -18.39
N GLY D 245 -53.15 32.62 -19.34
CA GLY D 245 -51.79 33.08 -19.08
C GLY D 245 -51.71 34.59 -18.84
N VAL D 246 -50.48 35.06 -18.64
CA VAL D 246 -50.24 36.43 -18.21
C VAL D 246 -50.87 37.46 -19.14
N LYS D 247 -50.71 37.32 -20.46
CA LYS D 247 -51.27 38.31 -21.37
C LYS D 247 -52.80 38.38 -21.31
N GLU D 248 -53.46 37.23 -21.28
CA GLU D 248 -54.90 37.21 -21.06
C GLU D 248 -55.25 37.83 -19.70
N LEU D 249 -54.49 37.48 -18.67
CA LEU D 249 -54.76 38.01 -17.33
C LEU D 249 -54.58 39.54 -17.28
N GLU D 250 -53.59 40.05 -18.02
CA GLU D 250 -53.33 41.48 -18.10
C GLU D 250 -54.49 42.19 -18.81
N GLU D 251 -54.97 41.59 -19.89
CA GLU D 251 -56.12 42.12 -20.62
C GLU D 251 -57.37 42.18 -19.75
N LEU D 252 -57.52 41.21 -18.85
CA LEU D 252 -58.63 41.21 -17.89
C LEU D 252 -58.32 42.13 -16.70
N LYS D 253 -57.12 42.70 -16.70
CA LYS D 253 -56.66 43.65 -15.67
C LYS D 253 -56.69 43.08 -14.25
N MET D 254 -56.25 41.84 -14.09
CA MET D 254 -56.20 41.22 -12.76
C MET D 254 -54.97 41.67 -12.00
N GLY D 255 -54.99 42.93 -11.56
CA GLY D 255 -53.83 43.55 -10.94
C GLY D 255 -53.50 43.03 -9.56
N ALA D 256 -54.49 42.60 -8.80
CA ALA D 256 -54.23 42.08 -7.47
C ALA D 256 -53.49 40.76 -7.59
N TYR D 257 -54.06 39.84 -8.38
CA TYR D 257 -53.50 38.50 -8.59
C TYR D 257 -52.12 38.54 -9.29
N LEU D 258 -51.98 39.37 -10.32
CA LEU D 258 -50.67 39.46 -10.99
C LEU D 258 -49.59 40.04 -10.09
N SER D 259 -49.95 40.94 -9.18
CA SER D 259 -48.99 41.49 -8.21
C SER D 259 -48.34 40.41 -7.36
N VAL D 260 -49.16 39.49 -6.84
CA VAL D 260 -48.65 38.40 -6.02
C VAL D 260 -47.55 37.62 -6.75
N GLY D 261 -47.83 37.26 -8.01
CA GLY D 261 -46.93 36.41 -8.77
C GLY D 261 -45.71 37.07 -9.41
N LYS D 262 -45.63 38.40 -9.35
CA LYS D 262 -44.54 39.14 -10.00
C LYS D 262 -43.15 38.58 -9.70
N GLY D 263 -42.92 38.23 -8.42
CA GLY D 263 -41.60 37.84 -7.94
C GLY D 263 -41.23 36.39 -8.21
N SER D 264 -42.11 35.65 -8.86
CA SER D 264 -41.87 34.23 -9.09
C SER D 264 -41.19 34.00 -10.45
N MET D 265 -40.44 32.90 -10.56
CA MET D 265 -39.89 32.51 -11.85
C MET D 265 -40.96 31.84 -12.69
N TYR D 266 -42.08 31.46 -12.04
CA TYR D 266 -43.15 30.76 -12.74
C TYR D 266 -44.26 31.75 -13.09
N PRO D 267 -44.66 31.77 -14.36
CA PRO D 267 -45.72 32.65 -14.81
C PRO D 267 -47.04 32.29 -14.14
N ASN D 268 -47.86 33.27 -13.78
CA ASN D 268 -49.18 32.98 -13.26
C ASN D 268 -49.99 32.14 -14.28
N LYS D 269 -50.75 31.18 -13.77
CA LYS D 269 -51.68 30.38 -14.56
C LYS D 269 -53.03 30.32 -13.87
N PHE D 270 -54.07 30.73 -14.56
CA PHE D 270 -55.42 30.71 -14.00
C PHE D 270 -56.17 29.48 -14.50
N ILE D 271 -56.64 28.64 -13.58
CA ILE D 271 -57.34 27.40 -13.94
C ILE D 271 -58.86 27.58 -14.01
N HIS D 272 -59.43 27.25 -15.16
CA HIS D 272 -60.89 27.29 -15.35
C HIS D 272 -61.38 26.01 -16.03
N LEU D 273 -61.92 25.10 -15.23
CA LEU D 273 -62.54 23.87 -15.71
C LEU D 273 -64.07 24.04 -15.64
N THR D 274 -64.78 23.34 -16.53
CA THR D 274 -66.23 23.40 -16.52
C THR D 274 -66.85 22.02 -16.72
N TYR D 275 -67.78 21.72 -15.83
CA TYR D 275 -68.66 20.59 -16.03
C TYR D 275 -70.04 21.14 -16.28
N LYS D 276 -70.69 20.64 -17.32
CA LYS D 276 -72.07 21.02 -17.60
C LYS D 276 -72.86 19.76 -17.88
N SER D 277 -74.02 19.63 -17.25
CA SER D 277 -74.84 18.43 -17.35
C SER D 277 -75.50 18.30 -18.71
N LYS D 278 -75.76 17.05 -19.11
CA LYS D 278 -76.39 16.76 -20.41
C LYS D 278 -77.76 17.39 -20.53
N GLY D 279 -78.50 17.43 -19.43
CA GLY D 279 -79.87 17.92 -19.45
C GLY D 279 -79.99 19.43 -19.47
N ASP D 280 -81.10 19.93 -18.92
CA ASP D 280 -81.26 21.37 -18.75
C ASP D 280 -80.54 21.85 -17.48
N VAL D 281 -79.87 23.00 -17.59
CA VAL D 281 -79.10 23.57 -16.48
C VAL D 281 -79.97 24.44 -15.56
N LYS D 282 -80.10 24.04 -14.30
CA LYS D 282 -80.94 24.79 -13.36
C LYS D 282 -80.14 25.56 -12.29
N LYS D 283 -78.89 25.17 -12.09
CA LYS D 283 -78.06 25.83 -11.10
C LYS D 283 -76.65 26.03 -11.65
N LYS D 284 -76.17 27.27 -11.63
CA LYS D 284 -74.79 27.55 -11.99
C LYS D 284 -73.98 27.84 -10.73
N ILE D 285 -72.92 27.07 -10.51
CA ILE D 285 -72.07 27.22 -9.36
C ILE D 285 -70.60 27.46 -9.73
N ALA D 286 -69.92 28.31 -8.97
CA ALA D 286 -68.47 28.48 -9.14
C ALA D 286 -67.73 28.06 -7.87
N LEU D 287 -66.79 27.13 -8.03
CA LEU D 287 -65.92 26.67 -6.95
C LEU D 287 -64.53 27.29 -7.13
N VAL D 288 -64.12 28.11 -6.16
CA VAL D 288 -62.84 28.82 -6.24
C VAL D 288 -61.86 28.36 -5.17
N GLY D 289 -60.73 27.81 -5.60
CA GLY D 289 -59.73 27.33 -4.68
C GLY D 289 -58.48 28.19 -4.66
N LYS D 290 -58.05 28.62 -3.46
CA LYS D 290 -56.79 29.35 -3.33
C LYS D 290 -55.65 28.46 -3.77
N GLY D 291 -54.87 28.95 -4.72
CA GLY D 291 -53.81 28.15 -5.30
C GLY D 291 -52.44 28.79 -5.25
N ILE D 292 -51.94 29.00 -4.03
CA ILE D 292 -50.57 29.44 -3.84
C ILE D 292 -49.68 28.22 -3.74
N THR D 293 -48.81 27.99 -4.72
CA THR D 293 -48.06 26.74 -4.73
C THR D 293 -46.91 26.77 -3.72
N PHE D 294 -46.41 27.97 -3.39
CA PHE D 294 -45.51 28.11 -2.26
C PHE D 294 -45.63 29.50 -1.70
N ASP D 295 -45.70 29.58 -0.38
CA ASP D 295 -45.91 30.87 0.23
C ASP D 295 -44.76 31.19 1.19
N SER D 296 -43.84 32.02 0.72
CA SER D 296 -42.68 32.42 1.53
C SER D 296 -43.04 33.53 2.49
N GLY D 297 -44.14 34.21 2.17
CA GLY D 297 -44.48 35.48 2.80
C GLY D 297 -44.15 36.69 1.94
N GLY D 298 -43.26 36.52 0.97
CA GLY D 298 -42.76 37.65 0.21
C GLY D 298 -41.88 38.49 1.12
N TYR D 299 -41.84 39.79 0.90
CA TYR D 299 -40.97 40.65 1.69
C TYR D 299 -41.39 40.66 3.16
N ASN D 300 -42.66 40.38 3.45
CA ASN D 300 -43.04 40.02 4.81
C ASN D 300 -42.75 38.52 5.03
N LEU D 301 -41.46 38.19 4.97
CA LEU D 301 -41.02 36.80 4.96
C LEU D 301 -41.48 36.04 6.21
N LYS D 302 -41.85 34.78 6.01
CA LYS D 302 -42.21 33.91 7.13
C LYS D 302 -40.95 33.53 7.92
N ALA D 303 -40.54 34.47 8.79
CA ALA D 303 -39.31 34.36 9.57
C ALA D 303 -39.56 34.21 11.08
N ALA D 304 -40.73 34.64 11.53
CA ALA D 304 -41.07 34.60 12.93
C ALA D 304 -41.14 33.17 13.45
N PRO D 305 -40.89 32.97 14.75
CA PRO D 305 -41.10 31.66 15.40
C PRO D 305 -42.53 31.15 15.21
N GLY D 306 -42.67 29.93 14.72
CA GLY D 306 -43.99 29.32 14.59
C GLY D 306 -44.68 29.54 13.25
N SER D 307 -44.02 30.26 12.33
CA SER D 307 -44.61 30.55 11.03
C SER D 307 -44.47 29.36 10.05
N MET D 308 -43.62 28.39 10.38
CA MET D 308 -43.54 27.11 9.68
C MET D 308 -43.46 27.21 8.17
N ILE D 309 -42.46 27.95 7.70
CA ILE D 309 -42.31 28.17 6.26
C ILE D 309 -42.09 26.87 5.49
N ASP D 310 -41.58 25.84 6.14
CA ASP D 310 -41.32 24.58 5.44
C ASP D 310 -42.60 23.80 5.09
N LEU D 311 -43.74 24.25 5.58
CA LEU D 311 -44.99 23.54 5.28
C LEU D 311 -45.81 24.25 4.20
N MET D 312 -45.34 25.42 3.75
CA MET D 312 -46.13 26.26 2.89
C MET D 312 -46.31 25.79 1.44
N LYS D 313 -45.87 24.57 1.12
CA LYS D 313 -46.32 23.94 -0.13
C LYS D 313 -47.83 23.69 -0.11
N PHE D 314 -48.43 23.72 1.09
CA PHE D 314 -49.84 23.35 1.28
C PHE D 314 -50.79 24.54 1.00
N ASP D 315 -50.24 25.70 0.66
CA ASP D 315 -51.07 26.91 0.48
C ASP D 315 -51.89 26.84 -0.82
N MET D 316 -51.80 25.71 -1.52
CA MET D 316 -52.63 25.47 -2.68
C MET D 316 -53.64 24.33 -2.39
N SER D 317 -53.90 24.11 -1.11
CA SER D 317 -54.85 23.09 -0.63
C SER D 317 -56.27 23.31 -1.12
N GLY D 318 -56.68 24.57 -1.20
CA GLY D 318 -57.98 24.92 -1.73
C GLY D 318 -58.07 24.57 -3.20
N CYS D 319 -56.99 24.83 -3.94
CA CYS D 319 -56.93 24.44 -5.32
C CYS D 319 -57.08 22.94 -5.42
N ALA D 320 -56.34 22.23 -4.59
CA ALA D 320 -56.35 20.78 -4.61
C ALA D 320 -57.77 20.21 -4.34
N ALA D 321 -58.53 20.85 -3.45
CA ALA D 321 -59.86 20.35 -3.10
C ALA D 321 -60.86 20.56 -4.26
N VAL D 322 -60.75 21.69 -4.94
CA VAL D 322 -61.59 21.98 -6.08
C VAL D 322 -61.26 21.06 -7.25
N LEU D 323 -59.97 20.78 -7.49
CA LEU D 323 -59.62 19.81 -8.52
C LEU D 323 -60.03 18.38 -8.08
N GLY D 324 -59.97 18.11 -6.78
CA GLY D 324 -60.40 16.82 -6.27
C GLY D 324 -61.91 16.71 -6.44
N CYS D 325 -62.61 17.80 -6.16
CA CYS D 325 -64.04 17.85 -6.44
C CYS D 325 -64.35 17.63 -7.93
N ALA D 326 -63.53 18.19 -8.81
CA ALA D 326 -63.75 18.01 -10.24
C ALA D 326 -63.65 16.54 -10.63
N TYR D 327 -62.73 15.81 -10.01
CA TYR D 327 -62.68 14.37 -10.24
C TYR D 327 -64.04 13.73 -9.90
N CYS D 328 -64.50 13.92 -8.66
CA CYS D 328 -65.75 13.32 -8.19
C CYS D 328 -66.95 13.65 -9.07
N VAL D 329 -67.09 14.94 -9.38
CA VAL D 329 -68.19 15.43 -10.19
C VAL D 329 -68.17 14.88 -11.60
N GLY D 330 -67.02 14.98 -12.26
CA GLY D 330 -66.86 14.51 -13.62
C GLY D 330 -67.06 13.02 -13.72
N THR D 331 -66.90 12.33 -12.60
CA THR D 331 -67.05 10.89 -12.55
C THR D 331 -68.50 10.49 -12.27
N LEU D 332 -69.12 11.17 -11.32
CA LEU D 332 -70.48 10.83 -10.88
C LEU D 332 -71.55 11.47 -11.76
N LYS D 333 -71.20 12.57 -12.44
CA LYS D 333 -72.07 13.21 -13.42
C LYS D 333 -73.47 13.57 -12.91
N PRO D 334 -73.56 14.56 -12.02
CA PRO D 334 -74.88 15.01 -11.57
C PRO D 334 -75.64 15.69 -12.70
N GLU D 335 -76.97 15.73 -12.58
CA GLU D 335 -77.80 16.32 -13.61
C GLU D 335 -78.13 17.77 -13.27
N ASN D 336 -78.58 18.53 -14.26
CA ASN D 336 -79.15 19.88 -14.05
C ASN D 336 -78.24 20.97 -13.52
N VAL D 337 -76.93 20.76 -13.56
CA VAL D 337 -76.05 21.72 -12.93
C VAL D 337 -74.91 22.08 -13.87
N GLU D 338 -74.46 23.32 -13.76
CA GLU D 338 -73.24 23.77 -14.43
C GLU D 338 -72.27 24.30 -13.36
N ILE D 339 -71.11 23.66 -13.27
CA ILE D 339 -70.15 24.00 -12.23
C ILE D 339 -68.86 24.46 -12.84
N HIS D 340 -68.38 25.62 -12.39
CA HIS D 340 -67.06 26.08 -12.80
C HIS D 340 -66.04 25.87 -11.67
N PHE D 341 -64.91 25.26 -12.01
CA PHE D 341 -63.81 25.01 -11.09
C PHE D 341 -62.70 26.04 -11.34
N LEU D 342 -62.57 27.01 -10.44
CA LEU D 342 -61.65 28.13 -10.66
C LEU D 342 -60.46 28.12 -9.69
N SER D 343 -59.26 28.42 -10.19
CA SER D 343 -58.17 28.78 -9.27
C SER D 343 -57.11 29.69 -9.95
N ALA D 344 -56.85 30.83 -9.32
CA ALA D 344 -55.74 31.70 -9.73
C ALA D 344 -54.45 31.23 -9.08
N VAL D 345 -53.69 30.43 -9.81
CA VAL D 345 -52.51 29.78 -9.26
C VAL D 345 -51.28 30.68 -9.45
N CYS D 346 -50.49 30.81 -8.39
CA CYS D 346 -49.18 31.49 -8.51
C CYS D 346 -48.31 31.10 -7.33
N GLU D 347 -47.16 31.77 -7.23
CA GLU D 347 -46.17 31.57 -6.17
C GLU D 347 -45.75 32.94 -5.58
N ASN D 348 -45.65 33.01 -4.25
CA ASN D 348 -45.35 34.24 -3.49
C ASN D 348 -43.90 34.26 -3.00
N MET D 349 -43.04 34.98 -3.72
CA MET D 349 -41.60 34.86 -3.51
C MET D 349 -40.93 36.19 -3.25
N VAL D 350 -39.65 36.11 -2.92
CA VAL D 350 -38.86 37.28 -2.65
C VAL D 350 -37.87 37.44 -3.79
N SER D 351 -37.95 38.58 -4.45
CA SER D 351 -37.16 38.82 -5.63
C SER D 351 -37.02 40.32 -5.81
N LYS D 352 -36.10 40.72 -6.68
CA LYS D 352 -36.05 42.09 -7.16
C LYS D 352 -37.39 42.45 -7.79
N ASN D 353 -38.11 41.44 -8.28
CA ASN D 353 -39.33 41.68 -9.04
C ASN D 353 -40.61 41.63 -8.21
N SER D 354 -40.49 41.20 -6.95
CA SER D 354 -41.66 41.03 -6.07
C SER D 354 -42.41 42.32 -5.85
N TYR D 355 -43.66 42.20 -5.45
CA TYR D 355 -44.37 43.38 -5.03
C TYR D 355 -43.96 43.66 -3.60
N ARG D 356 -44.21 44.88 -3.14
CA ARG D 356 -43.71 45.32 -1.85
C ARG D 356 -44.80 45.70 -0.89
N PRO D 357 -44.52 45.56 0.41
CA PRO D 357 -45.36 46.14 1.46
C PRO D 357 -45.56 47.62 1.16
N GLY D 358 -46.79 48.09 1.25
CA GLY D 358 -47.08 49.48 0.92
C GLY D 358 -47.54 49.74 -0.51
N ASP D 359 -47.22 48.85 -1.45
CA ASP D 359 -47.67 49.05 -2.85
C ASP D 359 -49.17 49.21 -2.94
N ILE D 360 -49.62 50.11 -3.80
CA ILE D 360 -51.04 50.19 -4.11
C ILE D 360 -51.31 49.55 -5.46
N ILE D 361 -52.25 48.62 -5.49
CA ILE D 361 -52.54 47.87 -6.70
C ILE D 361 -54.03 47.95 -7.03
N THR D 362 -54.38 47.65 -8.27
CA THR D 362 -55.75 47.78 -8.73
C THR D 362 -56.33 46.43 -9.13
N ALA D 363 -57.44 46.03 -8.53
CA ALA D 363 -58.11 44.78 -8.86
C ALA D 363 -58.91 44.93 -10.16
N SER D 364 -59.32 43.80 -10.71
CA SER D 364 -59.99 43.80 -12.02
C SER D 364 -61.39 44.39 -11.97
N ASN D 365 -61.87 44.72 -10.78
CA ASN D 365 -63.14 45.44 -10.68
C ASN D 365 -62.94 46.94 -10.46
N GLY D 366 -61.70 47.38 -10.60
CA GLY D 366 -61.37 48.78 -10.48
C GLY D 366 -60.98 49.26 -9.08
N LYS D 367 -61.15 48.41 -8.07
CA LYS D 367 -60.84 48.82 -6.70
C LYS D 367 -59.34 48.82 -6.42
N THR D 368 -58.84 49.95 -5.90
CA THR D 368 -57.45 50.02 -5.50
C THR D 368 -57.27 49.51 -4.08
N ILE D 369 -56.17 48.80 -3.86
CA ILE D 369 -55.88 48.09 -2.62
C ILE D 369 -54.50 48.47 -2.04
N GLU D 370 -54.44 48.93 -0.80
CA GLU D 370 -53.15 49.21 -0.19
C GLU D 370 -52.62 47.95 0.48
N VAL D 371 -51.49 47.45 0.00
CA VAL D 371 -50.90 46.24 0.58
C VAL D 371 -50.13 46.55 1.86
N GLY D 372 -50.60 46.01 2.98
CA GLY D 372 -49.95 46.23 4.26
C GLY D 372 -49.03 45.09 4.67
N ASN D 373 -49.28 43.90 4.11
CA ASN D 373 -48.48 42.73 4.41
C ASN D 373 -48.52 41.73 3.25
N THR D 374 -47.36 41.48 2.63
CA THR D 374 -47.30 40.68 1.42
C THR D 374 -47.61 39.21 1.69
N ASP D 375 -47.70 38.85 2.97
CA ASP D 375 -48.01 37.48 3.36
C ASP D 375 -49.53 37.28 3.47
N ALA D 376 -50.30 38.35 3.29
CA ALA D 376 -51.75 38.23 3.13
C ALA D 376 -52.09 38.20 1.64
N GLU D 377 -51.47 37.27 0.92
CA GLU D 377 -51.49 37.34 -0.54
C GLU D 377 -52.65 36.53 -1.09
N GLY D 378 -53.11 35.58 -0.30
CA GLY D 378 -54.26 34.76 -0.69
C GLY D 378 -55.49 35.58 -0.98
N ARG D 379 -55.80 36.54 -0.12
CA ARG D 379 -57.01 37.31 -0.34
C ARG D 379 -56.87 38.16 -1.61
N LEU D 380 -55.63 38.48 -1.96
CA LEU D 380 -55.36 39.24 -3.17
C LEU D 380 -55.69 38.42 -4.42
N THR D 381 -55.22 37.18 -4.47
CA THR D 381 -55.54 36.32 -5.62
C THR D 381 -57.05 35.99 -5.68
N LEU D 382 -57.66 35.71 -4.53
CA LEU D 382 -59.09 35.43 -4.46
C LEU D 382 -59.94 36.62 -4.94
N ALA D 383 -59.51 37.83 -4.60
CA ALA D 383 -60.24 39.02 -5.01
C ALA D 383 -60.52 39.05 -6.52
N ASP D 384 -59.51 38.70 -7.31
CA ASP D 384 -59.64 38.74 -8.76
C ASP D 384 -60.36 37.49 -9.23
N ALA D 385 -60.16 36.39 -8.52
CA ALA D 385 -60.87 35.15 -8.84
C ALA D 385 -62.36 35.31 -8.54
N LEU D 386 -62.71 36.02 -7.49
CA LEU D 386 -64.10 36.26 -7.17
C LEU D 386 -64.77 37.15 -8.23
N VAL D 387 -64.06 38.18 -8.69
CA VAL D 387 -64.60 39.05 -9.72
C VAL D 387 -64.88 38.27 -11.00
N TYR D 388 -63.89 37.51 -11.43
CA TYR D 388 -64.00 36.63 -12.59
C TYR D 388 -65.18 35.65 -12.44
N ALA D 389 -65.33 35.05 -11.27
CA ALA D 389 -66.42 34.12 -11.03
C ALA D 389 -67.76 34.82 -11.05
N GLU D 390 -67.83 36.07 -10.59
CA GLU D 390 -69.13 36.72 -10.57
C GLU D 390 -69.52 37.07 -12.00
N LYS D 391 -68.53 37.32 -12.83
CA LYS D 391 -68.79 37.62 -14.23
C LYS D 391 -69.41 36.43 -15.00
N LEU D 392 -69.21 35.21 -14.51
CA LEU D 392 -69.74 34.03 -15.21
C LEU D 392 -71.28 33.89 -15.07
N GLY D 393 -71.91 34.75 -14.28
CA GLY D 393 -73.35 34.67 -14.07
C GLY D 393 -73.86 33.46 -13.29
N VAL D 394 -73.22 33.12 -12.17
CA VAL D 394 -73.62 31.93 -11.42
C VAL D 394 -74.61 32.26 -10.30
N ASP D 395 -75.21 31.24 -9.69
CA ASP D 395 -76.16 31.46 -8.61
C ASP D 395 -75.46 31.45 -7.26
N TYR D 396 -74.35 30.71 -7.19
CA TYR D 396 -73.61 30.52 -5.96
C TYR D 396 -72.11 30.54 -6.24
N ILE D 397 -71.37 31.30 -5.45
CA ILE D 397 -69.92 31.18 -5.45
C ILE D 397 -69.44 30.65 -4.10
N VAL D 398 -68.64 29.60 -4.11
CA VAL D 398 -68.03 29.12 -2.88
C VAL D 398 -66.51 29.06 -3.02
N ASP D 399 -65.78 29.80 -2.20
CA ASP D 399 -64.32 29.68 -2.21
C ASP D 399 -63.88 28.84 -1.02
N ILE D 400 -62.82 28.06 -1.25
CA ILE D 400 -62.15 27.28 -0.23
C ILE D 400 -60.66 27.69 -0.23
N ALA D 401 -60.09 27.88 0.94
CA ALA D 401 -58.76 28.47 1.02
C ALA D 401 -58.09 28.30 2.38
N THR D 402 -56.78 28.02 2.35
CA THR D 402 -55.91 28.14 3.52
C THR D 402 -55.61 29.63 3.80
N LEU D 403 -56.59 30.35 4.31
CA LEU D 403 -56.46 31.80 4.34
C LEU D 403 -55.77 32.37 5.62
N THR D 404 -56.25 32.05 6.82
CA THR D 404 -55.66 32.67 8.01
C THR D 404 -55.18 31.69 9.07
N GLY D 405 -53.95 31.91 9.52
CA GLY D 405 -53.38 31.14 10.61
C GLY D 405 -54.24 31.19 11.87
N ALA D 406 -54.99 32.27 12.05
CA ALA D 406 -55.85 32.44 13.21
C ALA D 406 -56.94 31.34 13.36
N MET D 407 -57.15 30.56 12.31
CA MET D 407 -58.10 29.45 12.39
C MET D 407 -57.61 28.46 13.43
N LEU D 408 -56.30 28.42 13.62
CA LEU D 408 -55.71 27.50 14.57
C LEU D 408 -56.14 27.84 15.99
N TYR D 409 -56.39 29.12 16.24
CA TYR D 409 -56.75 29.60 17.57
C TYR D 409 -58.24 29.69 17.79
N SER D 410 -59.02 29.56 16.72
CA SER D 410 -60.47 29.68 16.83
C SER D 410 -61.16 28.30 16.80
N LEU D 411 -60.94 27.54 15.73
CA LEU D 411 -61.55 26.22 15.63
C LEU D 411 -60.51 25.09 15.72
N GLY D 412 -59.25 25.40 15.47
CA GLY D 412 -58.19 24.42 15.54
C GLY D 412 -57.99 23.60 14.28
N THR D 413 -57.64 22.33 14.46
CA THR D 413 -57.29 21.43 13.38
C THR D 413 -58.43 20.48 12.92
N SER D 414 -59.55 20.46 13.65
CA SER D 414 -60.67 19.57 13.26
C SER D 414 -61.73 20.23 12.40
N TYR D 415 -62.15 21.43 12.80
CA TYR D 415 -63.27 22.12 12.14
C TYR D 415 -62.82 23.27 11.26
N ALA D 416 -63.30 23.33 10.02
CA ALA D 416 -63.04 24.50 9.19
C ALA D 416 -64.11 25.54 9.46
N GLY D 417 -63.89 26.74 8.97
CA GLY D 417 -64.81 27.82 9.23
C GLY D 417 -65.44 28.30 7.95
N VAL D 418 -66.74 28.61 8.00
CA VAL D 418 -67.42 29.14 6.84
C VAL D 418 -67.98 30.51 7.19
N PHE D 419 -67.73 31.48 6.31
CA PHE D 419 -68.29 32.81 6.43
C PHE D 419 -69.10 33.02 5.15
N GLY D 420 -70.09 33.90 5.19
CA GLY D 420 -70.87 34.16 3.99
C GLY D 420 -71.71 35.43 3.99
N ASN D 421 -72.28 35.74 2.83
CA ASN D 421 -73.17 36.89 2.70
C ASN D 421 -74.62 36.44 2.55
N ASN D 422 -74.86 35.14 2.63
CA ASN D 422 -76.19 34.58 2.34
C ASN D 422 -76.54 33.36 3.21
N GLU D 423 -77.57 33.48 4.04
CA GLU D 423 -77.92 32.41 5.00
C GLU D 423 -78.24 31.07 4.35
N GLU D 424 -79.00 31.07 3.26
CA GLU D 424 -79.39 29.81 2.62
C GLU D 424 -78.18 29.04 2.14
N LEU D 425 -77.27 29.74 1.47
CA LEU D 425 -76.05 29.12 0.99
C LEU D 425 -75.19 28.58 2.14
N ILE D 426 -75.10 29.32 3.23
CA ILE D 426 -74.38 28.84 4.42
C ILE D 426 -75.06 27.58 4.97
N ASN D 427 -76.37 27.61 5.15
CA ASN D 427 -77.09 26.44 5.65
C ASN D 427 -76.86 25.23 4.75
N LYS D 428 -76.78 25.47 3.45
CA LYS D 428 -76.53 24.39 2.50
C LYS D 428 -75.12 23.83 2.65
N ILE D 429 -74.16 24.70 2.96
CA ILE D 429 -72.80 24.25 3.26
C ILE D 429 -72.77 23.42 4.56
N LEU D 430 -73.44 23.88 5.60
CA LEU D 430 -73.46 23.16 6.87
C LEU D 430 -74.10 21.78 6.72
N GLN D 431 -75.09 21.67 5.83
CA GLN D 431 -75.69 20.37 5.55
C GLN D 431 -74.72 19.46 4.81
N SER D 432 -74.00 19.99 3.82
CA SER D 432 -72.96 19.21 3.13
C SER D 432 -71.90 18.74 4.10
N SER D 433 -71.55 19.60 5.05
CA SER D 433 -70.61 19.23 6.10
C SER D 433 -71.10 18.00 6.87
N LYS D 434 -72.40 17.99 7.18
CA LYS D 434 -73.00 16.87 7.93
C LYS D 434 -72.90 15.55 7.18
N THR D 435 -73.31 15.53 5.92
CA THR D 435 -73.36 14.27 5.18
C THR D 435 -72.03 13.88 4.57
N SER D 436 -71.09 14.83 4.45
CA SER D 436 -69.73 14.49 4.00
C SER D 436 -68.83 14.09 5.16
N ASN D 437 -69.24 14.44 6.38
CA ASN D 437 -68.44 14.21 7.59
C ASN D 437 -67.11 15.00 7.63
N GLU D 438 -67.06 16.08 6.86
CA GLU D 438 -65.96 17.02 6.94
C GLU D 438 -66.47 18.23 7.74
N PRO D 439 -66.13 18.30 9.04
CA PRO D 439 -66.77 19.30 9.92
C PRO D 439 -66.42 20.77 9.61
N VAL D 440 -67.46 21.60 9.69
CA VAL D 440 -67.39 23.02 9.38
C VAL D 440 -68.27 23.80 10.37
N TRP D 441 -67.82 24.98 10.79
CA TRP D 441 -68.60 25.77 11.73
C TRP D 441 -68.79 27.20 11.24
N TRP D 442 -70.02 27.68 11.33
CA TRP D 442 -70.36 29.03 10.88
C TRP D 442 -69.79 30.11 11.82
N LEU D 443 -68.98 31.01 11.26
CA LEU D 443 -68.45 32.17 11.99
C LEU D 443 -68.96 33.46 11.37
N PRO D 444 -69.10 34.53 12.18
CA PRO D 444 -69.72 35.75 11.65
C PRO D 444 -68.79 36.60 10.81
N ILE D 445 -69.40 37.37 9.93
CA ILE D 445 -68.70 38.49 9.32
C ILE D 445 -69.23 39.71 10.04
N ILE D 446 -68.46 40.19 11.01
CA ILE D 446 -68.93 41.28 11.84
C ILE D 446 -68.64 42.63 11.17
N ASN D 447 -69.71 43.29 10.75
CA ASN D 447 -69.60 44.49 9.93
C ASN D 447 -68.92 45.63 10.66
N GLU D 448 -69.01 45.61 11.98
CA GLU D 448 -68.41 46.63 12.81
C GLU D 448 -66.89 46.72 12.58
N TYR D 449 -66.27 45.65 12.10
CA TYR D 449 -64.83 45.69 11.84
C TYR D 449 -64.46 46.33 10.48
N ARG D 450 -65.44 46.53 9.61
CA ARG D 450 -65.20 46.99 8.23
C ARG D 450 -64.39 48.28 8.15
N ALA D 451 -64.70 49.24 9.02
CA ALA D 451 -64.03 50.55 9.00
C ALA D 451 -62.51 50.46 9.13
N THR D 452 -61.97 49.36 9.65
CA THR D 452 -60.52 49.28 9.75
C THR D 452 -59.91 48.99 8.39
N LEU D 453 -60.74 48.72 7.40
CA LEU D 453 -60.24 48.50 6.06
C LEU D 453 -60.25 49.77 5.22
N ASN D 454 -60.67 50.89 5.81
CA ASN D 454 -60.66 52.16 5.09
C ASN D 454 -59.26 52.80 4.99
N SER D 455 -58.56 52.46 3.92
CA SER D 455 -57.25 53.03 3.58
C SER D 455 -57.31 54.56 3.46
N LYS D 456 -56.26 55.23 3.91
CA LYS D 456 -56.17 56.68 3.73
C LYS D 456 -56.01 57.02 2.24
N TYR D 457 -55.30 56.16 1.50
CA TYR D 457 -54.94 56.47 0.12
C TYR D 457 -55.66 55.65 -0.95
N ALA D 458 -55.77 54.35 -0.73
CA ALA D 458 -56.41 53.47 -1.69
C ALA D 458 -57.90 53.33 -1.40
N ASP D 459 -58.61 52.57 -2.23
CA ASP D 459 -60.04 52.33 -2.02
C ASP D 459 -60.24 51.51 -0.76
N ILE D 460 -59.36 50.55 -0.56
CA ILE D 460 -59.48 49.63 0.56
C ILE D 460 -58.11 49.14 1.03
N ASN D 461 -58.02 48.81 2.32
CA ASN D 461 -56.84 48.12 2.88
C ASN D 461 -56.90 46.62 2.64
N GLN D 462 -55.73 46.03 2.44
CA GLN D 462 -55.61 44.58 2.36
C GLN D 462 -55.85 43.97 3.75
N ILE D 463 -55.18 44.55 4.77
CA ILE D 463 -55.25 44.03 6.13
C ILE D 463 -55.69 45.09 7.13
N SER D 464 -55.96 44.64 8.36
CA SER D 464 -56.26 45.58 9.42
C SER D 464 -54.99 45.92 10.21
N SER D 465 -54.92 47.14 10.72
CA SER D 465 -53.80 47.50 11.58
C SER D 465 -54.15 47.31 13.05
N SER D 466 -55.44 47.21 13.37
CA SER D 466 -55.84 47.03 14.76
C SER D 466 -56.45 45.65 15.01
N VAL D 467 -57.60 45.38 14.41
CA VAL D 467 -58.35 44.15 14.67
C VAL D 467 -57.50 42.87 14.53
N LYS D 468 -57.54 42.02 15.56
CA LYS D 468 -56.79 40.78 15.58
C LYS D 468 -57.63 39.59 15.11
N ALA D 469 -58.93 39.81 14.95
CA ALA D 469 -59.79 38.74 14.45
C ALA D 469 -59.59 38.61 12.93
N SER D 470 -58.45 38.06 12.54
CA SER D 470 -58.02 38.02 11.15
C SER D 470 -59.06 37.42 10.23
N SER D 471 -59.56 36.25 10.60
CA SER D 471 -60.45 35.47 9.76
C SER D 471 -61.72 36.24 9.42
N ILE D 472 -62.18 37.03 10.36
CA ILE D 472 -63.31 37.88 10.10
C ILE D 472 -62.88 39.01 9.15
N VAL D 473 -61.75 39.66 9.45
CA VAL D 473 -61.26 40.75 8.60
C VAL D 473 -61.03 40.31 7.15
N ALA D 474 -60.44 39.13 6.96
CA ALA D 474 -60.18 38.70 5.60
C ALA D 474 -61.50 38.46 4.86
N SER D 475 -62.51 37.97 5.58
CA SER D 475 -63.83 37.78 4.96
C SER D 475 -64.46 39.10 4.54
N LEU D 476 -64.29 40.13 5.37
CA LEU D 476 -64.83 41.45 5.03
C LEU D 476 -64.16 41.96 3.77
N PHE D 477 -62.89 41.64 3.62
CA PHE D 477 -62.14 42.08 2.44
C PHE D 477 -62.66 41.37 1.20
N LEU D 478 -62.87 40.06 1.31
CA LEU D 478 -63.34 39.25 0.19
C LEU D 478 -64.74 39.68 -0.24
N LYS D 479 -65.61 39.93 0.74
CA LYS D 479 -66.98 40.36 0.48
C LYS D 479 -67.03 41.54 -0.47
N GLU D 480 -66.00 42.38 -0.39
CA GLU D 480 -65.92 43.59 -1.20
C GLU D 480 -65.73 43.26 -2.68
N PHE D 481 -65.48 41.99 -2.98
CA PHE D 481 -65.28 41.64 -4.37
C PHE D 481 -66.39 40.73 -4.92
N VAL D 482 -67.45 40.53 -4.14
CA VAL D 482 -68.67 39.90 -4.63
C VAL D 482 -69.80 40.92 -4.51
N GLN D 483 -70.30 41.38 -5.64
CA GLN D 483 -71.23 42.49 -5.63
C GLN D 483 -72.67 42.09 -5.31
N ASN D 484 -73.15 41.02 -5.94
CA ASN D 484 -74.56 40.72 -5.88
C ASN D 484 -74.83 39.25 -6.15
N THR D 485 -74.03 38.38 -5.55
CA THR D 485 -74.22 36.94 -5.70
C THR D 485 -74.09 36.27 -4.35
N ALA D 486 -74.88 35.23 -4.12
CA ALA D 486 -74.75 34.43 -2.91
C ALA D 486 -73.37 33.82 -2.88
N TRP D 487 -72.64 34.06 -1.79
CA TRP D 487 -71.23 33.72 -1.71
C TRP D 487 -70.86 33.23 -0.32
N ALA D 488 -70.09 32.15 -0.27
CA ALA D 488 -69.60 31.63 1.00
C ALA D 488 -68.13 31.33 0.86
N HIS D 489 -67.44 31.37 1.99
CA HIS D 489 -65.99 31.28 2.03
C HIS D 489 -65.58 30.27 3.12
N ILE D 490 -64.87 29.23 2.71
CA ILE D 490 -64.43 28.19 3.62
C ILE D 490 -62.92 28.35 3.91
N ASP D 491 -62.57 28.63 5.17
CA ASP D 491 -61.18 28.88 5.54
C ASP D 491 -60.65 27.59 6.15
N ILE D 492 -59.73 26.95 5.44
CA ILE D 492 -59.24 25.64 5.87
C ILE D 492 -57.78 25.66 6.33
N ALA D 493 -57.27 26.82 6.75
CA ALA D 493 -55.85 26.94 7.12
C ALA D 493 -55.48 26.08 8.30
N GLY D 494 -56.39 25.97 9.26
CA GLY D 494 -56.12 25.16 10.44
C GLY D 494 -56.30 23.68 10.20
N VAL D 495 -57.06 23.34 9.16
CA VAL D 495 -57.66 22.02 9.04
C VAL D 495 -57.03 21.14 7.95
N SER D 496 -56.26 21.78 7.07
CA SER D 496 -55.83 21.13 5.84
C SER D 496 -54.73 20.08 6.04
N TRP D 497 -53.81 20.33 6.96
CA TRP D 497 -52.68 19.44 7.12
C TRP D 497 -52.88 18.55 8.36
N ASN D 498 -52.41 17.32 8.28
CA ASN D 498 -52.50 16.40 9.41
C ASN D 498 -51.14 16.33 10.11
N PHE D 499 -50.97 17.17 11.12
CA PHE D 499 -49.67 17.33 11.77
C PHE D 499 -49.20 16.03 12.40
N LYS D 500 -50.11 15.35 13.08
CA LYS D 500 -49.81 14.08 13.73
C LYS D 500 -49.25 13.06 12.72
N ALA D 501 -49.87 12.97 11.54
CA ALA D 501 -49.47 11.94 10.59
C ALA D 501 -48.55 12.48 9.48
N ARG D 502 -48.25 13.77 9.54
CA ARG D 502 -47.28 14.37 8.61
C ARG D 502 -47.72 14.22 7.16
N LYS D 503 -48.99 14.46 6.89
CA LYS D 503 -49.51 14.31 5.53
C LYS D 503 -50.78 15.14 5.38
N PRO D 504 -51.23 15.37 4.13
CA PRO D 504 -52.47 16.13 3.90
C PRO D 504 -53.71 15.37 4.29
N LYS D 505 -54.82 16.07 4.52
CA LYS D 505 -56.13 15.43 4.70
C LYS D 505 -56.91 15.42 3.38
N GLY D 506 -56.57 16.32 2.48
CA GLY D 506 -57.35 16.49 1.26
C GLY D 506 -58.71 17.03 1.63
N PHE D 507 -58.77 17.78 2.71
CA PHE D 507 -60.01 18.30 3.24
C PHE D 507 -60.73 19.17 2.21
N GLY D 508 -62.03 18.94 2.08
CA GLY D 508 -62.84 19.76 1.21
C GLY D 508 -63.43 19.03 0.01
N VAL D 509 -62.74 18.00 -0.47
CA VAL D 509 -63.20 17.32 -1.68
C VAL D 509 -64.62 16.78 -1.49
N ARG D 510 -64.84 16.04 -0.40
CA ARG D 510 -66.14 15.41 -0.18
C ARG D 510 -67.19 16.45 0.21
N LEU D 511 -66.79 17.43 0.99
CA LEU D 511 -67.66 18.54 1.35
C LEU D 511 -68.24 19.23 0.11
N LEU D 512 -67.37 19.63 -0.83
CA LEU D 512 -67.78 20.34 -2.03
C LEU D 512 -68.63 19.48 -2.94
N THR D 513 -68.29 18.20 -3.04
CA THR D 513 -69.01 17.28 -3.90
C THR D 513 -70.42 17.05 -3.40
N GLU D 514 -70.55 16.89 -2.10
CA GLU D 514 -71.86 16.72 -1.49
C GLU D 514 -72.69 17.98 -1.72
N PHE D 515 -72.06 19.14 -1.58
CA PHE D 515 -72.76 20.39 -1.86
C PHE D 515 -73.33 20.44 -3.28
N VAL D 516 -72.55 19.93 -4.23
CA VAL D 516 -72.94 19.95 -5.64
C VAL D 516 -74.00 18.89 -5.95
N LEU D 517 -73.85 17.71 -5.36
CA LEU D 517 -74.72 16.56 -5.62
C LEU D 517 -76.07 16.67 -4.93
N ASN D 518 -76.07 17.23 -3.72
CA ASN D 518 -77.31 17.29 -2.97
C ASN D 518 -77.95 18.68 -2.96
N ASP D 519 -77.53 19.54 -3.88
CA ASP D 519 -78.18 20.85 -4.12
C ASP D 519 -78.41 21.09 -5.61
N SER E 2 -34.79 56.87 -18.03
CA SER E 2 -36.02 57.64 -18.22
C SER E 2 -37.20 56.69 -18.53
N GLU E 3 -36.94 55.52 -19.13
CA GLU E 3 -38.04 54.55 -19.29
C GLU E 3 -38.19 53.63 -18.05
N VAL E 4 -39.39 53.61 -17.48
CA VAL E 4 -39.60 52.87 -16.24
C VAL E 4 -39.85 51.40 -16.53
N PRO E 5 -38.96 50.53 -16.04
CA PRO E 5 -39.12 49.09 -16.28
C PRO E 5 -40.36 48.54 -15.57
N GLN E 6 -40.99 47.54 -16.17
CA GLN E 6 -42.21 46.94 -15.64
C GLN E 6 -42.03 45.44 -15.56
N VAL E 7 -42.60 44.81 -14.54
CA VAL E 7 -42.68 43.35 -14.49
C VAL E 7 -43.85 42.84 -15.32
N VAL E 8 -45.00 43.46 -15.11
CA VAL E 8 -46.23 43.14 -15.83
C VAL E 8 -46.75 44.45 -16.41
N SER E 9 -47.57 44.38 -17.45
CA SER E 9 -48.00 45.58 -18.16
C SER E 9 -48.88 46.50 -17.32
N LEU E 10 -49.33 46.02 -16.16
CA LEU E 10 -50.15 46.81 -15.25
C LEU E 10 -49.33 47.61 -14.21
N ASP E 11 -48.01 47.44 -14.19
CA ASP E 11 -47.17 48.21 -13.27
C ASP E 11 -47.12 49.66 -13.72
N PRO E 12 -47.42 50.61 -12.80
CA PRO E 12 -47.36 52.04 -13.12
C PRO E 12 -46.01 52.46 -13.70
N THR E 13 -46.01 53.52 -14.51
CA THR E 13 -44.78 54.00 -15.13
C THR E 13 -44.53 55.48 -14.84
N SER E 14 -45.40 56.09 -14.05
CA SER E 14 -45.13 57.43 -13.59
C SER E 14 -45.75 57.64 -12.21
N ILE E 15 -45.25 58.65 -11.50
CA ILE E 15 -45.88 59.07 -10.27
C ILE E 15 -46.90 60.13 -10.60
N PRO E 16 -48.17 59.90 -10.22
CA PRO E 16 -49.16 60.96 -10.43
C PRO E 16 -48.91 62.15 -9.49
N ILE E 17 -48.96 63.36 -10.03
CA ILE E 17 -48.80 64.57 -9.25
C ILE E 17 -49.95 65.52 -9.49
N GLU E 18 -50.51 66.06 -8.42
CA GLU E 18 -51.43 67.20 -8.52
C GLU E 18 -50.66 68.50 -8.36
N TYR E 19 -50.61 69.30 -9.41
CA TYR E 19 -49.92 70.59 -9.36
C TYR E 19 -50.90 71.72 -9.02
N ASN E 20 -52.08 71.65 -9.63
CA ASN E 20 -53.16 72.58 -9.34
C ASN E 20 -54.10 71.97 -8.31
N THR E 21 -54.20 72.61 -7.17
CA THR E 21 -55.00 72.08 -6.09
C THR E 21 -56.07 73.09 -5.76
N PRO E 22 -57.16 72.66 -5.11
CA PRO E 22 -58.23 73.62 -4.81
C PRO E 22 -57.80 74.68 -3.80
N ILE E 23 -56.70 74.47 -3.09
CA ILE E 23 -56.17 75.50 -2.21
C ILE E 23 -55.73 76.71 -3.08
N HIS E 24 -55.21 76.44 -4.28
CA HIS E 24 -54.74 77.52 -5.15
C HIS E 24 -55.88 78.41 -5.65
N ASP E 25 -57.11 78.00 -5.46
CA ASP E 25 -58.27 78.77 -5.90
C ASP E 25 -58.96 79.54 -4.78
N ILE E 26 -58.43 79.44 -3.56
CA ILE E 26 -59.01 80.13 -2.43
C ILE E 26 -58.55 81.58 -2.44
N LYS E 27 -59.51 82.50 -2.42
CA LYS E 27 -59.22 83.92 -2.35
C LYS E 27 -59.04 84.35 -0.88
N VAL E 28 -57.85 84.83 -0.53
CA VAL E 28 -57.56 85.16 0.86
C VAL E 28 -57.49 86.67 1.08
N GLN E 29 -58.33 87.17 1.98
CA GLN E 29 -58.28 88.58 2.38
C GLN E 29 -58.01 88.73 3.88
N VAL E 30 -57.17 89.70 4.23
CA VAL E 30 -56.88 89.98 5.63
C VAL E 30 -57.44 91.34 6.05
N TYR E 31 -58.28 91.36 7.08
CA TYR E 31 -58.90 92.60 7.55
C TYR E 31 -58.45 92.94 8.96
N ASP E 32 -58.31 94.23 9.23
CA ASP E 32 -58.00 94.67 10.59
C ASP E 32 -59.22 94.42 11.46
N ILE E 33 -58.93 94.03 12.70
CA ILE E 33 -59.97 93.69 13.65
C ILE E 33 -60.68 94.96 14.13
N LYS E 34 -59.97 96.09 14.14
CA LYS E 34 -60.61 97.37 14.47
C LYS E 34 -61.58 97.76 13.36
N GLY E 35 -62.79 98.12 13.75
CA GLY E 35 -63.83 98.45 12.79
C GLY E 35 -64.98 97.48 12.94
N GLY E 36 -64.69 96.34 13.58
CA GLY E 36 -65.65 95.28 13.81
C GLY E 36 -65.61 94.23 12.70
N CYS E 37 -66.09 93.04 13.02
CA CYS E 37 -66.15 91.96 12.03
C CYS E 37 -67.51 91.86 11.37
N ASN E 38 -67.51 91.56 10.07
CA ASN E 38 -68.76 91.31 9.37
C ASN E 38 -69.04 89.81 9.29
N VAL E 39 -70.30 89.43 9.48
CA VAL E 39 -70.69 88.03 9.50
C VAL E 39 -71.86 87.87 8.55
N GLU E 40 -71.53 87.62 7.29
CA GLU E 40 -72.52 87.63 6.22
C GLU E 40 -72.80 86.24 5.67
N GLU E 41 -71.77 85.39 5.61
CA GLU E 41 -71.93 84.08 5.00
C GLU E 41 -70.94 83.06 5.52
N GLY E 42 -71.21 81.80 5.24
CA GLY E 42 -70.31 80.73 5.57
C GLY E 42 -70.10 80.55 7.06
N LEU E 43 -68.86 80.25 7.42
CA LEU E 43 -68.48 79.92 8.78
C LEU E 43 -67.53 80.94 9.32
N THR E 44 -67.82 81.43 10.52
CA THR E 44 -66.96 82.38 11.19
C THR E 44 -66.51 81.79 12.53
N ILE E 45 -65.20 81.63 12.65
CA ILE E 45 -64.58 81.02 13.82
C ILE E 45 -63.71 82.03 14.58
N PHE E 46 -63.96 82.15 15.88
CA PHE E 46 -63.14 82.99 16.75
C PHE E 46 -62.07 82.14 17.42
N LEU E 47 -60.81 82.56 17.34
CA LEU E 47 -59.74 81.86 18.03
C LEU E 47 -59.50 82.52 19.38
N VAL E 48 -59.79 81.79 20.45
CA VAL E 48 -59.94 82.40 21.76
C VAL E 48 -59.19 81.63 22.82
N ASN E 49 -58.60 82.35 23.76
CA ASN E 49 -57.97 81.71 24.89
C ASN E 49 -58.55 82.27 26.18
N ASN E 50 -58.10 81.74 27.30
CA ASN E 50 -58.42 82.33 28.61
C ASN E 50 -57.23 82.24 29.55
N PRO E 51 -56.35 83.25 29.50
CA PRO E 51 -55.10 83.29 30.26
C PRO E 51 -55.27 82.96 31.74
N GLY E 52 -54.53 81.97 32.20
CA GLY E 52 -54.50 81.62 33.61
C GLY E 52 -55.58 80.65 34.04
N LYS E 53 -56.78 80.81 33.49
CA LYS E 53 -57.92 79.97 33.86
C LYS E 53 -57.98 78.72 32.98
N GLU E 54 -57.34 77.64 33.45
CA GLU E 54 -57.29 76.39 32.71
C GLU E 54 -58.73 75.90 32.48
N ASN E 55 -59.02 75.47 31.24
CA ASN E 55 -60.39 75.14 30.85
C ASN E 55 -61.41 76.24 31.19
N GLY E 56 -60.93 77.49 31.25
CA GLY E 56 -61.79 78.61 31.55
C GLY E 56 -62.79 78.89 30.44
N PRO E 57 -63.78 79.74 30.72
CA PRO E 57 -64.90 80.01 29.80
C PRO E 57 -64.48 80.82 28.56
N VAL E 58 -65.19 80.61 27.47
CA VAL E 58 -65.04 81.37 26.23
C VAL E 58 -65.59 82.78 26.40
N LYS E 59 -64.80 83.77 26.02
CA LYS E 59 -65.26 85.15 26.02
C LYS E 59 -64.84 85.77 24.69
N ILE E 60 -65.79 86.34 23.95
CA ILE E 60 -65.49 86.97 22.69
C ILE E 60 -65.32 88.48 22.92
N SER E 61 -64.17 89.04 22.59
CA SER E 61 -63.98 90.48 22.80
C SER E 61 -64.20 91.32 21.53
N SER E 62 -64.08 90.72 20.35
CA SER E 62 -64.30 91.45 19.09
C SER E 62 -65.74 91.93 18.86
N LYS E 63 -65.86 93.18 18.45
CA LYS E 63 -67.13 93.74 17.99
C LYS E 63 -67.58 93.00 16.72
N VAL E 64 -68.86 92.65 16.65
CA VAL E 64 -69.38 92.02 15.45
C VAL E 64 -70.52 92.85 14.87
N ASN E 65 -70.32 93.35 13.66
CA ASN E 65 -71.29 94.22 13.02
C ASN E 65 -72.58 93.49 12.58
N ASP E 66 -73.13 92.66 13.47
CA ASP E 66 -74.39 91.95 13.20
C ASP E 66 -75.13 91.73 14.53
N LYS E 67 -76.33 92.27 14.64
CA LYS E 67 -77.05 92.25 15.91
C LYS E 67 -77.44 90.84 16.37
N GLN E 68 -77.88 89.99 15.44
CA GLN E 68 -78.25 88.63 15.77
C GLN E 68 -77.06 87.83 16.28
N VAL E 69 -75.94 87.94 15.57
CA VAL E 69 -74.74 87.17 15.89
C VAL E 69 -74.08 87.70 17.17
N SER E 70 -74.17 89.01 17.38
CA SER E 70 -73.73 89.62 18.63
C SER E 70 -74.43 89.01 19.83
N GLU E 71 -75.75 88.84 19.70
CA GLU E 71 -76.54 88.26 20.77
C GLU E 71 -75.99 86.87 21.11
N PHE E 72 -75.79 86.07 20.07
CA PHE E 72 -75.19 84.75 20.24
C PHE E 72 -73.84 84.80 20.95
N LEU E 73 -73.06 85.85 20.67
CA LEU E 73 -71.72 85.96 21.22
C LEU E 73 -71.61 86.70 22.53
N LYS E 74 -72.75 87.12 23.11
CA LYS E 74 -72.73 87.83 24.40
C LYS E 74 -72.14 86.93 25.48
N ASP E 75 -71.58 87.54 26.53
CA ASP E 75 -70.88 86.79 27.58
C ASP E 75 -71.75 85.72 28.25
N GLU E 76 -72.99 86.06 28.54
CA GLU E 76 -73.88 85.13 29.23
C GLU E 76 -74.16 83.85 28.44
N ASN E 77 -73.86 83.82 27.14
CA ASN E 77 -74.07 82.58 26.37
C ASN E 77 -72.77 81.84 26.07
N MET E 78 -71.69 82.56 25.79
CA MET E 78 -70.43 81.90 25.45
C MET E 78 -69.77 81.17 26.64
N GLU E 79 -69.99 81.64 27.87
CA GLU E 79 -69.39 80.97 29.03
C GLU E 79 -69.88 79.53 29.23
N LYS E 80 -70.95 79.15 28.53
CA LYS E 80 -71.36 77.75 28.41
C LYS E 80 -70.28 76.88 27.77
N PHE E 81 -69.26 77.49 27.20
CA PHE E 81 -68.22 76.75 26.51
C PHE E 81 -66.84 77.08 27.09
N ASN E 82 -65.88 76.18 26.93
CA ASN E 82 -64.57 76.40 27.53
C ASN E 82 -63.46 76.42 26.48
N VAL E 83 -62.32 77.01 26.84
CA VAL E 83 -61.26 77.27 25.86
C VAL E 83 -60.20 76.17 25.75
N LYS E 84 -60.47 75.03 26.38
CA LYS E 84 -59.57 73.88 26.34
C LYS E 84 -59.00 73.63 24.96
N LEU E 85 -57.68 73.57 24.85
CA LEU E 85 -56.99 73.52 23.58
C LEU E 85 -57.55 72.48 22.59
N GLY E 86 -58.12 72.96 21.49
CA GLY E 86 -58.63 72.10 20.44
C GLY E 86 -60.12 71.89 20.52
N THR E 87 -60.73 72.31 21.62
CA THR E 87 -62.18 72.20 21.76
C THR E 87 -62.88 73.18 20.82
N SER E 88 -63.94 72.74 20.16
CA SER E 88 -64.70 73.64 19.31
C SER E 88 -66.20 73.46 19.48
N LYS E 89 -66.92 74.51 19.13
CA LYS E 89 -68.37 74.50 18.94
C LYS E 89 -68.69 75.43 17.77
N HIS E 90 -69.60 75.03 16.90
CA HIS E 90 -70.15 75.96 15.91
C HIS E 90 -71.65 75.75 15.70
N PHE E 91 -72.38 76.85 15.53
CA PHE E 91 -73.82 76.84 15.45
C PHE E 91 -74.29 77.49 14.14
N TYR E 92 -75.37 76.97 13.56
CA TYR E 92 -76.02 77.66 12.45
C TYR E 92 -77.12 78.55 12.97
N MET E 93 -77.15 79.78 12.48
CA MET E 93 -78.23 80.72 12.82
C MET E 93 -78.52 81.66 11.65
N PHE E 94 -79.57 82.44 11.81
CA PHE E 94 -79.92 83.47 10.85
C PHE E 94 -79.28 84.77 11.34
N ASN E 95 -78.67 85.52 10.43
CA ASN E 95 -78.07 86.79 10.79
C ASN E 95 -79.08 87.92 10.57
N ASP E 96 -78.63 89.18 10.55
CA ASP E 96 -79.53 90.33 10.40
C ASP E 96 -80.34 90.25 9.09
N ASN E 97 -79.77 89.64 8.06
CA ASN E 97 -80.40 89.60 6.74
C ASN E 97 -81.24 88.35 6.51
N LYS E 98 -81.51 87.60 7.58
CA LYS E 98 -82.19 86.29 7.48
C LYS E 98 -81.37 85.33 6.62
N ASN E 99 -80.05 85.50 6.62
CA ASN E 99 -79.19 84.57 5.91
C ASN E 99 -78.58 83.60 6.91
N SER E 100 -78.47 82.33 6.52
CA SER E 100 -77.88 81.31 7.36
C SER E 100 -76.36 81.45 7.43
N VAL E 101 -75.83 81.67 8.64
CA VAL E 101 -74.40 81.71 8.83
C VAL E 101 -74.05 80.78 9.98
N ALA E 102 -72.86 80.20 9.91
CA ALA E 102 -72.37 79.38 11.01
C ALA E 102 -71.29 80.14 11.77
N VAL E 103 -71.46 80.18 13.08
CA VAL E 103 -70.54 80.89 13.96
C VAL E 103 -70.05 79.96 15.04
N GLY E 104 -68.79 80.10 15.40
CA GLY E 104 -68.25 79.28 16.46
C GLY E 104 -66.87 79.69 16.90
N TYR E 105 -66.17 78.78 17.57
CA TYR E 105 -64.85 79.07 18.08
C TYR E 105 -63.96 77.83 18.16
N VAL E 106 -62.64 78.05 18.25
CA VAL E 106 -61.71 77.03 18.67
C VAL E 106 -61.00 77.45 19.95
N GLY E 107 -61.05 76.60 20.97
CA GLY E 107 -60.38 76.92 22.23
C GLY E 107 -58.89 76.93 22.03
N CYS E 108 -58.22 77.96 22.53
CA CYS E 108 -56.77 78.03 22.42
C CYS E 108 -56.05 77.92 23.76
N GLY E 109 -56.70 77.29 24.75
CA GLY E 109 -56.07 77.03 26.02
C GLY E 109 -55.93 78.24 26.93
N SER E 110 -55.02 78.16 27.89
CA SER E 110 -54.87 79.21 28.90
C SER E 110 -53.49 79.84 28.86
N VAL E 111 -52.75 79.55 27.81
CA VAL E 111 -51.41 80.08 27.63
C VAL E 111 -51.41 81.14 26.51
N ALA E 112 -50.77 82.29 26.80
CA ALA E 112 -50.92 83.47 25.94
C ALA E 112 -50.05 83.47 24.67
N ASP E 113 -49.12 82.53 24.58
CA ASP E 113 -48.28 82.44 23.37
C ASP E 113 -48.15 80.98 22.92
N LEU E 114 -48.88 80.63 21.87
CA LEU E 114 -48.96 79.26 21.38
C LEU E 114 -47.68 78.71 20.75
N SER E 115 -47.43 77.43 20.98
CA SER E 115 -46.33 76.75 20.34
C SER E 115 -46.76 76.21 18.98
N GLU E 116 -45.83 75.65 18.22
CA GLU E 116 -46.12 75.10 16.90
C GLU E 116 -47.02 73.86 17.03
N ALA E 117 -46.83 73.08 18.09
CA ALA E 117 -47.68 71.91 18.29
C ALA E 117 -49.09 72.35 18.68
N ASP E 118 -49.17 73.39 19.50
CA ASP E 118 -50.45 73.96 19.92
C ASP E 118 -51.25 74.48 18.73
N MET E 119 -50.62 75.31 17.92
CA MET E 119 -51.28 75.90 16.75
C MET E 119 -51.77 74.81 15.82
N LYS E 120 -50.95 73.78 15.64
CA LYS E 120 -51.34 72.60 14.88
C LYS E 120 -52.60 71.93 15.43
N ARG E 121 -52.71 71.82 16.75
CA ARG E 121 -53.94 71.26 17.34
C ARG E 121 -55.14 72.16 17.05
N VAL E 122 -54.89 73.46 17.01
CA VAL E 122 -55.95 74.42 16.79
C VAL E 122 -56.45 74.28 15.36
N VAL E 123 -55.52 74.14 14.43
CA VAL E 123 -55.85 74.08 13.02
C VAL E 123 -56.60 72.78 12.71
N LEU E 124 -56.15 71.68 13.32
CA LEU E 124 -56.82 70.39 13.16
C LEU E 124 -58.28 70.47 13.56
N SER E 125 -58.55 71.21 14.63
CA SER E 125 -59.91 71.37 15.08
C SER E 125 -60.67 72.23 14.09
N LEU E 126 -59.97 73.16 13.45
CA LEU E 126 -60.57 74.00 12.41
C LEU E 126 -60.94 73.18 11.16
N VAL E 127 -59.98 72.40 10.69
CA VAL E 127 -60.15 71.57 9.52
C VAL E 127 -61.30 70.55 9.64
N THR E 128 -61.52 70.05 10.86
CA THR E 128 -62.62 69.12 11.13
C THR E 128 -63.94 69.77 10.78
N MET E 129 -64.13 71.00 11.22
CA MET E 129 -65.34 71.73 10.86
C MET E 129 -65.40 71.98 9.34
N LEU E 130 -64.25 72.26 8.72
CA LEU E 130 -64.23 72.48 7.27
C LEU E 130 -64.62 71.22 6.50
N HIS E 131 -64.03 70.08 6.85
CA HIS E 131 -64.38 68.79 6.21
C HIS E 131 -65.84 68.37 6.45
N ASP E 132 -66.47 68.84 7.52
CA ASP E 132 -67.85 68.45 7.87
C ASP E 132 -68.96 69.42 7.45
N ASN E 133 -68.62 70.51 6.76
CA ASN E 133 -69.62 71.48 6.32
C ASN E 133 -69.40 71.90 4.86
N LYS E 134 -70.46 71.96 4.06
CA LYS E 134 -70.33 72.52 2.71
C LYS E 134 -70.30 74.03 2.83
N LEU E 135 -69.17 74.63 2.49
CA LEU E 135 -68.91 76.03 2.76
C LEU E 135 -68.26 76.74 1.57
N SER E 136 -68.62 78.00 1.38
CA SER E 136 -68.01 78.87 0.36
C SER E 136 -66.93 79.77 0.96
N LYS E 137 -67.08 80.07 2.25
CA LYS E 137 -66.15 80.96 2.93
C LYS E 137 -65.89 80.57 4.39
N LEU E 138 -64.62 80.63 4.75
CA LEU E 138 -64.20 80.59 6.14
C LEU E 138 -63.67 81.97 6.52
N THR E 139 -64.18 82.49 7.63
CA THR E 139 -63.63 83.69 8.23
C THR E 139 -63.06 83.31 9.60
N VAL E 140 -61.82 83.68 9.84
CA VAL E 140 -61.16 83.33 11.10
C VAL E 140 -60.79 84.61 11.82
N VAL E 141 -61.27 84.73 13.06
CA VAL E 141 -60.99 85.91 13.84
C VAL E 141 -59.99 85.62 14.95
N PHE E 142 -58.85 86.28 14.88
CA PHE E 142 -57.79 86.10 15.87
C PHE E 142 -58.03 86.96 17.10
N GLU E 143 -58.41 86.34 18.20
CA GLU E 143 -58.44 87.06 19.47
C GLU E 143 -57.28 86.56 20.33
N ILE E 144 -56.26 86.04 19.66
CA ILE E 144 -55.04 85.57 20.31
C ILE E 144 -53.83 86.20 19.62
N ASN E 145 -52.69 86.14 20.29
CA ASN E 145 -51.48 86.81 19.82
C ASN E 145 -50.63 85.90 18.98
N VAL E 146 -50.10 86.46 17.91
CA VAL E 146 -49.50 85.66 16.87
C VAL E 146 -48.49 86.54 16.13
N ASP E 147 -47.25 86.07 15.97
CA ASP E 147 -46.32 86.87 15.19
C ASP E 147 -46.39 86.45 13.73
N LYS E 148 -45.75 87.24 12.87
CA LYS E 148 -45.78 87.03 11.43
C LYS E 148 -45.49 85.57 11.05
N ASN E 149 -44.45 85.00 11.64
CA ASN E 149 -44.07 83.62 11.35
C ASN E 149 -45.10 82.59 11.84
N LEU E 150 -45.77 82.89 12.95
CA LEU E 150 -46.78 81.97 13.44
C LEU E 150 -48.07 82.15 12.66
N PHE E 151 -48.32 83.37 12.20
CA PHE E 151 -49.46 83.61 11.33
C PHE E 151 -49.30 82.83 10.03
N ARG E 152 -48.11 82.89 9.43
CA ARG E 152 -47.87 82.15 8.21
C ARG E 152 -47.96 80.64 8.43
N PHE E 153 -47.36 80.19 9.51
CA PHE E 153 -47.39 78.78 9.86
C PHE E 153 -48.82 78.27 10.00
N PHE E 154 -49.67 79.09 10.60
CA PHE E 154 -51.11 78.80 10.66
C PHE E 154 -51.73 78.52 9.27
N LEU E 155 -51.54 79.45 8.33
CA LEU E 155 -52.12 79.34 6.99
C LEU E 155 -51.59 78.10 6.28
N GLU E 156 -50.27 77.91 6.38
CA GLU E 156 -49.60 76.79 5.77
C GLU E 156 -50.21 75.47 6.19
N THR E 157 -50.39 75.33 7.49
CA THR E 157 -50.87 74.11 8.09
C THR E 157 -52.34 73.91 7.74
N LEU E 158 -53.10 75.02 7.76
CA LEU E 158 -54.50 74.98 7.38
C LEU E 158 -54.63 74.45 5.94
N PHE E 159 -53.87 75.00 5.01
CA PHE E 159 -53.89 74.57 3.61
C PHE E 159 -53.51 73.10 3.48
N TYR E 160 -52.42 72.70 4.14
CA TYR E 160 -51.94 71.33 4.07
C TYR E 160 -52.94 70.32 4.63
N GLU E 161 -53.50 70.61 5.79
CA GLU E 161 -54.40 69.66 6.45
C GLU E 161 -55.78 69.65 5.81
N TYR E 162 -56.13 70.74 5.15
CA TYR E 162 -57.42 70.88 4.47
C TYR E 162 -57.39 70.04 3.19
N MET E 163 -56.26 70.13 2.48
CA MET E 163 -56.02 69.40 1.23
C MET E 163 -56.05 67.89 1.43
N THR E 164 -56.80 67.20 0.58
CA THR E 164 -56.92 65.75 0.64
C THR E 164 -56.29 65.08 -0.57
N ASP E 165 -55.41 64.11 -0.34
CA ASP E 165 -54.68 63.49 -1.43
C ASP E 165 -55.46 62.26 -1.97
N GLU E 166 -56.04 62.40 -3.15
CA GLU E 166 -56.95 61.37 -3.65
C GLU E 166 -56.51 60.71 -4.93
N ARG E 167 -55.23 60.82 -5.24
CA ARG E 167 -54.68 60.33 -6.51
C ARG E 167 -54.90 58.83 -6.70
N PHE E 168 -54.99 58.11 -5.59
CA PHE E 168 -55.00 56.67 -5.65
C PHE E 168 -56.36 56.10 -5.34
N LYS E 169 -57.37 56.96 -5.29
CA LYS E 169 -58.75 56.52 -5.12
C LYS E 169 -59.37 56.25 -6.46
N SER E 170 -60.31 55.32 -6.51
CA SER E 170 -61.13 55.11 -7.69
C SER E 170 -62.53 55.66 -7.46
N GLU E 178 -65.91 69.64 -2.45
CA GLU E 178 -66.25 71.06 -2.60
C GLU E 178 -65.61 71.94 -1.52
N TYR E 179 -64.44 72.50 -1.85
CA TYR E 179 -63.71 73.40 -0.96
C TYR E 179 -64.23 74.84 -1.00
N ILE E 180 -63.96 75.59 0.06
CA ILE E 180 -64.26 77.03 0.09
C ILE E 180 -63.50 77.76 -1.00
N LYS E 181 -63.99 78.94 -1.35
CA LYS E 181 -63.34 79.74 -2.38
C LYS E 181 -62.85 81.05 -1.77
N HIS E 182 -63.25 81.30 -0.54
CA HIS E 182 -62.84 82.50 0.18
C HIS E 182 -62.35 82.18 1.58
N LEU E 183 -61.25 82.82 1.95
CA LEU E 183 -60.73 82.78 3.31
C LEU E 183 -60.52 84.21 3.80
N GLY E 184 -61.21 84.56 4.87
CA GLY E 184 -61.05 85.86 5.48
C GLY E 184 -60.39 85.74 6.85
N VAL E 185 -59.42 86.59 7.11
CA VAL E 185 -58.78 86.61 8.41
C VAL E 185 -58.97 87.99 9.04
N TYR E 186 -59.51 88.02 10.24
CA TYR E 186 -59.51 89.25 11.04
C TYR E 186 -58.41 89.17 12.08
N ILE E 187 -57.63 90.25 12.18
CA ILE E 187 -56.50 90.29 13.09
C ILE E 187 -56.05 91.74 13.31
N ASN E 188 -55.62 92.06 14.53
CA ASN E 188 -55.10 93.40 14.83
C ASN E 188 -53.78 93.64 14.06
N ASN E 189 -53.60 94.86 13.56
CA ASN E 189 -52.46 95.23 12.70
C ASN E 189 -52.38 94.40 11.41
N ALA E 190 -53.54 94.17 10.80
CA ALA E 190 -53.67 93.30 9.64
C ALA E 190 -52.65 93.55 8.54
N ASP E 191 -52.21 94.80 8.40
CA ASP E 191 -51.28 95.16 7.33
C ASP E 191 -49.89 94.52 7.49
N THR E 192 -49.47 94.25 8.71
CA THR E 192 -48.18 93.62 8.89
C THR E 192 -48.24 92.14 8.50
N TYR E 193 -49.44 91.57 8.44
CA TYR E 193 -49.56 90.13 8.17
C TYR E 193 -49.84 89.81 6.70
N LYS E 194 -50.34 90.78 5.94
CA LYS E 194 -50.82 90.53 4.58
C LYS E 194 -49.81 89.87 3.64
N GLU E 195 -48.54 90.24 3.79
CA GLU E 195 -47.49 89.70 2.93
C GLU E 195 -47.20 88.22 3.17
N GLU E 196 -47.60 87.72 4.33
CA GLU E 196 -47.37 86.32 4.66
C GLU E 196 -48.23 85.40 3.83
N VAL E 197 -49.35 85.92 3.29
CA VAL E 197 -50.34 85.04 2.67
C VAL E 197 -49.77 84.28 1.48
N GLU E 198 -49.27 84.99 0.47
CA GLU E 198 -48.82 84.29 -0.73
C GLU E 198 -47.55 83.50 -0.46
N LYS E 199 -46.84 83.88 0.61
CA LYS E 199 -45.71 83.11 1.07
C LYS E 199 -46.17 81.75 1.62
N ALA E 200 -47.19 81.78 2.47
CA ALA E 200 -47.80 80.55 2.98
C ALA E 200 -48.26 79.62 1.84
N ARG E 201 -48.93 80.19 0.85
CA ARG E 201 -49.45 79.39 -0.26
C ARG E 201 -48.35 78.66 -1.03
N VAL E 202 -47.16 79.27 -1.09
CA VAL E 202 -46.01 78.66 -1.74
C VAL E 202 -45.37 77.60 -0.86
N TYR E 203 -45.28 77.90 0.44
CA TYR E 203 -44.71 76.95 1.38
C TYR E 203 -45.63 75.72 1.46
N TYR E 204 -46.94 75.97 1.51
CA TYR E 204 -47.91 74.88 1.47
C TYR E 204 -47.66 73.90 0.32
N PHE E 205 -47.45 74.41 -0.88
CA PHE E 205 -47.36 73.48 -1.99
C PHE E 205 -46.07 72.70 -1.96
N GLY E 206 -44.97 73.32 -1.54
CA GLY E 206 -43.70 72.61 -1.51
C GLY E 206 -43.81 71.44 -0.53
N THR E 207 -44.55 71.68 0.53
CA THR E 207 -44.78 70.68 1.55
C THR E 207 -45.75 69.63 1.04
N TYR E 208 -46.83 70.08 0.40
CA TYR E 208 -47.80 69.16 -0.17
C TYR E 208 -47.19 68.30 -1.29
N TYR E 209 -46.34 68.93 -2.10
CA TYR E 209 -45.65 68.23 -3.17
C TYR E 209 -44.76 67.13 -2.60
N ALA E 210 -44.03 67.47 -1.53
CA ALA E 210 -43.15 66.52 -0.85
C ALA E 210 -44.00 65.40 -0.27
N SER E 211 -45.16 65.77 0.27
CA SER E 211 -46.12 64.84 0.78
C SER E 211 -46.53 63.85 -0.33
N GLN E 212 -46.83 64.37 -1.49
CA GLN E 212 -47.26 63.53 -2.61
C GLN E 212 -46.21 62.48 -3.01
N LEU E 213 -44.94 62.87 -3.01
CA LEU E 213 -43.90 61.92 -3.39
C LEU E 213 -43.72 60.84 -2.33
N ILE E 214 -43.79 61.24 -1.06
CA ILE E 214 -43.59 60.31 0.03
C ILE E 214 -44.72 59.27 0.06
N ALA E 215 -45.96 59.75 0.02
CA ALA E 215 -47.13 58.87 0.10
C ALA E 215 -47.23 57.92 -1.08
N ALA E 216 -46.78 58.35 -2.24
CA ALA E 216 -46.76 57.49 -3.41
C ALA E 216 -46.01 56.20 -3.08
N PRO E 217 -46.69 55.07 -3.24
CA PRO E 217 -46.16 53.73 -2.96
C PRO E 217 -44.97 53.40 -3.84
N SER E 218 -44.15 52.46 -3.38
CA SER E 218 -42.90 52.11 -4.04
C SER E 218 -43.06 51.55 -5.46
N ASN E 219 -44.19 50.93 -5.79
CA ASN E 219 -44.36 50.51 -7.18
C ASN E 219 -44.59 51.73 -8.09
N TYR E 220 -45.05 52.84 -7.51
CA TYR E 220 -45.29 54.08 -8.24
C TYR E 220 -44.07 54.97 -8.23
N CYS E 221 -43.47 55.09 -7.05
CA CYS E 221 -42.35 55.97 -6.81
C CYS E 221 -41.09 55.16 -6.65
N ASN E 222 -40.44 54.90 -7.77
CA ASN E 222 -39.22 54.12 -7.85
C ASN E 222 -38.09 55.06 -8.34
N PRO E 223 -36.83 54.59 -8.35
CA PRO E 223 -35.76 55.52 -8.75
C PRO E 223 -35.97 56.17 -10.12
N VAL E 224 -36.43 55.41 -11.11
CA VAL E 224 -36.61 55.95 -12.46
C VAL E 224 -37.75 56.97 -12.53
N SER E 225 -38.88 56.65 -11.90
CA SER E 225 -40.02 57.53 -11.97
C SER E 225 -39.87 58.75 -11.05
N LEU E 226 -39.04 58.64 -10.02
CA LEU E 226 -38.87 59.75 -9.09
C LEU E 226 -37.91 60.79 -9.70
N SER E 227 -36.87 60.32 -10.37
CA SER E 227 -35.98 61.19 -11.12
C SER E 227 -36.74 61.85 -12.27
N ASN E 228 -37.69 61.14 -12.86
CA ASN E 228 -38.52 61.70 -13.93
C ASN E 228 -39.36 62.84 -13.40
N ALA E 229 -39.97 62.63 -12.23
CA ALA E 229 -40.70 63.71 -11.55
C ALA E 229 -39.83 64.97 -11.34
N ALA E 230 -38.57 64.77 -10.98
CA ALA E 230 -37.68 65.87 -10.64
C ALA E 230 -37.32 66.67 -11.90
N VAL E 231 -37.10 65.96 -12.99
CA VAL E 231 -36.90 66.59 -14.30
C VAL E 231 -38.08 67.45 -14.69
N GLU E 232 -39.27 66.88 -14.54
CA GLU E 232 -40.51 67.55 -14.85
C GLU E 232 -40.66 68.81 -13.98
N LEU E 233 -40.29 68.72 -12.71
CA LEU E 233 -40.39 69.87 -11.81
C LEU E 233 -39.37 70.94 -12.24
N ALA E 234 -38.15 70.52 -12.54
CA ALA E 234 -37.09 71.47 -12.91
C ALA E 234 -37.42 72.18 -14.22
N GLN E 235 -38.07 71.46 -15.15
CA GLN E 235 -38.48 72.06 -16.41
C GLN E 235 -39.54 73.12 -16.16
N LYS E 236 -40.44 72.87 -15.21
CA LYS E 236 -41.50 73.82 -14.90
C LYS E 236 -40.97 75.04 -14.15
N LEU E 237 -39.82 74.92 -13.49
CA LEU E 237 -39.24 76.02 -12.74
C LEU E 237 -38.01 76.63 -13.41
N ASN E 238 -37.73 76.22 -14.65
CA ASN E 238 -36.52 76.65 -15.35
C ASN E 238 -35.27 76.47 -14.50
N LEU E 239 -35.19 75.34 -13.82
CA LEU E 239 -33.98 74.96 -13.12
C LEU E 239 -33.15 74.11 -14.07
N GLU E 240 -31.84 74.32 -14.09
CA GLU E 240 -30.98 73.38 -14.81
C GLU E 240 -31.05 72.02 -14.10
N TYR E 241 -30.88 70.95 -14.86
CA TYR E 241 -31.02 69.62 -14.31
C TYR E 241 -30.13 68.62 -15.05
N LYS E 242 -29.66 67.65 -14.30
CA LYS E 242 -28.82 66.57 -14.79
C LYS E 242 -29.17 65.29 -14.03
N ILE E 243 -29.55 64.21 -14.73
CA ILE E 243 -29.79 62.92 -14.10
C ILE E 243 -28.63 61.97 -14.43
N LEU E 244 -27.87 61.53 -13.42
CA LEU E 244 -26.77 60.58 -13.67
C LEU E 244 -27.27 59.13 -13.65
N GLY E 245 -26.92 58.38 -14.69
CA GLY E 245 -27.29 56.99 -14.80
C GLY E 245 -26.15 56.11 -14.31
N VAL E 246 -26.30 54.80 -14.45
CA VAL E 246 -25.30 53.87 -13.89
C VAL E 246 -23.93 53.99 -14.56
N LYS E 247 -23.91 54.22 -15.87
CA LYS E 247 -22.65 54.35 -16.60
C LYS E 247 -21.81 55.51 -16.05
N GLU E 248 -22.39 56.70 -15.95
CA GLU E 248 -21.67 57.84 -15.37
C GLU E 248 -21.28 57.59 -13.92
N LEU E 249 -22.20 57.00 -13.15
CA LEU E 249 -21.94 56.74 -11.73
C LEU E 249 -20.77 55.81 -11.59
N GLU E 250 -20.70 54.82 -12.47
CA GLU E 250 -19.56 53.90 -12.50
C GLU E 250 -18.26 54.66 -12.78
N GLU E 251 -18.29 55.57 -13.74
CA GLU E 251 -17.11 56.38 -14.06
C GLU E 251 -16.70 57.25 -12.87
N LEU E 252 -17.68 57.78 -12.15
CA LEU E 252 -17.42 58.56 -10.96
C LEU E 252 -17.02 57.66 -9.77
N LYS E 253 -17.03 56.35 -10.02
CA LYS E 253 -16.68 55.34 -9.02
C LYS E 253 -17.46 55.44 -7.70
N MET E 254 -18.74 55.76 -7.79
CA MET E 254 -19.62 55.78 -6.63
C MET E 254 -19.99 54.36 -6.17
N GLY E 255 -19.06 53.68 -5.53
CA GLY E 255 -19.23 52.29 -5.17
C GLY E 255 -20.13 51.99 -3.99
N ALA E 256 -20.24 52.91 -3.04
CA ALA E 256 -21.13 52.70 -1.90
C ALA E 256 -22.58 52.83 -2.34
N TYR E 257 -22.88 53.93 -3.04
CA TYR E 257 -24.19 54.18 -3.63
C TYR E 257 -24.63 53.09 -4.61
N LEU E 258 -23.76 52.71 -5.55
CA LEU E 258 -24.14 51.66 -6.48
C LEU E 258 -24.40 50.31 -5.80
N SER E 259 -23.62 49.99 -4.77
CA SER E 259 -23.75 48.71 -4.05
C SER E 259 -25.12 48.55 -3.44
N VAL E 260 -25.67 49.63 -2.90
CA VAL E 260 -26.98 49.59 -2.29
C VAL E 260 -28.03 49.25 -3.34
N GLY E 261 -27.94 49.87 -4.52
CA GLY E 261 -28.92 49.64 -5.58
C GLY E 261 -28.81 48.36 -6.40
N LYS E 262 -27.78 47.54 -6.14
CA LYS E 262 -27.52 46.35 -6.97
C LYS E 262 -28.69 45.37 -7.03
N GLY E 263 -29.39 45.21 -5.92
CA GLY E 263 -30.47 44.25 -5.83
C GLY E 263 -31.78 44.67 -6.50
N SER E 264 -31.89 45.92 -6.93
CA SER E 264 -33.17 46.39 -7.51
C SER E 264 -33.27 46.16 -9.02
N MET E 265 -34.50 46.10 -9.52
CA MET E 265 -34.78 46.01 -10.95
C MET E 265 -34.68 47.40 -11.60
N TYR E 266 -34.72 48.43 -10.76
CA TYR E 266 -34.62 49.81 -11.21
C TYR E 266 -33.19 50.29 -11.09
N PRO E 267 -32.63 50.78 -12.20
CA PRO E 267 -31.28 51.35 -12.16
C PRO E 267 -31.20 52.54 -11.22
N ASN E 268 -30.07 52.74 -10.54
CA ASN E 268 -29.86 53.94 -9.73
C ASN E 268 -30.04 55.20 -10.58
N LYS E 269 -30.65 56.23 -10.01
CA LYS E 269 -30.70 57.55 -10.64
C LYS E 269 -30.24 58.65 -9.67
N PHE E 270 -29.30 59.47 -10.13
CA PHE E 270 -28.78 60.56 -9.30
C PHE E 270 -29.34 61.91 -9.76
N ILE E 271 -30.21 62.51 -8.94
CA ILE E 271 -30.79 63.80 -9.25
C ILE E 271 -29.89 64.97 -8.86
N HIS E 272 -29.71 65.91 -9.78
CA HIS E 272 -28.91 67.12 -9.58
C HIS E 272 -29.64 68.29 -10.24
N LEU E 273 -30.41 69.01 -9.44
CA LEU E 273 -31.08 70.22 -9.91
C LEU E 273 -30.25 71.40 -9.44
N THR E 274 -30.27 72.50 -10.17
CA THR E 274 -29.56 73.69 -9.72
C THR E 274 -30.36 74.96 -9.92
N TYR E 275 -30.52 75.73 -8.85
CA TYR E 275 -31.04 77.08 -8.96
C TYR E 275 -29.90 78.08 -8.93
N LYS E 276 -29.94 79.07 -9.83
CA LYS E 276 -28.96 80.15 -9.79
C LYS E 276 -29.65 81.50 -9.88
N SER E 277 -29.29 82.39 -8.96
CA SER E 277 -29.76 83.78 -8.97
C SER E 277 -29.31 84.51 -10.24
N LYS E 278 -30.12 85.48 -10.68
CA LYS E 278 -29.78 86.31 -11.84
C LYS E 278 -28.47 87.07 -11.62
N GLY E 279 -28.28 87.56 -10.40
CA GLY E 279 -27.12 88.38 -10.11
C GLY E 279 -25.96 87.58 -9.54
N ASP E 280 -24.91 88.29 -9.11
CA ASP E 280 -23.72 87.66 -8.55
C ASP E 280 -24.03 86.60 -7.50
N VAL E 281 -23.29 85.50 -7.54
CA VAL E 281 -23.40 84.47 -6.53
C VAL E 281 -22.49 84.74 -5.34
N LYS E 282 -23.09 84.87 -4.17
CA LYS E 282 -22.33 85.16 -2.98
C LYS E 282 -22.20 83.93 -2.08
N LYS E 283 -23.16 83.01 -2.20
CA LYS E 283 -23.14 81.81 -1.38
C LYS E 283 -23.55 80.59 -2.22
N LYS E 284 -22.71 79.56 -2.21
CA LYS E 284 -23.02 78.30 -2.88
C LYS E 284 -23.39 77.23 -1.86
N ILE E 285 -24.55 76.59 -2.10
CA ILE E 285 -25.15 75.66 -1.15
C ILE E 285 -25.54 74.34 -1.80
N ALA E 286 -25.23 73.22 -1.16
CA ALA E 286 -25.73 71.94 -1.63
C ALA E 286 -26.67 71.34 -0.59
N LEU E 287 -27.85 70.91 -1.06
CA LEU E 287 -28.85 70.21 -0.25
C LEU E 287 -28.94 68.77 -0.73
N VAL E 288 -28.74 67.84 0.20
CA VAL E 288 -28.57 66.44 -0.10
C VAL E 288 -29.62 65.57 0.58
N GLY E 289 -30.54 65.03 -0.20
CA GLY E 289 -31.64 64.26 0.37
C GLY E 289 -31.45 62.77 0.21
N LYS E 290 -31.58 62.02 1.30
CA LYS E 290 -31.62 60.57 1.20
C LYS E 290 -32.80 60.13 0.35
N GLY E 291 -32.55 59.28 -0.65
CA GLY E 291 -33.59 58.85 -1.56
C GLY E 291 -33.68 57.35 -1.85
N ILE E 292 -33.99 56.59 -0.82
CA ILE E 292 -34.18 55.18 -0.96
C ILE E 292 -35.67 55.06 -1.22
N THR E 293 -36.02 54.56 -2.42
CA THR E 293 -37.48 54.44 -2.78
C THR E 293 -38.28 53.42 -1.91
N PHE E 294 -37.60 52.34 -1.61
CA PHE E 294 -38.10 51.37 -0.67
C PHE E 294 -36.96 50.69 0.02
N ASP E 295 -37.06 50.60 1.35
CA ASP E 295 -36.00 49.92 2.12
C ASP E 295 -36.56 48.64 2.73
N SER E 296 -36.25 47.51 2.10
CA SER E 296 -36.66 46.21 2.62
C SER E 296 -35.70 45.80 3.73
N GLY E 297 -34.58 46.52 3.83
CA GLY E 297 -33.52 46.16 4.75
C GLY E 297 -32.43 45.39 4.03
N GLY E 298 -32.74 44.90 2.83
CA GLY E 298 -31.81 44.03 2.12
C GLY E 298 -31.71 42.71 2.84
N TYR E 299 -30.57 42.04 2.71
CA TYR E 299 -30.38 40.73 3.33
C TYR E 299 -30.51 40.78 4.85
N ASN E 300 -30.18 41.92 5.46
CA ASN E 300 -30.60 42.19 6.84
C ASN E 300 -32.06 42.64 6.84
N LEU E 301 -32.95 41.73 6.46
CA LEU E 301 -34.35 42.05 6.18
C LEU E 301 -35.10 42.61 7.38
N LYS E 302 -35.94 43.60 7.14
CA LYS E 302 -36.81 44.11 8.20
C LYS E 302 -37.88 43.07 8.55
N ALA E 303 -37.51 42.10 9.37
CA ALA E 303 -38.44 41.04 9.77
C ALA E 303 -38.77 41.09 11.26
N ALA E 304 -37.89 41.69 12.05
CA ALA E 304 -38.12 41.88 13.48
C ALA E 304 -39.43 42.63 13.73
N PRO E 305 -40.18 42.21 14.75
CA PRO E 305 -41.46 42.92 15.01
C PRO E 305 -41.18 44.39 15.39
N GLY E 306 -42.03 45.30 14.92
CA GLY E 306 -41.85 46.71 15.17
C GLY E 306 -40.93 47.42 14.17
N SER E 307 -40.41 46.69 13.19
CA SER E 307 -39.53 47.30 12.21
C SER E 307 -40.32 47.95 11.05
N MET E 308 -41.64 47.74 11.03
CA MET E 308 -42.57 48.46 10.17
C MET E 308 -42.17 48.53 8.70
N ILE E 309 -41.90 47.37 8.10
CA ILE E 309 -41.44 47.31 6.72
C ILE E 309 -42.46 47.92 5.74
N ASP E 310 -43.72 47.91 6.13
CA ASP E 310 -44.78 48.47 5.28
C ASP E 310 -44.73 50.01 5.21
N LEU E 311 -43.94 50.62 6.08
CA LEU E 311 -43.78 52.07 6.13
C LEU E 311 -42.67 52.56 5.19
N MET E 312 -41.82 51.64 4.74
CA MET E 312 -40.52 52.00 4.18
C MET E 312 -40.55 52.61 2.79
N LYS E 313 -41.73 52.96 2.30
CA LYS E 313 -41.81 53.89 1.17
C LYS E 313 -41.48 55.32 1.60
N PHE E 314 -41.23 55.52 2.90
CA PHE E 314 -41.03 56.88 3.39
C PHE E 314 -39.56 57.20 3.42
N ASP E 315 -38.75 56.24 2.98
CA ASP E 315 -37.31 56.36 3.14
C ASP E 315 -36.69 57.29 2.09
N MET E 316 -37.50 58.06 1.39
CA MET E 316 -37.04 59.00 0.44
C MET E 316 -37.58 60.35 0.88
N SER E 317 -38.07 60.45 2.10
CA SER E 317 -38.63 61.66 2.69
C SER E 317 -37.65 62.84 2.59
N GLY E 318 -36.34 62.54 2.68
CA GLY E 318 -35.29 63.54 2.55
C GLY E 318 -35.21 64.12 1.15
N CYS E 319 -35.16 63.24 0.16
CA CYS E 319 -35.16 63.64 -1.24
C CYS E 319 -36.41 64.47 -1.51
N ALA E 320 -37.54 64.02 -0.97
CA ALA E 320 -38.79 64.74 -1.15
C ALA E 320 -38.71 66.15 -0.56
N ALA E 321 -38.07 66.28 0.60
CA ALA E 321 -37.93 67.59 1.23
C ALA E 321 -37.03 68.49 0.36
N VAL E 322 -35.96 67.91 -0.18
CA VAL E 322 -35.09 68.63 -1.09
C VAL E 322 -35.85 69.14 -2.32
N LEU E 323 -36.74 68.32 -2.88
CA LEU E 323 -37.44 68.72 -4.11
C LEU E 323 -38.54 69.74 -3.84
N GLY E 324 -39.18 69.64 -2.68
CA GLY E 324 -40.15 70.65 -2.27
C GLY E 324 -39.48 71.99 -2.06
N CYS E 325 -38.28 71.96 -1.49
CA CYS E 325 -37.50 73.18 -1.32
C CYS E 325 -37.16 73.79 -2.69
N ALA E 326 -36.78 72.94 -3.64
CA ALA E 326 -36.52 73.38 -5.02
C ALA E 326 -37.77 74.06 -5.60
N TYR E 327 -38.95 73.53 -5.31
CA TYR E 327 -40.15 74.20 -5.77
C TYR E 327 -40.25 75.59 -5.14
N CYS E 328 -40.11 75.66 -3.82
CA CYS E 328 -40.17 76.95 -3.13
C CYS E 328 -39.10 77.92 -3.62
N VAL E 329 -37.86 77.46 -3.72
CA VAL E 329 -36.74 78.29 -4.16
C VAL E 329 -36.92 78.79 -5.60
N GLY E 330 -37.28 77.88 -6.49
CA GLY E 330 -37.49 78.23 -7.87
C GLY E 330 -38.67 79.16 -8.05
N THR E 331 -39.54 79.21 -7.05
CA THR E 331 -40.71 80.07 -7.13
C THR E 331 -40.48 81.44 -6.50
N LEU E 332 -39.79 81.48 -5.37
CA LEU E 332 -39.56 82.76 -4.70
C LEU E 332 -38.28 83.44 -5.23
N LYS E 333 -37.38 82.66 -5.81
CA LYS E 333 -36.17 83.16 -6.46
C LYS E 333 -35.28 84.04 -5.56
N PRO E 334 -34.64 83.42 -4.56
CA PRO E 334 -33.68 84.16 -3.72
C PRO E 334 -32.55 84.75 -4.56
N GLU E 335 -31.96 85.84 -4.07
CA GLU E 335 -30.87 86.48 -4.79
C GLU E 335 -29.54 86.07 -4.23
N ASN E 336 -28.49 86.26 -5.01
CA ASN E 336 -27.12 86.04 -4.59
C ASN E 336 -26.79 84.64 -4.11
N VAL E 337 -27.61 83.66 -4.48
CA VAL E 337 -27.33 82.30 -4.06
C VAL E 337 -27.28 81.32 -5.22
N GLU E 338 -26.46 80.30 -5.06
CA GLU E 338 -26.54 79.18 -5.97
C GLU E 338 -26.81 77.91 -5.17
N ILE E 339 -27.84 77.18 -5.54
CA ILE E 339 -28.25 76.01 -4.76
C ILE E 339 -28.31 74.76 -5.61
N HIS E 340 -27.65 73.72 -5.14
CA HIS E 340 -27.69 72.45 -5.82
C HIS E 340 -28.56 71.48 -5.05
N PHE E 341 -29.60 70.97 -5.70
CA PHE E 341 -30.48 70.00 -5.08
C PHE E 341 -30.06 68.59 -5.51
N LEU E 342 -29.61 67.78 -4.56
CA LEU E 342 -29.02 66.49 -4.90
C LEU E 342 -29.69 65.31 -4.17
N SER E 343 -29.78 64.18 -4.86
CA SER E 343 -30.23 62.94 -4.25
C SER E 343 -29.78 61.69 -4.99
N ALA E 344 -29.09 60.81 -4.27
CA ALA E 344 -28.64 59.54 -4.81
C ALA E 344 -29.76 58.50 -4.65
N VAL E 345 -30.61 58.37 -5.65
CA VAL E 345 -31.83 57.59 -5.52
C VAL E 345 -31.65 56.13 -5.93
N CYS E 346 -32.18 55.23 -5.12
CA CYS E 346 -32.17 53.80 -5.40
C CYS E 346 -33.17 53.07 -4.53
N GLU E 347 -33.13 51.74 -4.61
CA GLU E 347 -34.04 50.84 -3.93
C GLU E 347 -33.22 49.71 -3.29
N ASN E 348 -33.48 49.44 -2.00
CA ASN E 348 -32.75 48.43 -1.24
C ASN E 348 -33.57 47.15 -1.17
N MET E 349 -33.18 46.17 -1.95
CA MET E 349 -33.99 44.99 -2.17
C MET E 349 -33.22 43.70 -1.94
N VAL E 350 -33.95 42.59 -1.91
CA VAL E 350 -33.36 41.26 -1.75
C VAL E 350 -33.42 40.49 -3.07
N SER E 351 -32.29 39.91 -3.46
CA SER E 351 -32.13 39.30 -4.78
C SER E 351 -30.82 38.51 -4.83
N LYS E 352 -30.62 37.71 -5.88
CA LYS E 352 -29.30 37.11 -6.12
C LYS E 352 -28.22 38.16 -6.40
N ASN E 353 -28.64 39.38 -6.74
CA ASN E 353 -27.67 40.42 -7.10
C ASN E 353 -27.37 41.40 -5.98
N SER E 354 -28.02 41.22 -4.83
CA SER E 354 -27.87 42.16 -3.72
C SER E 354 -26.45 42.16 -3.16
N TYR E 355 -26.07 43.28 -2.54
CA TYR E 355 -24.86 43.32 -1.72
C TYR E 355 -25.18 42.57 -0.44
N ARG E 356 -24.13 42.07 0.21
CA ARG E 356 -24.24 41.21 1.37
C ARG E 356 -23.62 41.84 2.60
N PRO E 357 -24.15 41.47 3.78
CA PRO E 357 -23.48 41.75 5.04
C PRO E 357 -22.07 41.21 4.93
N GLY E 358 -21.08 41.97 5.38
CA GLY E 358 -19.69 41.57 5.23
C GLY E 358 -19.01 42.10 3.97
N ASP E 359 -19.76 42.61 3.00
CA ASP E 359 -19.14 43.08 1.75
C ASP E 359 -18.20 44.26 2.04
N ILE E 360 -17.09 44.33 1.32
CA ILE E 360 -16.26 45.53 1.37
C ILE E 360 -16.37 46.27 0.04
N ILE E 361 -16.87 47.50 0.12
CA ILE E 361 -17.13 48.33 -1.04
C ILE E 361 -16.32 49.62 -1.01
N THR E 362 -16.11 50.22 -2.17
CA THR E 362 -15.21 51.37 -2.29
C THR E 362 -15.97 52.63 -2.69
N ALA E 363 -15.99 53.60 -1.79
CA ALA E 363 -16.63 54.89 -2.04
C ALA E 363 -15.87 55.68 -3.11
N SER E 364 -16.51 56.72 -3.63
CA SER E 364 -15.94 57.50 -4.71
C SER E 364 -14.71 58.31 -4.29
N ASN E 365 -14.43 58.41 -2.98
CA ASN E 365 -13.23 59.09 -2.52
C ASN E 365 -12.12 58.10 -2.16
N GLY E 366 -12.27 56.86 -2.59
CA GLY E 366 -11.24 55.88 -2.31
C GLY E 366 -11.32 55.13 -0.98
N LYS E 367 -12.13 55.60 -0.04
CA LYS E 367 -12.30 54.88 1.23
C LYS E 367 -13.04 53.55 1.08
N THR E 368 -12.44 52.48 1.57
CA THR E 368 -13.13 51.19 1.53
C THR E 368 -13.97 51.01 2.79
N ILE E 369 -15.17 50.45 2.62
CA ILE E 369 -16.12 50.35 3.70
C ILE E 369 -16.53 48.89 3.91
N GLU E 370 -16.51 48.46 5.18
CA GLU E 370 -17.03 47.15 5.51
C GLU E 370 -18.50 47.25 5.91
N VAL E 371 -19.36 46.64 5.10
CA VAL E 371 -20.77 46.61 5.38
C VAL E 371 -21.03 45.64 6.54
N GLY E 372 -21.77 46.09 7.53
CA GLY E 372 -22.02 45.27 8.70
C GLY E 372 -23.48 44.90 8.79
N ASN E 373 -24.31 45.71 8.13
CA ASN E 373 -25.75 45.51 8.12
C ASN E 373 -26.37 46.26 6.93
N THR E 374 -26.95 45.52 5.99
CA THR E 374 -27.44 46.10 4.74
C THR E 374 -28.62 47.02 4.94
N ASP E 375 -29.24 46.95 6.11
CA ASP E 375 -30.30 47.89 6.44
C ASP E 375 -29.72 49.26 6.89
N ALA E 376 -28.40 49.38 6.86
CA ALA E 376 -27.80 50.71 7.06
C ALA E 376 -27.35 51.28 5.70
N GLU E 377 -28.24 51.19 4.72
CA GLU E 377 -27.93 51.59 3.35
C GLU E 377 -27.91 53.10 3.14
N GLY E 378 -28.60 53.87 3.98
CA GLY E 378 -28.73 55.31 3.77
C GLY E 378 -27.41 56.06 3.87
N ARG E 379 -26.63 55.73 4.90
CA ARG E 379 -25.33 56.37 5.06
C ARG E 379 -24.38 55.95 3.93
N LEU E 380 -24.65 54.81 3.29
CA LEU E 380 -23.83 54.40 2.17
C LEU E 380 -24.09 55.29 0.96
N THR E 381 -25.36 55.52 0.64
CA THR E 381 -25.68 56.37 -0.47
C THR E 381 -25.31 57.84 -0.16
N LEU E 382 -25.42 58.25 1.09
CA LEU E 382 -25.08 59.61 1.45
C LEU E 382 -23.58 59.86 1.38
N ALA E 383 -22.78 58.81 1.58
CA ALA E 383 -21.33 58.98 1.53
C ALA E 383 -20.91 59.44 0.12
N ASP E 384 -21.48 58.81 -0.90
CA ASP E 384 -21.11 59.21 -2.25
C ASP E 384 -21.79 60.51 -2.64
N ALA E 385 -23.02 60.74 -2.17
CA ALA E 385 -23.66 62.02 -2.42
C ALA E 385 -22.90 63.18 -1.76
N LEU E 386 -22.34 62.96 -0.56
CA LEU E 386 -21.61 64.02 0.12
C LEU E 386 -20.30 64.34 -0.60
N VAL E 387 -19.60 63.31 -1.07
CA VAL E 387 -18.37 63.51 -1.84
C VAL E 387 -18.63 64.31 -3.10
N TYR E 388 -19.70 63.93 -3.80
CA TYR E 388 -20.12 64.61 -5.00
C TYR E 388 -20.45 66.05 -4.67
N ALA E 389 -21.09 66.28 -3.52
CA ALA E 389 -21.45 67.64 -3.14
C ALA E 389 -20.20 68.49 -2.89
N GLU E 390 -19.23 67.94 -2.19
CA GLU E 390 -18.03 68.70 -1.85
C GLU E 390 -17.21 69.04 -3.12
N LYS E 391 -17.18 68.14 -4.10
CA LYS E 391 -16.50 68.41 -5.36
C LYS E 391 -17.13 69.58 -6.14
N LEU E 392 -18.30 70.03 -5.73
CA LEU E 392 -18.95 71.20 -6.35
C LEU E 392 -18.34 72.55 -5.92
N GLY E 393 -17.63 72.56 -4.80
CA GLY E 393 -17.09 73.80 -4.27
C GLY E 393 -18.16 74.71 -3.68
N VAL E 394 -18.90 74.22 -2.70
CA VAL E 394 -19.96 75.01 -2.10
C VAL E 394 -19.53 75.54 -0.74
N ASP E 395 -20.36 76.39 -0.14
CA ASP E 395 -20.06 76.94 1.17
C ASP E 395 -20.68 76.10 2.29
N TYR E 396 -21.90 75.65 2.06
CA TYR E 396 -22.56 74.78 3.01
C TYR E 396 -23.06 73.52 2.32
N ILE E 397 -22.90 72.39 3.00
CA ILE E 397 -23.58 71.14 2.66
C ILE E 397 -24.57 70.83 3.78
N VAL E 398 -25.85 70.73 3.44
CA VAL E 398 -26.85 70.36 4.42
C VAL E 398 -27.58 69.14 3.94
N ASP E 399 -27.56 68.05 4.71
CA ASP E 399 -28.31 66.87 4.27
C ASP E 399 -29.47 66.62 5.23
N ILE E 400 -30.49 65.98 4.70
CA ILE E 400 -31.71 65.68 5.41
C ILE E 400 -32.10 64.26 5.02
N ALA E 401 -32.46 63.44 6.01
CA ALA E 401 -32.52 61.99 5.81
C ALA E 401 -33.28 61.26 6.91
N THR E 402 -34.08 60.28 6.50
CA THR E 402 -34.69 59.30 7.42
C THR E 402 -33.67 58.22 7.80
N LEU E 403 -32.70 58.58 8.61
CA LEU E 403 -31.50 57.77 8.71
C LEU E 403 -31.53 56.66 9.79
N THR E 404 -31.92 56.97 11.01
CA THR E 404 -31.82 56.00 12.12
C THR E 404 -33.07 55.91 12.98
N GLY E 405 -33.54 54.69 13.22
CA GLY E 405 -34.72 54.48 14.05
C GLY E 405 -34.57 55.05 15.46
N ALA E 406 -33.32 55.14 15.92
CA ALA E 406 -33.05 55.60 17.28
C ALA E 406 -33.65 56.98 17.60
N MET E 407 -33.86 57.81 16.58
CA MET E 407 -34.42 59.14 16.80
C MET E 407 -35.78 59.12 17.52
N LEU E 408 -36.51 58.02 17.36
CA LEU E 408 -37.78 57.89 18.05
C LEU E 408 -37.57 57.77 19.55
N TYR E 409 -36.38 57.33 19.92
CA TYR E 409 -36.06 57.11 21.33
C TYR E 409 -35.38 58.32 21.94
N SER E 410 -34.81 59.20 21.12
CA SER E 410 -34.14 60.39 21.63
C SER E 410 -35.05 61.63 21.58
N LEU E 411 -35.56 61.99 20.41
CA LEU E 411 -36.41 63.17 20.32
C LEU E 411 -37.88 62.83 20.08
N GLY E 412 -38.15 61.64 19.55
CA GLY E 412 -39.52 61.23 19.29
C GLY E 412 -40.00 61.59 17.88
N THR E 413 -41.27 61.94 17.78
CA THR E 413 -41.90 62.21 16.49
C THR E 413 -42.05 63.69 16.21
N SER E 414 -41.72 64.53 17.19
CA SER E 414 -41.91 65.96 17.05
C SER E 414 -40.67 66.69 16.58
N TYR E 415 -39.52 66.38 17.16
CA TYR E 415 -38.30 67.15 16.87
C TYR E 415 -37.36 66.33 16.02
N ALA E 416 -36.74 66.97 15.04
CA ALA E 416 -35.69 66.32 14.30
C ALA E 416 -34.36 66.64 14.97
N GLY E 417 -33.36 65.81 14.73
CA GLY E 417 -32.04 66.06 15.25
C GLY E 417 -31.17 66.69 14.16
N VAL E 418 -30.27 67.57 14.57
CA VAL E 418 -29.30 68.12 13.66
C VAL E 418 -27.90 67.93 14.27
N PHE E 419 -27.03 67.37 13.44
CA PHE E 419 -25.65 67.08 13.79
C PHE E 419 -24.79 67.85 12.81
N GLY E 420 -23.55 68.16 13.17
CA GLY E 420 -22.72 68.94 12.27
C GLY E 420 -21.29 69.15 12.71
N ASN E 421 -20.46 69.63 11.78
CA ASN E 421 -19.04 69.84 12.05
C ASN E 421 -18.71 71.33 12.19
N ASN E 422 -19.75 72.15 12.22
CA ASN E 422 -19.58 73.59 12.14
C ASN E 422 -20.74 74.28 12.86
N GLU E 423 -20.40 75.14 13.81
CA GLU E 423 -21.36 75.73 14.74
C GLU E 423 -22.13 76.91 14.13
N GLU E 424 -21.47 77.69 13.28
CA GLU E 424 -22.16 78.74 12.53
C GLU E 424 -23.33 78.14 11.78
N LEU E 425 -23.03 77.10 11.00
CA LEU E 425 -24.04 76.44 10.18
C LEU E 425 -25.17 75.89 11.04
N ILE E 426 -24.82 75.20 12.12
CA ILE E 426 -25.83 74.61 13.00
C ILE E 426 -26.75 75.68 13.58
N ASN E 427 -26.17 76.83 13.96
CA ASN E 427 -27.01 77.91 14.48
C ASN E 427 -27.90 78.51 13.39
N LYS E 428 -27.46 78.45 12.14
CA LYS E 428 -28.34 78.84 11.03
C LYS E 428 -29.49 77.85 10.87
N ILE E 429 -29.18 76.55 10.93
CA ILE E 429 -30.22 75.52 10.84
C ILE E 429 -31.21 75.74 11.97
N LEU E 430 -30.67 76.03 13.16
CA LEU E 430 -31.47 76.24 14.35
C LEU E 430 -32.39 77.44 14.21
N GLN E 431 -31.84 78.53 13.69
CA GLN E 431 -32.60 79.73 13.42
C GLN E 431 -33.70 79.47 12.36
N SER E 432 -33.33 78.74 11.31
CA SER E 432 -34.31 78.31 10.30
C SER E 432 -35.45 77.52 10.92
N SER E 433 -35.11 76.71 11.93
CA SER E 433 -36.11 75.94 12.65
C SER E 433 -37.11 76.85 13.36
N LYS E 434 -36.59 77.90 14.00
CA LYS E 434 -37.44 78.89 14.68
C LYS E 434 -38.38 79.64 13.73
N THR E 435 -37.87 80.10 12.59
CA THR E 435 -38.70 80.94 11.69
C THR E 435 -39.65 80.14 10.81
N SER E 436 -39.33 78.85 10.60
CA SER E 436 -40.18 77.97 9.82
C SER E 436 -41.19 77.20 10.68
N ASN E 437 -40.93 77.19 11.98
CA ASN E 437 -41.75 76.46 12.94
C ASN E 437 -41.71 74.94 12.68
N GLU E 438 -40.61 74.49 12.11
CA GLU E 438 -40.32 73.08 11.99
C GLU E 438 -39.27 72.77 13.02
N PRO E 439 -39.69 72.18 14.15
CA PRO E 439 -38.88 72.01 15.36
C PRO E 439 -37.70 71.05 15.20
N VAL E 440 -36.49 71.56 15.45
CA VAL E 440 -35.25 70.80 15.36
C VAL E 440 -34.43 70.97 16.65
N TRP E 441 -33.65 69.94 17.04
CA TRP E 441 -32.78 70.04 18.21
C TRP E 441 -31.35 69.60 17.94
N TRP E 442 -30.39 70.35 18.48
CA TRP E 442 -28.99 70.06 18.23
C TRP E 442 -28.48 68.88 19.07
N LEU E 443 -27.95 67.87 18.38
CA LEU E 443 -27.41 66.67 19.03
C LEU E 443 -25.92 66.55 18.71
N PRO E 444 -25.13 65.94 19.62
CA PRO E 444 -23.68 66.03 19.47
C PRO E 444 -23.07 64.92 18.62
N ILE E 445 -21.98 65.22 17.94
CA ILE E 445 -21.17 64.18 17.33
C ILE E 445 -20.04 63.86 18.30
N ILE E 446 -20.15 62.74 19.01
CA ILE E 446 -19.23 62.42 20.09
C ILE E 446 -18.05 61.62 19.58
N ASN E 447 -16.86 62.23 19.63
CA ASN E 447 -15.71 61.62 18.97
C ASN E 447 -15.15 60.40 19.64
N GLU E 448 -15.44 60.22 20.93
CA GLU E 448 -15.01 59.02 21.65
C GLU E 448 -15.55 57.75 20.99
N TYR E 449 -16.66 57.87 20.24
CA TYR E 449 -17.27 56.71 19.60
C TYR E 449 -16.60 56.33 18.28
N ARG E 450 -15.81 57.25 17.73
CA ARG E 450 -15.20 57.05 16.41
C ARG E 450 -14.42 55.76 16.29
N ALA E 451 -13.80 55.32 17.38
CA ALA E 451 -12.95 54.13 17.34
C ALA E 451 -13.73 52.84 16.99
N THR E 452 -15.04 52.83 17.26
CA THR E 452 -15.85 51.64 16.96
C THR E 452 -16.07 51.43 15.48
N LEU E 453 -15.71 52.42 14.68
CA LEU E 453 -15.80 52.30 13.24
C LEU E 453 -14.45 51.96 12.62
N ASN E 454 -13.48 51.56 13.44
CA ASN E 454 -12.19 51.12 12.92
C ASN E 454 -12.25 49.66 12.49
N SER E 455 -12.48 49.44 11.21
CA SER E 455 -12.55 48.10 10.66
C SER E 455 -11.22 47.39 10.76
N LYS E 456 -11.27 46.07 10.87
CA LYS E 456 -10.08 45.25 10.92
C LYS E 456 -9.45 45.11 9.54
N TYR E 457 -10.30 45.13 8.49
CA TYR E 457 -9.85 44.86 7.12
C TYR E 457 -9.99 46.05 6.15
N ALA E 458 -11.05 46.83 6.33
CA ALA E 458 -11.30 47.97 5.47
C ALA E 458 -10.85 49.23 6.18
N ASP E 459 -10.91 50.36 5.47
CA ASP E 459 -10.62 51.64 6.08
C ASP E 459 -11.58 51.91 7.22
N ILE E 460 -12.86 51.73 6.96
CA ILE E 460 -13.87 52.09 7.96
C ILE E 460 -15.03 51.07 8.02
N ASN E 461 -15.69 51.03 9.16
CA ASN E 461 -16.91 50.28 9.37
C ASN E 461 -18.13 51.12 9.02
N GLN E 462 -19.13 50.49 8.41
CA GLN E 462 -20.40 51.15 8.23
C GLN E 462 -21.12 51.29 9.58
N ILE E 463 -21.07 50.26 10.41
CA ILE E 463 -21.75 50.32 11.72
C ILE E 463 -20.87 49.94 12.88
N SER E 464 -21.34 50.29 14.07
CA SER E 464 -20.70 49.84 15.30
C SER E 464 -21.32 48.53 15.77
N SER E 465 -20.49 47.60 16.21
CA SER E 465 -21.01 46.37 16.81
C SER E 465 -21.18 46.50 18.32
N SER E 466 -20.75 47.64 18.89
CA SER E 466 -20.84 47.85 20.34
C SER E 466 -21.71 49.06 20.72
N VAL E 467 -21.35 50.26 20.27
CA VAL E 467 -22.08 51.48 20.66
C VAL E 467 -23.54 51.50 20.19
N LYS E 468 -24.45 51.90 21.07
CA LYS E 468 -25.88 51.90 20.76
C LYS E 468 -26.42 53.27 20.32
N ALA E 469 -25.61 54.32 20.48
CA ALA E 469 -26.05 55.65 20.06
C ALA E 469 -25.93 55.76 18.54
N SER E 470 -26.91 55.17 17.86
CA SER E 470 -26.83 54.96 16.43
C SER E 470 -26.87 56.24 15.62
N SER E 471 -27.68 57.18 16.05
CA SER E 471 -27.83 58.43 15.30
C SER E 471 -26.52 59.22 15.35
N ILE E 472 -25.75 59.02 16.42
CA ILE E 472 -24.46 59.67 16.56
C ILE E 472 -23.38 58.91 15.77
N VAL E 473 -23.42 57.58 15.81
CA VAL E 473 -22.45 56.79 15.04
C VAL E 473 -22.59 57.04 13.53
N ALA E 474 -23.82 57.10 13.05
CA ALA E 474 -24.09 57.43 11.64
C ALA E 474 -23.54 58.82 11.28
N SER E 475 -23.78 59.81 12.15
CA SER E 475 -23.19 61.14 11.98
C SER E 475 -21.66 61.05 11.89
N LEU E 476 -21.06 60.18 12.69
CA LEU E 476 -19.62 60.03 12.66
C LEU E 476 -19.15 59.43 11.33
N PHE E 477 -19.93 58.50 10.80
CA PHE E 477 -19.59 57.86 9.54
C PHE E 477 -19.70 58.86 8.39
N LEU E 478 -20.78 59.65 8.37
CA LEU E 478 -21.00 60.65 7.33
C LEU E 478 -19.96 61.77 7.42
N LYS E 479 -19.43 62.01 8.62
CA LYS E 479 -18.41 63.05 8.77
C LYS E 479 -17.16 62.70 7.99
N GLU E 480 -16.87 61.41 7.89
CA GLU E 480 -15.67 60.96 7.20
C GLU E 480 -15.63 61.33 5.72
N PHE E 481 -16.79 61.64 5.14
CA PHE E 481 -16.87 61.90 3.72
C PHE E 481 -16.97 63.39 3.38
N VAL E 482 -16.71 64.23 4.38
CA VAL E 482 -16.68 65.68 4.18
C VAL E 482 -15.40 66.24 4.78
N GLN E 483 -14.49 66.70 3.90
CA GLN E 483 -13.10 66.94 4.28
C GLN E 483 -12.78 68.34 4.79
N ASN E 484 -13.37 69.36 4.18
CA ASN E 484 -13.03 70.72 4.53
C ASN E 484 -14.16 71.70 4.22
N THR E 485 -15.39 71.29 4.50
CA THR E 485 -16.56 72.09 4.18
C THR E 485 -17.55 72.10 5.33
N ALA E 486 -18.12 73.27 5.62
CA ALA E 486 -19.17 73.37 6.61
C ALA E 486 -20.35 72.45 6.24
N TRP E 487 -20.74 71.58 7.16
CA TRP E 487 -21.74 70.57 6.89
C TRP E 487 -22.66 70.29 8.09
N ALA E 488 -23.95 70.20 7.81
CA ALA E 488 -24.93 69.79 8.82
C ALA E 488 -25.82 68.65 8.28
N HIS E 489 -26.37 67.87 9.22
CA HIS E 489 -27.10 66.65 8.93
C HIS E 489 -28.37 66.64 9.78
N ILE E 490 -29.53 66.53 9.13
CA ILE E 490 -30.79 66.58 9.83
C ILE E 490 -31.47 65.21 9.74
N ASP E 491 -31.52 64.48 10.85
CA ASP E 491 -32.12 63.13 10.86
C ASP E 491 -33.61 63.22 11.14
N ILE E 492 -34.41 62.86 10.14
CA ILE E 492 -35.86 63.05 10.24
C ILE E 492 -36.60 61.70 10.29
N ALA E 493 -35.86 60.64 10.57
CA ALA E 493 -36.42 59.29 10.68
C ALA E 493 -37.63 59.21 11.62
N GLY E 494 -37.56 59.96 12.72
CA GLY E 494 -38.64 59.93 13.68
C GLY E 494 -39.80 60.84 13.34
N VAL E 495 -39.54 61.93 12.63
CA VAL E 495 -40.56 62.97 12.48
C VAL E 495 -41.22 62.98 11.15
N SER E 496 -40.76 62.15 10.23
CA SER E 496 -41.21 62.27 8.85
C SER E 496 -42.68 61.83 8.64
N TRP E 497 -43.14 60.85 9.39
CA TRP E 497 -44.48 60.29 9.17
C TRP E 497 -45.44 60.65 10.30
N ASN E 498 -46.59 61.22 9.96
CA ASN E 498 -47.65 61.48 10.95
C ASN E 498 -48.47 60.20 11.25
N PHE E 499 -48.11 59.48 12.30
CA PHE E 499 -48.71 58.17 12.57
C PHE E 499 -50.17 58.30 12.95
N LYS E 500 -50.48 59.33 13.72
CA LYS E 500 -51.84 59.58 14.13
C LYS E 500 -52.73 59.83 12.90
N ALA E 501 -52.27 60.64 11.96
CA ALA E 501 -53.09 61.03 10.82
C ALA E 501 -52.93 60.13 9.59
N ARG E 502 -51.97 59.20 9.63
CA ARG E 502 -51.80 58.20 8.58
C ARG E 502 -51.38 58.82 7.23
N LYS E 503 -50.55 59.85 7.30
CA LYS E 503 -50.07 60.56 6.11
C LYS E 503 -48.71 61.18 6.42
N PRO E 504 -47.96 61.61 5.37
CA PRO E 504 -46.66 62.27 5.59
C PRO E 504 -46.78 63.68 6.19
N LYS E 505 -45.65 64.23 6.63
CA LYS E 505 -45.63 65.60 7.14
C LYS E 505 -45.12 66.60 6.10
N GLY E 506 -44.35 66.13 5.14
CA GLY E 506 -43.65 67.04 4.25
C GLY E 506 -42.63 67.84 5.06
N PHE E 507 -42.21 67.27 6.19
CA PHE E 507 -41.24 67.90 7.08
C PHE E 507 -39.92 68.24 6.38
N GLY E 508 -39.46 69.47 6.57
CA GLY E 508 -38.14 69.85 6.09
C GLY E 508 -38.16 70.87 4.97
N VAL E 509 -39.22 70.83 4.15
CA VAL E 509 -39.37 71.77 3.05
C VAL E 509 -39.20 73.22 3.51
N ARG E 510 -40.02 73.62 4.47
CA ARG E 510 -40.02 74.99 4.94
C ARG E 510 -38.71 75.35 5.69
N LEU E 511 -38.22 74.41 6.49
CA LEU E 511 -36.95 74.57 7.17
C LEU E 511 -35.79 74.79 6.20
N LEU E 512 -35.75 74.01 5.13
CA LEU E 512 -34.68 74.19 4.14
C LEU E 512 -34.90 75.48 3.33
N THR E 513 -36.14 75.89 3.14
CA THR E 513 -36.38 77.11 2.39
C THR E 513 -35.99 78.33 3.21
N GLU E 514 -36.35 78.33 4.50
CA GLU E 514 -36.03 79.45 5.37
C GLU E 514 -34.52 79.63 5.46
N PHE E 515 -33.81 78.51 5.49
CA PHE E 515 -32.35 78.52 5.51
C PHE E 515 -31.80 79.16 4.22
N VAL E 516 -32.38 78.77 3.09
CA VAL E 516 -32.02 79.32 1.79
C VAL E 516 -32.35 80.81 1.70
N LEU E 517 -33.53 81.20 2.16
CA LEU E 517 -33.98 82.58 2.02
C LEU E 517 -33.31 83.54 3.01
N ASN E 518 -33.14 83.09 4.24
CA ASN E 518 -32.70 83.97 5.33
C ASN E 518 -31.32 83.59 5.85
N SER F 2 -12.62 30.70 -15.35
CA SER F 2 -13.93 31.26 -15.64
C SER F 2 -14.02 32.76 -15.36
N GLU F 3 -14.91 33.44 -16.09
CA GLU F 3 -15.14 34.86 -15.87
C GLU F 3 -16.12 35.10 -14.73
N VAL F 4 -15.69 35.88 -13.75
CA VAL F 4 -16.53 36.24 -12.63
C VAL F 4 -17.61 37.23 -13.06
N PRO F 5 -18.88 36.84 -12.94
CA PRO F 5 -19.96 37.78 -13.31
C PRO F 5 -20.03 39.01 -12.39
N GLN F 6 -20.55 40.12 -12.92
CA GLN F 6 -20.66 41.38 -12.20
C GLN F 6 -22.04 41.94 -12.33
N VAL F 7 -22.49 42.69 -11.33
CA VAL F 7 -23.75 43.39 -11.46
C VAL F 7 -23.45 44.79 -11.97
N VAL F 8 -22.43 45.41 -11.38
CA VAL F 8 -21.96 46.73 -11.79
C VAL F 8 -20.48 46.64 -12.11
N SER F 9 -19.94 47.61 -12.85
CA SER F 9 -18.54 47.55 -13.28
C SER F 9 -17.54 47.63 -12.12
N LEU F 10 -17.97 48.20 -11.00
CA LEU F 10 -17.13 48.29 -9.81
C LEU F 10 -17.01 46.97 -9.03
N ASP F 11 -17.77 45.94 -9.40
CA ASP F 11 -17.67 44.65 -8.71
C ASP F 11 -16.32 43.99 -8.99
N PRO F 12 -15.68 43.45 -7.94
CA PRO F 12 -14.36 42.81 -8.06
C PRO F 12 -14.44 41.49 -8.83
N THR F 13 -13.36 41.12 -9.51
CA THR F 13 -13.37 39.88 -10.29
C THR F 13 -12.29 38.90 -9.86
N SER F 14 -11.70 39.13 -8.70
CA SER F 14 -10.70 38.19 -8.20
C SER F 14 -10.50 38.37 -6.71
N ILE F 15 -9.95 37.36 -6.04
CA ILE F 15 -9.54 37.48 -4.66
C ILE F 15 -8.11 37.99 -4.63
N PRO F 16 -7.87 39.12 -3.98
CA PRO F 16 -6.47 39.52 -3.79
C PRO F 16 -5.77 38.57 -2.82
N ILE F 17 -4.63 38.05 -3.25
CA ILE F 17 -3.88 37.08 -2.46
C ILE F 17 -2.44 37.53 -2.34
N GLU F 18 -1.93 37.57 -1.11
CA GLU F 18 -0.51 37.81 -0.90
C GLU F 18 0.22 36.49 -0.81
N TYR F 19 1.21 36.28 -1.67
CA TYR F 19 2.01 35.08 -1.58
C TYR F 19 3.33 35.37 -0.88
N ASN F 20 3.99 36.45 -1.27
CA ASN F 20 5.28 36.85 -0.72
C ASN F 20 5.14 37.85 0.42
N THR F 21 5.25 37.36 1.63
CA THR F 21 4.94 38.15 2.81
C THR F 21 6.21 38.48 3.55
N PRO F 22 6.18 39.57 4.34
CA PRO F 22 7.32 40.00 5.16
C PRO F 22 7.88 38.83 5.98
N ILE F 23 7.03 37.89 6.34
CA ILE F 23 7.46 36.73 7.12
C ILE F 23 8.49 35.89 6.36
N HIS F 24 8.30 35.75 5.06
CA HIS F 24 9.21 34.93 4.28
C HIS F 24 10.58 35.57 4.12
N ASP F 25 10.70 36.83 4.54
CA ASP F 25 11.97 37.53 4.48
C ASP F 25 12.68 37.60 5.82
N ILE F 26 12.24 36.80 6.77
CA ILE F 26 12.86 36.77 8.08
C ILE F 26 13.92 35.67 8.17
N LYS F 27 15.16 36.07 8.44
CA LYS F 27 16.25 35.13 8.65
C LYS F 27 16.16 34.54 10.07
N VAL F 28 15.94 33.24 10.18
CA VAL F 28 15.76 32.62 11.49
C VAL F 28 16.95 31.77 11.90
N GLN F 29 17.46 32.01 13.11
CA GLN F 29 18.64 31.28 13.59
C GLN F 29 18.48 30.75 15.02
N VAL F 30 18.78 29.47 15.21
CA VAL F 30 18.66 28.88 16.54
C VAL F 30 20.02 28.58 17.17
N TYR F 31 20.18 29.04 18.42
CA TYR F 31 21.41 28.83 19.16
C TYR F 31 21.16 28.01 20.43
N ASP F 32 22.17 27.24 20.84
CA ASP F 32 22.13 26.51 22.11
C ASP F 32 22.45 27.46 23.26
N ILE F 33 21.63 27.43 24.31
CA ILE F 33 21.82 28.29 25.47
C ILE F 33 23.18 28.10 26.15
N LYS F 34 23.70 26.88 26.05
CA LYS F 34 24.94 26.48 26.74
C LYS F 34 26.02 27.57 26.69
N GLY F 35 26.38 28.01 25.49
CA GLY F 35 27.44 28.98 25.32
C GLY F 35 27.03 30.43 25.46
N GLY F 36 26.05 30.70 26.32
CA GLY F 36 25.60 32.07 26.58
C GLY F 36 24.90 32.77 25.43
N CYS F 37 24.25 33.88 25.74
CA CYS F 37 23.50 34.65 24.74
C CYS F 37 24.15 35.99 24.47
N ASN F 38 24.18 36.37 23.19
CA ASN F 38 24.73 37.65 22.77
C ASN F 38 23.65 38.71 22.56
N VAL F 39 23.73 39.79 23.32
CA VAL F 39 22.78 40.89 23.19
C VAL F 39 23.43 42.08 22.50
N GLU F 40 23.28 42.15 21.18
CA GLU F 40 23.97 43.18 20.40
C GLU F 40 23.03 44.17 19.72
N GLU F 41 21.85 43.70 19.29
CA GLU F 41 20.92 44.57 18.58
C GLU F 41 19.46 44.17 18.78
N GLY F 42 18.56 45.11 18.52
CA GLY F 42 17.14 44.82 18.58
C GLY F 42 16.59 44.51 19.95
N LEU F 43 15.55 43.67 19.97
CA LEU F 43 14.86 43.30 21.19
C LEU F 43 15.19 41.87 21.60
N THR F 44 15.63 41.70 22.84
CA THR F 44 15.90 40.37 23.39
C THR F 44 14.85 40.09 24.47
N ILE F 45 14.16 38.96 24.31
CA ILE F 45 13.07 38.59 25.21
C ILE F 45 13.31 37.21 25.83
N PHE F 46 13.17 37.14 27.15
CA PHE F 46 13.36 35.89 27.87
C PHE F 46 12.01 35.28 28.22
N LEU F 47 11.82 34.02 27.83
CA LEU F 47 10.62 33.29 28.22
C LEU F 47 10.87 32.57 29.54
N VAL F 48 10.18 33.02 30.59
CA VAL F 48 10.45 32.56 31.95
C VAL F 48 9.19 32.15 32.73
N ASN F 49 9.36 31.19 33.63
CA ASN F 49 8.28 30.81 34.54
C ASN F 49 8.75 30.81 36.00
N ASN F 50 7.93 30.25 36.88
CA ASN F 50 8.26 30.11 38.30
C ASN F 50 7.36 29.04 38.93
N PRO F 51 7.76 27.76 38.78
CA PRO F 51 7.00 26.63 39.33
C PRO F 51 6.86 26.66 40.85
N GLU F 54 3.42 30.69 41.77
CA GLU F 54 2.16 31.24 41.31
C GLU F 54 2.22 32.76 41.31
N ASN F 55 2.33 33.34 40.10
CA ASN F 55 2.59 34.77 39.92
C ASN F 55 3.82 35.23 40.70
N GLY F 56 4.73 34.30 40.97
CA GLY F 56 5.97 34.60 41.66
C GLY F 56 6.89 35.48 40.84
N PRO F 57 8.11 35.72 41.35
CA PRO F 57 9.03 36.67 40.70
C PRO F 57 9.88 36.09 39.56
N VAL F 58 10.21 36.97 38.62
CA VAL F 58 11.06 36.67 37.48
C VAL F 58 12.52 36.51 37.90
N LYS F 59 13.08 35.34 37.61
CA LYS F 59 14.50 35.11 37.84
C LYS F 59 15.14 34.57 36.56
N ILE F 60 15.94 35.38 35.88
CA ILE F 60 16.54 35.00 34.61
C ILE F 60 17.86 34.24 34.80
N SER F 61 17.90 33.00 34.33
CA SER F 61 19.00 32.09 34.67
C SER F 61 20.17 32.05 33.68
N SER F 62 19.93 32.31 32.40
CA SER F 62 21.01 32.19 31.40
C SER F 62 22.07 33.29 31.53
N LYS F 63 23.30 32.98 31.14
CA LYS F 63 24.38 33.97 31.17
C LYS F 63 24.38 34.86 29.93
N VAL F 64 24.47 36.17 30.15
CA VAL F 64 24.43 37.16 29.09
C VAL F 64 25.79 37.84 28.92
N ASN F 65 26.38 37.70 27.74
CA ASN F 65 27.74 38.18 27.47
C ASN F 65 27.82 39.68 27.27
N ASP F 66 27.39 40.42 28.28
CA ASP F 66 27.35 41.88 28.27
C ASP F 66 27.15 42.38 29.69
N LYS F 67 28.17 43.07 30.21
CA LYS F 67 28.14 43.58 31.58
C LYS F 67 26.93 44.46 31.85
N GLN F 68 26.56 45.30 30.88
CA GLN F 68 25.43 46.21 31.03
C GLN F 68 24.11 45.44 31.20
N VAL F 69 23.84 44.50 30.30
CA VAL F 69 22.59 43.75 30.33
C VAL F 69 22.54 42.80 31.53
N SER F 70 23.69 42.28 31.92
CA SER F 70 23.76 41.33 33.04
C SER F 70 23.39 41.97 34.38
N GLU F 71 23.79 43.23 34.58
CA GLU F 71 23.45 43.94 35.82
C GLU F 71 21.97 44.31 35.84
N PHE F 72 21.42 44.58 34.66
CA PHE F 72 19.98 44.79 34.51
C PHE F 72 19.23 43.52 34.88
N LEU F 73 19.72 42.38 34.39
CA LEU F 73 19.04 41.11 34.62
C LEU F 73 19.38 40.49 35.97
N LYS F 74 20.13 41.23 36.79
CA LYS F 74 20.49 40.79 38.14
C LYS F 74 19.24 40.45 38.93
N ASP F 75 19.32 39.39 39.73
CA ASP F 75 18.16 38.85 40.43
C ASP F 75 17.38 39.87 41.25
N GLU F 76 18.10 40.84 41.82
CA GLU F 76 17.48 41.83 42.70
C GLU F 76 16.61 42.84 41.94
N ASN F 77 17.00 43.19 40.72
CA ASN F 77 16.20 44.10 39.90
C ASN F 77 14.94 43.39 39.41
N MET F 78 15.10 42.15 38.94
CA MET F 78 14.05 41.42 38.25
C MET F 78 12.91 40.95 39.17
N GLU F 79 13.20 40.91 40.47
CA GLU F 79 12.22 40.47 41.46
C GLU F 79 11.02 41.42 41.47
N LYS F 80 11.23 42.64 41.02
CA LYS F 80 10.14 43.63 40.93
C LYS F 80 9.07 43.22 39.92
N PHE F 81 9.36 42.16 39.16
CA PHE F 81 8.44 41.67 38.13
C PHE F 81 7.97 40.23 38.40
N ASN F 82 6.72 39.95 38.05
CA ASN F 82 6.16 38.62 38.27
C ASN F 82 5.90 37.88 36.97
N VAL F 83 5.84 36.56 37.04
CA VAL F 83 5.76 35.70 35.86
C VAL F 83 4.34 35.32 35.45
N LYS F 84 3.35 36.07 35.93
CA LYS F 84 1.96 35.84 35.58
C LYS F 84 1.79 35.68 34.07
N LEU F 85 1.11 34.62 33.65
CA LEU F 85 1.06 34.28 32.23
C LEU F 85 0.55 35.42 31.37
N GLY F 86 1.40 35.89 30.47
CA GLY F 86 1.02 36.91 29.52
C GLY F 86 1.58 38.28 29.84
N THR F 87 2.01 38.48 31.07
CA THR F 87 2.55 39.77 31.43
C THR F 87 3.92 39.95 30.79
N SER F 88 4.23 41.18 30.40
CA SER F 88 5.52 41.49 29.83
C SER F 88 6.02 42.86 30.27
N LYS F 89 7.34 42.99 30.30
CA LYS F 89 7.99 44.27 30.47
C LYS F 89 9.19 44.24 29.54
N HIS F 90 9.61 45.41 29.06
CA HIS F 90 10.83 45.49 28.29
C HIS F 90 11.39 46.90 28.33
N PHE F 91 12.68 47.00 28.63
CA PHE F 91 13.34 48.28 28.83
C PHE F 91 14.41 48.56 27.76
N TYR F 92 14.48 49.81 27.32
CA TYR F 92 15.58 50.24 26.47
C TYR F 92 16.80 50.66 27.29
N MET F 93 17.97 50.20 26.86
CA MET F 93 19.22 50.53 27.54
C MET F 93 20.38 50.52 26.53
N PHE F 94 21.54 51.01 26.96
CA PHE F 94 22.74 50.94 26.14
C PHE F 94 23.62 49.79 26.61
N ASN F 95 24.10 48.99 25.67
CA ASN F 95 24.93 47.84 25.99
C ASN F 95 26.39 48.25 26.15
N ASP F 96 27.29 47.27 26.12
CA ASP F 96 28.71 47.53 26.33
C ASP F 96 29.30 48.51 25.30
N ASN F 97 28.83 48.43 24.06
CA ASN F 97 29.40 49.27 23.00
C ASN F 97 28.49 50.41 22.59
N LYS F 98 27.74 50.93 23.56
CA LYS F 98 26.90 52.11 23.36
C LYS F 98 25.88 51.91 22.24
N ASN F 99 25.50 50.66 22.00
CA ASN F 99 24.40 50.38 21.09
C ASN F 99 23.09 50.40 21.88
N SER F 100 22.05 50.96 21.27
CA SER F 100 20.74 50.98 21.88
C SER F 100 20.09 49.61 21.75
N VAL F 101 19.87 48.95 22.88
CA VAL F 101 19.20 47.64 22.86
C VAL F 101 17.99 47.59 23.79
N ALA F 102 17.08 46.65 23.52
CA ALA F 102 15.91 46.49 24.37
C ALA F 102 15.88 45.09 24.95
N VAL F 103 15.77 45.00 26.27
CA VAL F 103 15.72 43.71 26.95
C VAL F 103 14.45 43.61 27.79
N GLY F 104 13.84 42.44 27.77
CA GLY F 104 12.65 42.20 28.57
C GLY F 104 12.27 40.72 28.69
N TYR F 105 11.09 40.47 29.22
CA TYR F 105 10.67 39.11 29.44
C TYR F 105 9.19 38.96 29.10
N VAL F 106 8.76 37.72 28.96
CA VAL F 106 7.34 37.37 28.97
C VAL F 106 7.15 36.24 29.96
N GLY F 107 6.30 36.46 30.95
CA GLY F 107 6.06 35.44 31.95
C GLY F 107 5.30 34.24 31.41
N CYS F 108 5.80 33.04 31.71
CA CYS F 108 5.14 31.81 31.27
C CYS F 108 4.48 31.04 32.41
N GLY F 109 3.82 31.78 33.30
CA GLY F 109 3.05 31.19 34.37
C GLY F 109 3.85 30.36 35.35
N SER F 110 3.17 29.47 36.04
CA SER F 110 3.80 28.70 37.10
C SER F 110 3.78 27.21 36.82
N VAL F 111 3.02 26.80 35.81
CA VAL F 111 3.02 25.41 35.42
C VAL F 111 4.17 25.19 34.43
N ALA F 112 4.80 24.03 34.51
CA ALA F 112 6.01 23.75 33.74
C ALA F 112 5.72 23.32 32.29
N ASP F 113 4.60 22.64 32.07
CA ASP F 113 4.21 22.22 30.73
C ASP F 113 3.01 23.02 30.20
N LEU F 114 3.29 23.98 29.31
CA LEU F 114 2.28 24.88 28.76
C LEU F 114 1.38 24.19 27.74
N SER F 115 0.08 24.45 27.81
CA SER F 115 -0.82 24.01 26.77
C SER F 115 -0.67 24.92 25.54
N GLU F 116 -1.32 24.56 24.44
CA GLU F 116 -1.29 25.39 23.25
C GLU F 116 -1.96 26.73 23.55
N ALA F 117 -2.94 26.73 24.45
CA ALA F 117 -3.67 27.94 24.84
C ALA F 117 -2.78 28.95 25.58
N ASP F 118 -2.01 28.48 26.55
CA ASP F 118 -1.05 29.33 27.26
C ASP F 118 0.03 29.85 26.31
N MET F 119 0.54 28.97 25.46
CA MET F 119 1.53 29.32 24.44
C MET F 119 1.03 30.45 23.52
N LYS F 120 -0.24 30.38 23.12
CA LYS F 120 -0.83 31.47 22.37
C LYS F 120 -0.73 32.76 23.15
N ARG F 121 -0.93 32.69 24.47
CA ARG F 121 -0.94 33.90 25.27
C ARG F 121 0.47 34.47 25.39
N VAL F 122 1.47 33.61 25.45
CA VAL F 122 2.85 34.06 25.43
C VAL F 122 3.14 34.78 24.12
N VAL F 123 2.71 34.18 23.01
CA VAL F 123 3.06 34.67 21.69
C VAL F 123 2.40 36.02 21.43
N LEU F 124 1.16 36.16 21.88
CA LEU F 124 0.43 37.40 21.67
C LEU F 124 1.12 38.57 22.36
N SER F 125 1.49 38.39 23.61
CA SER F 125 2.14 39.44 24.38
C SER F 125 3.50 39.76 23.77
N LEU F 126 4.08 38.75 23.12
CA LEU F 126 5.33 38.91 22.40
C LEU F 126 5.12 39.69 21.10
N VAL F 127 4.01 39.41 20.42
CA VAL F 127 3.70 40.07 19.16
C VAL F 127 3.34 41.54 19.40
N THR F 128 2.65 41.80 20.50
CA THR F 128 2.30 43.15 20.92
C THR F 128 3.49 44.10 20.95
N MET F 129 4.61 43.64 21.51
CA MET F 129 5.82 44.44 21.57
C MET F 129 6.40 44.62 20.18
N LEU F 130 6.36 43.58 19.36
CA LEU F 130 6.85 43.68 17.99
C LEU F 130 6.09 44.73 17.18
N HIS F 131 4.79 44.84 17.44
CA HIS F 131 3.96 45.82 16.75
C HIS F 131 4.25 47.24 17.23
N ASP F 132 4.70 47.36 18.47
CA ASP F 132 4.92 48.66 19.08
C ASP F 132 6.38 49.12 19.00
N ASN F 133 7.22 48.38 18.28
CA ASN F 133 8.64 48.74 18.23
C ASN F 133 9.27 48.48 16.87
N LYS F 134 9.95 49.50 16.35
CA LYS F 134 10.69 49.37 15.09
C LYS F 134 11.97 48.62 15.37
N LEU F 135 12.01 47.34 15.03
CA LEU F 135 13.13 46.48 15.36
C LEU F 135 13.69 45.84 14.10
N SER F 136 14.99 45.56 14.11
CA SER F 136 15.61 44.87 12.99
C SER F 136 15.71 43.40 13.32
N LYS F 137 15.57 43.09 14.60
CA LYS F 137 15.89 41.76 15.08
C LYS F 137 15.23 41.45 16.42
N LEU F 138 14.50 40.33 16.45
CA LEU F 138 13.98 39.80 17.70
C LEU F 138 14.80 38.60 18.13
N THR F 139 15.20 38.57 19.40
CA THR F 139 15.83 37.41 19.97
C THR F 139 14.97 36.87 21.10
N VAL F 140 14.68 35.58 21.06
CA VAL F 140 13.86 34.96 22.08
C VAL F 140 14.69 33.93 22.83
N VAL F 141 14.81 34.09 24.14
CA VAL F 141 15.50 33.08 24.95
C VAL F 141 14.52 32.18 25.71
N PHE F 142 14.62 30.88 25.46
CA PHE F 142 13.76 29.88 26.08
C PHE F 142 14.32 29.35 27.39
N GLU F 143 13.89 29.91 28.51
CA GLU F 143 14.26 29.32 29.79
C GLU F 143 13.07 28.55 30.33
N ILE F 144 12.44 27.78 29.44
CA ILE F 144 11.33 26.91 29.75
C ILE F 144 11.49 25.64 28.91
N ASN F 145 10.70 24.61 29.18
CA ASN F 145 10.79 23.38 28.41
C ASN F 145 9.66 23.20 27.38
N VAL F 146 10.04 22.93 26.13
CA VAL F 146 9.05 22.70 25.08
C VAL F 146 9.37 21.50 24.20
N ASP F 147 8.32 20.84 23.72
CA ASP F 147 8.41 19.84 22.66
C ASP F 147 8.90 20.47 21.38
N LYS F 148 9.42 19.64 20.47
CA LYS F 148 9.66 20.09 19.11
C LYS F 148 8.36 20.57 18.47
N ASN F 149 7.26 19.85 18.73
CA ASN F 149 5.94 20.21 18.22
C ASN F 149 5.49 21.55 18.76
N LEU F 150 5.65 21.73 20.07
CA LEU F 150 5.29 22.98 20.73
C LEU F 150 6.23 24.11 20.29
N PHE F 151 7.50 23.77 20.04
CA PHE F 151 8.44 24.75 19.51
C PHE F 151 8.00 25.22 18.14
N ARG F 152 7.63 24.26 17.28
CA ARG F 152 7.13 24.61 15.96
C ARG F 152 5.87 25.46 16.10
N PHE F 153 5.01 25.06 17.03
CA PHE F 153 3.76 25.79 17.28
C PHE F 153 4.04 27.25 17.65
N PHE F 154 5.09 27.45 18.45
CA PHE F 154 5.52 28.79 18.85
C PHE F 154 5.75 29.66 17.62
N LEU F 155 6.57 29.15 16.70
CA LEU F 155 6.92 29.89 15.49
C LEU F 155 5.71 30.19 14.62
N GLU F 156 4.98 29.15 14.25
CA GLU F 156 3.76 29.29 13.45
C GLU F 156 2.87 30.41 13.95
N THR F 157 2.62 30.38 15.25
CA THR F 157 1.71 31.32 15.89
C THR F 157 2.30 32.72 15.88
N LEU F 158 3.60 32.78 16.18
CA LEU F 158 4.36 34.01 16.13
C LEU F 158 4.23 34.67 14.76
N PHE F 159 4.55 33.93 13.71
CA PHE F 159 4.47 34.41 12.32
C PHE F 159 3.06 34.85 11.96
N TYR F 160 2.10 33.98 12.26
CA TYR F 160 0.72 34.20 11.89
C TYR F 160 0.14 35.44 12.55
N GLU F 161 0.41 35.60 13.84
CA GLU F 161 -0.14 36.74 14.56
C GLU F 161 0.65 38.02 14.24
N TYR F 162 1.94 37.88 13.98
CA TYR F 162 2.79 39.02 13.59
C TYR F 162 2.28 39.64 12.28
N MET F 163 2.04 38.77 11.30
CA MET F 163 1.61 39.21 9.97
C MET F 163 0.27 39.95 10.07
N THR F 164 0.12 41.00 9.28
CA THR F 164 -1.09 41.81 9.28
C THR F 164 -1.66 41.85 7.85
N ASP F 165 -2.97 41.67 7.71
CA ASP F 165 -3.61 41.59 6.40
C ASP F 165 -4.18 42.94 5.99
N GLU F 166 -3.50 43.64 5.07
CA GLU F 166 -3.94 44.99 4.70
C GLU F 166 -4.48 45.08 3.28
N ARG F 167 -4.77 43.93 2.67
CA ARG F 167 -5.29 43.84 1.31
C ARG F 167 -6.47 44.77 1.02
N PHE F 168 -7.28 45.08 2.03
CA PHE F 168 -8.49 45.85 1.74
C PHE F 168 -8.39 47.25 2.27
N LYS F 169 -7.19 47.61 2.71
CA LYS F 169 -6.87 48.95 3.16
C LYS F 169 -6.50 49.80 1.95
N SER F 170 -6.70 51.11 2.04
CA SER F 170 -6.40 52.01 0.94
C SER F 170 -5.15 52.82 1.22
N GLU F 178 8.94 47.70 7.83
CA GLU F 178 8.17 47.75 9.06
C GLU F 178 8.42 46.53 9.97
N TYR F 179 8.70 45.39 9.35
CA TYR F 179 8.85 44.09 10.02
C TYR F 179 10.30 43.78 10.39
N ILE F 180 10.54 42.91 11.37
CA ILE F 180 11.91 42.47 11.65
C ILE F 180 12.48 41.77 10.43
N LYS F 181 13.81 41.76 10.31
CA LYS F 181 14.44 41.02 9.24
C LYS F 181 15.17 39.79 9.79
N HIS F 182 15.35 39.75 11.11
CA HIS F 182 16.09 38.66 11.76
C HIS F 182 15.43 38.19 13.06
N LEU F 183 15.42 36.88 13.24
CA LEU F 183 14.90 36.30 14.46
C LEU F 183 15.92 35.33 15.04
N GLY F 184 16.30 35.57 16.30
CA GLY F 184 17.23 34.71 16.98
C GLY F 184 16.51 33.93 18.06
N VAL F 185 16.83 32.65 18.17
CA VAL F 185 16.23 31.79 19.19
C VAL F 185 17.31 31.05 19.99
N TYR F 186 17.38 31.31 21.29
CA TYR F 186 18.30 30.55 22.15
C TYR F 186 17.52 29.47 22.88
N ILE F 187 17.91 28.22 22.68
CA ILE F 187 17.18 27.11 23.28
C ILE F 187 18.12 25.94 23.62
N ASN F 188 17.77 25.20 24.66
CA ASN F 188 18.49 23.97 25.01
C ASN F 188 18.41 22.95 23.89
N ASN F 189 19.54 22.31 23.59
CA ASN F 189 19.62 21.30 22.53
C ASN F 189 19.19 21.82 21.19
N ALA F 190 19.76 22.96 20.81
CA ALA F 190 19.40 23.70 19.61
C ALA F 190 19.25 22.81 18.37
N ASP F 191 20.15 21.85 18.23
CA ASP F 191 20.20 21.03 17.01
C ASP F 191 18.94 20.20 16.77
N THR F 192 18.24 19.82 17.82
CA THR F 192 17.04 19.02 17.62
C THR F 192 15.84 19.89 17.20
N TYR F 193 15.97 21.21 17.36
CA TYR F 193 14.84 22.08 17.06
C TYR F 193 15.00 22.84 15.74
N LYS F 194 16.10 22.61 15.04
CA LYS F 194 16.43 23.41 13.84
C LYS F 194 15.58 23.06 12.62
N GLU F 195 15.20 21.80 12.48
CA GLU F 195 14.40 21.39 11.34
C GLU F 195 12.92 21.78 11.51
N GLU F 196 12.54 22.20 12.70
CA GLU F 196 11.18 22.67 12.95
C GLU F 196 10.94 24.04 12.33
N VAL F 197 12.03 24.74 12.00
CA VAL F 197 11.93 26.15 11.59
C VAL F 197 11.21 26.37 10.26
N GLU F 198 11.64 25.70 9.20
CA GLU F 198 11.00 25.94 7.92
C GLU F 198 9.70 25.15 7.76
N LYS F 199 9.51 24.12 8.59
CA LYS F 199 8.23 23.44 8.63
C LYS F 199 7.21 24.44 9.16
N ALA F 200 7.61 25.17 10.19
CA ALA F 200 6.79 26.21 10.79
C ALA F 200 6.45 27.34 9.81
N ARG F 201 7.42 27.71 9.00
CA ARG F 201 7.23 28.77 8.02
C ARG F 201 6.18 28.35 7.01
N VAL F 202 6.22 27.07 6.62
CA VAL F 202 5.26 26.51 5.69
C VAL F 202 3.86 26.47 6.32
N TYR F 203 3.79 25.94 7.54
CA TYR F 203 2.53 25.87 8.26
C TYR F 203 1.97 27.27 8.46
N TYR F 204 2.84 28.25 8.69
CA TYR F 204 2.36 29.62 8.82
C TYR F 204 1.61 30.02 7.56
N PHE F 205 2.23 29.84 6.42
CA PHE F 205 1.63 30.37 5.23
C PHE F 205 0.38 29.57 4.83
N GLY F 206 0.39 28.26 5.05
CA GLY F 206 -0.80 27.46 4.83
C GLY F 206 -1.96 28.05 5.59
N THR F 207 -1.68 28.40 6.85
CA THR F 207 -2.70 28.94 7.74
C THR F 207 -3.06 30.39 7.36
N TYR F 208 -2.08 31.21 7.02
CA TYR F 208 -2.34 32.60 6.63
C TYR F 208 -3.08 32.66 5.27
N TYR F 209 -2.67 31.80 4.35
CA TYR F 209 -3.39 31.67 3.09
C TYR F 209 -4.88 31.33 3.31
N ALA F 210 -5.18 30.36 4.18
CA ALA F 210 -6.57 30.00 4.41
C ALA F 210 -7.30 31.21 4.99
N SER F 211 -6.60 31.91 5.87
CA SER F 211 -7.16 33.07 6.54
C SER F 211 -7.49 34.17 5.52
N GLN F 212 -6.62 34.39 4.55
CA GLN F 212 -6.89 35.38 3.51
C GLN F 212 -8.20 35.09 2.75
N LEU F 213 -8.44 33.82 2.42
CA LEU F 213 -9.65 33.44 1.72
C LEU F 213 -10.89 33.62 2.60
N ILE F 214 -10.77 33.27 3.88
CA ILE F 214 -11.88 33.37 4.81
C ILE F 214 -12.23 34.83 5.05
N ALA F 215 -11.18 35.63 5.21
CA ALA F 215 -11.32 37.04 5.54
C ALA F 215 -11.88 37.80 4.34
N ALA F 216 -11.49 37.37 3.14
CA ALA F 216 -12.04 37.91 1.90
C ALA F 216 -13.56 37.86 1.93
N PRO F 217 -14.22 39.03 1.82
CA PRO F 217 -15.68 39.16 1.80
C PRO F 217 -16.30 38.47 0.60
N SER F 218 -17.60 38.25 0.67
CA SER F 218 -18.26 37.45 -0.34
C SER F 218 -18.27 38.09 -1.74
N ASN F 219 -18.30 39.42 -1.82
CA ASN F 219 -18.23 40.09 -3.12
C ASN F 219 -16.86 39.97 -3.80
N TYR F 220 -15.81 39.66 -3.04
CA TYR F 220 -14.50 39.33 -3.61
C TYR F 220 -14.35 37.83 -3.82
N CYS F 221 -14.70 37.07 -2.79
CA CYS F 221 -14.56 35.62 -2.78
C CYS F 221 -15.93 34.97 -2.95
N ASN F 222 -16.23 34.58 -4.17
CA ASN F 222 -17.48 33.95 -4.55
C ASN F 222 -17.12 32.60 -5.20
N PRO F 223 -18.13 31.79 -5.61
CA PRO F 223 -17.73 30.48 -6.16
C PRO F 223 -16.78 30.56 -7.37
N VAL F 224 -16.93 31.54 -8.24
CA VAL F 224 -16.06 31.61 -9.41
C VAL F 224 -14.63 32.06 -9.02
N SER F 225 -14.54 33.15 -8.26
CA SER F 225 -13.22 33.69 -7.92
C SER F 225 -12.47 32.76 -6.95
N LEU F 226 -13.19 32.02 -6.11
CA LEU F 226 -12.53 31.11 -5.18
C LEU F 226 -11.98 29.91 -5.94
N SER F 227 -12.72 29.41 -6.93
CA SER F 227 -12.24 28.26 -7.68
C SER F 227 -11.15 28.72 -8.64
N ASN F 228 -11.21 29.99 -9.08
CA ASN F 228 -10.10 30.54 -9.87
C ASN F 228 -8.79 30.56 -9.06
N ALA F 229 -8.89 30.91 -7.78
CA ALA F 229 -7.71 30.97 -6.90
C ALA F 229 -7.13 29.59 -6.63
N ALA F 230 -8.00 28.60 -6.42
CA ALA F 230 -7.55 27.23 -6.25
C ALA F 230 -6.77 26.77 -7.47
N VAL F 231 -7.25 27.14 -8.65
CA VAL F 231 -6.55 26.81 -9.88
C VAL F 231 -5.16 27.48 -9.89
N GLU F 232 -5.13 28.78 -9.66
CA GLU F 232 -3.85 29.52 -9.59
C GLU F 232 -2.91 28.91 -8.52
N LEU F 233 -3.48 28.37 -7.45
CA LEU F 233 -2.64 27.75 -6.43
C LEU F 233 -2.12 26.39 -6.90
N ALA F 234 -2.95 25.67 -7.64
CA ALA F 234 -2.60 24.33 -8.11
C ALA F 234 -1.41 24.44 -9.07
N GLN F 235 -1.38 25.51 -9.89
CA GLN F 235 -0.40 25.56 -11.00
C GLN F 235 0.95 25.98 -10.42
N LYS F 236 0.88 26.79 -9.37
CA LYS F 236 2.08 27.25 -8.67
C LYS F 236 2.76 26.12 -7.91
N LEU F 237 1.97 25.12 -7.51
CA LEU F 237 2.49 23.97 -6.76
C LEU F 237 2.61 22.75 -7.66
N ASN F 238 2.26 22.93 -8.92
CA ASN F 238 2.15 21.83 -9.90
C ASN F 238 1.36 20.64 -9.37
N LEU F 239 0.19 20.93 -8.83
CA LEU F 239 -0.76 19.89 -8.51
C LEU F 239 -1.75 19.76 -9.65
N GLU F 240 -2.05 18.53 -10.02
CA GLU F 240 -3.19 18.20 -10.88
C GLU F 240 -4.43 18.96 -10.41
N TYR F 241 -5.20 19.50 -11.35
CA TYR F 241 -6.45 20.13 -10.96
C TYR F 241 -7.55 19.97 -12.00
N LYS F 242 -8.77 20.23 -11.54
CA LYS F 242 -9.95 19.96 -12.30
C LYS F 242 -11.08 20.74 -11.65
N ILE F 243 -11.65 21.70 -12.37
CA ILE F 243 -12.84 22.40 -11.87
C ILE F 243 -14.07 21.95 -12.64
N LEU F 244 -15.03 21.36 -11.92
CA LEU F 244 -16.26 20.89 -12.56
C LEU F 244 -17.31 21.98 -12.52
N GLY F 245 -17.92 22.24 -13.67
CA GLY F 245 -18.95 23.26 -13.78
C GLY F 245 -20.35 22.68 -13.84
N VAL F 246 -21.32 23.55 -14.03
CA VAL F 246 -22.72 23.16 -13.94
C VAL F 246 -23.09 22.03 -14.91
N LYS F 247 -22.62 22.11 -16.16
CA LYS F 247 -22.95 21.09 -17.16
C LYS F 247 -22.46 19.74 -16.70
N GLU F 248 -21.29 19.73 -16.08
CA GLU F 248 -20.75 18.48 -15.58
C GLU F 248 -21.47 18.01 -14.34
N LEU F 249 -21.74 18.93 -13.42
CA LEU F 249 -22.41 18.58 -12.18
C LEU F 249 -23.81 18.02 -12.47
N GLU F 250 -24.50 18.56 -13.46
CA GLU F 250 -25.80 18.02 -13.86
C GLU F 250 -25.65 16.59 -14.38
N GLU F 251 -24.78 16.36 -15.35
CA GLU F 251 -24.50 15.01 -15.86
C GLU F 251 -24.14 14.02 -14.74
N LEU F 252 -23.47 14.50 -13.70
CA LEU F 252 -23.13 13.64 -12.58
C LEU F 252 -24.33 13.47 -11.64
N LYS F 253 -25.36 14.27 -11.90
CA LYS F 253 -26.64 14.23 -11.18
C LYS F 253 -26.53 14.66 -9.72
N MET F 254 -25.74 15.71 -9.47
CA MET F 254 -25.60 16.22 -8.11
C MET F 254 -26.73 17.22 -7.76
N GLY F 255 -27.92 16.70 -7.53
CA GLY F 255 -29.10 17.52 -7.34
C GLY F 255 -29.18 18.23 -5.99
N ALA F 256 -28.56 17.66 -4.96
CA ALA F 256 -28.58 18.32 -3.67
C ALA F 256 -27.67 19.56 -3.71
N TYR F 257 -26.47 19.38 -4.22
CA TYR F 257 -25.49 20.47 -4.29
C TYR F 257 -25.94 21.54 -5.28
N LEU F 258 -26.52 21.12 -6.41
CA LEU F 258 -26.97 22.09 -7.39
C LEU F 258 -28.13 22.91 -6.89
N SER F 259 -29.00 22.28 -6.09
CA SER F 259 -30.14 22.97 -5.46
C SER F 259 -29.72 24.14 -4.55
N VAL F 260 -28.69 23.90 -3.74
CA VAL F 260 -28.19 24.94 -2.84
C VAL F 260 -27.81 26.19 -3.63
N GLY F 261 -27.22 26.02 -4.82
CA GLY F 261 -26.76 27.16 -5.57
C GLY F 261 -27.70 27.77 -6.62
N LYS F 262 -28.90 27.20 -6.74
CA LYS F 262 -29.88 27.66 -7.72
C LYS F 262 -30.19 29.14 -7.59
N GLY F 263 -30.20 29.64 -6.37
CA GLY F 263 -30.53 31.04 -6.14
C GLY F 263 -29.40 32.03 -6.31
N SER F 264 -28.18 31.56 -6.61
CA SER F 264 -27.03 32.47 -6.72
C SER F 264 -26.71 32.91 -8.18
N MET F 265 -26.22 34.15 -8.32
CA MET F 265 -25.75 34.68 -9.60
C MET F 265 -24.40 34.09 -10.01
N TYR F 266 -23.71 33.46 -9.07
CA TYR F 266 -22.46 32.77 -9.37
C TYR F 266 -22.72 31.28 -9.56
N PRO F 267 -22.31 30.74 -10.71
CA PRO F 267 -22.50 29.31 -11.00
C PRO F 267 -21.71 28.44 -10.03
N ASN F 268 -22.27 27.29 -9.64
CA ASN F 268 -21.54 26.32 -8.82
C ASN F 268 -20.21 25.93 -9.45
N LYS F 269 -19.20 25.74 -8.61
CA LYS F 269 -17.91 25.28 -9.06
C LYS F 269 -17.42 24.23 -8.09
N PHE F 270 -17.23 23.01 -8.59
CA PHE F 270 -16.67 21.94 -7.78
C PHE F 270 -15.17 21.87 -7.97
N ILE F 271 -14.42 22.07 -6.89
CA ILE F 271 -12.95 22.04 -6.94
C ILE F 271 -12.35 20.66 -6.64
N HIS F 272 -11.47 20.20 -7.52
CA HIS F 272 -10.73 18.96 -7.33
C HIS F 272 -9.23 19.12 -7.60
N LEU F 273 -8.41 19.20 -6.55
CA LEU F 273 -6.96 19.17 -6.71
C LEU F 273 -6.41 17.83 -6.27
N THR F 274 -5.23 17.45 -6.76
CA THR F 274 -4.61 16.19 -6.39
C THR F 274 -3.11 16.31 -6.16
N TYR F 275 -2.65 15.75 -5.05
CA TYR F 275 -1.23 15.51 -4.86
C TYR F 275 -0.97 14.00 -4.89
N LYS F 276 0.07 13.60 -5.61
CA LYS F 276 0.52 12.22 -5.55
C LYS F 276 2.00 12.23 -5.23
N SER F 277 2.39 11.50 -4.18
CA SER F 277 3.81 11.39 -3.85
C SER F 277 4.54 10.68 -4.97
N LYS F 278 5.78 11.08 -5.19
CA LYS F 278 6.65 10.34 -6.10
C LYS F 278 6.88 8.97 -5.48
N GLY F 279 6.75 7.92 -6.28
CA GLY F 279 7.05 6.57 -5.81
C GLY F 279 5.86 5.76 -5.34
N ASP F 280 6.14 4.66 -4.66
CA ASP F 280 5.11 3.74 -4.18
C ASP F 280 4.10 4.46 -3.29
N VAL F 281 2.82 4.32 -3.62
CA VAL F 281 1.76 4.94 -2.85
C VAL F 281 1.01 3.89 -2.03
N LYS F 282 0.88 4.15 -0.74
CA LYS F 282 0.35 3.17 0.19
C LYS F 282 -0.99 3.60 0.80
N LYS F 283 -1.32 4.88 0.64
CA LYS F 283 -2.51 5.43 1.25
C LYS F 283 -3.17 6.48 0.36
N LYS F 284 -4.43 6.27 0.03
CA LYS F 284 -5.20 7.23 -0.75
C LYS F 284 -6.20 7.95 0.16
N ILE F 285 -6.25 9.27 0.06
CA ILE F 285 -7.05 10.08 0.97
C ILE F 285 -7.86 11.14 0.23
N ALA F 286 -9.10 11.35 0.66
CA ALA F 286 -9.91 12.44 0.14
C ALA F 286 -10.27 13.40 1.27
N LEU F 287 -9.79 14.64 1.15
CA LEU F 287 -10.13 15.73 2.06
C LEU F 287 -11.19 16.61 1.41
N VAL F 288 -12.32 16.75 2.11
CA VAL F 288 -13.48 17.48 1.63
C VAL F 288 -13.74 18.69 2.51
N GLY F 289 -13.83 19.87 1.91
CA GLY F 289 -14.11 21.06 2.68
C GLY F 289 -15.44 21.65 2.25
N LYS F 290 -16.23 22.07 3.23
CA LYS F 290 -17.43 22.82 2.95
C LYS F 290 -17.06 24.19 2.36
N GLY F 291 -17.64 24.53 1.21
CA GLY F 291 -17.32 25.79 0.56
C GLY F 291 -18.52 26.67 0.22
N ILE F 292 -19.19 27.18 1.23
CA ILE F 292 -20.28 28.12 1.00
C ILE F 292 -19.75 29.54 1.16
N THR F 293 -19.61 30.27 0.07
CA THR F 293 -18.88 31.53 0.10
C THR F 293 -19.69 32.66 0.73
N PHE F 294 -21.00 32.53 0.72
CA PHE F 294 -21.85 33.32 1.61
C PHE F 294 -23.09 32.53 1.97
N ASP F 295 -23.39 32.48 3.26
CA ASP F 295 -24.58 31.76 3.71
C ASP F 295 -25.63 32.71 4.28
N SER F 296 -26.53 33.14 3.42
CA SER F 296 -27.66 33.95 3.86
C SER F 296 -28.66 33.10 4.62
N GLY F 297 -28.58 31.78 4.44
CA GLY F 297 -29.61 30.89 4.95
C GLY F 297 -30.63 30.47 3.90
N GLY F 298 -30.77 31.24 2.84
CA GLY F 298 -31.81 30.96 1.86
C GLY F 298 -33.14 31.42 2.43
N TYR F 299 -34.25 30.81 2.01
CA TYR F 299 -35.57 31.30 2.43
C TYR F 299 -35.76 31.18 3.92
N ASN F 300 -35.01 30.26 4.53
CA ASN F 300 -34.82 30.24 5.96
C ASN F 300 -33.73 31.25 6.34
N LEU F 301 -34.04 32.51 6.07
CA LEU F 301 -33.09 33.60 6.20
C LEU F 301 -32.55 33.72 7.64
N LYS F 302 -31.24 33.89 7.76
CA LYS F 302 -30.65 34.19 9.06
C LYS F 302 -31.11 35.56 9.52
N ALA F 303 -32.32 35.60 10.10
CA ALA F 303 -32.96 36.84 10.53
C ALA F 303 -33.07 36.96 12.06
N ALA F 304 -33.06 35.81 12.72
CA ALA F 304 -33.24 35.74 14.16
C ALA F 304 -32.04 36.30 14.91
N PRO F 305 -32.28 36.90 16.09
CA PRO F 305 -31.22 37.47 16.94
C PRO F 305 -30.10 36.48 17.21
N GLY F 306 -28.86 36.89 16.94
CA GLY F 306 -27.72 36.03 17.14
C GLY F 306 -27.39 35.04 16.02
N SER F 307 -28.08 35.14 14.89
CA SER F 307 -27.73 34.30 13.76
C SER F 307 -26.53 34.90 13.01
N MET F 308 -26.20 36.15 13.35
CA MET F 308 -25.02 36.85 12.84
C MET F 308 -24.72 36.70 11.35
N ILE F 309 -25.68 37.11 10.51
CA ILE F 309 -25.55 36.98 9.06
C ILE F 309 -24.24 37.62 8.51
N ASP F 310 -23.72 38.65 9.18
CA ASP F 310 -22.54 39.34 8.67
C ASP F 310 -21.22 38.56 8.81
N LEU F 311 -21.26 37.44 9.52
CA LEU F 311 -20.09 36.58 9.68
C LEU F 311 -20.01 35.54 8.56
N MET F 312 -21.10 35.41 7.81
CA MET F 312 -21.35 34.21 7.04
C MET F 312 -20.54 34.11 5.74
N LYS F 313 -19.66 35.08 5.51
CA LYS F 313 -18.57 34.91 4.56
C LYS F 313 -17.63 33.78 5.02
N PHE F 314 -17.69 33.44 6.30
CA PHE F 314 -16.75 32.47 6.88
C PHE F 314 -17.24 31.03 6.64
N ASP F 315 -18.39 30.87 5.97
CA ASP F 315 -18.98 29.52 5.79
C ASP F 315 -18.22 28.70 4.74
N MET F 316 -17.06 29.21 4.37
CA MET F 316 -16.20 28.58 3.39
C MET F 316 -14.88 28.13 4.03
N SER F 317 -14.81 28.22 5.37
CA SER F 317 -13.59 27.92 6.13
C SER F 317 -13.06 26.52 5.91
N GLY F 318 -13.95 25.58 5.63
CA GLY F 318 -13.57 24.19 5.45
C GLY F 318 -12.81 24.03 4.15
N CYS F 319 -13.31 24.69 3.11
CA CYS F 319 -12.62 24.74 1.82
C CYS F 319 -11.25 25.36 1.97
N ALA F 320 -11.19 26.52 2.64
CA ALA F 320 -9.92 27.21 2.86
C ALA F 320 -8.95 26.31 3.59
N ALA F 321 -9.46 25.56 4.56
CA ALA F 321 -8.65 24.61 5.33
C ALA F 321 -8.00 23.59 4.41
N VAL F 322 -8.79 23.06 3.51
CA VAL F 322 -8.30 22.05 2.58
C VAL F 322 -7.27 22.63 1.59
N LEU F 323 -7.52 23.82 1.07
CA LEU F 323 -6.58 24.44 0.13
C LEU F 323 -5.27 24.83 0.84
N GLY F 324 -5.40 25.34 2.05
CA GLY F 324 -4.23 25.64 2.87
C GLY F 324 -3.40 24.39 3.07
N CYS F 325 -4.10 23.26 3.26
CA CYS F 325 -3.43 21.99 3.40
C CYS F 325 -2.76 21.58 2.09
N ALA F 326 -3.44 21.82 0.97
CA ALA F 326 -2.83 21.58 -0.34
C ALA F 326 -1.51 22.34 -0.47
N TYR F 327 -1.46 23.57 0.04
CA TYR F 327 -0.23 24.33 -0.06
C TYR F 327 0.87 23.64 0.76
N CYS F 328 0.54 23.23 1.98
CA CYS F 328 1.51 22.59 2.85
C CYS F 328 1.96 21.24 2.33
N VAL F 329 1.02 20.44 1.87
CA VAL F 329 1.34 19.13 1.32
C VAL F 329 2.07 19.30 -0.01
N GLY F 330 1.65 20.27 -0.81
CA GLY F 330 2.31 20.52 -2.08
C GLY F 330 3.74 21.01 -1.92
N THR F 331 4.03 21.59 -0.76
CA THR F 331 5.33 22.20 -0.50
C THR F 331 6.28 21.24 0.22
N LEU F 332 5.76 20.49 1.19
CA LEU F 332 6.57 19.54 1.97
C LEU F 332 6.80 18.21 1.26
N LYS F 333 5.91 17.89 0.32
CA LYS F 333 6.00 16.70 -0.52
C LYS F 333 6.21 15.39 0.22
N PRO F 334 5.28 15.05 1.13
CA PRO F 334 5.37 13.76 1.82
C PRO F 334 5.29 12.57 0.86
N GLU F 335 5.79 11.42 1.31
CA GLU F 335 5.85 10.22 0.51
C GLU F 335 4.66 9.28 0.73
N ASN F 336 4.53 8.29 -0.17
CA ASN F 336 3.61 7.17 0.01
C ASN F 336 2.14 7.53 0.05
N VAL F 337 1.80 8.71 -0.43
CA VAL F 337 0.44 9.16 -0.27
C VAL F 337 -0.12 9.81 -1.52
N GLU F 338 -1.40 9.59 -1.72
CA GLU F 338 -2.16 10.27 -2.75
C GLU F 338 -3.33 10.97 -2.06
N ILE F 339 -3.49 12.25 -2.36
CA ILE F 339 -4.50 13.06 -1.68
C ILE F 339 -5.36 13.81 -2.68
N HIS F 340 -6.66 13.82 -2.44
CA HIS F 340 -7.59 14.56 -3.27
C HIS F 340 -8.24 15.63 -2.44
N PHE F 341 -8.02 16.87 -2.84
CA PHE F 341 -8.51 18.03 -2.10
C PHE F 341 -9.79 18.50 -2.75
N LEU F 342 -10.94 18.19 -2.14
CA LEU F 342 -12.24 18.44 -2.77
C LEU F 342 -13.06 19.54 -2.11
N SER F 343 -13.86 20.23 -2.91
CA SER F 343 -14.79 21.19 -2.34
C SER F 343 -15.90 21.54 -3.32
N ALA F 344 -17.14 21.27 -2.91
CA ALA F 344 -18.29 21.68 -3.71
C ALA F 344 -18.62 23.10 -3.33
N VAL F 345 -18.12 24.05 -4.12
CA VAL F 345 -18.28 25.45 -3.80
C VAL F 345 -19.56 26.04 -4.41
N CYS F 346 -20.30 26.81 -3.63
CA CYS F 346 -21.43 27.57 -4.13
C CYS F 346 -21.80 28.65 -3.16
N GLU F 347 -22.90 29.34 -3.43
CA GLU F 347 -23.38 30.45 -2.62
C GLU F 347 -24.88 30.21 -2.34
N ASN F 348 -25.30 30.42 -1.08
CA ASN F 348 -26.68 30.17 -0.63
C ASN F 348 -27.48 31.48 -0.53
N MET F 349 -28.40 31.72 -1.46
CA MET F 349 -29.01 33.05 -1.62
C MET F 349 -30.54 33.08 -1.71
N VAL F 350 -31.12 34.28 -1.65
CA VAL F 350 -32.57 34.47 -1.70
C VAL F 350 -32.98 35.11 -3.01
N SER F 351 -33.78 34.39 -3.79
CA SER F 351 -34.02 34.73 -5.19
C SER F 351 -35.36 34.17 -5.67
N LYS F 352 -35.74 34.46 -6.90
CA LYS F 352 -36.88 33.75 -7.50
C LYS F 352 -36.41 32.34 -7.86
N ASN F 353 -35.11 32.16 -8.01
CA ASN F 353 -34.57 30.88 -8.45
C ASN F 353 -34.13 29.95 -7.31
N SER F 354 -34.28 30.41 -6.08
CA SER F 354 -33.81 29.66 -4.91
C SER F 354 -34.60 28.38 -4.68
N TYR F 355 -33.94 27.39 -4.09
CA TYR F 355 -34.63 26.18 -3.68
C TYR F 355 -35.44 26.56 -2.45
N ARG F 356 -36.52 25.81 -2.20
CA ARG F 356 -37.48 26.16 -1.14
C ARG F 356 -37.47 25.12 -0.04
N PRO F 357 -37.84 25.54 1.18
CA PRO F 357 -38.10 24.58 2.26
C PRO F 357 -39.28 23.72 1.85
N GLY F 358 -39.16 22.41 2.03
CA GLY F 358 -40.21 21.50 1.63
C GLY F 358 -39.87 20.82 0.33
N ASP F 359 -38.93 21.39 -0.42
CA ASP F 359 -38.54 20.83 -1.72
C ASP F 359 -37.94 19.44 -1.52
N ILE F 360 -38.20 18.54 -2.45
CA ILE F 360 -37.55 17.23 -2.46
C ILE F 360 -36.56 17.19 -3.61
N ILE F 361 -35.32 16.87 -3.30
CA ILE F 361 -34.24 16.87 -4.29
C ILE F 361 -33.46 15.54 -4.27
N THR F 362 -32.70 15.27 -5.33
CA THR F 362 -32.08 13.95 -5.47
C THR F 362 -30.55 14.02 -5.53
N ALA F 363 -29.91 13.45 -4.51
CA ALA F 363 -28.46 13.40 -4.46
C ALA F 363 -27.93 12.48 -5.58
N SER F 364 -26.63 12.55 -5.83
CA SER F 364 -26.07 11.82 -6.96
C SER F 364 -26.05 10.31 -6.77
N ASN F 365 -26.34 9.84 -5.55
CA ASN F 365 -26.39 8.40 -5.33
C ASN F 365 -27.83 7.85 -5.42
N GLY F 366 -28.75 8.70 -5.85
CA GLY F 366 -30.14 8.28 -5.99
C GLY F 366 -31.06 8.61 -4.82
N LYS F 367 -30.50 8.92 -3.66
CA LYS F 367 -31.30 9.18 -2.45
C LYS F 367 -32.11 10.47 -2.55
N THR F 368 -33.42 10.39 -2.34
CA THR F 368 -34.20 11.62 -2.30
C THR F 368 -34.20 12.22 -0.89
N ILE F 369 -34.16 13.54 -0.84
CA ILE F 369 -34.04 14.30 0.39
C ILE F 369 -35.17 15.31 0.53
N GLU F 370 -35.89 15.30 1.65
CA GLU F 370 -36.82 16.37 1.96
C GLU F 370 -36.12 17.51 2.72
N VAL F 371 -36.22 18.73 2.17
CA VAL F 371 -35.56 19.90 2.74
C VAL F 371 -36.45 20.53 3.79
N GLY F 372 -36.07 20.43 5.06
CA GLY F 372 -36.83 21.08 6.12
C GLY F 372 -36.38 22.50 6.40
N ASN F 373 -35.14 22.82 6.04
CA ASN F 373 -34.57 24.13 6.36
C ASN F 373 -33.41 24.46 5.39
N THR F 374 -33.60 25.51 4.58
CA THR F 374 -32.61 25.85 3.55
C THR F 374 -31.28 26.37 4.16
N ASP F 375 -31.31 26.71 5.45
CA ASP F 375 -30.12 27.16 6.14
C ASP F 375 -29.32 25.97 6.65
N ALA F 376 -29.77 24.76 6.34
CA ALA F 376 -28.92 23.58 6.56
C ALA F 376 -28.38 23.11 5.22
N GLU F 377 -27.74 24.02 4.50
CA GLU F 377 -27.33 23.77 3.13
C GLU F 377 -26.01 23.02 3.07
N GLY F 378 -25.17 23.21 4.09
CA GLY F 378 -23.83 22.62 4.10
C GLY F 378 -23.83 21.11 3.91
N ARG F 379 -24.72 20.41 4.62
CA ARG F 379 -24.75 18.97 4.58
C ARG F 379 -25.30 18.48 3.23
N LEU F 380 -26.07 19.32 2.55
CA LEU F 380 -26.56 19.01 1.21
C LEU F 380 -25.42 19.00 0.19
N THR F 381 -24.61 20.05 0.20
CA THR F 381 -23.46 20.11 -0.72
C THR F 381 -22.47 19.00 -0.35
N LEU F 382 -22.31 18.74 0.95
CA LEU F 382 -21.35 17.73 1.45
C LEU F 382 -21.74 16.29 1.08
N ALA F 383 -23.04 15.99 1.11
CA ALA F 383 -23.55 14.70 0.65
C ALA F 383 -23.08 14.38 -0.78
N ASP F 384 -23.30 15.30 -1.71
CA ASP F 384 -22.85 15.11 -3.08
C ASP F 384 -21.33 15.07 -3.23
N ALA F 385 -20.61 15.87 -2.43
CA ALA F 385 -19.16 15.79 -2.41
C ALA F 385 -18.66 14.43 -1.92
N LEU F 386 -19.37 13.85 -0.95
CA LEU F 386 -18.94 12.57 -0.33
C LEU F 386 -19.20 11.38 -1.24
N VAL F 387 -20.32 11.44 -1.96
CA VAL F 387 -20.61 10.49 -3.02
C VAL F 387 -19.50 10.52 -4.06
N TYR F 388 -19.12 11.74 -4.46
CA TYR F 388 -18.03 11.93 -5.41
C TYR F 388 -16.70 11.40 -4.86
N ALA F 389 -16.41 11.71 -3.60
CA ALA F 389 -15.13 11.33 -3.01
C ALA F 389 -14.99 9.82 -2.96
N GLU F 390 -16.07 9.12 -2.64
CA GLU F 390 -15.97 7.69 -2.44
C GLU F 390 -15.78 6.94 -3.77
N LYS F 391 -16.24 7.56 -4.85
CA LYS F 391 -16.03 7.01 -6.18
C LYS F 391 -14.57 7.08 -6.63
N LEU F 392 -13.75 7.84 -5.90
CA LEU F 392 -12.32 7.95 -6.20
C LEU F 392 -11.53 6.75 -5.69
N GLY F 393 -12.16 5.91 -4.87
CA GLY F 393 -11.52 4.71 -4.36
C GLY F 393 -10.41 4.98 -3.36
N VAL F 394 -10.71 5.73 -2.32
CA VAL F 394 -9.69 6.12 -1.34
C VAL F 394 -9.84 5.28 -0.09
N ASP F 395 -8.82 5.32 0.78
CA ASP F 395 -8.84 4.57 2.03
C ASP F 395 -9.54 5.37 3.15
N TYR F 396 -9.30 6.68 3.15
CA TYR F 396 -9.90 7.57 4.12
C TYR F 396 -10.61 8.74 3.43
N ILE F 397 -11.78 9.10 3.94
CA ILE F 397 -12.43 10.37 3.60
C ILE F 397 -12.54 11.23 4.86
N VAL F 398 -11.97 12.42 4.81
CA VAL F 398 -12.06 13.32 5.94
C VAL F 398 -12.69 14.61 5.47
N ASP F 399 -13.76 15.05 6.14
CA ASP F 399 -14.33 16.32 5.75
C ASP F 399 -14.23 17.29 6.90
N ILE F 400 -14.17 18.57 6.56
CA ILE F 400 -13.99 19.64 7.53
C ILE F 400 -14.97 20.72 7.14
N ALA F 401 -15.78 21.20 8.08
CA ALA F 401 -16.90 22.07 7.72
C ALA F 401 -17.37 22.96 8.88
N THR F 402 -17.75 24.20 8.58
CA THR F 402 -18.51 25.02 9.54
C THR F 402 -19.99 24.61 9.51
N LEU F 403 -20.28 23.42 10.02
CA LEU F 403 -21.56 22.78 9.76
C LEU F 403 -22.69 23.25 10.70
N THR F 404 -22.54 23.11 12.01
CA THR F 404 -23.65 23.42 12.91
C THR F 404 -23.27 24.39 14.02
N GLY F 405 -24.12 25.39 14.24
CA GLY F 405 -23.91 26.36 15.29
C GLY F 405 -23.87 25.75 16.68
N ALA F 406 -24.38 24.53 16.81
CA ALA F 406 -24.43 23.83 18.09
C ALA F 406 -23.04 23.54 18.67
N MET F 407 -22.03 23.48 17.81
CA MET F 407 -20.67 23.29 18.28
C MET F 407 -20.30 24.37 19.31
N LEU F 408 -20.76 25.59 19.11
CA LEU F 408 -20.57 26.65 20.10
C LEU F 408 -21.03 26.25 21.50
N TYR F 409 -22.16 25.55 21.57
CA TYR F 409 -22.74 25.21 22.85
C TYR F 409 -22.21 23.88 23.39
N SER F 410 -21.47 23.13 22.59
CA SER F 410 -20.91 21.87 23.09
C SER F 410 -19.43 21.99 23.44
N LEU F 411 -18.63 22.53 22.53
CA LEU F 411 -17.18 22.57 22.73
C LEU F 411 -16.65 23.99 22.80
N GLY F 412 -17.37 24.94 22.22
CA GLY F 412 -16.99 26.33 22.28
C GLY F 412 -16.09 26.77 21.15
N THR F 413 -15.32 27.82 21.40
CA THR F 413 -14.50 28.41 20.37
C THR F 413 -13.08 27.82 20.29
N SER F 414 -12.73 26.92 21.20
CA SER F 414 -11.36 26.37 21.26
C SER F 414 -11.19 24.98 20.68
N TYR F 415 -12.16 24.10 20.93
CA TYR F 415 -12.04 22.72 20.48
C TYR F 415 -13.00 22.42 19.36
N ALA F 416 -12.51 21.78 18.31
CA ALA F 416 -13.40 21.31 17.26
C ALA F 416 -13.88 19.90 17.63
N GLY F 417 -14.96 19.46 17.00
CA GLY F 417 -15.47 18.13 17.26
C GLY F 417 -15.27 17.25 16.06
N VAL F 418 -14.93 15.99 16.29
CA VAL F 418 -14.83 15.04 15.18
C VAL F 418 -15.76 13.83 15.35
N PHE F 419 -16.49 13.51 14.29
CA PHE F 419 -17.39 12.37 14.26
C PHE F 419 -16.93 11.42 13.15
N GLY F 420 -17.27 10.14 13.25
CA GLY F 420 -16.90 9.23 12.19
C GLY F 420 -17.43 7.82 12.33
N ASN F 421 -17.19 7.01 11.31
CA ASN F 421 -17.68 5.64 11.24
C ASN F 421 -16.59 4.59 11.43
N ASN F 422 -15.40 5.05 11.83
CA ASN F 422 -14.24 4.16 11.93
C ASN F 422 -13.29 4.64 13.01
N GLU F 423 -13.07 3.79 14.00
CA GLU F 423 -12.34 4.21 15.17
C GLU F 423 -10.86 4.47 14.88
N GLU F 424 -10.23 3.60 14.10
CA GLU F 424 -8.83 3.74 13.74
C GLU F 424 -8.54 5.10 13.06
N LEU F 425 -9.44 5.53 12.18
CA LEU F 425 -9.30 6.84 11.53
C LEU F 425 -9.49 7.98 12.52
N ILE F 426 -10.48 7.84 13.40
CA ILE F 426 -10.74 8.86 14.40
C ILE F 426 -9.53 9.05 15.31
N ASN F 427 -8.86 7.96 15.64
CA ASN F 427 -7.69 8.06 16.51
C ASN F 427 -6.56 8.81 15.81
N LYS F 428 -6.38 8.54 14.52
CA LYS F 428 -5.37 9.23 13.73
C LYS F 428 -5.64 10.73 13.76
N ILE F 429 -6.91 11.11 13.58
CA ILE F 429 -7.24 12.53 13.64
C ILE F 429 -6.90 13.10 15.01
N LEU F 430 -7.19 12.34 16.07
CA LEU F 430 -6.92 12.81 17.41
C LEU F 430 -5.40 12.92 17.65
N GLN F 431 -4.64 12.00 17.08
CA GLN F 431 -3.18 12.06 17.21
C GLN F 431 -2.60 13.28 16.47
N SER F 432 -3.16 13.58 15.29
CA SER F 432 -2.75 14.77 14.55
C SER F 432 -3.11 16.05 15.30
N SER F 433 -4.20 15.98 16.05
CA SER F 433 -4.67 17.10 16.85
C SER F 433 -3.64 17.47 17.90
N LYS F 434 -3.01 16.46 18.48
CA LYS F 434 -2.06 16.69 19.56
C LYS F 434 -0.70 17.18 19.01
N THR F 435 -0.27 16.68 17.86
CA THR F 435 1.02 17.10 17.30
C THR F 435 0.94 18.39 16.47
N SER F 436 -0.24 18.73 15.96
CA SER F 436 -0.47 20.03 15.33
C SER F 436 -0.80 21.13 16.34
N ASN F 437 -1.12 20.72 17.56
CA ASN F 437 -1.67 21.59 18.59
C ASN F 437 -2.92 22.38 18.17
N GLU F 438 -3.70 21.82 17.25
CA GLU F 438 -5.04 22.33 16.99
C GLU F 438 -6.04 21.38 17.64
N PRO F 439 -6.71 21.83 18.72
CA PRO F 439 -7.43 20.87 19.58
C PRO F 439 -8.81 20.40 19.06
N VAL F 440 -9.00 19.09 19.04
CA VAL F 440 -10.22 18.46 18.55
C VAL F 440 -10.76 17.47 19.59
N TRP F 441 -12.08 17.26 19.63
CA TRP F 441 -12.65 16.31 20.58
C TRP F 441 -13.66 15.40 19.92
N TRP F 442 -13.56 14.13 20.26
CA TRP F 442 -14.37 13.09 19.65
C TRP F 442 -15.81 13.11 20.23
N LEU F 443 -16.79 13.23 19.34
CA LEU F 443 -18.20 13.21 19.71
C LEU F 443 -18.91 12.08 18.98
N PRO F 444 -19.93 11.49 19.61
CA PRO F 444 -20.45 10.24 19.05
C PRO F 444 -21.47 10.44 17.94
N ILE F 445 -21.54 9.49 17.03
CA ILE F 445 -22.68 9.40 16.15
C ILE F 445 -23.69 8.44 16.79
N ILE F 446 -24.77 8.98 17.34
CA ILE F 446 -25.71 8.18 18.10
C ILE F 446 -26.86 7.65 17.22
N ASN F 447 -26.83 6.34 16.97
CA ASN F 447 -27.70 5.73 15.98
C ASN F 447 -29.16 5.82 16.34
N GLU F 448 -29.44 5.97 17.63
CA GLU F 448 -30.82 6.04 18.11
C GLU F 448 -31.57 7.26 17.57
N TYR F 449 -30.85 8.29 17.11
CA TYR F 449 -31.50 9.50 16.59
C TYR F 449 -31.80 9.34 15.11
N ARG F 450 -31.29 8.28 14.50
CA ARG F 450 -31.43 8.10 13.06
C ARG F 450 -32.88 8.17 12.61
N ALA F 451 -33.78 7.60 13.42
CA ALA F 451 -35.18 7.47 13.04
C ALA F 451 -35.84 8.82 12.74
N THR F 452 -35.30 9.92 13.29
CA THR F 452 -35.93 11.22 13.03
C THR F 452 -35.52 11.81 11.69
N LEU F 453 -34.69 11.09 10.95
CA LEU F 453 -34.44 11.46 9.56
C LEU F 453 -35.32 10.66 8.58
N ASN F 454 -36.25 9.86 9.11
CA ASN F 454 -37.15 9.08 8.27
C ASN F 454 -38.30 9.90 7.69
N SER F 455 -38.08 10.44 6.51
CA SER F 455 -39.09 11.22 5.82
C SER F 455 -40.36 10.44 5.48
N LYS F 456 -41.50 11.13 5.54
CA LYS F 456 -42.76 10.53 5.16
C LYS F 456 -42.81 10.32 3.65
N TYR F 457 -42.18 11.24 2.91
CA TYR F 457 -42.26 11.24 1.45
C TYR F 457 -40.96 10.89 0.74
N ALA F 458 -39.85 11.46 1.19
CA ALA F 458 -38.55 11.15 0.57
C ALA F 458 -37.89 10.01 1.30
N ASP F 459 -36.75 9.56 0.77
CA ASP F 459 -35.97 8.53 1.41
C ASP F 459 -35.45 9.04 2.75
N ILE F 460 -35.08 10.32 2.81
CA ILE F 460 -34.48 10.84 4.03
C ILE F 460 -34.74 12.34 4.23
N ASN F 461 -34.82 12.72 5.50
CA ASN F 461 -34.88 14.12 5.88
C ASN F 461 -33.49 14.76 5.90
N GLN F 462 -33.44 16.03 5.52
CA GLN F 462 -32.23 16.84 5.66
C GLN F 462 -32.02 17.19 7.14
N ILE F 463 -33.09 17.54 7.84
CA ILE F 463 -33.01 17.84 9.28
C ILE F 463 -33.97 17.04 10.12
N SER F 464 -33.76 17.08 11.44
CA SER F 464 -34.71 16.53 12.39
C SER F 464 -35.68 17.60 12.85
N SER F 465 -36.94 17.22 13.05
CA SER F 465 -37.90 18.18 13.58
C SER F 465 -38.02 18.08 15.10
N SER F 466 -37.37 17.08 15.68
CA SER F 466 -37.48 16.87 17.13
C SER F 466 -36.16 16.92 17.91
N VAL F 467 -35.17 16.16 17.46
CA VAL F 467 -33.88 16.06 18.14
C VAL F 467 -33.11 17.38 18.09
N LYS F 468 -32.61 17.83 19.25
CA LYS F 468 -31.92 19.11 19.33
C LYS F 468 -30.38 18.99 19.24
N ALA F 469 -29.87 17.77 19.28
CA ALA F 469 -28.44 17.50 19.06
C ALA F 469 -28.03 17.66 17.57
N SER F 470 -28.01 18.91 17.10
CA SER F 470 -27.88 19.19 15.66
C SER F 470 -26.61 18.61 15.06
N SER F 471 -25.51 18.73 15.78
CA SER F 471 -24.21 18.37 15.21
C SER F 471 -24.16 16.88 14.97
N ILE F 472 -24.87 16.12 15.80
CA ILE F 472 -24.93 14.66 15.67
C ILE F 472 -25.89 14.26 14.55
N VAL F 473 -27.04 14.92 14.49
CA VAL F 473 -28.03 14.59 13.47
C VAL F 473 -27.43 14.83 12.09
N ALA F 474 -26.82 16.01 11.92
CA ALA F 474 -26.10 16.36 10.72
C ALA F 474 -25.08 15.29 10.37
N SER F 475 -24.31 14.85 11.38
CA SER F 475 -23.40 13.73 11.20
C SER F 475 -24.10 12.47 10.73
N LEU F 476 -25.27 12.17 11.31
CA LEU F 476 -26.03 10.99 10.92
C LEU F 476 -26.46 11.12 9.46
N PHE F 477 -26.82 12.34 9.07
CA PHE F 477 -27.22 12.58 7.69
C PHE F 477 -26.07 12.31 6.71
N LEU F 478 -24.90 12.87 7.02
CA LEU F 478 -23.73 12.70 6.14
C LEU F 478 -23.30 11.25 6.08
N LYS F 479 -23.52 10.51 7.16
CA LYS F 479 -23.13 9.11 7.26
C LYS F 479 -23.84 8.24 6.21
N GLU F 480 -25.01 8.69 5.77
CA GLU F 480 -25.78 7.95 4.79
C GLU F 480 -25.20 7.99 3.38
N PHE F 481 -24.25 8.89 3.15
CA PHE F 481 -23.67 9.08 1.82
C PHE F 481 -22.26 8.49 1.71
N VAL F 482 -21.87 7.73 2.72
CA VAL F 482 -20.65 6.93 2.66
C VAL F 482 -21.02 5.46 2.91
N GLN F 483 -20.89 4.64 1.89
CA GLN F 483 -21.39 3.27 1.98
C GLN F 483 -20.36 2.30 2.54
N ASN F 484 -19.08 2.46 2.20
CA ASN F 484 -18.09 1.45 2.53
C ASN F 484 -16.66 1.96 2.64
N THR F 485 -16.47 3.10 3.29
CA THR F 485 -15.15 3.72 3.41
C THR F 485 -14.99 4.30 4.79
N ALA F 486 -13.79 4.17 5.38
CA ALA F 486 -13.48 4.86 6.63
C ALA F 486 -13.64 6.38 6.45
N TRP F 487 -14.45 6.98 7.30
CA TRP F 487 -14.85 8.37 7.11
C TRP F 487 -14.94 9.09 8.45
N ALA F 488 -14.43 10.33 8.48
CA ALA F 488 -14.57 11.18 9.65
C ALA F 488 -15.03 12.57 9.22
N HIS F 489 -15.55 13.33 10.18
CA HIS F 489 -16.14 14.63 9.92
C HIS F 489 -15.79 15.58 11.05
N ILE F 490 -15.07 16.63 10.70
CA ILE F 490 -14.62 17.61 11.67
C ILE F 490 -15.46 18.86 11.58
N ASP F 491 -16.25 19.13 12.63
CA ASP F 491 -17.11 20.30 12.66
C ASP F 491 -16.38 21.51 13.27
N ILE F 492 -16.15 22.53 12.46
CA ILE F 492 -15.34 23.67 12.90
C ILE F 492 -16.11 24.97 12.99
N ALA F 493 -17.44 24.88 12.99
CA ALA F 493 -18.27 26.06 13.10
C ALA F 493 -17.94 26.97 14.30
N GLY F 494 -17.69 26.39 15.47
CA GLY F 494 -17.47 27.24 16.63
C GLY F 494 -16.05 27.75 16.71
N VAL F 495 -15.18 27.11 15.94
CA VAL F 495 -13.75 27.19 16.18
C VAL F 495 -13.03 28.04 15.10
N SER F 496 -13.75 28.32 14.02
CA SER F 496 -13.17 28.91 12.84
C SER F 496 -12.84 30.41 12.99
N TRP F 497 -13.77 31.18 13.54
CA TRP F 497 -13.56 32.61 13.65
C TRP F 497 -13.08 33.02 15.03
N ASN F 498 -12.03 33.84 15.07
CA ASN F 498 -11.51 34.36 16.34
C ASN F 498 -12.24 35.65 16.67
N PHE F 499 -13.18 35.56 17.60
CA PHE F 499 -14.07 36.67 17.87
C PHE F 499 -13.42 37.83 18.60
N LYS F 500 -12.34 37.59 19.35
CA LYS F 500 -11.70 38.70 20.08
C LYS F 500 -10.70 39.45 19.19
N ALA F 501 -10.06 38.76 18.26
CA ALA F 501 -9.12 39.41 17.35
C ALA F 501 -9.81 39.91 16.09
N ARG F 502 -11.07 39.53 15.91
CA ARG F 502 -11.88 39.90 14.76
C ARG F 502 -11.26 39.48 13.43
N LYS F 503 -10.72 38.26 13.41
CA LYS F 503 -10.07 37.71 12.22
C LYS F 503 -10.25 36.20 12.18
N PRO F 504 -9.95 35.57 11.03
CA PRO F 504 -9.98 34.10 10.98
C PRO F 504 -8.81 33.45 11.72
N LYS F 505 -8.97 32.18 12.10
CA LYS F 505 -7.84 31.41 12.61
C LYS F 505 -7.22 30.54 11.53
N GLY F 506 -7.96 30.30 10.45
CA GLY F 506 -7.51 29.34 9.45
C GLY F 506 -7.31 27.98 10.09
N PHE F 507 -8.17 27.66 11.05
CA PHE F 507 -8.14 26.38 11.75
C PHE F 507 -8.30 25.19 10.80
N GLY F 508 -7.45 24.18 10.97
CA GLY F 508 -7.59 22.96 10.22
C GLY F 508 -6.44 22.65 9.27
N VAL F 509 -5.73 23.67 8.82
CA VAL F 509 -4.65 23.45 7.86
C VAL F 509 -3.57 22.55 8.45
N ARG F 510 -3.04 22.94 9.60
CA ARG F 510 -1.99 22.17 10.23
C ARG F 510 -2.51 20.79 10.70
N LEU F 511 -3.76 20.76 11.14
CA LEU F 511 -4.38 19.51 11.56
C LEU F 511 -4.43 18.51 10.39
N LEU F 512 -4.95 18.94 9.25
CA LEU F 512 -5.05 18.07 8.09
C LEU F 512 -3.66 17.63 7.57
N THR F 513 -2.68 18.52 7.67
CA THR F 513 -1.34 18.23 7.18
C THR F 513 -0.59 17.24 8.07
N GLU F 514 -0.61 17.46 9.38
CA GLU F 514 -0.03 16.48 10.31
C GLU F 514 -0.65 15.11 10.06
N PHE F 515 -1.97 15.10 9.85
CA PHE F 515 -2.69 13.86 9.58
C PHE F 515 -2.17 13.18 8.32
N VAL F 516 -1.92 13.96 7.29
CA VAL F 516 -1.32 13.47 6.06
C VAL F 516 0.11 13.00 6.29
N LEU F 517 0.87 13.81 7.01
CA LEU F 517 2.28 13.54 7.25
C LEU F 517 2.53 12.33 8.15
N ASN F 518 1.82 12.28 9.28
CA ASN F 518 1.97 11.18 10.23
C ASN F 518 1.56 9.83 9.63
N ASP F 519 0.61 9.84 8.71
CA ASP F 519 0.19 8.62 8.04
C ASP F 519 1.16 8.25 6.92
N ALA G 1 40.20 -60.48 19.90
CA ALA G 1 39.19 -60.17 18.89
C ALA G 1 38.47 -58.87 19.22
N SER G 2 38.62 -57.88 18.33
CA SER G 2 37.96 -56.58 18.50
C SER G 2 36.55 -56.59 17.94
N GLU G 3 35.74 -55.67 18.44
CA GLU G 3 34.41 -55.45 17.89
C GLU G 3 34.44 -54.55 16.68
N VAL G 4 33.81 -55.01 15.61
CA VAL G 4 33.58 -54.23 14.42
C VAL G 4 32.64 -53.07 14.71
N PRO G 5 33.09 -51.82 14.44
CA PRO G 5 32.21 -50.66 14.58
C PRO G 5 31.12 -50.62 13.49
N GLN G 6 29.99 -50.00 13.80
CA GLN G 6 28.86 -49.93 12.86
C GLN G 6 28.36 -48.50 12.73
N VAL G 7 27.86 -48.15 11.55
CA VAL G 7 27.19 -46.87 11.38
C VAL G 7 25.73 -47.10 11.69
N VAL G 8 25.19 -48.18 11.15
CA VAL G 8 23.85 -48.60 11.51
C VAL G 8 23.88 -50.05 11.97
N SER G 9 22.87 -50.42 12.74
CA SER G 9 22.83 -51.73 13.37
C SER G 9 22.74 -52.85 12.34
N LEU G 10 22.39 -52.48 11.11
CA LEU G 10 22.35 -53.43 10.00
C LEU G 10 23.72 -53.70 9.35
N ASP G 11 24.74 -52.91 9.71
CA ASP G 11 26.07 -53.16 9.18
C ASP G 11 26.56 -54.50 9.73
N PRO G 12 27.12 -55.35 8.86
CA PRO G 12 27.52 -56.66 9.36
C PRO G 12 28.77 -56.57 10.24
N THR G 13 28.90 -57.48 11.20
CA THR G 13 30.03 -57.43 12.12
C THR G 13 30.95 -58.63 12.00
N SER G 14 30.83 -59.39 10.92
CA SER G 14 31.79 -60.45 10.65
C SER G 14 31.75 -60.85 9.19
N ILE G 15 32.83 -61.46 8.71
CA ILE G 15 32.83 -62.07 7.41
C ILE G 15 32.18 -63.44 7.53
N PRO G 16 31.18 -63.74 6.68
CA PRO G 16 30.69 -65.12 6.73
C PRO G 16 31.71 -66.05 6.09
N ILE G 17 32.12 -67.09 6.81
CA ILE G 17 33.12 -68.00 6.27
C ILE G 17 32.61 -69.43 6.29
N GLU G 18 32.62 -70.08 5.13
CA GLU G 18 32.23 -71.47 5.01
C GLU G 18 33.48 -72.36 5.12
N TYR G 19 33.57 -73.11 6.21
CA TYR G 19 34.70 -74.00 6.40
C TYR G 19 34.41 -75.40 5.87
N ASN G 20 33.24 -75.93 6.25
CA ASN G 20 32.82 -77.26 5.82
C ASN G 20 32.09 -77.22 4.50
N THR G 21 32.80 -77.44 3.40
CA THR G 21 32.21 -77.29 2.07
C THR G 21 31.80 -78.64 1.49
N PRO G 22 30.88 -78.63 0.50
CA PRO G 22 30.47 -79.87 -0.17
C PRO G 22 31.67 -80.66 -0.66
N ILE G 23 32.69 -79.96 -1.16
CA ILE G 23 33.89 -80.61 -1.66
C ILE G 23 34.48 -81.52 -0.58
N HIS G 24 34.45 -81.06 0.67
CA HIS G 24 35.02 -81.82 1.79
C HIS G 24 34.29 -83.14 2.09
N ASP G 25 33.02 -83.24 1.72
CA ASP G 25 32.29 -84.48 1.95
C ASP G 25 32.53 -85.49 0.82
N ILE G 26 33.18 -85.07 -0.26
CA ILE G 26 33.40 -85.96 -1.38
C ILE G 26 34.43 -87.04 -1.06
N LYS G 27 34.04 -88.30 -1.18
CA LYS G 27 34.96 -89.41 -0.99
C LYS G 27 35.70 -89.66 -2.30
N VAL G 28 37.02 -89.66 -2.25
CA VAL G 28 37.82 -89.82 -3.46
C VAL G 28 38.53 -91.15 -3.48
N GLN G 29 38.30 -91.91 -4.54
CA GLN G 29 38.95 -93.19 -4.72
C GLN G 29 39.80 -93.13 -5.99
N VAL G 30 40.99 -93.70 -5.91
CA VAL G 30 41.90 -93.70 -7.04
C VAL G 30 42.25 -95.13 -7.43
N TYR G 31 41.99 -95.49 -8.68
CA TYR G 31 42.30 -96.83 -9.17
C TYR G 31 43.32 -96.81 -10.29
N ASP G 32 44.05 -97.92 -10.42
CA ASP G 32 44.95 -98.11 -11.54
C ASP G 32 44.20 -98.56 -12.78
N ILE G 33 44.51 -97.96 -13.92
CA ILE G 33 43.78 -98.26 -15.17
C ILE G 33 44.00 -99.71 -15.60
N LYS G 34 45.18 -100.26 -15.32
CA LYS G 34 45.53 -101.63 -15.72
C LYS G 34 44.50 -102.68 -15.31
N GLY G 35 43.67 -102.37 -14.31
CA GLY G 35 42.65 -103.28 -13.87
C GLY G 35 41.30 -103.11 -14.57
N GLY G 36 41.25 -102.22 -15.55
CA GLY G 36 40.02 -101.93 -16.27
C GLY G 36 39.04 -101.11 -15.44
N CYS G 37 38.11 -100.44 -16.10
CA CYS G 37 37.17 -99.56 -15.39
C CYS G 37 35.80 -100.21 -15.23
N ASN G 38 35.23 -100.03 -14.04
CA ASN G 38 33.85 -100.39 -13.80
C ASN G 38 32.94 -99.21 -14.08
N VAL G 39 31.96 -99.40 -14.94
CA VAL G 39 31.10 -98.30 -15.33
C VAL G 39 29.71 -98.52 -14.77
N GLU G 40 29.39 -97.82 -13.68
CA GLU G 40 28.07 -97.94 -13.10
C GLU G 40 27.47 -96.56 -12.85
N GLU G 41 26.95 -96.31 -11.64
CA GLU G 41 26.09 -95.15 -11.44
C GLU G 41 26.88 -93.84 -11.57
N GLY G 42 26.15 -92.72 -11.61
CA GLY G 42 26.77 -91.43 -11.78
C GLY G 42 27.16 -91.13 -13.22
N LEU G 43 28.29 -90.44 -13.40
CA LEU G 43 28.79 -90.07 -14.73
C LEU G 43 30.25 -90.50 -14.89
N THR G 44 30.54 -91.27 -15.93
CA THR G 44 31.91 -91.72 -16.18
C THR G 44 32.52 -91.01 -17.39
N ILE G 45 33.56 -90.22 -17.15
CA ILE G 45 34.14 -89.40 -18.22
C ILE G 45 35.57 -89.80 -18.58
N PHE G 46 35.81 -90.03 -19.86
CA PHE G 46 37.14 -90.30 -20.38
C PHE G 46 37.84 -89.00 -20.86
N LEU G 47 39.05 -88.76 -20.37
CA LEU G 47 39.86 -87.66 -20.86
C LEU G 47 40.72 -88.16 -22.00
N VAL G 48 40.42 -87.73 -23.22
CA VAL G 48 41.11 -88.29 -24.38
C VAL G 48 41.77 -87.24 -25.27
N ASN G 49 42.85 -87.62 -25.92
CA ASN G 49 43.47 -86.79 -26.94
C ASN G 49 43.88 -87.61 -28.16
N ASN G 50 44.49 -86.94 -29.13
CA ASN G 50 45.04 -87.63 -30.29
C ASN G 50 46.27 -86.86 -30.76
N PRO G 51 47.43 -87.15 -30.16
CA PRO G 51 48.66 -86.38 -30.37
C PRO G 51 49.00 -86.29 -31.85
N GLY G 52 49.50 -85.14 -32.27
CA GLY G 52 49.83 -84.91 -33.67
C GLY G 52 48.63 -84.60 -34.56
N LYS G 53 47.47 -85.16 -34.25
CA LYS G 53 46.27 -84.98 -35.09
C LYS G 53 45.33 -83.90 -34.55
N GLU G 54 45.35 -82.73 -35.18
CA GLU G 54 44.47 -81.64 -34.76
C GLU G 54 43.02 -82.04 -35.03
N ASN G 55 42.18 -81.88 -34.02
CA ASN G 55 40.78 -82.30 -34.08
C ASN G 55 40.65 -83.76 -34.54
N GLY G 56 41.56 -84.60 -34.07
CA GLY G 56 41.56 -86.01 -34.42
C GLY G 56 40.42 -86.78 -33.80
N PRO G 57 40.19 -88.01 -34.26
CA PRO G 57 39.09 -88.85 -33.79
C PRO G 57 39.29 -89.43 -32.38
N VAL G 58 38.20 -89.56 -31.65
CA VAL G 58 38.24 -90.16 -30.32
C VAL G 58 38.47 -91.67 -30.39
N LYS G 59 39.40 -92.17 -29.57
CA LYS G 59 39.63 -93.60 -29.42
C LYS G 59 39.88 -93.95 -27.95
N ILE G 60 38.94 -94.68 -27.34
CA ILE G 60 39.07 -95.08 -25.95
C ILE G 60 39.89 -96.35 -25.86
N SER G 61 40.95 -96.33 -25.08
CA SER G 61 41.93 -97.41 -25.09
C SER G 61 41.96 -98.23 -23.80
N SER G 62 41.20 -97.80 -22.79
CA SER G 62 41.22 -98.48 -21.51
C SER G 62 40.29 -99.67 -21.53
N LYS G 63 40.70 -100.77 -20.89
CA LYS G 63 39.80 -101.88 -20.70
C LYS G 63 38.59 -101.38 -19.92
N VAL G 64 37.40 -101.64 -20.45
CA VAL G 64 36.17 -101.42 -19.71
C VAL G 64 35.58 -102.79 -19.38
N ASN G 65 35.34 -103.04 -18.10
CA ASN G 65 34.87 -104.35 -17.67
C ASN G 65 33.36 -104.49 -17.81
N ASP G 66 32.87 -104.16 -19.00
CA ASP G 66 31.45 -104.36 -19.31
C ASP G 66 31.32 -104.55 -20.81
N LYS G 67 30.73 -105.66 -21.22
CA LYS G 67 30.65 -106.01 -22.63
C LYS G 67 29.85 -104.98 -23.40
N GLN G 68 28.69 -104.62 -22.86
CA GLN G 68 27.85 -103.61 -23.48
C GLN G 68 28.62 -102.30 -23.65
N VAL G 69 29.20 -101.81 -22.57
CA VAL G 69 29.86 -100.51 -22.61
C VAL G 69 31.07 -100.55 -23.55
N SER G 70 31.81 -101.66 -23.53
CA SER G 70 32.96 -101.85 -24.41
C SER G 70 32.54 -101.78 -25.88
N GLU G 71 31.45 -102.44 -26.19
CA GLU G 71 30.85 -102.38 -27.51
C GLU G 71 30.44 -100.97 -27.90
N PHE G 72 29.94 -100.20 -26.92
CA PHE G 72 29.53 -98.82 -27.18
C PHE G 72 30.76 -97.96 -27.49
N LEU G 73 31.85 -98.24 -26.79
CA LEU G 73 33.04 -97.40 -26.87
C LEU G 73 34.06 -97.96 -27.87
N LYS G 74 33.60 -98.86 -28.73
CA LYS G 74 34.47 -99.39 -29.78
C LYS G 74 34.79 -98.29 -30.82
N ASP G 75 35.88 -98.48 -31.55
CA ASP G 75 36.40 -97.44 -32.46
C ASP G 75 35.42 -96.94 -33.53
N GLU G 76 34.71 -97.85 -34.20
CA GLU G 76 33.78 -97.44 -35.26
C GLU G 76 32.70 -96.53 -34.74
N ASN G 77 32.35 -96.69 -33.46
CA ASN G 77 31.35 -95.84 -32.84
C ASN G 77 31.91 -94.50 -32.42
N MET G 78 33.19 -94.47 -32.06
CA MET G 78 33.78 -93.29 -31.45
C MET G 78 34.47 -92.38 -32.47
N GLU G 79 34.68 -92.87 -33.70
CA GLU G 79 35.45 -92.15 -34.71
C GLU G 79 34.70 -90.93 -35.24
N LYS G 80 33.40 -90.89 -35.01
CA LYS G 80 32.60 -89.75 -35.49
C LYS G 80 32.84 -88.52 -34.64
N PHE G 81 33.28 -88.73 -33.40
CA PHE G 81 33.53 -87.62 -32.47
C PHE G 81 35.02 -87.22 -32.47
N ASN G 82 35.34 -85.98 -32.17
CA ASN G 82 36.75 -85.56 -32.20
C ASN G 82 37.30 -85.04 -30.88
N VAL G 83 38.62 -85.01 -30.77
CA VAL G 83 39.32 -84.68 -29.53
C VAL G 83 39.63 -83.19 -29.33
N LYS G 84 38.96 -82.31 -30.09
CA LYS G 84 39.25 -80.89 -30.01
C LYS G 84 39.17 -80.41 -28.56
N LEU G 85 40.13 -79.59 -28.14
CA LEU G 85 40.23 -79.20 -26.75
C LEU G 85 38.96 -78.54 -26.22
N GLY G 86 38.49 -79.04 -25.08
CA GLY G 86 37.28 -78.50 -24.45
C GLY G 86 35.98 -79.13 -24.93
N THR G 87 36.05 -79.99 -25.95
CA THR G 87 34.87 -80.64 -26.48
C THR G 87 34.40 -81.74 -25.53
N SER G 88 33.08 -81.91 -25.44
CA SER G 88 32.52 -82.96 -24.61
C SER G 88 31.26 -83.55 -25.26
N LYS G 89 31.05 -84.84 -25.04
CA LYS G 89 29.82 -85.51 -25.48
C LYS G 89 29.30 -86.46 -24.40
N HIS G 90 27.99 -86.54 -24.25
CA HIS G 90 27.36 -87.45 -23.31
C HIS G 90 26.83 -88.70 -24.00
N PHE G 91 27.02 -89.85 -23.35
CA PHE G 91 26.54 -91.13 -23.88
C PHE G 91 25.60 -91.81 -22.87
N TYR G 92 24.57 -92.48 -23.39
CA TYR G 92 23.62 -93.19 -22.55
C TYR G 92 23.42 -94.61 -23.08
N MET G 93 23.46 -95.58 -22.18
CA MET G 93 23.38 -96.99 -22.56
C MET G 93 23.00 -97.85 -21.37
N PHE G 94 22.93 -99.15 -21.59
CA PHE G 94 22.64 -100.12 -20.53
C PHE G 94 23.82 -101.09 -20.40
N ASN G 95 24.25 -101.36 -19.18
CA ASN G 95 25.37 -102.27 -18.99
C ASN G 95 24.91 -103.72 -18.86
N ASP G 96 25.88 -104.61 -18.62
CA ASP G 96 25.64 -106.07 -18.55
C ASP G 96 24.57 -106.49 -17.53
N ASN G 97 24.36 -105.69 -16.50
CA ASN G 97 23.37 -106.02 -15.49
C ASN G 97 22.03 -105.33 -15.76
N LYS G 98 21.83 -104.90 -17.00
CA LYS G 98 20.60 -104.20 -17.41
C LYS G 98 20.35 -102.90 -16.63
N ASN G 99 21.41 -102.22 -16.21
CA ASN G 99 21.26 -100.89 -15.61
C ASN G 99 21.73 -99.80 -16.57
N SER G 100 20.98 -98.70 -16.63
CA SER G 100 21.37 -97.58 -17.50
C SER G 100 22.55 -96.80 -16.89
N VAL G 101 23.58 -96.58 -17.69
CA VAL G 101 24.72 -95.77 -17.25
C VAL G 101 24.96 -94.57 -18.16
N ALA G 102 25.54 -93.52 -17.58
CA ALA G 102 25.92 -92.34 -18.32
C ALA G 102 27.43 -92.32 -18.52
N VAL G 103 27.85 -92.17 -19.78
CA VAL G 103 29.27 -92.12 -20.11
C VAL G 103 29.54 -90.91 -20.99
N GLY G 104 30.79 -90.50 -21.07
CA GLY G 104 31.14 -89.42 -21.98
C GLY G 104 32.63 -89.18 -22.02
N TYR G 105 33.04 -88.19 -22.80
CA TYR G 105 34.44 -87.82 -22.85
C TYR G 105 34.59 -86.32 -22.90
N VAL G 106 35.78 -85.87 -22.53
CA VAL G 106 36.18 -84.48 -22.71
C VAL G 106 37.45 -84.49 -23.54
N GLY G 107 37.46 -83.69 -24.59
CA GLY G 107 38.61 -83.61 -25.49
C GLY G 107 39.78 -82.88 -24.87
N CYS G 108 40.97 -83.43 -25.05
CA CYS G 108 42.18 -82.84 -24.49
C CYS G 108 43.16 -82.41 -25.59
N GLY G 109 42.63 -82.27 -26.80
CA GLY G 109 43.35 -81.62 -27.88
C GLY G 109 44.32 -82.51 -28.63
N SER G 110 45.25 -81.88 -29.32
CA SER G 110 46.15 -82.60 -30.21
C SER G 110 47.57 -82.62 -29.66
N VAL G 111 47.75 -82.06 -28.48
CA VAL G 111 49.07 -81.96 -27.85
C VAL G 111 49.18 -82.90 -26.66
N ALA G 112 50.28 -83.65 -26.60
CA ALA G 112 50.44 -84.73 -25.63
C ALA G 112 50.63 -84.26 -24.19
N ASP G 113 51.29 -83.12 -24.02
CA ASP G 113 51.48 -82.59 -22.69
C ASP G 113 50.74 -81.26 -22.52
N LEU G 114 49.71 -81.30 -21.68
CA LEU G 114 48.87 -80.13 -21.47
C LEU G 114 49.55 -79.08 -20.59
N SER G 115 49.32 -77.81 -20.91
CA SER G 115 49.75 -76.72 -20.06
C SER G 115 48.71 -76.50 -18.99
N GLU G 116 49.04 -75.71 -17.97
CA GLU G 116 48.08 -75.32 -16.94
C GLU G 116 46.81 -74.73 -17.57
N ALA G 117 46.97 -73.85 -18.55
CA ALA G 117 45.83 -73.21 -19.17
C ALA G 117 44.97 -74.21 -19.95
N ASP G 118 45.61 -75.14 -20.64
CA ASP G 118 44.87 -76.18 -21.35
C ASP G 118 44.00 -76.97 -20.36
N MET G 119 44.64 -77.42 -19.29
CA MET G 119 43.98 -78.19 -18.25
C MET G 119 42.75 -77.48 -17.71
N LYS G 120 42.87 -76.17 -17.48
CA LYS G 120 41.73 -75.44 -16.94
C LYS G 120 40.57 -75.46 -17.91
N ARG G 121 40.88 -75.52 -19.21
CA ARG G 121 39.83 -75.58 -20.22
C ARG G 121 39.17 -76.97 -20.18
N VAL G 122 39.95 -78.01 -19.88
CA VAL G 122 39.39 -79.34 -19.75
C VAL G 122 38.51 -79.42 -18.52
N VAL G 123 38.98 -78.82 -17.43
CA VAL G 123 38.23 -78.84 -16.18
C VAL G 123 36.90 -78.07 -16.30
N LEU G 124 36.91 -76.94 -16.99
CA LEU G 124 35.68 -76.17 -17.17
C LEU G 124 34.64 -76.89 -18.03
N SER G 125 35.08 -77.63 -19.05
CA SER G 125 34.17 -78.47 -19.82
C SER G 125 33.57 -79.54 -18.91
N LEU G 126 34.40 -80.04 -18.00
CA LEU G 126 34.02 -81.10 -17.10
C LEU G 126 33.00 -80.60 -16.09
N VAL G 127 33.19 -79.39 -15.59
CA VAL G 127 32.29 -78.83 -14.61
C VAL G 127 30.90 -78.55 -15.20
N THR G 128 30.84 -78.17 -16.47
CA THR G 128 29.56 -77.92 -17.12
C THR G 128 28.75 -79.22 -17.26
N MET G 129 29.39 -80.37 -17.09
CA MET G 129 28.68 -81.64 -17.13
C MET G 129 28.19 -82.00 -15.73
N LEU G 130 28.86 -81.47 -14.72
CA LEU G 130 28.42 -81.66 -13.34
C LEU G 130 27.26 -80.73 -13.03
N HIS G 131 27.21 -79.60 -13.72
CA HIS G 131 26.17 -78.60 -13.45
C HIS G 131 24.88 -78.92 -14.20
N ASP G 132 23.78 -78.60 -13.54
CA ASP G 132 22.46 -78.92 -14.04
C ASP G 132 22.29 -80.42 -14.28
N ASN G 133 23.00 -81.22 -13.49
CA ASN G 133 22.83 -82.67 -13.52
C ASN G 133 22.98 -83.27 -12.13
N LYS G 134 21.88 -83.75 -11.56
CA LYS G 134 21.92 -84.35 -10.24
C LYS G 134 22.62 -85.69 -10.29
N LEU G 135 23.86 -85.70 -9.83
CA LEU G 135 24.70 -86.88 -9.90
C LEU G 135 25.22 -87.24 -8.52
N SER G 136 25.24 -88.53 -8.20
CA SER G 136 25.81 -88.96 -6.93
C SER G 136 27.32 -89.23 -7.07
N LYS G 137 27.76 -89.54 -8.29
CA LYS G 137 29.16 -89.89 -8.51
C LYS G 137 29.71 -89.38 -9.84
N LEU G 138 31.00 -89.01 -9.82
CA LEU G 138 31.76 -88.75 -11.04
C LEU G 138 32.94 -89.69 -11.09
N THR G 139 33.18 -90.26 -12.25
CA THR G 139 34.36 -91.07 -12.46
C THR G 139 35.14 -90.46 -13.62
N VAL G 140 36.46 -90.38 -13.47
CA VAL G 140 37.29 -89.75 -14.49
C VAL G 140 38.39 -90.70 -14.91
N VAL G 141 38.40 -91.06 -16.19
CA VAL G 141 39.42 -91.94 -16.72
C VAL G 141 40.51 -91.16 -17.48
N PHE G 142 41.70 -91.10 -16.88
CA PHE G 142 42.84 -90.41 -17.45
C PHE G 142 43.51 -91.23 -18.55
N GLU G 143 43.25 -90.86 -19.79
CA GLU G 143 43.92 -91.49 -20.90
C GLU G 143 44.88 -90.51 -21.54
N ILE G 144 45.41 -89.62 -20.70
CA ILE G 144 46.41 -88.66 -21.11
C ILE G 144 47.54 -88.71 -20.10
N ASN G 145 48.71 -88.22 -20.49
CA ASN G 145 49.85 -88.21 -19.59
C ASN G 145 49.91 -86.96 -18.74
N VAL G 146 50.01 -87.15 -17.44
CA VAL G 146 50.14 -86.02 -16.53
C VAL G 146 51.15 -86.36 -15.43
N ASP G 147 51.99 -85.39 -15.05
CA ASP G 147 52.88 -85.61 -13.93
C ASP G 147 52.08 -85.45 -12.64
N LYS G 148 52.73 -85.68 -11.50
CA LYS G 148 52.04 -85.63 -10.22
C LYS G 148 51.51 -84.24 -9.90
N ASN G 149 52.33 -83.23 -10.20
CA ASN G 149 51.88 -81.84 -10.05
C ASN G 149 50.65 -81.51 -10.89
N LEU G 150 50.62 -81.95 -12.14
CA LEU G 150 49.52 -81.60 -13.02
C LEU G 150 48.27 -82.43 -12.66
N PHE G 151 48.49 -83.63 -12.15
CA PHE G 151 47.38 -84.43 -11.61
C PHE G 151 46.74 -83.68 -10.44
N ARG G 152 47.57 -83.17 -9.54
CA ARG G 152 47.06 -82.44 -8.40
C ARG G 152 46.31 -81.17 -8.83
N PHE G 153 46.90 -80.45 -9.78
CA PHE G 153 46.34 -79.18 -10.27
C PHE G 153 44.94 -79.38 -10.84
N PHE G 154 44.77 -80.48 -11.58
CA PHE G 154 43.47 -80.89 -12.10
C PHE G 154 42.43 -80.97 -10.98
N LEU G 155 42.75 -81.73 -9.95
CA LEU G 155 41.85 -81.92 -8.79
C LEU G 155 41.57 -80.60 -8.07
N GLU G 156 42.61 -79.84 -7.80
CA GLU G 156 42.46 -78.52 -7.18
C GLU G 156 41.47 -77.65 -7.95
N THR G 157 41.66 -77.61 -9.26
CA THR G 157 40.87 -76.77 -10.13
C THR G 157 39.43 -77.26 -10.21
N LEU G 158 39.28 -78.57 -10.34
CA LEU G 158 37.97 -79.22 -10.34
C LEU G 158 37.20 -78.85 -9.08
N PHE G 159 37.81 -79.09 -7.92
CA PHE G 159 37.21 -78.71 -6.63
C PHE G 159 36.86 -77.22 -6.61
N TYR G 160 37.83 -76.38 -6.95
CA TYR G 160 37.61 -74.94 -6.91
C TYR G 160 36.47 -74.48 -7.85
N GLU G 161 36.46 -74.97 -9.09
CA GLU G 161 35.49 -74.49 -10.08
C GLU G 161 34.10 -75.05 -9.85
N TYR G 162 34.04 -76.26 -9.31
CA TYR G 162 32.78 -76.93 -8.98
C TYR G 162 32.04 -76.17 -7.88
N MET G 163 32.75 -75.89 -6.81
CA MET G 163 32.24 -75.19 -5.63
C MET G 163 31.63 -73.83 -6.00
N THR G 164 30.43 -73.56 -5.47
CA THR G 164 29.77 -72.28 -5.70
C THR G 164 29.60 -71.51 -4.38
N ASP G 165 29.96 -70.23 -4.41
CA ASP G 165 29.86 -69.37 -3.23
C ASP G 165 28.45 -68.81 -3.13
N GLU G 166 27.71 -69.15 -2.09
CA GLU G 166 26.34 -68.65 -1.97
C GLU G 166 26.11 -67.84 -0.69
N ARG G 167 27.20 -67.40 -0.06
CA ARG G 167 27.11 -66.72 1.24
C ARG G 167 26.22 -65.47 1.26
N PHE G 168 26.18 -64.70 0.17
CA PHE G 168 25.41 -63.47 0.18
C PHE G 168 24.09 -63.61 -0.59
N LYS G 169 23.82 -64.84 -1.05
CA LYS G 169 22.50 -65.18 -1.59
C LYS G 169 21.50 -65.22 -0.45
N SER G 170 20.31 -64.70 -0.71
CA SER G 170 19.22 -64.75 0.26
C SER G 170 18.02 -65.42 -0.40
N THR G 171 17.19 -64.61 -1.04
CA THR G 171 16.04 -65.09 -1.81
C THR G 171 16.40 -65.79 -3.15
N ASP G 172 17.67 -65.77 -3.54
CA ASP G 172 18.03 -66.33 -4.84
C ASP G 172 19.10 -67.44 -4.80
N LYS G 173 18.98 -68.36 -3.83
CA LYS G 173 19.81 -69.56 -3.79
C LYS G 173 19.37 -70.52 -4.91
N ASN G 174 20.33 -71.15 -5.59
CA ASN G 174 20.03 -71.96 -6.76
C ASN G 174 19.30 -73.25 -6.38
N MET G 177 21.01 -77.44 -7.10
CA MET G 177 22.42 -77.77 -6.95
C MET G 177 22.66 -78.69 -5.76
N GLU G 178 22.91 -79.96 -6.05
CA GLU G 178 23.38 -80.90 -5.05
C GLU G 178 24.61 -81.60 -5.61
N TYR G 179 25.65 -81.67 -4.79
CA TYR G 179 26.97 -82.12 -5.22
C TYR G 179 27.13 -83.65 -5.22
N ILE G 180 28.03 -84.14 -6.06
CA ILE G 180 28.41 -85.56 -6.00
C ILE G 180 28.94 -85.90 -4.62
N LYS G 181 28.81 -87.17 -4.25
CA LYS G 181 29.32 -87.64 -2.95
C LYS G 181 30.58 -88.46 -3.16
N HIS G 182 30.82 -88.86 -4.40
CA HIS G 182 31.93 -89.74 -4.70
C HIS G 182 32.63 -89.32 -5.97
N LEU G 183 33.95 -89.47 -5.97
CA LEU G 183 34.75 -89.20 -7.15
C LEU G 183 35.73 -90.32 -7.38
N GLY G 184 35.58 -91.03 -8.48
CA GLY G 184 36.56 -92.03 -8.84
C GLY G 184 37.52 -91.53 -9.92
N VAL G 185 38.78 -91.92 -9.80
CA VAL G 185 39.80 -91.56 -10.76
C VAL G 185 40.53 -92.82 -11.23
N TYR G 186 40.54 -93.09 -12.53
CA TYR G 186 41.38 -94.15 -13.06
C TYR G 186 42.59 -93.57 -13.76
N ILE G 187 43.76 -94.08 -13.44
CA ILE G 187 44.99 -93.56 -14.03
C ILE G 187 46.10 -94.59 -13.91
N ASN G 188 47.02 -94.60 -14.87
CA ASN G 188 48.16 -95.50 -14.84
C ASN G 188 49.03 -95.18 -13.62
N ASN G 189 49.64 -96.21 -13.04
CA ASN G 189 50.43 -96.09 -11.82
C ASN G 189 49.73 -95.33 -10.70
N ALA G 190 48.47 -95.69 -10.45
CA ALA G 190 47.62 -94.96 -9.51
C ALA G 190 48.26 -94.68 -8.14
N ASP G 191 49.00 -95.64 -7.61
CA ASP G 191 49.49 -95.50 -6.25
C ASP G 191 50.53 -94.39 -6.09
N THR G 192 51.17 -94.00 -7.19
CA THR G 192 52.11 -92.88 -7.14
C THR G 192 51.39 -91.53 -7.14
N TYR G 193 50.11 -91.56 -7.50
CA TYR G 193 49.32 -90.34 -7.60
C TYR G 193 48.46 -90.12 -6.37
N LYS G 194 48.25 -91.19 -5.61
CA LYS G 194 47.35 -91.17 -4.46
C LYS G 194 47.75 -90.14 -3.42
N GLU G 195 49.05 -89.90 -3.27
CA GLU G 195 49.52 -88.96 -2.26
C GLU G 195 49.04 -87.53 -2.57
N GLU G 196 48.71 -87.26 -3.83
CA GLU G 196 48.35 -85.90 -4.23
C GLU G 196 46.91 -85.54 -3.89
N VAL G 197 46.10 -86.54 -3.55
CA VAL G 197 44.67 -86.32 -3.39
C VAL G 197 44.35 -85.43 -2.22
N GLU G 198 44.90 -85.73 -1.04
CA GLU G 198 44.57 -84.94 0.12
C GLU G 198 45.32 -83.63 0.06
N LYS G 199 46.45 -83.62 -0.64
CA LYS G 199 47.17 -82.38 -0.85
C LYS G 199 46.27 -81.45 -1.65
N ALA G 200 45.74 -81.96 -2.77
CA ALA G 200 44.82 -81.21 -3.62
C ALA G 200 43.67 -80.60 -2.84
N ARG G 201 43.04 -81.40 -1.98
CA ARG G 201 41.91 -80.95 -1.17
C ARG G 201 42.31 -79.84 -0.17
N VAL G 202 43.50 -79.95 0.42
CA VAL G 202 44.00 -78.88 1.28
C VAL G 202 44.26 -77.58 0.46
N TYR G 203 44.97 -77.72 -0.65
CA TYR G 203 45.24 -76.59 -1.56
C TYR G 203 43.97 -75.97 -2.09
N TYR G 204 42.99 -76.79 -2.43
CA TYR G 204 41.69 -76.29 -2.85
C TYR G 204 41.12 -75.37 -1.77
N PHE G 205 41.11 -75.80 -0.51
CA PHE G 205 40.47 -74.95 0.49
C PHE G 205 41.29 -73.72 0.85
N GLY G 206 42.61 -73.83 0.82
CA GLY G 206 43.44 -72.65 0.99
C GLY G 206 43.04 -71.61 -0.04
N THR G 207 42.88 -72.06 -1.27
CA THR G 207 42.53 -71.18 -2.38
C THR G 207 41.10 -70.66 -2.26
N TYR G 208 40.17 -71.53 -1.84
CA TYR G 208 38.78 -71.14 -1.77
C TYR G 208 38.58 -70.20 -0.57
N TYR G 209 39.32 -70.45 0.50
CA TYR G 209 39.32 -69.58 1.68
C TYR G 209 39.72 -68.13 1.33
N ALA G 210 40.85 -67.95 0.66
CA ALA G 210 41.28 -66.60 0.22
C ALA G 210 40.19 -66.00 -0.66
N SER G 211 39.64 -66.83 -1.54
CA SER G 211 38.58 -66.41 -2.44
C SER G 211 37.37 -65.89 -1.68
N GLN G 212 36.96 -66.61 -0.65
CA GLN G 212 35.88 -66.15 0.21
C GLN G 212 36.19 -64.79 0.84
N LEU G 213 37.45 -64.55 1.18
CA LEU G 213 37.82 -63.30 1.81
C LEU G 213 37.78 -62.14 0.82
N ILE G 214 38.31 -62.37 -0.37
CA ILE G 214 38.39 -61.34 -1.39
C ILE G 214 37.01 -60.93 -1.90
N ALA G 215 36.23 -61.92 -2.30
CA ALA G 215 34.88 -61.71 -2.78
C ALA G 215 33.97 -61.02 -1.76
N ALA G 216 34.22 -61.26 -0.47
CA ALA G 216 33.43 -60.57 0.55
C ALA G 216 33.61 -59.08 0.40
N PRO G 217 32.49 -58.32 0.31
CA PRO G 217 32.52 -56.87 0.07
C PRO G 217 33.09 -56.14 1.26
N SER G 218 33.48 -54.89 1.02
CA SER G 218 34.25 -54.17 2.01
C SER G 218 33.43 -53.80 3.25
N ASN G 219 32.10 -53.78 3.14
CA ASN G 219 31.27 -53.58 4.33
C ASN G 219 31.23 -54.86 5.19
N TYR G 220 31.53 -56.01 4.60
CA TYR G 220 31.66 -57.23 5.41
C TYR G 220 33.10 -57.45 5.86
N CYS G 221 34.01 -57.26 4.93
CA CYS G 221 35.42 -57.51 5.14
C CYS G 221 36.11 -56.14 5.24
N ASN G 222 36.26 -55.70 6.48
CA ASN G 222 36.97 -54.49 6.83
C ASN G 222 38.17 -54.88 7.70
N PRO G 223 39.01 -53.90 8.08
CA PRO G 223 40.22 -54.37 8.77
C PRO G 223 39.99 -55.03 10.12
N VAL G 224 38.86 -54.74 10.76
CA VAL G 224 38.58 -55.34 12.05
C VAL G 224 38.06 -56.74 11.83
N SER G 225 37.08 -56.87 10.93
CA SER G 225 36.47 -58.16 10.62
C SER G 225 37.49 -59.08 9.99
N LEU G 226 38.43 -58.51 9.22
CA LEU G 226 39.39 -59.35 8.53
C LEU G 226 40.44 -59.91 9.50
N SER G 227 40.86 -59.12 10.49
CA SER G 227 41.83 -59.64 11.46
C SER G 227 41.16 -60.63 12.44
N ASN G 228 39.90 -60.38 12.81
CA ASN G 228 39.09 -61.41 13.49
C ASN G 228 39.08 -62.76 12.76
N ALA G 229 38.94 -62.76 11.44
CA ALA G 229 38.90 -64.01 10.71
C ALA G 229 40.25 -64.70 10.82
N ALA G 230 41.31 -63.91 10.74
CA ALA G 230 42.67 -64.40 10.92
C ALA G 230 42.84 -65.04 12.31
N VAL G 231 42.28 -64.37 13.32
CA VAL G 231 42.35 -64.85 14.68
C VAL G 231 41.60 -66.17 14.83
N GLU G 232 40.37 -66.21 14.31
CA GLU G 232 39.59 -67.42 14.23
C GLU G 232 40.38 -68.54 13.53
N LEU G 233 41.00 -68.24 12.38
CA LEU G 233 41.74 -69.26 11.65
C LEU G 233 42.91 -69.81 12.47
N ALA G 234 43.68 -68.92 13.08
CA ALA G 234 44.81 -69.33 13.89
C ALA G 234 44.33 -70.20 15.04
N GLN G 235 43.21 -69.82 15.65
CA GLN G 235 42.63 -70.55 16.77
C GLN G 235 42.27 -71.97 16.35
N LYS G 236 41.81 -72.12 15.12
CA LYS G 236 41.42 -73.44 14.63
C LYS G 236 42.62 -74.28 14.22
N LEU G 237 43.73 -73.62 13.86
CA LEU G 237 44.90 -74.34 13.36
C LEU G 237 46.02 -74.46 14.40
N ASN G 238 45.81 -73.87 15.57
CA ASN G 238 46.86 -73.77 16.58
C ASN G 238 48.12 -73.05 16.11
N LEU G 239 47.90 -71.95 15.40
CA LEU G 239 49.00 -71.05 15.07
C LEU G 239 49.07 -70.03 16.18
N GLU G 240 50.25 -69.51 16.44
CA GLU G 240 50.34 -68.37 17.33
C GLU G 240 49.83 -67.15 16.58
N TYR G 241 49.26 -66.20 17.30
CA TYR G 241 48.84 -64.97 16.67
C TYR G 241 48.96 -63.79 17.59
N LYS G 242 49.20 -62.66 16.96
CA LYS G 242 49.19 -61.39 17.61
C LYS G 242 48.49 -60.42 16.66
N ILE G 243 47.51 -59.67 17.14
CA ILE G 243 46.96 -58.59 16.36
C ILE G 243 47.36 -57.24 16.95
N LEU G 244 48.20 -56.50 16.24
CA LEU G 244 48.66 -55.17 16.69
C LEU G 244 47.63 -54.06 16.43
N GLY G 245 47.31 -53.31 17.48
CA GLY G 245 46.34 -52.23 17.37
C GLY G 245 47.03 -50.88 17.22
N VAL G 246 46.24 -49.81 17.19
CA VAL G 246 46.79 -48.49 16.91
C VAL G 246 47.86 -48.08 17.93
N LYS G 247 47.55 -48.21 19.23
CA LYS G 247 48.50 -47.89 20.30
C LYS G 247 49.87 -48.56 20.10
N GLU G 248 49.88 -49.87 19.91
CA GLU G 248 51.13 -50.57 19.65
C GLU G 248 51.75 -50.15 18.31
N LEU G 249 50.91 -49.85 17.31
CA LEU G 249 51.40 -49.40 16.00
C LEU G 249 52.03 -48.01 16.14
N GLU G 250 51.45 -47.15 16.96
CA GLU G 250 52.03 -45.84 17.23
C GLU G 250 53.37 -45.96 17.96
N GLU G 251 53.41 -46.89 18.92
CA GLU G 251 54.59 -47.15 19.72
C GLU G 251 55.75 -47.63 18.85
N LEU G 252 55.41 -48.38 17.81
CA LEU G 252 56.40 -48.91 16.87
C LEU G 252 56.71 -47.92 15.76
N LYS G 253 56.07 -46.75 15.82
CA LYS G 253 56.37 -45.64 14.90
C LYS G 253 56.06 -45.96 13.45
N MET G 254 54.99 -46.71 13.21
CA MET G 254 54.58 -47.00 11.83
C MET G 254 53.79 -45.85 11.18
N GLY G 255 54.47 -44.75 10.90
CA GLY G 255 53.81 -43.57 10.39
C GLY G 255 53.24 -43.75 8.99
N ALA G 256 53.85 -44.57 8.17
CA ALA G 256 53.38 -44.71 6.79
C ALA G 256 52.06 -45.48 6.75
N TYR G 257 52.10 -46.69 7.31
CA TYR G 257 50.95 -47.57 7.44
C TYR G 257 49.78 -46.89 8.17
N LEU G 258 50.09 -46.23 9.29
CA LEU G 258 49.05 -45.54 10.04
C LEU G 258 48.42 -44.39 9.23
N SER G 259 49.21 -43.71 8.38
CA SER G 259 48.71 -42.55 7.63
C SER G 259 47.68 -42.96 6.59
N VAL G 260 47.89 -44.12 6.00
CA VAL G 260 46.95 -44.63 5.01
C VAL G 260 45.58 -44.86 5.64
N GLY G 261 45.56 -45.37 6.88
CA GLY G 261 44.30 -45.70 7.53
C GLY G 261 43.60 -44.57 8.26
N LYS G 262 44.22 -43.40 8.31
CA LYS G 262 43.71 -42.29 9.13
C LYS G 262 42.27 -41.90 8.80
N GLY G 263 41.92 -41.96 7.51
CA GLY G 263 40.61 -41.51 7.08
C GLY G 263 39.52 -42.56 7.25
N SER G 264 39.87 -43.72 7.80
CA SER G 264 38.88 -44.79 7.89
C SER G 264 38.12 -44.81 9.24
N MET G 265 36.95 -45.44 9.24
CA MET G 265 36.21 -45.62 10.49
C MET G 265 36.70 -46.87 11.23
N TYR G 266 37.37 -47.77 10.51
CA TYR G 266 37.94 -48.97 11.08
C TYR G 266 39.42 -48.77 11.43
N PRO G 267 39.76 -48.97 12.71
CA PRO G 267 41.14 -48.79 13.19
C PRO G 267 42.03 -49.78 12.48
N ASN G 268 43.27 -49.39 12.20
CA ASN G 268 44.23 -50.33 11.64
C ASN G 268 44.43 -51.52 12.56
N LYS G 269 44.56 -52.70 11.93
CA LYS G 269 44.89 -53.93 12.60
C LYS G 269 45.99 -54.65 11.82
N PHE G 270 47.13 -54.89 12.47
CA PHE G 270 48.25 -55.60 11.87
C PHE G 270 48.27 -57.08 12.30
N ILE G 271 48.06 -57.98 11.34
CA ILE G 271 48.03 -59.43 11.58
C ILE G 271 49.42 -60.03 11.58
N HIS G 272 49.69 -60.86 12.58
CA HIS G 272 50.93 -61.59 12.70
C HIS G 272 50.64 -63.00 13.20
N LEU G 273 50.65 -63.96 12.29
CA LEU G 273 50.50 -65.34 12.67
C LEU G 273 51.85 -66.02 12.54
N THR G 274 52.07 -67.01 13.38
CA THR G 274 53.29 -67.78 13.31
C THR G 274 53.02 -69.27 13.37
N TYR G 275 53.55 -69.97 12.39
CA TYR G 275 53.69 -71.41 12.48
C TYR G 275 55.17 -71.71 12.76
N LYS G 276 55.40 -72.65 13.67
CA LYS G 276 56.75 -73.11 13.97
C LYS G 276 56.76 -74.61 14.02
N SER G 277 57.64 -75.23 13.22
CA SER G 277 57.82 -76.68 13.20
C SER G 277 58.30 -77.16 14.55
N LYS G 278 58.11 -78.45 14.84
CA LYS G 278 58.51 -79.00 16.14
C LYS G 278 59.99 -79.36 16.21
N GLY G 279 60.61 -79.65 15.07
CA GLY G 279 62.03 -80.00 15.04
C GLY G 279 62.94 -78.81 15.23
N ASP G 280 64.23 -78.99 14.93
CA ASP G 280 65.15 -77.85 14.90
C ASP G 280 64.80 -76.96 13.70
N VAL G 281 64.65 -75.66 13.94
CA VAL G 281 64.30 -74.73 12.87
C VAL G 281 65.50 -74.49 11.94
N LYS G 282 65.34 -74.85 10.67
CA LYS G 282 66.44 -74.73 9.72
C LYS G 282 66.26 -73.57 8.74
N LYS G 283 65.10 -72.92 8.80
CA LYS G 283 64.78 -71.83 7.88
C LYS G 283 63.69 -70.93 8.47
N LYS G 284 63.90 -69.62 8.45
CA LYS G 284 62.90 -68.68 8.93
C LYS G 284 62.36 -67.81 7.79
N ILE G 285 61.04 -67.77 7.63
CA ILE G 285 60.46 -67.09 6.49
C ILE G 285 59.37 -66.11 6.90
N ALA G 286 59.34 -64.93 6.27
CA ALA G 286 58.22 -64.00 6.46
C ALA G 286 57.42 -63.82 5.17
N LEU G 287 56.10 -63.95 5.29
CA LEU G 287 55.20 -63.77 4.16
C LEU G 287 54.29 -62.58 4.44
N VAL G 288 54.29 -61.62 3.53
CA VAL G 288 53.65 -60.34 3.75
C VAL G 288 52.61 -60.03 2.69
N GLY G 289 51.37 -59.82 3.11
CA GLY G 289 50.30 -59.63 2.15
C GLY G 289 49.78 -58.22 2.28
N LYS G 290 49.62 -57.54 1.15
CA LYS G 290 48.98 -56.25 1.15
C LYS G 290 47.51 -56.44 1.49
N GLY G 291 47.02 -55.64 2.43
CA GLY G 291 45.67 -55.81 2.91
C GLY G 291 44.86 -54.54 3.06
N ILE G 292 44.54 -53.92 1.93
CA ILE G 292 43.63 -52.79 1.91
C ILE G 292 42.22 -53.33 1.67
N THR G 293 41.34 -53.22 2.65
CA THR G 293 40.03 -53.87 2.56
C THR G 293 39.08 -53.14 1.62
N PHE G 294 39.34 -51.85 1.43
CA PHE G 294 38.79 -51.11 0.32
C PHE G 294 39.72 -49.97 -0.06
N ASP G 295 39.90 -49.78 -1.36
CA ASP G 295 40.74 -48.70 -1.84
C ASP G 295 39.94 -47.75 -2.72
N SER G 296 39.42 -46.69 -2.09
CA SER G 296 38.75 -45.59 -2.79
C SER G 296 39.74 -44.74 -3.57
N GLY G 297 41.02 -44.85 -3.24
CA GLY G 297 42.04 -43.99 -3.81
C GLY G 297 42.48 -42.89 -2.86
N GLY G 298 41.66 -42.57 -1.86
CA GLY G 298 41.91 -41.44 -1.00
C GLY G 298 41.56 -40.14 -1.71
N TYR G 299 42.14 -39.02 -1.28
CA TYR G 299 41.90 -37.73 -1.95
C TYR G 299 42.27 -37.80 -3.44
N ASN G 300 43.23 -38.65 -3.80
CA ASN G 300 43.42 -39.01 -5.21
C ASN G 300 42.36 -40.06 -5.63
N LEU G 301 41.09 -39.68 -5.48
CA LEU G 301 39.96 -40.58 -5.70
C LEU G 301 40.04 -41.34 -7.03
N LYS G 302 39.60 -42.60 -7.03
CA LYS G 302 39.49 -43.28 -8.31
C LYS G 302 38.24 -42.79 -9.06
N ALA G 303 38.35 -41.74 -9.85
CA ALA G 303 37.20 -41.21 -10.60
C ALA G 303 37.44 -41.22 -12.10
N ALA G 304 38.69 -41.49 -12.50
CA ALA G 304 39.04 -41.58 -13.92
C ALA G 304 38.33 -42.76 -14.57
N PRO G 305 37.95 -42.62 -15.85
CA PRO G 305 37.28 -43.74 -16.52
C PRO G 305 38.19 -44.98 -16.57
N GLY G 306 37.65 -46.14 -16.19
CA GLY G 306 38.40 -47.37 -16.15
C GLY G 306 39.21 -47.58 -14.88
N SER G 307 38.97 -46.76 -13.85
CA SER G 307 39.72 -46.94 -12.60
C SER G 307 39.02 -47.99 -11.71
N MET G 308 37.85 -48.44 -12.16
CA MET G 308 37.09 -49.54 -11.56
C MET G 308 37.06 -49.55 -10.04
N ILE G 309 36.54 -48.47 -9.46
CA ILE G 309 36.49 -48.35 -8.02
C ILE G 309 35.68 -49.50 -7.40
N ASP G 310 34.70 -50.04 -8.16
CA ASP G 310 33.82 -51.08 -7.63
C ASP G 310 34.51 -52.44 -7.49
N LEU G 311 35.66 -52.61 -8.11
CA LEU G 311 36.47 -53.83 -7.91
C LEU G 311 37.33 -53.76 -6.61
N MET G 312 37.40 -52.59 -5.98
CA MET G 312 38.47 -52.39 -5.02
C MET G 312 38.29 -53.04 -3.64
N LYS G 313 37.31 -53.93 -3.48
CA LYS G 313 37.32 -54.91 -2.38
C LYS G 313 38.44 -55.95 -2.60
N PHE G 314 38.98 -56.03 -3.81
CA PHE G 314 39.98 -57.04 -4.16
C PHE G 314 41.38 -56.65 -3.68
N ASP G 315 41.49 -55.48 -3.08
CA ASP G 315 42.80 -54.91 -2.73
C ASP G 315 43.43 -55.55 -1.47
N MET G 316 42.72 -56.49 -0.83
CA MET G 316 43.35 -57.30 0.23
C MET G 316 43.67 -58.73 -0.22
N SER G 317 43.73 -58.92 -1.54
CA SER G 317 44.01 -60.23 -2.14
C SER G 317 45.34 -60.82 -1.71
N GLY G 318 46.32 -59.97 -1.41
CA GLY G 318 47.64 -60.43 -0.99
C GLY G 318 47.54 -60.99 0.40
N CYS G 319 46.88 -60.24 1.28
CA CYS G 319 46.58 -60.71 2.62
C CYS G 319 45.82 -62.04 2.59
N ALA G 320 44.87 -62.16 1.66
CA ALA G 320 44.10 -63.39 1.51
C ALA G 320 44.98 -64.53 1.02
N ALA G 321 45.92 -64.26 0.12
CA ALA G 321 46.82 -65.32 -0.31
C ALA G 321 47.64 -65.81 0.87
N VAL G 322 48.11 -64.88 1.68
CA VAL G 322 48.98 -65.25 2.80
C VAL G 322 48.21 -66.05 3.88
N LEU G 323 46.95 -65.71 4.10
CA LEU G 323 46.12 -66.42 5.08
C LEU G 323 45.76 -67.83 4.62
N GLY G 324 45.54 -67.99 3.31
CA GLY G 324 45.22 -69.28 2.74
C GLY G 324 46.44 -70.17 2.73
N CYS G 325 47.61 -69.55 2.55
CA CYS G 325 48.86 -70.26 2.77
C CYS G 325 48.99 -70.73 4.23
N ALA G 326 48.59 -69.87 5.16
CA ALA G 326 48.64 -70.23 6.58
C ALA G 326 47.71 -71.43 6.86
N TYR G 327 46.59 -71.51 6.15
CA TYR G 327 45.73 -72.66 6.31
C TYR G 327 46.47 -73.89 5.79
N CYS G 328 47.05 -73.79 4.60
CA CYS G 328 47.75 -74.92 4.03
C CYS G 328 48.96 -75.36 4.87
N VAL G 329 49.72 -74.41 5.41
CA VAL G 329 50.91 -74.74 6.17
C VAL G 329 50.50 -75.29 7.53
N GLY G 330 49.53 -74.63 8.17
CA GLY G 330 49.07 -75.08 9.46
C GLY G 330 48.46 -76.48 9.38
N THR G 331 47.99 -76.87 8.21
CA THR G 331 47.35 -78.18 8.05
C THR G 331 48.35 -79.25 7.61
N LEU G 332 49.32 -78.89 6.78
CA LEU G 332 50.24 -79.90 6.25
C LEU G 332 51.50 -80.02 7.12
N LYS G 333 51.68 -79.05 8.01
CA LYS G 333 52.77 -79.03 9.00
C LYS G 333 54.11 -79.46 8.43
N PRO G 334 54.76 -78.57 7.67
CA PRO G 334 56.10 -78.89 7.20
C PRO G 334 57.09 -78.90 8.36
N GLU G 335 58.19 -79.64 8.19
CA GLU G 335 59.19 -79.74 9.24
C GLU G 335 60.33 -78.72 9.10
N ASN G 336 60.98 -78.42 10.22
CA ASN G 336 62.24 -77.68 10.23
C ASN G 336 62.15 -76.25 9.70
N VAL G 337 61.04 -75.58 9.97
CA VAL G 337 60.81 -74.27 9.39
C VAL G 337 59.94 -73.38 10.29
N GLU G 338 60.18 -72.08 10.23
CA GLU G 338 59.37 -71.11 10.95
C GLU G 338 58.83 -70.07 9.99
N ILE G 339 57.51 -69.96 9.91
CA ILE G 339 56.89 -69.04 8.98
C ILE G 339 56.09 -67.98 9.72
N HIS G 340 56.35 -66.72 9.38
CA HIS G 340 55.53 -65.63 9.87
C HIS G 340 54.63 -65.17 8.73
N PHE G 341 53.34 -65.06 9.03
CA PHE G 341 52.33 -64.61 8.07
C PHE G 341 51.87 -63.24 8.54
N LEU G 342 52.08 -62.20 7.73
CA LEU G 342 51.93 -60.81 8.16
C LEU G 342 51.07 -59.97 7.20
N SER G 343 50.24 -59.09 7.75
CA SER G 343 49.53 -58.13 6.91
C SER G 343 49.16 -56.83 7.64
N ALA G 344 49.54 -55.71 7.05
CA ALA G 344 49.18 -54.40 7.59
C ALA G 344 47.83 -54.00 7.02
N VAL G 345 46.76 -54.36 7.73
CA VAL G 345 45.41 -54.20 7.24
C VAL G 345 44.82 -52.82 7.56
N CYS G 346 44.20 -52.21 6.56
CA CYS G 346 43.58 -50.89 6.73
C CYS G 346 42.70 -50.57 5.53
N GLU G 347 41.98 -49.46 5.62
CA GLU G 347 41.02 -49.04 4.61
C GLU G 347 41.42 -47.65 4.12
N ASN G 348 41.53 -47.47 2.80
CA ASN G 348 41.97 -46.20 2.22
C ASN G 348 40.77 -45.35 1.79
N MET G 349 40.42 -44.39 2.62
CA MET G 349 39.16 -43.67 2.45
C MET G 349 39.35 -42.15 2.32
N VAL G 350 38.23 -41.47 2.10
CA VAL G 350 38.19 -40.02 1.97
C VAL G 350 37.41 -39.44 3.13
N SER G 351 37.99 -38.45 3.81
CA SER G 351 37.45 -37.99 5.09
C SER G 351 38.14 -36.71 5.52
N LYS G 352 37.64 -36.09 6.58
CA LYS G 352 38.32 -34.94 7.15
C LYS G 352 39.63 -35.38 7.79
N ASN G 353 39.69 -36.65 8.20
CA ASN G 353 40.86 -37.20 8.87
C ASN G 353 41.87 -37.88 7.96
N SER G 354 41.61 -37.93 6.66
CA SER G 354 42.52 -38.61 5.73
C SER G 354 43.85 -37.89 5.56
N TYR G 355 44.86 -38.64 5.16
CA TYR G 355 46.14 -38.02 4.87
C TYR G 355 46.03 -37.36 3.49
N ARG G 356 46.91 -36.40 3.23
CA ARG G 356 46.81 -35.60 2.02
C ARG G 356 47.96 -35.85 1.05
N PRO G 357 47.69 -35.71 -0.27
CA PRO G 357 48.80 -35.61 -1.24
C PRO G 357 49.69 -34.45 -0.82
N GLY G 358 51.01 -34.62 -0.86
CA GLY G 358 51.92 -33.59 -0.40
C GLY G 358 52.39 -33.87 1.01
N ASP G 359 51.57 -34.55 1.81
CA ASP G 359 51.97 -34.87 3.19
C ASP G 359 53.33 -35.58 3.22
N ILE G 360 54.12 -35.26 4.24
CA ILE G 360 55.34 -36.01 4.49
C ILE G 360 55.16 -36.84 5.75
N ILE G 361 55.47 -38.13 5.63
CA ILE G 361 55.21 -39.07 6.72
C ILE G 361 56.45 -39.90 7.04
N THR G 362 56.55 -40.36 8.27
CA THR G 362 57.77 -41.01 8.69
C THR G 362 57.56 -42.50 8.89
N ALA G 363 58.29 -43.32 8.14
CA ALA G 363 58.17 -44.77 8.24
C ALA G 363 58.89 -45.22 9.50
N SER G 364 58.62 -46.45 9.95
CA SER G 364 59.17 -46.94 11.21
C SER G 364 60.68 -47.19 11.21
N ASN G 365 61.33 -47.07 10.06
CA ASN G 365 62.80 -47.15 10.06
C ASN G 365 63.46 -45.77 10.01
N GLY G 366 62.66 -44.73 10.26
CA GLY G 366 63.17 -43.37 10.23
C GLY G 366 63.03 -42.62 8.91
N LYS G 367 62.90 -43.32 7.79
CA LYS G 367 62.82 -42.65 6.49
C LYS G 367 61.57 -41.79 6.34
N THR G 368 61.77 -40.54 5.96
CA THR G 368 60.64 -39.67 5.64
C THR G 368 60.23 -39.79 4.15
N ILE G 369 58.92 -39.83 3.93
CA ILE G 369 58.35 -40.08 2.62
C ILE G 369 57.40 -38.94 2.22
N GLU G 370 57.62 -38.31 1.06
CA GLU G 370 56.65 -37.35 0.57
C GLU G 370 55.61 -38.04 -0.32
N VAL G 371 54.34 -37.79 -0.05
CA VAL G 371 53.25 -38.43 -0.76
C VAL G 371 52.81 -37.64 -2.00
N GLY G 372 53.07 -38.21 -3.17
CA GLY G 372 52.61 -37.61 -4.41
C GLY G 372 51.19 -38.02 -4.80
N ASN G 373 50.71 -39.14 -4.29
CA ASN G 373 49.42 -39.70 -4.71
C ASN G 373 48.83 -40.65 -3.67
N THR G 374 47.69 -40.31 -3.10
CA THR G 374 47.17 -41.11 -1.99
C THR G 374 46.72 -42.48 -2.44
N ASP G 375 46.64 -42.68 -3.75
CA ASP G 375 46.17 -43.93 -4.31
C ASP G 375 47.33 -44.91 -4.51
N ALA G 376 48.52 -44.49 -4.15
CA ALA G 376 49.63 -45.44 -4.14
C ALA G 376 49.89 -45.84 -2.68
N GLU G 377 48.85 -46.40 -2.06
CA GLU G 377 48.84 -46.59 -0.61
C GLU G 377 49.46 -47.91 -0.21
N GLY G 378 49.28 -48.93 -1.04
CA GLY G 378 49.84 -50.24 -0.76
C GLY G 378 51.33 -50.22 -0.44
N ARG G 379 52.11 -49.42 -1.17
CA ARG G 379 53.55 -49.41 -0.95
C ARG G 379 53.91 -48.72 0.38
N LEU G 380 53.03 -47.85 0.87
CA LEU G 380 53.23 -47.22 2.17
C LEU G 380 52.97 -48.22 3.31
N THR G 381 51.87 -48.98 3.21
CA THR G 381 51.60 -50.00 4.21
C THR G 381 52.65 -51.11 4.16
N LEU G 382 53.08 -51.47 2.95
CA LEU G 382 54.08 -52.53 2.82
C LEU G 382 55.42 -52.08 3.41
N ALA G 383 55.72 -50.79 3.30
CA ALA G 383 57.00 -50.27 3.81
C ALA G 383 57.16 -50.58 5.29
N ASP G 384 56.11 -50.28 6.06
CA ASP G 384 56.16 -50.54 7.50
C ASP G 384 56.06 -52.04 7.78
N ALA G 385 55.36 -52.79 6.93
CA ALA G 385 55.28 -54.24 7.14
C ALA G 385 56.64 -54.89 6.86
N LEU G 386 57.37 -54.34 5.90
CA LEU G 386 58.68 -54.90 5.53
C LEU G 386 59.72 -54.63 6.62
N VAL G 387 59.59 -53.49 7.31
CA VAL G 387 60.51 -53.16 8.39
C VAL G 387 60.28 -54.10 9.57
N TYR G 388 59.01 -54.30 9.89
CA TYR G 388 58.58 -55.26 10.90
C TYR G 388 59.10 -56.67 10.57
N ALA G 389 58.93 -57.11 9.32
CA ALA G 389 59.38 -58.45 8.91
C ALA G 389 60.89 -58.63 9.10
N GLU G 390 61.69 -57.64 8.74
CA GLU G 390 63.13 -57.80 8.83
C GLU G 390 63.60 -57.83 10.29
N LYS G 391 62.86 -57.15 11.17
CA LYS G 391 63.15 -57.17 12.61
C LYS G 391 62.92 -58.54 13.26
N LEU G 392 62.24 -59.44 12.55
CA LEU G 392 61.97 -60.76 13.08
C LEU G 392 63.21 -61.63 12.95
N GLY G 393 64.08 -61.26 12.02
CA GLY G 393 65.29 -62.02 11.77
C GLY G 393 64.97 -63.28 10.99
N VAL G 394 64.54 -63.12 9.74
CA VAL G 394 64.23 -64.23 8.87
C VAL G 394 65.27 -64.39 7.77
N ASP G 395 65.22 -65.52 7.09
CA ASP G 395 66.13 -65.75 5.98
C ASP G 395 65.59 -65.19 4.65
N TYR G 396 64.27 -65.22 4.49
CA TYR G 396 63.63 -64.63 3.33
C TYR G 396 62.43 -63.80 3.73
N ILE G 397 62.25 -62.67 3.05
CA ILE G 397 60.99 -61.95 3.09
C ILE G 397 60.36 -61.96 1.69
N VAL G 398 59.18 -62.55 1.57
CA VAL G 398 58.43 -62.52 0.31
C VAL G 398 57.11 -61.79 0.53
N ASP G 399 56.83 -60.79 -0.31
CA ASP G 399 55.53 -60.13 -0.18
C ASP G 399 54.71 -60.38 -1.42
N ILE G 400 53.40 -60.25 -1.29
CA ILE G 400 52.50 -60.48 -2.40
C ILE G 400 51.38 -59.43 -2.34
N ALA G 401 51.12 -58.76 -3.45
CA ALA G 401 50.30 -57.54 -3.40
C ALA G 401 49.66 -57.13 -4.73
N THR G 402 48.40 -56.73 -4.68
CA THR G 402 47.72 -56.14 -5.82
C THR G 402 48.20 -54.69 -5.97
N LEU G 403 49.48 -54.52 -6.27
CA LEU G 403 50.17 -53.25 -6.10
C LEU G 403 49.89 -52.24 -7.21
N THR G 404 50.19 -52.60 -8.46
CA THR G 404 50.12 -51.66 -9.56
C THR G 404 49.25 -52.07 -10.76
N GLY G 405 48.40 -51.15 -11.21
CA GLY G 405 47.60 -51.33 -12.42
C GLY G 405 48.40 -51.73 -13.65
N ALA G 406 49.63 -51.23 -13.74
CA ALA G 406 50.49 -51.45 -14.90
C ALA G 406 50.75 -52.93 -15.24
N MET G 407 50.55 -53.82 -14.27
CA MET G 407 50.75 -55.24 -14.53
C MET G 407 49.83 -55.72 -15.67
N LEU G 408 48.61 -55.20 -15.68
CA LEU G 408 47.68 -55.48 -16.78
C LEU G 408 48.29 -55.11 -18.13
N TYR G 409 49.02 -54.00 -18.18
CA TYR G 409 49.65 -53.56 -19.40
C TYR G 409 50.95 -54.31 -19.64
N SER G 410 51.50 -54.93 -18.59
CA SER G 410 52.77 -55.62 -18.77
C SER G 410 52.59 -57.14 -18.88
N LEU G 411 51.92 -57.75 -17.92
CA LEU G 411 51.82 -59.21 -18.00
C LEU G 411 50.40 -59.70 -18.27
N GLY G 412 49.43 -58.83 -18.12
CA GLY G 412 48.05 -59.21 -18.37
C GLY G 412 47.45 -59.95 -17.19
N THR G 413 46.40 -60.72 -17.47
CA THR G 413 45.62 -61.33 -16.40
C THR G 413 46.02 -62.76 -16.06
N SER G 414 47.04 -63.31 -16.71
CA SER G 414 47.40 -64.71 -16.44
C SER G 414 48.73 -64.91 -15.67
N TYR G 415 49.71 -64.06 -15.91
CA TYR G 415 51.00 -64.23 -15.24
C TYR G 415 51.23 -63.16 -14.19
N ALA G 416 51.74 -63.58 -13.04
CA ALA G 416 52.20 -62.62 -12.03
C ALA G 416 53.64 -62.21 -12.32
N GLY G 417 54.02 -61.05 -11.83
CA GLY G 417 55.41 -60.61 -11.96
C GLY G 417 56.11 -60.66 -10.63
N VAL G 418 57.34 -61.17 -10.62
CA VAL G 418 58.11 -61.11 -9.39
C VAL G 418 59.34 -60.20 -9.59
N PHE G 419 59.60 -59.39 -8.57
CA PHE G 419 60.79 -58.54 -8.47
C PHE G 419 61.55 -58.92 -7.20
N GLY G 420 62.87 -58.79 -7.19
CA GLY G 420 63.62 -59.14 -6.00
C GLY G 420 65.04 -58.60 -5.94
N ASN G 421 65.68 -58.75 -4.78
CA ASN G 421 67.05 -58.31 -4.58
C ASN G 421 68.02 -59.49 -4.45
N ASN G 422 67.55 -60.69 -4.80
CA ASN G 422 68.33 -61.91 -4.62
C ASN G 422 67.93 -63.01 -5.62
N GLU G 423 68.85 -63.40 -6.49
CA GLU G 423 68.53 -64.39 -7.53
C GLU G 423 68.17 -65.77 -7.00
N GLU G 424 68.87 -66.23 -5.95
CA GLU G 424 68.53 -67.51 -5.33
C GLU G 424 67.05 -67.49 -4.91
N LEU G 425 66.64 -66.42 -4.23
CA LEU G 425 65.25 -66.32 -3.80
C LEU G 425 64.28 -66.25 -4.99
N ILE G 426 64.66 -65.57 -6.07
CA ILE G 426 63.82 -65.44 -7.25
C ILE G 426 63.56 -66.79 -7.90
N ASN G 427 64.64 -67.54 -8.09
CA ASN G 427 64.54 -68.84 -8.73
C ASN G 427 63.71 -69.79 -7.90
N LYS G 428 63.76 -69.65 -6.58
CA LYS G 428 62.92 -70.45 -5.72
C LYS G 428 61.45 -70.09 -5.95
N ILE G 429 61.13 -68.79 -6.05
CA ILE G 429 59.77 -68.38 -6.35
C ILE G 429 59.33 -68.91 -7.72
N LEU G 430 60.23 -68.87 -8.69
CA LEU G 430 59.87 -69.33 -10.04
C LEU G 430 59.70 -70.85 -10.04
N GLN G 431 60.57 -71.53 -9.30
CA GLN G 431 60.50 -72.99 -9.18
C GLN G 431 59.16 -73.41 -8.55
N SER G 432 58.74 -72.68 -7.52
CA SER G 432 57.45 -72.93 -6.90
C SER G 432 56.29 -72.63 -7.84
N SER G 433 56.46 -71.63 -8.69
CA SER G 433 55.45 -71.31 -9.69
C SER G 433 55.27 -72.52 -10.61
N LYS G 434 56.39 -73.15 -10.94
CA LYS G 434 56.37 -74.31 -11.81
C LYS G 434 55.56 -75.44 -11.16
N THR G 435 55.88 -75.80 -9.92
CA THR G 435 55.23 -76.93 -9.27
C THR G 435 53.84 -76.60 -8.71
N SER G 436 53.53 -75.32 -8.54
CA SER G 436 52.18 -74.95 -8.12
C SER G 436 51.23 -74.75 -9.30
N ASN G 437 51.81 -74.61 -10.49
CA ASN G 437 51.08 -74.21 -11.70
C ASN G 437 50.32 -72.88 -11.57
N GLU G 438 50.80 -72.01 -10.71
CA GLU G 438 50.40 -70.61 -10.69
C GLU G 438 51.50 -69.79 -11.38
N PRO G 439 51.32 -69.44 -12.67
CA PRO G 439 52.43 -68.89 -13.46
C PRO G 439 52.92 -67.51 -13.01
N VAL G 440 54.24 -67.35 -13.08
CA VAL G 440 54.95 -66.18 -12.56
C VAL G 440 56.08 -65.82 -13.52
N TRP G 441 56.42 -64.53 -13.63
CA TRP G 441 57.50 -64.09 -14.51
C TRP G 441 58.42 -63.07 -13.84
N TRP G 442 59.73 -63.28 -13.98
CA TRP G 442 60.74 -62.41 -13.39
C TRP G 442 60.84 -61.07 -14.14
N LEU G 443 60.59 -59.97 -13.43
CA LEU G 443 60.71 -58.63 -13.98
C LEU G 443 61.78 -57.83 -13.23
N PRO G 444 62.49 -56.91 -13.93
CA PRO G 444 63.70 -56.33 -13.33
C PRO G 444 63.45 -55.13 -12.39
N ILE G 445 64.30 -54.98 -11.39
CA ILE G 445 64.33 -53.74 -10.64
C ILE G 445 65.41 -52.86 -11.30
N ILE G 446 64.98 -51.84 -12.04
CA ILE G 446 65.86 -51.02 -12.87
C ILE G 446 66.40 -49.83 -12.07
N ASN G 447 67.66 -49.94 -11.63
CA ASN G 447 68.25 -48.97 -10.71
C ASN G 447 68.31 -47.57 -11.29
N GLU G 448 68.40 -47.50 -12.61
CA GLU G 448 68.45 -46.22 -13.33
C GLU G 448 67.27 -45.30 -13.01
N TYR G 449 66.15 -45.87 -12.58
CA TYR G 449 64.97 -45.05 -12.30
C TYR G 449 64.97 -44.57 -10.85
N ARG G 450 65.92 -45.04 -10.05
CA ARG G 450 65.91 -44.74 -8.62
C ARG G 450 65.92 -43.24 -8.32
N ALA G 451 66.70 -42.48 -9.09
CA ALA G 451 66.80 -41.03 -8.88
C ALA G 451 65.47 -40.29 -8.93
N THR G 452 64.49 -40.81 -9.68
CA THR G 452 63.20 -40.12 -9.74
C THR G 452 62.45 -40.17 -8.41
N LEU G 453 62.93 -40.99 -7.47
CA LEU G 453 62.34 -41.02 -6.14
C LEU G 453 63.11 -40.10 -5.16
N ASN G 454 64.07 -39.33 -5.67
CA ASN G 454 64.76 -38.31 -4.85
C ASN G 454 63.86 -37.14 -4.55
N SER G 455 63.24 -37.13 -3.37
CA SER G 455 62.41 -36.01 -2.93
C SER G 455 63.25 -34.78 -2.65
N LYS G 456 62.69 -33.60 -2.92
CA LYS G 456 63.37 -32.35 -2.62
C LYS G 456 63.42 -32.13 -1.10
N TYR G 457 62.39 -32.59 -0.40
CA TYR G 457 62.27 -32.30 1.03
C TYR G 457 62.36 -33.53 1.94
N ALA G 458 61.77 -34.64 1.53
CA ALA G 458 61.81 -35.86 2.33
C ALA G 458 63.00 -36.69 1.91
N ASP G 459 63.27 -37.76 2.65
CA ASP G 459 64.33 -38.69 2.29
C ASP G 459 64.06 -39.39 0.95
N ILE G 460 62.79 -39.53 0.59
CA ILE G 460 62.44 -40.27 -0.61
C ILE G 460 61.01 -39.94 -1.11
N ASN G 461 60.80 -39.97 -2.42
CA ASN G 461 59.45 -39.82 -2.97
C ASN G 461 58.66 -41.13 -2.90
N GLN G 462 57.38 -41.04 -2.60
CA GLN G 462 56.51 -42.20 -2.71
C GLN G 462 56.29 -42.65 -4.16
N ILE G 463 56.17 -41.70 -5.09
CA ILE G 463 56.01 -41.99 -6.52
C ILE G 463 56.95 -41.20 -7.43
N SER G 464 57.19 -41.76 -8.60
CA SER G 464 57.94 -41.09 -9.65
C SER G 464 57.00 -40.18 -10.41
N SER G 465 57.40 -38.93 -10.62
CA SER G 465 56.55 -38.02 -11.37
C SER G 465 56.91 -38.04 -12.86
N SER G 466 57.86 -38.89 -13.25
CA SER G 466 58.25 -38.95 -14.65
C SER G 466 58.30 -40.38 -15.21
N VAL G 467 58.66 -41.35 -14.39
CA VAL G 467 58.81 -42.70 -14.93
C VAL G 467 57.46 -43.38 -14.99
N LYS G 468 57.14 -43.98 -16.14
CA LYS G 468 55.82 -44.51 -16.38
C LYS G 468 55.73 -46.00 -16.01
N ALA G 469 56.89 -46.65 -15.87
CA ALA G 469 56.95 -48.08 -15.54
C ALA G 469 56.76 -48.30 -14.04
N SER G 470 55.51 -48.18 -13.58
CA SER G 470 55.29 -48.00 -12.16
C SER G 470 55.43 -49.26 -11.31
N SER G 471 55.34 -50.43 -11.94
CA SER G 471 55.53 -51.67 -11.19
C SER G 471 56.97 -51.72 -10.72
N ILE G 472 57.84 -51.18 -11.58
CA ILE G 472 59.27 -51.17 -11.33
C ILE G 472 59.60 -50.12 -10.27
N VAL G 473 59.00 -48.94 -10.40
CA VAL G 473 59.20 -47.86 -9.44
C VAL G 473 58.74 -48.25 -8.03
N ALA G 474 57.56 -48.88 -7.94
CA ALA G 474 57.04 -49.39 -6.68
C ALA G 474 58.04 -50.36 -6.05
N SER G 475 58.66 -51.19 -6.88
CA SER G 475 59.68 -52.10 -6.40
C SER G 475 60.91 -51.38 -5.85
N LEU G 476 61.42 -50.40 -6.61
CA LEU G 476 62.54 -49.59 -6.15
C LEU G 476 62.20 -49.01 -4.79
N PHE G 477 60.95 -48.58 -4.66
CA PHE G 477 60.49 -47.98 -3.42
C PHE G 477 60.56 -48.96 -2.26
N LEU G 478 60.03 -50.17 -2.49
CA LEU G 478 59.99 -51.20 -1.46
C LEU G 478 61.38 -51.65 -1.09
N LYS G 479 62.26 -51.69 -2.09
CA LYS G 479 63.64 -52.11 -1.89
C LYS G 479 64.31 -51.27 -0.80
N GLU G 480 63.90 -50.01 -0.68
CA GLU G 480 64.51 -49.12 0.30
C GLU G 480 64.12 -49.47 1.73
N PHE G 481 63.25 -50.45 1.92
CA PHE G 481 62.81 -50.75 3.29
C PHE G 481 63.24 -52.15 3.74
N VAL G 482 64.02 -52.82 2.91
CA VAL G 482 64.68 -54.06 3.30
C VAL G 482 66.18 -53.82 3.27
N GLN G 483 66.82 -53.94 4.43
CA GLN G 483 68.20 -53.48 4.53
C GLN G 483 69.20 -54.60 4.26
N ASN G 484 68.92 -55.82 4.70
CA ASN G 484 69.92 -56.87 4.53
C ASN G 484 69.39 -58.30 4.48
N THR G 485 68.21 -58.47 3.89
CA THR G 485 67.61 -59.79 3.80
C THR G 485 67.21 -60.07 2.36
N ALA G 486 67.42 -61.29 1.90
CA ALA G 486 66.85 -61.75 0.65
C ALA G 486 65.36 -61.44 0.66
N TRP G 487 64.93 -60.70 -0.36
CA TRP G 487 63.55 -60.22 -0.47
C TRP G 487 63.00 -60.29 -1.91
N ALA G 488 61.77 -60.76 -2.04
CA ALA G 488 61.07 -60.76 -3.33
C ALA G 488 59.64 -60.25 -3.19
N HIS G 489 59.14 -59.69 -4.28
CA HIS G 489 57.87 -58.98 -4.29
C HIS G 489 57.04 -59.51 -5.45
N ILE G 490 55.81 -59.92 -5.18
CA ILE G 490 54.97 -60.51 -6.23
C ILE G 490 53.74 -59.64 -6.47
N ASP G 491 53.68 -59.02 -7.64
CA ASP G 491 52.58 -58.11 -7.96
C ASP G 491 51.49 -58.90 -8.66
N ILE G 492 50.35 -59.00 -8.00
CA ILE G 492 49.23 -59.78 -8.50
C ILE G 492 48.03 -58.90 -8.83
N ALA G 493 48.25 -57.60 -8.99
CA ALA G 493 47.19 -56.65 -9.32
C ALA G 493 46.43 -57.04 -10.59
N GLY G 494 47.11 -57.76 -11.49
CA GLY G 494 46.49 -58.14 -12.74
C GLY G 494 45.82 -59.51 -12.71
N VAL G 495 46.40 -60.45 -11.97
CA VAL G 495 45.94 -61.84 -11.99
C VAL G 495 44.98 -62.22 -10.86
N SER G 496 44.72 -61.31 -9.94
CA SER G 496 43.92 -61.64 -8.77
C SER G 496 42.45 -61.95 -9.11
N TRP G 497 41.88 -61.12 -9.98
CA TRP G 497 40.46 -61.20 -10.29
C TRP G 497 40.23 -61.85 -11.65
N ASN G 498 39.31 -62.81 -11.69
CA ASN G 498 38.89 -63.46 -12.93
C ASN G 498 37.69 -62.72 -13.49
N PHE G 499 37.93 -61.93 -14.53
CA PHE G 499 36.90 -61.03 -15.05
C PHE G 499 35.81 -61.75 -15.82
N LYS G 500 36.14 -62.85 -16.46
CA LYS G 500 35.14 -63.56 -17.23
C LYS G 500 34.16 -64.30 -16.33
N ALA G 501 34.63 -64.83 -15.20
CA ALA G 501 33.72 -65.53 -14.29
C ALA G 501 33.19 -64.63 -13.17
N ARG G 502 33.75 -63.42 -13.05
CA ARG G 502 33.32 -62.43 -12.06
C ARG G 502 33.55 -62.92 -10.64
N LYS G 503 34.72 -63.47 -10.41
CA LYS G 503 35.08 -63.97 -9.09
C LYS G 503 36.59 -63.90 -8.85
N PRO G 504 37.02 -64.01 -7.58
CA PRO G 504 38.46 -64.07 -7.27
C PRO G 504 39.11 -65.34 -7.83
N LYS G 505 40.44 -65.36 -7.85
CA LYS G 505 41.17 -66.56 -8.23
C LYS G 505 41.84 -67.23 -7.03
N GLY G 506 41.87 -66.52 -5.90
CA GLY G 506 42.67 -66.95 -4.76
C GLY G 506 44.11 -67.21 -5.18
N PHE G 507 44.61 -66.36 -6.08
CA PHE G 507 45.94 -66.51 -6.65
C PHE G 507 47.01 -66.30 -5.59
N GLY G 508 47.99 -67.18 -5.55
CA GLY G 508 49.13 -67.02 -4.66
C GLY G 508 49.22 -68.05 -3.55
N VAL G 509 48.06 -68.58 -3.15
CA VAL G 509 48.02 -69.56 -2.06
C VAL G 509 48.89 -70.77 -2.38
N ARG G 510 48.68 -71.39 -3.53
CA ARG G 510 49.45 -72.58 -3.89
C ARG G 510 50.91 -72.23 -4.15
N LEU G 511 51.14 -71.12 -4.84
CA LEU G 511 52.50 -70.64 -5.08
C LEU G 511 53.28 -70.52 -3.79
N LEU G 512 52.72 -69.82 -2.81
CA LEU G 512 53.42 -69.56 -1.55
C LEU G 512 53.62 -70.82 -0.73
N THR G 513 52.60 -71.68 -0.70
CA THR G 513 52.68 -72.94 0.05
C THR G 513 53.77 -73.83 -0.54
N GLU G 514 53.82 -73.98 -1.87
CA GLU G 514 54.88 -74.76 -2.50
C GLU G 514 56.25 -74.18 -2.18
N PHE G 515 56.30 -72.86 -2.07
CA PHE G 515 57.52 -72.18 -1.70
C PHE G 515 58.00 -72.63 -0.32
N VAL G 516 57.09 -72.62 0.65
CA VAL G 516 57.40 -73.04 2.02
C VAL G 516 57.73 -74.54 2.12
N LEU G 517 56.84 -75.37 1.57
CA LEU G 517 57.02 -76.82 1.67
C LEU G 517 58.35 -77.26 1.08
N ASN G 518 58.52 -77.06 -0.22
CA ASN G 518 59.67 -77.60 -0.91
C ASN G 518 60.89 -76.71 -0.75
N ASP G 519 61.19 -76.34 0.49
CA ASP G 519 62.40 -75.59 0.83
C ASP G 519 63.28 -76.36 1.82
N SER H 2 44.75 -23.22 19.70
CA SER H 2 46.18 -23.26 20.04
C SER H 2 46.75 -24.69 20.01
N GLU H 3 46.04 -25.65 20.58
CA GLU H 3 46.47 -27.05 20.51
C GLU H 3 46.06 -27.69 19.17
N VAL H 4 47.00 -28.40 18.54
CA VAL H 4 46.78 -29.01 17.24
C VAL H 4 46.12 -30.39 17.34
N PRO H 5 44.90 -30.52 16.80
CA PRO H 5 44.28 -31.84 16.83
C PRO H 5 45.08 -32.84 15.99
N GLN H 6 45.18 -34.07 16.48
CA GLN H 6 45.83 -35.15 15.75
C GLN H 6 44.84 -36.29 15.54
N VAL H 7 45.10 -37.16 14.57
CA VAL H 7 44.28 -38.36 14.41
C VAL H 7 45.02 -39.52 15.05
N VAL H 8 46.33 -39.55 14.85
CA VAL H 8 47.19 -40.45 15.58
C VAL H 8 48.32 -39.65 16.18
N SER H 9 49.04 -40.26 17.12
CA SER H 9 50.02 -39.55 17.92
C SER H 9 51.27 -39.29 17.11
N LEU H 10 51.39 -39.94 15.96
CA LEU H 10 52.53 -39.67 15.09
C LEU H 10 52.31 -38.43 14.23
N ASP H 11 51.08 -37.92 14.21
CA ASP H 11 50.75 -36.67 13.50
C ASP H 11 51.52 -35.49 14.10
N PRO H 12 52.19 -34.68 13.26
CA PRO H 12 52.94 -33.52 13.74
C PRO H 12 52.06 -32.49 14.44
N THR H 13 52.61 -31.76 15.40
CA THR H 13 51.85 -30.77 16.14
C THR H 13 52.39 -29.36 15.99
N SER H 14 53.36 -29.19 15.12
CA SER H 14 53.87 -27.86 14.84
C SER H 14 54.68 -27.83 13.56
N ILE H 15 54.79 -26.64 12.99
CA ILE H 15 55.64 -26.45 11.83
C ILE H 15 57.08 -26.28 12.28
N PRO H 16 57.98 -27.14 11.80
CA PRO H 16 59.37 -26.82 12.17
C PRO H 16 59.77 -25.55 11.45
N ILE H 17 60.38 -24.62 12.17
CA ILE H 17 60.86 -23.39 11.57
C ILE H 17 62.29 -23.09 11.96
N GLU H 18 63.12 -22.90 10.94
CA GLU H 18 64.50 -22.51 11.12
C GLU H 18 64.57 -20.98 11.12
N TYR H 19 64.95 -20.39 12.26
CA TYR H 19 65.11 -18.95 12.30
C TYR H 19 66.57 -18.55 12.06
N ASN H 20 67.50 -19.16 12.76
CA ASN H 20 68.90 -18.85 12.47
C ASN H 20 69.43 -19.77 11.41
N THR H 21 69.57 -19.23 10.21
CA THR H 21 70.05 -20.01 9.10
C THR H 21 71.57 -19.81 8.98
N PRO H 22 72.27 -20.76 8.35
CA PRO H 22 73.70 -20.62 8.06
C PRO H 22 74.02 -19.31 7.33
N ILE H 23 73.11 -18.86 6.47
CA ILE H 23 73.27 -17.60 5.75
C ILE H 23 73.49 -16.45 6.75
N HIS H 24 72.83 -16.54 7.90
CA HIS H 24 73.00 -15.54 8.95
C HIS H 24 74.39 -15.58 9.60
N ASP H 25 75.09 -16.71 9.44
CA ASP H 25 76.43 -16.86 10.03
C ASP H 25 77.50 -16.32 9.12
N ILE H 26 77.10 -15.89 7.93
CA ILE H 26 78.07 -15.44 6.95
C ILE H 26 78.48 -14.01 7.22
N LYS H 27 79.75 -13.83 7.57
CA LYS H 27 80.30 -12.50 7.71
C LYS H 27 80.46 -11.87 6.33
N VAL H 28 79.82 -10.72 6.12
CA VAL H 28 79.88 -10.06 4.80
C VAL H 28 80.62 -8.74 4.86
N GLN H 29 81.59 -8.57 3.96
CA GLN H 29 82.35 -7.34 3.87
C GLN H 29 82.30 -6.77 2.46
N VAL H 30 82.06 -5.46 2.37
CA VAL H 30 82.09 -4.77 1.10
C VAL H 30 83.25 -3.77 1.08
N TYR H 31 84.19 -4.00 0.18
CA TYR H 31 85.36 -3.15 0.01
C TYR H 31 85.26 -2.39 -1.29
N ASP H 32 85.95 -1.26 -1.38
CA ASP H 32 85.95 -0.50 -2.61
C ASP H 32 86.97 -1.07 -3.59
N ILE H 33 86.58 -1.11 -4.86
CA ILE H 33 87.32 -1.80 -5.89
C ILE H 33 88.56 -1.01 -6.35
N LYS H 34 88.56 0.31 -6.13
CA LYS H 34 89.69 1.14 -6.53
C LYS H 34 90.89 0.82 -5.66
N GLY H 35 90.62 0.32 -4.45
CA GLY H 35 91.66 -0.05 -3.51
C GLY H 35 92.39 -1.34 -3.88
N GLY H 36 91.88 -2.05 -4.88
CA GLY H 36 92.48 -3.30 -5.33
C GLY H 36 91.93 -4.54 -4.64
N CYS H 37 92.02 -5.69 -5.33
CA CYS H 37 91.52 -6.96 -4.80
C CYS H 37 92.62 -7.79 -4.15
N ASN H 38 92.38 -8.22 -2.91
CA ASN H 38 93.28 -9.16 -2.25
C ASN H 38 92.81 -10.61 -2.43
N VAL H 39 93.68 -11.46 -2.98
CA VAL H 39 93.36 -12.86 -3.21
C VAL H 39 94.26 -13.78 -2.38
N GLU H 40 93.72 -14.34 -1.30
CA GLU H 40 94.54 -15.14 -0.41
C GLU H 40 93.93 -16.49 -0.04
N GLU H 41 92.62 -16.62 -0.08
CA GLU H 41 91.99 -17.80 0.49
C GLU H 41 90.57 -18.01 -0.03
N GLY H 42 90.11 -19.26 -0.01
CA GLY H 42 88.78 -19.59 -0.49
C GLY H 42 88.69 -19.46 -1.99
N LEU H 43 87.55 -18.98 -2.47
CA LEU H 43 87.32 -18.87 -3.90
C LEU H 43 87.10 -17.41 -4.29
N THR H 44 87.66 -17.00 -5.42
CA THR H 44 87.48 -15.64 -5.93
C THR H 44 86.87 -15.62 -7.34
N ILE H 45 85.69 -15.02 -7.47
CA ILE H 45 85.01 -14.98 -8.74
C ILE H 45 84.86 -13.55 -9.26
N PHE H 46 85.35 -13.33 -10.48
CA PHE H 46 85.13 -12.06 -11.17
C PHE H 46 83.89 -12.14 -12.03
N LEU H 47 82.97 -11.23 -11.80
CA LEU H 47 81.85 -11.06 -12.71
C LEU H 47 82.32 -10.16 -13.85
N VAL H 48 82.36 -10.70 -15.05
CA VAL H 48 82.85 -9.94 -16.19
C VAL H 48 81.86 -9.91 -17.34
N ASN H 49 81.80 -8.77 -18.01
CA ASN H 49 81.01 -8.63 -19.21
C ASN H 49 81.88 -8.06 -20.32
N ASN H 50 81.33 -8.03 -21.52
CA ASN H 50 81.98 -7.36 -22.65
C ASN H 50 80.91 -6.75 -23.56
N PRO H 51 80.52 -5.51 -23.26
CA PRO H 51 79.40 -4.80 -23.88
C PRO H 51 79.29 -4.97 -25.41
N LYS H 53 79.43 -7.11 -27.63
CA LYS H 53 80.40 -7.82 -28.45
C LYS H 53 80.11 -9.30 -28.63
N GLU H 54 78.84 -9.65 -28.89
CA GLU H 54 78.41 -11.05 -29.02
C GLU H 54 78.81 -11.88 -27.80
N ASN H 55 79.82 -12.71 -27.96
CA ASN H 55 80.42 -13.44 -26.83
C ASN H 55 81.91 -13.11 -26.73
N GLY H 56 82.21 -11.82 -26.56
CA GLY H 56 83.58 -11.36 -26.53
C GLY H 56 84.42 -11.97 -25.43
N PRO H 57 85.74 -11.77 -25.49
CA PRO H 57 86.68 -12.34 -24.52
C PRO H 57 86.55 -11.72 -23.13
N VAL H 58 87.13 -12.37 -22.13
CA VAL H 58 87.09 -11.84 -20.79
C VAL H 58 88.36 -11.06 -20.51
N LYS H 59 88.20 -9.86 -19.97
CA LYS H 59 89.33 -9.05 -19.55
C LYS H 59 89.09 -8.57 -18.13
N ILE H 60 89.98 -8.96 -17.22
CA ILE H 60 89.90 -8.55 -15.82
C ILE H 60 90.49 -7.14 -15.68
N SER H 61 89.62 -6.15 -15.54
CA SER H 61 90.04 -4.75 -15.50
C SER H 61 90.50 -4.30 -14.11
N SER H 62 90.00 -4.96 -13.06
CA SER H 62 90.29 -4.55 -11.69
C SER H 62 91.74 -4.78 -11.31
N LYS H 63 92.20 -4.07 -10.28
CA LYS H 63 93.58 -4.18 -9.82
C LYS H 63 93.69 -5.27 -8.78
N VAL H 64 94.58 -6.23 -9.04
CA VAL H 64 94.81 -7.35 -8.14
C VAL H 64 96.14 -7.18 -7.42
N ASN H 65 96.09 -6.96 -6.12
CA ASN H 65 97.27 -6.70 -5.31
C ASN H 65 98.10 -7.96 -5.10
N ASP H 66 98.43 -8.60 -6.21
CA ASP H 66 99.27 -9.79 -6.20
C ASP H 66 99.93 -9.87 -7.56
N LYS H 67 101.22 -10.22 -7.59
CA LYS H 67 101.96 -10.27 -8.85
C LYS H 67 101.64 -11.54 -9.63
N GLN H 68 101.71 -12.67 -8.93
CA GLN H 68 101.42 -13.97 -9.52
C GLN H 68 100.02 -14.03 -10.10
N VAL H 69 99.04 -13.69 -9.27
CA VAL H 69 97.64 -13.67 -9.72
C VAL H 69 97.42 -12.67 -10.85
N SER H 70 98.10 -11.53 -10.80
CA SER H 70 97.99 -10.53 -11.88
C SER H 70 98.59 -11.05 -13.17
N GLU H 71 99.65 -11.85 -13.07
CA GLU H 71 100.25 -12.45 -14.24
C GLU H 71 99.28 -13.44 -14.87
N PHE H 72 98.62 -14.25 -14.03
CA PHE H 72 97.64 -15.24 -14.49
C PHE H 72 96.46 -14.58 -15.20
N LEU H 73 95.99 -13.45 -14.67
CA LEU H 73 94.81 -12.80 -15.21
C LEU H 73 95.11 -11.82 -16.36
N LYS H 74 96.33 -11.89 -16.90
CA LYS H 74 96.70 -11.10 -18.08
C LYS H 74 95.78 -11.42 -19.25
N ASP H 75 95.51 -10.42 -20.08
CA ASP H 75 94.51 -10.53 -21.15
C ASP H 75 94.85 -11.65 -22.14
N GLU H 76 96.13 -11.87 -22.36
CA GLU H 76 96.60 -12.96 -23.21
C GLU H 76 96.09 -14.30 -22.68
N ASN H 77 96.21 -14.49 -21.37
CA ASN H 77 95.81 -15.72 -20.71
C ASN H 77 94.30 -15.87 -20.60
N MET H 78 93.57 -14.77 -20.74
CA MET H 78 92.13 -14.80 -20.56
C MET H 78 91.36 -14.78 -21.87
N GLU H 79 92.06 -14.51 -22.97
CA GLU H 79 91.45 -14.44 -24.30
C GLU H 79 90.63 -15.69 -24.62
N LYS H 80 91.09 -16.84 -24.11
CA LYS H 80 90.48 -18.15 -24.40
C LYS H 80 89.06 -18.27 -23.86
N PHE H 81 88.70 -17.38 -22.94
CA PHE H 81 87.40 -17.44 -22.29
C PHE H 81 86.50 -16.29 -22.75
N ASN H 82 85.18 -16.51 -22.72
CA ASN H 82 84.25 -15.46 -23.12
C ASN H 82 83.17 -15.22 -22.09
N VAL H 83 82.38 -14.18 -22.32
CA VAL H 83 81.47 -13.68 -21.29
C VAL H 83 80.03 -14.17 -21.45
N LYS H 84 79.84 -15.25 -22.21
CA LYS H 84 78.51 -15.80 -22.43
C LYS H 84 77.76 -15.88 -21.12
N LEU H 85 76.53 -15.38 -21.12
CA LEU H 85 75.72 -15.31 -19.92
C LEU H 85 75.61 -16.66 -19.22
N GLY H 86 76.13 -16.73 -18.00
CA GLY H 86 75.98 -17.93 -17.19
C GLY H 86 77.18 -18.85 -17.22
N THR H 87 78.15 -18.52 -18.06
CA THR H 87 79.37 -19.33 -18.17
C THR H 87 80.25 -19.08 -16.94
N SER H 88 81.01 -20.11 -16.57
CA SER H 88 81.94 -20.00 -15.47
C SER H 88 83.21 -20.76 -15.77
N LYS H 89 84.32 -20.34 -15.15
CA LYS H 89 85.57 -21.09 -15.20
C LYS H 89 86.28 -21.05 -13.84
N HIS H 90 87.22 -21.97 -13.64
CA HIS H 90 87.92 -22.15 -12.38
C HIS H 90 89.42 -22.15 -12.59
N PHE H 91 90.14 -21.44 -11.71
CA PHE H 91 91.60 -21.30 -11.84
C PHE H 91 92.31 -21.68 -10.56
N TYR H 92 93.45 -22.36 -10.70
CA TYR H 92 94.27 -22.71 -9.57
C TYR H 92 95.67 -22.12 -9.74
N MET H 93 96.18 -21.49 -8.68
CA MET H 93 97.52 -20.91 -8.73
C MET H 93 98.08 -20.60 -7.35
N PHE H 94 99.38 -20.31 -7.32
CA PHE H 94 100.05 -19.92 -6.09
C PHE H 94 100.26 -18.42 -6.07
N ASN H 95 100.02 -17.79 -4.92
CA ASN H 95 100.22 -16.35 -4.81
C ASN H 95 101.65 -16.00 -4.41
N ASP H 96 101.94 -14.71 -4.30
CA ASP H 96 103.26 -14.23 -3.91
C ASP H 96 103.64 -14.72 -2.51
N ASN H 97 102.63 -15.08 -1.73
CA ASN H 97 102.84 -15.67 -0.41
C ASN H 97 103.26 -17.13 -0.52
N LYS H 98 103.35 -17.60 -1.76
CA LYS H 98 103.75 -18.98 -2.08
C LYS H 98 102.71 -19.99 -1.60
N ASN H 99 101.47 -19.55 -1.40
CA ASN H 99 100.39 -20.50 -1.12
C ASN H 99 99.34 -20.54 -2.23
N SER H 100 98.62 -21.66 -2.27
CA SER H 100 97.62 -21.91 -3.31
C SER H 100 96.30 -21.16 -3.11
N VAL H 101 95.86 -20.46 -4.14
CA VAL H 101 94.54 -19.82 -4.15
C VAL H 101 93.67 -20.32 -5.30
N ALA H 102 92.37 -20.03 -5.23
CA ALA H 102 91.44 -20.44 -6.26
C ALA H 102 90.63 -19.25 -6.78
N VAL H 103 90.77 -18.97 -8.06
CA VAL H 103 90.08 -17.86 -8.70
C VAL H 103 89.22 -18.40 -9.83
N GLY H 104 88.30 -17.60 -10.33
CA GLY H 104 87.53 -17.96 -11.50
C GLY H 104 86.68 -16.79 -11.95
N TYR H 105 85.78 -17.00 -12.88
CA TYR H 105 84.89 -15.92 -13.28
C TYR H 105 83.51 -16.44 -13.67
N VAL H 106 82.53 -15.55 -13.69
CA VAL H 106 81.23 -15.86 -14.25
C VAL H 106 80.88 -14.84 -15.33
N GLY H 107 80.39 -15.33 -16.46
CA GLY H 107 80.03 -14.46 -17.57
C GLY H 107 78.74 -13.70 -17.35
N CYS H 108 78.75 -12.40 -17.67
CA CYS H 108 77.57 -11.57 -17.49
C CYS H 108 77.03 -11.00 -18.80
N GLY H 109 77.32 -11.69 -19.90
CA GLY H 109 76.72 -11.37 -21.19
C GLY H 109 77.27 -10.15 -21.90
N SER H 110 76.42 -9.52 -22.72
CA SER H 110 76.84 -8.38 -23.50
C SER H 110 76.08 -7.09 -23.20
N VAL H 111 74.95 -7.19 -22.53
CA VAL H 111 74.18 -5.99 -22.19
C VAL H 111 74.80 -5.30 -20.97
N ALA H 112 74.73 -3.97 -20.94
CA ALA H 112 75.27 -3.22 -19.80
C ALA H 112 74.22 -3.12 -18.70
N ASP H 113 72.97 -3.44 -19.03
CA ASP H 113 71.88 -3.44 -18.07
C ASP H 113 71.39 -4.86 -17.83
N LEU H 114 71.89 -5.50 -16.77
CA LEU H 114 71.51 -6.86 -16.47
C LEU H 114 70.07 -6.90 -16.02
N SER H 115 69.22 -7.65 -16.73
CA SER H 115 67.85 -7.81 -16.28
C SER H 115 67.83 -8.67 -15.02
N GLU H 116 66.71 -8.66 -14.31
CA GLU H 116 66.56 -9.48 -13.13
C GLU H 116 66.66 -10.97 -13.49
N ALA H 117 65.98 -11.36 -14.57
CA ALA H 117 66.05 -12.73 -15.07
C ALA H 117 67.50 -13.10 -15.39
N ASP H 118 68.26 -12.15 -15.94
CA ASP H 118 69.65 -12.37 -16.30
C ASP H 118 70.52 -12.42 -15.05
N MET H 119 70.19 -11.61 -14.07
CA MET H 119 70.96 -11.57 -12.82
C MET H 119 70.79 -12.89 -12.08
N LYS H 120 69.58 -13.42 -12.14
CA LYS H 120 69.26 -14.69 -11.50
C LYS H 120 70.13 -15.79 -12.09
N ARG H 121 70.34 -15.75 -13.41
CA ARG H 121 71.22 -16.72 -14.05
C ARG H 121 72.66 -16.60 -13.56
N VAL H 122 73.12 -15.38 -13.34
CA VAL H 122 74.47 -15.19 -12.84
C VAL H 122 74.58 -15.81 -11.44
N VAL H 123 73.57 -15.54 -10.62
CA VAL H 123 73.58 -16.03 -9.24
C VAL H 123 73.58 -17.55 -9.21
N LEU H 124 72.81 -18.17 -10.11
CA LEU H 124 72.68 -19.62 -10.12
C LEU H 124 73.99 -20.30 -10.49
N SER H 125 74.77 -19.66 -11.38
CA SER H 125 76.11 -20.15 -11.72
C SER H 125 77.02 -20.03 -10.52
N LEU H 126 76.90 -18.91 -9.81
CA LEU H 126 77.66 -18.75 -8.59
C LEU H 126 77.41 -19.93 -7.65
N VAL H 127 76.14 -20.14 -7.31
CA VAL H 127 75.74 -21.15 -6.32
C VAL H 127 76.25 -22.54 -6.70
N THR H 128 76.32 -22.82 -8.00
CA THR H 128 76.87 -24.10 -8.45
C THR H 128 78.34 -24.24 -8.14
N MET H 129 79.07 -23.12 -8.15
CA MET H 129 80.48 -23.15 -7.77
C MET H 129 80.62 -23.30 -6.25
N LEU H 130 79.59 -22.90 -5.50
CA LEU H 130 79.58 -23.05 -4.05
C LEU H 130 79.23 -24.47 -3.64
N HIS H 131 78.22 -25.04 -4.29
CA HIS H 131 77.88 -26.45 -4.12
C HIS H 131 79.06 -27.29 -4.57
N ASP H 132 79.23 -28.47 -3.97
CA ASP H 132 80.33 -29.39 -4.31
C ASP H 132 81.72 -28.76 -4.13
N ASN H 133 81.80 -27.77 -3.25
CA ASN H 133 83.08 -27.20 -2.87
C ASN H 133 83.08 -26.85 -1.38
N LYS H 134 83.99 -27.46 -0.63
CA LYS H 134 84.15 -27.10 0.77
C LYS H 134 84.95 -25.79 0.82
N LEU H 135 84.23 -24.70 1.08
CA LEU H 135 84.81 -23.36 1.06
C LEU H 135 84.63 -22.65 2.38
N SER H 136 85.63 -21.88 2.77
CA SER H 136 85.51 -21.05 3.96
C SER H 136 85.08 -19.65 3.53
N LYS H 137 85.38 -19.31 2.29
CA LYS H 137 85.24 -17.91 1.88
C LYS H 137 84.95 -17.76 0.40
N LEU H 138 83.93 -16.97 0.08
CA LEU H 138 83.71 -16.57 -1.30
C LEU H 138 84.05 -15.09 -1.46
N THR H 139 84.78 -14.76 -2.51
CA THR H 139 84.98 -13.37 -2.82
C THR H 139 84.44 -13.03 -4.20
N VAL H 140 83.60 -12.00 -4.25
CA VAL H 140 82.94 -11.61 -5.49
C VAL H 140 83.36 -10.21 -5.94
N VAL H 141 84.09 -10.15 -7.04
CA VAL H 141 84.55 -8.87 -7.59
C VAL H 141 83.68 -8.39 -8.74
N PHE H 142 82.98 -7.28 -8.52
CA PHE H 142 82.06 -6.73 -9.50
C PHE H 142 82.72 -5.86 -10.55
N GLU H 143 82.98 -6.44 -11.72
CA GLU H 143 83.48 -5.67 -12.86
C GLU H 143 82.34 -5.38 -13.82
N ILE H 144 81.17 -5.12 -13.25
CA ILE H 144 79.99 -4.71 -14.04
C ILE H 144 79.21 -3.70 -13.21
N ASN H 145 78.39 -2.89 -13.87
CA ASN H 145 77.62 -1.87 -13.17
C ASN H 145 76.21 -2.34 -12.83
N VAL H 146 75.81 -2.06 -11.60
CA VAL H 146 74.47 -2.34 -11.12
C VAL H 146 74.04 -1.23 -10.17
N ASP H 147 72.77 -0.82 -10.24
CA ASP H 147 72.29 0.14 -9.24
C ASP H 147 72.20 -0.53 -7.86
N LYS H 148 71.92 0.25 -6.82
CA LYS H 148 71.80 -0.32 -5.49
C LYS H 148 70.73 -1.41 -5.40
N ASN H 149 69.58 -1.19 -6.05
CA ASN H 149 68.51 -2.16 -5.99
C ASN H 149 68.90 -3.51 -6.59
N LEU H 150 69.56 -3.48 -7.75
CA LEU H 150 69.97 -4.72 -8.39
C LEU H 150 71.04 -5.43 -7.56
N PHE H 151 71.84 -4.64 -6.86
CA PHE H 151 72.87 -5.19 -6.00
C PHE H 151 72.27 -5.92 -4.82
N ARG H 152 71.33 -5.27 -4.13
CA ARG H 152 70.59 -5.90 -3.05
C ARG H 152 69.93 -7.19 -3.55
N PHE H 153 69.35 -7.13 -4.74
CA PHE H 153 68.67 -8.27 -5.34
C PHE H 153 69.63 -9.44 -5.57
N PHE H 154 70.85 -9.13 -6.02
CA PHE H 154 71.87 -10.14 -6.23
C PHE H 154 72.20 -10.86 -4.92
N LEU H 155 72.20 -10.10 -3.84
CA LEU H 155 72.53 -10.68 -2.54
C LEU H 155 71.42 -11.60 -2.03
N GLU H 156 70.17 -11.11 -2.05
CA GLU H 156 68.99 -11.90 -1.67
C GLU H 156 68.91 -13.19 -2.44
N THR H 157 69.13 -13.09 -3.74
CA THR H 157 69.03 -14.24 -4.62
C THR H 157 70.11 -15.23 -4.26
N LEU H 158 71.31 -14.70 -4.01
CA LEU H 158 72.44 -15.53 -3.63
C LEU H 158 72.10 -16.23 -2.32
N PHE H 159 71.60 -15.46 -1.38
CA PHE H 159 71.22 -16.00 -0.08
C PHE H 159 70.10 -17.05 -0.20
N TYR H 160 68.98 -16.68 -0.83
CA TYR H 160 67.87 -17.61 -0.99
C TYR H 160 68.26 -18.88 -1.76
N GLU H 161 69.04 -18.77 -2.83
CA GLU H 161 69.40 -19.96 -3.61
C GLU H 161 70.48 -20.83 -2.93
N TYR H 162 71.33 -20.22 -2.11
CA TYR H 162 72.41 -20.93 -1.43
C TYR H 162 71.80 -21.79 -0.33
N MET H 163 70.78 -21.24 0.32
CA MET H 163 70.16 -21.88 1.46
C MET H 163 69.34 -23.12 1.07
N THR H 164 69.55 -24.20 1.80
CA THR H 164 68.95 -25.47 1.45
C THR H 164 68.08 -25.96 2.60
N ASP H 165 66.80 -26.22 2.28
CA ASP H 165 65.80 -26.57 3.26
C ASP H 165 65.85 -28.06 3.60
N GLU H 166 66.30 -28.40 4.81
CA GLU H 166 66.48 -29.79 5.22
C GLU H 166 65.60 -30.18 6.41
N ARG H 167 64.58 -29.38 6.69
CA ARG H 167 63.73 -29.63 7.84
C ARG H 167 63.08 -31.02 7.83
N PHE H 168 62.80 -31.58 6.64
CA PHE H 168 62.07 -32.85 6.57
C PHE H 168 62.94 -34.01 6.14
N LYS H 169 64.24 -33.82 6.25
CA LYS H 169 65.23 -34.87 6.00
C LYS H 169 65.63 -35.56 7.30
N SER H 170 65.91 -36.86 7.23
CA SER H 170 66.47 -37.59 8.37
C SER H 170 67.61 -38.49 7.94
N THR H 171 67.26 -39.66 7.39
CA THR H 171 68.27 -40.64 6.95
C THR H 171 69.07 -40.15 5.73
N ASP H 172 68.50 -39.23 4.96
CA ASP H 172 69.17 -38.74 3.76
C ASP H 172 69.87 -37.41 4.00
N MET H 177 78.02 -30.88 3.18
CA MET H 177 77.23 -29.84 3.84
C MET H 177 78.12 -28.89 4.62
N GLU H 178 78.62 -27.86 3.95
CA GLU H 178 79.43 -26.85 4.64
C GLU H 178 79.30 -25.47 4.01
N TYR H 179 78.63 -24.57 4.72
CA TYR H 179 78.44 -23.20 4.27
C TYR H 179 79.67 -22.31 4.53
N ILE H 180 79.86 -21.32 3.67
CA ILE H 180 80.94 -20.35 3.85
C ILE H 180 80.69 -19.52 5.10
N LYS H 181 81.75 -19.06 5.74
CA LYS H 181 81.64 -18.21 6.91
C LYS H 181 81.89 -16.75 6.54
N HIS H 182 82.45 -16.54 5.36
CA HIS H 182 82.77 -15.17 4.89
C HIS H 182 82.44 -14.94 3.43
N LEU H 183 81.85 -13.78 3.15
CA LEU H 183 81.66 -13.35 1.77
C LEU H 183 82.25 -11.96 1.59
N GLY H 184 83.24 -11.85 0.71
CA GLY H 184 83.85 -10.57 0.39
C GLY H 184 83.34 -10.03 -0.94
N VAL H 185 82.98 -8.75 -0.97
CA VAL H 185 82.44 -8.12 -2.17
C VAL H 185 83.26 -6.88 -2.57
N TYR H 186 83.81 -6.92 -3.79
CA TYR H 186 84.56 -5.79 -4.32
C TYR H 186 83.75 -5.05 -5.38
N ILE H 187 83.56 -3.74 -5.19
CA ILE H 187 82.71 -2.97 -6.08
C ILE H 187 82.98 -1.46 -6.00
N ASN H 188 82.88 -0.79 -7.14
CA ASN H 188 83.02 0.65 -7.20
C ASN H 188 81.99 1.34 -6.31
N ASN H 189 82.36 2.51 -5.78
CA ASN H 189 81.46 3.29 -4.92
C ASN H 189 80.88 2.48 -3.77
N ALA H 190 81.71 1.59 -3.21
CA ALA H 190 81.28 0.63 -2.20
C ALA H 190 80.61 1.29 -1.00
N ASP H 191 80.96 2.55 -0.75
CA ASP H 191 80.32 3.32 0.30
C ASP H 191 78.82 3.42 0.06
N THR H 192 78.43 3.43 -1.21
CA THR H 192 77.02 3.54 -1.58
C THR H 192 76.25 2.22 -1.42
N TYR H 193 76.97 1.09 -1.40
CA TYR H 193 76.32 -0.21 -1.43
C TYR H 193 76.30 -0.94 -0.08
N LYS H 194 77.03 -0.43 0.90
CA LYS H 194 77.15 -1.12 2.18
C LYS H 194 75.83 -1.19 2.95
N GLU H 195 74.97 -0.18 2.80
CA GLU H 195 73.70 -0.17 3.51
C GLU H 195 72.75 -1.26 2.98
N GLU H 196 72.96 -1.68 1.74
CA GLU H 196 72.12 -2.68 1.10
C GLU H 196 72.36 -4.09 1.63
N VAL H 197 73.45 -4.28 2.36
CA VAL H 197 73.83 -5.63 2.79
C VAL H 197 72.83 -6.21 3.79
N GLU H 198 72.53 -5.46 4.84
CA GLU H 198 71.65 -6.02 5.86
C GLU H 198 70.18 -5.97 5.44
N LYS H 199 69.83 -5.05 4.57
CA LYS H 199 68.48 -5.03 4.03
C LYS H 199 68.27 -6.28 3.17
N ALA H 200 69.31 -6.68 2.44
CA ALA H 200 69.22 -7.90 1.64
C ALA H 200 69.13 -9.11 2.55
N ARG H 201 69.74 -9.02 3.73
CA ARG H 201 69.70 -10.12 4.67
C ARG H 201 68.28 -10.26 5.23
N VAL H 202 67.64 -9.12 5.51
CA VAL H 202 66.30 -9.12 6.04
C VAL H 202 65.30 -9.60 4.98
N TYR H 203 65.45 -9.12 3.75
CA TYR H 203 64.59 -9.56 2.65
C TYR H 203 64.77 -11.04 2.40
N TYR H 204 66.03 -11.50 2.43
CA TYR H 204 66.31 -12.92 2.23
C TYR H 204 65.51 -13.76 3.21
N PHE H 205 65.65 -13.51 4.50
CA PHE H 205 64.98 -14.37 5.46
C PHE H 205 63.45 -14.25 5.41
N GLY H 206 62.95 -13.06 5.10
CA GLY H 206 61.52 -12.88 4.94
C GLY H 206 60.95 -13.77 3.84
N THR H 207 61.65 -13.85 2.72
CA THR H 207 61.16 -14.71 1.66
C THR H 207 61.51 -16.17 1.99
N TYR H 208 62.56 -16.39 2.76
CA TYR H 208 62.85 -17.76 3.14
C TYR H 208 61.83 -18.32 4.14
N TYR H 209 61.43 -17.49 5.09
CA TYR H 209 60.35 -17.80 6.03
C TYR H 209 59.06 -18.18 5.30
N ALA H 210 58.59 -17.30 4.41
CA ALA H 210 57.41 -17.57 3.60
C ALA H 210 57.56 -18.90 2.88
N SER H 211 58.76 -19.13 2.34
CA SER H 211 59.07 -20.39 1.67
C SER H 211 58.95 -21.60 2.61
N GLN H 212 59.35 -21.43 3.88
CA GLN H 212 59.33 -22.57 4.80
C GLN H 212 57.89 -22.96 5.13
N LEU H 213 57.02 -21.98 5.32
CA LEU H 213 55.60 -22.23 5.54
C LEU H 213 54.95 -22.91 4.32
N ILE H 214 55.27 -22.44 3.11
CA ILE H 214 54.70 -23.02 1.89
C ILE H 214 55.12 -24.47 1.67
N ALA H 215 56.43 -24.71 1.69
CA ALA H 215 56.98 -26.05 1.51
C ALA H 215 56.53 -27.05 2.61
N ALA H 216 56.38 -26.59 3.86
CA ALA H 216 55.76 -27.37 4.93
C ALA H 216 54.49 -28.04 4.44
N PRO H 217 54.49 -29.37 4.40
CA PRO H 217 53.32 -30.14 3.91
C PRO H 217 52.07 -29.88 4.76
N SER H 218 50.91 -30.27 4.26
CA SER H 218 49.68 -29.83 4.90
C SER H 218 49.39 -30.59 6.20
N ASN H 219 50.04 -31.74 6.42
CA ASN H 219 49.91 -32.40 7.72
C ASN H 219 50.66 -31.61 8.81
N TYR H 220 51.80 -31.01 8.46
CA TYR H 220 52.53 -30.15 9.40
C TYR H 220 51.92 -28.75 9.52
N CYS H 221 51.62 -28.15 8.36
CA CYS H 221 51.14 -26.78 8.28
C CYS H 221 49.65 -26.79 7.99
N ASN H 222 48.89 -26.80 9.09
CA ASN H 222 47.44 -26.79 9.08
C ASN H 222 46.96 -25.45 9.68
N PRO H 223 45.65 -25.17 9.65
CA PRO H 223 45.23 -23.89 10.22
C PRO H 223 45.65 -23.66 11.68
N VAL H 224 45.86 -24.73 12.45
CA VAL H 224 46.21 -24.52 13.87
C VAL H 224 47.70 -24.25 14.01
N SER H 225 48.52 -25.10 13.40
CA SER H 225 49.96 -24.89 13.49
C SER H 225 50.37 -23.57 12.83
N LEU H 226 49.65 -23.14 11.79
CA LEU H 226 50.07 -21.96 11.04
C LEU H 226 49.78 -20.72 11.84
N SER H 227 48.60 -20.66 12.43
CA SER H 227 48.25 -19.55 13.30
C SER H 227 49.14 -19.56 14.57
N ASN H 228 49.54 -20.74 15.03
CA ASN H 228 50.50 -20.79 16.13
C ASN H 228 51.82 -20.16 15.73
N ALA H 229 52.25 -20.44 14.50
CA ALA H 229 53.53 -19.97 14.01
C ALA H 229 53.52 -18.45 13.93
N ALA H 230 52.43 -17.91 13.40
CA ALA H 230 52.22 -16.47 13.34
C ALA H 230 52.36 -15.84 14.72
N VAL H 231 51.83 -16.52 15.74
CA VAL H 231 51.90 -16.03 17.11
C VAL H 231 53.35 -15.91 17.56
N GLU H 232 54.09 -17.01 17.40
CA GLU H 232 55.50 -17.07 17.76
C GLU H 232 56.28 -15.95 17.05
N LEU H 233 55.98 -15.71 15.78
CA LEU H 233 56.64 -14.69 14.97
C LEU H 233 56.36 -13.29 15.50
N ALA H 234 55.07 -13.03 15.73
CA ALA H 234 54.69 -11.77 16.34
C ALA H 234 55.42 -11.56 17.67
N GLN H 235 55.61 -12.66 18.42
CA GLN H 235 56.25 -12.56 19.72
C GLN H 235 57.71 -12.18 19.62
N LYS H 236 58.40 -12.70 18.62
CA LYS H 236 59.80 -12.39 18.42
C LYS H 236 59.97 -10.95 17.95
N LEU H 237 58.98 -10.43 17.22
CA LEU H 237 59.10 -9.12 16.61
C LEU H 237 58.39 -8.04 17.41
N ASN H 238 57.83 -8.44 18.54
CA ASN H 238 57.06 -7.53 19.38
C ASN H 238 55.97 -6.86 18.58
N LEU H 239 55.18 -7.65 17.87
CA LEU H 239 54.03 -7.10 17.15
C LEU H 239 52.78 -7.41 17.96
N GLU H 240 51.80 -6.52 17.89
CA GLU H 240 50.52 -6.79 18.50
C GLU H 240 49.90 -7.93 17.70
N TYR H 241 49.29 -8.89 18.36
CA TYR H 241 48.69 -10.01 17.64
C TYR H 241 47.41 -10.47 18.26
N LYS H 242 46.62 -11.14 17.46
CA LYS H 242 45.38 -11.69 17.90
C LYS H 242 44.99 -12.82 16.95
N ILE H 243 44.64 -13.97 17.50
CA ILE H 243 44.14 -15.05 16.65
C ILE H 243 42.67 -15.25 16.90
N LEU H 244 41.86 -15.17 15.85
CA LEU H 244 40.43 -15.27 16.06
C LEU H 244 39.96 -16.69 15.79
N GLY H 245 39.21 -17.24 16.75
CA GLY H 245 38.71 -18.60 16.69
C GLY H 245 37.25 -18.73 16.28
N VAL H 246 36.81 -19.98 16.13
CA VAL H 246 35.50 -20.31 15.59
C VAL H 246 34.35 -19.56 16.26
N LYS H 247 34.35 -19.53 17.60
CA LYS H 247 33.29 -18.86 18.32
C LYS H 247 33.27 -17.34 18.09
N GLU H 248 34.45 -16.73 17.99
CA GLU H 248 34.54 -15.31 17.68
C GLU H 248 34.08 -15.00 16.25
N LEU H 249 34.54 -15.83 15.32
CA LEU H 249 34.20 -15.70 13.91
C LEU H 249 32.71 -15.85 13.68
N GLU H 250 32.06 -16.63 14.54
CA GLU H 250 30.60 -16.81 14.50
C GLU H 250 29.90 -15.52 14.94
N GLU H 251 30.43 -14.89 15.99
CA GLU H 251 29.91 -13.62 16.48
C GLU H 251 30.02 -12.53 15.43
N LEU H 252 31.09 -12.58 14.62
CA LEU H 252 31.26 -11.60 13.55
C LEU H 252 30.54 -11.99 12.25
N LYS H 253 29.83 -13.12 12.27
CA LYS H 253 28.92 -13.53 11.20
C LYS H 253 29.61 -13.82 9.88
N MET H 254 30.83 -14.36 9.96
CA MET H 254 31.64 -14.67 8.79
C MET H 254 31.27 -16.01 8.17
N GLY H 255 30.08 -16.06 7.58
CA GLY H 255 29.51 -17.31 7.12
C GLY H 255 30.26 -17.88 5.93
N ALA H 256 30.84 -17.01 5.11
CA ALA H 256 31.50 -17.48 3.90
C ALA H 256 32.77 -18.23 4.25
N TYR H 257 33.67 -17.53 4.95
CA TYR H 257 34.90 -18.13 5.48
C TYR H 257 34.64 -19.40 6.27
N LEU H 258 33.69 -19.37 7.21
CA LEU H 258 33.46 -20.56 8.05
C LEU H 258 32.99 -21.74 7.20
N SER H 259 32.18 -21.44 6.17
CA SER H 259 31.61 -22.49 5.32
C SER H 259 32.67 -23.33 4.65
N VAL H 260 33.77 -22.69 4.28
CA VAL H 260 34.87 -23.36 3.59
C VAL H 260 35.59 -24.37 4.49
N GLY H 261 35.79 -24.01 5.76
CA GLY H 261 36.52 -24.88 6.68
C GLY H 261 35.68 -25.93 7.40
N LYS H 262 34.41 -26.06 7.03
CA LYS H 262 33.48 -26.96 7.72
C LYS H 262 33.87 -28.42 7.68
N GLY H 263 34.40 -28.86 6.54
CA GLY H 263 34.74 -30.25 6.33
C GLY H 263 36.09 -30.62 6.90
N SER H 264 36.74 -29.69 7.58
CA SER H 264 38.09 -29.93 8.05
C SER H 264 38.13 -30.33 9.52
N MET H 265 39.13 -31.13 9.90
CA MET H 265 39.31 -31.49 11.31
C MET H 265 39.99 -30.36 12.07
N TYR H 266 40.47 -29.34 11.37
CA TYR H 266 41.11 -28.20 12.03
C TYR H 266 40.19 -26.98 12.11
N PRO H 267 39.95 -26.49 13.33
CA PRO H 267 39.15 -25.27 13.55
C PRO H 267 39.68 -24.07 12.71
N ASN H 268 38.81 -23.26 12.12
CA ASN H 268 39.29 -22.04 11.45
C ASN H 268 40.04 -21.11 12.42
N LYS H 269 41.11 -20.49 11.94
CA LYS H 269 41.87 -19.53 12.71
C LYS H 269 42.14 -18.26 11.92
N PHE H 270 41.62 -17.13 12.38
CA PHE H 270 41.80 -15.86 11.67
C PHE H 270 42.98 -15.11 12.28
N ILE H 271 44.01 -14.84 11.47
CA ILE H 271 45.22 -14.18 11.94
C ILE H 271 45.12 -12.66 11.77
N HIS H 272 45.48 -11.92 12.82
CA HIS H 272 45.50 -10.46 12.81
C HIS H 272 46.72 -9.94 13.57
N LEU H 273 47.75 -9.54 12.84
CA LEU H 273 48.94 -8.97 13.45
C LEU H 273 48.95 -7.48 13.16
N THR H 274 49.55 -6.71 14.05
CA THR H 274 49.73 -5.30 13.75
C THR H 274 51.13 -4.80 14.00
N TYR H 275 51.60 -3.99 13.06
CA TYR H 275 52.75 -3.12 13.26
C TYR H 275 52.27 -1.67 13.38
N LYS H 276 52.87 -0.92 14.28
CA LYS H 276 52.55 0.49 14.37
C LYS H 276 53.81 1.29 14.72
N SER H 277 54.13 2.27 13.87
CA SER H 277 55.27 3.13 14.09
C SER H 277 55.07 3.94 15.36
N LYS H 278 56.17 4.29 16.02
CA LYS H 278 56.11 5.05 17.26
C LYS H 278 55.54 6.46 17.05
N GLY H 279 55.93 7.10 15.95
CA GLY H 279 55.54 8.49 15.69
C GLY H 279 54.07 8.72 15.38
N ASP H 280 53.80 9.71 14.55
CA ASP H 280 52.46 9.98 14.06
C ASP H 280 52.19 9.07 12.86
N VAL H 281 51.00 8.49 12.82
CA VAL H 281 50.64 7.53 11.78
C VAL H 281 49.92 8.24 10.61
N LYS H 282 50.49 8.16 9.42
CA LYS H 282 49.96 8.91 8.29
C LYS H 282 49.15 8.04 7.33
N LYS H 283 49.35 6.73 7.46
CA LYS H 283 48.79 5.78 6.51
C LYS H 283 48.51 4.45 7.18
N LYS H 284 47.28 3.97 7.05
CA LYS H 284 46.89 2.67 7.58
C LYS H 284 46.71 1.66 6.44
N ILE H 285 47.37 0.51 6.55
CA ILE H 285 47.38 -0.46 5.47
C ILE H 285 47.01 -1.88 5.92
N ALA H 286 46.07 -2.51 5.21
CA ALA H 286 45.74 -3.90 5.46
C ALA H 286 46.37 -4.76 4.39
N LEU H 287 47.16 -5.74 4.82
CA LEU H 287 47.70 -6.74 3.92
C LEU H 287 47.01 -8.08 4.24
N VAL H 288 46.40 -8.68 3.22
CA VAL H 288 45.52 -9.83 3.38
C VAL H 288 46.03 -10.99 2.56
N GLY H 289 46.38 -12.08 3.22
CA GLY H 289 46.88 -13.24 2.50
C GLY H 289 45.88 -14.38 2.50
N LYS H 290 45.69 -15.01 1.34
CA LYS H 290 44.88 -16.22 1.26
C LYS H 290 45.59 -17.35 2.02
N GLY H 291 44.94 -17.88 3.03
CA GLY H 291 45.53 -18.95 3.82
C GLY H 291 44.73 -20.24 3.82
N ILE H 292 44.73 -20.92 2.67
CA ILE H 292 44.21 -22.26 2.59
C ILE H 292 45.35 -23.26 2.74
N THR H 293 45.36 -24.00 3.83
CA THR H 293 46.50 -24.86 4.15
C THR H 293 46.54 -26.10 3.27
N PHE H 294 45.36 -26.59 2.90
CA PHE H 294 45.29 -27.57 1.82
C PHE H 294 44.00 -27.38 1.05
N ASP H 295 44.09 -27.45 -0.28
CA ASP H 295 42.89 -27.29 -1.10
C ASP H 295 42.60 -28.58 -1.87
N SER H 296 41.78 -29.44 -1.27
CA SER H 296 41.34 -30.64 -1.98
C SER H 296 40.37 -30.26 -3.09
N GLY H 297 39.74 -29.12 -2.94
CA GLY H 297 38.69 -28.70 -3.85
C GLY H 297 37.29 -28.82 -3.26
N GLY H 298 37.16 -29.55 -2.15
CA GLY H 298 35.84 -29.85 -1.62
C GLY H 298 35.13 -30.84 -2.53
N TYR H 299 33.81 -30.86 -2.48
CA TYR H 299 33.05 -31.83 -3.30
C TYR H 299 33.28 -31.61 -4.81
N ASN H 300 33.72 -30.42 -5.18
CA ASN H 300 34.28 -30.24 -6.52
C ASN H 300 35.76 -30.62 -6.51
N LEU H 301 36.02 -31.88 -6.15
CA LEU H 301 37.37 -32.42 -5.95
C LEU H 301 38.31 -32.14 -7.13
N LYS H 302 39.58 -31.90 -6.84
CA LYS H 302 40.60 -31.74 -7.88
C LYS H 302 40.96 -33.11 -8.44
N ALA H 303 40.10 -33.61 -9.31
CA ALA H 303 40.26 -34.94 -9.90
C ALA H 303 40.57 -34.92 -11.39
N ALA H 304 40.33 -33.78 -12.03
CA ALA H 304 40.65 -33.63 -13.45
C ALA H 304 42.15 -33.73 -13.71
N PRO H 305 42.54 -34.29 -14.86
CA PRO H 305 43.90 -34.21 -15.38
C PRO H 305 44.46 -32.79 -15.33
N GLY H 306 45.66 -32.64 -14.78
CA GLY H 306 46.31 -31.36 -14.67
C GLY H 306 45.84 -30.48 -13.53
N SER H 307 45.00 -31.03 -12.66
CA SER H 307 44.52 -30.23 -11.52
C SER H 307 45.60 -30.17 -10.44
N MET H 308 46.61 -31.04 -10.55
CA MET H 308 47.72 -31.11 -9.59
C MET H 308 47.32 -31.00 -8.12
N ILE H 309 46.56 -31.96 -7.61
CA ILE H 309 46.11 -31.87 -6.24
C ILE H 309 47.30 -31.93 -5.27
N ASP H 310 48.40 -32.57 -5.70
CA ASP H 310 49.54 -32.81 -4.81
C ASP H 310 50.39 -31.55 -4.50
N LEU H 311 50.15 -30.46 -5.21
CA LEU H 311 50.87 -29.22 -4.88
C LEU H 311 50.00 -28.25 -4.04
N MET H 312 48.78 -28.65 -3.72
CA MET H 312 47.84 -27.73 -3.13
C MET H 312 48.14 -27.38 -1.65
N LYS H 313 49.27 -27.87 -1.14
CA LYS H 313 49.85 -27.28 0.05
C LYS H 313 50.25 -25.80 -0.19
N PHE H 314 50.49 -25.44 -1.46
CA PHE H 314 50.99 -24.11 -1.81
C PHE H 314 49.88 -23.04 -1.73
N ASP H 315 48.68 -23.47 -1.36
CA ASP H 315 47.50 -22.59 -1.46
C ASP H 315 47.40 -21.65 -0.25
N MET H 316 48.42 -21.64 0.59
CA MET H 316 48.49 -20.60 1.59
C MET H 316 49.69 -19.68 1.33
N SER H 317 50.22 -19.71 0.10
CA SER H 317 51.33 -18.86 -0.34
C SER H 317 51.11 -17.37 -0.05
N GLY H 318 49.86 -16.93 -0.11
CA GLY H 318 49.52 -15.55 0.12
C GLY H 318 49.70 -15.22 1.59
N CYS H 319 49.18 -16.12 2.43
CA CYS H 319 49.40 -15.99 3.86
C CYS H 319 50.89 -15.98 4.15
N ALA H 320 51.65 -16.86 3.49
CA ALA H 320 53.09 -16.88 3.69
C ALA H 320 53.74 -15.52 3.36
N ALA H 321 53.33 -14.90 2.25
CA ALA H 321 53.88 -13.62 1.83
C ALA H 321 53.61 -12.51 2.85
N VAL H 322 52.36 -12.47 3.33
CA VAL H 322 51.94 -11.49 4.30
C VAL H 322 52.71 -11.66 5.63
N LEU H 323 52.86 -12.89 6.11
CA LEU H 323 53.66 -13.18 7.31
C LEU H 323 55.14 -12.88 7.07
N GLY H 324 55.64 -13.17 5.87
CA GLY H 324 57.01 -12.85 5.50
C GLY H 324 57.25 -11.35 5.48
N CYS H 325 56.25 -10.64 4.99
CA CYS H 325 56.33 -9.19 4.97
C CYS H 325 56.35 -8.67 6.39
N ALA H 326 55.62 -9.34 7.28
CA ALA H 326 55.56 -8.88 8.68
C ALA H 326 56.92 -9.00 9.34
N TYR H 327 57.67 -10.05 9.02
CA TYR H 327 59.05 -10.14 9.51
C TYR H 327 59.84 -8.91 9.09
N CYS H 328 59.83 -8.60 7.78
CA CYS H 328 60.58 -7.47 7.24
C CYS H 328 60.18 -6.12 7.84
N VAL H 329 58.89 -5.80 7.82
CA VAL H 329 58.38 -4.58 8.43
C VAL H 329 58.65 -4.55 9.95
N GLY H 330 58.57 -5.71 10.60
CA GLY H 330 58.85 -5.80 12.02
C GLY H 330 60.34 -5.66 12.31
N THR H 331 61.18 -6.04 11.34
CA THR H 331 62.61 -5.92 11.55
C THR H 331 63.10 -4.52 11.18
N LEU H 332 62.58 -3.95 10.10
CA LEU H 332 63.10 -2.67 9.59
C LEU H 332 62.43 -1.47 10.27
N LYS H 333 61.25 -1.68 10.84
CA LYS H 333 60.54 -0.65 11.60
C LYS H 333 60.43 0.71 10.90
N PRO H 334 59.63 0.79 9.83
CA PRO H 334 59.43 2.09 9.17
C PRO H 334 58.60 3.04 10.01
N GLU H 335 58.65 4.33 9.71
CA GLU H 335 57.92 5.34 10.47
C GLU H 335 56.59 5.70 9.80
N ASN H 336 55.71 6.37 10.56
CA ASN H 336 54.45 6.93 10.05
C ASN H 336 53.45 5.93 9.44
N VAL H 337 53.59 4.64 9.76
CA VAL H 337 52.64 3.65 9.24
C VAL H 337 52.01 2.78 10.33
N GLU H 338 50.79 2.33 10.08
CA GLU H 338 50.18 1.28 10.89
C GLU H 338 49.75 0.18 9.91
N ILE H 339 50.29 -1.02 10.09
CA ILE H 339 50.10 -2.11 9.15
C ILE H 339 49.38 -3.31 9.79
N HIS H 340 48.23 -3.68 9.20
CA HIS H 340 47.51 -4.86 9.63
C HIS H 340 47.78 -6.02 8.69
N PHE H 341 48.23 -7.13 9.27
CA PHE H 341 48.51 -8.36 8.54
C PHE H 341 47.40 -9.37 8.81
N LEU H 342 46.58 -9.64 7.81
CA LEU H 342 45.41 -10.49 8.00
C LEU H 342 45.44 -11.77 7.18
N SER H 343 44.82 -12.83 7.70
CA SER H 343 44.59 -14.05 6.95
C SER H 343 43.44 -14.85 7.54
N ALA H 344 42.42 -15.11 6.74
CA ALA H 344 41.38 -16.07 7.14
C ALA H 344 41.90 -17.47 6.83
N VAL H 345 42.56 -18.11 7.79
CA VAL H 345 43.19 -19.41 7.54
C VAL H 345 42.20 -20.56 7.73
N CYS H 346 42.22 -21.51 6.80
CA CYS H 346 41.42 -22.73 6.91
C CYS H 346 41.92 -23.77 5.91
N GLU H 347 41.17 -24.86 5.77
CA GLU H 347 41.56 -26.00 4.95
C GLU H 347 40.33 -26.65 4.27
N ASN H 348 40.38 -26.76 2.95
CA ASN H 348 39.24 -27.13 2.11
C ASN H 348 39.14 -28.64 1.88
N MET H 349 38.19 -29.28 2.58
CA MET H 349 38.19 -30.73 2.64
C MET H 349 36.87 -31.38 2.25
N VAL H 350 36.90 -32.71 2.12
CA VAL H 350 35.74 -33.51 1.77
C VAL H 350 35.29 -34.37 2.95
N SER H 351 34.03 -34.22 3.32
CA SER H 351 33.54 -34.75 4.58
C SER H 351 32.03 -34.72 4.59
N LYS H 352 31.43 -35.40 5.56
CA LYS H 352 30.00 -35.26 5.81
C LYS H 352 29.66 -33.83 6.26
N ASN H 353 30.66 -33.13 6.78
CA ASN H 353 30.45 -31.79 7.30
C ASN H 353 30.72 -30.65 6.30
N SER H 354 31.29 -30.98 5.13
CA SER H 354 31.70 -29.96 4.17
C SER H 354 30.55 -29.17 3.59
N TYR H 355 30.85 -27.97 3.12
CA TYR H 355 29.87 -27.17 2.40
C TYR H 355 29.74 -27.86 1.04
N ARG H 356 28.61 -27.68 0.38
CA ARG H 356 28.41 -28.36 -0.91
C ARG H 356 28.01 -27.38 -2.02
N PRO H 357 28.26 -27.78 -3.27
CA PRO H 357 27.84 -27.00 -4.44
C PRO H 357 26.35 -26.72 -4.32
N GLY H 358 25.92 -25.50 -4.59
CA GLY H 358 24.53 -25.12 -4.48
C GLY H 358 24.20 -24.42 -3.18
N ASP H 359 25.02 -24.62 -2.14
CA ASP H 359 24.73 -24.00 -0.85
C ASP H 359 24.65 -22.48 -1.03
N ILE H 360 23.72 -21.86 -0.30
CA ILE H 360 23.71 -20.42 -0.20
C ILE H 360 24.20 -19.99 1.18
N ILE H 361 25.28 -19.23 1.19
CA ILE H 361 25.93 -18.82 2.43
C ILE H 361 25.85 -17.30 2.61
N THR H 362 26.01 -16.86 3.85
CA THR H 362 25.82 -15.45 4.17
C THR H 362 27.10 -14.82 4.71
N ALA H 363 27.61 -13.83 3.99
CA ALA H 363 28.87 -13.19 4.33
C ALA H 363 28.69 -12.21 5.49
N SER H 364 29.79 -11.72 6.05
CA SER H 364 29.75 -10.83 7.22
C SER H 364 29.28 -9.42 6.89
N ASN H 365 29.11 -9.12 5.61
CA ASN H 365 28.49 -7.85 5.22
C ASN H 365 27.02 -8.01 4.85
N GLY H 366 26.45 -9.17 5.16
CA GLY H 366 25.05 -9.43 4.91
C GLY H 366 24.70 -9.94 3.51
N LYS H 367 25.70 -10.08 2.64
CA LYS H 367 25.47 -10.56 1.29
C LYS H 367 25.45 -12.08 1.19
N THR H 368 24.37 -12.62 0.65
CA THR H 368 24.23 -14.05 0.42
C THR H 368 24.87 -14.45 -0.91
N ILE H 369 25.46 -15.63 -0.91
CA ILE H 369 26.30 -16.11 -1.97
C ILE H 369 25.87 -17.51 -2.37
N GLU H 370 25.62 -17.72 -3.65
CA GLU H 370 25.34 -19.07 -4.14
C GLU H 370 26.65 -19.71 -4.57
N VAL H 371 27.02 -20.80 -3.89
CA VAL H 371 28.21 -21.56 -4.22
C VAL H 371 27.97 -22.37 -5.47
N GLY H 372 28.77 -22.14 -6.52
CA GLY H 372 28.62 -22.90 -7.74
C GLY H 372 29.70 -23.97 -7.87
N ASN H 373 30.82 -23.72 -7.21
CA ASN H 373 31.96 -24.64 -7.23
C ASN H 373 32.75 -24.52 -5.91
N THR H 374 32.85 -25.60 -5.15
CA THR H 374 33.48 -25.55 -3.84
C THR H 374 34.99 -25.34 -3.96
N ASP H 375 35.52 -25.46 -5.17
CA ASP H 375 36.95 -25.32 -5.38
C ASP H 375 37.34 -23.87 -5.66
N ALA H 376 36.36 -22.98 -5.73
CA ALA H 376 36.66 -21.54 -5.76
C ALA H 376 36.51 -20.97 -4.34
N GLU H 377 37.16 -21.66 -3.40
CA GLU H 377 36.94 -21.39 -1.99
C GLU H 377 37.67 -20.13 -1.55
N GLY H 378 38.79 -19.84 -2.21
CA GLY H 378 39.63 -18.71 -1.88
C GLY H 378 38.88 -17.40 -1.84
N ARG H 379 38.09 -17.12 -2.89
CA ARG H 379 37.37 -15.85 -2.95
C ARG H 379 36.33 -15.74 -1.84
N LEU H 380 35.91 -16.89 -1.31
CA LEU H 380 34.98 -16.92 -0.19
C LEU H 380 35.69 -16.53 1.11
N THR H 381 36.86 -17.09 1.35
CA THR H 381 37.59 -16.71 2.55
C THR H 381 38.08 -15.25 2.45
N LEU H 382 38.48 -14.82 1.25
CA LEU H 382 38.94 -13.45 1.04
C LEU H 382 37.81 -12.45 1.26
N ALA H 383 36.62 -12.82 0.83
CA ALA H 383 35.44 -11.97 0.98
C ALA H 383 35.26 -11.54 2.42
N ASP H 384 35.24 -12.51 3.35
CA ASP H 384 35.08 -12.18 4.75
C ASP H 384 36.32 -11.44 5.30
N ALA H 385 37.50 -11.77 4.78
CA ALA H 385 38.72 -11.13 5.22
C ALA H 385 38.81 -9.66 4.79
N LEU H 386 38.35 -9.37 3.57
CA LEU H 386 38.26 -8.00 3.08
C LEU H 386 37.22 -7.17 3.87
N VAL H 387 36.11 -7.78 4.22
CA VAL H 387 35.07 -7.10 5.00
C VAL H 387 35.64 -6.70 6.36
N TYR H 388 36.38 -7.62 6.95
CA TYR H 388 37.08 -7.38 8.20
C TYR H 388 38.03 -6.18 8.08
N ALA H 389 38.90 -6.22 7.07
CA ALA H 389 39.89 -5.18 6.83
C ALA H 389 39.26 -3.80 6.69
N GLU H 390 38.19 -3.71 5.92
CA GLU H 390 37.56 -2.42 5.72
C GLU H 390 36.99 -1.91 7.03
N LYS H 391 36.61 -2.83 7.91
CA LYS H 391 36.13 -2.45 9.23
C LYS H 391 37.26 -1.86 10.07
N LEU H 392 38.52 -2.15 9.73
CA LEU H 392 39.65 -1.55 10.45
C LEU H 392 39.78 -0.06 10.13
N GLY H 393 39.15 0.38 9.04
CA GLY H 393 39.17 1.77 8.65
C GLY H 393 40.53 2.19 8.13
N VAL H 394 41.03 1.49 7.12
CA VAL H 394 42.35 1.75 6.61
C VAL H 394 42.34 2.60 5.33
N ASP H 395 43.52 3.00 4.86
CA ASP H 395 43.64 3.76 3.62
C ASP H 395 43.72 2.84 2.41
N TYR H 396 44.55 1.81 2.53
CA TYR H 396 44.71 0.82 1.47
C TYR H 396 44.35 -0.59 1.97
N ILE H 397 43.75 -1.39 1.09
CA ILE H 397 43.65 -2.81 1.31
C ILE H 397 44.32 -3.53 0.14
N VAL H 398 45.35 -4.31 0.43
CA VAL H 398 45.94 -5.15 -0.58
C VAL H 398 45.80 -6.61 -0.19
N ASP H 399 45.18 -7.42 -1.05
CA ASP H 399 45.17 -8.87 -0.85
C ASP H 399 46.16 -9.51 -1.81
N ILE H 400 46.75 -10.62 -1.39
CA ILE H 400 47.65 -11.41 -2.24
C ILE H 400 47.24 -12.90 -2.10
N ALA H 401 47.16 -13.62 -3.22
CA ALA H 401 46.49 -14.92 -3.22
C ALA H 401 46.76 -15.78 -4.45
N THR H 402 46.97 -17.08 -4.22
CA THR H 402 47.05 -18.08 -5.29
C THR H 402 45.65 -18.41 -5.79
N LEU H 403 44.98 -17.41 -6.35
CA LEU H 403 43.54 -17.44 -6.52
C LEU H 403 43.09 -18.24 -7.77
N THR H 404 43.59 -17.92 -8.96
CA THR H 404 43.12 -18.58 -10.18
C THR H 404 44.18 -19.27 -11.01
N GLY H 405 43.95 -20.52 -11.36
CA GLY H 405 44.85 -21.26 -12.24
C GLY H 405 45.04 -20.63 -13.61
N ALA H 406 44.07 -19.83 -14.06
CA ALA H 406 44.12 -19.22 -15.38
C ALA H 406 45.33 -18.28 -15.56
N MET H 407 45.86 -17.80 -14.43
CA MET H 407 47.06 -16.97 -14.43
C MET H 407 48.17 -17.64 -15.22
N LEU H 408 48.21 -18.96 -15.19
CA LEU H 408 49.20 -19.72 -15.95
C LEU H 408 49.09 -19.48 -17.46
N TYR H 409 47.87 -19.19 -17.92
CA TYR H 409 47.58 -19.02 -19.34
C TYR H 409 47.65 -17.56 -19.76
N SER H 410 47.62 -16.64 -18.80
CA SER H 410 47.68 -15.22 -19.11
C SER H 410 49.10 -14.69 -18.95
N LEU H 411 49.67 -14.76 -17.74
CA LEU H 411 51.02 -14.26 -17.53
C LEU H 411 52.05 -15.38 -17.40
N GLY H 412 51.61 -16.58 -17.07
CA GLY H 412 52.54 -17.68 -16.91
C GLY H 412 53.17 -17.72 -15.52
N THR H 413 54.43 -18.13 -15.45
CA THR H 413 55.06 -18.37 -14.16
C THR H 413 56.04 -17.29 -13.72
N SER H 414 56.21 -16.25 -14.54
CA SER H 414 57.11 -15.13 -14.17
C SER H 414 56.41 -13.95 -13.53
N TYR H 415 55.36 -13.42 -14.19
CA TYR H 415 54.73 -12.22 -13.69
C TYR H 415 53.46 -12.54 -12.95
N ALA H 416 53.27 -11.89 -11.81
CA ALA H 416 52.00 -11.95 -11.12
C ALA H 416 51.05 -10.95 -11.75
N GLY H 417 49.75 -11.13 -11.52
CA GLY H 417 48.78 -10.17 -12.00
C GLY H 417 48.25 -9.27 -10.89
N VAL H 418 48.11 -7.97 -11.16
CA VAL H 418 47.48 -7.08 -10.20
C VAL H 418 46.20 -6.47 -10.75
N PHE H 419 45.14 -6.55 -9.94
CA PHE H 419 43.82 -5.99 -10.22
C PHE H 419 43.46 -4.99 -9.13
N GLY H 420 42.64 -4.01 -9.44
CA GLY H 420 42.26 -3.08 -8.41
C GLY H 420 41.18 -2.08 -8.79
N ASN H 421 40.66 -1.39 -7.78
CA ASN H 421 39.64 -0.38 -8.01
C ASN H 421 40.19 1.04 -7.97
N ASN H 422 41.51 1.19 -7.94
CA ASN H 422 42.14 2.50 -7.71
C ASN H 422 43.51 2.64 -8.39
N GLU H 423 43.59 3.59 -9.31
CA GLU H 423 44.74 3.71 -10.19
C GLU H 423 46.02 4.05 -9.43
N GLU H 424 45.91 4.91 -8.44
CA GLU H 424 47.10 5.32 -7.67
C GLU H 424 47.65 4.15 -6.88
N LEU H 425 46.75 3.42 -6.22
CA LEU H 425 47.15 2.24 -5.46
C LEU H 425 47.82 1.24 -6.38
N ILE H 426 47.24 1.04 -7.56
CA ILE H 426 47.82 0.09 -8.52
C ILE H 426 49.19 0.59 -8.95
N ASN H 427 49.30 1.88 -9.21
CA ASN H 427 50.58 2.47 -9.61
C ASN H 427 51.67 2.28 -8.54
N LYS H 428 51.31 2.47 -7.27
CA LYS H 428 52.28 2.22 -6.17
C LYS H 428 52.75 0.75 -6.12
N ILE H 429 51.83 -0.19 -6.35
CA ILE H 429 52.19 -1.60 -6.44
C ILE H 429 53.17 -1.85 -7.59
N LEU H 430 52.94 -1.21 -8.73
CA LEU H 430 53.81 -1.36 -9.89
C LEU H 430 55.20 -0.81 -9.60
N GLN H 431 55.28 0.31 -8.90
CA GLN H 431 56.57 0.86 -8.51
CA GLN H 431 56.55 0.87 -8.46
C GLN H 431 57.27 -0.09 -7.54
N SER H 432 56.53 -0.66 -6.59
CA SER H 432 57.08 -1.62 -5.67
C SER H 432 57.61 -2.82 -6.43
N SER H 433 56.91 -3.20 -7.49
CA SER H 433 57.32 -4.33 -8.34
C SER H 433 58.68 -4.06 -8.96
N LYS H 434 58.87 -2.83 -9.43
CA LYS H 434 60.16 -2.41 -10.01
C LYS H 434 61.28 -2.46 -8.95
N THR H 435 61.08 -1.78 -7.84
CA THR H 435 62.14 -1.68 -6.82
C THR H 435 62.38 -3.00 -6.05
N SER H 436 61.39 -3.90 -6.02
CA SER H 436 61.57 -5.20 -5.38
C SER H 436 62.06 -6.29 -6.33
N ASN H 437 62.08 -6.00 -7.63
CA ASN H 437 62.41 -6.98 -8.65
C ASN H 437 61.51 -8.20 -8.59
N GLU H 438 60.27 -8.00 -8.17
CA GLU H 438 59.30 -9.07 -8.27
C GLU H 438 58.23 -8.61 -9.25
N PRO H 439 58.30 -9.10 -10.50
CA PRO H 439 57.51 -8.59 -11.63
C PRO H 439 56.01 -8.81 -11.52
N VAL H 440 55.28 -7.77 -11.88
CA VAL H 440 53.82 -7.74 -11.78
C VAL H 440 53.26 -7.00 -13.00
N TRP H 441 52.11 -7.43 -13.51
CA TRP H 441 51.48 -6.77 -14.64
C TRP H 441 50.05 -6.38 -14.30
N TRP H 442 49.71 -5.12 -14.57
CA TRP H 442 48.35 -4.63 -14.38
C TRP H 442 47.37 -5.33 -15.32
N LEU H 443 46.32 -5.94 -14.76
CA LEU H 443 45.27 -6.59 -15.55
C LEU H 443 43.93 -5.95 -15.24
N PRO H 444 43.03 -5.87 -16.21
CA PRO H 444 41.79 -5.09 -16.01
C PRO H 444 40.66 -5.83 -15.31
N ILE H 445 39.85 -5.08 -14.56
CA ILE H 445 38.60 -5.61 -14.05
C ILE H 445 37.49 -5.20 -15.02
N ILE H 446 37.08 -6.14 -15.89
CA ILE H 446 36.15 -5.85 -16.96
C ILE H 446 34.71 -5.95 -16.45
N ASN H 447 34.07 -4.79 -16.33
CA ASN H 447 32.75 -4.74 -15.72
C ASN H 447 31.66 -5.43 -16.51
N GLU H 448 31.80 -5.48 -17.83
CA GLU H 448 30.82 -6.18 -18.65
C GLU H 448 30.51 -7.58 -18.10
N TYR H 449 31.48 -8.23 -17.48
CA TYR H 449 31.28 -9.60 -16.98
C TYR H 449 30.49 -9.69 -15.67
N ARG H 450 30.32 -8.57 -14.97
CA ARG H 450 29.64 -8.55 -13.67
C ARG H 450 28.24 -9.19 -13.68
N ALA H 451 27.54 -9.06 -14.80
CA ALA H 451 26.18 -9.57 -14.93
C ALA H 451 26.12 -11.07 -14.75
N THR H 452 27.21 -11.76 -15.10
CA THR H 452 27.20 -13.21 -14.94
C THR H 452 27.32 -13.67 -13.49
N LEU H 453 27.43 -12.74 -12.55
CA LEU H 453 27.42 -13.09 -11.13
C LEU H 453 26.08 -12.76 -10.51
N ASN H 454 25.10 -12.43 -11.34
CA ASN H 454 23.72 -12.21 -10.89
C ASN H 454 23.01 -13.54 -10.60
N SER H 455 22.86 -13.89 -9.33
CA SER H 455 22.21 -15.14 -8.93
C SER H 455 20.70 -15.03 -9.00
N LYS H 456 20.05 -16.07 -9.48
CA LYS H 456 18.60 -16.17 -9.44
C LYS H 456 18.07 -16.11 -7.98
N TYR H 457 18.75 -16.77 -7.05
CA TYR H 457 18.24 -16.88 -5.70
C TYR H 457 18.99 -16.06 -4.62
N ALA H 458 20.31 -15.96 -4.74
CA ALA H 458 21.12 -15.20 -3.78
C ALA H 458 21.33 -13.74 -4.17
N ASP H 459 22.08 -13.01 -3.36
CA ASP H 459 22.47 -11.65 -3.73
C ASP H 459 23.39 -11.69 -4.95
N ILE H 460 24.24 -12.71 -5.00
CA ILE H 460 25.32 -12.78 -5.95
C ILE H 460 25.82 -14.23 -6.08
N ASN H 461 26.36 -14.56 -7.25
CA ASN H 461 27.02 -15.85 -7.56
C ASN H 461 28.49 -15.87 -7.14
N GLN H 462 28.95 -16.98 -6.60
CA GLN H 462 30.38 -17.18 -6.35
C GLN H 462 31.19 -17.25 -7.65
N ILE H 463 30.67 -17.95 -8.66
CA ILE H 463 31.36 -18.12 -9.96
C ILE H 463 30.48 -17.76 -11.16
N SER H 464 31.11 -17.60 -12.32
CA SER H 464 30.40 -17.32 -13.56
C SER H 464 30.21 -18.63 -14.29
N SER H 465 29.02 -18.84 -14.84
CA SER H 465 28.80 -20.07 -15.58
C SER H 465 29.11 -19.87 -17.06
N SER H 466 29.42 -18.63 -17.46
CA SER H 466 29.67 -18.37 -18.89
C SER H 466 30.98 -17.63 -19.28
N VAL H 467 31.61 -16.88 -18.37
CA VAL H 467 32.88 -16.21 -18.72
C VAL H 467 34.05 -17.10 -18.33
N LYS H 468 34.99 -17.33 -19.24
CA LYS H 468 36.17 -18.15 -18.93
C LYS H 468 37.37 -17.36 -18.35
N ALA H 469 37.26 -16.03 -18.32
CA ALA H 469 38.31 -15.20 -17.75
C ALA H 469 38.16 -15.18 -16.23
N SER H 470 38.53 -16.27 -15.58
CA SER H 470 38.18 -16.43 -14.18
C SER H 470 39.02 -15.53 -13.27
N SER H 471 40.19 -15.11 -13.71
CA SER H 471 41.01 -14.19 -12.88
C SER H 471 40.30 -12.85 -12.77
N ILE H 472 39.67 -12.44 -13.87
CA ILE H 472 38.93 -11.20 -13.89
C ILE H 472 37.63 -11.37 -13.11
N VAL H 473 36.96 -12.50 -13.34
CA VAL H 473 35.69 -12.78 -12.68
C VAL H 473 35.86 -12.81 -11.17
N ALA H 474 36.94 -13.44 -10.71
CA ALA H 474 37.19 -13.53 -9.29
C ALA H 474 37.41 -12.13 -8.69
N SER H 475 38.05 -11.27 -9.47
CA SER H 475 38.35 -9.90 -9.05
C SER H 475 37.06 -9.13 -8.91
N LEU H 476 36.19 -9.29 -9.89
CA LEU H 476 34.85 -8.73 -9.83
C LEU H 476 34.12 -9.17 -8.56
N PHE H 477 34.27 -10.45 -8.20
CA PHE H 477 33.64 -10.97 -6.98
C PHE H 477 34.24 -10.32 -5.72
N LEU H 478 35.57 -10.27 -5.64
CA LEU H 478 36.25 -9.65 -4.51
C LEU H 478 35.83 -8.19 -4.33
N LYS H 479 35.68 -7.48 -5.45
CA LYS H 479 35.36 -6.05 -5.43
C LYS H 479 34.01 -5.77 -4.77
N GLU H 480 33.11 -6.74 -4.81
CA GLU H 480 31.79 -6.59 -4.18
C GLU H 480 31.86 -6.51 -2.65
N PHE H 481 33.03 -6.78 -2.06
CA PHE H 481 33.15 -6.83 -0.61
C PHE H 481 34.04 -5.72 -0.07
N VAL H 482 34.49 -4.84 -0.97
CA VAL H 482 35.10 -3.58 -0.58
C VAL H 482 34.19 -2.44 -1.01
N GLN H 483 33.66 -1.70 -0.05
CA GLN H 483 32.63 -0.73 -0.34
C GLN H 483 33.13 0.66 -0.76
N ASN H 484 34.16 1.15 -0.10
CA ASN H 484 34.61 2.51 -0.32
C ASN H 484 36.06 2.74 0.10
N THR H 485 36.93 1.82 -0.25
CA THR H 485 38.32 1.89 0.16
C THR H 485 39.18 1.45 -0.99
N ALA H 486 40.28 2.17 -1.22
CA ALA H 486 41.23 1.82 -2.26
C ALA H 486 41.70 0.37 -2.05
N TRP H 487 41.59 -0.46 -3.08
CA TRP H 487 41.89 -1.89 -2.93
C TRP H 487 42.58 -2.42 -4.19
N ALA H 488 43.57 -3.27 -3.99
CA ALA H 488 44.19 -4.00 -5.06
C ALA H 488 44.29 -5.48 -4.69
N HIS H 489 44.27 -6.34 -5.70
CA HIS H 489 44.34 -7.78 -5.53
C HIS H 489 45.49 -8.32 -6.38
N ILE H 490 46.36 -9.14 -5.79
CA ILE H 490 47.49 -9.68 -6.52
C ILE H 490 47.33 -11.21 -6.66
N ASP H 491 47.16 -11.69 -7.88
CA ASP H 491 46.97 -13.11 -8.13
C ASP H 491 48.31 -13.78 -8.42
N ILE H 492 48.73 -14.65 -7.51
CA ILE H 492 50.06 -15.24 -7.61
C ILE H 492 50.00 -16.74 -7.87
N ALA H 493 48.83 -17.21 -8.31
CA ALA H 493 48.62 -18.62 -8.53
C ALA H 493 49.62 -19.24 -9.50
N GLY H 494 50.09 -18.43 -10.46
CA GLY H 494 51.02 -18.94 -11.45
C GLY H 494 52.47 -18.81 -11.05
N VAL H 495 52.78 -17.85 -10.18
CA VAL H 495 54.18 -17.55 -9.88
C VAL H 495 54.69 -18.13 -8.58
N SER H 496 53.80 -18.59 -7.71
CA SER H 496 54.21 -18.87 -6.34
C SER H 496 55.19 -20.04 -6.23
N TRP H 497 55.01 -21.03 -7.08
CA TRP H 497 55.81 -22.25 -7.09
C TRP H 497 56.83 -22.27 -8.24
N ASN H 498 58.09 -22.55 -7.94
CA ASN H 498 59.12 -22.68 -8.97
C ASN H 498 59.13 -24.15 -9.40
N PHE H 499 58.61 -24.44 -10.59
CA PHE H 499 58.46 -25.82 -11.01
C PHE H 499 59.75 -26.50 -11.43
N LYS H 500 60.69 -25.73 -11.95
CA LYS H 500 61.99 -26.27 -12.33
C LYS H 500 62.84 -26.62 -11.11
N ALA H 501 62.71 -25.84 -10.06
CA ALA H 501 63.55 -26.05 -8.88
C ALA H 501 62.81 -26.85 -7.81
N ARG H 502 61.53 -27.14 -8.07
CA ARG H 502 60.70 -27.93 -7.17
C ARG H 502 60.63 -27.32 -5.77
N LYS H 503 60.53 -25.99 -5.68
CA LYS H 503 60.41 -25.32 -4.40
C LYS H 503 59.59 -24.04 -4.53
N PRO H 504 59.12 -23.48 -3.41
CA PRO H 504 58.43 -22.19 -3.50
C PRO H 504 59.38 -21.07 -3.89
N LYS H 505 58.84 -19.91 -4.22
CA LYS H 505 59.69 -18.74 -4.47
C LYS H 505 59.61 -17.80 -3.29
N GLY H 506 58.58 -17.96 -2.47
CA GLY H 506 58.33 -16.98 -1.42
C GLY H 506 57.92 -15.69 -2.09
N PHE H 507 57.41 -15.78 -3.32
CA PHE H 507 57.01 -14.62 -4.12
C PHE H 507 56.10 -13.73 -3.33
N GLY H 508 56.43 -12.45 -3.28
CA GLY H 508 55.53 -11.46 -2.72
C GLY H 508 56.02 -10.73 -1.48
N VAL H 509 56.93 -11.34 -0.72
CA VAL H 509 57.40 -10.71 0.51
C VAL H 509 58.07 -9.36 0.22
N ARG H 510 59.00 -9.37 -0.71
CA ARG H 510 59.74 -8.17 -1.06
C ARG H 510 58.88 -7.13 -1.78
N LEU H 511 57.93 -7.56 -2.62
CA LEU H 511 57.00 -6.63 -3.24
C LEU H 511 56.24 -5.89 -2.15
N LEU H 512 55.71 -6.63 -1.21
CA LEU H 512 54.89 -6.03 -0.18
C LEU H 512 55.71 -5.16 0.78
N THR H 513 56.94 -5.58 1.07
CA THR H 513 57.76 -4.80 1.98
C THR H 513 58.15 -3.47 1.32
N GLU H 514 58.68 -3.54 0.10
CA GLU H 514 58.92 -2.34 -0.70
C GLU H 514 57.68 -1.46 -0.78
N PHE H 515 56.50 -2.07 -0.85
CA PHE H 515 55.26 -1.29 -0.87
C PHE H 515 55.09 -0.51 0.45
N VAL H 516 55.32 -1.19 1.57
CA VAL H 516 55.17 -0.54 2.87
C VAL H 516 56.25 0.53 3.07
N LEU H 517 57.47 0.22 2.66
CA LEU H 517 58.62 1.08 2.92
C LEU H 517 58.64 2.39 2.11
N ASN H 518 58.25 2.39 0.83
CA ASN H 518 58.34 3.66 0.10
C ASN H 518 57.08 4.53 0.30
N ASP H 519 56.06 3.97 0.97
CA ASP H 519 54.95 4.77 1.44
C ASP H 519 55.28 5.51 2.74
N SER I 2 14.01 -34.19 15.07
CA SER I 2 13.48 -32.83 14.92
C SER I 2 14.51 -31.72 15.09
N GLU I 3 15.61 -31.99 15.80
CA GLU I 3 16.64 -30.97 15.92
C GLU I 3 17.59 -31.07 14.74
N VAL I 4 17.83 -29.97 14.04
CA VAL I 4 18.75 -29.99 12.90
C VAL I 4 20.19 -29.81 13.37
N PRO I 5 21.03 -30.83 13.13
CA PRO I 5 22.46 -30.72 13.47
C PRO I 5 23.17 -29.60 12.72
N GLN I 6 24.05 -28.89 13.41
CA GLN I 6 24.84 -27.80 12.87
C GLN I 6 26.33 -28.10 12.97
N VAL I 7 27.10 -27.69 11.96
CA VAL I 7 28.57 -27.71 12.08
C VAL I 7 29.06 -26.40 12.72
N VAL I 8 28.40 -25.29 12.39
CA VAL I 8 28.66 -24.02 13.06
C VAL I 8 27.33 -23.35 13.32
N SER I 9 27.33 -22.35 14.19
CA SER I 9 26.09 -21.69 14.61
C SER I 9 25.43 -20.89 13.49
N LEU I 10 26.17 -20.62 12.40
CA LEU I 10 25.57 -19.92 11.28
C LEU I 10 24.77 -20.86 10.36
N ASP I 11 24.94 -22.17 10.51
CA ASP I 11 24.18 -23.13 9.69
C ASP I 11 22.66 -23.08 9.98
N PRO I 12 21.84 -23.03 8.92
CA PRO I 12 20.37 -22.94 9.00
C PRO I 12 19.75 -24.15 9.67
N THR I 13 18.66 -23.93 10.40
CA THR I 13 18.00 -25.03 11.09
C THR I 13 16.58 -25.22 10.60
N SER I 14 16.23 -24.53 9.53
CA SER I 14 14.93 -24.73 8.90
C SER I 14 14.95 -24.23 7.47
N ILE I 15 14.02 -24.74 6.66
CA ILE I 15 13.78 -24.17 5.36
C ILE I 15 12.88 -22.96 5.51
N PRO I 16 13.30 -21.79 5.00
CA PRO I 16 12.35 -20.67 4.93
C PRO I 16 11.27 -20.99 3.90
N ILE I 17 10.02 -20.87 4.32
CA ILE I 17 8.89 -21.16 3.46
C ILE I 17 7.85 -20.07 3.57
N GLU I 18 7.42 -19.55 2.42
CA GLU I 18 6.35 -18.56 2.37
C GLU I 18 5.02 -19.23 2.04
N TYR I 19 3.99 -18.95 2.85
CA TYR I 19 2.67 -19.53 2.66
C TYR I 19 1.69 -18.50 2.11
N ASN I 20 1.66 -17.34 2.75
CA ASN I 20 0.87 -16.25 2.26
C ASN I 20 1.68 -15.48 1.25
N THR I 21 1.48 -15.79 -0.03
CA THR I 21 2.22 -15.13 -1.10
C THR I 21 1.42 -13.97 -1.66
N PRO I 22 2.11 -13.04 -2.34
CA PRO I 22 1.43 -11.96 -3.06
C PRO I 22 0.28 -12.45 -3.93
N ILE I 23 0.45 -13.60 -4.60
CA ILE I 23 -0.62 -14.16 -5.44
C ILE I 23 -1.90 -14.34 -4.65
N HIS I 24 -1.76 -14.66 -3.37
CA HIS I 24 -2.92 -14.93 -2.52
C HIS I 24 -3.69 -13.67 -2.13
N ASP I 25 -3.15 -12.51 -2.40
CA ASP I 25 -3.83 -11.28 -2.05
C ASP I 25 -4.60 -10.72 -3.24
N ILE I 26 -4.50 -11.42 -4.37
CA ILE I 26 -5.13 -10.94 -5.59
C ILE I 26 -6.61 -11.30 -5.64
N LYS I 27 -7.45 -10.28 -5.64
CA LYS I 27 -8.88 -10.48 -5.82
C LYS I 27 -9.15 -10.77 -7.30
N VAL I 28 -9.77 -11.91 -7.56
CA VAL I 28 -10.05 -12.37 -8.92
C VAL I 28 -11.55 -12.45 -9.17
N GLN I 29 -12.00 -11.74 -10.20
CA GLN I 29 -13.41 -11.73 -10.59
C GLN I 29 -13.53 -12.12 -12.06
N VAL I 30 -14.50 -12.96 -12.36
CA VAL I 30 -14.72 -13.40 -13.71
C VAL I 30 -16.02 -12.82 -14.25
N TYR I 31 -15.96 -12.17 -15.39
CA TYR I 31 -17.14 -11.54 -15.96
C TYR I 31 -17.48 -12.18 -17.29
N ASP I 32 -18.74 -12.11 -17.70
CA ASP I 32 -19.10 -12.65 -19.00
C ASP I 32 -18.86 -11.61 -20.09
N ILE I 33 -18.20 -12.07 -21.14
CA ILE I 33 -17.70 -11.19 -22.20
C ILE I 33 -18.82 -10.65 -23.09
N LYS I 34 -20.04 -11.18 -22.94
CA LYS I 34 -21.16 -10.71 -23.76
C LYS I 34 -21.73 -9.42 -23.16
N GLY I 35 -21.38 -9.14 -21.91
CA GLY I 35 -21.73 -7.87 -21.29
C GLY I 35 -20.78 -6.74 -21.67
N GLY I 36 -19.72 -7.07 -22.40
CA GLY I 36 -18.76 -6.07 -22.82
C GLY I 36 -17.74 -5.72 -21.75
N CYS I 37 -16.57 -5.24 -22.20
CA CYS I 37 -15.44 -4.98 -21.30
C CYS I 37 -15.37 -3.55 -20.80
N ASN I 38 -15.40 -3.37 -19.47
CA ASN I 38 -15.10 -2.07 -18.90
C ASN I 38 -13.58 -1.83 -18.84
N VAL I 39 -13.14 -0.63 -19.18
CA VAL I 39 -11.74 -0.29 -19.10
C VAL I 39 -11.55 0.95 -18.25
N GLU I 40 -11.27 0.73 -16.97
CA GLU I 40 -11.21 1.83 -16.02
C GLU I 40 -9.80 2.11 -15.55
N GLU I 41 -9.01 1.06 -15.33
CA GLU I 41 -7.69 1.23 -14.70
C GLU I 41 -6.71 0.11 -15.03
N GLY I 42 -5.49 0.25 -14.51
CA GLY I 42 -4.42 -0.70 -14.74
C GLY I 42 -4.20 -1.05 -16.20
N LEU I 43 -3.99 -2.34 -16.45
CA LEU I 43 -3.69 -2.82 -17.78
C LEU I 43 -4.77 -3.81 -18.25
N THR I 44 -5.32 -3.58 -19.44
CA THR I 44 -6.27 -4.51 -20.02
C THR I 44 -5.67 -5.18 -21.25
N ILE I 45 -5.60 -6.51 -21.23
CA ILE I 45 -4.94 -7.26 -22.28
C ILE I 45 -5.88 -8.23 -23.01
N PHE I 46 -5.95 -8.06 -24.31
CA PHE I 46 -6.81 -8.87 -25.14
C PHE I 46 -5.98 -10.04 -25.67
N LEU I 47 -6.45 -11.26 -25.47
CA LEU I 47 -5.81 -12.43 -26.06
C LEU I 47 -6.44 -12.71 -27.41
N VAL I 48 -5.70 -12.44 -28.47
CA VAL I 48 -6.31 -12.47 -29.79
C VAL I 48 -5.54 -13.37 -30.76
N ASN I 49 -6.29 -13.97 -31.68
CA ASN I 49 -5.70 -14.85 -32.67
C ASN I 49 -6.32 -14.57 -34.02
N ASN I 50 -5.73 -15.13 -35.07
CA ASN I 50 -6.32 -15.05 -36.40
C ASN I 50 -6.12 -16.37 -37.15
N PRO I 51 -7.13 -17.24 -37.09
CA PRO I 51 -7.08 -18.59 -37.67
C PRO I 51 -6.83 -18.55 -39.17
N GLY I 52 -6.08 -19.54 -39.66
CA GLY I 52 -5.75 -19.64 -41.08
C GLY I 52 -4.64 -18.73 -41.52
N LYS I 53 -4.69 -17.47 -41.08
CA LYS I 53 -3.75 -16.46 -41.54
C LYS I 53 -2.50 -16.35 -40.67
N GLU I 54 -1.41 -16.97 -41.13
CA GLU I 54 -0.15 -16.91 -40.41
C GLU I 54 0.28 -15.46 -40.27
N ASN I 55 0.65 -15.06 -39.05
CA ASN I 55 0.96 -13.67 -38.77
C ASN I 55 -0.14 -12.70 -39.21
N GLY I 56 -1.39 -13.14 -39.12
CA GLY I 56 -2.50 -12.31 -39.56
C GLY I 56 -2.65 -11.06 -38.71
N PRO I 57 -3.50 -10.11 -39.14
CA PRO I 57 -3.71 -8.84 -38.41
C PRO I 57 -4.47 -9.01 -37.10
N VAL I 58 -4.28 -8.06 -36.17
CA VAL I 58 -5.06 -8.02 -34.94
C VAL I 58 -6.44 -7.44 -35.19
N LYS I 59 -7.48 -8.12 -34.70
CA LYS I 59 -8.84 -7.59 -34.74
C LYS I 59 -9.54 -7.88 -33.42
N ILE I 60 -9.94 -6.83 -32.70
CA ILE I 60 -10.58 -6.99 -31.39
C ILE I 60 -12.10 -7.19 -31.51
N SER I 61 -12.56 -8.40 -31.20
CA SER I 61 -13.96 -8.76 -31.43
C SER I 61 -14.92 -8.40 -30.28
N SER I 62 -14.40 -8.16 -29.09
CA SER I 62 -15.27 -7.85 -27.94
C SER I 62 -15.88 -6.47 -28.01
N LYS I 63 -17.04 -6.31 -27.39
CA LYS I 63 -17.62 -5.00 -27.22
C LYS I 63 -16.90 -4.33 -26.05
N VAL I 64 -16.35 -3.16 -26.30
CA VAL I 64 -15.74 -2.39 -25.24
C VAL I 64 -16.69 -1.27 -24.85
N ASN I 65 -16.99 -1.16 -23.56
CA ASN I 65 -17.95 -0.17 -23.07
C ASN I 65 -17.31 1.18 -22.76
N ASP I 66 -16.60 1.71 -23.74
CA ASP I 66 -15.99 3.03 -23.65
C ASP I 66 -15.86 3.50 -25.09
N LYS I 67 -16.41 4.67 -25.39
CA LYS I 67 -16.38 5.16 -26.76
C LYS I 67 -14.94 5.42 -27.21
N GLN I 68 -14.15 6.00 -26.31
CA GLN I 68 -12.74 6.31 -26.62
C GLN I 68 -11.89 5.06 -26.90
N VAL I 69 -11.97 4.08 -26.00
CA VAL I 69 -11.18 2.87 -26.17
C VAL I 69 -11.69 2.04 -27.36
N SER I 70 -13.00 2.10 -27.60
CA SER I 70 -13.57 1.44 -28.77
C SER I 70 -13.02 2.07 -30.04
N GLU I 71 -13.02 3.40 -30.10
CA GLU I 71 -12.42 4.13 -31.22
C GLU I 71 -10.97 3.72 -31.44
N PHE I 72 -10.20 3.62 -30.35
CA PHE I 72 -8.78 3.28 -30.48
C PHE I 72 -8.58 1.88 -31.05
N LEU I 73 -9.46 0.95 -30.70
CA LEU I 73 -9.27 -0.46 -31.08
C LEU I 73 -9.93 -0.86 -32.41
N LYS I 74 -10.46 0.13 -33.14
CA LYS I 74 -11.00 -0.08 -34.48
C LYS I 74 -10.02 -0.85 -35.35
N ASP I 75 -10.55 -1.72 -36.21
CA ASP I 75 -9.73 -2.53 -37.10
C ASP I 75 -8.69 -1.73 -37.86
N GLU I 76 -9.06 -0.52 -38.26
CA GLU I 76 -8.16 0.36 -39.00
C GLU I 76 -6.87 0.67 -38.23
N ASN I 77 -6.99 0.94 -36.93
CA ASN I 77 -5.82 1.24 -36.13
CA ASN I 77 -5.86 1.23 -36.07
C ASN I 77 -5.07 -0.01 -35.69
N MET I 78 -5.74 -1.17 -35.71
CA MET I 78 -5.11 -2.41 -35.25
C MET I 78 -4.43 -3.21 -36.36
N GLU I 79 -4.59 -2.74 -37.60
CA GLU I 79 -4.16 -3.50 -38.78
C GLU I 79 -2.64 -3.65 -38.85
N LYS I 80 -1.92 -2.65 -38.33
CA LYS I 80 -0.47 -2.68 -38.35
C LYS I 80 0.10 -3.74 -37.40
N PHE I 81 -0.71 -4.18 -36.44
CA PHE I 81 -0.26 -5.19 -35.48
C PHE I 81 -0.69 -6.60 -35.92
N ASN I 82 0.21 -7.58 -35.82
CA ASN I 82 -0.16 -8.95 -36.14
C ASN I 82 -0.19 -9.89 -34.92
N VAL I 83 -0.69 -11.10 -35.12
CA VAL I 83 -1.01 -12.03 -34.04
C VAL I 83 0.03 -13.08 -33.75
N LYS I 84 1.25 -12.88 -34.26
CA LYS I 84 2.28 -13.91 -34.08
C LYS I 84 2.38 -14.31 -32.61
N LEU I 85 2.44 -15.61 -32.39
CA LEU I 85 2.36 -16.20 -31.07
C LEU I 85 3.36 -15.57 -30.10
N GLY I 86 2.86 -14.92 -29.06
CA GLY I 86 3.72 -14.44 -28.00
C GLY I 86 4.20 -13.01 -28.22
N THR I 87 3.79 -12.43 -29.33
CA THR I 87 4.07 -11.03 -29.59
C THR I 87 3.09 -10.20 -28.75
N SER I 88 3.48 -9.00 -28.39
CA SER I 88 2.57 -8.16 -27.63
C SER I 88 2.87 -6.68 -27.83
N LYS I 89 1.88 -5.86 -27.51
CA LYS I 89 2.00 -4.43 -27.65
C LYS I 89 1.20 -3.76 -26.53
N HIS I 90 1.67 -2.58 -26.14
CA HIS I 90 1.01 -1.75 -25.16
C HIS I 90 0.36 -0.56 -25.88
N PHE I 91 -0.81 -0.13 -25.45
CA PHE I 91 -1.39 1.11 -25.94
C PHE I 91 -1.70 2.03 -24.77
N TYR I 92 -1.62 3.33 -25.02
CA TYR I 92 -1.94 4.33 -24.00
C TYR I 92 -3.01 5.27 -24.57
N MET I 93 -4.07 5.50 -23.82
CA MET I 93 -5.19 6.32 -24.26
C MET I 93 -5.98 6.83 -23.06
N PHE I 94 -6.83 7.83 -23.31
CA PHE I 94 -7.77 8.34 -22.32
C PHE I 94 -9.15 7.74 -22.56
N ASN I 95 -9.81 7.28 -21.51
CA ASN I 95 -11.14 6.69 -21.69
C ASN I 95 -12.21 7.79 -21.59
N ASP I 96 -13.48 7.40 -21.69
CA ASP I 96 -14.57 8.37 -21.73
C ASP I 96 -14.56 9.30 -20.53
N ASN I 97 -14.03 8.81 -19.41
CA ASN I 97 -13.93 9.61 -18.19
C ASN I 97 -12.68 10.50 -18.16
N LYS I 98 -12.02 10.65 -19.30
CA LYS I 98 -10.81 11.44 -19.43
C LYS I 98 -9.72 11.02 -18.43
N ASN I 99 -9.76 9.75 -18.01
CA ASN I 99 -8.67 9.18 -17.23
C ASN I 99 -7.84 8.28 -18.15
N SER I 100 -6.52 8.29 -17.94
CA SER I 100 -5.64 7.50 -18.78
C SER I 100 -5.79 6.01 -18.47
N VAL I 101 -5.71 5.20 -19.51
CA VAL I 101 -5.70 3.76 -19.31
C VAL I 101 -4.67 3.11 -20.21
N ALA I 102 -4.19 1.96 -19.77
CA ALA I 102 -3.29 1.16 -20.56
C ALA I 102 -4.02 -0.11 -21.05
N VAL I 103 -3.89 -0.36 -22.33
CA VAL I 103 -4.55 -1.46 -23.03
C VAL I 103 -3.46 -2.15 -23.84
N GLY I 104 -3.63 -3.42 -24.13
CA GLY I 104 -2.71 -4.10 -25.04
C GLY I 104 -3.24 -5.43 -25.53
N TYR I 105 -2.37 -6.22 -26.14
CA TYR I 105 -2.79 -7.54 -26.58
C TYR I 105 -1.59 -8.49 -26.58
N VAL I 106 -1.86 -9.78 -26.53
CA VAL I 106 -0.81 -10.77 -26.71
C VAL I 106 -1.21 -11.71 -27.84
N GLY I 107 -0.27 -12.00 -28.74
CA GLY I 107 -0.52 -12.85 -29.89
C GLY I 107 -0.65 -14.32 -29.56
N CYS I 108 -1.74 -14.92 -30.02
CA CYS I 108 -2.01 -16.32 -29.74
C CYS I 108 -1.96 -17.14 -31.03
N GLY I 109 -1.42 -16.56 -32.09
CA GLY I 109 -1.12 -17.30 -33.29
C GLY I 109 -2.27 -17.54 -34.24
N SER I 110 -2.13 -18.59 -35.06
CA SER I 110 -3.11 -18.89 -36.09
C SER I 110 -3.78 -20.26 -35.91
N VAL I 111 -3.27 -21.06 -34.98
CA VAL I 111 -3.90 -22.35 -34.66
C VAL I 111 -4.99 -22.15 -33.62
N ALA I 112 -6.25 -22.29 -34.01
CA ALA I 112 -7.38 -21.96 -33.13
C ALA I 112 -7.55 -22.92 -31.94
N ASP I 113 -6.50 -23.69 -31.64
CA ASP I 113 -6.44 -24.51 -30.44
C ASP I 113 -4.99 -24.61 -29.97
N LEU I 114 -4.68 -23.95 -28.87
CA LEU I 114 -3.32 -23.79 -28.39
C LEU I 114 -2.82 -24.98 -27.59
N SER I 115 -1.62 -25.45 -27.89
CA SER I 115 -0.99 -26.48 -27.09
C SER I 115 -0.62 -25.96 -25.69
N GLU I 116 -0.22 -26.89 -24.80
CA GLU I 116 0.32 -26.55 -23.49
C GLU I 116 1.51 -25.61 -23.64
N ALA I 117 2.35 -25.89 -24.64
CA ALA I 117 3.55 -25.10 -24.90
C ALA I 117 3.20 -23.71 -25.41
N ASP I 118 2.18 -23.64 -26.26
CA ASP I 118 1.71 -22.36 -26.79
C ASP I 118 1.14 -21.48 -25.69
N MET I 119 0.39 -22.07 -24.78
CA MET I 119 -0.25 -21.31 -23.72
C MET I 119 0.80 -20.72 -22.80
N LYS I 120 1.85 -21.48 -22.55
CA LYS I 120 2.94 -21.03 -21.70
C LYS I 120 3.65 -19.85 -22.36
N ARG I 121 3.94 -19.96 -23.66
CA ARG I 121 4.57 -18.87 -24.40
C ARG I 121 3.69 -17.62 -24.32
N VAL I 122 2.38 -17.82 -24.34
CA VAL I 122 1.46 -16.69 -24.22
C VAL I 122 1.55 -16.07 -22.83
N VAL I 123 1.53 -16.92 -21.80
CA VAL I 123 1.57 -16.46 -20.41
C VAL I 123 2.89 -15.74 -20.12
N LEU I 124 4.01 -16.28 -20.61
CA LEU I 124 5.30 -15.63 -20.41
C LEU I 124 5.35 -14.22 -21.00
N SER I 125 4.77 -14.02 -22.19
CA SER I 125 4.69 -12.68 -22.79
C SER I 125 3.91 -11.73 -21.90
N LEU I 126 2.81 -12.24 -21.36
CA LEU I 126 1.93 -11.47 -20.49
C LEU I 126 2.66 -11.05 -19.23
N VAL I 127 3.43 -11.98 -18.68
CA VAL I 127 4.15 -11.69 -17.46
C VAL I 127 5.24 -10.64 -17.71
N THR I 128 5.79 -10.61 -18.93
CA THR I 128 6.77 -9.55 -19.27
C THR I 128 6.09 -8.19 -19.23
N MET I 129 4.80 -8.16 -19.58
CA MET I 129 4.05 -6.91 -19.49
C MET I 129 3.83 -6.52 -18.04
N LEU I 130 3.96 -7.48 -17.13
CA LEU I 130 3.68 -7.28 -15.71
C LEU I 130 4.89 -6.81 -14.93
N HIS I 131 6.04 -7.39 -15.26
CA HIS I 131 7.31 -6.97 -14.70
C HIS I 131 7.71 -5.58 -15.20
N ASP I 132 8.40 -4.83 -14.34
CA ASP I 132 8.88 -3.48 -14.68
C ASP I 132 7.74 -2.51 -14.97
N ASN I 133 6.62 -2.69 -14.27
CA ASN I 133 5.46 -1.83 -14.44
C ASN I 133 4.65 -1.88 -13.18
N LYS I 134 4.46 -0.74 -12.54
CA LYS I 134 3.73 -0.72 -11.29
C LYS I 134 2.25 -0.50 -11.54
N LEU I 135 1.51 -1.61 -11.48
CA LEU I 135 0.07 -1.70 -11.78
C LEU I 135 -0.71 -2.25 -10.60
N SER I 136 -1.92 -1.78 -10.38
CA SER I 136 -2.71 -2.29 -9.28
C SER I 136 -3.66 -3.36 -9.78
N LYS I 137 -3.88 -3.40 -11.09
CA LYS I 137 -4.92 -4.23 -11.64
C LYS I 137 -4.59 -4.71 -13.04
N LEU I 138 -4.90 -5.96 -13.30
CA LEU I 138 -4.77 -6.53 -14.63
C LEU I 138 -6.11 -7.09 -15.06
N THR I 139 -6.54 -6.74 -16.26
CA THR I 139 -7.75 -7.31 -16.84
C THR I 139 -7.40 -8.09 -18.09
N VAL I 140 -7.80 -9.36 -18.14
CA VAL I 140 -7.51 -10.17 -19.31
C VAL I 140 -8.79 -10.52 -20.03
N VAL I 141 -8.79 -10.29 -21.35
CA VAL I 141 -9.94 -10.58 -22.19
C VAL I 141 -9.62 -11.74 -23.13
N PHE I 142 -10.37 -12.84 -22.97
CA PHE I 142 -10.15 -14.06 -23.76
C PHE I 142 -10.90 -14.03 -25.09
N GLU I 143 -10.18 -13.81 -26.19
CA GLU I 143 -10.78 -13.86 -27.51
C GLU I 143 -10.27 -15.06 -28.27
N ILE I 144 -9.76 -16.04 -27.53
CA ILE I 144 -9.41 -17.32 -28.09
C ILE I 144 -10.34 -18.38 -27.50
N ASN I 145 -10.28 -19.58 -28.03
CA ASN I 145 -11.07 -20.68 -27.51
C ASN I 145 -10.25 -21.52 -26.54
N VAL I 146 -10.73 -21.66 -25.30
CA VAL I 146 -10.07 -22.53 -24.33
C VAL I 146 -11.05 -23.34 -23.52
N ASP I 147 -10.73 -24.60 -23.25
CA ASP I 147 -11.57 -25.41 -22.37
C ASP I 147 -11.20 -25.13 -20.91
N LYS I 148 -11.90 -25.81 -20.00
CA LYS I 148 -11.74 -25.55 -18.57
C LYS I 148 -10.34 -25.91 -18.08
N ASN I 149 -9.82 -27.06 -18.47
CA ASN I 149 -8.47 -27.43 -18.07
C ASN I 149 -7.42 -26.45 -18.61
N LEU I 150 -7.62 -25.93 -19.82
CA LEU I 150 -6.67 -24.99 -20.40
C LEU I 150 -6.79 -23.60 -19.75
N PHE I 151 -8.01 -23.19 -19.43
CA PHE I 151 -8.21 -21.92 -18.75
C PHE I 151 -7.52 -21.91 -17.39
N ARG I 152 -7.70 -23.00 -16.65
CA ARG I 152 -7.07 -23.16 -15.34
C ARG I 152 -5.56 -23.17 -15.48
N PHE I 153 -5.07 -23.83 -16.52
CA PHE I 153 -3.64 -23.92 -16.78
C PHE I 153 -3.08 -22.52 -17.01
N PHE I 154 -3.84 -21.70 -17.74
CA PHE I 154 -3.46 -20.31 -17.95
C PHE I 154 -3.27 -19.60 -16.62
N LEU I 155 -4.21 -19.79 -15.70
CA LEU I 155 -4.13 -19.15 -14.38
C LEU I 155 -2.93 -19.64 -13.58
N GLU I 156 -2.90 -20.95 -13.31
CA GLU I 156 -1.75 -21.60 -12.64
C GLU I 156 -0.43 -21.08 -13.17
N THR I 157 -0.28 -21.06 -14.49
CA THR I 157 0.98 -20.65 -15.10
C THR I 157 1.22 -19.15 -14.88
N LEU I 158 0.15 -18.37 -15.00
CA LEU I 158 0.25 -16.95 -14.73
C LEU I 158 0.73 -16.73 -13.31
N PHE I 159 0.09 -17.40 -12.35
CA PHE I 159 0.43 -17.22 -10.93
C PHE I 159 1.86 -17.65 -10.62
N TYR I 160 2.22 -18.84 -11.05
CA TYR I 160 3.55 -19.37 -10.81
C TYR I 160 4.64 -18.53 -11.43
N GLU I 161 4.48 -18.19 -12.71
CA GLU I 161 5.51 -17.41 -13.41
C GLU I 161 5.62 -15.97 -12.89
N TYR I 162 4.50 -15.40 -12.47
CA TYR I 162 4.48 -14.04 -11.93
C TYR I 162 5.22 -13.97 -10.60
N MET I 163 5.10 -15.02 -9.81
CA MET I 163 5.64 -15.04 -8.45
C MET I 163 7.16 -15.15 -8.43
N THR I 164 7.82 -14.30 -7.64
CA THR I 164 9.27 -14.35 -7.59
C THR I 164 9.74 -14.79 -6.20
N ASP I 165 10.68 -15.71 -6.18
CA ASP I 165 11.17 -16.31 -4.96
C ASP I 165 12.37 -15.50 -4.40
N GLU I 166 12.15 -14.71 -3.36
CA GLU I 166 13.23 -13.87 -2.82
C GLU I 166 13.64 -14.22 -1.38
N ARG I 167 13.36 -15.46 -1.00
CA ARG I 167 13.72 -15.99 0.32
C ARG I 167 15.22 -15.86 0.62
N PHE I 168 16.07 -15.97 -0.38
CA PHE I 168 17.49 -15.95 -0.08
C PHE I 168 18.14 -14.64 -0.52
N LYS I 169 17.32 -13.66 -0.87
CA LYS I 169 17.81 -12.31 -1.14
C LYS I 169 17.97 -11.57 0.19
N SER I 170 18.98 -10.71 0.25
CA SER I 170 19.31 -9.97 1.46
C SER I 170 19.59 -8.51 1.11
N THR I 171 20.75 -8.26 0.50
CA THR I 171 21.11 -6.91 0.06
C THR I 171 20.73 -6.65 -1.41
N ASP I 172 19.97 -7.56 -2.02
CA ASP I 172 19.65 -7.45 -3.44
C ASP I 172 18.21 -7.86 -3.79
N LYS I 173 17.29 -7.64 -2.84
CA LYS I 173 15.86 -7.73 -3.14
C LYS I 173 15.49 -6.72 -4.22
N ASN I 174 14.48 -7.04 -5.02
CA ASN I 174 14.06 -6.12 -6.08
C ASN I 174 13.40 -4.87 -5.49
N VAL I 175 14.05 -3.73 -5.67
CA VAL I 175 13.53 -2.45 -5.17
C VAL I 175 12.31 -1.98 -5.96
N ASN I 176 12.00 -2.70 -7.05
CA ASN I 176 10.88 -2.35 -7.91
C ASN I 176 9.84 -3.47 -8.05
N MET I 177 9.68 -4.29 -7.01
CA MET I 177 8.72 -5.41 -7.07
C MET I 177 7.42 -5.10 -6.33
N GLU I 178 6.36 -4.84 -7.10
CA GLU I 178 5.01 -4.61 -6.54
C GLU I 178 4.00 -5.44 -7.33
N TYR I 179 3.12 -6.13 -6.63
CA TYR I 179 2.16 -7.04 -7.27
C TYR I 179 0.79 -6.45 -7.48
N ILE I 180 0.10 -6.87 -8.54
CA ILE I 180 -1.28 -6.47 -8.74
C ILE I 180 -2.16 -6.96 -7.59
N LYS I 181 -3.23 -6.22 -7.31
CA LYS I 181 -4.13 -6.47 -6.19
C LYS I 181 -5.45 -7.01 -6.70
N HIS I 182 -5.71 -6.80 -7.99
CA HIS I 182 -6.94 -7.24 -8.62
C HIS I 182 -6.70 -7.83 -10.01
N LEU I 183 -7.35 -8.96 -10.27
CA LEU I 183 -7.32 -9.58 -11.59
C LEU I 183 -8.74 -9.77 -12.13
N GLY I 184 -9.02 -9.15 -13.26
CA GLY I 184 -10.29 -9.32 -13.94
C GLY I 184 -10.12 -10.23 -15.14
N VAL I 185 -11.12 -11.07 -15.39
CA VAL I 185 -11.13 -11.98 -16.53
C VAL I 185 -12.46 -11.89 -17.26
N TYR I 186 -12.38 -11.64 -18.56
CA TYR I 186 -13.54 -11.63 -19.43
C TYR I 186 -13.48 -12.84 -20.35
N ILE I 187 -14.57 -13.58 -20.41
CA ILE I 187 -14.61 -14.80 -21.22
C ILE I 187 -16.07 -15.24 -21.46
N ASN I 188 -16.29 -15.98 -22.54
CA ASN I 188 -17.62 -16.50 -22.85
C ASN I 188 -18.06 -17.56 -21.86
N ASN I 189 -19.35 -17.55 -21.53
CA ASN I 189 -19.94 -18.53 -20.61
C ASN I 189 -19.13 -18.59 -19.31
N ALA I 190 -18.98 -17.43 -18.68
CA ALA I 190 -18.07 -17.24 -17.56
C ALA I 190 -18.43 -18.08 -16.33
N ASP I 191 -19.70 -18.41 -16.18
CA ASP I 191 -20.15 -19.19 -15.03
C ASP I 191 -19.48 -20.55 -14.95
N THR I 192 -19.25 -21.18 -16.09
CA THR I 192 -18.65 -22.51 -16.08
C THR I 192 -17.16 -22.44 -15.78
N TYR I 193 -16.59 -21.24 -15.85
CA TYR I 193 -15.16 -21.07 -15.63
C TYR I 193 -14.84 -20.62 -14.22
N LYS I 194 -15.84 -20.16 -13.49
CA LYS I 194 -15.56 -19.53 -12.21
C LYS I 194 -14.95 -20.51 -11.22
N GLU I 195 -15.43 -21.75 -11.26
CA GLU I 195 -14.97 -22.81 -10.35
C GLU I 195 -13.48 -23.09 -10.51
N GLU I 196 -12.96 -22.90 -11.72
CA GLU I 196 -11.56 -23.18 -12.01
C GLU I 196 -10.60 -22.22 -11.29
N VAL I 197 -11.08 -21.03 -10.94
CA VAL I 197 -10.20 -19.99 -10.42
C VAL I 197 -9.52 -20.44 -9.12
N GLU I 198 -10.30 -20.83 -8.12
CA GLU I 198 -9.69 -21.21 -6.85
C GLU I 198 -8.97 -22.54 -6.95
N LYS I 199 -9.43 -23.42 -7.84
CA LYS I 199 -8.69 -24.66 -8.12
C LYS I 199 -7.30 -24.28 -8.63
N ALA I 200 -7.25 -23.27 -9.50
CA ALA I 200 -5.98 -22.78 -10.04
C ALA I 200 -5.09 -22.25 -8.92
N ARG I 201 -5.68 -21.50 -8.00
CA ARG I 201 -4.91 -20.92 -6.93
C ARG I 201 -4.34 -22.03 -6.05
N VAL I 202 -5.12 -23.07 -5.79
CA VAL I 202 -4.63 -24.19 -5.00
C VAL I 202 -3.52 -24.92 -5.74
N TYR I 203 -3.74 -25.16 -7.03
CA TYR I 203 -2.73 -25.81 -7.87
C TYR I 203 -1.45 -24.98 -7.96
N TYR I 204 -1.60 -23.66 -8.10
CA TYR I 204 -0.44 -22.78 -8.08
C TYR I 204 0.37 -22.95 -6.80
N PHE I 205 -0.29 -22.94 -5.65
CA PHE I 205 0.47 -22.99 -4.42
C PHE I 205 1.13 -24.35 -4.19
N GLY I 206 0.48 -25.44 -4.59
CA GLY I 206 1.08 -26.74 -4.51
C GLY I 206 2.38 -26.79 -5.29
N THR I 207 2.34 -26.23 -6.50
CA THR I 207 3.48 -26.23 -7.39
C THR I 207 4.59 -25.29 -6.88
N TYR I 208 4.18 -24.14 -6.35
CA TYR I 208 5.13 -23.17 -5.80
C TYR I 208 5.77 -23.66 -4.50
N TYR I 209 5.00 -24.37 -3.69
CA TYR I 209 5.52 -25.01 -2.48
C TYR I 209 6.58 -26.03 -2.83
N ALA I 210 6.24 -26.94 -3.74
CA ALA I 210 7.22 -27.89 -4.24
C ALA I 210 8.43 -27.13 -4.76
N SER I 211 8.15 -26.02 -5.44
CA SER I 211 9.20 -25.21 -6.04
C SER I 211 10.13 -24.62 -4.97
N GLN I 212 9.54 -24.11 -3.89
CA GLN I 212 10.28 -23.56 -2.77
C GLN I 212 11.22 -24.59 -2.12
N LEU I 213 10.73 -25.82 -1.98
CA LEU I 213 11.52 -26.90 -1.39
C LEU I 213 12.69 -27.30 -2.30
N ILE I 214 12.46 -27.31 -3.60
CA ILE I 214 13.52 -27.70 -4.53
C ILE I 214 14.58 -26.60 -4.64
N ALA I 215 14.16 -25.35 -4.83
CA ALA I 215 15.12 -24.25 -4.93
C ALA I 215 15.99 -24.09 -3.67
N ALA I 216 15.44 -24.39 -2.50
CA ALA I 216 16.18 -24.26 -1.24
C ALA I 216 17.44 -25.13 -1.30
N PRO I 217 18.58 -24.53 -1.03
CA PRO I 217 19.86 -25.25 -1.08
C PRO I 217 19.98 -26.32 0.00
N SER I 218 20.90 -27.24 -0.24
CA SER I 218 21.08 -28.39 0.60
C SER I 218 21.51 -28.07 2.04
N ASN I 219 22.00 -26.86 2.29
CA ASN I 219 22.33 -26.48 3.67
C ASN I 219 21.10 -25.92 4.39
N TYR I 220 20.06 -25.55 3.65
CA TYR I 220 18.76 -25.24 4.27
C TYR I 220 17.82 -26.46 4.27
N CYS I 221 17.81 -27.16 3.15
CA CYS I 221 16.92 -28.27 2.92
C CYS I 221 17.68 -29.56 3.07
N ASN I 222 17.63 -30.14 4.26
CA ASN I 222 18.31 -31.38 4.56
C ASN I 222 17.28 -32.40 5.05
N PRO I 223 17.70 -33.66 5.29
CA PRO I 223 16.66 -34.62 5.67
C PRO I 223 15.87 -34.21 6.91
N VAL I 224 16.52 -33.55 7.86
CA VAL I 224 15.83 -33.13 9.07
C VAL I 224 14.85 -31.97 8.77
N SER I 225 15.32 -30.91 8.14
CA SER I 225 14.47 -29.74 7.93
C SER I 225 13.31 -30.03 6.96
N LEU I 226 13.55 -30.89 5.98
CA LEU I 226 12.51 -31.26 5.04
C LEU I 226 11.43 -32.06 5.74
N SER I 227 11.84 -32.99 6.61
CA SER I 227 10.85 -33.80 7.32
C SER I 227 10.13 -32.92 8.36
N ASN I 228 10.85 -31.96 8.95
CA ASN I 228 10.22 -30.94 9.79
C ASN I 228 9.16 -30.10 9.04
N ALA I 229 9.47 -29.73 7.80
CA ALA I 229 8.54 -28.93 7.01
C ALA I 229 7.28 -29.75 6.65
N ALA I 230 7.47 -31.03 6.37
CA ALA I 230 6.34 -31.91 6.01
C ALA I 230 5.37 -32.06 7.18
N VAL I 231 5.93 -32.15 8.39
CA VAL I 231 5.14 -32.23 9.61
C VAL I 231 4.32 -30.95 9.78
N GLU I 232 5.00 -29.83 9.61
CA GLU I 232 4.40 -28.50 9.66
C GLU I 232 3.26 -28.38 8.68
N LEU I 233 3.42 -29.03 7.53
CA LEU I 233 2.41 -29.03 6.48
C LEU I 233 1.22 -29.86 6.90
N ALA I 234 1.49 -31.08 7.33
CA ALA I 234 0.46 -31.99 7.82
C ALA I 234 -0.37 -31.35 8.92
N GLN I 235 0.29 -30.69 9.85
CA GLN I 235 -0.40 -30.05 10.96
C GLN I 235 -1.35 -28.95 10.47
N LYS I 236 -0.91 -28.16 9.48
CA LYS I 236 -1.75 -27.11 8.91
C LYS I 236 -2.90 -27.67 8.08
N LEU I 237 -2.74 -28.86 7.55
CA LEU I 237 -3.78 -29.45 6.72
C LEU I 237 -4.65 -30.40 7.53
N ASN I 238 -4.34 -30.53 8.81
CA ASN I 238 -4.92 -31.55 9.69
C ASN I 238 -4.83 -32.92 9.00
N LEU I 239 -3.61 -33.26 8.59
CA LEU I 239 -3.32 -34.58 8.03
C LEU I 239 -2.67 -35.42 9.11
N GLU I 240 -3.03 -36.69 9.17
CA GLU I 240 -2.30 -37.63 9.99
C GLU I 240 -0.89 -37.71 9.44
N TYR I 241 0.10 -37.75 10.33
CA TYR I 241 1.46 -37.80 9.88
C TYR I 241 2.31 -38.65 10.79
N LYS I 242 3.41 -39.12 10.24
CA LYS I 242 4.32 -39.94 11.00
C LYS I 242 5.69 -39.82 10.36
N ILE I 243 6.71 -39.57 11.18
CA ILE I 243 8.08 -39.50 10.68
C ILE I 243 8.90 -40.63 11.29
N LEU I 244 9.43 -41.50 10.43
CA LEU I 244 10.21 -42.62 10.92
C LEU I 244 11.70 -42.28 11.00
N GLY I 245 12.27 -42.43 12.19
CA GLY I 245 13.69 -42.22 12.39
C GLY I 245 14.53 -43.48 12.28
N VAL I 246 15.83 -43.32 12.45
CA VAL I 246 16.79 -44.40 12.24
C VAL I 246 16.45 -45.70 12.97
N LYS I 247 16.26 -45.65 14.29
CA LYS I 247 15.97 -46.87 15.04
C LYS I 247 14.69 -47.59 14.55
N GLU I 248 13.66 -46.84 14.14
CA GLU I 248 12.48 -47.51 13.57
C GLU I 248 12.85 -48.12 12.23
N LEU I 249 13.76 -47.46 11.51
CA LEU I 249 14.11 -47.93 10.18
C LEU I 249 14.98 -49.18 10.25
N GLU I 250 15.90 -49.22 11.22
CA GLU I 250 16.70 -50.44 11.48
C GLU I 250 15.78 -51.61 11.83
N GLU I 251 14.84 -51.36 12.74
CA GLU I 251 13.77 -52.29 13.07
C GLU I 251 13.04 -52.83 11.84
N LEU I 252 12.69 -51.94 10.90
CA LEU I 252 12.03 -52.38 9.68
C LEU I 252 13.04 -52.93 8.68
N LYS I 253 14.31 -52.93 9.07
CA LYS I 253 15.37 -53.53 8.26
C LYS I 253 15.53 -52.89 6.89
N MET I 254 15.34 -51.57 6.81
CA MET I 254 15.51 -50.88 5.55
C MET I 254 16.99 -50.66 5.26
N GLY I 255 17.69 -51.76 4.97
CA GLY I 255 19.13 -51.72 4.75
C GLY I 255 19.61 -50.92 3.54
N ALA I 256 18.83 -50.92 2.46
CA ALA I 256 19.18 -50.18 1.24
C ALA I 256 19.13 -48.66 1.47
N TYR I 257 17.96 -48.19 1.91
CA TYR I 257 17.77 -46.80 2.26
C TYR I 257 18.78 -46.29 3.30
N LEU I 258 18.99 -47.07 4.37
CA LEU I 258 19.87 -46.69 5.46
C LEU I 258 21.32 -46.62 5.02
N SER I 259 21.73 -47.51 4.12
CA SER I 259 23.11 -47.49 3.63
C SER I 259 23.41 -46.17 2.90
N VAL I 260 22.46 -45.71 2.09
CA VAL I 260 22.65 -44.47 1.33
C VAL I 260 22.90 -43.29 2.26
N GLY I 261 22.24 -43.28 3.40
CA GLY I 261 22.39 -42.13 4.29
C GLY I 261 23.50 -42.27 5.32
N LYS I 262 24.21 -43.40 5.31
CA LYS I 262 25.29 -43.67 6.27
C LYS I 262 26.33 -42.55 6.32
N GLY I 263 26.73 -42.06 5.16
CA GLY I 263 27.78 -41.07 5.08
C GLY I 263 27.35 -39.66 5.41
N SER I 264 26.08 -39.48 5.78
CA SER I 264 25.57 -38.12 6.00
C SER I 264 25.64 -37.71 7.47
N MET I 265 25.85 -36.42 7.74
CA MET I 265 25.74 -35.90 9.11
C MET I 265 24.26 -35.79 9.53
N TYR I 266 23.36 -35.91 8.57
CA TYR I 266 21.94 -35.82 8.86
C TYR I 266 21.34 -37.21 8.94
N PRO I 267 20.57 -37.47 10.00
CA PRO I 267 19.86 -38.74 10.16
C PRO I 267 18.79 -38.93 9.08
N ASN I 268 18.69 -40.15 8.54
CA ASN I 268 17.57 -40.48 7.68
C ASN I 268 16.24 -40.18 8.34
N LYS I 269 15.33 -39.59 7.58
CA LYS I 269 13.98 -39.33 8.04
C LYS I 269 12.99 -39.79 6.99
N PHE I 270 12.22 -40.83 7.30
CA PHE I 270 11.20 -41.30 6.38
C PHE I 270 9.88 -40.56 6.62
N ILE I 271 9.36 -39.91 5.58
CA ILE I 271 8.13 -39.15 5.69
C ILE I 271 6.89 -40.00 5.31
N HIS I 272 5.88 -39.97 6.15
CA HIS I 272 4.65 -40.72 5.91
C HIS I 272 3.45 -39.88 6.31
N LEU I 273 2.81 -39.27 5.31
CA LEU I 273 1.58 -38.52 5.51
C LEU I 273 0.37 -39.30 4.98
N THR I 274 -0.79 -39.14 5.60
CA THR I 274 -2.00 -39.79 5.10
C THR I 274 -3.21 -38.85 5.01
N TYR I 275 -3.87 -38.84 3.85
CA TYR I 275 -5.19 -38.24 3.75
C TYR I 275 -6.24 -39.35 3.67
N LYS I 276 -7.39 -39.13 4.31
CA LYS I 276 -8.47 -40.11 4.23
C LYS I 276 -9.84 -39.42 4.18
N SER I 277 -10.60 -39.69 3.11
CA SER I 277 -11.96 -39.18 3.01
C SER I 277 -12.78 -39.71 4.17
N LYS I 278 -13.79 -38.95 4.58
CA LYS I 278 -14.75 -39.41 5.58
C LYS I 278 -15.77 -40.30 4.89
N GLY I 279 -16.16 -41.39 5.54
CA GLY I 279 -17.09 -42.34 4.94
C GLY I 279 -16.42 -43.48 4.17
N ASP I 280 -17.03 -43.89 3.07
CA ASP I 280 -16.56 -45.04 2.31
C ASP I 280 -15.30 -44.70 1.52
N VAL I 281 -14.23 -45.47 1.77
CA VAL I 281 -12.97 -45.36 1.05
C VAL I 281 -12.95 -46.37 -0.09
N LYS I 282 -12.92 -45.91 -1.34
CA LYS I 282 -13.00 -46.81 -2.49
C LYS I 282 -11.64 -47.20 -3.05
N LYS I 283 -10.70 -46.26 -3.05
CA LYS I 283 -9.37 -46.50 -3.58
C LYS I 283 -8.31 -46.05 -2.58
N LYS I 284 -7.33 -46.91 -2.35
CA LYS I 284 -6.17 -46.56 -1.54
C LYS I 284 -4.95 -46.42 -2.43
N ILE I 285 -4.27 -45.28 -2.30
CA ILE I 285 -3.15 -44.92 -3.17
C ILE I 285 -1.90 -44.50 -2.39
N ALA I 286 -0.77 -45.09 -2.74
CA ALA I 286 0.51 -44.64 -2.21
C ALA I 286 1.28 -43.85 -3.27
N LEU I 287 1.66 -42.62 -2.92
CA LEU I 287 2.51 -41.79 -3.78
C LEU I 287 3.88 -41.69 -3.16
N VAL I 288 4.89 -42.20 -3.86
CA VAL I 288 6.23 -42.29 -3.33
C VAL I 288 7.19 -41.35 -4.04
N GLY I 289 7.72 -40.39 -3.30
CA GLY I 289 8.66 -39.42 -3.86
C GLY I 289 10.11 -39.64 -3.44
N LYS I 290 11.00 -39.71 -4.43
CA LYS I 290 12.43 -39.80 -4.14
C LYS I 290 12.90 -38.53 -3.45
N GLY I 291 13.52 -38.67 -2.28
CA GLY I 291 13.92 -37.51 -1.51
C GLY I 291 15.40 -37.41 -1.13
N ILE I 292 16.25 -37.22 -2.13
CA ILE I 292 17.68 -37.06 -1.87
C ILE I 292 18.02 -35.57 -1.79
N THR I 293 18.16 -35.05 -0.56
CA THR I 293 18.28 -33.60 -0.34
C THR I 293 19.53 -33.03 -1.01
N PHE I 294 20.58 -33.85 -1.12
CA PHE I 294 21.75 -33.55 -1.94
C PHE I 294 22.39 -34.83 -2.41
N ASP I 295 22.82 -34.85 -3.67
CA ASP I 295 23.41 -36.06 -4.23
C ASP I 295 24.77 -35.77 -4.82
N SER I 296 25.82 -36.02 -4.03
CA SER I 296 27.21 -35.82 -4.45
C SER I 296 27.68 -36.95 -5.35
N GLY I 297 26.96 -38.07 -5.30
CA GLY I 297 27.35 -39.29 -5.99
C GLY I 297 27.95 -40.31 -5.03
N GLY I 298 28.40 -39.82 -3.87
CA GLY I 298 29.09 -40.68 -2.92
C GLY I 298 30.45 -40.99 -3.49
N TYR I 299 31.01 -42.14 -3.14
CA TYR I 299 32.37 -42.44 -3.57
C TYR I 299 32.49 -42.46 -5.10
N ASN I 300 31.43 -42.84 -5.82
CA ASN I 300 31.34 -42.57 -7.27
C ASN I 300 30.93 -41.11 -7.49
N LEU I 301 31.81 -40.21 -7.06
CA LEU I 301 31.56 -38.77 -7.00
C LEU I 301 31.15 -38.21 -8.35
N LYS I 302 30.27 -37.22 -8.37
CA LYS I 302 30.00 -36.53 -9.64
C LYS I 302 31.14 -35.55 -9.96
N ALA I 303 32.22 -36.09 -10.52
CA ALA I 303 33.41 -35.31 -10.83
C ALA I 303 33.62 -35.18 -12.34
N ALA I 304 32.85 -35.95 -13.10
CA ALA I 304 33.01 -35.98 -14.56
C ALA I 304 32.44 -34.71 -15.22
N PRO I 305 33.08 -34.26 -16.33
CA PRO I 305 32.56 -33.12 -17.11
C PRO I 305 31.10 -33.36 -17.49
N GLY I 306 30.21 -32.45 -17.13
CA GLY I 306 28.80 -32.62 -17.44
C GLY I 306 27.94 -33.35 -16.42
N SER I 307 28.47 -33.58 -15.22
CA SER I 307 27.70 -34.30 -14.20
C SER I 307 26.92 -33.30 -13.33
N MET I 308 27.27 -32.02 -13.41
CA MET I 308 26.44 -30.93 -12.89
C MET I 308 26.15 -31.06 -11.38
N ILE I 309 27.18 -31.39 -10.61
CA ILE I 309 27.06 -31.61 -9.15
C ILE I 309 26.40 -30.44 -8.42
N ASP I 310 26.52 -29.26 -8.98
CA ASP I 310 25.99 -28.06 -8.37
C ASP I 310 24.48 -27.92 -8.52
N LEU I 311 23.88 -28.78 -9.33
CA LEU I 311 22.43 -28.79 -9.46
C LEU I 311 21.76 -29.74 -8.46
N MET I 312 22.55 -30.57 -7.78
CA MET I 312 22.00 -31.79 -7.18
C MET I 312 21.18 -31.59 -5.89
N LYS I 313 20.91 -30.33 -5.54
CA LYS I 313 19.89 -30.04 -4.53
C LYS I 313 18.48 -30.44 -4.99
N PHE I 314 18.34 -30.69 -6.29
CA PHE I 314 17.04 -30.90 -6.89
C PHE I 314 16.65 -32.37 -6.84
N ASP I 315 17.49 -33.19 -6.20
CA ASP I 315 17.29 -34.63 -6.23
C ASP I 315 16.21 -35.06 -5.24
N MET I 316 15.57 -34.07 -4.61
CA MET I 316 14.39 -34.33 -3.79
C MET I 316 13.18 -33.72 -4.49
N SER I 317 13.30 -33.47 -5.81
CA SER I 317 12.16 -33.00 -6.62
C SER I 317 10.94 -33.93 -6.51
N GLY I 318 11.20 -35.23 -6.41
CA GLY I 318 10.14 -36.22 -6.30
C GLY I 318 9.38 -36.07 -5.00
N CYS I 319 10.11 -36.11 -3.90
CA CYS I 319 9.55 -35.81 -2.60
C CYS I 319 8.76 -34.50 -2.64
N ALA I 320 9.37 -33.48 -3.24
CA ALA I 320 8.73 -32.18 -3.35
C ALA I 320 7.39 -32.27 -4.07
N ALA I 321 7.36 -32.99 -5.19
CA ALA I 321 6.14 -33.15 -5.98
C ALA I 321 5.05 -33.83 -5.13
N VAL I 322 5.44 -34.86 -4.39
CA VAL I 322 4.54 -35.57 -3.50
C VAL I 322 4.02 -34.68 -2.36
N LEU I 323 4.88 -33.82 -1.81
CA LEU I 323 4.47 -32.93 -0.73
C LEU I 323 3.52 -31.82 -1.22
N GLY I 324 3.73 -31.36 -2.45
CA GLY I 324 2.83 -30.38 -3.04
C GLY I 324 1.47 -30.99 -3.36
N CYS I 325 1.44 -32.28 -3.65
CA CYS I 325 0.17 -32.96 -3.89
C CYS I 325 -0.59 -33.10 -2.56
N ALA I 326 0.15 -33.35 -1.48
CA ALA I 326 -0.45 -33.38 -0.14
C ALA I 326 -1.16 -32.07 0.16
N TYR I 327 -0.55 -30.96 -0.22
CA TYR I 327 -1.20 -29.67 -0.01
C TYR I 327 -2.50 -29.58 -0.82
N CYS I 328 -2.43 -29.96 -2.10
CA CYS I 328 -3.60 -29.84 -2.96
C CYS I 328 -4.71 -30.78 -2.51
N VAL I 329 -4.37 -32.06 -2.38
CA VAL I 329 -5.31 -33.07 -1.91
C VAL I 329 -5.88 -32.71 -0.53
N GLY I 330 -5.01 -32.32 0.40
CA GLY I 330 -5.46 -31.92 1.71
C GLY I 330 -6.30 -30.65 1.73
N THR I 331 -6.21 -29.86 0.67
CA THR I 331 -7.00 -28.64 0.56
C THR I 331 -8.34 -28.90 -0.15
N LEU I 332 -8.28 -29.67 -1.24
CA LEU I 332 -9.46 -29.92 -2.08
C LEU I 332 -10.35 -31.06 -1.56
N LYS I 333 -9.84 -31.86 -0.61
CA LYS I 333 -10.60 -32.92 0.07
C LYS I 333 -11.43 -33.82 -0.84
N PRO I 334 -10.76 -34.61 -1.68
CA PRO I 334 -11.50 -35.57 -2.50
C PRO I 334 -12.22 -36.61 -1.64
N GLU I 335 -13.31 -37.17 -2.15
CA GLU I 335 -14.02 -38.23 -1.45
C GLU I 335 -13.50 -39.60 -1.88
N ASN I 336 -13.89 -40.62 -1.13
CA ASN I 336 -13.70 -42.01 -1.53
C ASN I 336 -12.27 -42.52 -1.64
N VAL I 337 -11.29 -41.76 -1.11
CA VAL I 337 -9.90 -42.20 -1.24
C VAL I 337 -9.11 -42.11 0.06
N GLU I 338 -8.04 -42.88 0.12
CA GLU I 338 -7.05 -42.78 1.17
C GLU I 338 -5.67 -42.76 0.51
N ILE I 339 -4.89 -41.73 0.83
CA ILE I 339 -3.62 -41.54 0.14
C ILE I 339 -2.49 -41.49 1.11
N HIS I 340 -1.47 -42.28 0.80
CA HIS I 340 -0.22 -42.28 1.55
C HIS I 340 0.86 -41.55 0.75
N PHE I 341 1.36 -40.45 1.32
CA PHE I 341 2.44 -39.63 0.76
C PHE I 341 3.74 -40.06 1.42
N LEU I 342 4.61 -40.71 0.66
CA LEU I 342 5.81 -41.31 1.25
C LEU I 342 7.11 -40.78 0.67
N SER I 343 8.12 -40.62 1.50
CA SER I 343 9.46 -40.34 1.01
C SER I 343 10.54 -40.76 1.98
N ALA I 344 11.42 -41.64 1.50
CA ALA I 344 12.63 -42.03 2.22
C ALA I 344 13.71 -40.97 2.06
N VAL I 345 13.65 -39.90 2.86
CA VAL I 345 14.57 -38.77 2.73
C VAL I 345 15.96 -39.02 3.34
N CYS I 346 17.01 -38.65 2.58
CA CYS I 346 18.38 -38.75 3.03
C CYS I 346 19.33 -37.96 2.10
N GLU I 347 20.62 -37.99 2.41
CA GLU I 347 21.63 -37.19 1.73
C GLU I 347 22.81 -38.09 1.38
N ASN I 348 23.24 -38.08 0.12
CA ASN I 348 24.27 -39.00 -0.34
C ASN I 348 25.68 -38.35 -0.37
N MET I 349 26.50 -38.68 0.62
CA MET I 349 27.75 -37.92 0.86
C MET I 349 28.99 -38.80 0.89
N VAL I 350 30.15 -38.17 0.96
CA VAL I 350 31.44 -38.87 1.01
C VAL I 350 32.04 -38.69 2.39
N SER I 351 32.40 -39.80 3.01
CA SER I 351 32.74 -39.82 4.42
C SER I 351 33.53 -41.10 4.75
N LYS I 352 34.11 -41.18 5.94
CA LYS I 352 34.56 -42.48 6.42
C LYS I 352 33.36 -43.37 6.64
N ASN I 353 32.18 -42.78 6.85
CA ASN I 353 30.99 -43.58 7.18
C ASN I 353 30.14 -43.98 5.97
N SER I 354 30.56 -43.60 4.75
CA SER I 354 29.73 -43.85 3.56
C SER I 354 29.77 -45.32 3.11
N TYR I 355 28.73 -45.74 2.40
CA TYR I 355 28.69 -47.07 1.81
C TYR I 355 29.63 -47.05 0.58
N ARG I 356 30.14 -48.21 0.21
CA ARG I 356 31.16 -48.28 -0.82
C ARG I 356 30.58 -48.92 -2.05
N PRO I 357 31.12 -48.56 -3.23
CA PRO I 357 30.86 -49.37 -4.41
C PRO I 357 31.34 -50.78 -4.12
N GLY I 358 30.51 -51.79 -4.42
CA GLY I 358 30.90 -53.15 -4.17
C GLY I 358 30.24 -53.72 -2.93
N ASP I 359 29.78 -52.86 -2.02
CA ASP I 359 29.09 -53.29 -0.81
C ASP I 359 27.85 -54.16 -1.13
N ILE I 360 27.56 -55.15 -0.30
CA ILE I 360 26.33 -55.92 -0.48
C ILE I 360 25.40 -55.65 0.68
N ILE I 361 24.25 -55.06 0.38
CA ILE I 361 23.33 -54.60 1.39
C ILE I 361 22.01 -55.37 1.29
N THR I 362 21.19 -55.27 2.32
CA THR I 362 19.95 -56.05 2.38
C THR I 362 18.73 -55.16 2.54
N ALA I 363 17.82 -55.21 1.57
CA ALA I 363 16.57 -54.45 1.65
C ALA I 363 15.57 -55.09 2.63
N SER I 364 14.51 -54.34 2.92
CA SER I 364 13.52 -54.74 3.90
C SER I 364 12.67 -55.95 3.51
N ASN I 365 12.73 -56.37 2.25
CA ASN I 365 12.07 -57.59 1.83
C ASN I 365 13.07 -58.72 1.74
N GLY I 366 14.25 -58.48 2.29
CA GLY I 366 15.26 -59.51 2.46
C GLY I 366 16.06 -59.81 1.21
N LYS I 367 15.87 -59.03 0.14
CA LYS I 367 16.70 -59.20 -1.05
C LYS I 367 18.08 -58.56 -0.88
N THR I 368 19.14 -59.31 -1.18
CA THR I 368 20.47 -58.75 -1.10
C THR I 368 20.81 -58.07 -2.41
N ILE I 369 21.59 -56.99 -2.33
CA ILE I 369 21.88 -56.15 -3.47
C ILE I 369 23.36 -55.84 -3.56
N GLU I 370 23.97 -56.10 -4.72
CA GLU I 370 25.36 -55.71 -4.91
C GLU I 370 25.43 -54.29 -5.52
N VAL I 371 25.98 -53.33 -4.78
CA VAL I 371 26.16 -51.98 -5.27
C VAL I 371 27.28 -51.91 -6.32
N GLY I 372 26.96 -51.44 -7.51
CA GLY I 372 27.96 -51.27 -8.55
C GLY I 372 28.41 -49.82 -8.66
N ASN I 373 27.57 -48.91 -8.17
CA ASN I 373 27.84 -47.49 -8.28
C ASN I 373 27.08 -46.69 -7.23
N THR I 374 27.78 -45.97 -6.36
CA THR I 374 27.11 -45.25 -5.26
C THR I 374 26.23 -44.09 -5.73
N ASP I 375 26.39 -43.68 -6.98
CA ASP I 375 25.58 -42.60 -7.53
C ASP I 375 24.21 -43.10 -8.05
N ALA I 376 23.99 -44.41 -8.01
CA ALA I 376 22.68 -44.94 -8.38
C ALA I 376 21.85 -45.17 -7.12
N GLU I 377 21.88 -44.18 -6.23
CA GLU I 377 21.36 -44.34 -4.87
C GLU I 377 19.84 -44.22 -4.78
N GLY I 378 19.24 -43.50 -5.71
CA GLY I 378 17.81 -43.26 -5.68
C GLY I 378 17.03 -44.56 -5.72
N ARG I 379 17.41 -45.45 -6.62
CA ARG I 379 16.72 -46.73 -6.73
C ARG I 379 16.88 -47.56 -5.45
N LEU I 380 17.96 -47.30 -4.70
CA LEU I 380 18.20 -48.03 -3.44
C LEU I 380 17.21 -47.59 -2.38
N THR I 381 16.99 -46.28 -2.32
CA THR I 381 16.07 -45.75 -1.32
C THR I 381 14.62 -46.02 -1.71
N LEU I 382 14.35 -46.04 -3.01
CA LEU I 382 13.00 -46.32 -3.49
C LEU I 382 12.68 -47.80 -3.31
N ALA I 383 13.69 -48.66 -3.33
CA ALA I 383 13.45 -50.08 -3.10
C ALA I 383 12.81 -50.31 -1.74
N ASP I 384 13.34 -49.66 -0.71
CA ASP I 384 12.80 -49.85 0.62
C ASP I 384 11.47 -49.10 0.77
N ALA I 385 11.28 -48.01 0.04
CA ALA I 385 10.05 -47.24 0.17
C ALA I 385 8.87 -47.93 -0.51
N LEU I 386 9.17 -48.68 -1.57
CA LEU I 386 8.16 -49.43 -2.30
C LEU I 386 7.67 -50.61 -1.45
N VAL I 387 8.60 -51.26 -0.74
CA VAL I 387 8.28 -52.36 0.16
C VAL I 387 7.35 -51.88 1.27
N TYR I 388 7.67 -50.74 1.86
CA TYR I 388 6.79 -50.09 2.83
C TYR I 388 5.42 -49.73 2.24
N ALA I 389 5.41 -49.18 1.03
CA ALA I 389 4.15 -48.84 0.39
C ALA I 389 3.29 -50.09 0.15
N GLU I 390 3.88 -51.16 -0.38
CA GLU I 390 3.09 -52.33 -0.67
C GLU I 390 2.53 -52.96 0.62
N LYS I 391 3.22 -52.76 1.74
CA LYS I 391 2.80 -53.30 3.02
C LYS I 391 1.61 -52.53 3.59
N LEU I 392 1.33 -51.37 3.03
CA LEU I 392 0.17 -50.59 3.45
C LEU I 392 -1.12 -51.13 2.86
N GLY I 393 -1.01 -52.12 1.99
CA GLY I 393 -2.19 -52.72 1.36
C GLY I 393 -2.98 -51.74 0.53
N VAL I 394 -2.30 -51.11 -0.43
CA VAL I 394 -2.92 -50.12 -1.28
C VAL I 394 -3.28 -50.73 -2.63
N ASP I 395 -4.04 -50.00 -3.44
CA ASP I 395 -4.42 -50.50 -4.75
C ASP I 395 -3.45 -50.02 -5.84
N TYR I 396 -2.93 -48.81 -5.70
CA TYR I 396 -1.90 -48.32 -6.61
C TYR I 396 -0.72 -47.73 -5.88
N ILE I 397 0.47 -48.03 -6.37
CA ILE I 397 1.69 -47.35 -5.99
C ILE I 397 2.21 -46.58 -7.18
N VAL I 398 2.34 -45.27 -7.05
CA VAL I 398 2.95 -44.44 -8.07
C VAL I 398 4.17 -43.78 -7.47
N ASP I 399 5.33 -43.98 -8.08
CA ASP I 399 6.49 -43.24 -7.61
C ASP I 399 6.93 -42.21 -8.66
N ILE I 400 7.67 -41.22 -8.20
CA ILE I 400 8.10 -40.10 -9.03
C ILE I 400 9.48 -39.70 -8.53
N ALA I 401 10.44 -39.59 -9.43
CA ALA I 401 11.83 -39.52 -9.05
C ALA I 401 12.73 -38.97 -10.14
N THR I 402 13.70 -38.14 -9.77
CA THR I 402 14.75 -37.71 -10.70
C THR I 402 15.80 -38.78 -10.73
N LEU I 403 15.47 -39.92 -11.35
CA LEU I 403 16.26 -41.13 -11.21
C LEU I 403 17.45 -41.21 -12.20
N THR I 404 17.24 -40.91 -13.47
CA THR I 404 18.30 -41.09 -14.47
C THR I 404 18.51 -39.90 -15.39
N GLY I 405 19.74 -39.39 -15.48
CA GLY I 405 20.06 -38.37 -16.45
C GLY I 405 19.78 -38.82 -17.88
N ALA I 406 19.76 -40.14 -18.11
CA ALA I 406 19.46 -40.66 -19.45
C ALA I 406 18.12 -40.16 -20.02
N MET I 407 17.23 -39.66 -19.17
CA MET I 407 15.98 -39.09 -19.66
C MET I 407 16.23 -37.85 -20.55
N LEU I 408 17.34 -37.15 -20.33
CA LEU I 408 17.72 -36.04 -21.21
C LEU I 408 18.02 -36.50 -22.65
N TYR I 409 18.47 -37.74 -22.82
CA TYR I 409 18.71 -38.29 -24.16
C TYR I 409 17.51 -39.03 -24.74
N SER I 410 16.47 -39.27 -23.93
CA SER I 410 15.31 -39.98 -24.44
C SER I 410 14.16 -39.02 -24.74
N LEU I 411 13.75 -38.24 -23.74
CA LEU I 411 12.64 -37.31 -23.88
C LEU I 411 13.05 -35.84 -23.77
N GLY I 412 14.27 -35.60 -23.33
CA GLY I 412 14.75 -34.23 -23.11
C GLY I 412 14.11 -33.53 -21.92
N THR I 413 13.93 -32.22 -22.04
CA THR I 413 13.53 -31.40 -20.89
C THR I 413 12.00 -31.13 -20.78
N SER I 414 11.21 -31.48 -21.80
CA SER I 414 9.77 -31.18 -21.77
C SER I 414 8.86 -32.30 -21.25
N TYR I 415 9.14 -33.54 -21.65
CA TYR I 415 8.29 -34.68 -21.30
C TYR I 415 8.95 -35.59 -20.28
N ALA I 416 8.20 -35.95 -19.24
CA ALA I 416 8.62 -36.99 -18.30
C ALA I 416 8.31 -38.38 -18.84
N GLY I 417 9.03 -39.39 -18.36
CA GLY I 417 8.74 -40.75 -18.74
C GLY I 417 7.93 -41.44 -17.66
N VAL I 418 6.95 -42.26 -18.06
CA VAL I 418 6.32 -43.16 -17.12
C VAL I 418 6.56 -44.61 -17.52
N PHE I 419 6.96 -45.42 -16.55
CA PHE I 419 7.09 -46.86 -16.71
C PHE I 419 6.09 -47.54 -15.76
N GLY I 420 5.81 -48.84 -15.96
CA GLY I 420 4.91 -49.51 -15.03
C GLY I 420 4.65 -50.96 -15.34
N ASN I 421 3.94 -51.64 -14.43
CA ASN I 421 3.71 -53.08 -14.60
C ASN I 421 2.23 -53.35 -14.79
N ASN I 422 1.50 -52.29 -15.14
CA ASN I 422 0.04 -52.35 -15.23
C ASN I 422 -0.53 -51.29 -16.17
N GLU I 423 -1.11 -51.73 -17.28
CA GLU I 423 -1.58 -50.81 -18.30
C GLU I 423 -2.74 -49.94 -17.82
N GLU I 424 -3.63 -50.48 -16.99
CA GLU I 424 -4.73 -49.68 -16.47
C GLU I 424 -4.17 -48.44 -15.77
N LEU I 425 -3.24 -48.63 -14.83
CA LEU I 425 -2.68 -47.51 -14.07
C LEU I 425 -1.91 -46.55 -14.99
N ILE I 426 -1.14 -47.09 -15.92
CA ILE I 426 -0.41 -46.27 -16.88
C ILE I 426 -1.33 -45.33 -17.68
N ASN I 427 -2.45 -45.86 -18.16
CA ASN I 427 -3.43 -45.06 -18.87
C ASN I 427 -4.00 -43.97 -17.99
N LYS I 428 -4.24 -44.30 -16.72
CA LYS I 428 -4.68 -43.28 -15.76
C LYS I 428 -3.62 -42.16 -15.60
N ILE I 429 -2.36 -42.53 -15.62
CA ILE I 429 -1.27 -41.56 -15.54
C ILE I 429 -1.28 -40.62 -16.76
N LEU I 430 -1.40 -41.20 -17.95
CA LEU I 430 -1.44 -40.44 -19.18
C LEU I 430 -2.69 -39.55 -19.23
N GLN I 431 -3.80 -40.06 -18.71
CA GLN I 431 -5.04 -39.31 -18.69
C GLN I 431 -4.85 -38.11 -17.82
N SER I 432 -4.11 -38.31 -16.72
CA SER I 432 -3.81 -37.25 -15.80
C SER I 432 -2.87 -36.24 -16.42
N SER I 433 -1.95 -36.73 -17.24
CA SER I 433 -1.02 -35.88 -17.97
C SER I 433 -1.78 -34.90 -18.85
N LYS I 434 -2.87 -35.40 -19.43
CA LYS I 434 -3.67 -34.60 -20.33
C LYS I 434 -4.41 -33.48 -19.60
N THR I 435 -4.98 -33.80 -18.45
CA THR I 435 -5.83 -32.83 -17.78
C THR I 435 -5.01 -31.95 -16.84
N SER I 436 -3.78 -32.36 -16.53
CA SER I 436 -2.89 -31.52 -15.74
C SER I 436 -2.04 -30.62 -16.64
N ASN I 437 -1.99 -30.99 -17.92
CA ASN I 437 -1.08 -30.37 -18.87
C ASN I 437 0.38 -30.40 -18.43
N GLU I 438 0.74 -31.46 -17.72
CA GLU I 438 2.14 -31.79 -17.44
C GLU I 438 2.48 -33.02 -18.27
N PRO I 439 3.26 -32.83 -19.34
CA PRO I 439 3.49 -33.82 -20.41
C PRO I 439 4.21 -35.07 -19.95
N VAL I 440 3.71 -36.22 -20.36
CA VAL I 440 4.26 -37.48 -19.90
C VAL I 440 4.23 -38.50 -21.05
N TRP I 441 5.31 -39.26 -21.22
CA TRP I 441 5.35 -40.27 -22.29
C TRP I 441 5.64 -41.66 -21.75
N TRP I 442 4.87 -42.63 -22.22
CA TRP I 442 5.00 -44.02 -21.82
C TRP I 442 6.26 -44.64 -22.44
N LEU I 443 7.20 -45.05 -21.59
CA LEU I 443 8.38 -45.79 -22.04
C LEU I 443 8.28 -47.21 -21.51
N PRO I 444 8.94 -48.17 -22.17
CA PRO I 444 8.73 -49.58 -21.80
C PRO I 444 9.70 -50.12 -20.75
N ILE I 445 9.28 -51.16 -20.05
CA ILE I 445 10.20 -51.90 -19.23
C ILE I 445 10.59 -53.13 -20.03
N ILE I 446 11.86 -53.21 -20.44
CA ILE I 446 12.27 -54.23 -21.38
C ILE I 446 12.90 -55.42 -20.66
N ASN I 447 12.12 -56.49 -20.48
CA ASN I 447 12.55 -57.60 -19.63
C ASN I 447 13.76 -58.38 -20.16
N GLU I 448 14.00 -58.30 -21.47
CA GLU I 448 15.22 -58.86 -22.01
C GLU I 448 16.46 -58.34 -21.27
N TYR I 449 16.40 -57.14 -20.68
CA TYR I 449 17.56 -56.60 -19.97
C TYR I 449 17.69 -57.14 -18.54
N ARG I 450 16.67 -57.86 -18.07
CA ARG I 450 16.64 -58.30 -16.67
C ARG I 450 17.87 -59.14 -16.28
N ALA I 451 18.41 -59.89 -17.23
CA ALA I 451 19.53 -60.79 -16.94
C ALA I 451 20.83 -60.06 -16.53
N THR I 452 21.02 -58.84 -17.03
CA THR I 452 22.21 -58.08 -16.67
C THR I 452 22.24 -57.70 -15.20
N LEU I 453 21.13 -57.91 -14.50
CA LEU I 453 21.07 -57.60 -13.08
C LEU I 453 21.32 -58.83 -12.22
N ASN I 454 21.63 -59.95 -12.87
CA ASN I 454 21.92 -61.18 -12.13
C ASN I 454 23.32 -61.14 -11.51
N SER I 455 23.40 -60.75 -10.24
CA SER I 455 24.66 -60.69 -9.52
C SER I 455 25.23 -62.07 -9.29
N LYS I 456 26.54 -62.18 -9.40
CA LYS I 456 27.25 -63.40 -9.02
C LYS I 456 27.09 -63.76 -7.53
N TYR I 457 27.04 -62.76 -6.65
CA TYR I 457 27.09 -63.05 -5.23
C TYR I 457 25.80 -62.68 -4.50
N ALA I 458 25.20 -61.57 -4.89
CA ALA I 458 23.94 -61.13 -4.30
C ALA I 458 22.75 -61.68 -5.08
N ASP I 459 21.56 -61.54 -4.53
CA ASP I 459 20.34 -61.86 -5.28
C ASP I 459 20.24 -61.01 -6.55
N ILE I 460 20.67 -59.74 -6.46
CA ILE I 460 20.49 -58.78 -7.56
C ILE I 460 21.54 -57.65 -7.59
N ASN I 461 21.89 -57.25 -8.81
CA ASN I 461 22.73 -56.09 -9.03
C ASN I 461 21.91 -54.83 -8.97
N GLN I 462 22.48 -53.80 -8.33
CA GLN I 462 21.91 -52.46 -8.35
C GLN I 462 21.94 -51.87 -9.77
N ILE I 463 23.02 -52.11 -10.51
CA ILE I 463 23.15 -51.56 -11.85
C ILE I 463 23.60 -52.59 -12.86
N SER I 464 23.43 -52.23 -14.12
CA SER I 464 23.86 -53.08 -15.22
C SER I 464 25.23 -52.61 -15.63
N SER I 465 26.09 -53.54 -15.99
CA SER I 465 27.42 -53.14 -16.48
C SER I 465 27.50 -53.23 -18.01
N SER I 466 26.42 -53.64 -18.67
CA SER I 466 26.44 -53.80 -20.14
C SER I 466 25.33 -53.05 -20.87
N VAL I 467 24.23 -52.76 -20.19
CA VAL I 467 23.12 -52.06 -20.83
C VAL I 467 23.20 -50.55 -20.56
N LYS I 468 23.12 -49.75 -21.63
CA LYS I 468 23.24 -48.32 -21.50
C LYS I 468 21.91 -47.63 -21.32
N ALA I 469 20.81 -48.38 -21.48
CA ALA I 469 19.48 -47.81 -21.33
C ALA I 469 19.09 -47.70 -19.86
N SER I 470 19.70 -46.77 -19.15
CA SER I 470 19.66 -46.81 -17.70
C SER I 470 18.31 -46.45 -17.09
N SER I 471 17.48 -45.72 -17.81
CA SER I 471 16.13 -45.45 -17.28
C SER I 471 15.31 -46.74 -17.27
N ILE I 472 15.60 -47.63 -18.21
CA ILE I 472 14.88 -48.88 -18.34
C ILE I 472 15.40 -49.85 -17.30
N VAL I 473 16.72 -49.94 -17.23
CA VAL I 473 17.40 -50.77 -16.24
C VAL I 473 16.89 -50.44 -14.85
N ALA I 474 16.89 -49.17 -14.52
CA ALA I 474 16.44 -48.72 -13.21
C ALA I 474 15.03 -49.22 -12.93
N SER I 475 14.14 -49.09 -13.92
CA SER I 475 12.76 -49.52 -13.76
C SER I 475 12.68 -51.03 -13.50
N LEU I 476 13.53 -51.79 -14.17
CA LEU I 476 13.63 -53.22 -13.91
C LEU I 476 14.06 -53.49 -12.47
N PHE I 477 14.95 -52.67 -11.94
CA PHE I 477 15.35 -52.81 -10.55
C PHE I 477 14.17 -52.61 -9.62
N LEU I 478 13.46 -51.49 -9.79
CA LEU I 478 12.37 -51.14 -8.88
C LEU I 478 11.20 -52.14 -8.96
N LYS I 479 11.06 -52.78 -10.12
CA LYS I 479 9.99 -53.73 -10.33
C LYS I 479 10.17 -54.93 -9.37
N GLU I 480 11.43 -55.28 -9.11
CA GLU I 480 11.77 -56.36 -8.21
C GLU I 480 11.35 -56.13 -6.78
N PHE I 481 10.83 -54.94 -6.49
CA PHE I 481 10.49 -54.59 -5.13
C PHE I 481 8.99 -54.31 -4.98
N VAL I 482 8.24 -54.71 -6.00
CA VAL I 482 6.79 -54.73 -5.93
C VAL I 482 6.31 -56.10 -6.38
N GLN I 483 5.65 -56.84 -5.49
CA GLN I 483 5.34 -58.24 -5.76
C GLN I 483 4.00 -58.46 -6.45
N ASN I 484 2.96 -57.78 -5.99
CA ASN I 484 1.64 -57.99 -6.55
C ASN I 484 0.69 -56.80 -6.40
N THR I 485 1.20 -55.61 -6.70
CA THR I 485 0.38 -54.40 -6.67
C THR I 485 0.59 -53.66 -7.98
N ALA I 486 -0.47 -53.07 -8.52
CA ALA I 486 -0.31 -52.18 -9.66
C ALA I 486 0.65 -51.04 -9.31
N TRP I 487 1.68 -50.87 -10.15
CA TRP I 487 2.75 -49.92 -9.88
C TRP I 487 3.21 -49.19 -11.14
N ALA I 488 3.49 -47.89 -10.98
CA ALA I 488 3.92 -47.02 -12.06
C ALA I 488 4.99 -46.04 -11.56
N HIS I 489 5.92 -45.70 -12.44
CA HIS I 489 7.14 -44.98 -12.09
C HIS I 489 7.34 -43.81 -13.04
N ILE I 490 7.43 -42.62 -12.47
CA ILE I 490 7.56 -41.41 -13.26
C ILE I 490 8.96 -40.81 -13.05
N ASP I 491 9.80 -40.91 -14.08
CA ASP I 491 11.16 -40.35 -14.07
C ASP I 491 11.12 -38.90 -14.52
N ILE I 492 11.36 -38.00 -13.57
CA ILE I 492 11.34 -36.58 -13.86
C ILE I 492 12.75 -35.95 -13.85
N ALA I 493 13.80 -36.76 -14.04
CA ALA I 493 15.16 -36.22 -13.93
C ALA I 493 15.46 -35.17 -15.01
N GLY I 494 14.79 -35.28 -16.13
CA GLY I 494 15.03 -34.39 -17.24
C GLY I 494 14.15 -33.16 -17.23
N VAL I 495 12.98 -33.25 -16.62
CA VAL I 495 12.00 -32.17 -16.70
C VAL I 495 11.86 -31.35 -15.44
N SER I 496 12.53 -31.76 -14.38
CA SER I 496 12.33 -31.14 -13.08
C SER I 496 12.81 -29.69 -13.03
N TRP I 497 13.94 -29.42 -13.68
CA TRP I 497 14.57 -28.11 -13.57
C TRP I 497 14.46 -27.31 -14.85
N ASN I 498 14.06 -26.06 -14.73
CA ASN I 498 13.95 -25.21 -15.89
C ASN I 498 15.27 -24.46 -16.12
N PHE I 499 16.07 -25.00 -17.02
CA PHE I 499 17.40 -24.44 -17.28
C PHE I 499 17.36 -23.03 -17.88
N LYS I 500 16.39 -22.76 -18.75
CA LYS I 500 16.30 -21.43 -19.36
C LYS I 500 16.06 -20.36 -18.29
N ALA I 501 15.08 -20.61 -17.43
CA ALA I 501 14.71 -19.64 -16.41
C ALA I 501 15.47 -19.85 -15.08
N ARG I 502 16.32 -20.88 -15.02
CA ARG I 502 17.18 -21.12 -13.85
C ARG I 502 16.40 -21.31 -12.53
N LYS I 503 15.33 -22.12 -12.56
CA LYS I 503 14.47 -22.31 -11.41
C LYS I 503 13.71 -23.65 -11.55
N PRO I 504 13.10 -24.14 -10.45
CA PRO I 504 12.41 -25.42 -10.62
C PRO I 504 11.09 -25.27 -11.35
N LYS I 505 10.55 -26.36 -11.87
CA LYS I 505 9.20 -26.31 -12.42
C LYS I 505 8.18 -26.70 -11.35
N GLY I 506 8.57 -27.51 -10.38
CA GLY I 506 7.60 -28.07 -9.44
C GLY I 506 6.77 -29.11 -10.17
N PHE I 507 7.39 -29.69 -11.19
CA PHE I 507 6.76 -30.69 -12.03
C PHE I 507 6.21 -31.84 -11.20
N GLY I 508 4.96 -32.22 -11.46
CA GLY I 508 4.39 -33.39 -10.83
C GLY I 508 3.24 -33.14 -9.87
N VAL I 509 3.23 -31.99 -9.20
CA VAL I 509 2.19 -31.69 -8.24
C VAL I 509 0.81 -31.74 -8.93
N ARG I 510 0.68 -31.10 -10.09
CA ARG I 510 -0.60 -31.09 -10.79
C ARG I 510 -0.92 -32.45 -11.41
N LEU I 511 0.07 -33.08 -12.04
CA LEU I 511 -0.08 -34.42 -12.54
C LEU I 511 -0.61 -35.37 -11.44
N LEU I 512 0.04 -35.38 -10.27
CA LEU I 512 -0.32 -36.29 -9.19
C LEU I 512 -1.69 -35.97 -8.61
N THR I 513 -2.00 -34.69 -8.48
CA THR I 513 -3.27 -34.29 -7.91
C THR I 513 -4.42 -34.66 -8.85
N GLU I 514 -4.22 -34.47 -10.15
CA GLU I 514 -5.26 -34.84 -11.12
C GLU I 514 -5.52 -36.35 -11.10
N PHE I 515 -4.44 -37.11 -10.97
CA PHE I 515 -4.53 -38.55 -10.88
C PHE I 515 -5.40 -38.96 -9.68
N VAL I 516 -5.17 -38.30 -8.54
CA VAL I 516 -5.94 -38.61 -7.34
C VAL I 516 -7.38 -38.12 -7.45
N LEU I 517 -7.59 -36.92 -7.94
CA LEU I 517 -8.93 -36.37 -8.12
C LEU I 517 -9.79 -37.16 -9.11
N ASN I 518 -9.25 -37.47 -10.28
CA ASN I 518 -10.02 -38.16 -11.32
C ASN I 518 -10.39 -39.57 -10.85
N ASP I 519 -9.75 -40.00 -9.77
CA ASP I 519 -10.19 -41.18 -9.02
C ASP I 519 -10.85 -40.76 -7.72
N ALA J 1 26.06 -51.39 -63.37
CA ALA J 1 27.40 -51.80 -62.97
C ALA J 1 28.45 -50.77 -63.38
N SER J 2 28.96 -50.02 -62.40
CA SER J 2 30.06 -49.10 -62.64
C SER J 2 31.37 -49.73 -62.19
N GLU J 3 32.50 -49.19 -62.64
CA GLU J 3 33.79 -49.70 -62.18
C GLU J 3 33.99 -49.30 -60.73
N VAL J 4 34.57 -50.18 -59.93
CA VAL J 4 34.92 -49.79 -58.56
C VAL J 4 36.37 -49.28 -58.54
N PRO J 5 36.56 -48.01 -58.19
CA PRO J 5 37.93 -47.49 -58.13
C PRO J 5 38.75 -48.18 -57.04
N GLN J 6 40.00 -48.47 -57.31
CA GLN J 6 40.89 -49.00 -56.30
C GLN J 6 42.10 -48.10 -56.09
N VAL J 7 42.80 -48.31 -54.99
CA VAL J 7 44.04 -47.59 -54.70
C VAL J 7 45.21 -48.47 -55.08
N VAL J 8 45.11 -49.74 -54.70
CA VAL J 8 46.10 -50.74 -55.05
C VAL J 8 45.35 -51.85 -55.75
N SER J 9 46.05 -52.63 -56.55
CA SER J 9 45.38 -53.69 -57.31
C SER J 9 44.79 -54.77 -56.40
N LEU J 10 45.07 -54.74 -55.11
CA LEU J 10 44.57 -55.74 -54.18
C LEU J 10 43.26 -55.29 -53.51
N ASP J 11 42.83 -54.07 -53.78
CA ASP J 11 41.53 -53.60 -53.30
C ASP J 11 40.41 -54.34 -54.04
N PRO J 12 39.52 -55.00 -53.29
CA PRO J 12 38.45 -55.81 -53.88
C PRO J 12 37.45 -54.98 -54.66
N THR J 13 36.79 -55.59 -55.64
CA THR J 13 35.92 -54.87 -56.57
C THR J 13 34.47 -55.34 -56.55
N SER J 14 34.16 -56.24 -55.62
CA SER J 14 32.77 -56.63 -55.41
C SER J 14 32.57 -57.14 -53.99
N ILE J 15 31.34 -57.05 -53.52
CA ILE J 15 30.97 -57.71 -52.27
C ILE J 15 30.65 -59.15 -52.57
N PRO J 16 31.34 -60.08 -51.93
CA PRO J 16 30.96 -61.49 -52.12
C PRO J 16 29.59 -61.77 -51.48
N ILE J 17 28.70 -62.42 -52.21
CA ILE J 17 27.37 -62.72 -51.71
C ILE J 17 27.07 -64.22 -51.79
N GLU J 18 26.46 -64.76 -50.74
CA GLU J 18 25.91 -66.11 -50.80
C GLU J 18 24.42 -66.07 -51.02
N TYR J 19 23.96 -66.65 -52.12
CA TYR J 19 22.53 -66.78 -52.35
C TYR J 19 22.07 -68.18 -51.98
N ASN J 20 22.74 -69.18 -52.55
CA ASN J 20 22.48 -70.58 -52.22
C ASN J 20 23.18 -70.99 -50.91
N THR J 21 22.40 -71.10 -49.84
CA THR J 21 22.95 -71.47 -48.54
C THR J 21 22.45 -72.85 -48.14
N PRO J 22 23.19 -73.53 -47.25
CA PRO J 22 22.79 -74.83 -46.69
C PRO J 22 21.36 -74.85 -46.16
N ILE J 23 20.93 -73.75 -45.54
CA ILE J 23 19.56 -73.59 -45.06
C ILE J 23 18.50 -73.85 -46.17
N HIS J 24 18.81 -73.52 -47.41
CA HIS J 24 17.85 -73.74 -48.47
C HIS J 24 17.77 -75.22 -48.87
N ASP J 25 18.66 -76.05 -48.33
CA ASP J 25 18.66 -77.48 -48.61
C ASP J 25 18.02 -78.30 -47.48
N ILE J 26 17.59 -77.64 -46.41
CA ILE J 26 16.89 -78.36 -45.35
C ILE J 26 15.45 -78.64 -45.74
N LYS J 27 15.10 -79.92 -45.84
CA LYS J 27 13.71 -80.31 -46.07
C LYS J 27 12.93 -80.25 -44.75
N VAL J 28 11.81 -79.55 -44.74
CA VAL J 28 11.08 -79.34 -43.49
C VAL J 28 9.69 -79.99 -43.47
N GLN J 29 9.44 -80.79 -42.43
CA GLN J 29 8.16 -81.46 -42.25
C GLN J 29 7.52 -81.03 -40.93
N VAL J 30 6.21 -80.80 -40.92
CA VAL J 30 5.52 -80.49 -39.68
C VAL J 30 4.45 -81.54 -39.35
N TYR J 31 4.63 -82.22 -38.22
CA TYR J 31 3.75 -83.30 -37.78
C TYR J 31 2.93 -82.87 -36.57
N ASP J 32 1.75 -83.46 -36.42
CA ASP J 32 0.93 -83.13 -35.25
C ASP J 32 1.39 -83.90 -34.01
N ILE J 33 1.55 -83.18 -32.91
CA ILE J 33 2.13 -83.75 -31.70
C ILE J 33 1.17 -84.74 -31.02
N LYS J 34 -0.14 -84.56 -31.24
CA LYS J 34 -1.14 -85.45 -30.64
C LYS J 34 -0.91 -86.93 -31.00
N GLY J 35 -0.12 -87.16 -32.04
CA GLY J 35 0.14 -88.50 -32.55
C GLY J 35 1.34 -89.24 -31.97
N GLY J 36 2.12 -88.59 -31.12
CA GLY J 36 3.34 -89.22 -30.65
C GLY J 36 4.50 -89.02 -31.60
N CYS J 37 5.72 -89.30 -31.13
CA CYS J 37 6.91 -88.91 -31.89
C CYS J 37 7.71 -90.06 -32.48
N ASN J 38 8.11 -89.89 -33.73
CA ASN J 38 9.11 -90.73 -34.36
C ASN J 38 10.51 -90.24 -33.99
N VAL J 39 11.26 -91.06 -33.29
CA VAL J 39 12.57 -90.66 -32.79
C VAL J 39 13.67 -91.62 -33.23
N GLU J 40 13.39 -92.38 -34.28
CA GLU J 40 14.32 -93.39 -34.75
C GLU J 40 15.49 -92.83 -35.56
N GLU J 41 15.43 -91.56 -35.94
CA GLU J 41 16.52 -90.97 -36.74
C GLU J 41 17.05 -89.64 -36.21
N GLY J 42 18.36 -89.56 -36.08
CA GLY J 42 19.03 -88.30 -35.82
C GLY J 42 18.84 -87.72 -34.43
N LEU J 43 19.06 -86.41 -34.33
CA LEU J 43 18.95 -85.67 -33.09
C LEU J 43 17.51 -85.24 -32.82
N THR J 44 16.99 -85.61 -31.64
CA THR J 44 15.66 -85.19 -31.25
C THR J 44 15.73 -84.31 -30.01
N ILE J 45 15.12 -83.12 -30.08
CA ILE J 45 15.14 -82.22 -28.94
C ILE J 45 13.73 -81.82 -28.51
N PHE J 46 13.46 -81.94 -27.22
CA PHE J 46 12.16 -81.57 -26.66
C PHE J 46 12.22 -80.17 -26.05
N LEU J 47 11.27 -79.32 -26.39
CA LEU J 47 11.17 -78.04 -25.73
C LEU J 47 10.21 -78.21 -24.55
N VAL J 48 10.76 -78.11 -23.34
CA VAL J 48 9.97 -78.34 -22.15
C VAL J 48 10.05 -77.18 -21.16
N ASN J 49 8.94 -76.90 -20.51
CA ASN J 49 8.92 -75.94 -19.43
C ASN J 49 8.44 -76.65 -18.15
N ASN J 50 8.34 -75.89 -17.07
CA ASN J 50 7.65 -76.35 -15.87
C ASN J 50 6.98 -75.16 -15.20
N PRO J 51 5.71 -74.91 -15.56
CA PRO J 51 4.97 -73.75 -15.04
C PRO J 51 4.90 -73.71 -13.51
N GLY J 52 5.08 -72.52 -12.96
CA GLY J 52 5.07 -72.31 -11.53
C GLY J 52 6.41 -72.58 -10.86
N LYS J 53 6.86 -73.83 -10.96
CA LYS J 53 8.07 -74.29 -10.27
C LYS J 53 9.36 -73.81 -10.95
N GLU J 54 9.91 -72.68 -10.49
CA GLU J 54 11.11 -72.09 -11.10
C GLU J 54 12.30 -73.05 -11.01
N ASN J 55 12.94 -73.29 -12.15
CA ASN J 55 14.04 -74.25 -12.27
C ASN J 55 13.65 -75.67 -11.85
N GLY J 56 12.38 -76.02 -12.09
CA GLY J 56 11.86 -77.33 -11.73
C GLY J 56 12.32 -78.43 -12.66
N PRO J 57 12.01 -79.69 -12.31
CA PRO J 57 12.50 -80.83 -13.09
C PRO J 57 11.93 -80.89 -14.51
N VAL J 58 12.68 -81.52 -15.41
CA VAL J 58 12.21 -81.83 -16.75
C VAL J 58 11.30 -83.07 -16.74
N LYS J 59 10.13 -82.94 -17.35
CA LYS J 59 9.25 -84.07 -17.55
C LYS J 59 8.85 -84.08 -19.02
N ILE J 60 9.04 -85.20 -19.70
CA ILE J 60 8.62 -85.37 -21.10
C ILE J 60 7.29 -86.11 -21.13
N SER J 61 6.29 -85.55 -21.81
CA SER J 61 4.97 -86.17 -21.84
C SER J 61 4.73 -87.03 -23.08
N SER J 62 5.23 -86.57 -24.22
CA SER J 62 5.05 -87.30 -25.49
C SER J 62 5.40 -88.78 -25.44
N LYS J 63 4.54 -89.57 -26.06
CA LYS J 63 4.81 -90.97 -26.30
C LYS J 63 5.80 -91.06 -27.46
N VAL J 64 6.81 -91.92 -27.38
CA VAL J 64 7.72 -92.08 -28.51
C VAL J 64 7.75 -93.54 -28.98
N ASN J 65 8.17 -93.73 -30.22
CA ASN J 65 8.03 -95.01 -30.91
C ASN J 65 9.27 -95.89 -30.82
N ASP J 66 10.09 -95.65 -29.82
CA ASP J 66 11.32 -96.43 -29.65
C ASP J 66 11.51 -96.76 -28.18
N LYS J 67 11.88 -98.00 -27.89
CA LYS J 67 11.89 -98.49 -26.52
C LYS J 67 13.13 -98.01 -25.78
N GLN J 68 14.27 -98.02 -26.47
CA GLN J 68 15.52 -97.58 -25.87
C GLN J 68 15.42 -96.11 -25.45
N VAL J 69 14.97 -95.26 -26.37
CA VAL J 69 14.78 -93.84 -26.11
C VAL J 69 13.68 -93.62 -25.07
N SER J 70 12.63 -94.45 -25.12
CA SER J 70 11.56 -94.39 -24.12
C SER J 70 12.08 -94.49 -22.70
N GLU J 71 12.93 -95.46 -22.48
CA GLU J 71 13.58 -95.66 -21.20
C GLU J 71 14.36 -94.41 -20.79
N PHE J 72 15.12 -93.87 -21.73
CA PHE J 72 15.91 -92.67 -21.47
C PHE J 72 15.02 -91.52 -21.02
N LEU J 73 13.80 -91.45 -21.52
CA LEU J 73 12.93 -90.30 -21.30
C LEU J 73 11.98 -90.44 -20.11
N LYS J 74 12.11 -91.51 -19.33
CA LYS J 74 11.25 -91.70 -18.17
C LYS J 74 11.50 -90.60 -17.12
N ASP J 75 10.51 -90.35 -16.27
CA ASP J 75 10.57 -89.27 -15.30
C ASP J 75 11.75 -89.39 -14.34
N GLU J 76 12.03 -90.61 -13.89
CA GLU J 76 13.14 -90.85 -12.97
C GLU J 76 14.45 -90.35 -13.56
N ASN J 77 14.66 -90.56 -14.85
CA ASN J 77 15.91 -90.11 -15.45
C ASN J 77 15.89 -88.60 -15.77
N MET J 78 14.75 -88.08 -16.23
CA MET J 78 14.67 -86.69 -16.66
C MET J 78 14.62 -85.68 -15.52
N GLU J 79 14.16 -86.10 -14.35
CA GLU J 79 14.05 -85.19 -13.22
C GLU J 79 15.44 -84.77 -12.70
N LYS J 80 16.47 -85.47 -13.15
CA LYS J 80 17.83 -85.11 -12.79
C LYS J 80 18.26 -83.81 -13.51
N PHE J 81 17.49 -83.39 -14.51
CA PHE J 81 17.76 -82.14 -15.22
C PHE J 81 16.67 -81.11 -14.93
N ASN J 82 16.92 -79.83 -15.25
CA ASN J 82 15.93 -78.79 -14.97
C ASN J 82 15.62 -77.88 -16.17
N VAL J 83 14.50 -77.16 -16.08
CA VAL J 83 13.97 -76.38 -17.22
C VAL J 83 14.38 -74.91 -17.30
N LYS J 84 15.35 -74.48 -16.49
CA LYS J 84 15.76 -73.06 -16.49
C LYS J 84 16.06 -72.59 -17.92
N LEU J 85 15.46 -71.47 -18.31
CA LEU J 85 15.52 -70.98 -19.69
C LEU J 85 16.92 -71.04 -20.31
N GLY J 86 17.03 -71.73 -21.44
CA GLY J 86 18.27 -71.83 -22.18
C GLY J 86 19.11 -73.05 -21.84
N THR J 87 18.82 -73.70 -20.72
CA THR J 87 19.62 -74.83 -20.28
C THR J 87 19.35 -76.04 -21.18
N SER J 88 20.39 -76.81 -21.48
CA SER J 88 20.18 -77.99 -22.31
C SER J 88 21.06 -79.17 -21.92
N LYS J 89 20.58 -80.36 -22.27
CA LYS J 89 21.35 -81.60 -22.21
C LYS J 89 21.05 -82.36 -23.47
N HIS J 90 21.98 -83.16 -23.96
CA HIS J 90 21.64 -84.15 -24.98
C HIS J 90 22.61 -85.34 -24.92
N PHE J 91 22.08 -86.52 -25.21
CA PHE J 91 22.80 -87.78 -25.05
C PHE J 91 22.77 -88.59 -26.34
N TYR J 92 23.92 -89.15 -26.71
CA TYR J 92 23.98 -90.13 -27.80
C TYR J 92 23.67 -91.49 -27.23
N MET J 93 22.85 -92.25 -27.95
CA MET J 93 22.45 -93.59 -27.52
C MET J 93 22.00 -94.37 -28.74
N PHE J 94 21.83 -95.68 -28.58
CA PHE J 94 21.33 -96.51 -29.66
C PHE J 94 19.84 -96.73 -29.54
N ASN J 95 19.14 -96.72 -30.69
CA ASN J 95 17.72 -96.99 -30.70
C ASN J 95 17.48 -98.50 -30.83
N ASP J 96 16.24 -98.90 -31.09
CA ASP J 96 15.93 -100.32 -31.15
C ASP J 96 16.64 -101.03 -32.29
N ASN J 97 17.00 -100.28 -33.33
CA ASN J 97 17.66 -100.84 -34.51
C ASN J 97 19.17 -100.86 -34.36
N LYS J 98 19.64 -100.49 -33.17
CA LYS J 98 21.06 -100.36 -32.89
C LYS J 98 21.73 -99.34 -33.82
N ASN J 99 20.95 -98.35 -34.26
CA ASN J 99 21.49 -97.19 -34.94
C ASN J 99 21.77 -96.08 -33.94
N SER J 100 22.76 -95.26 -34.25
CA SER J 100 23.12 -94.15 -33.37
C SER J 100 22.16 -92.96 -33.54
N VAL J 101 21.48 -92.61 -32.46
CA VAL J 101 20.67 -91.40 -32.44
C VAL J 101 21.11 -90.52 -31.27
N ALA J 102 20.51 -89.34 -31.14
CA ALA J 102 20.76 -88.49 -29.99
C ALA J 102 19.49 -87.77 -29.57
N VAL J 103 19.34 -87.62 -28.27
CA VAL J 103 18.10 -87.12 -27.66
C VAL J 103 18.40 -86.15 -26.52
N GLY J 104 17.63 -85.06 -26.45
CA GLY J 104 17.80 -84.12 -25.39
C GLY J 104 16.69 -83.11 -25.32
N TYR J 105 16.95 -82.01 -24.64
CA TYR J 105 15.92 -81.01 -24.44
C TYR J 105 16.57 -79.64 -24.33
N VAL J 106 15.76 -78.60 -24.44
CA VAL J 106 16.17 -77.26 -24.06
C VAL J 106 15.14 -76.73 -23.08
N GLY J 107 15.58 -76.30 -21.90
CA GLY J 107 14.66 -75.74 -20.92
C GLY J 107 14.03 -74.46 -21.40
N CYS J 108 12.73 -74.33 -21.20
CA CYS J 108 12.00 -73.13 -21.64
C CYS J 108 11.42 -72.37 -20.46
N GLY J 109 11.98 -72.60 -19.27
CA GLY J 109 11.65 -71.82 -18.10
C GLY J 109 10.35 -72.22 -17.42
N SER J 110 9.78 -71.29 -16.67
CA SER J 110 8.59 -71.57 -15.89
C SER J 110 7.42 -70.63 -16.22
N VAL J 111 7.57 -69.85 -17.27
CA VAL J 111 6.44 -69.07 -17.75
C VAL J 111 5.71 -69.81 -18.86
N ALA J 112 4.38 -69.86 -18.76
CA ALA J 112 3.53 -70.52 -19.74
C ALA J 112 3.78 -70.04 -21.17
N ASP J 113 3.86 -68.73 -21.35
CA ASP J 113 3.94 -68.16 -22.70
C ASP J 113 5.28 -67.46 -22.93
N LEU J 114 6.12 -68.07 -23.76
CA LEU J 114 7.45 -67.53 -24.04
C LEU J 114 7.42 -66.23 -24.83
N SER J 115 8.17 -65.24 -24.39
CA SER J 115 8.33 -64.02 -25.17
C SER J 115 9.34 -64.29 -26.28
N GLU J 116 9.56 -63.30 -27.14
CA GLU J 116 10.44 -63.50 -28.27
C GLU J 116 11.91 -63.56 -27.85
N ALA J 117 12.27 -62.72 -26.88
CA ALA J 117 13.61 -62.75 -26.32
C ALA J 117 13.87 -64.13 -25.76
N ASP J 118 12.89 -64.63 -25.01
CA ASP J 118 12.96 -65.99 -24.46
C ASP J 118 13.12 -67.04 -25.56
N MET J 119 12.28 -66.96 -26.58
CA MET J 119 12.37 -67.88 -27.70
C MET J 119 13.75 -67.82 -28.38
N LYS J 120 14.36 -66.64 -28.37
CA LYS J 120 15.69 -66.48 -28.97
C LYS J 120 16.74 -67.22 -28.17
N ARG J 121 16.61 -67.17 -26.84
CA ARG J 121 17.53 -67.88 -25.97
C ARG J 121 17.40 -69.38 -26.23
N VAL J 122 16.16 -69.84 -26.42
CA VAL J 122 15.94 -71.26 -26.67
C VAL J 122 16.66 -71.68 -27.95
N VAL J 123 16.49 -70.91 -29.02
CA VAL J 123 17.09 -71.27 -30.30
C VAL J 123 18.62 -71.24 -30.23
N LEU J 124 19.17 -70.25 -29.55
CA LEU J 124 20.63 -70.15 -29.38
C LEU J 124 21.15 -71.42 -28.74
N SER J 125 20.41 -71.91 -27.73
CA SER J 125 20.79 -73.14 -27.07
C SER J 125 20.69 -74.35 -28.00
N LEU J 126 19.64 -74.38 -28.81
CA LEU J 126 19.49 -75.41 -29.83
C LEU J 126 20.63 -75.36 -30.85
N VAL J 127 20.92 -74.14 -31.31
CA VAL J 127 21.93 -73.91 -32.34
C VAL J 127 23.33 -74.30 -31.86
N THR J 128 23.59 -74.14 -30.56
CA THR J 128 24.86 -74.59 -29.97
C THR J 128 25.05 -76.09 -30.13
N MET J 129 23.98 -76.86 -29.91
CA MET J 129 24.05 -78.29 -30.14
C MET J 129 24.24 -78.60 -31.63
N LEU J 130 23.53 -77.87 -32.48
CA LEU J 130 23.67 -78.03 -33.92
C LEU J 130 25.11 -77.74 -34.40
N HIS J 131 25.81 -76.78 -33.77
CA HIS J 131 27.15 -76.45 -34.25
C HIS J 131 28.19 -77.50 -33.84
N ASP J 132 27.81 -78.48 -33.02
CA ASP J 132 28.67 -79.64 -32.81
C ASP J 132 27.93 -80.95 -33.16
N ASN J 133 27.08 -80.91 -34.19
CA ASN J 133 26.32 -82.09 -34.62
C ASN J 133 26.62 -82.51 -36.06
N LYS J 134 26.85 -83.80 -36.27
CA LYS J 134 27.08 -84.32 -37.62
C LYS J 134 25.88 -85.12 -38.14
N LEU J 135 24.89 -85.35 -37.29
CA LEU J 135 23.70 -86.12 -37.69
C LEU J 135 22.85 -85.34 -38.68
N SER J 136 22.30 -86.04 -39.68
CA SER J 136 21.65 -85.42 -40.84
C SER J 136 20.23 -84.92 -40.58
N LYS J 137 19.65 -85.30 -39.46
CA LYS J 137 18.27 -84.89 -39.18
C LYS J 137 18.14 -84.26 -37.79
N LEU J 138 17.35 -83.20 -37.72
CA LEU J 138 16.93 -82.63 -36.45
C LEU J 138 15.41 -82.74 -36.34
N THR J 139 14.94 -83.26 -35.20
CA THR J 139 13.50 -83.26 -34.90
C THR J 139 13.27 -82.41 -33.64
N VAL J 140 12.33 -81.47 -33.71
CA VAL J 140 12.06 -80.62 -32.57
C VAL J 140 10.62 -80.80 -32.06
N VAL J 141 10.48 -81.16 -30.78
CA VAL J 141 9.16 -81.43 -30.22
C VAL J 141 8.69 -80.30 -29.32
N PHE J 142 7.64 -79.61 -29.73
CA PHE J 142 7.10 -78.50 -28.95
C PHE J 142 6.17 -78.98 -27.84
N GLU J 143 6.72 -79.25 -26.66
CA GLU J 143 5.89 -79.59 -25.50
C GLU J 143 5.61 -78.30 -24.71
N ILE J 144 5.50 -77.20 -25.45
CA ILE J 144 5.09 -75.91 -24.92
C ILE J 144 4.12 -75.30 -25.91
N ASN J 145 3.35 -74.30 -25.47
CA ASN J 145 2.38 -73.64 -26.36
CA ASN J 145 2.41 -73.68 -26.41
C ASN J 145 2.99 -72.40 -27.04
N VAL J 146 3.02 -72.42 -28.37
CA VAL J 146 3.41 -71.29 -29.19
C VAL J 146 2.35 -71.15 -30.25
N ASP J 147 2.29 -69.99 -30.89
CA ASP J 147 1.30 -69.77 -31.94
C ASP J 147 1.98 -69.55 -33.28
N LYS J 148 1.16 -69.33 -34.32
CA LYS J 148 1.64 -69.26 -35.70
C LYS J 148 2.78 -68.26 -35.89
N ASN J 149 2.66 -67.07 -35.31
CA ASN J 149 3.73 -66.07 -35.40
C ASN J 149 5.01 -66.52 -34.69
N LEU J 150 4.87 -66.86 -33.41
CA LEU J 150 6.03 -67.28 -32.63
C LEU J 150 6.70 -68.46 -33.31
N PHE J 151 5.91 -69.38 -33.84
CA PHE J 151 6.48 -70.53 -34.56
C PHE J 151 7.30 -70.07 -35.76
N ARG J 152 6.80 -69.11 -36.53
CA ARG J 152 7.54 -68.62 -37.68
C ARG J 152 8.80 -67.87 -37.23
N PHE J 153 8.68 -67.18 -36.10
CA PHE J 153 9.83 -66.53 -35.49
C PHE J 153 10.89 -67.57 -35.12
N PHE J 154 10.47 -68.63 -34.43
CA PHE J 154 11.35 -69.74 -34.08
C PHE J 154 12.13 -70.24 -35.29
N LEU J 155 11.42 -70.50 -36.39
CA LEU J 155 12.07 -70.94 -37.63
C LEU J 155 13.06 -69.90 -38.19
N GLU J 156 12.59 -68.67 -38.35
CA GLU J 156 13.41 -67.56 -38.88
C GLU J 156 14.74 -67.46 -38.13
N THR J 157 14.63 -67.46 -36.82
CA THR J 157 15.78 -67.29 -35.94
C THR J 157 16.72 -68.48 -36.03
N LEU J 158 16.15 -69.68 -35.99
CA LEU J 158 16.93 -70.91 -36.08
C LEU J 158 17.78 -70.87 -37.35
N PHE J 159 17.15 -70.58 -38.48
CA PHE J 159 17.83 -70.51 -39.76
C PHE J 159 18.95 -69.45 -39.71
N TYR J 160 18.61 -68.28 -39.18
CA TYR J 160 19.58 -67.18 -39.20
C TYR J 160 20.75 -67.48 -38.27
N GLU J 161 20.47 -67.97 -37.07
CA GLU J 161 21.55 -68.24 -36.11
C GLU J 161 22.38 -69.46 -36.48
N TYR J 162 21.77 -70.43 -37.12
CA TYR J 162 22.46 -71.66 -37.51
C TYR J 162 23.45 -71.42 -38.65
N MET J 163 23.07 -70.54 -39.57
CA MET J 163 23.90 -70.19 -40.72
C MET J 163 25.12 -69.38 -40.28
N THR J 164 26.28 -69.72 -40.84
CA THR J 164 27.53 -69.02 -40.51
C THR J 164 28.19 -68.39 -41.74
N ASP J 165 28.66 -67.16 -41.57
CA ASP J 165 29.25 -66.36 -42.66
C ASP J 165 30.74 -66.62 -42.79
N GLU J 166 31.14 -67.32 -43.84
CA GLU J 166 32.54 -67.73 -43.99
C GLU J 166 33.21 -67.05 -45.18
N ARG J 167 32.57 -66.03 -45.73
CA ARG J 167 33.05 -65.35 -46.95
C ARG J 167 34.48 -64.83 -46.82
N PHE J 168 34.90 -64.46 -45.62
CA PHE J 168 36.21 -63.81 -45.52
C PHE J 168 37.22 -64.71 -44.86
N LYS J 169 36.81 -65.94 -44.54
CA LYS J 169 37.74 -66.96 -44.05
C LYS J 169 38.56 -67.44 -45.22
N SER J 170 39.72 -68.04 -44.96
CA SER J 170 40.48 -68.63 -46.04
C SER J 170 40.58 -70.15 -45.87
N ASN J 174 33.33 -75.91 -40.39
CA ASN J 174 33.86 -76.61 -39.22
C ASN J 174 33.88 -78.11 -39.44
N VAL J 175 35.01 -78.74 -39.10
CA VAL J 175 35.15 -80.19 -39.18
C VAL J 175 34.62 -80.86 -37.89
N ASN J 176 33.78 -80.13 -37.17
CA ASN J 176 33.11 -80.66 -35.98
C ASN J 176 31.60 -80.71 -36.18
N MET J 177 31.14 -80.25 -37.33
CA MET J 177 29.72 -80.26 -37.65
C MET J 177 29.52 -80.39 -39.14
N GLU J 178 28.31 -80.76 -39.54
CA GLU J 178 27.84 -80.59 -40.90
C GLU J 178 26.36 -80.24 -40.86
N TYR J 179 25.92 -79.41 -41.80
CA TYR J 179 24.53 -78.97 -41.84
C TYR J 179 23.54 -80.11 -42.05
N ILE J 180 22.44 -80.07 -41.31
CA ILE J 180 21.38 -81.05 -41.45
C ILE J 180 20.71 -80.94 -42.81
N LYS J 181 20.06 -82.02 -43.24
CA LYS J 181 19.31 -82.03 -44.50
C LYS J 181 17.81 -82.12 -44.24
N HIS J 182 17.43 -82.41 -42.99
CA HIS J 182 16.02 -82.56 -42.63
C HIS J 182 15.71 -81.93 -41.28
N LEU J 183 14.62 -81.18 -41.25
CA LEU J 183 14.06 -80.66 -40.01
C LEU J 183 12.63 -81.21 -39.86
N GLY J 184 12.35 -81.85 -38.74
CA GLY J 184 11.00 -82.27 -38.40
C GLY J 184 10.51 -81.54 -37.17
N VAL J 185 9.26 -81.08 -37.19
CA VAL J 185 8.66 -80.35 -36.09
C VAL J 185 7.39 -81.05 -35.62
N TYR J 186 7.25 -81.29 -34.32
CA TYR J 186 5.98 -81.77 -33.75
C TYR J 186 5.34 -80.69 -32.92
N ILE J 187 4.10 -80.37 -33.23
CA ILE J 187 3.43 -79.23 -32.62
C ILE J 187 1.94 -79.42 -32.78
N ASN J 188 1.15 -78.90 -31.84
CA ASN J 188 -0.30 -79.06 -31.90
C ASN J 188 -0.89 -78.26 -33.05
N ASN J 189 -1.89 -78.85 -33.71
CA ASN J 189 -2.51 -78.29 -34.92
C ASN J 189 -1.48 -78.01 -36.02
N ALA J 190 -0.69 -79.02 -36.36
CA ALA J 190 0.44 -78.87 -37.27
C ALA J 190 0.03 -78.31 -38.62
N ASP J 191 -1.11 -78.76 -39.12
CA ASP J 191 -1.59 -78.37 -40.45
C ASP J 191 -1.61 -76.86 -40.62
N THR J 192 -2.03 -76.16 -39.57
CA THR J 192 -2.12 -74.71 -39.63
C THR J 192 -0.75 -74.03 -39.65
N TYR J 193 0.28 -74.74 -39.19
CA TYR J 193 1.62 -74.15 -39.08
C TYR J 193 2.44 -74.36 -40.33
N LYS J 194 1.98 -75.29 -41.16
CA LYS J 194 2.69 -75.65 -42.37
C LYS J 194 3.01 -74.47 -43.30
N GLU J 195 2.10 -73.49 -43.38
CA GLU J 195 2.29 -72.39 -44.34
C GLU J 195 3.30 -71.35 -43.84
N GLU J 196 3.70 -71.47 -42.58
CA GLU J 196 4.71 -70.57 -42.04
C GLU J 196 6.11 -70.98 -42.44
N VAL J 197 6.28 -72.21 -42.94
CA VAL J 197 7.63 -72.73 -43.16
C VAL J 197 8.37 -71.98 -44.27
N GLU J 198 7.77 -71.95 -45.47
CA GLU J 198 8.43 -71.29 -46.60
C GLU J 198 8.45 -69.77 -46.47
N LYS J 199 7.52 -69.22 -45.70
CA LYS J 199 7.58 -67.81 -45.41
C LYS J 199 8.78 -67.53 -44.49
N ALA J 200 9.00 -68.41 -43.51
CA ALA J 200 10.16 -68.27 -42.65
C ALA J 200 11.45 -68.39 -43.46
N ARG J 201 11.43 -69.24 -44.47
CA ARG J 201 12.64 -69.47 -45.26
C ARG J 201 13.01 -68.22 -46.07
N VAL J 202 11.98 -67.54 -46.56
CA VAL J 202 12.16 -66.31 -47.31
C VAL J 202 12.61 -65.18 -46.37
N TYR J 203 11.95 -65.04 -45.22
CA TYR J 203 12.31 -64.03 -44.24
C TYR J 203 13.73 -64.24 -43.77
N TYR J 204 14.09 -65.51 -43.59
CA TYR J 204 15.46 -65.86 -43.26
C TYR J 204 16.47 -65.29 -44.25
N PHE J 205 16.29 -65.57 -45.54
CA PHE J 205 17.33 -65.17 -46.46
C PHE J 205 17.41 -63.65 -46.61
N GLY J 206 16.26 -63.00 -46.62
CA GLY J 206 16.19 -61.54 -46.68
C GLY J 206 16.95 -60.94 -45.52
N THR J 207 16.83 -61.56 -44.34
CA THR J 207 17.50 -61.08 -43.15
C THR J 207 18.99 -61.36 -43.24
N TYR J 208 19.34 -62.56 -43.70
CA TYR J 208 20.74 -62.94 -43.83
C TYR J 208 21.40 -62.16 -44.96
N TYR J 209 20.63 -61.81 -45.98
CA TYR J 209 21.16 -61.01 -47.08
C TYR J 209 21.56 -59.62 -46.54
N ALA J 210 20.64 -58.95 -45.86
CA ALA J 210 20.90 -57.66 -45.23
C ALA J 210 22.15 -57.78 -44.36
N SER J 211 22.19 -58.87 -43.62
CA SER J 211 23.29 -59.20 -42.75
C SER J 211 24.65 -59.29 -43.46
N GLN J 212 24.69 -60.05 -44.55
CA GLN J 212 25.90 -60.15 -45.37
C GLN J 212 26.42 -58.80 -45.87
N LEU J 213 25.50 -57.87 -46.14
CA LEU J 213 25.88 -56.56 -46.62
C LEU J 213 26.46 -55.73 -45.46
N ILE J 214 25.83 -55.79 -44.29
CA ILE J 214 26.27 -55.04 -43.15
C ILE J 214 27.65 -55.48 -42.68
N ALA J 215 27.83 -56.79 -42.57
CA ALA J 215 29.07 -57.37 -42.05
C ALA J 215 30.26 -57.19 -42.98
N ALA J 216 29.99 -57.14 -44.29
CA ALA J 216 31.00 -56.84 -45.30
C ALA J 216 31.70 -55.51 -45.00
N PRO J 217 33.03 -55.56 -44.83
CA PRO J 217 33.84 -54.37 -44.46
C PRO J 217 33.83 -53.27 -45.53
N SER J 218 34.15 -52.05 -45.11
CA SER J 218 33.99 -50.89 -45.98
C SER J 218 34.93 -50.85 -47.18
N ASN J 219 35.97 -51.67 -47.20
CA ASN J 219 36.76 -51.80 -48.42
C ASN J 219 36.06 -52.71 -49.45
N TYR J 220 35.29 -53.67 -48.95
CA TYR J 220 34.52 -54.53 -49.83
C TYR J 220 33.22 -53.85 -50.22
N CYS J 221 32.52 -53.34 -49.23
CA CYS J 221 31.21 -52.73 -49.41
C CYS J 221 31.34 -51.20 -49.36
N ASN J 222 31.44 -50.59 -50.55
CA ASN J 222 31.53 -49.14 -50.75
C ASN J 222 30.33 -48.67 -51.61
N PRO J 223 30.19 -47.36 -51.85
CA PRO J 223 29.00 -46.92 -52.61
C PRO J 223 28.83 -47.55 -54.00
N VAL J 224 29.94 -47.85 -54.68
CA VAL J 224 29.87 -48.44 -56.02
C VAL J 224 29.54 -49.94 -56.01
N SER J 225 30.18 -50.68 -55.10
CA SER J 225 30.00 -52.12 -55.05
C SER J 225 28.68 -52.49 -54.39
N LEU J 226 28.15 -51.58 -53.56
CA LEU J 226 26.85 -51.81 -52.93
C LEU J 226 25.76 -51.60 -53.96
N SER J 227 25.87 -50.53 -54.74
CA SER J 227 24.84 -50.25 -55.74
C SER J 227 24.91 -51.31 -56.82
N ASN J 228 26.12 -51.76 -57.16
CA ASN J 228 26.28 -52.92 -58.03
C ASN J 228 25.57 -54.18 -57.50
N ALA J 229 25.59 -54.37 -56.18
CA ALA J 229 24.92 -55.52 -55.59
C ALA J 229 23.40 -55.36 -55.70
N ALA J 230 22.91 -54.15 -55.47
CA ALA J 230 21.48 -53.87 -55.56
C ALA J 230 20.93 -54.16 -56.97
N VAL J 231 21.70 -53.79 -57.99
CA VAL J 231 21.34 -54.04 -59.38
C VAL J 231 21.23 -55.52 -59.67
N GLU J 232 22.24 -56.26 -59.22
CA GLU J 232 22.31 -57.69 -59.44
C GLU J 232 21.14 -58.38 -58.72
N LEU J 233 20.82 -57.93 -57.52
CA LEU J 233 19.67 -58.45 -56.80
C LEU J 233 18.38 -58.16 -57.59
N ALA J 234 18.32 -56.96 -58.18
CA ALA J 234 17.14 -56.53 -58.89
C ALA J 234 16.96 -57.35 -60.16
N GLN J 235 18.07 -57.61 -60.84
CA GLN J 235 18.03 -58.43 -62.04
C GLN J 235 17.48 -59.80 -61.69
N LYS J 236 17.97 -60.39 -60.60
CA LYS J 236 17.55 -61.73 -60.20
C LYS J 236 16.07 -61.81 -59.79
N LEU J 237 15.48 -60.67 -59.44
CA LEU J 237 14.11 -60.65 -58.97
C LEU J 237 13.15 -60.05 -59.99
N ASN J 238 13.71 -59.53 -61.09
CA ASN J 238 12.97 -58.80 -62.13
C ASN J 238 12.27 -57.56 -61.59
N LEU J 239 12.96 -56.81 -60.74
CA LEU J 239 12.47 -55.50 -60.32
C LEU J 239 13.05 -54.45 -61.27
N GLU J 240 12.29 -53.41 -61.56
CA GLU J 240 12.84 -52.26 -62.26
C GLU J 240 13.92 -51.66 -61.37
N TYR J 241 14.94 -51.12 -62.00
CA TYR J 241 16.01 -50.52 -61.25
C TYR J 241 16.66 -49.34 -61.99
N LYS J 242 17.29 -48.48 -61.21
CA LYS J 242 17.97 -47.31 -61.70
C LYS J 242 18.98 -46.89 -60.62
N ILE J 243 20.26 -46.80 -60.99
CA ILE J 243 21.28 -46.23 -60.12
C ILE J 243 21.62 -44.82 -60.61
N LEU J 244 21.42 -43.82 -59.78
CA LEU J 244 21.65 -42.45 -60.18
C LEU J 244 23.07 -42.03 -59.80
N GLY J 245 23.79 -41.49 -60.77
CA GLY J 245 25.18 -41.08 -60.55
C GLY J 245 25.35 -39.59 -60.27
N VAL J 246 26.60 -39.19 -60.05
CA VAL J 246 26.96 -37.80 -59.69
C VAL J 246 26.37 -36.75 -60.61
N LYS J 247 26.53 -36.94 -61.92
CA LYS J 247 25.96 -36.05 -62.93
C LYS J 247 24.43 -35.85 -62.76
N GLU J 248 23.70 -36.93 -62.58
CA GLU J 248 22.24 -36.85 -62.38
C GLU J 248 21.88 -36.28 -61.00
N LEU J 249 22.67 -36.60 -59.99
CA LEU J 249 22.49 -36.04 -58.66
C LEU J 249 22.74 -34.53 -58.65
N GLU J 250 23.77 -34.09 -59.36
CA GLU J 250 24.03 -32.66 -59.50
C GLU J 250 22.81 -32.03 -60.17
N GLU J 251 22.36 -32.70 -61.24
CA GLU J 251 21.23 -32.21 -62.03
C GLU J 251 19.98 -32.01 -61.17
N LEU J 252 19.72 -32.95 -60.27
CA LEU J 252 18.58 -32.89 -59.35
C LEU J 252 18.82 -32.01 -58.12
N LYS J 253 20.01 -31.39 -58.06
CA LYS J 253 20.39 -30.46 -56.99
C LYS J 253 20.43 -31.10 -55.60
N MET J 254 20.89 -32.35 -55.51
CA MET J 254 20.92 -32.99 -54.19
C MET J 254 22.18 -32.57 -53.43
N GLY J 255 22.23 -31.30 -53.05
CA GLY J 255 23.39 -30.71 -52.42
C GLY J 255 23.74 -31.31 -51.06
N ALA J 256 22.73 -31.61 -50.24
CA ALA J 256 22.98 -32.18 -48.92
C ALA J 256 23.67 -33.53 -49.05
N TYR J 257 23.07 -34.41 -49.85
CA TYR J 257 23.61 -35.74 -50.07
C TYR J 257 25.01 -35.66 -50.69
N LEU J 258 25.14 -34.85 -51.72
CA LEU J 258 26.41 -34.74 -52.43
C LEU J 258 27.54 -34.18 -51.54
N SER J 259 27.18 -33.37 -50.54
CA SER J 259 28.19 -32.76 -49.68
C SER J 259 28.82 -33.75 -48.71
N VAL J 260 28.02 -34.72 -48.26
CA VAL J 260 28.55 -35.77 -47.42
C VAL J 260 29.58 -36.58 -48.17
N GLY J 261 29.31 -36.82 -49.45
CA GLY J 261 30.18 -37.68 -50.25
C GLY J 261 31.45 -37.05 -50.80
N LYS J 262 31.55 -35.72 -50.80
CA LYS J 262 32.66 -35.03 -51.46
C LYS J 262 34.05 -35.59 -51.11
N GLY J 263 34.25 -35.91 -49.84
CA GLY J 263 35.56 -36.33 -49.37
C GLY J 263 35.91 -37.77 -49.65
N SER J 264 35.05 -38.47 -50.38
CA SER J 264 35.25 -39.88 -50.60
C SER J 264 35.87 -40.14 -51.98
N MET J 265 36.64 -41.22 -52.09
CA MET J 265 37.20 -41.66 -53.38
C MET J 265 36.18 -42.44 -54.20
N TYR J 266 35.09 -42.84 -53.54
CA TYR J 266 33.98 -43.53 -54.21
C TYR J 266 32.89 -42.51 -54.53
N PRO J 267 32.46 -42.46 -55.79
CA PRO J 267 31.42 -41.51 -56.19
C PRO J 267 30.08 -41.84 -55.53
N ASN J 268 29.26 -40.84 -55.22
CA ASN J 268 27.93 -41.11 -54.70
C ASN J 268 27.11 -41.94 -55.69
N LYS J 269 26.33 -42.90 -55.19
CA LYS J 269 25.43 -43.72 -55.99
C LYS J 269 24.06 -43.79 -55.32
N PHE J 270 23.01 -43.38 -56.02
CA PHE J 270 21.67 -43.42 -55.46
C PHE J 270 20.89 -44.62 -55.99
N ILE J 271 20.50 -45.53 -55.09
CA ILE J 271 19.77 -46.75 -55.46
C ILE J 271 18.27 -46.53 -55.49
N HIS J 272 17.66 -46.87 -56.62
CA HIS J 272 16.21 -46.87 -56.74
C HIS J 272 15.71 -48.14 -57.42
N LEU J 273 15.07 -49.01 -56.63
CA LEU J 273 14.40 -50.20 -57.16
C LEU J 273 12.89 -50.05 -57.05
N THR J 274 12.15 -50.73 -57.91
CA THR J 274 10.70 -50.64 -57.88
C THR J 274 10.07 -52.01 -58.09
N TYR J 275 9.19 -52.39 -57.17
CA TYR J 275 8.38 -53.56 -57.37
C TYR J 275 6.99 -53.07 -57.73
N LYS J 276 6.45 -53.61 -58.81
CA LYS J 276 5.11 -53.20 -59.24
C LYS J 276 4.23 -54.42 -59.43
N SER J 277 3.09 -54.44 -58.74
CA SER J 277 2.11 -55.52 -58.88
C SER J 277 1.61 -55.66 -60.31
N LYS J 278 1.39 -56.90 -60.74
CA LYS J 278 0.82 -57.16 -62.06
C LYS J 278 -0.60 -56.60 -62.20
N GLY J 279 -1.33 -56.50 -61.08
CA GLY J 279 -2.70 -56.00 -61.12
C GLY J 279 -2.84 -54.50 -60.91
N ASP J 280 -4.03 -54.06 -60.51
CA ASP J 280 -4.27 -52.65 -60.22
C ASP J 280 -3.44 -52.24 -59.00
N VAL J 281 -2.87 -51.04 -59.03
CA VAL J 281 -2.08 -50.57 -57.89
C VAL J 281 -2.91 -49.69 -56.96
N LYS J 282 -3.02 -50.10 -55.71
CA LYS J 282 -3.92 -49.41 -54.79
C LYS J 282 -3.17 -48.61 -53.73
N LYS J 283 -1.91 -48.94 -53.50
CA LYS J 283 -1.09 -48.23 -52.53
C LYS J 283 0.34 -48.12 -53.03
N LYS J 284 0.88 -46.91 -52.99
CA LYS J 284 2.26 -46.66 -53.40
C LYS J 284 3.11 -46.30 -52.17
N ILE J 285 4.18 -47.07 -51.95
CA ILE J 285 5.02 -46.95 -50.76
C ILE J 285 6.47 -46.65 -51.14
N ALA J 286 7.13 -45.73 -50.42
CA ALA J 286 8.58 -45.58 -50.54
C ALA J 286 9.30 -46.04 -49.27
N LEU J 287 10.26 -46.94 -49.42
CA LEU J 287 11.10 -47.39 -48.31
C LEU J 287 12.50 -46.78 -48.45
N VAL J 288 12.94 -46.01 -47.45
CA VAL J 288 14.18 -45.24 -47.53
C VAL J 288 15.21 -45.71 -46.50
N GLY J 289 16.34 -46.19 -47.00
CA GLY J 289 17.37 -46.72 -46.13
C GLY J 289 18.60 -45.83 -46.06
N LYS J 290 19.11 -45.57 -44.85
CA LYS J 290 20.35 -44.82 -44.73
C LYS J 290 21.49 -45.69 -45.23
N GLY J 291 22.26 -45.15 -46.17
CA GLY J 291 23.28 -45.96 -46.79
C GLY J 291 24.70 -45.41 -46.69
N ILE J 292 25.20 -45.23 -45.47
CA ILE J 292 26.58 -44.81 -45.30
C ILE J 292 27.50 -46.02 -45.14
N THR J 293 28.37 -46.25 -46.12
CA THR J 293 29.11 -47.49 -46.15
C THR J 293 30.31 -47.47 -45.19
N PHE J 294 30.79 -46.27 -44.88
CA PHE J 294 31.68 -46.06 -43.72
C PHE J 294 31.57 -44.66 -43.14
N ASP J 295 31.33 -44.58 -41.84
CA ASP J 295 31.24 -43.28 -41.20
C ASP J 295 32.45 -43.02 -40.32
N SER J 296 33.43 -42.29 -40.83
CA SER J 296 34.60 -41.91 -40.03
C SER J 296 34.22 -40.81 -39.07
N GLY J 297 33.16 -40.09 -39.40
CA GLY J 297 32.78 -38.88 -38.69
C GLY J 297 33.04 -37.63 -39.51
N GLY J 298 33.88 -37.78 -40.54
CA GLY J 298 34.33 -36.61 -41.28
C GLY J 298 35.27 -35.78 -40.40
N TYR J 299 35.32 -34.48 -40.61
CA TYR J 299 36.26 -33.64 -39.86
C TYR J 299 35.86 -33.60 -38.38
N ASN J 300 34.58 -33.77 -38.08
CA ASN J 300 34.15 -34.14 -36.72
C ASN J 300 34.43 -35.61 -36.48
N LEU J 301 35.72 -35.95 -36.42
CA LEU J 301 36.14 -37.35 -36.44
C LEU J 301 35.62 -38.15 -35.22
N LYS J 302 35.34 -39.44 -35.43
CA LYS J 302 35.00 -40.32 -34.31
C LYS J 302 36.27 -40.74 -33.56
N ALA J 303 36.75 -39.88 -32.67
CA ALA J 303 37.97 -40.14 -31.91
C ALA J 303 37.74 -40.27 -30.40
N ALA J 304 36.56 -39.87 -29.94
CA ALA J 304 36.25 -39.97 -28.52
C ALA J 304 36.23 -41.44 -28.09
N PRO J 305 36.70 -41.73 -26.87
CA PRO J 305 36.59 -43.10 -26.33
C PRO J 305 35.15 -43.58 -26.37
N GLY J 306 34.94 -44.82 -26.80
CA GLY J 306 33.59 -45.35 -26.90
C GLY J 306 32.85 -44.95 -28.16
N SER J 307 33.42 -44.06 -28.98
CA SER J 307 32.73 -43.66 -30.21
C SER J 307 32.70 -44.79 -31.24
N MET J 308 33.52 -45.82 -31.04
CA MET J 308 33.42 -47.08 -31.79
C MET J 308 33.57 -46.95 -33.30
N ILE J 309 34.64 -46.30 -33.73
CA ILE J 309 34.86 -46.06 -35.14
C ILE J 309 35.02 -47.38 -35.92
N ASP J 310 35.48 -48.42 -35.24
CA ASP J 310 35.70 -49.70 -35.88
C ASP J 310 34.41 -50.41 -36.32
N LEU J 311 33.27 -49.85 -35.91
CA LEU J 311 31.97 -50.47 -36.11
C LEU J 311 31.20 -49.83 -37.26
N MET J 312 31.74 -48.76 -37.82
CA MET J 312 30.94 -47.87 -38.64
C MET J 312 30.74 -48.35 -40.08
N LYS J 313 31.27 -49.52 -40.41
CA LYS J 313 30.81 -50.21 -41.61
C LYS J 313 29.29 -50.51 -41.53
N PHE J 314 28.72 -50.48 -40.32
CA PHE J 314 27.32 -50.85 -40.10
C PHE J 314 26.35 -49.69 -40.39
N ASP J 315 26.88 -48.50 -40.71
CA ASP J 315 26.02 -47.30 -40.90
C ASP J 315 25.19 -47.38 -42.19
N MET J 316 25.28 -48.54 -42.83
CA MET J 316 24.59 -48.85 -44.08
C MET J 316 23.44 -49.83 -43.79
N SER J 317 23.27 -50.16 -42.51
CA SER J 317 22.26 -51.12 -42.04
C SER J 317 20.85 -50.80 -42.50
N GLY J 318 20.52 -49.52 -42.55
CA GLY J 318 19.22 -49.08 -43.00
C GLY J 318 19.02 -49.48 -44.45
N CYS J 319 20.07 -49.29 -45.24
CA CYS J 319 20.06 -49.65 -46.65
C CYS J 319 19.94 -51.16 -46.82
N ALA J 320 20.66 -51.91 -45.98
CA ALA J 320 20.64 -53.37 -46.04
C ALA J 320 19.22 -53.88 -45.86
N ALA J 321 18.52 -53.32 -44.88
CA ALA J 321 17.17 -53.74 -44.52
C ALA J 321 16.19 -53.49 -45.65
N VAL J 322 16.38 -52.36 -46.33
CA VAL J 322 15.52 -52.00 -47.43
C VAL J 322 15.77 -52.95 -48.60
N LEU J 323 17.02 -53.35 -48.80
CA LEU J 323 17.31 -54.31 -49.84
C LEU J 323 16.85 -55.72 -49.46
N GLY J 324 16.97 -56.06 -48.18
CA GLY J 324 16.57 -57.37 -47.73
C GLY J 324 15.07 -57.50 -47.95
N CYS J 325 14.39 -56.39 -47.70
CA CYS J 325 12.96 -56.30 -47.88
C CYS J 325 12.59 -56.43 -49.36
N ALA J 326 13.37 -55.78 -50.24
CA ALA J 326 13.22 -55.97 -51.68
C ALA J 326 13.20 -57.45 -52.02
N TYR J 327 14.15 -58.19 -51.46
CA TYR J 327 14.22 -59.63 -51.70
C TYR J 327 12.92 -60.33 -51.33
N CYS J 328 12.41 -60.06 -50.13
CA CYS J 328 11.22 -60.73 -49.64
C CYS J 328 10.00 -60.39 -50.48
N VAL J 329 9.87 -59.10 -50.78
CA VAL J 329 8.73 -58.58 -51.52
C VAL J 329 8.76 -59.08 -52.97
N GLY J 330 9.94 -59.04 -53.58
CA GLY J 330 10.10 -59.50 -54.95
C GLY J 330 9.84 -60.99 -55.06
N THR J 331 10.06 -61.71 -53.96
CA THR J 331 9.88 -63.16 -53.97
C THR J 331 8.45 -63.55 -53.63
N LEU J 332 7.86 -62.88 -52.65
CA LEU J 332 6.51 -63.22 -52.22
C LEU J 332 5.45 -62.55 -53.10
N LYS J 333 5.87 -61.50 -53.80
CA LYS J 333 5.04 -60.78 -54.78
C LYS J 333 3.64 -60.37 -54.31
N PRO J 334 3.56 -59.42 -53.39
CA PRO J 334 2.27 -58.87 -52.96
C PRO J 334 1.49 -58.27 -54.12
N GLU J 335 0.18 -58.18 -53.94
CA GLU J 335 -0.67 -57.60 -54.96
C GLU J 335 -1.07 -56.19 -54.58
N ASN J 336 -1.49 -55.43 -55.59
CA ASN J 336 -2.08 -54.11 -55.42
C ASN J 336 -1.15 -53.05 -54.82
N VAL J 337 0.16 -53.27 -54.87
CA VAL J 337 1.09 -52.29 -54.33
C VAL J 337 2.19 -51.92 -55.32
N GLU J 338 2.64 -50.67 -55.24
CA GLU J 338 3.89 -50.28 -55.87
C GLU J 338 4.88 -49.78 -54.81
N ILE J 339 6.03 -50.45 -54.70
CA ILE J 339 7.03 -50.15 -53.71
C ILE J 339 8.34 -49.70 -54.33
N HIS J 340 8.81 -48.53 -53.90
CA HIS J 340 10.14 -48.06 -54.24
C HIS J 340 11.12 -48.25 -53.07
N PHE J 341 12.25 -48.86 -53.37
CA PHE J 341 13.32 -49.09 -52.41
C PHE J 341 14.43 -48.08 -52.71
N LEU J 342 14.61 -47.11 -51.81
CA LEU J 342 15.53 -46.00 -52.03
C LEU J 342 16.70 -45.96 -51.07
N SER J 343 17.89 -45.65 -51.57
CA SER J 343 19.04 -45.41 -50.68
C SER J 343 20.07 -44.45 -51.31
N ALA J 344 20.21 -43.25 -50.72
CA ALA J 344 21.28 -42.31 -51.08
C ALA J 344 22.61 -42.78 -50.48
N VAL J 345 23.33 -43.59 -51.24
CA VAL J 345 24.53 -44.21 -50.72
C VAL J 345 25.76 -43.32 -50.91
N CYS J 346 26.54 -43.17 -49.84
CA CYS J 346 27.85 -42.54 -49.91
C CYS J 346 28.76 -42.96 -48.76
N GLU J 347 29.96 -42.36 -48.74
CA GLU J 347 30.96 -42.63 -47.71
C GLU J 347 31.45 -41.32 -47.09
N ASN J 348 31.47 -41.25 -45.75
CA ASN J 348 31.83 -40.02 -45.00
C ASN J 348 33.29 -40.02 -44.54
N MET J 349 34.15 -39.33 -45.28
CA MET J 349 35.59 -39.46 -45.10
C MET J 349 36.29 -38.15 -44.79
N VAL J 350 37.57 -38.25 -44.46
CA VAL J 350 38.38 -37.08 -44.14
C VAL J 350 39.36 -36.86 -45.28
N SER J 351 39.31 -35.68 -45.86
CA SER J 351 40.01 -35.39 -47.11
C SER J 351 40.18 -33.88 -47.26
N LYS J 352 41.04 -33.45 -48.17
CA LYS J 352 41.06 -32.02 -48.50
C LYS J 352 39.74 -31.66 -49.17
N ASN J 353 39.07 -32.65 -49.75
CA ASN J 353 37.83 -32.41 -50.47
C ASN J 353 36.55 -32.49 -49.63
N SER J 354 36.65 -32.88 -48.35
CA SER J 354 35.46 -33.12 -47.53
C SER J 354 34.73 -31.83 -47.22
N TYR J 355 33.48 -31.95 -46.77
CA TYR J 355 32.75 -30.76 -46.32
C TYR J 355 33.21 -30.46 -44.90
N ARG J 356 33.04 -29.22 -44.48
CA ARG J 356 33.51 -28.79 -43.16
C ARG J 356 32.38 -28.45 -42.23
N PRO J 357 32.65 -28.56 -40.92
CA PRO J 357 31.77 -27.96 -39.91
C PRO J 357 31.62 -26.48 -40.25
N GLY J 358 30.40 -25.96 -40.13
CA GLY J 358 30.11 -24.60 -40.51
C GLY J 358 29.56 -24.41 -41.92
N ASP J 359 29.86 -25.35 -42.82
CA ASP J 359 29.47 -25.20 -44.24
C ASP J 359 27.96 -25.00 -44.33
N ILE J 360 27.53 -24.15 -45.26
CA ILE J 360 26.12 -24.06 -45.58
C ILE J 360 25.87 -24.74 -46.92
N ILE J 361 25.03 -25.78 -46.90
CA ILE J 361 24.77 -26.54 -48.10
C ILE J 361 23.30 -26.44 -48.47
N THR J 362 22.97 -26.72 -49.73
CA THR J 362 21.60 -26.49 -50.18
C THR J 362 20.94 -27.80 -50.59
N ALA J 363 19.81 -28.10 -49.97
CA ALA J 363 19.07 -29.30 -50.28
C ALA J 363 18.33 -29.16 -51.60
N SER J 364 17.79 -30.26 -52.10
CA SER J 364 17.12 -30.25 -53.38
C SER J 364 15.74 -29.64 -53.32
N ASN J 365 15.21 -29.39 -52.13
CA ASN J 365 13.95 -28.64 -52.07
C ASN J 365 14.23 -27.16 -51.88
N GLY J 366 15.52 -26.80 -51.96
CA GLY J 366 15.89 -25.41 -51.87
C GLY J 366 16.32 -24.95 -50.49
N LYS J 367 15.97 -25.68 -49.43
CA LYS J 367 16.35 -25.27 -48.07
C LYS J 367 17.85 -25.28 -47.87
N THR J 368 18.36 -24.22 -47.27
CA THR J 368 19.77 -24.18 -46.89
C THR J 368 19.91 -24.70 -45.47
N ILE J 369 20.96 -25.49 -45.30
CA ILE J 369 21.30 -26.18 -44.07
C ILE J 369 22.66 -25.72 -43.54
N GLU J 370 22.71 -25.30 -42.28
CA GLU J 370 24.01 -24.97 -41.69
C GLU J 370 24.56 -26.19 -40.93
N VAL J 371 25.64 -26.76 -41.44
CA VAL J 371 26.25 -27.92 -40.81
C VAL J 371 26.89 -27.54 -39.47
N GLY J 372 26.51 -28.23 -38.40
CA GLY J 372 27.05 -27.99 -37.09
C GLY J 372 28.07 -29.06 -36.69
N ASN J 373 27.92 -30.25 -37.29
CA ASN J 373 28.74 -31.40 -36.97
C ASN J 373 28.73 -32.39 -38.15
N THR J 374 29.88 -32.62 -38.78
CA THR J 374 29.93 -33.43 -39.99
C THR J 374 29.55 -34.91 -39.75
N ASP J 375 29.48 -35.30 -38.48
CA ASP J 375 29.17 -36.68 -38.09
C ASP J 375 27.68 -36.90 -37.95
N ALA J 376 26.90 -35.83 -38.10
CA ALA J 376 25.46 -35.99 -38.27
C ALA J 376 25.14 -36.01 -39.78
N GLU J 377 25.85 -36.86 -40.53
CA GLU J 377 25.76 -36.88 -41.99
C GLU J 377 24.55 -37.66 -42.50
N GLY J 378 24.02 -38.55 -41.68
CA GLY J 378 22.92 -39.39 -42.11
C GLY J 378 21.68 -38.61 -42.44
N ARG J 379 21.31 -37.66 -41.57
CA ARG J 379 20.08 -36.90 -41.79
C ARG J 379 20.17 -36.02 -43.05
N LEU J 380 21.39 -35.64 -43.43
CA LEU J 380 21.63 -34.84 -44.63
C LEU J 380 21.35 -35.64 -45.89
N THR J 381 21.82 -36.89 -45.91
CA THR J 381 21.62 -37.76 -47.05
C THR J 381 20.15 -38.17 -47.15
N LEU J 382 19.57 -38.53 -46.01
CA LEU J 382 18.14 -38.78 -45.94
C LEU J 382 17.32 -37.56 -46.38
N ALA J 383 17.82 -36.36 -46.09
CA ALA J 383 17.11 -35.14 -46.47
C ALA J 383 16.78 -35.10 -47.98
N ASP J 384 17.79 -35.36 -48.81
CA ASP J 384 17.57 -35.38 -50.25
C ASP J 384 16.80 -36.64 -50.64
N ALA J 385 17.04 -37.75 -49.96
CA ALA J 385 16.32 -38.98 -50.26
C ALA J 385 14.83 -38.81 -50.04
N LEU J 386 14.47 -38.07 -49.00
CA LEU J 386 13.05 -37.91 -48.65
C LEU J 386 12.34 -36.98 -49.63
N VAL J 387 13.03 -35.90 -50.03
CA VAL J 387 12.55 -35.05 -51.10
C VAL J 387 12.37 -35.84 -52.40
N TYR J 388 13.30 -36.74 -52.68
CA TYR J 388 13.21 -37.59 -53.87
C TYR J 388 11.99 -38.51 -53.78
N ALA J 389 11.79 -39.14 -52.61
CA ALA J 389 10.66 -40.03 -52.37
C ALA J 389 9.29 -39.35 -52.49
N GLU J 390 9.15 -38.15 -51.95
CA GLU J 390 7.87 -37.45 -52.01
C GLU J 390 7.53 -37.00 -53.44
N LYS J 391 8.58 -36.78 -54.24
CA LYS J 391 8.36 -36.41 -55.63
C LYS J 391 7.77 -37.56 -56.42
N LEU J 392 7.89 -38.78 -55.89
CA LEU J 392 7.30 -39.95 -56.54
C LEU J 392 5.78 -40.04 -56.38
N GLY J 393 5.21 -39.26 -55.48
CA GLY J 393 3.78 -39.33 -55.24
C GLY J 393 3.35 -40.64 -54.59
N VAL J 394 3.85 -40.91 -53.41
CA VAL J 394 3.55 -42.17 -52.74
C VAL J 394 2.56 -41.89 -51.63
N ASP J 395 1.97 -42.95 -51.07
CA ASP J 395 1.00 -42.76 -50.00
C ASP J 395 1.71 -42.73 -48.62
N TYR J 396 2.75 -43.54 -48.49
CA TYR J 396 3.52 -43.64 -47.26
C TYR J 396 4.98 -43.56 -47.58
N ILE J 397 5.72 -42.84 -46.74
CA ILE J 397 7.18 -42.89 -46.76
C ILE J 397 7.71 -43.39 -45.43
N VAL J 398 8.35 -44.54 -45.44
CA VAL J 398 9.02 -45.04 -44.25
C VAL J 398 10.50 -45.05 -44.48
N ASP J 399 11.24 -44.38 -43.60
CA ASP J 399 12.70 -44.45 -43.68
C ASP J 399 13.22 -45.25 -42.50
N ILE J 400 14.38 -45.89 -42.66
CA ILE J 400 14.97 -46.66 -41.59
C ILE J 400 16.47 -46.41 -41.58
N ALA J 401 17.05 -46.18 -40.40
CA ALA J 401 18.42 -45.65 -40.33
C ALA J 401 19.14 -45.82 -38.99
N THR J 402 20.43 -46.13 -39.05
CA THR J 402 21.31 -46.04 -37.88
C THR J 402 21.63 -44.57 -37.59
N LEU J 403 20.62 -43.81 -37.18
CA LEU J 403 20.73 -42.37 -37.17
C LEU J 403 21.38 -41.76 -35.89
N THR J 404 20.94 -42.18 -34.70
CA THR J 404 21.46 -41.52 -33.49
C THR J 404 21.97 -42.48 -32.44
N GLY J 405 23.19 -42.21 -32.00
CA GLY J 405 23.80 -42.93 -30.90
C GLY J 405 22.97 -42.92 -29.62
N ALA J 406 22.15 -41.88 -29.43
CA ALA J 406 21.30 -41.74 -28.24
C ALA J 406 20.28 -42.88 -28.02
N MET J 407 19.94 -43.62 -29.07
CA MET J 407 18.97 -44.69 -28.93
C MET J 407 19.46 -45.71 -27.91
N LEU J 408 20.78 -45.79 -27.75
CA LEU J 408 21.39 -46.67 -26.75
C LEU J 408 20.92 -46.32 -25.34
N TYR J 409 20.74 -45.03 -25.10
CA TYR J 409 20.45 -44.56 -23.76
C TYR J 409 18.93 -44.46 -23.53
N SER J 410 18.15 -44.61 -24.61
CA SER J 410 16.71 -44.52 -24.46
C SER J 410 16.03 -45.89 -24.56
N LEU J 411 16.32 -46.66 -25.60
CA LEU J 411 15.64 -47.95 -25.78
C LEU J 411 16.61 -49.11 -25.69
N GLY J 412 17.89 -48.83 -25.89
CA GLY J 412 18.91 -49.85 -25.73
C GLY J 412 19.11 -50.64 -27.01
N THR J 413 19.56 -51.87 -26.88
CA THR J 413 19.92 -52.67 -28.04
C THR J 413 18.78 -53.55 -28.54
N SER J 414 17.63 -53.53 -27.87
CA SER J 414 16.56 -54.46 -28.23
C SER J 414 15.43 -53.80 -29.00
N TYR J 415 15.00 -52.63 -28.55
CA TYR J 415 13.89 -51.96 -29.23
C TYR J 415 14.41 -50.80 -30.05
N ALA J 416 13.93 -50.69 -31.30
CA ALA J 416 14.17 -49.50 -32.11
C ALA J 416 13.12 -48.43 -31.81
N GLY J 417 13.36 -47.21 -32.26
CA GLY J 417 12.37 -46.17 -32.10
C GLY J 417 11.68 -45.80 -33.41
N VAL J 418 10.38 -45.51 -33.34
CA VAL J 418 9.67 -44.95 -34.48
C VAL J 418 9.07 -43.59 -34.13
N PHE J 419 9.38 -42.62 -34.99
CA PHE J 419 8.83 -41.29 -34.93
C PHE J 419 8.01 -41.09 -36.20
N GLY J 420 7.05 -40.18 -36.20
CA GLY J 420 6.41 -39.88 -37.45
C GLY J 420 5.46 -38.73 -37.38
N ASN J 421 4.94 -38.34 -38.55
CA ASN J 421 4.02 -37.22 -38.63
C ASN J 421 2.56 -37.67 -38.77
N ASN J 422 2.29 -38.97 -38.61
CA ASN J 422 0.98 -39.55 -38.94
C ASN J 422 0.63 -40.78 -38.09
N GLU J 423 -0.35 -40.64 -37.21
CA GLU J 423 -0.67 -41.68 -36.25
C GLU J 423 -1.08 -43.02 -36.87
N GLU J 424 -1.85 -42.97 -37.95
CA GLU J 424 -2.27 -44.20 -38.63
C GLU J 424 -1.05 -44.94 -39.14
N LEU J 425 -0.14 -44.21 -39.77
CA LEU J 425 1.07 -44.83 -40.30
C LEU J 425 1.87 -45.44 -39.16
N ILE J 426 1.94 -44.74 -38.03
CA ILE J 426 2.71 -45.21 -36.88
C ILE J 426 2.08 -46.50 -36.32
N ASN J 427 0.76 -46.56 -36.26
CA ASN J 427 0.06 -47.77 -35.81
C ASN J 427 0.25 -48.99 -36.73
N LYS J 428 0.31 -48.76 -38.04
CA LYS J 428 0.64 -49.82 -39.00
C LYS J 428 2.08 -50.29 -38.83
N ILE J 429 2.96 -49.37 -38.48
CA ILE J 429 4.33 -49.76 -38.16
C ILE J 429 4.32 -50.60 -36.89
N LEU J 430 3.59 -50.17 -35.87
CA LEU J 430 3.61 -50.89 -34.61
C LEU J 430 3.02 -52.29 -34.76
N GLN J 431 1.92 -52.41 -35.52
CA GLN J 431 1.30 -53.70 -35.78
C GLN J 431 2.28 -54.63 -36.51
N SER J 432 3.03 -54.06 -37.45
CA SER J 432 4.04 -54.83 -38.17
C SER J 432 5.17 -55.27 -37.25
N SER J 433 5.45 -54.48 -36.22
CA SER J 433 6.46 -54.87 -35.25
C SER J 433 5.97 -56.10 -34.51
N LYS J 434 4.71 -56.07 -34.10
CA LYS J 434 4.10 -57.20 -33.40
C LYS J 434 4.14 -58.49 -34.24
N THR J 435 3.79 -58.41 -35.51
CA THR J 435 3.68 -59.64 -36.29
C THR J 435 5.02 -60.08 -36.89
N SER J 436 5.99 -59.17 -36.95
CA SER J 436 7.33 -59.54 -37.40
C SER J 436 8.22 -59.97 -36.25
N ASN J 437 7.81 -59.59 -35.04
CA ASN J 437 8.60 -59.77 -33.84
C ASN J 437 9.98 -59.06 -33.87
N GLU J 438 10.02 -57.95 -34.60
CA GLU J 438 11.14 -57.03 -34.52
C GLU J 438 10.60 -55.83 -33.74
N PRO J 439 10.92 -55.78 -32.44
CA PRO J 439 10.32 -54.82 -31.50
C PRO J 439 10.72 -53.36 -31.75
N VAL J 440 9.70 -52.50 -31.76
CA VAL J 440 9.84 -51.07 -31.98
C VAL J 440 8.95 -50.34 -30.95
N TRP J 441 9.34 -49.13 -30.56
CA TRP J 441 8.54 -48.38 -29.61
C TRP J 441 8.32 -46.99 -30.15
N TRP J 442 7.08 -46.53 -30.07
CA TRP J 442 6.73 -45.20 -30.55
C TRP J 442 7.37 -44.11 -29.66
N LEU J 443 8.15 -43.23 -30.26
CA LEU J 443 8.73 -42.10 -29.55
C LEU J 443 8.20 -40.78 -30.13
N PRO J 444 8.12 -39.73 -29.29
CA PRO J 444 7.43 -38.53 -29.78
C PRO J 444 8.34 -37.57 -30.54
N ILE J 445 7.73 -36.81 -31.43
CA ILE J 445 8.36 -35.64 -32.01
C ILE J 445 7.86 -34.43 -31.23
N ILE J 446 8.74 -33.87 -30.40
CA ILE J 446 8.35 -32.79 -29.51
C ILE J 446 8.59 -31.44 -30.18
N ASN J 447 7.51 -30.80 -30.62
CA ASN J 447 7.59 -29.53 -31.35
C ASN J 447 8.31 -28.39 -30.62
N GLU J 448 8.42 -28.47 -29.30
CA GLU J 448 9.00 -27.39 -28.52
C GLU J 448 10.53 -27.32 -28.71
N TYR J 449 11.09 -28.35 -29.33
CA TYR J 449 12.52 -28.39 -29.55
C TYR J 449 12.85 -27.84 -30.93
N ARG J 450 11.83 -27.49 -31.71
CA ARG J 450 12.03 -27.16 -33.10
C ARG J 450 12.83 -25.87 -33.25
N ALA J 451 12.57 -24.91 -32.37
CA ALA J 451 13.22 -23.61 -32.45
C ALA J 451 14.72 -23.71 -32.24
N THR J 452 15.18 -24.86 -31.73
CA THR J 452 16.62 -25.06 -31.56
C THR J 452 17.29 -25.19 -32.93
N LEU J 453 16.50 -25.44 -33.96
CA LEU J 453 17.04 -25.60 -35.29
C LEU J 453 16.94 -24.33 -36.14
N ASN J 454 16.55 -23.21 -35.52
CA ASN J 454 16.51 -21.92 -36.23
C ASN J 454 17.90 -21.31 -36.37
N SER J 455 18.59 -21.72 -37.43
CA SER J 455 19.89 -21.16 -37.77
C SER J 455 19.87 -19.64 -37.94
N LYS J 456 20.96 -19.00 -37.53
CA LYS J 456 21.09 -17.56 -37.68
C LYS J 456 21.22 -17.17 -39.16
N TYR J 457 21.92 -18.00 -39.94
CA TYR J 457 22.26 -17.63 -41.30
C TYR J 457 21.57 -18.48 -42.38
N ALA J 458 21.42 -19.78 -42.14
CA ALA J 458 20.73 -20.65 -43.09
C ALA J 458 19.24 -20.79 -42.73
N ASP J 459 18.50 -21.50 -43.58
CA ASP J 459 17.08 -21.77 -43.31
C ASP J 459 16.93 -22.60 -42.05
N ILE J 460 17.84 -23.55 -41.88
CA ILE J 460 17.73 -24.48 -40.79
C ILE J 460 19.10 -24.99 -40.34
N ASN J 461 19.20 -25.33 -39.06
CA ASN J 461 20.38 -25.98 -38.51
C ASN J 461 20.31 -27.47 -38.76
N GLN J 462 21.47 -28.09 -38.95
CA GLN J 462 21.56 -29.54 -39.05
C GLN J 462 21.45 -30.21 -37.65
N ILE J 463 21.99 -29.58 -36.62
CA ILE J 463 21.92 -30.09 -35.24
C ILE J 463 21.49 -29.03 -34.24
N SER J 464 21.22 -29.48 -33.02
CA SER J 464 20.90 -28.55 -31.93
C SER J 464 22.15 -28.28 -31.11
N SER J 465 22.28 -27.07 -30.61
CA SER J 465 23.44 -26.73 -29.79
C SER J 465 23.13 -26.75 -28.30
N SER J 466 21.95 -27.26 -27.94
CA SER J 466 21.49 -27.13 -26.58
C SER J 466 20.57 -28.26 -26.13
N VAL J 467 19.71 -28.74 -27.03
CA VAL J 467 18.81 -29.84 -26.70
C VAL J 467 19.52 -31.18 -26.84
N LYS J 468 19.51 -31.98 -25.79
CA LYS J 468 20.28 -33.22 -25.77
C LYS J 468 19.51 -34.43 -26.29
N ALA J 469 18.20 -34.26 -26.52
CA ALA J 469 17.37 -35.35 -27.01
C ALA J 469 17.54 -35.50 -28.53
N SER J 470 18.66 -36.08 -28.97
CA SER J 470 19.05 -35.92 -30.36
C SER J 470 18.32 -36.85 -31.33
N SER J 471 17.71 -37.93 -30.84
CA SER J 471 16.93 -38.77 -31.73
C SER J 471 15.70 -38.00 -32.13
N ILE J 472 15.17 -37.22 -31.20
CA ILE J 472 13.99 -36.42 -31.45
C ILE J 472 14.35 -35.21 -32.33
N VAL J 473 15.49 -34.59 -32.05
CA VAL J 473 15.94 -33.46 -32.87
C VAL J 473 16.13 -33.90 -34.33
N ALA J 474 16.82 -35.02 -34.53
CA ALA J 474 17.06 -35.54 -35.84
C ALA J 474 15.74 -35.84 -36.59
N SER J 475 14.72 -36.26 -35.83
CA SER J 475 13.36 -36.44 -36.35
C SER J 475 12.74 -35.13 -36.80
N LEU J 476 12.96 -34.07 -36.00
CA LEU J 476 12.45 -32.75 -36.32
C LEU J 476 13.09 -32.21 -37.59
N PHE J 477 14.36 -32.57 -37.77
CA PHE J 477 15.09 -32.16 -38.96
C PHE J 477 14.52 -32.89 -40.18
N LEU J 478 14.45 -34.22 -40.10
CA LEU J 478 13.97 -35.00 -41.23
C LEU J 478 12.57 -34.57 -41.66
N LYS J 479 11.75 -34.19 -40.69
CA LYS J 479 10.36 -33.84 -40.96
C LYS J 479 10.26 -32.60 -41.85
N GLU J 480 11.31 -31.78 -41.84
CA GLU J 480 11.32 -30.57 -42.66
C GLU J 480 11.41 -30.88 -44.15
N PHE J 481 11.77 -32.11 -44.48
CA PHE J 481 11.92 -32.47 -45.90
C PHE J 481 10.77 -33.36 -46.41
N VAL J 482 9.67 -33.38 -45.66
CA VAL J 482 8.46 -34.08 -46.05
C VAL J 482 7.32 -33.10 -45.93
N GLN J 483 6.74 -32.69 -47.05
CA GLN J 483 5.80 -31.59 -47.03
C GLN J 483 4.35 -32.01 -46.79
N ASN J 484 3.89 -33.05 -47.48
CA ASN J 484 2.47 -33.34 -47.42
C ASN J 484 2.16 -34.81 -47.61
N THR J 485 2.90 -35.65 -46.90
CA THR J 485 2.78 -37.09 -47.00
C THR J 485 2.97 -37.71 -45.64
N ALA J 486 2.19 -38.76 -45.37
CA ALA J 486 2.37 -39.58 -44.20
C ALA J 486 3.74 -40.19 -44.21
N TRP J 487 4.47 -39.96 -43.13
CA TRP J 487 5.85 -40.35 -43.04
C TRP J 487 6.21 -40.88 -41.66
N ALA J 488 7.02 -41.95 -41.64
CA ALA J 488 7.54 -42.47 -40.39
C ALA J 488 9.02 -42.75 -40.53
N HIS J 489 9.70 -42.69 -39.40
CA HIS J 489 11.14 -42.78 -39.36
C HIS J 489 11.54 -43.77 -38.27
N ILE J 490 12.32 -44.78 -38.64
CA ILE J 490 12.68 -45.86 -37.71
C ILE J 490 14.19 -45.79 -37.46
N ASP J 491 14.57 -45.49 -36.21
CA ASP J 491 15.99 -45.28 -35.83
C ASP J 491 16.53 -46.57 -35.22
N ILE J 492 17.37 -47.28 -35.96
CA ILE J 492 17.86 -48.59 -35.53
C ILE J 492 19.31 -48.58 -35.08
N ALA J 493 19.82 -47.42 -34.67
CA ALA J 493 21.23 -47.27 -34.32
C ALA J 493 21.65 -48.15 -33.14
N GLY J 494 20.81 -48.19 -32.11
CA GLY J 494 21.11 -48.97 -30.93
C GLY J 494 20.87 -50.45 -31.16
N VAL J 495 20.11 -50.73 -32.21
CA VAL J 495 19.44 -52.00 -32.38
C VAL J 495 20.04 -52.87 -33.49
N SER J 496 20.81 -52.25 -34.38
CA SER J 496 21.27 -52.95 -35.57
C SER J 496 22.38 -53.99 -35.37
N TRP J 497 23.30 -53.78 -34.45
CA TRP J 497 24.43 -54.69 -34.27
C TRP J 497 24.30 -55.57 -33.03
N ASN J 498 24.55 -56.87 -33.17
CA ASN J 498 24.56 -57.81 -32.04
C ASN J 498 25.95 -57.86 -31.38
N PHE J 499 26.17 -57.05 -30.35
CA PHE J 499 27.48 -56.95 -29.69
C PHE J 499 27.90 -58.24 -29.00
N LYS J 500 26.96 -58.92 -28.37
CA LYS J 500 27.25 -60.20 -27.75
C LYS J 500 27.77 -61.23 -28.76
N ALA J 501 27.20 -61.27 -29.96
CA ALA J 501 27.61 -62.30 -30.93
C ALA J 501 28.59 -61.78 -31.98
N ARG J 502 28.88 -60.49 -31.95
CA ARG J 502 29.83 -59.87 -32.91
C ARG J 502 29.37 -60.00 -34.37
N LYS J 503 28.13 -59.61 -34.64
CA LYS J 503 27.52 -59.78 -35.95
C LYS J 503 26.26 -58.95 -36.04
N PRO J 504 25.80 -58.62 -37.27
CA PRO J 504 24.57 -57.83 -37.41
C PRO J 504 23.31 -58.61 -37.05
N LYS J 505 22.18 -57.93 -36.89
CA LYS J 505 20.90 -58.63 -36.74
C LYS J 505 20.11 -58.72 -38.05
N GLY J 506 20.49 -57.90 -39.02
CA GLY J 506 19.70 -57.70 -40.22
C GLY J 506 18.35 -57.11 -39.83
N PHE J 507 18.36 -56.23 -38.84
CA PHE J 507 17.13 -55.73 -38.23
C PHE J 507 16.29 -54.88 -39.19
N GLY J 508 15.00 -55.18 -39.29
CA GLY J 508 14.09 -54.35 -40.06
C GLY J 508 13.55 -54.98 -41.33
N VAL J 509 14.23 -56.00 -41.84
CA VAL J 509 13.74 -56.70 -43.03
C VAL J 509 12.32 -57.24 -42.83
N ARG J 510 12.13 -57.99 -41.75
CA ARG J 510 10.84 -58.58 -41.47
C ARG J 510 9.84 -57.48 -41.10
N LEU J 511 10.31 -56.49 -40.35
CA LEU J 511 9.47 -55.36 -39.98
C LEU J 511 8.84 -54.72 -41.22
N LEU J 512 9.69 -54.27 -42.14
CA LEU J 512 9.25 -53.61 -43.36
C LEU J 512 8.39 -54.53 -44.27
N THR J 513 8.80 -55.79 -44.42
CA THR J 513 8.08 -56.73 -45.29
C THR J 513 6.67 -56.99 -44.79
N GLU J 514 6.52 -57.17 -43.48
CA GLU J 514 5.20 -57.33 -42.88
C GLU J 514 4.36 -56.06 -43.03
N PHE J 515 4.99 -54.90 -43.02
CA PHE J 515 4.26 -53.66 -43.24
C PHE J 515 3.69 -53.63 -44.66
N VAL J 516 4.51 -54.02 -45.64
CA VAL J 516 4.07 -54.06 -47.04
C VAL J 516 3.04 -55.17 -47.32
N LEU J 517 3.28 -56.39 -46.81
CA LEU J 517 2.35 -57.50 -46.98
C LEU J 517 1.01 -57.27 -46.31
N ASN J 518 0.98 -56.45 -45.27
CA ASN J 518 -0.28 -56.16 -44.59
C ASN J 518 -0.96 -54.83 -45.00
N ASP J 519 -0.51 -54.21 -46.10
CA ASP J 519 -1.13 -53.03 -46.73
C ASP J 519 -1.19 -51.79 -45.83
N SER K 2 42.42 -17.31 -59.59
CA SER K 2 41.22 -16.46 -59.68
C SER K 2 39.94 -17.33 -59.80
N GLU K 3 39.99 -18.45 -60.52
CA GLU K 3 38.84 -19.36 -60.60
C GLU K 3 38.80 -20.38 -59.43
N VAL K 4 37.64 -20.51 -58.81
CA VAL K 4 37.52 -21.34 -57.62
C VAL K 4 37.33 -22.82 -57.95
N PRO K 5 38.28 -23.67 -57.50
CA PRO K 5 38.13 -25.11 -57.74
C PRO K 5 36.90 -25.67 -57.01
N GLN K 6 36.18 -26.59 -57.65
CA GLN K 6 35.05 -27.27 -57.02
C GLN K 6 35.23 -28.80 -56.99
N VAL K 7 34.59 -29.47 -56.03
CA VAL K 7 34.57 -30.93 -56.00
C VAL K 7 33.33 -31.42 -56.76
N VAL K 8 32.20 -30.75 -56.53
CA VAL K 8 30.98 -31.01 -57.29
C VAL K 8 30.46 -29.68 -57.83
N SER K 9 29.50 -29.77 -58.75
CA SER K 9 29.09 -28.62 -59.54
C SER K 9 28.21 -27.67 -58.73
N LEU K 10 27.81 -28.13 -57.55
CA LEU K 10 26.97 -27.34 -56.67
C LEU K 10 27.77 -26.50 -55.67
N ASP K 11 29.08 -26.73 -55.62
CA ASP K 11 29.96 -25.94 -54.75
C ASP K 11 29.99 -24.49 -55.21
N PRO K 12 29.71 -23.56 -54.28
CA PRO K 12 29.70 -22.13 -54.63
C PRO K 12 31.09 -21.66 -55.09
N THR K 13 31.12 -20.64 -55.94
CA THR K 13 32.35 -20.21 -56.57
C THR K 13 32.66 -18.76 -56.26
N SER K 14 31.83 -18.14 -55.42
CA SER K 14 32.11 -16.80 -54.92
C SER K 14 31.44 -16.55 -53.56
N ILE K 15 31.88 -15.52 -52.85
CA ILE K 15 31.24 -15.10 -51.62
C ILE K 15 30.17 -14.07 -51.94
N PRO K 16 28.91 -14.35 -51.60
CA PRO K 16 27.91 -13.29 -51.78
C PRO K 16 28.20 -12.08 -50.89
N ILE K 17 28.13 -10.88 -51.46
CA ILE K 17 28.40 -9.66 -50.72
C ILE K 17 27.31 -8.63 -50.96
N GLU K 18 26.72 -8.11 -49.90
CA GLU K 18 25.88 -6.93 -50.02
C GLU K 18 26.79 -5.69 -49.95
N TYR K 19 26.60 -4.76 -50.87
CA TYR K 19 27.26 -3.45 -50.74
C TYR K 19 26.23 -2.39 -50.39
N ASN K 20 25.15 -2.31 -51.16
CA ASN K 20 24.05 -1.41 -50.80
C ASN K 20 23.11 -2.03 -49.77
N THR K 21 23.06 -1.48 -48.57
CA THR K 21 22.23 -2.02 -47.52
C THR K 21 21.14 -1.03 -47.17
N PRO K 22 20.04 -1.52 -46.59
CA PRO K 22 18.99 -0.58 -46.18
C PRO K 22 19.50 0.52 -45.24
N ILE K 23 20.57 0.26 -44.48
CA ILE K 23 21.12 1.26 -43.60
C ILE K 23 21.57 2.52 -44.41
N HIS K 24 22.10 2.29 -45.61
CA HIS K 24 22.54 3.38 -46.47
C HIS K 24 21.39 4.26 -46.97
N ASP K 25 20.16 3.77 -46.86
CA ASP K 25 19.01 4.53 -47.35
C ASP K 25 18.39 5.38 -46.26
N ILE K 26 18.81 5.17 -45.03
CA ILE K 26 18.26 5.89 -43.90
C ILE K 26 18.74 7.35 -43.90
N LYS K 27 17.81 8.31 -43.82
CA LYS K 27 18.19 9.72 -43.66
C LYS K 27 18.24 10.13 -42.19
N VAL K 28 19.38 10.66 -41.79
CA VAL K 28 19.66 11.00 -40.39
C VAL K 28 19.68 12.52 -40.19
N GLN K 29 18.80 13.00 -39.32
CA GLN K 29 18.77 14.41 -38.96
C GLN K 29 19.15 14.54 -37.49
N VAL K 30 20.10 15.42 -37.19
CA VAL K 30 20.42 15.66 -35.79
C VAL K 30 19.88 17.03 -35.40
N TYR K 31 19.04 17.06 -34.36
CA TYR K 31 18.40 18.28 -33.91
C TYR K 31 18.87 18.63 -32.50
N ASP K 32 18.77 19.90 -32.15
CA ASP K 32 19.13 20.28 -30.80
C ASP K 32 17.92 20.17 -29.88
N ILE K 33 18.18 19.76 -28.65
CA ILE K 33 17.14 19.48 -27.68
C ILE K 33 16.44 20.77 -27.23
N LYS K 34 17.15 21.88 -27.25
CA LYS K 34 16.55 23.16 -26.93
C LYS K 34 15.60 23.55 -28.05
N GLY K 35 14.39 23.97 -27.68
CA GLY K 35 13.33 24.18 -28.66
C GLY K 35 12.25 23.13 -28.50
N GLY K 36 12.55 22.09 -27.72
CA GLY K 36 11.59 21.03 -27.45
C GLY K 36 11.52 19.98 -28.55
N CYS K 37 10.89 18.84 -28.26
CA CYS K 37 10.81 17.74 -29.20
C CYS K 37 9.47 17.68 -29.93
N ASN K 38 9.53 17.37 -31.23
CA ASN K 38 8.32 17.08 -31.96
C ASN K 38 8.11 15.56 -32.08
N VAL K 39 6.92 15.13 -31.71
CA VAL K 39 6.52 13.74 -31.83
C VAL K 39 5.31 13.68 -32.76
N GLU K 40 5.55 13.45 -34.04
CA GLU K 40 4.48 13.48 -35.05
C GLU K 40 4.28 12.12 -35.70
N GLU K 41 5.33 11.30 -35.73
CA GLU K 41 5.29 10.01 -36.43
C GLU K 41 6.23 8.98 -35.81
N GLY K 42 6.06 7.72 -36.21
CA GLY K 42 6.98 6.63 -35.85
C GLY K 42 7.18 6.25 -34.39
N LEU K 43 8.42 5.91 -34.06
CA LEU K 43 8.81 5.58 -32.69
C LEU K 43 9.73 6.68 -32.13
N THR K 44 9.41 7.20 -30.96
CA THR K 44 10.28 8.16 -30.29
C THR K 44 10.80 7.54 -28.99
N ILE K 45 12.12 7.48 -28.84
CA ILE K 45 12.72 6.81 -27.70
C ILE K 45 13.63 7.74 -26.89
N PHE K 46 13.44 7.74 -25.58
CA PHE K 46 14.27 8.54 -24.69
C PHE K 46 15.32 7.67 -24.02
N LEU K 47 16.58 8.11 -24.10
CA LEU K 47 17.65 7.44 -23.39
C LEU K 47 17.77 8.10 -22.00
N VAL K 48 17.45 7.35 -20.96
CA VAL K 48 17.31 7.92 -19.64
C VAL K 48 18.12 7.15 -18.60
N ASN K 49 18.79 7.88 -17.70
CA ASN K 49 19.43 7.28 -16.55
C ASN K 49 18.84 7.81 -15.25
N ASN K 50 19.40 7.36 -14.14
CA ASN K 50 19.05 7.89 -12.83
C ASN K 50 20.22 7.62 -11.91
N PRO K 51 21.15 8.58 -11.84
CA PRO K 51 22.41 8.45 -11.10
C PRO K 51 22.18 8.17 -9.62
N GLY K 52 22.90 7.18 -9.10
CA GLY K 52 22.81 6.84 -7.69
C GLY K 52 21.70 5.86 -7.36
N LYS K 53 20.53 6.04 -7.97
CA LYS K 53 19.37 5.21 -7.71
C LYS K 53 19.37 3.98 -8.61
N GLU K 54 20.07 2.95 -8.15
CA GLU K 54 20.09 1.69 -8.87
C GLU K 54 18.64 1.26 -9.09
N ASN K 55 18.30 1.01 -10.35
CA ASN K 55 16.93 0.70 -10.76
C ASN K 55 15.94 1.80 -10.35
N GLY K 56 16.40 3.04 -10.34
CA GLY K 56 15.55 4.17 -9.99
C GLY K 56 14.47 4.42 -11.05
N PRO K 57 13.50 5.28 -10.71
CA PRO K 57 12.37 5.60 -11.59
C PRO K 57 12.76 6.39 -12.84
N VAL K 58 11.98 6.25 -13.91
CA VAL K 58 12.16 7.02 -15.14
C VAL K 58 11.61 8.43 -14.97
N LYS K 59 12.39 9.41 -15.43
CA LYS K 59 11.97 10.80 -15.38
C LYS K 59 12.41 11.47 -16.67
N ILE K 60 11.47 12.01 -17.43
CA ILE K 60 11.77 12.74 -18.67
C ILE K 60 11.92 14.26 -18.44
N SER K 61 13.07 14.80 -18.80
CA SER K 61 13.31 16.24 -18.66
C SER K 61 12.91 17.07 -19.88
N SER K 62 13.12 16.54 -21.08
CA SER K 62 12.92 17.32 -22.30
C SER K 62 11.46 17.71 -22.56
N LYS K 63 11.27 18.97 -22.96
CA LYS K 63 9.97 19.47 -23.40
C LYS K 63 9.54 18.78 -24.70
N VAL K 64 8.26 18.49 -24.81
CA VAL K 64 7.74 17.87 -26.01
C VAL K 64 6.59 18.72 -26.53
N ASN K 65 6.66 19.05 -27.80
CA ASN K 65 5.72 20.02 -28.38
C ASN K 65 4.41 19.38 -28.80
N ASP K 66 3.96 18.40 -28.03
CA ASP K 66 2.69 17.71 -28.25
C ASP K 66 2.05 17.46 -26.91
N LYS K 67 0.81 17.92 -26.75
CA LYS K 67 0.16 17.90 -25.45
C LYS K 67 -0.21 16.50 -24.99
N GLN K 68 -0.63 15.64 -25.92
CA GLN K 68 -1.04 14.30 -25.55
C GLN K 68 0.17 13.45 -25.12
N VAL K 69 1.26 13.58 -25.85
CA VAL K 69 2.44 12.81 -25.53
C VAL K 69 3.08 13.33 -24.24
N SER K 70 3.05 14.65 -24.06
CA SER K 70 3.55 15.26 -22.83
C SER K 70 2.82 14.73 -21.59
N GLU K 71 1.52 14.51 -21.74
CA GLU K 71 0.74 13.97 -20.66
C GLU K 71 1.24 12.57 -20.33
N PHE K 72 1.48 11.79 -21.36
CA PHE K 72 2.05 10.45 -21.19
C PHE K 72 3.39 10.50 -20.47
N LEU K 73 4.16 11.57 -20.72
CA LEU K 73 5.51 11.70 -20.20
C LEU K 73 5.57 12.33 -18.81
N LYS K 74 4.39 12.64 -18.25
CA LYS K 74 4.31 13.13 -16.88
C LYS K 74 5.01 12.19 -15.89
N ASP K 75 5.71 12.78 -14.92
CA ASP K 75 6.46 12.05 -13.90
C ASP K 75 5.63 10.99 -13.21
N GLU K 76 4.38 11.32 -12.89
CA GLU K 76 3.48 10.36 -12.25
C GLU K 76 3.32 9.10 -13.10
N ASN K 77 3.42 9.22 -14.42
CA ASN K 77 3.23 8.06 -15.28
C ASN K 77 4.53 7.31 -15.50
N MET K 78 5.59 8.04 -15.81
CA MET K 78 6.87 7.43 -16.11
C MET K 78 7.55 6.76 -14.89
N GLU K 79 7.24 7.24 -13.68
CA GLU K 79 7.83 6.67 -12.48
C GLU K 79 7.39 5.22 -12.24
N LYS K 80 6.37 4.76 -12.97
CA LYS K 80 5.95 3.35 -12.91
C LYS K 80 7.01 2.47 -13.56
N PHE K 81 7.92 3.09 -14.31
CA PHE K 81 9.00 2.35 -14.96
C PHE K 81 10.35 2.71 -14.35
N ASN K 82 11.34 1.85 -14.55
CA ASN K 82 12.66 2.04 -13.96
C ASN K 82 13.76 2.03 -15.02
N VAL K 83 14.95 2.47 -14.60
CA VAL K 83 16.04 2.75 -15.54
C VAL K 83 17.09 1.67 -15.58
N LYS K 84 16.79 0.50 -15.00
CA LYS K 84 17.72 -0.63 -15.04
C LYS K 84 18.28 -0.80 -16.46
N LEU K 85 19.60 -0.88 -16.57
CA LEU K 85 20.27 -0.86 -17.87
C LEU K 85 19.70 -1.86 -18.86
N GLY K 86 19.30 -1.38 -20.03
CA GLY K 86 18.79 -2.23 -21.08
C GLY K 86 17.31 -2.50 -21.00
N THR K 87 16.67 -2.05 -19.92
CA THR K 87 15.24 -2.24 -19.76
C THR K 87 14.49 -1.22 -20.60
N SER K 88 13.47 -1.66 -21.32
CA SER K 88 12.70 -0.76 -22.16
C SER K 88 11.19 -0.98 -22.01
N LYS K 89 10.44 0.10 -22.24
CA LYS K 89 9.00 0.03 -22.45
C LYS K 89 8.66 0.93 -23.64
N HIS K 90 7.61 0.63 -24.38
CA HIS K 90 7.13 1.56 -25.40
C HIS K 90 5.64 1.35 -25.65
N PHE K 91 4.92 2.46 -25.81
CA PHE K 91 3.46 2.47 -25.93
C PHE K 91 3.00 3.13 -27.22
N TYR K 92 1.95 2.58 -27.84
CA TYR K 92 1.30 3.28 -28.94
C TYR K 92 0.21 4.19 -28.41
N MET K 93 0.02 5.35 -29.06
CA MET K 93 -0.96 6.35 -28.65
C MET K 93 -1.25 7.32 -29.79
N PHE K 94 -2.31 8.11 -29.62
CA PHE K 94 -2.63 9.17 -30.55
C PHE K 94 -2.04 10.49 -30.08
N ASN K 95 -1.45 11.25 -31.00
CA ASN K 95 -0.92 12.56 -30.63
C ASN K 95 -1.94 13.66 -30.91
N ASP K 96 -1.50 14.91 -30.88
CA ASP K 96 -2.39 16.04 -31.11
C ASP K 96 -3.17 15.95 -32.43
N ASN K 97 -2.55 15.38 -33.47
CA ASN K 97 -3.17 15.32 -34.79
C ASN K 97 -3.96 14.04 -34.99
N LYS K 98 -4.22 13.34 -33.90
CA LYS K 98 -4.87 12.03 -33.91
C LYS K 98 -4.14 11.06 -34.81
N ASN K 99 -2.81 11.22 -34.88
CA ASN K 99 -1.97 10.27 -35.60
C ASN K 99 -1.32 9.28 -34.61
N SER K 100 -1.24 8.03 -35.03
CA SER K 100 -0.63 6.97 -34.24
C SER K 100 0.89 7.14 -34.14
N VAL K 101 1.37 7.25 -32.91
CA VAL K 101 2.80 7.32 -32.66
C VAL K 101 3.19 6.37 -31.52
N ALA K 102 4.40 5.81 -31.58
CA ALA K 102 4.89 5.04 -30.45
C ALA K 102 5.90 5.85 -29.64
N VAL K 103 5.78 5.79 -28.31
CA VAL K 103 6.65 6.52 -27.40
C VAL K 103 7.15 5.63 -26.26
N GLY K 104 8.46 5.59 -26.06
CA GLY K 104 9.05 4.81 -24.99
C GLY K 104 10.43 5.29 -24.55
N TYR K 105 11.14 4.45 -23.81
CA TYR K 105 12.43 4.81 -23.29
C TYR K 105 13.32 3.57 -23.27
N VAL K 106 14.63 3.79 -23.20
CA VAL K 106 15.57 2.73 -22.83
C VAL K 106 16.33 3.17 -21.57
N GLY K 107 16.32 2.31 -20.55
CA GLY K 107 17.04 2.59 -19.32
C GLY K 107 18.55 2.51 -19.51
N CYS K 108 19.26 3.48 -18.96
CA CYS K 108 20.71 3.54 -19.10
C CYS K 108 21.42 3.42 -17.75
N GLY K 109 20.71 2.83 -16.79
CA GLY K 109 21.33 2.42 -15.55
C GLY K 109 21.66 3.53 -14.58
N SER K 110 22.68 3.29 -13.77
CA SER K 110 22.94 4.12 -12.60
C SER K 110 24.05 5.16 -12.83
N VAL K 111 24.90 4.95 -13.81
CA VAL K 111 26.12 5.75 -13.91
C VAL K 111 26.07 6.74 -15.07
N ALA K 112 26.64 7.92 -14.86
CA ALA K 112 26.61 9.00 -15.85
C ALA K 112 27.49 8.78 -17.08
N ASP K 113 28.60 8.07 -16.91
CA ASP K 113 29.48 7.81 -18.05
C ASP K 113 29.35 6.35 -18.50
N LEU K 114 28.57 6.13 -19.56
CA LEU K 114 28.38 4.79 -20.07
C LEU K 114 29.65 4.24 -20.69
N SER K 115 29.95 2.98 -20.40
CA SER K 115 31.04 2.29 -21.08
C SER K 115 30.55 1.89 -22.46
N GLU K 116 31.45 1.43 -23.33
CA GLU K 116 31.04 0.93 -24.63
C GLU K 116 30.14 -0.30 -24.47
N ALA K 117 30.37 -1.05 -23.40
CA ALA K 117 29.58 -2.25 -23.13
C ALA K 117 28.16 -1.87 -22.70
N ASP K 118 28.04 -0.84 -21.88
CA ASP K 118 26.74 -0.35 -21.46
C ASP K 118 25.98 0.26 -22.63
N MET K 119 26.69 0.99 -23.47
CA MET K 119 26.06 1.59 -24.63
C MET K 119 25.56 0.49 -25.57
N LYS K 120 26.33 -0.58 -25.72
CA LYS K 120 25.92 -1.71 -26.54
C LYS K 120 24.61 -2.28 -26.04
N ARG K 121 24.50 -2.44 -24.72
CA ARG K 121 23.30 -3.05 -24.16
C ARG K 121 22.10 -2.13 -24.43
N VAL K 122 22.34 -0.83 -24.38
CA VAL K 122 21.29 0.15 -24.66
C VAL K 122 20.80 0.06 -26.11
N VAL K 123 21.74 -0.06 -27.03
CA VAL K 123 21.43 -0.19 -28.45
C VAL K 123 20.66 -1.47 -28.73
N LEU K 124 21.08 -2.53 -28.07
CA LEU K 124 20.51 -3.85 -28.26
C LEU K 124 19.06 -3.81 -27.86
N SER K 125 18.77 -3.05 -26.80
CA SER K 125 17.41 -2.87 -26.34
C SER K 125 16.62 -2.04 -27.34
N LEU K 126 17.30 -1.09 -27.96
CA LEU K 126 16.69 -0.21 -28.95
C LEU K 126 16.30 -1.02 -30.18
N VAL K 127 17.22 -1.87 -30.63
CA VAL K 127 17.09 -2.66 -31.85
C VAL K 127 16.02 -3.74 -31.76
N THR K 128 15.84 -4.29 -30.57
CA THR K 128 14.77 -5.25 -30.33
C THR K 128 13.42 -4.59 -30.65
N MET K 129 13.27 -3.34 -30.22
CA MET K 129 12.06 -2.59 -30.52
C MET K 129 11.91 -2.30 -32.02
N LEU K 130 13.01 -1.96 -32.67
CA LEU K 130 12.96 -1.69 -34.11
C LEU K 130 12.52 -2.92 -34.88
N HIS K 131 12.99 -4.09 -34.43
CA HIS K 131 12.70 -5.36 -35.11
C HIS K 131 11.27 -5.85 -34.91
N ASP K 132 10.57 -5.31 -33.91
CA ASP K 132 9.22 -5.77 -33.63
C ASP K 132 8.14 -4.73 -33.97
N ASN K 133 8.53 -3.69 -34.68
CA ASN K 133 7.61 -2.62 -35.06
C ASN K 133 7.79 -2.22 -36.54
N LYS K 134 6.68 -2.09 -37.25
CA LYS K 134 6.71 -1.57 -38.62
C LYS K 134 6.71 -0.06 -38.52
N LEU K 135 7.87 0.53 -38.76
CA LEU K 135 8.08 1.96 -38.59
C LEU K 135 8.75 2.56 -39.80
N SER K 136 8.35 3.77 -40.16
CA SER K 136 9.06 4.50 -41.20
C SER K 136 10.11 5.41 -40.57
N LYS K 137 9.97 5.69 -39.28
CA LYS K 137 10.88 6.60 -38.57
C LYS K 137 11.16 6.24 -37.11
N LEU K 138 12.44 6.30 -36.73
CA LEU K 138 12.81 6.24 -35.34
C LEU K 138 13.39 7.59 -34.90
N THR K 139 12.97 8.04 -33.72
CA THR K 139 13.52 9.24 -33.13
C THR K 139 14.12 8.89 -31.79
N VAL K 140 15.36 9.32 -31.58
CA VAL K 140 16.06 9.04 -30.34
C VAL K 140 16.39 10.33 -29.60
N VAL K 141 15.95 10.41 -28.34
CA VAL K 141 16.28 11.57 -27.54
C VAL K 141 17.31 11.21 -26.47
N PHE K 142 18.44 11.91 -26.53
CA PHE K 142 19.53 11.73 -25.57
C PHE K 142 19.30 12.58 -24.33
N GLU K 143 19.00 11.91 -23.22
CA GLU K 143 18.96 12.60 -21.93
C GLU K 143 20.05 12.07 -21.03
N ILE K 144 21.10 11.57 -21.67
CA ILE K 144 22.29 11.11 -20.99
C ILE K 144 23.48 11.88 -21.56
N ASN K 145 24.64 11.75 -20.94
CA ASN K 145 25.84 12.43 -21.42
C ASN K 145 26.69 11.55 -22.30
N VAL K 146 27.03 12.06 -23.47
CA VAL K 146 27.77 11.27 -24.42
C VAL K 146 28.73 12.20 -25.18
N ASP K 147 30.00 11.83 -25.22
CA ASP K 147 30.95 12.61 -26.00
C ASP K 147 30.86 12.19 -27.47
N LYS K 148 31.61 12.84 -28.34
CA LYS K 148 31.45 12.65 -29.78
C LYS K 148 31.79 11.23 -30.25
N ASN K 149 32.81 10.64 -29.66
CA ASN K 149 33.22 9.30 -30.08
C ASN K 149 32.20 8.25 -29.61
N LEU K 150 31.63 8.47 -28.44
CA LEU K 150 30.61 7.57 -27.93
C LEU K 150 29.33 7.72 -28.75
N PHE K 151 29.03 8.94 -29.19
CA PHE K 151 27.90 9.22 -30.07
C PHE K 151 28.04 8.49 -31.39
N ARG K 152 29.22 8.63 -32.01
CA ARG K 152 29.50 7.90 -33.23
C ARG K 152 29.32 6.40 -33.00
N PHE K 153 29.73 5.95 -31.82
CA PHE K 153 29.64 4.55 -31.47
C PHE K 153 28.19 4.09 -31.34
N PHE K 154 27.35 4.96 -30.80
CA PHE K 154 25.95 4.64 -30.68
C PHE K 154 25.37 4.40 -32.06
N LEU K 155 25.75 5.25 -33.02
CA LEU K 155 25.25 5.13 -34.40
C LEU K 155 25.80 3.91 -35.13
N GLU K 156 27.10 3.67 -35.01
CA GLU K 156 27.73 2.50 -35.67
C GLU K 156 27.11 1.21 -35.19
N THR K 157 26.93 1.14 -33.88
CA THR K 157 26.36 -0.03 -33.24
C THR K 157 24.88 -0.17 -33.61
N LEU K 158 24.14 0.93 -33.53
CA LEU K 158 22.75 0.92 -33.92
C LEU K 158 22.61 0.37 -35.34
N PHE K 159 23.38 0.94 -36.27
CA PHE K 159 23.38 0.49 -37.65
C PHE K 159 23.75 -0.98 -37.81
N TYR K 160 24.79 -1.42 -37.10
CA TYR K 160 25.32 -2.77 -37.27
C TYR K 160 24.41 -3.87 -36.73
N GLU K 161 23.84 -3.65 -35.56
CA GLU K 161 22.98 -4.63 -34.95
C GLU K 161 21.62 -4.69 -35.64
N TYR K 162 21.18 -3.55 -36.16
CA TYR K 162 19.89 -3.44 -36.86
C TYR K 162 19.92 -4.22 -38.18
N MET K 163 21.00 -4.05 -38.94
CA MET K 163 21.21 -4.78 -40.17
C MET K 163 21.15 -6.29 -39.93
N THR K 164 20.36 -7.02 -40.72
CA THR K 164 20.36 -8.49 -40.58
C THR K 164 20.85 -9.16 -41.87
N ASP K 165 21.82 -10.06 -41.70
CA ASP K 165 22.51 -10.72 -42.80
C ASP K 165 21.69 -11.91 -43.34
N GLU K 166 21.12 -11.76 -44.54
CA GLU K 166 20.22 -12.81 -45.04
C GLU K 166 20.73 -13.45 -46.32
N ARG K 167 22.01 -13.28 -46.61
CA ARG K 167 22.57 -13.83 -47.83
C ARG K 167 22.35 -15.34 -48.01
N PHE K 168 22.21 -16.07 -46.92
CA PHE K 168 22.16 -17.52 -47.03
C PHE K 168 20.77 -18.09 -46.76
N LYS K 169 19.80 -17.19 -46.64
CA LYS K 169 18.40 -17.56 -46.53
C LYS K 169 17.80 -17.82 -47.91
N SER K 170 16.79 -18.69 -47.99
CA SER K 170 16.12 -19.00 -49.27
C SER K 170 14.78 -18.26 -49.39
N GLU K 178 11.22 -4.66 -43.67
CA GLU K 178 10.96 -3.26 -44.00
C GLU K 178 11.60 -2.29 -42.97
N TYR K 179 12.78 -1.79 -43.29
CA TYR K 179 13.55 -0.89 -42.42
C TYR K 179 13.05 0.55 -42.39
N ILE K 180 13.34 1.25 -41.30
CA ILE K 180 13.05 2.68 -41.19
C ILE K 180 13.75 3.43 -42.31
N LYS K 181 13.18 4.57 -42.68
CA LYS K 181 13.79 5.41 -43.71
C LYS K 181 14.32 6.70 -43.11
N HIS K 182 13.95 6.98 -41.86
CA HIS K 182 14.38 8.20 -41.21
C HIS K 182 14.81 7.99 -39.75
N LEU K 183 15.94 8.59 -39.39
CA LEU K 183 16.43 8.61 -38.02
C LEU K 183 16.63 10.06 -37.58
N GLY K 184 15.88 10.46 -36.57
CA GLY K 184 16.02 11.79 -36.00
C GLY K 184 16.61 11.61 -34.62
N VAL K 185 17.43 12.58 -34.20
CA VAL K 185 18.18 12.49 -32.97
C VAL K 185 18.18 13.83 -32.27
N TYR K 186 17.58 13.88 -31.08
CA TYR K 186 17.62 15.10 -30.29
C TYR K 186 18.71 15.00 -29.25
N ILE K 187 19.57 16.02 -29.21
CA ILE K 187 20.72 16.03 -28.33
C ILE K 187 21.13 17.49 -28.06
N ASN K 188 21.53 17.76 -26.82
CA ASN K 188 22.02 19.08 -26.47
C ASN K 188 23.30 19.42 -27.26
N ASN K 189 23.39 20.64 -27.77
CA ASN K 189 24.56 21.10 -28.54
C ASN K 189 24.80 20.26 -29.81
N ALA K 190 23.77 20.12 -30.62
CA ALA K 190 23.74 19.14 -31.70
C ALA K 190 24.76 19.40 -32.80
N ASP K 191 25.13 20.67 -32.97
CA ASP K 191 26.07 21.04 -34.03
C ASP K 191 27.44 20.39 -33.85
N THR K 192 27.78 19.97 -32.64
CA THR K 192 29.08 19.36 -32.44
C THR K 192 29.05 17.88 -32.86
N TYR K 193 27.86 17.32 -33.03
CA TYR K 193 27.73 15.89 -33.27
C TYR K 193 27.48 15.51 -34.73
N LYS K 194 27.07 16.48 -35.55
CA LYS K 194 26.57 16.17 -36.89
C LYS K 194 27.62 15.52 -37.79
N GLU K 195 28.87 15.93 -37.64
CA GLU K 195 29.97 15.40 -38.43
C GLU K 195 30.26 13.93 -38.14
N GLU K 196 29.81 13.43 -37.00
CA GLU K 196 30.04 12.02 -36.66
C GLU K 196 29.13 11.11 -37.44
N VAL K 197 28.01 11.65 -37.92
CA VAL K 197 26.98 10.84 -38.58
C VAL K 197 27.49 10.07 -39.78
N GLU K 198 28.12 10.75 -40.73
CA GLU K 198 28.47 10.05 -41.96
C GLU K 198 29.74 9.21 -41.80
N LYS K 199 30.59 9.58 -40.85
CA LYS K 199 31.68 8.71 -40.43
C LYS K 199 31.16 7.38 -39.87
N ALA K 200 30.11 7.46 -39.06
CA ALA K 200 29.50 6.27 -38.48
C ALA K 200 28.97 5.31 -39.57
N ARG K 201 28.37 5.89 -40.60
CA ARG K 201 27.88 5.13 -41.74
C ARG K 201 29.02 4.38 -42.44
N VAL K 202 30.16 5.05 -42.61
CA VAL K 202 31.34 4.39 -43.20
C VAL K 202 31.86 3.29 -42.28
N TYR K 203 31.99 3.61 -41.00
CA TYR K 203 32.53 2.67 -40.03
C TYR K 203 31.60 1.47 -39.90
N TYR K 204 30.30 1.73 -39.95
CA TYR K 204 29.32 0.66 -39.96
C TYR K 204 29.50 -0.31 -41.13
N PHE K 205 29.71 0.19 -42.34
CA PHE K 205 29.81 -0.75 -43.45
C PHE K 205 31.14 -1.52 -43.45
N GLY K 206 32.23 -0.86 -43.09
CA GLY K 206 33.50 -1.54 -42.91
C GLY K 206 33.37 -2.71 -41.94
N THR K 207 32.66 -2.45 -40.84
CA THR K 207 32.38 -3.45 -39.84
C THR K 207 31.50 -4.54 -40.43
N TYR K 208 30.41 -4.11 -41.07
CA TYR K 208 29.44 -5.03 -41.66
C TYR K 208 30.05 -5.89 -42.75
N TYR K 209 30.87 -5.28 -43.60
CA TYR K 209 31.56 -6.01 -44.66
C TYR K 209 32.48 -7.11 -44.10
N ALA K 210 33.29 -6.78 -43.10
CA ALA K 210 34.14 -7.77 -42.44
C ALA K 210 33.28 -8.88 -41.86
N SER K 211 32.12 -8.51 -41.32
CA SER K 211 31.15 -9.45 -40.78
C SER K 211 30.63 -10.41 -41.84
N GLN K 212 30.42 -9.89 -43.04
CA GLN K 212 29.96 -10.72 -44.15
C GLN K 212 31.02 -11.77 -44.47
N LEU K 213 32.30 -11.37 -44.47
CA LEU K 213 33.38 -12.31 -44.78
C LEU K 213 33.59 -13.34 -43.67
N ILE K 214 33.47 -12.91 -42.43
CA ILE K 214 33.61 -13.85 -41.33
C ILE K 214 32.43 -14.82 -41.32
N ALA K 215 31.20 -14.31 -41.32
CA ALA K 215 30.03 -15.18 -41.30
C ALA K 215 29.94 -16.13 -42.51
N ALA K 216 30.52 -15.76 -43.65
CA ALA K 216 30.50 -16.64 -44.82
C ALA K 216 31.23 -17.94 -44.49
N PRO K 217 30.54 -19.08 -44.66
CA PRO K 217 31.13 -20.38 -44.31
C PRO K 217 32.31 -20.73 -45.21
N SER K 218 33.08 -21.71 -44.78
CA SER K 218 34.32 -22.03 -45.45
C SER K 218 34.13 -22.63 -46.83
N ASN K 219 32.92 -23.13 -47.14
CA ASN K 219 32.71 -23.59 -48.52
C ASN K 219 32.52 -22.34 -49.43
N TYR K 220 31.90 -21.28 -48.92
CA TYR K 220 31.80 -20.04 -49.71
C TYR K 220 33.07 -19.21 -49.65
N CYS K 221 33.64 -19.13 -48.46
CA CYS K 221 34.77 -18.25 -48.22
C CYS K 221 36.04 -19.08 -48.07
N ASN K 222 36.74 -19.27 -49.17
CA ASN K 222 37.94 -20.10 -49.20
C ASN K 222 39.11 -19.23 -49.71
N PRO K 223 40.33 -19.77 -49.78
CA PRO K 223 41.41 -18.87 -50.21
C PRO K 223 41.22 -18.16 -51.56
N VAL K 224 40.56 -18.79 -52.53
CA VAL K 224 40.46 -18.15 -53.84
C VAL K 224 39.36 -17.09 -53.86
N SER K 225 38.18 -17.43 -53.34
CA SER K 225 37.07 -16.49 -53.33
C SER K 225 37.30 -15.33 -52.36
N LEU K 226 38.13 -15.53 -51.35
CA LEU K 226 38.45 -14.44 -50.42
C LEU K 226 39.35 -13.41 -51.11
N SER K 227 40.34 -13.89 -51.87
CA SER K 227 41.25 -12.99 -52.59
C SER K 227 40.54 -12.31 -53.75
N ASN K 228 39.67 -13.05 -54.45
CA ASN K 228 38.84 -12.47 -55.50
C ASN K 228 37.95 -11.36 -54.95
N ALA K 229 37.46 -11.54 -53.73
CA ALA K 229 36.64 -10.52 -53.09
C ALA K 229 37.46 -9.28 -52.76
N ALA K 230 38.74 -9.49 -52.41
CA ALA K 230 39.60 -8.39 -52.03
C ALA K 230 39.91 -7.56 -53.28
N VAL K 231 40.29 -8.23 -54.36
CA VAL K 231 40.45 -7.58 -55.66
C VAL K 231 39.25 -6.72 -56.04
N GLU K 232 38.06 -7.30 -55.97
CA GLU K 232 36.83 -6.61 -56.33
C GLU K 232 36.64 -5.35 -55.50
N LEU K 233 36.96 -5.44 -54.20
CA LEU K 233 36.83 -4.30 -53.32
C LEU K 233 37.87 -3.24 -53.69
N ALA K 234 39.07 -3.71 -54.02
CA ALA K 234 40.16 -2.84 -54.41
C ALA K 234 39.80 -2.06 -55.67
N GLN K 235 39.11 -2.72 -56.60
CA GLN K 235 38.65 -2.06 -57.83
C GLN K 235 37.56 -1.03 -57.55
N LYS K 236 36.67 -1.34 -56.63
CA LYS K 236 35.60 -0.41 -56.31
C LYS K 236 36.19 0.82 -55.60
N LEU K 237 37.29 0.60 -54.88
CA LEU K 237 37.90 1.67 -54.09
C LEU K 237 39.08 2.36 -54.77
N ASN K 238 39.46 1.89 -55.96
CA ASN K 238 40.63 2.40 -56.68
C ASN K 238 41.91 2.28 -55.85
N LEU K 239 42.07 1.15 -55.18
CA LEU K 239 43.34 0.80 -54.55
C LEU K 239 44.16 -0.02 -55.51
N GLU K 240 45.47 0.12 -55.47
CA GLU K 240 46.34 -0.83 -56.14
C GLU K 240 46.13 -2.17 -55.46
N TYR K 241 46.26 -3.25 -56.24
CA TYR K 241 46.15 -4.57 -55.69
C TYR K 241 47.07 -5.54 -56.41
N LYS K 242 47.47 -6.57 -55.69
CA LYS K 242 48.27 -7.66 -56.20
C LYS K 242 47.89 -8.94 -55.44
N ILE K 243 47.64 -10.02 -56.16
CA ILE K 243 47.36 -11.31 -55.54
C ILE K 243 48.48 -12.27 -55.91
N LEU K 244 49.24 -12.71 -54.91
CA LEU K 244 50.33 -13.62 -55.19
C LEU K 244 49.90 -15.08 -55.02
N GLY K 245 50.24 -15.89 -56.03
CA GLY K 245 49.92 -17.30 -56.05
C GLY K 245 51.13 -18.15 -55.74
N VAL K 246 50.93 -19.46 -55.81
CA VAL K 246 51.90 -20.44 -55.32
C VAL K 246 53.27 -20.31 -55.98
N LYS K 247 53.30 -20.13 -57.29
CA LYS K 247 54.54 -20.04 -58.06
C LYS K 247 55.34 -18.86 -57.55
N GLU K 248 54.67 -17.72 -57.44
CA GLU K 248 55.30 -16.51 -56.94
C GLU K 248 55.71 -16.66 -55.47
N LEU K 249 54.87 -17.33 -54.68
CA LEU K 249 55.16 -17.53 -53.26
C LEU K 249 56.34 -18.47 -53.07
N GLU K 250 56.55 -19.37 -54.02
CA GLU K 250 57.70 -20.25 -54.01
C GLU K 250 59.00 -19.53 -54.34
N GLU K 251 58.94 -18.56 -55.24
CA GLU K 251 60.13 -17.76 -55.58
C GLU K 251 60.55 -16.96 -54.36
N LEU K 252 59.55 -16.50 -53.61
CA LEU K 252 59.79 -15.75 -52.41
C LEU K 252 60.14 -16.64 -51.22
N LYS K 253 60.14 -17.96 -51.45
CA LYS K 253 60.58 -18.94 -50.45
C LYS K 253 59.75 -18.89 -49.17
N MET K 254 58.46 -18.60 -49.27
CA MET K 254 57.64 -18.56 -48.07
C MET K 254 57.25 -19.96 -47.59
N GLY K 255 58.23 -20.71 -47.09
CA GLY K 255 58.04 -22.10 -46.71
C GLY K 255 57.11 -22.34 -45.53
N ALA K 256 56.99 -21.38 -44.62
CA ALA K 256 56.11 -21.54 -43.47
C ALA K 256 54.66 -21.44 -43.89
N TYR K 257 54.38 -20.48 -44.74
CA TYR K 257 53.03 -20.20 -45.20
C TYR K 257 52.59 -21.25 -46.23
N LEU K 258 53.48 -21.65 -47.14
CA LEU K 258 53.08 -22.70 -48.08
C LEU K 258 52.85 -24.08 -47.40
N SER K 259 53.65 -24.40 -46.38
CA SER K 259 53.49 -25.66 -45.63
C SER K 259 52.09 -25.83 -45.05
N VAL K 260 51.52 -24.72 -44.58
CA VAL K 260 50.20 -24.77 -43.96
C VAL K 260 49.11 -25.13 -44.99
N GLY K 261 49.23 -24.63 -46.21
CA GLY K 261 48.20 -24.83 -47.21
C GLY K 261 48.42 -26.09 -48.05
N LYS K 262 49.48 -26.81 -47.75
CA LYS K 262 49.82 -28.01 -48.50
C LYS K 262 48.65 -28.99 -48.62
N GLY K 263 47.98 -29.27 -47.50
CA GLY K 263 46.89 -30.21 -47.48
C GLY K 263 45.55 -29.68 -48.01
N SER K 264 45.48 -28.42 -48.41
CA SER K 264 44.21 -27.85 -48.88
C SER K 264 44.01 -28.07 -50.38
N MET K 265 42.75 -28.02 -50.83
CA MET K 265 42.42 -28.12 -52.25
C MET K 265 42.37 -26.73 -52.87
N TYR K 266 42.47 -25.71 -52.04
CA TYR K 266 42.51 -24.35 -52.54
C TYR K 266 43.95 -23.87 -52.49
N PRO K 267 44.46 -23.39 -53.63
CA PRO K 267 45.80 -22.79 -53.70
C PRO K 267 45.95 -21.66 -52.67
N ASN K 268 47.08 -21.60 -51.98
CA ASN K 268 47.40 -20.40 -51.17
C ASN K 268 47.29 -19.13 -52.01
N LYS K 269 46.65 -18.10 -51.46
CA LYS K 269 46.62 -16.78 -52.13
C LYS K 269 47.10 -15.69 -51.18
N PHE K 270 48.11 -14.95 -51.58
CA PHE K 270 48.62 -13.86 -50.74
C PHE K 270 48.10 -12.52 -51.21
N ILE K 271 47.34 -11.84 -50.33
CA ILE K 271 46.67 -10.59 -50.69
C ILE K 271 47.54 -9.38 -50.34
N HIS K 272 47.80 -8.51 -51.32
CA HIS K 272 48.51 -7.25 -51.09
C HIS K 272 47.73 -6.09 -51.74
N LEU K 273 47.05 -5.31 -50.92
CA LEU K 273 46.35 -4.11 -51.36
C LEU K 273 47.14 -2.88 -50.93
N THR K 274 47.04 -1.80 -51.69
CA THR K 274 47.71 -0.57 -51.27
C THR K 274 46.86 0.69 -51.41
N TYR K 275 46.88 1.49 -50.35
CA TYR K 275 46.37 2.86 -50.42
C TYR K 275 47.56 3.82 -50.40
N LYS K 276 47.61 4.73 -51.35
CA LYS K 276 48.62 5.79 -51.28
C LYS K 276 47.92 7.14 -51.29
N SER K 277 48.32 8.03 -50.40
CA SER K 277 47.77 9.39 -50.36
C SER K 277 48.17 10.20 -51.57
N LYS K 278 47.30 11.12 -51.97
CA LYS K 278 47.50 11.98 -53.13
C LYS K 278 48.89 12.65 -53.20
N GLY K 279 49.34 13.24 -52.11
CA GLY K 279 50.56 14.05 -52.15
C GLY K 279 51.81 13.46 -51.51
N ASP K 280 52.32 14.14 -50.48
CA ASP K 280 53.53 13.69 -49.80
C ASP K 280 53.18 12.52 -48.90
N VAL K 281 53.97 11.46 -48.94
CA VAL K 281 53.77 10.39 -47.98
C VAL K 281 54.73 10.55 -46.79
N LYS K 282 54.17 10.73 -45.60
CA LYS K 282 54.99 10.96 -44.41
C LYS K 282 55.09 9.75 -43.47
N LYS K 283 54.17 8.79 -43.61
CA LYS K 283 54.18 7.58 -42.78
C LYS K 283 53.71 6.36 -43.58
N LYS K 284 54.48 5.29 -43.51
CA LYS K 284 54.16 4.07 -44.22
C LYS K 284 53.75 2.98 -43.22
N ILE K 285 52.60 2.36 -43.46
CA ILE K 285 52.01 1.40 -42.52
C ILE K 285 51.59 0.10 -43.17
N ALA K 286 52.02 -1.01 -42.58
CA ALA K 286 51.59 -2.32 -43.02
C ALA K 286 50.60 -2.89 -42.00
N LEU K 287 49.42 -3.27 -42.50
CA LEU K 287 48.41 -3.96 -41.70
C LEU K 287 48.30 -5.40 -42.19
N VAL K 288 48.50 -6.34 -41.27
CA VAL K 288 48.52 -7.76 -41.57
C VAL K 288 47.41 -8.48 -40.81
N GLY K 289 46.53 -9.17 -41.53
CA GLY K 289 45.48 -9.94 -40.89
C GLY K 289 45.67 -11.41 -41.19
N LYS K 290 45.53 -12.25 -40.18
CA LYS K 290 45.59 -13.69 -40.39
C LYS K 290 44.34 -14.16 -41.18
N GLY K 291 44.57 -14.89 -42.27
CA GLY K 291 43.47 -15.30 -43.12
C GLY K 291 43.39 -16.82 -43.28
N ILE K 292 43.07 -17.52 -42.20
CA ILE K 292 42.85 -18.95 -42.34
C ILE K 292 41.34 -19.15 -42.52
N THR K 293 40.91 -19.51 -43.72
CA THR K 293 39.47 -19.53 -44.02
C THR K 293 38.78 -20.72 -43.40
N PHE K 294 39.56 -21.71 -43.03
CA PHE K 294 39.07 -22.75 -42.13
C PHE K 294 40.24 -23.44 -41.44
N ASP K 295 40.09 -23.62 -40.14
CA ASP K 295 41.14 -24.24 -39.35
C ASP K 295 40.60 -25.53 -38.71
N SER K 296 40.87 -26.67 -39.34
CA SER K 296 40.55 -27.98 -38.78
C SER K 296 41.54 -28.37 -37.67
N GLY K 297 42.69 -27.68 -37.62
CA GLY K 297 43.78 -28.02 -36.74
C GLY K 297 44.82 -28.88 -37.45
N GLY K 298 44.47 -29.37 -38.64
CA GLY K 298 45.37 -30.25 -39.38
C GLY K 298 45.49 -31.58 -38.68
N TYR K 299 46.62 -32.26 -38.84
CA TYR K 299 46.80 -33.55 -38.19
C TYR K 299 46.68 -33.46 -36.66
N ASN K 300 46.98 -32.29 -36.09
CA ASN K 300 46.59 -32.01 -34.71
C ASN K 300 45.14 -31.57 -34.67
N LEU K 301 44.26 -32.48 -35.03
CA LEU K 301 42.86 -32.16 -35.27
C LEU K 301 42.15 -31.59 -34.05
N LYS K 302 41.36 -30.55 -34.29
CA LYS K 302 40.47 -30.00 -33.25
C LYS K 302 39.42 -31.04 -32.88
N ALA K 303 39.84 -32.06 -32.15
CA ALA K 303 38.97 -33.17 -31.79
C ALA K 303 38.61 -33.16 -30.30
N ALA K 304 39.25 -32.30 -29.52
CA ALA K 304 39.03 -32.25 -28.07
C ALA K 304 37.74 -31.54 -27.69
N PRO K 305 37.13 -31.94 -26.55
CA PRO K 305 35.94 -31.25 -26.03
C PRO K 305 36.22 -29.77 -25.80
N GLY K 306 35.39 -28.90 -26.38
CA GLY K 306 35.58 -27.47 -26.25
C GLY K 306 36.46 -26.85 -27.33
N SER K 307 36.92 -27.66 -28.28
CA SER K 307 37.82 -27.17 -29.32
C SER K 307 37.00 -26.46 -30.38
N MET K 308 35.68 -26.66 -30.36
CA MET K 308 34.75 -25.87 -31.16
C MET K 308 35.11 -25.81 -32.66
N ILE K 309 35.24 -26.96 -33.29
CA ILE K 309 35.69 -26.95 -34.67
C ILE K 309 34.66 -26.33 -35.62
N ASP K 310 33.40 -26.25 -35.20
CA ASP K 310 32.34 -25.69 -36.05
C ASP K 310 32.38 -24.14 -36.16
N LEU K 311 33.19 -23.50 -35.32
CA LEU K 311 33.34 -22.04 -35.28
C LEU K 311 34.46 -21.53 -36.20
N MET K 312 35.25 -22.45 -36.74
CA MET K 312 36.55 -22.14 -37.26
C MET K 312 36.58 -21.54 -38.68
N LYS K 313 35.41 -21.27 -39.24
CA LYS K 313 35.35 -20.32 -40.38
C LYS K 313 35.82 -18.91 -39.95
N PHE K 314 35.85 -18.65 -38.64
CA PHE K 314 36.11 -17.32 -38.11
C PHE K 314 37.61 -16.98 -38.01
N ASP K 315 38.46 -17.92 -38.39
CA ASP K 315 39.91 -17.80 -38.25
C ASP K 315 40.53 -16.90 -39.34
N MET K 316 39.71 -16.36 -40.22
CA MET K 316 40.15 -15.31 -41.11
C MET K 316 39.55 -13.95 -40.70
N SER K 317 39.07 -13.86 -39.46
CA SER K 317 38.59 -12.61 -38.90
C SER K 317 39.58 -11.46 -38.98
N GLY K 318 40.88 -11.79 -38.94
CA GLY K 318 41.91 -10.76 -38.96
C GLY K 318 42.04 -10.16 -40.33
N CYS K 319 42.13 -11.03 -41.32
CA CYS K 319 42.11 -10.62 -42.70
C CYS K 319 40.83 -9.83 -42.97
N ALA K 320 39.71 -10.28 -42.40
CA ALA K 320 38.46 -9.55 -42.58
C ALA K 320 38.50 -8.13 -42.00
N ALA K 321 39.10 -7.98 -40.81
CA ALA K 321 39.23 -6.67 -40.17
C ALA K 321 40.07 -5.71 -41.03
N VAL K 322 41.17 -6.24 -41.55
CA VAL K 322 42.08 -5.46 -42.39
C VAL K 322 41.41 -5.03 -43.70
N LEU K 323 40.63 -5.93 -44.28
CA LEU K 323 39.91 -5.60 -45.52
C LEU K 323 38.83 -4.56 -45.24
N GLY K 324 38.15 -4.73 -44.12
CA GLY K 324 37.15 -3.77 -43.70
C GLY K 324 37.78 -2.42 -43.41
N CYS K 325 39.02 -2.45 -42.93
CA CYS K 325 39.76 -1.22 -42.73
C CYS K 325 40.09 -0.58 -44.10
N ALA K 326 40.38 -1.43 -45.09
CA ALA K 326 40.69 -0.92 -46.42
C ALA K 326 39.50 -0.18 -46.98
N TYR K 327 38.30 -0.68 -46.69
CA TYR K 327 37.11 0.03 -47.14
C TYR K 327 37.08 1.42 -46.53
N CYS K 328 37.22 1.51 -45.21
CA CYS K 328 37.08 2.79 -44.51
C CYS K 328 38.11 3.80 -45.00
N VAL K 329 39.33 3.33 -45.16
CA VAL K 329 40.46 4.17 -45.57
C VAL K 329 40.29 4.64 -47.03
N GLY K 330 39.97 3.71 -47.92
CA GLY K 330 39.65 4.05 -49.29
C GLY K 330 38.49 5.03 -49.45
N THR K 331 37.57 5.03 -48.49
CA THR K 331 36.40 5.91 -48.52
C THR K 331 36.69 7.29 -47.95
N LEU K 332 37.33 7.31 -46.80
CA LEU K 332 37.59 8.56 -46.10
C LEU K 332 38.87 9.23 -46.63
N LYS K 333 39.76 8.45 -47.24
CA LYS K 333 40.93 8.98 -47.93
C LYS K 333 41.83 9.86 -47.05
N PRO K 334 42.51 9.24 -46.07
CA PRO K 334 43.42 10.05 -45.24
C PRO K 334 44.62 10.60 -46.01
N GLU K 335 45.20 11.66 -45.49
CA GLU K 335 46.32 12.31 -46.14
C GLU K 335 47.67 11.86 -45.61
N ASN K 336 48.67 11.96 -46.47
CA ASN K 336 50.07 11.82 -46.09
C ASN K 336 50.48 10.43 -45.58
N VAL K 337 49.66 9.43 -45.87
CA VAL K 337 50.00 8.06 -45.50
C VAL K 337 49.96 7.10 -46.67
N GLU K 338 50.77 6.05 -46.58
CA GLU K 338 50.69 4.92 -47.49
C GLU K 338 50.42 3.65 -46.68
N ILE K 339 49.33 2.97 -46.98
CA ILE K 339 48.97 1.80 -46.19
C ILE K 339 48.94 0.54 -47.03
N HIS K 340 49.59 -0.50 -46.54
CA HIS K 340 49.59 -1.79 -47.18
C HIS K 340 48.64 -2.73 -46.45
N PHE K 341 47.74 -3.34 -47.19
CA PHE K 341 46.78 -4.26 -46.59
C PHE K 341 47.15 -5.69 -46.99
N LEU K 342 47.74 -6.42 -46.05
CA LEU K 342 48.31 -7.74 -46.33
C LEU K 342 47.58 -8.89 -45.65
N SER K 343 47.61 -10.05 -46.30
CA SER K 343 47.05 -11.26 -45.72
C SER K 343 47.50 -12.51 -46.49
N ALA K 344 48.19 -13.40 -45.78
CA ALA K 344 48.56 -14.68 -46.37
C ALA K 344 47.42 -15.66 -46.12
N VAL K 345 46.54 -15.80 -47.13
CA VAL K 345 45.34 -16.61 -47.00
C VAL K 345 45.55 -18.06 -47.35
N CYS K 346 45.06 -18.96 -46.50
CA CYS K 346 45.08 -20.38 -46.81
C CYS K 346 44.06 -21.14 -45.98
N GLU K 347 44.10 -22.46 -46.10
CA GLU K 347 43.18 -23.36 -45.42
C GLU K 347 44.00 -24.46 -44.74
N ASN K 348 43.68 -24.79 -43.48
CA ASN K 348 44.44 -25.79 -42.74
C ASN K 348 43.69 -27.13 -42.67
N MET K 349 44.12 -28.09 -43.49
CA MET K 349 43.33 -29.30 -43.75
C MET K 349 44.06 -30.63 -43.50
N VAL K 350 43.28 -31.71 -43.40
CA VAL K 350 43.87 -33.04 -43.22
C VAL K 350 43.87 -33.74 -44.56
N SER K 351 45.00 -34.29 -44.94
CA SER K 351 45.21 -34.74 -46.30
C SER K 351 46.42 -35.68 -46.39
N LYS K 352 46.50 -36.46 -47.46
CA LYS K 352 47.74 -37.15 -47.74
C LYS K 352 48.87 -36.11 -47.92
N ASN K 353 48.48 -34.88 -48.28
CA ASN K 353 49.43 -33.83 -48.62
C ASN K 353 49.77 -32.84 -47.50
N SER K 354 49.12 -32.95 -46.35
CA SER K 354 49.30 -31.96 -45.27
C SER K 354 50.68 -32.05 -44.65
N TYR K 355 51.10 -30.95 -44.02
CA TYR K 355 52.35 -30.93 -43.29
C TYR K 355 52.04 -31.65 -41.97
N ARG K 356 53.02 -32.35 -41.42
CA ARG K 356 52.84 -33.15 -40.20
C ARG K 356 53.51 -32.51 -38.98
N PRO K 357 53.06 -32.91 -37.77
CA PRO K 357 53.80 -32.58 -36.56
C PRO K 357 55.22 -33.15 -36.68
N GLY K 358 56.23 -32.42 -36.20
CA GLY K 358 57.60 -32.89 -36.36
C GLY K 358 58.35 -32.21 -37.51
N ASP K 359 57.63 -31.87 -38.58
CA ASP K 359 58.24 -31.29 -39.77
C ASP K 359 59.13 -30.06 -39.49
N ILE K 360 60.24 -29.97 -40.21
CA ILE K 360 61.08 -28.78 -40.16
C ILE K 360 60.94 -28.02 -41.45
N ILE K 361 60.35 -26.84 -41.34
CA ILE K 361 60.08 -25.99 -42.49
C ILE K 361 60.91 -24.71 -42.42
N THR K 362 61.07 -24.05 -43.56
CA THR K 362 61.95 -22.88 -43.68
C THR K 362 61.19 -21.62 -44.07
N ALA K 363 61.22 -20.61 -43.20
CA ALA K 363 60.54 -19.34 -43.47
C ALA K 363 61.29 -18.48 -44.51
N SER K 364 60.65 -17.44 -45.01
CA SER K 364 61.24 -16.67 -46.11
C SER K 364 62.51 -15.91 -45.72
N ASN K 365 62.76 -15.75 -44.41
CA ASN K 365 64.00 -15.14 -43.94
C ASN K 365 65.09 -16.16 -43.62
N GLY K 366 64.92 -17.40 -44.08
CA GLY K 366 65.92 -18.44 -43.87
C GLY K 366 65.91 -19.15 -42.52
N LYS K 367 64.98 -18.79 -41.64
CA LYS K 367 64.85 -19.49 -40.35
C LYS K 367 64.20 -20.86 -40.50
N THR K 368 64.83 -21.91 -39.98
CA THR K 368 64.16 -23.21 -39.93
C THR K 368 63.32 -23.31 -38.68
N ILE K 369 62.14 -23.91 -38.84
CA ILE K 369 61.15 -23.98 -37.78
C ILE K 369 60.72 -25.43 -37.54
N GLU K 370 60.81 -25.88 -36.29
CA GLU K 370 60.36 -27.21 -35.97
C GLU K 370 58.89 -27.14 -35.54
N VAL K 371 58.03 -27.68 -36.38
CA VAL K 371 56.60 -27.75 -36.11
C VAL K 371 56.29 -28.71 -34.97
N GLY K 372 55.67 -28.22 -33.90
CA GLY K 372 55.30 -29.06 -32.77
C GLY K 372 53.83 -29.43 -32.78
N ASN K 373 53.03 -28.57 -33.40
CA ASN K 373 51.58 -28.75 -33.44
C ASN K 373 50.99 -28.05 -34.65
N THR K 374 50.44 -28.83 -35.59
CA THR K 374 49.93 -28.27 -36.83
C THR K 374 48.68 -27.39 -36.64
N ASP K 375 48.14 -27.34 -35.42
CA ASP K 375 47.03 -26.43 -35.15
C ASP K 375 47.53 -25.03 -34.69
N ALA K 376 48.83 -24.82 -34.62
CA ALA K 376 49.32 -23.47 -34.35
C ALA K 376 49.80 -22.86 -35.65
N GLU K 377 48.93 -22.88 -36.64
CA GLU K 377 49.32 -22.58 -38.02
C GLU K 377 49.32 -21.08 -38.31
N GLY K 378 48.53 -20.33 -37.55
CA GLY K 378 48.47 -18.89 -37.74
C GLY K 378 49.83 -18.22 -37.60
N ARG K 379 50.59 -18.58 -36.57
CA ARG K 379 51.89 -17.94 -36.35
C ARG K 379 52.82 -18.24 -37.52
N LEU K 380 52.62 -19.40 -38.13
CA LEU K 380 53.42 -19.80 -39.29
C LEU K 380 53.11 -18.92 -40.51
N THR K 381 51.84 -18.62 -40.73
CA THR K 381 51.50 -17.83 -41.90
C THR K 381 51.88 -16.37 -41.66
N LEU K 382 51.70 -15.91 -40.42
CA LEU K 382 52.07 -14.55 -40.05
C LEU K 382 53.58 -14.35 -40.13
N ALA K 383 54.33 -15.41 -39.83
CA ALA K 383 55.78 -15.36 -39.93
C ALA K 383 56.24 -14.83 -41.30
N ASP K 384 55.81 -15.48 -42.37
CA ASP K 384 56.20 -15.10 -43.72
C ASP K 384 55.58 -13.79 -44.14
N ALA K 385 54.33 -13.56 -43.75
CA ALA K 385 53.67 -12.28 -44.00
C ALA K 385 54.43 -11.11 -43.35
N LEU K 386 55.06 -11.37 -42.20
CA LEU K 386 55.78 -10.34 -41.49
C LEU K 386 57.11 -10.06 -42.17
N VAL K 387 57.81 -11.10 -42.61
CA VAL K 387 59.03 -10.89 -43.39
C VAL K 387 58.73 -10.09 -44.64
N TYR K 388 57.61 -10.42 -45.29
CA TYR K 388 57.14 -9.69 -46.47
C TYR K 388 56.81 -8.22 -46.14
N ALA K 389 56.18 -7.98 -44.99
CA ALA K 389 55.81 -6.62 -44.64
C ALA K 389 57.04 -5.75 -44.36
N GLU K 390 58.07 -6.33 -43.76
CA GLU K 390 59.24 -5.57 -43.36
C GLU K 390 60.06 -5.16 -44.58
N LYS K 391 60.09 -6.04 -45.58
CA LYS K 391 60.77 -5.72 -46.83
C LYS K 391 60.11 -4.57 -47.60
N LEU K 392 58.86 -4.23 -47.28
CA LEU K 392 58.25 -3.04 -47.89
C LEU K 392 58.82 -1.73 -47.33
N GLY K 393 59.65 -1.81 -46.30
CA GLY K 393 60.23 -0.62 -45.71
C GLY K 393 59.20 0.31 -45.12
N VAL K 394 58.36 -0.20 -44.23
CA VAL K 394 57.36 0.63 -43.60
C VAL K 394 57.83 1.16 -42.25
N ASP K 395 57.09 2.12 -41.71
CA ASP K 395 57.39 2.68 -40.39
C ASP K 395 56.78 1.84 -39.27
N TYR K 396 55.61 1.27 -39.55
CA TYR K 396 54.86 0.47 -38.60
C TYR K 396 54.39 -0.82 -39.24
N ILE K 397 54.52 -1.93 -38.51
CA ILE K 397 53.84 -3.16 -38.89
C ILE K 397 52.89 -3.52 -37.77
N VAL K 398 51.62 -3.70 -38.11
CA VAL K 398 50.62 -4.11 -37.14
C VAL K 398 49.83 -5.34 -37.61
N ASP K 399 49.89 -6.45 -36.87
CA ASP K 399 49.11 -7.59 -37.29
C ASP K 399 47.92 -7.77 -36.35
N ILE K 400 46.82 -8.26 -36.92
CA ILE K 400 45.66 -8.58 -36.13
C ILE K 400 45.22 -10.01 -36.50
N ALA K 401 44.92 -10.81 -35.49
CA ALA K 401 44.84 -12.27 -35.67
C ALA K 401 44.10 -12.98 -34.56
N THR K 402 43.30 -13.97 -34.94
CA THR K 402 42.69 -14.88 -33.98
C THR K 402 43.70 -15.95 -33.59
N LEU K 403 44.72 -15.58 -32.83
CA LEU K 403 45.89 -16.44 -32.71
C LEU K 403 45.81 -17.54 -31.64
N THR K 404 45.39 -17.20 -30.42
CA THR K 404 45.48 -18.16 -29.33
C THR K 404 44.21 -18.25 -28.49
N GLY K 405 43.74 -19.49 -28.32
CA GLY K 405 42.61 -19.76 -27.46
C GLY K 405 42.80 -19.25 -26.03
N ALA K 406 44.04 -19.18 -25.58
CA ALA K 406 44.32 -18.68 -24.23
C ALA K 406 43.76 -17.28 -23.95
N MET K 407 43.51 -16.50 -25.00
CA MET K 407 42.90 -15.18 -24.80
C MET K 407 41.56 -15.28 -24.06
N LEU K 408 40.83 -16.37 -24.26
CA LEU K 408 39.59 -16.60 -23.53
C LEU K 408 39.79 -16.63 -22.01
N TYR K 409 40.95 -17.10 -21.56
CA TYR K 409 41.22 -17.25 -20.13
C TYR K 409 41.94 -16.05 -19.51
N SER K 410 42.50 -15.17 -20.35
CA SER K 410 43.26 -14.03 -19.88
C SER K 410 42.43 -12.75 -19.88
N LEU K 411 41.78 -12.44 -21.01
CA LEU K 411 40.99 -11.21 -21.11
C LEU K 411 39.52 -11.49 -21.42
N GLY K 412 39.24 -12.69 -21.95
CA GLY K 412 37.87 -13.12 -22.18
C GLY K 412 37.32 -12.70 -23.54
N THR K 413 36.05 -12.32 -23.56
CA THR K 413 35.36 -12.05 -24.82
C THR K 413 35.15 -10.56 -25.10
N SER K 414 35.57 -9.68 -24.19
CA SER K 414 35.33 -8.25 -24.34
C SER K 414 36.52 -7.45 -24.82
N TYR K 415 37.70 -7.75 -24.29
CA TYR K 415 38.91 -6.98 -24.64
C TYR K 415 39.87 -7.80 -25.47
N ALA K 416 40.42 -7.21 -26.52
CA ALA K 416 41.48 -7.86 -27.27
C ALA K 416 42.78 -7.64 -26.50
N GLY K 417 43.81 -8.41 -26.83
CA GLY K 417 45.11 -8.22 -26.25
C GLY K 417 46.06 -7.63 -27.30
N VAL K 418 46.92 -6.69 -26.90
CA VAL K 418 47.97 -6.17 -27.78
C VAL K 418 49.38 -6.37 -27.17
N PHE K 419 50.28 -6.85 -28.02
CA PHE K 419 51.69 -7.11 -27.73
C PHE K 419 52.55 -6.34 -28.72
N GLY K 420 53.75 -5.91 -28.33
CA GLY K 420 54.63 -5.25 -29.28
C GLY K 420 56.08 -5.21 -28.87
N ASN K 421 56.92 -4.73 -29.78
CA ASN K 421 58.34 -4.50 -29.49
C ASN K 421 58.67 -3.02 -29.32
N ASN K 422 57.64 -2.18 -29.27
CA ASN K 422 57.82 -0.72 -29.34
C ASN K 422 56.72 0.05 -28.63
N GLU K 423 57.09 0.74 -27.55
CA GLU K 423 56.08 1.27 -26.65
C GLU K 423 55.29 2.42 -27.27
N GLU K 424 55.96 3.26 -28.06
CA GLU K 424 55.26 4.37 -28.71
C GLU K 424 54.10 3.86 -29.56
N LEU K 425 54.38 2.81 -30.33
CA LEU K 425 53.36 2.18 -31.19
C LEU K 425 52.23 1.56 -30.38
N ILE K 426 52.57 0.85 -29.30
CA ILE K 426 51.55 0.23 -28.44
C ILE K 426 50.59 1.28 -27.87
N ASN K 427 51.10 2.44 -27.47
CA ASN K 427 50.26 3.49 -26.93
C ASN K 427 49.38 4.14 -28.01
N LYS K 428 49.87 4.12 -29.26
CA LYS K 428 49.07 4.58 -30.38
C LYS K 428 47.89 3.64 -30.58
N ILE K 429 48.14 2.34 -30.52
CA ILE K 429 47.08 1.35 -30.58
C ILE K 429 46.08 1.56 -29.43
N LEU K 430 46.60 1.79 -28.23
CA LEU K 430 45.74 1.95 -27.05
C LEU K 430 44.90 3.22 -27.15
N GLN K 431 45.45 4.22 -27.81
CA GLN K 431 44.71 5.46 -28.04
C GLN K 431 43.60 5.21 -29.06
N SER K 432 43.93 4.50 -30.15
CA SER K 432 42.95 4.15 -31.18
C SER K 432 41.81 3.31 -30.60
N SER K 433 42.13 2.47 -29.61
CA SER K 433 41.12 1.69 -28.89
C SER K 433 40.17 2.61 -28.15
N LYS K 434 40.72 3.63 -27.51
CA LYS K 434 39.90 4.60 -26.79
C LYS K 434 38.93 5.39 -27.68
N THR K 435 39.38 5.82 -28.86
CA THR K 435 38.47 6.61 -29.69
C THR K 435 37.57 5.71 -30.55
N SER K 436 38.02 4.50 -30.89
CA SER K 436 37.17 3.59 -31.66
C SER K 436 36.15 2.90 -30.75
N ASN K 437 36.41 2.91 -29.45
CA ASN K 437 35.65 2.14 -28.47
C ASN K 437 35.66 0.62 -28.74
N GLU K 438 36.72 0.13 -29.36
CA GLU K 438 36.96 -1.31 -29.45
C GLU K 438 38.07 -1.67 -28.46
N PRO K 439 37.68 -2.16 -27.29
CA PRO K 439 38.62 -2.30 -26.16
C PRO K 439 39.79 -3.28 -26.40
N VAL K 440 40.96 -2.83 -25.99
CA VAL K 440 42.21 -3.55 -26.19
C VAL K 440 43.02 -3.36 -24.89
N TRP K 441 43.86 -4.32 -24.54
CA TRP K 441 44.66 -4.19 -23.32
C TRP K 441 46.07 -4.68 -23.57
N TRP K 442 47.04 -3.93 -23.06
CA TRP K 442 48.44 -4.22 -23.26
C TRP K 442 48.93 -5.40 -22.41
N LEU K 443 49.50 -6.40 -23.07
CA LEU K 443 50.05 -7.59 -22.43
C LEU K 443 51.55 -7.70 -22.75
N PRO K 444 52.33 -8.25 -21.82
CA PRO K 444 53.79 -8.25 -21.94
C PRO K 444 54.36 -9.33 -22.86
N ILE K 445 55.41 -8.99 -23.59
CA ILE K 445 56.20 -10.02 -24.27
C ILE K 445 57.32 -10.38 -23.32
N ILE K 446 57.11 -11.42 -22.50
CA ILE K 446 58.05 -11.77 -21.44
C ILE K 446 59.23 -12.61 -21.96
N ASN K 447 60.42 -12.01 -21.97
CA ASN K 447 61.60 -12.61 -22.60
C ASN K 447 62.16 -13.81 -21.87
N GLU K 448 61.84 -13.94 -20.60
CA GLU K 448 62.20 -15.12 -19.84
C GLU K 448 61.62 -16.42 -20.44
N TYR K 449 60.58 -16.31 -21.27
CA TYR K 449 59.95 -17.50 -21.84
C TYR K 449 60.57 -17.90 -23.15
N ARG K 450 61.39 -16.99 -23.69
CA ARG K 450 61.99 -17.16 -25.02
C ARG K 450 62.82 -18.43 -25.17
N ALA K 451 63.48 -18.85 -24.11
CA ALA K 451 64.33 -20.03 -24.19
C ALA K 451 63.58 -21.36 -24.48
N THR K 452 62.28 -21.45 -24.19
CA THR K 452 61.57 -22.69 -24.55
C THR K 452 61.28 -22.80 -26.04
N LEU K 453 61.63 -21.78 -26.81
CA LEU K 453 61.52 -21.91 -28.25
C LEU K 453 62.83 -22.35 -28.85
N ASN K 454 63.80 -22.68 -27.99
CA ASN K 454 65.07 -23.17 -28.50
C ASN K 454 64.93 -24.62 -28.95
N SER K 455 64.81 -24.83 -30.26
CA SER K 455 64.75 -26.18 -30.80
C SER K 455 66.08 -26.92 -30.71
N LYS K 456 66.02 -28.21 -30.41
CA LYS K 456 67.19 -29.07 -30.44
C LYS K 456 67.79 -29.21 -31.85
N TYR K 457 66.95 -29.10 -32.87
CA TYR K 457 67.37 -29.39 -34.25
C TYR K 457 67.21 -28.24 -35.25
N ALA K 458 66.16 -27.45 -35.10
CA ALA K 458 65.92 -26.32 -35.99
C ALA K 458 66.41 -25.04 -35.35
N ASP K 459 66.38 -23.95 -36.11
CA ASP K 459 66.72 -22.65 -35.54
C ASP K 459 65.78 -22.33 -34.40
N ILE K 460 64.50 -22.58 -34.59
CA ILE K 460 63.54 -22.22 -33.56
C ILE K 460 62.35 -23.19 -33.53
N ASN K 461 61.78 -23.32 -32.34
CA ASN K 461 60.55 -24.09 -32.17
C ASN K 461 59.36 -23.23 -32.54
N GLN K 462 58.38 -23.89 -33.16
CA GLN K 462 57.07 -23.31 -33.40
C GLN K 462 56.32 -23.06 -32.08
N ILE K 463 56.22 -24.08 -31.21
CA ILE K 463 55.49 -23.92 -29.94
C ILE K 463 56.32 -24.21 -28.69
N SER K 464 55.82 -23.82 -27.53
CA SER K 464 56.43 -24.25 -26.28
C SER K 464 55.85 -25.57 -25.81
N SER K 465 56.66 -26.40 -25.15
CA SER K 465 56.13 -27.63 -24.60
C SER K 465 56.01 -27.58 -23.08
N SER K 466 56.54 -26.53 -22.44
CA SER K 466 56.33 -26.39 -20.99
C SER K 466 55.55 -25.12 -20.61
N VAL K 467 55.79 -24.00 -21.29
CA VAL K 467 55.17 -22.73 -20.90
C VAL K 467 53.72 -22.62 -21.32
N LYS K 468 52.84 -22.32 -20.38
CA LYS K 468 51.41 -22.42 -20.65
C LYS K 468 50.74 -21.11 -21.09
N ALA K 469 51.50 -20.02 -21.04
CA ALA K 469 50.97 -18.72 -21.46
C ALA K 469 51.20 -18.56 -22.96
N SER K 470 50.33 -19.18 -23.74
CA SER K 470 50.59 -19.34 -25.16
C SER K 470 50.44 -18.04 -25.97
N SER K 471 49.70 -17.07 -25.44
CA SER K 471 49.54 -15.80 -26.16
C SER K 471 50.89 -15.10 -26.17
N ILE K 472 51.60 -15.24 -25.05
CA ILE K 472 52.91 -14.65 -24.89
C ILE K 472 53.95 -15.39 -25.71
N VAL K 473 53.90 -16.72 -25.66
CA VAL K 473 54.84 -17.52 -26.45
C VAL K 473 54.72 -17.22 -27.95
N ALA K 474 53.48 -17.20 -28.46
CA ALA K 474 53.24 -16.91 -29.88
C ALA K 474 53.72 -15.49 -30.28
N SER K 475 53.59 -14.53 -29.37
CA SER K 475 54.16 -13.21 -29.61
C SER K 475 55.69 -13.27 -29.68
N LEU K 476 56.31 -14.01 -28.76
CA LEU K 476 57.73 -14.26 -28.83
C LEU K 476 58.12 -14.84 -30.19
N PHE K 477 57.32 -15.77 -30.68
CA PHE K 477 57.63 -16.44 -31.94
C PHE K 477 57.60 -15.42 -33.07
N LEU K 478 56.49 -14.72 -33.22
CA LEU K 478 56.38 -13.68 -34.24
C LEU K 478 57.53 -12.66 -34.22
N LYS K 479 58.01 -12.32 -33.02
CA LYS K 479 59.01 -11.27 -32.86
C LYS K 479 60.31 -11.63 -33.53
N GLU K 480 60.60 -12.92 -33.57
CA GLU K 480 61.73 -13.42 -34.34
C GLU K 480 61.61 -13.14 -35.85
N PHE K 481 60.46 -12.62 -36.29
CA PHE K 481 60.24 -12.35 -37.72
C PHE K 481 60.02 -10.86 -38.00
N VAL K 482 60.37 -10.03 -37.03
CA VAL K 482 60.45 -8.59 -37.25
C VAL K 482 61.83 -8.16 -36.77
N GLN K 483 62.66 -7.74 -37.70
CA GLN K 483 64.07 -7.54 -37.38
C GLN K 483 64.38 -6.14 -36.88
N ASN K 484 63.86 -5.10 -37.50
CA ASN K 484 64.22 -3.74 -37.08
C ASN K 484 63.16 -2.69 -37.37
N THR K 485 61.91 -3.02 -37.08
CA THR K 485 60.77 -2.17 -37.37
C THR K 485 59.83 -2.15 -36.17
N ALA K 486 59.16 -1.03 -35.92
CA ALA K 486 58.15 -0.97 -34.87
C ALA K 486 56.98 -1.92 -35.22
N TRP K 487 56.64 -2.79 -34.28
CA TRP K 487 55.68 -3.85 -34.58
C TRP K 487 54.75 -4.11 -33.44
N ALA K 488 53.48 -4.36 -33.75
CA ALA K 488 52.56 -4.74 -32.69
C ALA K 488 51.61 -5.88 -33.16
N HIS K 489 51.16 -6.72 -32.22
CA HIS K 489 50.39 -7.88 -32.45
C HIS K 489 49.05 -7.56 -31.85
N ILE K 490 47.93 -7.78 -32.52
CA ILE K 490 46.68 -7.75 -31.79
C ILE K 490 45.97 -9.09 -31.87
N ASP K 491 45.81 -9.72 -30.71
CA ASP K 491 45.16 -11.02 -30.64
C ASP K 491 43.67 -10.92 -30.34
N ILE K 492 42.86 -11.28 -31.33
CA ILE K 492 41.41 -11.16 -31.24
C ILE K 492 40.65 -12.52 -31.17
N ALA K 493 41.35 -13.59 -30.79
CA ALA K 493 40.71 -14.92 -30.76
C ALA K 493 39.53 -14.96 -29.77
N GLY K 494 39.59 -14.15 -28.72
CA GLY K 494 38.53 -14.09 -27.74
C GLY K 494 37.38 -13.16 -28.06
N VAL K 495 37.64 -12.07 -28.77
CA VAL K 495 36.62 -11.03 -28.96
C VAL K 495 35.91 -11.07 -30.30
N SER K 496 36.39 -11.90 -31.21
CA SER K 496 35.94 -11.79 -32.59
C SER K 496 34.50 -12.24 -32.79
N TRP K 497 34.15 -13.36 -32.16
CA TRP K 497 32.86 -13.97 -32.39
C TRP K 497 31.94 -13.66 -31.25
N ASN K 498 30.75 -13.17 -31.54
CA ASN K 498 29.77 -12.85 -30.52
C ASN K 498 28.89 -14.08 -30.24
N PHE K 499 29.22 -14.80 -29.17
CA PHE K 499 28.58 -16.09 -28.91
C PHE K 499 27.12 -15.94 -28.54
N LYS K 500 26.79 -14.91 -27.78
CA LYS K 500 25.40 -14.70 -27.39
C LYS K 500 24.52 -14.39 -28.59
N ALA K 501 25.01 -13.55 -29.51
CA ALA K 501 24.23 -13.19 -30.70
C ALA K 501 24.49 -14.11 -31.88
N ARG K 502 25.39 -15.08 -31.71
CA ARG K 502 25.70 -16.09 -32.73
C ARG K 502 26.11 -15.45 -34.08
N LYS K 503 27.08 -14.55 -34.04
CA LYS K 503 27.49 -13.83 -35.22
C LYS K 503 28.83 -13.12 -35.00
N PRO K 504 29.50 -12.66 -36.09
CA PRO K 504 30.80 -12.00 -35.86
C PRO K 504 30.63 -10.63 -35.20
N LYS K 505 31.72 -10.04 -34.71
CA LYS K 505 31.64 -8.64 -34.28
C LYS K 505 32.18 -7.70 -35.34
N GLY K 506 33.07 -8.22 -36.19
CA GLY K 506 33.71 -7.39 -37.19
C GLY K 506 34.75 -6.57 -36.46
N PHE K 507 35.22 -7.13 -35.34
CA PHE K 507 36.16 -6.47 -34.44
C PHE K 507 37.43 -6.03 -35.15
N GLY K 508 37.86 -4.80 -34.90
CA GLY K 508 39.14 -4.34 -35.41
C GLY K 508 39.06 -3.37 -36.57
N VAL K 509 37.97 -3.40 -37.34
CA VAL K 509 37.84 -2.44 -38.43
C VAL K 509 37.98 -0.99 -37.94
N ARG K 510 37.20 -0.64 -36.92
CA ARG K 510 37.19 0.74 -36.46
C ARG K 510 38.47 1.07 -35.70
N LEU K 511 38.99 0.11 -34.94
CA LEU K 511 40.27 0.28 -34.25
C LEU K 511 41.40 0.65 -35.22
N LEU K 512 41.56 -0.18 -36.26
CA LEU K 512 42.62 0.02 -37.23
C LEU K 512 42.43 1.30 -38.05
N THR K 513 41.18 1.65 -38.30
CA THR K 513 40.91 2.87 -39.05
C THR K 513 41.24 4.11 -38.22
N GLU K 514 40.74 4.18 -36.99
CA GLU K 514 41.10 5.28 -36.10
C GLU K 514 42.61 5.35 -35.98
N PHE K 515 43.26 4.19 -35.94
CA PHE K 515 44.71 4.17 -35.88
C PHE K 515 45.34 4.89 -37.07
N VAL K 516 44.84 4.61 -38.27
CA VAL K 516 45.37 5.23 -39.48
C VAL K 516 44.98 6.71 -39.64
N LEU K 517 43.71 7.06 -39.41
CA LEU K 517 43.28 8.45 -39.52
C LEU K 517 44.01 9.40 -38.55
N ASN K 518 44.58 8.86 -37.46
CA ASN K 518 45.39 9.66 -36.55
C ASN K 518 46.80 9.10 -36.32
N SER L 2 64.53 -43.42 -57.02
CA SER L 2 63.19 -42.89 -57.23
C SER L 2 63.13 -41.41 -56.85
N GLU L 3 62.35 -40.63 -57.60
CA GLU L 3 62.16 -39.20 -57.30
C GLU L 3 61.16 -39.08 -56.17
N VAL L 4 61.44 -38.23 -55.17
CA VAL L 4 60.47 -38.08 -54.11
C VAL L 4 59.48 -36.99 -54.48
N PRO L 5 58.18 -37.34 -54.42
CA PRO L 5 57.11 -36.41 -54.79
C PRO L 5 57.06 -35.22 -53.85
N GLN L 6 56.60 -34.10 -54.37
CA GLN L 6 56.50 -32.85 -53.61
C GLN L 6 55.12 -32.25 -53.80
N VAL L 7 54.66 -31.49 -52.82
CA VAL L 7 53.41 -30.76 -52.97
C VAL L 7 53.75 -29.35 -53.43
N VAL L 8 54.81 -28.80 -52.85
CA VAL L 8 55.36 -27.52 -53.29
C VAL L 8 56.86 -27.68 -53.56
N SER L 9 57.40 -26.74 -54.33
CA SER L 9 58.79 -26.84 -54.77
C SER L 9 59.78 -26.68 -53.62
N LEU L 10 59.29 -26.29 -52.45
CA LEU L 10 60.09 -26.10 -51.25
C LEU L 10 60.21 -27.38 -50.40
N ASP L 11 59.44 -28.41 -50.74
CA ASP L 11 59.54 -29.69 -50.05
C ASP L 11 60.87 -30.36 -50.34
N PRO L 12 61.57 -30.83 -49.30
CA PRO L 12 62.86 -31.49 -49.45
C PRO L 12 62.74 -32.76 -50.27
N THR L 13 63.80 -33.15 -50.95
CA THR L 13 63.74 -34.37 -51.75
C THR L 13 64.80 -35.36 -51.35
N SER L 14 65.41 -35.15 -50.19
CA SER L 14 66.34 -36.12 -49.62
C SER L 14 66.61 -35.80 -48.16
N ILE L 15 67.14 -36.79 -47.44
CA ILE L 15 67.56 -36.60 -46.07
C ILE L 15 69.01 -36.12 -46.04
N PRO L 16 69.28 -34.96 -45.43
CA PRO L 16 70.70 -34.60 -45.26
C PRO L 16 71.38 -35.63 -44.37
N ILE L 17 72.53 -36.14 -44.79
CA ILE L 17 73.25 -37.13 -43.99
C ILE L 17 74.73 -36.75 -43.91
N GLU L 18 75.28 -36.81 -42.71
CA GLU L 18 76.69 -36.56 -42.52
C GLU L 18 77.43 -37.87 -42.32
N TYR L 19 78.37 -38.15 -43.21
CA TYR L 19 79.20 -39.34 -43.12
C TYR L 19 80.53 -39.05 -42.42
N ASN L 20 81.19 -37.98 -42.83
CA ASN L 20 82.46 -37.60 -42.23
C ASN L 20 82.25 -36.62 -41.08
N THR L 21 82.36 -37.13 -39.86
CA THR L 21 82.12 -36.31 -38.68
C THR L 21 83.42 -35.87 -38.02
N PRO L 22 83.38 -34.78 -37.26
CA PRO L 22 84.57 -34.36 -36.49
C PRO L 22 85.13 -35.48 -35.62
N ILE L 23 84.24 -36.36 -35.14
CA ILE L 23 84.64 -37.53 -34.37
C ILE L 23 85.65 -38.36 -35.12
N HIS L 24 85.47 -38.46 -36.42
CA HIS L 24 86.33 -39.31 -37.24
C HIS L 24 87.74 -38.76 -37.42
N ASP L 25 87.98 -37.54 -36.95
CA ASP L 25 89.29 -36.93 -37.12
C ASP L 25 90.15 -37.02 -35.88
N ILE L 26 89.57 -37.54 -34.80
CA ILE L 26 90.27 -37.65 -33.51
C ILE L 26 91.28 -38.79 -33.47
N LYS L 27 92.53 -38.47 -33.21
CA LYS L 27 93.54 -39.49 -32.96
C LYS L 27 93.40 -39.98 -31.53
N VAL L 28 93.21 -41.30 -31.37
CA VAL L 28 93.11 -41.89 -30.05
C VAL L 28 94.33 -42.74 -29.75
N GLN L 29 94.97 -42.49 -28.61
CA GLN L 29 96.13 -43.25 -28.16
C GLN L 29 95.87 -43.85 -26.78
N VAL L 30 96.33 -45.09 -26.58
CA VAL L 30 96.16 -45.78 -25.30
C VAL L 30 97.51 -46.00 -24.60
N TYR L 31 97.57 -45.68 -23.30
CA TYR L 31 98.81 -45.81 -22.53
C TYR L 31 98.57 -46.56 -21.22
N ASP L 32 99.57 -47.30 -20.78
CA ASP L 32 99.48 -48.02 -19.51
C ASP L 32 99.66 -47.01 -18.38
N ILE L 33 98.88 -47.15 -17.32
CA ILE L 33 98.98 -46.22 -16.20
C ILE L 33 100.16 -46.56 -15.31
N LYS L 34 100.83 -47.67 -15.61
CA LYS L 34 102.05 -48.07 -14.92
C LYS L 34 103.16 -47.04 -15.16
N GLY L 35 103.13 -46.41 -16.32
CA GLY L 35 104.19 -45.50 -16.73
C GLY L 35 104.09 -44.09 -16.17
N GLY L 36 102.98 -43.76 -15.53
CA GLY L 36 102.75 -42.40 -15.06
C GLY L 36 102.07 -41.55 -16.13
N CYS L 37 101.53 -40.41 -15.74
CA CYS L 37 100.75 -39.58 -16.66
C CYS L 37 101.49 -38.32 -17.07
N ASN L 38 101.51 -38.04 -18.36
CA ASN L 38 102.03 -36.78 -18.87
C ASN L 38 100.90 -35.78 -19.11
N VAL L 39 100.88 -34.72 -18.31
CA VAL L 39 99.92 -33.63 -18.51
C VAL L 39 100.64 -32.43 -19.13
N GLU L 40 100.70 -32.42 -20.46
CA GLU L 40 101.42 -31.36 -21.17
C GLU L 40 100.50 -30.33 -21.84
N GLU L 41 99.37 -30.79 -22.37
CA GLU L 41 98.49 -29.91 -23.14
C GLU L 41 97.02 -30.32 -23.08
N GLY L 42 96.13 -29.34 -23.14
CA GLY L 42 94.70 -29.62 -23.17
C GLY L 42 94.10 -29.90 -21.81
N LEU L 43 93.16 -30.83 -21.76
CA LEU L 43 92.43 -31.11 -20.53
C LEU L 43 92.57 -32.57 -20.10
N THR L 44 92.90 -32.79 -18.84
CA THR L 44 93.12 -34.12 -18.30
C THR L 44 92.11 -34.42 -17.20
N ILE L 45 91.40 -35.54 -17.35
CA ILE L 45 90.33 -35.92 -16.43
C ILE L 45 90.54 -37.30 -15.82
N PHE L 46 90.44 -37.35 -14.49
CA PHE L 46 90.63 -38.58 -13.74
C PHE L 46 89.29 -39.19 -13.37
N LEU L 47 89.06 -40.44 -13.76
CA LEU L 47 87.84 -41.12 -13.31
C LEU L 47 88.12 -41.85 -12.00
N VAL L 48 87.61 -41.33 -10.89
CA VAL L 48 87.91 -41.87 -9.58
C VAL L 48 86.69 -42.30 -8.78
N ASN L 49 86.80 -43.42 -8.07
CA ASN L 49 85.79 -43.81 -7.11
C ASN L 49 86.40 -43.99 -5.73
N ASN L 50 85.55 -44.35 -4.78
CA ASN L 50 85.96 -44.63 -3.42
C ASN L 50 84.98 -45.59 -2.78
N PRO L 51 85.27 -46.89 -2.86
CA PRO L 51 84.41 -47.93 -2.26
C PRO L 51 84.43 -47.91 -0.73
N LYS L 53 83.49 -45.37 0.78
CA LYS L 53 82.64 -44.33 1.37
C LYS L 53 81.79 -43.63 0.31
N GLU L 54 80.47 -43.76 0.44
CA GLU L 54 79.53 -43.10 -0.46
C GLU L 54 79.72 -41.58 -0.40
N ASN L 55 79.81 -40.95 -1.57
CA ASN L 55 80.10 -39.52 -1.67
C ASN L 55 81.37 -39.19 -0.89
N GLY L 56 82.31 -40.14 -0.89
CA GLY L 56 83.59 -39.97 -0.22
C GLY L 56 84.47 -38.94 -0.90
N PRO L 57 85.68 -38.73 -0.36
CA PRO L 57 86.56 -37.70 -0.90
C PRO L 57 87.33 -38.17 -2.13
N VAL L 58 87.70 -37.23 -2.99
CA VAL L 58 88.54 -37.55 -4.13
C VAL L 58 89.99 -37.78 -3.70
N LYS L 59 90.53 -38.91 -4.10
CA LYS L 59 91.96 -39.18 -3.93
C LYS L 59 92.52 -39.72 -5.25
N ILE L 60 93.53 -39.04 -5.77
CA ILE L 60 94.20 -39.47 -7.01
C ILE L 60 95.36 -40.39 -6.66
N SER L 61 95.42 -41.53 -7.33
CA SER L 61 96.44 -42.52 -7.04
C SER L 61 97.44 -42.70 -8.17
N SER L 62 97.11 -42.19 -9.35
CA SER L 62 98.06 -42.21 -10.46
C SER L 62 99.15 -41.19 -10.21
N LYS L 63 100.38 -41.54 -10.57
CA LYS L 63 101.49 -40.59 -10.48
C LYS L 63 101.57 -39.78 -11.77
N VAL L 64 101.77 -38.48 -11.64
CA VAL L 64 101.86 -37.60 -12.80
C VAL L 64 103.22 -36.94 -12.92
N ASN L 65 103.80 -36.98 -14.12
CA ASN L 65 105.18 -36.53 -14.36
C ASN L 65 105.36 -35.02 -14.45
N ASP L 66 104.69 -34.28 -13.58
CA ASP L 66 104.73 -32.82 -13.61
C ASP L 66 104.49 -32.27 -12.21
N LYS L 67 105.51 -31.57 -11.68
CA LYS L 67 105.49 -31.06 -10.31
C LYS L 67 104.27 -30.20 -10.01
N GLN L 68 104.03 -29.18 -10.83
CA GLN L 68 102.96 -28.21 -10.60
C GLN L 68 101.60 -28.88 -10.46
N VAL L 69 101.27 -29.76 -11.40
CA VAL L 69 99.98 -30.43 -11.36
C VAL L 69 99.92 -31.43 -10.20
N SER L 70 101.06 -32.08 -9.92
CA SER L 70 101.15 -33.08 -8.86
C SER L 70 100.62 -32.61 -7.52
N GLU L 71 100.93 -31.37 -7.15
CA GLU L 71 100.53 -30.88 -5.84
C GLU L 71 99.19 -30.14 -5.89
N PHE L 72 98.69 -29.91 -7.11
CA PHE L 72 97.27 -29.60 -7.24
C PHE L 72 96.53 -30.86 -6.84
N LEU L 73 97.08 -32.00 -7.24
CA LEU L 73 96.49 -33.31 -6.99
C LEU L 73 96.89 -33.88 -5.62
N LYS L 74 97.49 -33.04 -4.78
CA LYS L 74 97.85 -33.43 -3.42
C LYS L 74 96.59 -33.79 -2.66
N ASP L 75 96.66 -34.88 -1.89
CA ASP L 75 95.49 -35.39 -1.17
C ASP L 75 94.78 -34.35 -0.30
N GLU L 76 95.57 -33.43 0.27
CA GLU L 76 95.02 -32.35 1.08
C GLU L 76 94.06 -31.49 0.28
N ASN L 77 94.40 -31.25 -0.98
CA ASN L 77 93.58 -30.39 -1.85
C ASN L 77 92.32 -31.12 -2.38
N MET L 78 92.50 -32.38 -2.76
CA MET L 78 91.44 -33.16 -3.42
C MET L 78 90.33 -33.61 -2.46
N GLU L 79 90.67 -33.81 -1.19
CA GLU L 79 89.69 -34.21 -0.19
C GLU L 79 88.58 -33.17 -0.06
N LYS L 80 88.79 -32.00 -0.64
CA LYS L 80 87.77 -30.97 -0.67
C LYS L 80 86.68 -31.29 -1.70
N PHE L 81 86.90 -32.35 -2.47
CA PHE L 81 85.97 -32.77 -3.53
C PHE L 81 85.41 -34.18 -3.30
N ASN L 82 84.13 -34.38 -3.58
CA ASN L 82 83.51 -35.69 -3.35
C ASN L 82 83.39 -36.50 -4.65
N VAL L 83 83.14 -37.80 -4.51
CA VAL L 83 83.10 -38.70 -5.66
C VAL L 83 81.71 -39.04 -6.14
N LYS L 84 80.71 -38.34 -5.63
CA LYS L 84 79.32 -38.54 -6.04
C LYS L 84 79.20 -38.75 -7.56
N LEU L 85 78.46 -39.78 -7.95
CA LEU L 85 78.35 -40.19 -9.35
C LEU L 85 77.97 -39.02 -10.25
N GLY L 86 78.82 -38.73 -11.23
CA GLY L 86 78.54 -37.68 -12.19
C GLY L 86 79.15 -36.33 -11.85
N THR L 87 79.55 -36.15 -10.60
CA THR L 87 80.10 -34.87 -10.15
C THR L 87 81.48 -34.66 -10.76
N SER L 88 81.79 -33.42 -11.13
CA SER L 88 83.12 -33.09 -11.64
C SER L 88 83.58 -31.68 -11.27
N LYS L 89 84.89 -31.50 -11.36
CA LYS L 89 85.55 -30.21 -11.20
C LYS L 89 86.71 -30.20 -12.17
N HIS L 90 87.06 -29.02 -12.70
CA HIS L 90 88.28 -28.90 -13.48
C HIS L 90 88.82 -27.48 -13.43
N PHE L 91 90.13 -27.39 -13.19
CA PHE L 91 90.78 -26.11 -13.00
C PHE L 91 91.82 -25.89 -14.07
N TYR L 92 91.86 -24.66 -14.59
CA TYR L 92 92.93 -24.23 -15.48
C TYR L 92 94.11 -23.76 -14.66
N MET L 93 95.31 -24.24 -15.01
CA MET L 93 96.52 -23.84 -14.33
C MET L 93 97.72 -23.86 -15.29
N PHE L 94 98.88 -23.42 -14.81
CA PHE L 94 100.10 -23.52 -15.59
C PHE L 94 100.94 -24.69 -15.08
N ASN L 95 101.73 -25.30 -15.97
CA ASN L 95 102.56 -26.44 -15.58
C ASN L 95 104.03 -26.09 -15.45
N ASP L 96 104.90 -27.08 -15.63
CA ASP L 96 106.34 -26.91 -15.49
C ASP L 96 106.94 -26.03 -16.57
N ASN L 97 106.24 -25.94 -17.69
CA ASN L 97 106.77 -25.20 -18.83
C ASN L 97 105.97 -23.94 -19.10
N LYS L 98 105.36 -23.41 -18.04
CA LYS L 98 104.56 -22.18 -18.09
C LYS L 98 103.44 -22.28 -19.10
N ASN L 99 102.99 -23.49 -19.37
CA ASN L 99 101.92 -23.72 -20.33
C ASN L 99 100.59 -23.95 -19.64
N SER L 100 99.52 -23.51 -20.30
CA SER L 100 98.17 -23.69 -19.80
C SER L 100 97.72 -25.14 -19.95
N VAL L 101 97.37 -25.76 -18.81
CA VAL L 101 96.74 -27.07 -18.83
C VAL L 101 95.51 -27.06 -17.95
N ALA L 102 94.56 -27.96 -18.23
CA ALA L 102 93.38 -28.10 -17.39
C ALA L 102 93.34 -29.49 -16.79
N VAL L 103 92.98 -29.56 -15.51
CA VAL L 103 93.02 -30.80 -14.77
C VAL L 103 91.78 -30.93 -13.90
N GLY L 104 91.20 -32.13 -13.88
CA GLY L 104 90.04 -32.41 -13.06
C GLY L 104 89.68 -33.87 -12.92
N TYR L 105 88.47 -34.12 -12.43
CA TYR L 105 88.01 -35.47 -12.20
C TYR L 105 86.54 -35.59 -12.57
N VAL L 106 86.09 -36.83 -12.73
CA VAL L 106 84.67 -37.13 -12.68
C VAL L 106 84.44 -38.19 -11.58
N GLY L 107 83.45 -37.92 -10.73
CA GLY L 107 83.09 -38.85 -9.66
C GLY L 107 82.36 -40.08 -10.18
N CYS L 108 82.90 -41.25 -9.86
CA CYS L 108 82.32 -42.50 -10.29
C CYS L 108 81.67 -43.23 -9.12
N GLY L 109 81.17 -42.48 -8.15
CA GLY L 109 80.41 -43.03 -7.04
C GLY L 109 81.17 -43.94 -6.10
N SER L 110 80.45 -44.80 -5.39
CA SER L 110 81.07 -45.67 -4.38
C SER L 110 81.09 -47.15 -4.75
N VAL L 111 80.34 -47.57 -5.76
CA VAL L 111 80.40 -48.95 -6.23
C VAL L 111 81.58 -49.17 -7.17
N ALA L 112 82.28 -50.28 -6.99
CA ALA L 112 83.50 -50.58 -7.76
C ALA L 112 83.21 -51.10 -9.17
N ASP L 113 82.03 -51.67 -9.39
CA ASP L 113 81.66 -52.08 -10.74
C ASP L 113 80.53 -51.20 -11.29
N LEU L 114 80.84 -50.39 -12.31
CA LEU L 114 79.89 -49.44 -12.85
C LEU L 114 78.95 -50.08 -13.87
N SER L 115 77.66 -49.84 -13.72
CA SER L 115 76.68 -50.33 -14.68
C SER L 115 76.80 -49.54 -15.98
N GLU L 116 76.01 -49.92 -17.00
CA GLU L 116 76.00 -49.16 -18.23
C GLU L 116 75.27 -47.84 -17.98
N ALA L 117 74.35 -47.84 -17.03
CA ALA L 117 73.63 -46.63 -16.65
C ALA L 117 74.52 -45.63 -15.89
N ASP L 118 75.50 -46.12 -15.15
CA ASP L 118 76.38 -45.25 -14.40
C ASP L 118 77.45 -44.67 -15.30
N MET L 119 77.92 -45.50 -16.23
CA MET L 119 78.96 -45.07 -17.15
C MET L 119 78.44 -43.90 -17.98
N LYS L 120 77.18 -43.98 -18.37
CA LYS L 120 76.55 -42.88 -19.12
C LYS L 120 76.60 -41.57 -18.33
N ARG L 121 76.18 -41.60 -17.06
CA ARG L 121 76.21 -40.42 -16.20
C ARG L 121 77.62 -39.83 -16.13
N VAL L 122 78.62 -40.68 -16.02
CA VAL L 122 80.01 -40.25 -16.06
C VAL L 122 80.33 -39.54 -17.38
N VAL L 123 79.90 -40.12 -18.49
CA VAL L 123 80.19 -39.57 -19.81
C VAL L 123 79.53 -38.20 -20.01
N LEU L 124 78.26 -38.11 -19.67
CA LEU L 124 77.52 -36.85 -19.73
C LEU L 124 78.25 -35.77 -18.96
N SER L 125 78.85 -36.13 -17.83
CA SER L 125 79.64 -35.17 -17.06
C SER L 125 80.86 -34.72 -17.86
N LEU L 126 81.60 -35.68 -18.38
CA LEU L 126 82.76 -35.42 -19.21
C LEU L 126 82.41 -34.52 -20.41
N VAL L 127 81.39 -34.92 -21.17
CA VAL L 127 80.97 -34.22 -22.38
C VAL L 127 80.60 -32.74 -22.13
N THR L 128 79.98 -32.49 -20.98
CA THR L 128 79.59 -31.16 -20.58
C THR L 128 80.78 -30.22 -20.56
N MET L 129 81.88 -30.68 -19.98
CA MET L 129 83.10 -29.89 -19.94
C MET L 129 83.62 -29.68 -21.35
N LEU L 130 83.52 -30.70 -22.20
CA LEU L 130 84.08 -30.61 -23.54
C LEU L 130 83.31 -29.58 -24.39
N HIS L 131 81.99 -29.48 -24.16
CA HIS L 131 81.16 -28.50 -24.86
C HIS L 131 81.31 -27.10 -24.28
N ASP L 132 82.17 -26.96 -23.28
CA ASP L 132 82.31 -25.68 -22.60
C ASP L 132 83.74 -25.16 -22.64
N ASN L 133 84.63 -25.94 -23.24
CA ASN L 133 86.05 -25.56 -23.27
C ASN L 133 86.63 -25.78 -24.66
N LYS L 134 87.44 -24.82 -25.12
CA LYS L 134 88.12 -24.94 -26.39
C LYS L 134 89.43 -25.67 -26.18
N LEU L 135 89.47 -26.94 -26.58
CA LEU L 135 90.60 -27.81 -26.27
C LEU L 135 91.15 -28.47 -27.52
N SER L 136 92.45 -28.73 -27.53
CA SER L 136 93.04 -29.47 -28.64
C SER L 136 93.09 -30.96 -28.29
N LYS L 137 93.24 -31.24 -27.00
CA LYS L 137 93.47 -32.61 -26.54
C LYS L 137 92.69 -32.91 -25.28
N LEU L 138 92.06 -34.08 -25.24
CA LEU L 138 91.48 -34.60 -24.02
C LEU L 138 92.22 -35.87 -23.60
N THR L 139 92.65 -35.89 -22.35
CA THR L 139 93.31 -37.07 -21.80
C THR L 139 92.46 -37.65 -20.68
N VAL L 140 92.34 -38.98 -20.67
CA VAL L 140 91.50 -39.67 -19.71
C VAL L 140 92.28 -40.76 -18.99
N VAL L 141 92.41 -40.63 -17.67
CA VAL L 141 93.11 -41.62 -16.87
C VAL L 141 92.11 -42.45 -16.06
N PHE L 142 92.14 -43.77 -16.26
CA PHE L 142 91.18 -44.67 -15.60
C PHE L 142 91.64 -45.08 -14.20
N GLU L 143 90.96 -44.59 -13.18
CA GLU L 143 91.23 -45.00 -11.80
C GLU L 143 90.06 -45.82 -11.26
N ILE L 144 89.36 -46.48 -12.18
CA ILE L 144 88.32 -47.42 -11.84
C ILE L 144 88.58 -48.67 -12.68
N ASN L 145 88.13 -49.83 -12.21
CA ASN L 145 88.26 -51.06 -12.96
C ASN L 145 87.10 -51.26 -13.96
N VAL L 146 87.42 -51.29 -15.25
CA VAL L 146 86.40 -51.61 -16.25
C VAL L 146 86.89 -52.72 -17.17
N ASP L 147 85.96 -53.57 -17.58
CA ASP L 147 86.27 -54.62 -18.53
C ASP L 147 86.35 -54.03 -19.94
N LYS L 148 86.64 -54.89 -20.92
CA LYS L 148 86.88 -54.41 -22.27
C LYS L 148 85.60 -53.88 -22.93
N ASN L 149 84.47 -54.52 -22.68
CA ASN L 149 83.21 -54.09 -23.29
C ASN L 149 82.75 -52.75 -22.73
N LEU L 150 82.96 -52.55 -21.42
CA LEU L 150 82.53 -51.30 -20.80
C LEU L 150 83.48 -50.16 -21.18
N PHE L 151 84.76 -50.49 -21.38
CA PHE L 151 85.69 -49.52 -21.93
C PHE L 151 85.22 -49.05 -23.29
N ARG L 152 84.99 -50.01 -24.19
CA ARG L 152 84.47 -49.70 -25.52
C ARG L 152 83.17 -48.90 -25.40
N PHE L 153 82.30 -49.32 -24.48
CA PHE L 153 81.03 -48.63 -24.25
C PHE L 153 81.25 -47.18 -23.87
N PHE L 154 82.28 -46.94 -23.07
CA PHE L 154 82.64 -45.60 -22.62
C PHE L 154 83.01 -44.72 -23.81
N LEU L 155 83.76 -45.29 -24.75
CA LEU L 155 84.21 -44.54 -25.92
C LEU L 155 83.05 -44.22 -26.86
N GLU L 156 82.21 -45.21 -27.14
CA GLU L 156 81.05 -45.05 -28.01
C GLU L 156 80.14 -43.95 -27.52
N THR L 157 79.88 -43.97 -26.23
CA THR L 157 78.99 -43.00 -25.63
C THR L 157 79.63 -41.62 -25.65
N LEU L 158 80.94 -41.55 -25.34
CA LEU L 158 81.69 -40.30 -25.46
C LEU L 158 81.53 -39.68 -26.84
N PHE L 159 81.84 -40.43 -27.89
CA PHE L 159 81.71 -39.95 -29.27
C PHE L 159 80.27 -39.57 -29.61
N TYR L 160 79.34 -40.48 -29.32
CA TYR L 160 77.94 -40.21 -29.65
C TYR L 160 77.45 -38.93 -28.97
N GLU L 161 77.73 -38.81 -27.68
CA GLU L 161 77.20 -37.69 -26.91
C GLU L 161 77.97 -36.41 -27.24
N TYR L 162 79.23 -36.55 -27.62
CA TYR L 162 80.07 -35.41 -28.01
C TYR L 162 79.50 -34.82 -29.29
N MET L 163 79.18 -35.70 -30.24
CA MET L 163 78.75 -35.28 -31.57
C MET L 163 77.43 -34.52 -31.50
N THR L 164 77.32 -33.45 -32.29
CA THR L 164 76.10 -32.65 -32.33
C THR L 164 75.53 -32.61 -33.74
N ASP L 165 74.22 -32.76 -33.85
CA ASP L 165 73.53 -32.84 -35.13
C ASP L 165 73.01 -31.46 -35.53
N GLU L 166 73.63 -30.88 -36.54
CA GLU L 166 73.33 -29.51 -36.92
C GLU L 166 72.81 -29.41 -38.35
N ARG L 167 72.43 -30.55 -38.92
CA ARG L 167 71.90 -30.61 -40.27
C ARG L 167 70.76 -29.63 -40.56
N PHE L 168 69.98 -29.26 -39.54
CA PHE L 168 68.76 -28.47 -39.77
C PHE L 168 68.85 -27.07 -39.19
N LYS L 169 70.06 -26.66 -38.82
CA LYS L 169 70.31 -25.29 -38.36
C LYS L 169 70.68 -24.38 -39.52
N SER L 170 70.29 -23.10 -39.47
CA SER L 170 70.63 -22.16 -40.53
C SER L 170 72.12 -21.74 -40.49
N GLU L 178 86.08 -26.99 -33.89
CA GLU L 178 85.88 -26.71 -32.48
C GLU L 178 86.06 -27.99 -31.64
N TYR L 179 86.17 -29.12 -32.33
CA TYR L 179 86.32 -30.42 -31.66
C TYR L 179 87.78 -30.73 -31.39
N ILE L 180 88.04 -31.46 -30.31
CA ILE L 180 89.40 -31.90 -29.98
C ILE L 180 89.98 -32.76 -31.10
N LYS L 181 91.29 -32.77 -31.22
CA LYS L 181 91.92 -33.51 -32.31
C LYS L 181 92.61 -34.78 -31.81
N HIS L 182 92.86 -34.85 -30.51
CA HIS L 182 93.56 -35.99 -29.94
C HIS L 182 92.87 -36.48 -28.66
N LEU L 183 92.82 -37.78 -28.49
CA LEU L 183 92.28 -38.38 -27.27
C LEU L 183 93.33 -39.29 -26.66
N GLY L 184 93.74 -38.96 -25.45
CA GLY L 184 94.67 -39.81 -24.72
C GLY L 184 93.90 -40.62 -23.70
N VAL L 185 94.24 -41.89 -23.58
CA VAL L 185 93.63 -42.75 -22.58
C VAL L 185 94.70 -43.44 -21.74
N TYR L 186 94.65 -43.23 -20.43
CA TYR L 186 95.54 -43.91 -19.48
C TYR L 186 94.76 -44.96 -18.70
N ILE L 187 95.16 -46.22 -18.87
CA ILE L 187 94.45 -47.32 -18.25
C ILE L 187 95.41 -48.46 -17.93
N ASN L 188 95.14 -49.24 -16.90
CA ASN L 188 95.97 -50.40 -16.63
C ASN L 188 95.87 -51.44 -17.73
N ASN L 189 96.96 -52.18 -17.95
CA ASN L 189 97.02 -53.17 -19.03
C ASN L 189 96.57 -52.57 -20.35
N ALA L 190 97.11 -51.41 -20.70
CA ALA L 190 96.66 -50.65 -21.87
C ALA L 190 96.56 -51.46 -23.14
N ASP L 191 97.52 -52.36 -23.33
CA ASP L 191 97.55 -53.17 -24.56
C ASP L 191 96.28 -54.03 -24.69
N THR L 192 95.64 -54.37 -23.58
CA THR L 192 94.44 -55.20 -23.65
C THR L 192 93.32 -54.45 -24.33
N TYR L 193 93.28 -53.13 -24.17
CA TYR L 193 92.13 -52.33 -24.58
C TYR L 193 92.22 -51.69 -25.98
N LYS L 194 93.42 -51.71 -26.57
CA LYS L 194 93.66 -51.01 -27.85
C LYS L 194 92.78 -51.48 -29.00
N GLU L 195 92.47 -52.77 -29.05
CA GLU L 195 91.62 -53.30 -30.11
C GLU L 195 90.18 -52.80 -30.02
N GLU L 196 89.79 -52.23 -28.88
CA GLU L 196 88.41 -51.77 -28.67
C GLU L 196 88.17 -50.39 -29.26
N VAL L 197 89.26 -49.71 -29.61
CA VAL L 197 89.19 -48.31 -30.01
C VAL L 197 88.46 -48.09 -31.33
N GLU L 198 88.92 -48.77 -32.37
CA GLU L 198 88.34 -48.56 -33.68
C GLU L 198 86.98 -49.20 -33.76
N LYS L 199 86.79 -50.28 -33.02
CA LYS L 199 85.47 -50.91 -32.93
C LYS L 199 84.47 -49.89 -32.42
N ALA L 200 84.83 -49.20 -31.33
CA ALA L 200 83.96 -48.18 -30.75
C ALA L 200 83.63 -47.10 -31.77
N ARG L 201 84.62 -46.70 -32.57
CA ARG L 201 84.40 -45.72 -33.61
C ARG L 201 83.38 -46.22 -34.64
N VAL L 202 83.45 -47.50 -35.00
CA VAL L 202 82.48 -48.00 -35.95
C VAL L 202 81.09 -48.13 -35.31
N TYR L 203 81.03 -48.58 -34.06
CA TYR L 203 79.77 -48.67 -33.33
C TYR L 203 79.17 -47.28 -33.13
N TYR L 204 80.04 -46.28 -32.94
CA TYR L 204 79.56 -44.93 -32.76
C TYR L 204 78.81 -44.47 -33.99
N PHE L 205 79.42 -44.60 -35.16
CA PHE L 205 78.79 -44.04 -36.34
C PHE L 205 77.51 -44.77 -36.76
N GLY L 206 77.49 -46.10 -36.64
CA GLY L 206 76.29 -46.87 -36.91
C GLY L 206 75.13 -46.37 -36.06
N THR L 207 75.46 -46.05 -34.81
CA THR L 207 74.53 -45.47 -33.85
C THR L 207 74.18 -44.03 -34.22
N TYR L 208 75.16 -43.27 -34.70
CA TYR L 208 74.91 -41.88 -35.06
C TYR L 208 74.18 -41.77 -36.41
N TYR L 209 74.47 -42.69 -37.31
CA TYR L 209 73.73 -42.75 -38.57
C TYR L 209 72.27 -43.13 -38.34
N ALA L 210 71.99 -43.97 -37.35
CA ALA L 210 70.61 -44.31 -37.05
C ALA L 210 69.90 -43.08 -36.50
N SER L 211 70.58 -42.42 -35.57
CA SER L 211 70.09 -41.22 -34.94
C SER L 211 69.74 -40.15 -35.98
N GLN L 212 70.56 -40.06 -37.01
CA GLN L 212 70.32 -39.10 -38.07
C GLN L 212 69.04 -39.43 -38.82
N LEU L 213 68.85 -40.70 -39.16
CA LEU L 213 67.65 -41.08 -39.90
C LEU L 213 66.43 -40.84 -39.03
N ILE L 214 66.50 -41.26 -37.77
CA ILE L 214 65.38 -41.09 -36.83
C ILE L 214 65.05 -39.62 -36.58
N ALA L 215 66.09 -38.80 -36.41
CA ALA L 215 65.88 -37.40 -36.05
C ALA L 215 65.32 -36.61 -37.24
N ALA L 216 65.64 -37.06 -38.45
CA ALA L 216 65.14 -36.42 -39.64
C ALA L 216 63.62 -36.45 -39.63
N PRO L 217 63.00 -35.27 -39.72
CA PRO L 217 61.54 -35.14 -39.75
C PRO L 217 60.91 -35.80 -40.98
N SER L 218 59.64 -36.14 -40.85
CA SER L 218 58.94 -36.92 -41.86
C SER L 218 58.78 -36.23 -43.22
N ASN L 219 58.95 -34.91 -43.28
CA ASN L 219 58.96 -34.27 -44.60
C ASN L 219 60.30 -34.45 -45.28
N TYR L 220 61.34 -34.67 -44.48
CA TYR L 220 62.67 -34.99 -45.01
C TYR L 220 62.81 -36.48 -45.20
N CYS L 221 62.30 -37.22 -44.22
CA CYS L 221 62.43 -38.67 -44.15
C CYS L 221 61.09 -39.33 -44.51
N ASN L 222 60.97 -39.74 -45.76
CA ASN L 222 59.77 -40.39 -46.26
C ASN L 222 60.17 -41.72 -46.93
N PRO L 223 59.19 -42.57 -47.29
CA PRO L 223 59.53 -43.90 -47.82
C PRO L 223 60.48 -43.90 -49.01
N VAL L 224 60.41 -42.85 -49.82
CA VAL L 224 61.27 -42.74 -50.98
C VAL L 224 62.66 -42.25 -50.58
N SER L 225 62.74 -41.15 -49.83
CA SER L 225 64.05 -40.64 -49.41
C SER L 225 64.80 -41.60 -48.47
N LEU L 226 64.09 -42.38 -47.67
CA LEU L 226 64.77 -43.30 -46.76
C LEU L 226 65.28 -44.52 -47.51
N SER L 227 64.55 -44.99 -48.51
CA SER L 227 65.04 -46.10 -49.31
C SER L 227 66.19 -45.65 -50.22
N ASN L 228 66.12 -44.41 -50.70
CA ASN L 228 67.25 -43.82 -51.45
C ASN L 228 68.50 -43.79 -50.58
N ALA L 229 68.30 -43.41 -49.32
CA ALA L 229 69.39 -43.37 -48.36
C ALA L 229 69.99 -44.76 -48.17
N ALA L 230 69.13 -45.76 -48.04
CA ALA L 230 69.58 -47.13 -47.85
C ALA L 230 70.42 -47.62 -49.03
N VAL L 231 69.99 -47.26 -50.24
CA VAL L 231 70.71 -47.68 -51.43
C VAL L 231 72.10 -47.06 -51.46
N GLU L 232 72.13 -45.77 -51.17
CA GLU L 232 73.37 -45.02 -51.11
C GLU L 232 74.33 -45.63 -50.09
N LEU L 233 73.78 -46.19 -49.01
CA LEU L 233 74.58 -46.81 -47.98
C LEU L 233 75.13 -48.14 -48.45
N ALA L 234 74.27 -48.91 -49.11
CA ALA L 234 74.67 -50.21 -49.65
C ALA L 234 75.77 -50.03 -50.67
N GLN L 235 75.62 -49.02 -51.52
CA GLN L 235 76.63 -48.70 -52.54
C GLN L 235 77.98 -48.38 -51.90
N LYS L 236 77.95 -47.61 -50.83
CA LYS L 236 79.17 -47.20 -50.13
C LYS L 236 79.85 -48.34 -49.36
N LEU L 237 79.11 -49.41 -49.09
CA LEU L 237 79.63 -50.53 -48.31
C LEU L 237 79.84 -51.81 -49.14
N ASN L 238 79.47 -51.74 -50.42
CA ASN L 238 79.47 -52.89 -51.32
C ASN L 238 78.60 -54.02 -50.79
N LEU L 239 77.36 -53.67 -50.46
CA LEU L 239 76.35 -54.64 -50.08
C LEU L 239 75.45 -54.82 -51.28
N GLU L 240 74.98 -56.04 -51.52
CA GLU L 240 73.98 -56.23 -52.55
C GLU L 240 72.72 -55.53 -52.04
N TYR L 241 71.92 -54.99 -52.94
CA TYR L 241 70.72 -54.28 -52.54
C TYR L 241 69.61 -54.42 -53.54
N LYS L 242 68.40 -54.12 -53.06
CA LYS L 242 67.20 -54.26 -53.84
C LYS L 242 66.10 -53.45 -53.14
N ILE L 243 65.33 -52.70 -53.92
CA ILE L 243 64.19 -51.95 -53.39
C ILE L 243 62.93 -52.37 -54.15
N LEU L 244 61.99 -53.00 -53.45
CA LEU L 244 60.76 -53.44 -54.08
C LEU L 244 59.77 -52.29 -54.16
N GLY L 245 59.26 -52.01 -55.34
CA GLY L 245 58.27 -50.96 -55.50
C GLY L 245 56.86 -51.49 -55.37
N VAL L 246 55.89 -50.59 -55.50
CA VAL L 246 54.49 -50.95 -55.33
C VAL L 246 54.05 -52.12 -56.23
N LYS L 247 54.40 -52.06 -57.52
CA LYS L 247 54.01 -53.11 -58.46
C LYS L 247 54.59 -54.47 -58.05
N GLU L 248 55.86 -54.47 -57.66
CA GLU L 248 56.47 -55.67 -57.14
C GLU L 248 55.69 -56.19 -55.92
N LEU L 249 55.36 -55.30 -54.99
CA LEU L 249 54.67 -55.68 -53.77
C LEU L 249 53.28 -56.25 -54.04
N GLU L 250 52.65 -55.81 -55.12
CA GLU L 250 51.34 -56.31 -55.52
C GLU L 250 51.43 -57.73 -56.07
N GLU L 251 52.46 -57.98 -56.89
CA GLU L 251 52.74 -59.33 -57.39
C GLU L 251 53.01 -60.27 -56.21
N LEU L 252 53.72 -59.78 -55.20
CA LEU L 252 53.97 -60.61 -54.01
C LEU L 252 52.81 -60.53 -53.02
N LYS L 253 51.75 -59.80 -53.40
CA LYS L 253 50.48 -59.76 -52.67
C LYS L 253 50.60 -59.32 -51.20
N MET L 254 51.57 -58.47 -50.89
CA MET L 254 51.74 -58.00 -49.52
C MET L 254 50.66 -56.97 -49.16
N GLY L 255 49.43 -57.44 -49.04
CA GLY L 255 48.30 -56.55 -48.84
C GLY L 255 48.16 -55.99 -47.44
N ALA L 256 48.78 -56.62 -46.44
CA ALA L 256 48.76 -56.03 -45.11
C ALA L 256 49.64 -54.78 -45.16
N TYR L 257 50.86 -54.95 -45.66
CA TYR L 257 51.80 -53.84 -45.85
C TYR L 257 51.24 -52.74 -46.80
N LEU L 258 50.71 -53.12 -47.97
CA LEU L 258 50.21 -52.13 -48.93
C LEU L 258 49.01 -51.32 -48.40
N SER L 259 48.19 -51.96 -47.57
CA SER L 259 46.98 -51.30 -47.06
C SER L 259 47.31 -50.16 -46.10
N VAL L 260 48.45 -50.28 -45.44
CA VAL L 260 48.87 -49.28 -44.47
C VAL L 260 49.30 -48.02 -45.21
N GLY L 261 49.97 -48.21 -46.35
CA GLY L 261 50.53 -47.12 -47.12
C GLY L 261 49.57 -46.50 -48.11
N LYS L 262 48.33 -47.01 -48.15
CA LYS L 262 47.33 -46.54 -49.13
C LYS L 262 47.07 -45.05 -49.06
N GLY L 263 46.98 -44.52 -47.85
CA GLY L 263 46.61 -43.13 -47.65
C GLY L 263 47.75 -42.15 -47.84
N SER L 264 48.95 -42.67 -48.10
CA SER L 264 50.12 -41.81 -48.22
C SER L 264 50.40 -41.37 -49.66
N MET L 265 50.92 -40.15 -49.79
CA MET L 265 51.33 -39.60 -51.08
C MET L 265 52.67 -40.23 -51.51
N TYR L 266 53.38 -40.84 -50.57
CA TYR L 266 54.63 -41.54 -50.87
C TYR L 266 54.41 -43.04 -51.12
N PRO L 267 54.89 -43.54 -52.27
CA PRO L 267 54.74 -44.96 -52.61
C PRO L 267 55.54 -45.85 -51.65
N ASN L 268 54.92 -46.96 -51.25
CA ASN L 268 55.59 -47.97 -50.44
C ASN L 268 56.92 -48.43 -51.05
N LYS L 269 57.92 -48.61 -50.20
CA LYS L 269 59.22 -49.09 -50.63
C LYS L 269 59.72 -50.16 -49.68
N PHE L 270 59.93 -51.38 -50.19
CA PHE L 270 60.51 -52.44 -49.38
C PHE L 270 62.02 -52.46 -49.53
N ILE L 271 62.73 -52.21 -48.43
CA ILE L 271 64.20 -52.20 -48.43
C ILE L 271 64.75 -53.58 -48.14
N HIS L 272 65.60 -54.08 -49.04
CA HIS L 272 66.24 -55.37 -48.83
C HIS L 272 67.71 -55.26 -49.16
N LEU L 273 68.56 -55.29 -48.15
CA LEU L 273 69.99 -55.28 -48.38
C LEU L 273 70.54 -56.62 -47.93
N THR L 274 71.70 -57.02 -48.45
CA THR L 274 72.24 -58.32 -48.10
C THR L 274 73.75 -58.27 -47.93
N TYR L 275 74.23 -58.91 -46.87
CA TYR L 275 75.64 -59.08 -46.67
C TYR L 275 75.97 -60.57 -46.64
N LYS L 276 76.66 -61.05 -47.68
CA LYS L 276 77.16 -62.43 -47.70
C LYS L 276 78.59 -62.38 -47.19
N SER L 277 79.05 -63.42 -46.51
CA SER L 277 80.36 -63.32 -45.87
C SER L 277 81.45 -64.03 -46.63
N LYS L 278 82.69 -63.66 -46.34
CA LYS L 278 83.83 -64.37 -46.87
C LYS L 278 83.90 -65.73 -46.19
N GLY L 279 84.14 -66.76 -47.00
CA GLY L 279 84.30 -68.10 -46.47
C GLY L 279 83.00 -68.87 -46.40
N ASP L 280 83.09 -70.10 -45.90
CA ASP L 280 81.93 -70.94 -45.66
C ASP L 280 80.95 -70.20 -44.78
N VAL L 281 79.66 -70.27 -45.14
CA VAL L 281 78.64 -69.54 -44.40
C VAL L 281 77.89 -70.48 -43.47
N LYS L 282 78.01 -70.22 -42.17
CA LYS L 282 77.47 -71.11 -41.15
C LYS L 282 76.11 -70.65 -40.66
N LYS L 283 75.85 -69.34 -40.68
CA LYS L 283 74.58 -68.79 -40.20
C LYS L 283 73.95 -67.79 -41.15
N LYS L 284 72.67 -67.99 -41.47
CA LYS L 284 71.93 -67.05 -42.31
C LYS L 284 70.92 -66.31 -41.45
N ILE L 285 70.96 -64.99 -41.48
CA ILE L 285 70.11 -64.20 -40.60
C ILE L 285 69.39 -63.09 -41.35
N ALA L 286 68.16 -62.82 -40.91
CA ALA L 286 67.39 -61.69 -41.42
C ALA L 286 66.99 -60.79 -40.26
N LEU L 287 67.50 -59.56 -40.29
CA LEU L 287 67.10 -58.55 -39.34
C LEU L 287 65.99 -57.74 -40.00
N VAL L 288 64.87 -57.59 -39.30
CA VAL L 288 63.73 -56.87 -39.84
C VAL L 288 63.43 -55.65 -38.99
N GLY L 289 63.46 -54.46 -39.59
CA GLY L 289 63.16 -53.24 -38.85
C GLY L 289 61.82 -52.65 -39.23
N LYS L 290 61.08 -52.13 -38.26
CA LYS L 290 59.86 -51.39 -38.57
C LYS L 290 60.17 -50.01 -39.16
N GLY L 291 59.51 -49.68 -40.26
CA GLY L 291 59.82 -48.44 -40.95
C GLY L 291 58.62 -47.57 -41.27
N ILE L 292 57.95 -47.07 -40.23
CA ILE L 292 56.87 -46.13 -40.45
C ILE L 292 57.43 -44.72 -40.32
N THR L 293 57.59 -44.02 -41.45
CA THR L 293 58.32 -42.74 -41.44
C THR L 293 57.48 -41.64 -40.79
N PHE L 294 56.18 -41.79 -40.80
CA PHE L 294 55.34 -41.00 -39.93
C PHE L 294 54.05 -41.73 -39.62
N ASP L 295 53.71 -41.74 -38.33
CA ASP L 295 52.54 -42.48 -37.88
C ASP L 295 51.49 -41.54 -37.29
N SER L 296 50.51 -41.15 -38.10
CA SER L 296 49.49 -40.23 -37.59
C SER L 296 48.47 -40.99 -36.77
N GLY L 297 48.45 -42.31 -36.94
CA GLY L 297 47.41 -43.15 -36.33
C GLY L 297 46.37 -43.57 -37.37
N GLY L 298 46.38 -42.87 -38.51
CA GLY L 298 45.40 -43.16 -39.54
C GLY L 298 44.06 -42.68 -39.04
N TYR L 299 43.00 -43.33 -39.51
CA TYR L 299 41.66 -42.94 -39.12
C TYR L 299 41.42 -43.12 -37.62
N ASN L 300 42.19 -44.00 -36.98
CA ASN L 300 42.28 -43.97 -35.54
C ASN L 300 43.35 -42.95 -35.13
N LEU L 301 43.03 -41.69 -35.33
CA LEU L 301 43.99 -40.60 -35.17
C LEU L 301 44.63 -40.52 -33.77
N LYS L 302 45.92 -40.20 -33.73
CA LYS L 302 46.59 -39.96 -32.46
C LYS L 302 46.15 -38.60 -31.93
N ALA L 303 44.97 -38.58 -31.33
CA ALA L 303 44.35 -37.34 -30.86
C ALA L 303 44.14 -37.35 -29.34
N ALA L 304 44.33 -38.50 -28.73
CA ALA L 304 44.17 -38.63 -27.29
C ALA L 304 45.29 -37.89 -26.55
N PRO L 305 45.00 -37.38 -25.33
CA PRO L 305 46.04 -36.78 -24.48
C PRO L 305 47.21 -37.73 -24.29
N GLY L 306 48.41 -37.29 -24.65
CA GLY L 306 49.60 -38.10 -24.45
C GLY L 306 49.89 -39.13 -25.53
N SER L 307 49.28 -38.97 -26.70
CA SER L 307 49.55 -39.88 -27.81
C SER L 307 50.77 -39.40 -28.59
N MET L 308 51.21 -38.19 -28.24
CA MET L 308 52.44 -37.59 -28.76
C MET L 308 52.63 -37.69 -30.26
N ILE L 309 51.62 -37.26 -31.01
CA ILE L 309 51.70 -37.34 -32.48
C ILE L 309 52.99 -36.69 -33.02
N ASP L 310 53.49 -35.66 -32.35
CA ASP L 310 54.66 -34.93 -32.83
C ASP L 310 55.98 -35.72 -32.67
N LEU L 311 55.92 -36.84 -31.97
CA LEU L 311 57.09 -37.70 -31.87
C LEU L 311 57.16 -38.72 -33.04
N MET L 312 56.05 -38.89 -33.75
CA MET L 312 55.89 -40.10 -34.57
C MET L 312 56.73 -40.14 -35.85
N LYS L 313 57.67 -39.20 -35.99
CA LYS L 313 58.76 -39.35 -36.95
C LYS L 313 59.69 -40.49 -36.50
N PHE L 314 59.60 -40.88 -35.23
CA PHE L 314 60.49 -41.89 -34.64
C PHE L 314 60.03 -43.33 -34.89
N ASP L 315 58.88 -43.50 -35.53
CA ASP L 315 58.30 -44.84 -35.67
C ASP L 315 58.97 -45.61 -36.81
N MET L 316 60.11 -45.10 -37.29
CA MET L 316 60.98 -45.90 -38.14
C MET L 316 62.36 -46.13 -37.46
N SER L 317 62.37 -46.17 -36.13
CA SER L 317 63.62 -46.40 -35.39
C SER L 317 64.15 -47.79 -35.64
N GLY L 318 63.25 -48.75 -35.85
CA GLY L 318 63.64 -50.14 -36.02
C GLY L 318 64.43 -50.27 -37.32
N CYS L 319 63.84 -49.73 -38.37
CA CYS L 319 64.51 -49.60 -39.66
C CYS L 319 65.88 -48.92 -39.52
N ALA L 320 65.93 -47.80 -38.81
CA ALA L 320 67.19 -47.07 -38.67
C ALA L 320 68.22 -47.94 -37.95
N ALA L 321 67.75 -48.73 -36.99
CA ALA L 321 68.61 -49.59 -36.21
C ALA L 321 69.20 -50.66 -37.10
N VAL L 322 68.35 -51.26 -37.92
CA VAL L 322 68.76 -52.26 -38.90
C VAL L 322 69.76 -51.68 -39.91
N LEU L 323 69.51 -50.46 -40.38
CA LEU L 323 70.44 -49.80 -41.30
C LEU L 323 71.75 -49.42 -40.62
N GLY L 324 71.65 -48.94 -39.40
CA GLY L 324 72.85 -48.63 -38.62
C GLY L 324 73.69 -49.87 -38.44
N CYS L 325 73.02 -51.01 -38.20
CA CYS L 325 73.68 -52.30 -38.06
C CYS L 325 74.38 -52.70 -39.37
N ALA L 326 73.73 -52.39 -40.49
CA ALA L 326 74.29 -52.70 -41.80
C ALA L 326 75.59 -51.97 -42.00
N TYR L 327 75.65 -50.72 -41.54
CA TYR L 327 76.91 -50.01 -41.59
C TYR L 327 77.99 -50.72 -40.78
N CYS L 328 77.63 -51.15 -39.57
CA CYS L 328 78.61 -51.75 -38.69
C CYS L 328 79.11 -53.08 -39.24
N VAL L 329 78.20 -53.81 -39.87
CA VAL L 329 78.54 -55.11 -40.45
C VAL L 329 79.39 -55.03 -41.73
N GLY L 330 79.06 -54.08 -42.61
CA GLY L 330 79.79 -53.94 -43.86
C GLY L 330 81.21 -53.42 -43.62
N THR L 331 81.34 -52.61 -42.57
CA THR L 331 82.61 -52.04 -42.17
C THR L 331 83.48 -53.10 -41.49
N LEU L 332 82.98 -53.70 -40.40
CA LEU L 332 83.76 -54.67 -39.62
C LEU L 332 83.92 -56.03 -40.29
N LYS L 333 83.06 -56.30 -41.27
CA LYS L 333 83.13 -57.54 -42.06
C LYS L 333 83.25 -58.85 -41.27
N PRO L 334 82.26 -59.16 -40.42
CA PRO L 334 82.32 -60.45 -39.72
C PRO L 334 82.36 -61.62 -40.71
N GLU L 335 82.84 -62.77 -40.27
CA GLU L 335 82.95 -63.92 -41.18
C GLU L 335 81.92 -65.01 -40.93
N ASN L 336 81.74 -65.85 -41.94
CA ASN L 336 80.85 -67.02 -41.88
C ASN L 336 79.37 -66.74 -41.61
N VAL L 337 78.89 -65.55 -41.96
CA VAL L 337 77.47 -65.24 -41.82
C VAL L 337 76.87 -64.56 -43.05
N GLU L 338 75.63 -64.88 -43.36
CA GLU L 338 74.92 -64.11 -44.37
C GLU L 338 73.79 -63.35 -43.69
N ILE L 339 73.66 -62.07 -43.99
CA ILE L 339 72.69 -61.26 -43.29
C ILE L 339 71.84 -60.47 -44.25
N HIS L 340 70.53 -60.55 -44.06
CA HIS L 340 69.59 -59.73 -44.79
C HIS L 340 69.06 -58.63 -43.87
N PHE L 341 69.00 -57.41 -44.40
CA PHE L 341 68.48 -56.27 -43.68
C PHE L 341 67.21 -55.84 -44.41
N LEU L 342 66.07 -55.91 -43.73
CA LEU L 342 64.79 -55.74 -44.41
C LEU L 342 63.95 -54.69 -43.73
N SER L 343 63.14 -53.98 -44.51
CA SER L 343 62.23 -53.01 -43.92
C SER L 343 61.10 -52.59 -44.86
N ALA L 344 59.87 -52.87 -44.45
CA ALA L 344 58.69 -52.47 -45.19
C ALA L 344 58.34 -51.03 -44.84
N VAL L 345 58.86 -50.08 -45.61
CA VAL L 345 58.72 -48.67 -45.28
C VAL L 345 57.47 -48.05 -45.91
N CYS L 346 56.72 -47.28 -45.11
CA CYS L 346 55.55 -46.56 -45.60
C CYS L 346 55.12 -45.47 -44.62
N GLU L 347 54.05 -44.77 -44.95
CA GLU L 347 53.55 -43.68 -44.12
C GLU L 347 52.07 -43.85 -43.77
N ASN L 348 51.75 -43.88 -42.46
CA ASN L 348 50.37 -44.09 -42.00
C ASN L 348 49.62 -42.75 -41.94
N MET L 349 48.79 -42.48 -42.93
CA MET L 349 48.21 -41.15 -43.06
C MET L 349 46.70 -41.17 -43.17
N VAL L 350 46.11 -39.99 -43.13
CA VAL L 350 44.67 -39.86 -43.20
C VAL L 350 44.33 -39.27 -44.55
N SER L 351 43.41 -39.94 -45.27
CA SER L 351 43.14 -39.58 -46.65
C SER L 351 41.84 -40.19 -47.14
N LYS L 352 41.36 -39.77 -48.30
CA LYS L 352 40.24 -40.46 -48.91
C LYS L 352 40.67 -41.85 -49.36
N ASN L 353 41.97 -42.09 -49.44
CA ASN L 353 42.49 -43.40 -49.87
C ASN L 353 42.96 -44.33 -48.75
N SER L 354 42.90 -43.88 -47.50
CA SER L 354 43.38 -44.66 -46.35
C SER L 354 42.54 -45.92 -46.13
N TYR L 355 43.15 -46.95 -45.55
CA TYR L 355 42.39 -48.11 -45.10
C TYR L 355 41.57 -47.66 -43.90
N ARG L 356 40.48 -48.37 -43.62
CA ARG L 356 39.57 -47.97 -42.57
C ARG L 356 39.58 -48.95 -41.40
N PRO L 357 39.20 -48.47 -40.21
CA PRO L 357 38.88 -49.41 -39.13
C PRO L 357 37.78 -50.33 -39.63
N GLY L 358 37.95 -51.64 -39.48
CA GLY L 358 36.93 -52.57 -39.92
C GLY L 358 37.28 -53.29 -41.21
N ASP L 359 38.18 -52.71 -42.01
CA ASP L 359 38.61 -53.35 -43.27
C ASP L 359 39.16 -54.75 -42.99
N ILE L 360 38.93 -55.64 -43.92
CA ILE L 360 39.49 -56.97 -43.83
C ILE L 360 40.49 -57.08 -44.97
N ILE L 361 41.73 -57.38 -44.61
CA ILE L 361 42.79 -57.32 -45.60
C ILE L 361 43.49 -58.65 -45.64
N THR L 362 44.16 -58.91 -46.75
CA THR L 362 44.75 -60.22 -46.98
C THR L 362 46.27 -60.12 -47.02
N ALA L 363 46.91 -60.84 -46.09
CA ALA L 363 48.36 -60.91 -46.01
C ALA L 363 48.94 -61.70 -47.18
N SER L 364 50.25 -61.68 -47.32
CA SER L 364 50.90 -62.32 -48.46
C SER L 364 50.99 -63.82 -48.27
N ASN L 365 50.61 -64.31 -47.09
CA ASN L 365 50.60 -65.75 -46.89
C ASN L 365 49.18 -66.29 -46.97
N GLY L 366 48.24 -65.42 -47.33
CA GLY L 366 46.87 -65.86 -47.47
C GLY L 366 45.95 -65.60 -46.30
N LYS L 367 46.51 -65.26 -45.13
CA LYS L 367 45.66 -65.04 -43.96
C LYS L 367 44.88 -63.74 -44.08
N THR L 368 43.57 -63.81 -43.88
CA THR L 368 42.78 -62.58 -43.84
C THR L 368 42.82 -61.99 -42.43
N ILE L 369 42.93 -60.66 -42.38
CA ILE L 369 43.10 -59.92 -41.14
C ILE L 369 42.03 -58.84 -40.99
N GLU L 370 41.27 -58.87 -39.89
CA GLU L 370 40.30 -57.82 -39.59
C GLU L 370 40.94 -56.66 -38.81
N VAL L 371 40.99 -55.48 -39.44
CA VAL L 371 41.60 -54.32 -38.81
C VAL L 371 40.69 -53.73 -37.76
N GLY L 372 41.12 -53.74 -36.51
CA GLY L 372 40.33 -53.14 -35.44
C GLY L 372 40.74 -51.72 -35.11
N ASN L 373 41.98 -51.36 -35.47
CA ASN L 373 42.54 -50.06 -35.15
C ASN L 373 43.68 -49.69 -36.12
N THR L 374 43.46 -48.66 -36.93
CA THR L 374 44.46 -48.29 -37.95
C THR L 374 45.78 -47.80 -37.35
N ASP L 375 45.79 -47.49 -36.05
CA ASP L 375 47.01 -47.08 -35.37
C ASP L 375 47.81 -48.29 -34.90
N ALA L 376 47.31 -49.50 -35.13
CA ALA L 376 48.16 -50.68 -34.92
C ALA L 376 48.69 -51.17 -36.27
N GLU L 377 49.31 -50.23 -37.00
CA GLU L 377 49.74 -50.46 -38.36
C GLU L 377 51.06 -51.20 -38.42
N GLY L 378 51.88 -51.04 -37.36
CA GLY L 378 53.20 -51.64 -37.32
C GLY L 378 53.17 -53.14 -37.51
N ARG L 379 52.27 -53.82 -36.79
CA ARG L 379 52.20 -55.28 -36.87
C ARG L 379 51.76 -55.74 -38.25
N LEU L 380 51.03 -54.91 -38.99
CA LEU L 380 50.58 -55.25 -40.34
C LEU L 380 51.74 -55.24 -41.35
N THR L 381 52.55 -54.18 -41.31
CA THR L 381 53.73 -54.11 -42.18
C THR L 381 54.72 -55.19 -41.80
N LEU L 382 54.79 -55.51 -40.51
CA LEU L 382 55.73 -56.52 -40.04
C LEU L 382 55.29 -57.94 -40.44
N ALA L 383 53.99 -58.16 -40.43
CA ALA L 383 53.44 -59.46 -40.86
C ALA L 383 53.92 -59.84 -42.24
N ASP L 384 53.86 -58.90 -43.18
CA ASP L 384 54.26 -59.19 -44.56
C ASP L 384 55.77 -59.27 -44.72
N ALA L 385 56.49 -58.50 -43.90
CA ALA L 385 57.94 -58.53 -43.92
C ALA L 385 58.47 -59.87 -43.39
N LEU L 386 57.78 -60.45 -42.42
CA LEU L 386 58.19 -61.72 -41.82
C LEU L 386 57.94 -62.89 -42.78
N VAL L 387 56.81 -62.85 -43.47
CA VAL L 387 56.55 -63.82 -44.53
C VAL L 387 57.63 -63.76 -45.61
N TYR L 388 57.98 -62.54 -46.04
CA TYR L 388 59.06 -62.35 -47.00
C TYR L 388 60.38 -62.85 -46.44
N ALA L 389 60.61 -62.61 -45.15
CA ALA L 389 61.87 -63.00 -44.51
C ALA L 389 62.02 -64.50 -44.46
N GLU L 390 60.93 -65.21 -44.13
CA GLU L 390 61.05 -66.65 -43.99
C GLU L 390 61.26 -67.33 -45.34
N LYS L 391 60.74 -66.73 -46.41
CA LYS L 391 60.93 -67.26 -47.76
C LYS L 391 62.41 -67.19 -48.20
N LEU L 392 63.26 -66.56 -47.39
CA LEU L 392 64.68 -66.48 -47.67
C LEU L 392 65.43 -67.70 -47.11
N GLY L 393 64.76 -68.45 -46.25
CA GLY L 393 65.34 -69.64 -45.66
C GLY L 393 66.52 -69.35 -44.76
N VAL L 394 66.31 -68.48 -43.78
CA VAL L 394 67.38 -68.15 -42.86
C VAL L 394 67.32 -69.04 -41.61
N ASP L 395 68.31 -68.91 -40.74
CA ASP L 395 68.32 -69.67 -39.50
C ASP L 395 67.65 -68.89 -38.38
N TYR L 396 67.81 -67.58 -38.38
CA TYR L 396 67.12 -66.75 -37.42
C TYR L 396 66.49 -65.53 -38.09
N ILE L 397 65.26 -65.23 -37.71
CA ILE L 397 64.66 -63.94 -38.05
C ILE L 397 64.61 -63.11 -36.78
N VAL L 398 65.13 -61.89 -36.82
CA VAL L 398 64.98 -61.01 -35.66
C VAL L 398 64.36 -59.72 -36.13
N ASP L 399 63.25 -59.32 -35.52
CA ASP L 399 62.66 -58.05 -35.87
C ASP L 399 62.78 -57.09 -34.69
N ILE L 400 63.00 -55.81 -35.01
CA ILE L 400 63.07 -54.75 -34.01
C ILE L 400 62.13 -53.62 -34.44
N ALA L 401 61.37 -53.09 -33.48
CA ALA L 401 60.23 -52.24 -33.80
C ALA L 401 59.81 -51.40 -32.61
N THR L 402 59.33 -50.19 -32.90
CA THR L 402 58.63 -49.37 -31.93
C THR L 402 57.16 -49.76 -31.98
N LEU L 403 56.83 -50.90 -31.41
CA LEU L 403 55.51 -51.47 -31.71
C LEU L 403 54.41 -51.01 -30.75
N THR L 404 54.64 -51.07 -29.44
CA THR L 404 53.56 -50.83 -28.50
C THR L 404 53.90 -49.80 -27.42
N GLY L 405 53.05 -48.79 -27.27
CA GLY L 405 53.22 -47.82 -26.20
C GLY L 405 53.25 -48.45 -24.81
N ALA L 406 52.65 -49.64 -24.67
CA ALA L 406 52.58 -50.32 -23.39
C ALA L 406 53.97 -50.62 -22.81
N MET L 407 54.97 -50.76 -23.69
CA MET L 407 56.34 -50.93 -23.26
C MET L 407 56.74 -49.86 -22.24
N LEU L 408 56.15 -48.67 -22.35
CA LEU L 408 56.45 -47.64 -21.37
C LEU L 408 55.98 -48.03 -19.97
N TYR L 409 55.02 -48.94 -19.89
CA TYR L 409 54.47 -49.28 -18.58
C TYR L 409 55.06 -50.57 -18.06
N SER L 410 55.72 -51.31 -18.94
CA SER L 410 56.31 -52.58 -18.52
C SER L 410 57.78 -52.36 -18.15
N LEU L 411 58.62 -52.11 -19.15
CA LEU L 411 60.05 -51.96 -18.90
C LEU L 411 60.49 -50.50 -18.80
N GLY L 412 59.77 -49.61 -19.47
CA GLY L 412 60.05 -48.18 -19.35
C GLY L 412 60.93 -47.65 -20.47
N THR L 413 61.71 -46.63 -20.14
CA THR L 413 62.59 -45.97 -21.11
C THR L 413 64.02 -46.54 -21.16
N SER L 414 64.37 -47.46 -20.25
CA SER L 414 65.74 -47.99 -20.22
C SER L 414 65.93 -49.35 -20.90
N TYR L 415 65.04 -50.31 -20.64
CA TYR L 415 65.18 -51.65 -21.24
C TYR L 415 64.20 -51.89 -22.37
N ALA L 416 64.68 -52.41 -23.48
CA ALA L 416 63.78 -52.93 -24.51
C ALA L 416 63.25 -54.29 -24.04
N GLY L 417 62.13 -54.73 -24.62
CA GLY L 417 61.63 -56.07 -24.35
C GLY L 417 61.92 -56.99 -25.52
N VAL L 418 62.34 -58.22 -25.24
CA VAL L 418 62.41 -59.21 -26.32
C VAL L 418 61.43 -60.35 -26.08
N PHE L 419 60.74 -60.72 -27.16
CA PHE L 419 59.80 -61.84 -27.21
C PHE L 419 60.24 -62.77 -28.34
N GLY L 420 59.96 -64.06 -28.22
CA GLY L 420 60.30 -64.98 -29.29
C GLY L 420 59.68 -66.34 -29.14
N ASN L 421 59.91 -67.20 -30.14
CA ASN L 421 59.38 -68.56 -30.16
C ASN L 421 60.45 -69.62 -29.87
N ASN L 422 61.63 -69.17 -29.46
CA ASN L 422 62.80 -70.05 -29.41
C ASN L 422 63.79 -69.64 -28.32
N GLU L 423 64.07 -70.55 -27.40
CA GLU L 423 64.86 -70.20 -26.23
C GLU L 423 66.32 -69.96 -26.60
N GLU L 424 66.87 -70.82 -27.46
CA GLU L 424 68.25 -70.67 -27.89
C GLU L 424 68.48 -69.27 -28.46
N LEU L 425 67.57 -68.82 -29.32
CA LEU L 425 67.74 -67.53 -29.98
C LEU L 425 67.66 -66.37 -29.00
N ILE L 426 66.60 -66.37 -28.17
CA ILE L 426 66.40 -65.35 -27.15
C ILE L 426 67.62 -65.23 -26.21
N ASN L 427 68.20 -66.37 -25.85
CA ASN L 427 69.40 -66.36 -25.03
C ASN L 427 70.57 -65.73 -25.77
N LYS L 428 70.64 -65.88 -27.08
CA LYS L 428 71.68 -65.22 -27.84
C LYS L 428 71.48 -63.70 -27.85
N ILE L 429 70.23 -63.28 -28.06
CA ILE L 429 69.87 -61.87 -27.93
C ILE L 429 70.29 -61.32 -26.57
N LEU L 430 69.96 -62.07 -25.51
CA LEU L 430 70.24 -61.63 -24.16
C LEU L 430 71.74 -61.52 -23.92
N GLN L 431 72.50 -62.43 -24.52
CA GLN L 431 73.94 -62.37 -24.42
C GLN L 431 74.49 -61.12 -25.14
N SER L 432 73.91 -60.78 -26.29
CA SER L 432 74.38 -59.62 -27.06
C SER L 432 74.08 -58.32 -26.35
N SER L 433 72.95 -58.29 -25.66
CA SER L 433 72.60 -57.18 -24.79
C SER L 433 73.66 -57.01 -23.70
N LYS L 434 74.19 -58.13 -23.22
CA LYS L 434 75.24 -58.09 -22.22
C LYS L 434 76.49 -57.42 -22.79
N THR L 435 77.00 -57.91 -23.91
CA THR L 435 78.26 -57.39 -24.41
C THR L 435 78.12 -56.02 -25.07
N SER L 436 76.93 -55.70 -25.61
CA SER L 436 76.73 -54.40 -26.25
C SER L 436 76.41 -53.30 -25.24
N ASN L 437 76.01 -53.71 -24.04
CA ASN L 437 75.51 -52.80 -22.99
C ASN L 437 74.30 -51.96 -23.39
N GLU L 438 73.50 -52.51 -24.32
CA GLU L 438 72.16 -52.00 -24.60
C GLU L 438 71.14 -52.94 -23.93
N PRO L 439 70.51 -52.51 -22.82
CA PRO L 439 69.73 -53.39 -21.95
C PRO L 439 68.42 -53.92 -22.56
N VAL L 440 68.24 -55.23 -22.41
CA VAL L 440 67.08 -55.94 -22.94
C VAL L 440 66.57 -56.96 -21.91
N TRP L 441 65.25 -57.13 -21.85
CA TRP L 441 64.63 -58.08 -20.93
C TRP L 441 63.65 -59.03 -21.62
N TRP L 442 63.70 -60.29 -21.21
CA TRP L 442 62.88 -61.32 -21.83
C TRP L 442 61.44 -61.31 -21.32
N LEU L 443 60.49 -61.14 -22.23
CA LEU L 443 59.09 -61.10 -21.88
C LEU L 443 58.36 -62.30 -22.53
N PRO L 444 57.27 -62.76 -21.90
CA PRO L 444 56.67 -64.01 -22.37
C PRO L 444 55.64 -63.81 -23.49
N ILE L 445 55.51 -64.78 -24.37
CA ILE L 445 54.36 -64.81 -25.26
C ILE L 445 53.32 -65.73 -24.64
N ILE L 446 52.35 -65.15 -23.94
CA ILE L 446 51.35 -65.92 -23.21
C ILE L 446 50.26 -66.47 -24.13
N ASN L 447 50.32 -67.77 -24.40
CA ASN L 447 49.45 -68.40 -25.38
C ASN L 447 47.98 -68.34 -25.02
N GLU L 448 47.68 -68.27 -23.73
CA GLU L 448 46.30 -68.19 -23.27
C GLU L 448 45.56 -66.98 -23.87
N TYR L 449 46.27 -65.90 -24.17
CA TYR L 449 45.64 -64.71 -24.75
C TYR L 449 45.28 -64.89 -26.24
N ARG L 450 45.84 -65.92 -26.87
CA ARG L 450 45.75 -66.08 -28.33
C ARG L 450 44.31 -66.08 -28.82
N ALA L 451 43.39 -66.60 -28.01
CA ALA L 451 41.98 -66.68 -28.40
C ALA L 451 41.32 -65.32 -28.63
N THR L 452 41.90 -64.23 -28.11
CA THR L 452 41.30 -62.93 -28.36
C THR L 452 41.57 -62.45 -29.79
N LEU L 453 42.45 -63.12 -30.50
CA LEU L 453 42.71 -62.73 -31.87
C LEU L 453 41.81 -63.48 -32.86
N ASN L 454 40.89 -64.30 -32.33
CA ASN L 454 39.94 -65.04 -33.17
C ASN L 454 38.84 -64.17 -33.75
N SER L 455 39.05 -63.66 -34.95
CA SER L 455 38.05 -62.82 -35.61
C SER L 455 36.79 -63.61 -35.97
N LYS L 456 35.64 -62.94 -35.92
CA LYS L 456 34.39 -63.57 -36.30
C LYS L 456 34.35 -63.78 -37.82
N TYR L 457 34.96 -62.88 -38.58
CA TYR L 457 34.83 -62.92 -40.03
C TYR L 457 36.14 -63.21 -40.76
N ALA L 458 37.26 -62.73 -40.23
CA ALA L 458 38.55 -62.94 -40.87
C ALA L 458 39.21 -64.18 -40.30
N ASP L 459 40.34 -64.59 -40.87
CA ASP L 459 41.17 -65.64 -40.30
C ASP L 459 41.68 -65.26 -38.92
N ILE L 460 41.90 -63.97 -38.72
CA ILE L 460 42.45 -63.47 -37.47
C ILE L 460 42.21 -61.96 -37.24
N ASN L 461 42.17 -61.55 -35.97
CA ASN L 461 42.10 -60.14 -35.55
C ASN L 461 43.45 -59.47 -35.44
N GLN L 462 43.54 -58.25 -35.94
CA GLN L 462 44.73 -57.43 -35.78
C GLN L 462 44.96 -57.08 -34.31
N ILE L 463 43.88 -56.69 -33.62
CA ILE L 463 43.97 -56.30 -32.22
C ILE L 463 43.00 -57.04 -31.32
N SER L 464 43.34 -57.06 -30.04
CA SER L 464 42.49 -57.63 -29.02
C SER L 464 41.52 -56.57 -28.51
N SER L 465 40.29 -56.96 -28.25
CA SER L 465 39.35 -56.02 -27.69
C SER L 465 39.17 -56.25 -26.19
N SER L 466 39.77 -57.31 -25.65
CA SER L 466 39.67 -57.55 -24.21
C SER L 466 41.02 -57.51 -23.46
N VAL L 467 42.09 -58.02 -24.05
CA VAL L 467 43.36 -58.15 -23.33
C VAL L 467 44.20 -56.87 -23.40
N LYS L 468 44.61 -56.38 -22.24
CA LYS L 468 45.32 -55.11 -22.16
C LYS L 468 46.85 -55.25 -22.20
N ALA L 469 47.35 -56.48 -22.19
CA ALA L 469 48.77 -56.69 -22.38
C ALA L 469 49.10 -56.54 -23.87
N SER L 470 49.11 -55.31 -24.37
CA SER L 470 49.21 -55.04 -25.80
C SER L 470 50.50 -55.59 -26.44
N SER L 471 51.61 -55.47 -25.71
CA SER L 471 52.90 -55.92 -26.20
C SER L 471 52.88 -57.42 -26.47
N ILE L 472 52.21 -58.16 -25.59
CA ILE L 472 52.17 -59.61 -25.71
C ILE L 472 51.25 -59.99 -26.84
N VAL L 473 50.11 -59.28 -26.93
CA VAL L 473 49.16 -59.54 -28.00
C VAL L 473 49.76 -59.28 -29.36
N ALA L 474 50.53 -58.21 -29.49
CA ALA L 474 51.17 -57.87 -30.73
C ALA L 474 52.15 -58.97 -31.11
N SER L 475 52.81 -59.54 -30.10
CA SER L 475 53.73 -60.65 -30.33
C SER L 475 53.01 -61.93 -30.80
N LEU L 476 51.89 -62.25 -30.16
CA LEU L 476 51.05 -63.37 -30.61
C LEU L 476 50.64 -63.21 -32.06
N PHE L 477 50.33 -61.98 -32.45
CA PHE L 477 49.92 -61.71 -33.81
C PHE L 477 51.09 -61.94 -34.77
N LEU L 478 52.23 -61.31 -34.49
CA LEU L 478 53.42 -61.47 -35.32
C LEU L 478 53.82 -62.94 -35.47
N LYS L 479 53.61 -63.72 -34.40
CA LYS L 479 54.07 -65.10 -34.39
C LYS L 479 53.29 -65.98 -35.38
N GLU L 480 52.09 -65.55 -35.74
CA GLU L 480 51.29 -66.27 -36.74
C GLU L 480 51.92 -66.21 -38.12
N PHE L 481 52.86 -65.29 -38.32
CA PHE L 481 53.42 -65.10 -39.65
C PHE L 481 54.85 -65.65 -39.77
N VAL L 482 55.27 -66.42 -38.78
CA VAL L 482 56.51 -67.19 -38.85
C VAL L 482 56.16 -68.65 -38.54
N GLN L 483 56.29 -69.53 -39.52
CA GLN L 483 55.83 -70.90 -39.33
C GLN L 483 56.91 -71.83 -38.78
N ASN L 484 58.09 -71.85 -39.38
CA ASN L 484 59.09 -72.83 -38.99
C ASN L 484 60.51 -72.28 -38.89
N THR L 485 60.65 -71.07 -38.37
CA THR L 485 61.95 -70.44 -38.21
C THR L 485 62.08 -69.85 -36.82
N ALA L 486 63.23 -70.05 -36.17
CA ALA L 486 63.52 -69.39 -34.91
C ALA L 486 63.42 -67.87 -35.10
N TRP L 487 62.61 -67.24 -34.27
CA TRP L 487 62.28 -65.83 -34.43
C TRP L 487 62.23 -65.11 -33.10
N ALA L 488 62.78 -63.90 -33.07
CA ALA L 488 62.73 -63.07 -31.88
C ALA L 488 62.31 -61.67 -32.29
N HIS L 489 61.76 -60.95 -31.33
CA HIS L 489 61.09 -59.70 -31.59
C HIS L 489 61.48 -58.71 -30.49
N ILE L 490 61.99 -57.56 -30.89
CA ILE L 490 62.42 -56.57 -29.91
C ILE L 490 61.56 -55.33 -30.00
N ASP L 491 60.90 -54.99 -28.91
CA ASP L 491 60.01 -53.84 -28.89
C ASP L 491 60.73 -52.67 -28.25
N ILE L 492 61.04 -51.65 -29.07
CA ILE L 492 61.83 -50.52 -28.59
C ILE L 492 61.00 -49.24 -28.53
N ALA L 493 59.68 -49.38 -28.56
CA ALA L 493 58.79 -48.24 -28.45
C ALA L 493 59.11 -47.30 -27.28
N GLY L 494 59.45 -47.86 -26.12
CA GLY L 494 59.68 -47.00 -24.96
C GLY L 494 61.11 -46.52 -24.84
N VAL L 495 61.99 -47.16 -25.59
CA VAL L 495 63.41 -47.09 -25.36
C VAL L 495 64.15 -46.29 -26.46
N SER L 496 63.45 -46.01 -27.54
CA SER L 496 64.10 -45.49 -28.73
C SER L 496 64.42 -44.01 -28.67
N TRP L 497 63.61 -43.24 -27.94
CA TRP L 497 63.79 -41.81 -27.90
C TRP L 497 64.24 -41.33 -26.52
N ASN L 498 65.30 -40.52 -26.48
CA ASN L 498 65.81 -39.95 -25.23
C ASN L 498 65.10 -38.65 -24.85
N PHE L 499 64.09 -38.77 -23.98
CA PHE L 499 63.24 -37.64 -23.66
C PHE L 499 63.95 -36.51 -22.93
N LYS L 500 64.95 -36.83 -22.11
CA LYS L 500 65.68 -35.79 -21.39
C LYS L 500 66.52 -34.98 -22.37
N ALA L 501 67.18 -35.68 -23.29
CA ALA L 501 68.13 -35.08 -24.22
C ALA L 501 67.47 -34.52 -25.48
N ARG L 502 66.20 -34.86 -25.67
CA ARG L 502 65.42 -34.49 -26.86
C ARG L 502 66.05 -34.99 -28.16
N LYS L 503 66.45 -36.25 -28.17
CA LYS L 503 67.08 -36.83 -29.36
C LYS L 503 66.96 -38.35 -29.38
N PRO L 504 67.17 -38.97 -30.55
CA PRO L 504 67.14 -40.44 -30.58
C PRO L 504 68.31 -41.04 -29.78
N LYS L 505 68.17 -42.28 -29.35
CA LYS L 505 69.30 -43.00 -28.80
C LYS L 505 70.05 -43.79 -29.88
N GLY L 506 69.39 -43.97 -31.03
CA GLY L 506 69.87 -44.90 -32.04
C GLY L 506 69.93 -46.30 -31.44
N PHE L 507 68.95 -46.59 -30.59
CA PHE L 507 68.91 -47.85 -29.86
C PHE L 507 68.78 -49.08 -30.78
N GLY L 508 69.64 -50.06 -30.54
CA GLY L 508 69.56 -51.34 -31.24
C GLY L 508 70.68 -51.63 -32.21
N VAL L 509 71.35 -50.60 -32.70
CA VAL L 509 72.42 -50.77 -33.65
C VAL L 509 73.48 -51.69 -33.07
N ARG L 510 73.96 -51.33 -31.89
CA ARG L 510 75.06 -52.04 -31.26
C ARG L 510 74.64 -53.44 -30.81
N LEU L 511 73.42 -53.53 -30.29
CA LEU L 511 72.82 -54.80 -29.91
C LEU L 511 72.78 -55.82 -31.07
N LEU L 512 72.27 -55.40 -32.22
CA LEU L 512 72.17 -56.29 -33.39
C LEU L 512 73.55 -56.66 -33.96
N THR L 513 74.53 -55.80 -33.79
CA THR L 513 75.85 -56.06 -34.35
C THR L 513 76.61 -57.06 -33.50
N GLU L 514 76.50 -56.95 -32.18
CA GLU L 514 77.08 -57.96 -31.32
C GLU L 514 76.41 -59.31 -31.56
N PHE L 515 75.10 -59.31 -31.83
CA PHE L 515 74.40 -60.55 -32.14
C PHE L 515 75.02 -61.24 -33.36
N VAL L 516 75.22 -60.47 -34.44
CA VAL L 516 75.89 -60.98 -35.63
C VAL L 516 77.32 -61.44 -35.34
N LEU L 517 78.10 -60.58 -34.71
CA LEU L 517 79.51 -60.82 -34.43
C LEU L 517 79.79 -62.02 -33.50
N ASN L 518 78.95 -62.24 -32.49
CA ASN L 518 79.18 -63.35 -31.55
C ASN L 518 78.86 -64.76 -32.10
N ASP L 519 77.69 -64.93 -32.71
CA ASP L 519 77.24 -66.24 -33.18
C ASP L 519 76.05 -66.16 -34.14
CBA J4V M . -27.64 29.07 33.52
CAZ J4V M . -28.93 29.18 32.74
CBF J4V M . -29.02 30.64 32.15
CBC J4V M . -27.78 30.91 31.26
CBB J4V M . -27.81 29.89 30.10
CBD J4V M . -26.50 30.69 32.11
CBE J4V M . -26.76 29.36 32.45
CBG J4V M . -26.43 28.30 31.53
CAY J4V M . -27.70 28.42 30.68
CAW J4V M . -28.89 28.15 31.56
CAV J4V M . -28.89 26.68 32.06
OAX J4V M . -28.16 25.79 31.58
N J4V M . -29.85 26.40 32.94
CA J4V M . -30.05 25.05 33.46
C J4V M . -30.55 25.25 34.88
O J4V M . -31.32 26.17 35.15
NAS J4V M . -29.96 24.46 35.78
OAT J4V M . -30.29 24.61 37.18
CAC J4V M . -30.95 24.34 32.64
CAD J4V M . -31.20 23.00 32.88
CAE J4V M . -32.10 22.29 32.08
CAB J4V M . -31.60 24.98 31.57
CAA J4V M . -32.49 24.29 30.76
CAF J4V M . -32.74 22.93 31.02
CAG J4V M . -33.63 22.20 30.22
CAH J4V M . -34.66 22.86 29.55
CAI J4V M . -35.54 22.12 28.76
FAO J4V M . -36.58 22.72 28.04
CAJ J4V M . -35.41 20.75 28.66
FAN J4V M . -36.32 20.08 27.88
CAK J4V M . -34.40 20.08 29.33
FAM J4V M . -34.29 18.69 29.21
CAL J4V M . -33.51 20.81 30.12
C CO3 N . -26.71 25.47 37.00
O1 CO3 N . -26.76 25.70 35.72
O2 CO3 N . -27.65 24.77 37.58
O3 CO3 N . -25.73 25.97 37.69
ZN ZN O . -31.60 26.72 37.03
S SO4 P . -46.43 0.01 49.78
O1 SO4 P . -46.13 -0.29 48.38
O2 SO4 P . -46.23 -1.18 50.60
O3 SO4 P . -45.57 1.10 50.25
O4 SO4 P . -47.84 0.44 49.87
S SO4 Q . -53.85 -17.14 30.97
O1 SO4 Q . -52.73 -16.21 30.80
O2 SO4 Q . -53.61 -18.39 30.21
O3 SO4 Q . -53.94 -17.50 32.39
O4 SO4 Q . -55.06 -16.51 30.49
S SO4 R . -43.28 36.73 49.43
O1 SO4 R . -42.48 37.90 49.06
O2 SO4 R . -42.57 35.53 49.00
O3 SO4 R . -43.47 36.72 50.87
O4 SO4 R . -44.57 36.80 48.75
S SO4 S . -18.12 39.91 34.14
O1 SO4 S . -16.95 39.72 35.00
O2 SO4 S . -18.04 39.06 32.95
O3 SO4 S . -19.32 39.56 34.92
O4 SO4 S . -18.22 41.30 33.71
S DMS T . -42.10 25.97 26.60
O DMS T . -42.67 26.66 25.41
C1 DMS T . -41.93 27.20 27.90
C2 DMS T . -43.39 24.90 27.33
C12 1PE U . -41.85 -25.29 33.36
C22 1PE U . -43.27 -25.61 32.92
OH3 1PE U . -43.78 -26.60 33.76
C13 1PE U . -44.32 -28.92 33.69
C23 1PE U . -44.62 -27.52 33.15
OH4 1PE U . -44.10 -29.79 32.61
C14 1PE U . -42.56 -31.39 31.66
C24 1PE U . -43.29 -30.90 32.91
OH5 1PE U . -41.23 -30.94 31.72
C15 1PE U . -38.99 -31.14 30.98
C25 1PE U . -40.27 -31.89 31.36
OH6 1PE U . -39.30 -29.80 30.74
C16 1PE U . -38.82 -27.51 30.85
C26 1PE U . -38.60 -28.87 31.49
OH7 1PE U . -39.71 -26.78 31.66
C12 1PE V . -36.12 -2.49 52.99
C22 1PE V . -37.34 -2.22 52.12
OH3 1PE V . -36.91 -1.51 50.99
C13 1PE V . -37.79 -2.79 49.20
C23 1PE V . -37.85 -1.46 49.94
OH4 1PE V . -38.79 -2.82 48.20
C14 1PE V . -39.42 -4.93 49.05
C24 1PE V . -39.20 -4.10 47.80
OH5 1PE V . -39.83 -6.23 48.67
C15 1PE V . -39.71 -8.59 48.94
C25 1PE V . -39.05 -7.24 49.26
OH6 1PE V . -38.73 -9.58 49.14
CBA J4V W . -39.79 51.24 32.24
CAZ J4V W . -39.05 50.44 31.17
CBF J4V W . -40.10 49.76 30.23
CBC J4V W . -40.99 50.83 29.58
CBB J4V W . -40.13 51.82 28.74
CBD J4V W . -41.68 51.65 30.72
CBE J4V W . -40.47 52.09 31.31
CBG J4V W . -39.79 53.25 30.77
CAY J4V W . -39.07 52.50 29.66
CAW J4V W . -38.17 51.41 30.30
CAV J4V W . -37.03 52.07 31.10
OAX J4V W . -36.50 53.10 30.69
N J4V W . -36.62 51.41 32.22
CA J4V W . -35.51 51.93 33.04
C J4V W . -35.68 51.52 34.51
O J4V W . -35.89 50.35 34.83
NAS J4V W . -35.58 52.53 35.39
OAT J4V W . -35.71 52.22 36.74
CAC J4V W . -34.26 51.47 32.58
CAD J4V W . -33.11 52.06 33.11
CAE J4V W . -31.86 51.64 32.68
CAB J4V W . -34.15 50.45 31.64
CAA J4V W . -32.90 50.03 31.22
CAF J4V W . -31.76 50.62 31.76
CAG J4V W . -30.50 50.19 31.32
CAH J4V W . -30.38 48.95 30.73
CAI J4V W . -29.16 48.49 30.27
FAO J4V W . -29.06 47.24 29.72
CAJ J4V W . -28.05 49.30 30.39
FAN J4V W . -26.82 48.88 29.96
CAK J4V W . -28.15 50.54 30.96
FAM J4V W . -27.02 51.30 31.07
CAL J4V W . -29.38 51.01 31.42
C CO3 X . -38.24 55.45 35.66
O1 CO3 X . -37.45 54.82 36.49
O2 CO3 X . -39.28 56.05 36.09
O3 CO3 X . -37.98 55.51 34.40
ZN ZN Y . -36.91 50.14 36.66
S SO4 Z . -53.54 54.85 28.28
O1 SO4 Z . -52.51 55.57 27.53
O2 SO4 Z . -52.93 53.69 28.94
O3 SO4 Z . -54.57 54.41 27.34
O4 SO4 Z . -54.14 55.72 29.29
S DMS AA . -10.80 52.14 56.81
O DMS AA . -10.30 52.07 55.40
C1 DMS AA . -11.03 53.87 57.29
C2 DMS AA . -12.48 51.47 57.00
S DMS BA . -29.50 39.99 29.46
O DMS BA . -29.53 41.42 29.01
C1 DMS BA . -30.54 39.75 30.93
C2 DMS BA . -30.36 38.96 28.22
S DMS CA . -40.42 53.51 60.90
O DMS CA . -39.15 52.75 61.18
C1 DMS CA . -41.80 52.66 61.70
C2 DMS CA . -40.33 55.11 61.77
C22 1PE DA . -13.04 55.89 59.37
OH3 1PE DA . -13.74 54.69 59.20
C13 1PE DA . -15.74 53.86 60.32
C23 1PE DA . -14.23 54.09 60.39
OH4 1PE DA . -16.28 54.26 61.56
C14 1PE DA . -18.02 55.39 62.76
C24 1PE DA . -17.67 54.43 61.61
OH5 1PE DA . -18.64 56.54 62.23
C25 1PE DA . -18.28 57.76 62.85
CBA J4V EA . -52.19 31.11 29.00
CAZ J4V EA . -52.46 31.58 27.55
CBF J4V EA . -51.57 30.74 26.60
CBC J4V EA . -51.86 29.24 26.78
CBB J4V EA . -53.33 28.99 26.42
CBD J4V EA . -51.62 28.84 28.26
CBE J4V EA . -52.58 29.77 28.77
CBG J4V EA . -54.00 29.42 28.79
CAY J4V EA . -54.27 29.83 27.36
CAW J4V EA . -53.92 31.35 27.17
CAV J4V EA . -54.94 32.30 27.84
OAX J4V EA . -56.00 32.56 27.27
N J4V EA . -54.67 32.90 29.01
CA J4V EA . -55.71 33.80 29.55
C J4V EA . -55.53 34.00 31.05
O J4V EA . -54.44 34.34 31.51
NAS J4V EA . -56.65 33.82 31.77
OAT J4V EA . -56.57 34.00 33.23
CAC J4V EA . -55.76 35.07 28.92
CAD J4V EA . -56.92 35.82 28.99
CAE J4V EA . -57.01 37.08 28.40
CAB J4V EA . -54.66 35.59 28.25
CAA J4V EA . -54.75 36.85 27.65
CAF J4V EA . -55.91 37.61 27.72
CAG J4V EA . -55.97 38.87 27.09
CAH J4V EA . -54.78 39.50 26.69
CAI J4V EA . -54.83 40.73 26.05
FAO J4V EA . -53.75 41.36 25.67
CAJ J4V EA . -56.03 41.35 25.81
FAN J4V EA . -55.99 42.57 25.17
CAK J4V EA . -57.21 40.74 26.19
FAM J4V EA . -58.42 41.39 25.91
CAL J4V EA . -57.19 39.50 26.83
C CO3 FA . -57.95 30.19 31.92
O1 CO3 FA . -57.83 29.10 32.54
O2 CO3 FA . -58.10 31.31 32.58
O3 CO3 FA . -57.89 30.16 30.61
ZN ZN GA . -54.37 33.91 33.61
S SO4 HA . -48.84 16.41 28.44
O1 SO4 HA . -49.75 16.55 27.32
O2 SO4 HA . -47.79 15.47 28.08
O3 SO4 HA . -49.53 15.87 29.61
O4 SO4 HA . -48.23 17.71 28.74
S SO4 IA . -73.38 57.67 47.12
O1 SO4 IA . -71.99 57.67 47.55
O2 SO4 IA . -73.47 56.78 45.96
O3 SO4 IA . -74.24 57.18 48.20
O4 SO4 IA . -73.82 59.01 46.74
S SO4 JA . -66.68 16.36 17.87
O1 SO4 JA . -65.21 16.38 17.87
O2 SO4 JA . -67.18 14.99 18.12
O3 SO4 JA . -67.21 17.23 18.93
O4 SO4 JA . -67.17 16.83 16.56
C12 1PE KA . -80.63 56.00 47.14
C22 1PE KA . -80.69 55.08 45.92
OH3 1PE KA . -81.54 55.64 44.96
C13 1PE KA . -80.32 55.12 43.03
C23 1PE KA . -81.64 54.92 43.76
OH4 1PE KA . -79.79 53.84 42.80
C14 1PE KA . -78.25 52.15 43.47
C24 1PE KA . -78.57 53.63 43.45
OH5 1PE KA . -78.99 51.58 44.51
C15 1PE KA . -79.24 49.91 46.18
C25 1PE KA . -78.47 50.36 44.95
OH6 1PE KA . -80.51 50.50 46.14
C16 1PE KA . -82.75 50.63 46.91
C26 1PE KA . -81.39 49.96 47.08
OH7 1PE KA . -82.65 51.98 47.28
C12 1PE LA . -76.05 49.06 53.41
C22 1PE LA . -74.76 49.64 54.01
OH3 1PE LA . -73.92 50.19 53.02
C13 1PE LA . -72.99 52.11 51.95
C23 1PE LA . -73.50 51.50 53.27
OH4 1PE LA . -73.50 53.40 51.78
C14 1PE LA . -75.16 54.49 50.45
C24 1PE LA . -73.80 53.78 50.46
OH5 1PE LA . -75.68 54.60 49.15
C15 1PE LA . -77.82 53.61 49.68
C25 1PE LA . -76.61 53.62 48.75
OH6 1PE LA . -78.69 52.56 49.33
CBA J4V MA . -51.37 37.93 6.97
CAZ J4V MA . -50.46 37.17 7.91
CBF J4V MA . -49.67 38.21 8.77
CBC J4V MA . -50.67 39.11 9.53
CBB J4V MA . -51.51 38.22 10.50
CBD J4V MA . -51.62 39.80 8.50
CBE J4V MA . -52.12 38.62 7.98
CBG J4V MA . -53.21 37.94 8.64
CAY J4V MA . -52.32 37.19 9.65
CAW J4V MA . -51.32 36.30 8.88
CAV J4V MA . -52.04 35.19 8.12
OAX J4V MA . -53.11 34.71 8.50
N J4V MA . -51.33 34.67 7.11
CA J4V MA . -51.81 33.51 6.36
C J4V MA . -51.05 33.48 5.03
O J4V MA . -49.85 33.70 5.02
NAS J4V MA . -51.80 33.19 3.93
OAT J4V MA . -51.08 33.14 2.57
CAC J4V MA . -51.49 32.32 7.06
CAD J4V MA . -52.12 31.12 6.76
CAE J4V MA . -51.79 29.96 7.48
CAB J4V MA . -50.52 32.33 8.06
CAA J4V MA . -50.18 31.18 8.77
CAF J4V MA . -50.80 29.98 8.48
CAG J4V MA . -50.46 28.81 9.19
CAH J4V MA . -49.28 28.75 9.95
CAI J4V MA . -48.95 27.58 10.64
FAO J4V MA . -47.77 27.48 11.43
CAJ J4V MA . -49.80 26.48 10.59
FAN J4V MA . -49.49 25.33 11.25
CAK J4V MA . -50.96 26.54 9.85
FAM J4V MA . -51.80 25.38 9.82
CAL J4V MA . -51.30 27.69 9.15
C CO3 NA . -54.65 36.05 3.18
O1 CO3 NA . -54.22 35.04 2.47
O2 CO3 NA . -54.80 35.94 4.47
O3 CO3 NA . -54.94 37.17 2.64
ZN ZN OA . -49.25 34.20 3.02
S SO4 PA . -50.97 5.47 -13.19
O1 SO4 PA . -49.78 4.77 -12.73
O2 SO4 PA . -51.70 4.67 -14.18
O3 SO4 PA . -51.87 5.71 -12.07
O4 SO4 PA . -50.58 6.75 -13.76
S SO4 QA . -40.97 15.08 9.81
O1 SO4 QA . -39.82 15.98 9.76
O2 SO4 QA . -40.78 13.98 8.85
O3 SO4 QA . -41.09 14.53 11.16
O4 SO4 QA . -42.17 15.85 9.49
S SO4 RA . -33.84 37.69 -8.55
O1 SO4 RA . -32.67 37.14 -7.88
O2 SO4 RA . -33.66 37.61 -9.99
O3 SO4 RA . -35.02 36.93 -8.15
O4 SO4 RA . -34.01 39.08 -8.12
C12 1PE SA . -57.19 7.06 -17.38
C22 1PE SA . -55.69 7.22 -17.60
OH3 1PE SA . -55.00 7.02 -16.38
C13 1PE SA . -53.14 8.10 -17.45
C23 1PE SA . -53.60 7.01 -16.48
OH4 1PE SA . -51.77 8.33 -17.40
C14 1PE SA . -51.81 10.55 -18.20
C24 1PE SA . -51.30 9.14 -18.44
OH5 1PE SA . -51.70 11.32 -19.37
C15 1PE SA . -53.39 12.60 -20.50
C25 1PE SA . -52.77 11.22 -20.26
OH6 1PE SA . -54.73 12.42 -20.87
OH4 1PE TA . -59.08 5.11 -11.18
C14 1PE TA . -59.19 7.46 -11.64
C24 1PE TA . -58.62 6.10 -12.04
OH5 1PE TA . -58.79 8.43 -12.58
C15 1PE TA . -59.60 8.83 -14.82
C25 1PE TA . -59.82 9.03 -13.33
OH6 1PE TA . -60.83 8.64 -15.46
CBA J4V UA . -28.90 50.34 11.06
CAZ J4V UA . -30.12 49.56 11.47
CBF J4V UA . -29.68 48.24 12.22
CBC J4V UA . -28.80 48.63 13.43
CBB J4V UA . -29.66 49.48 14.39
CBD J4V UA . -27.59 49.47 12.96
CBE J4V UA . -28.34 50.51 12.39
CBG J4V UA . -28.82 51.56 13.21
CAY J4V UA . -30.09 50.79 13.70
CAW J4V UA . -30.95 50.44 12.46
CAV J4V UA . -31.45 51.74 11.79
OAX J4V UA . -31.42 52.83 12.38
N J4V UA . -32.01 51.59 10.59
CA J4V UA . -32.61 52.71 9.87
C J4V UA . -32.65 52.35 8.39
O J4V UA . -32.98 51.20 8.04
NAS J4V UA . -32.29 53.34 7.58
OAT J4V UA . -32.26 53.07 6.16
CAC J4V UA . -33.93 52.90 10.29
CAD J4V UA . -34.65 54.02 9.88
CAE J4V UA . -35.96 54.20 10.29
CAB J4V UA . -34.53 51.95 11.12
CAA J4V UA . -35.85 52.14 11.54
CAF J4V UA . -36.55 53.26 11.11
CAG J4V UA . -37.86 53.43 11.55
CAH J4V UA . -38.60 52.34 11.95
CAI J4V UA . -39.91 52.52 12.40
FAO J4V UA . -40.64 51.47 12.77
CAJ J4V UA . -40.46 53.79 12.46
FAN J4V UA . -41.77 53.99 12.91
CAK J4V UA . -39.69 54.88 12.07
FAM J4V UA . -40.22 56.09 12.13
CAL J4V UA . -38.40 54.70 11.61
C CO3 VA . -28.63 54.39 7.62
O1 CO3 VA . -27.41 54.29 7.22
O2 CO3 VA . -28.90 54.29 8.90
O3 CO3 VA . -29.59 54.56 6.76
ZN ZN WA . -32.02 50.69 5.96
S SO4 XA . -15.68 64.06 22.54
O1 SO4 XA . -14.31 64.46 22.88
O2 SO4 XA . -15.78 62.60 22.57
O3 SO4 XA . -16.62 64.63 23.50
O4 SO4 XA . -16.04 64.56 21.21
S SO4 YA . -52.92 69.18 -12.69
O1 SO4 YA . -52.22 69.74 -13.83
O2 SO4 YA . -52.84 67.72 -12.75
O3 SO4 YA . -52.31 69.64 -11.44
O4 SO4 YA . -54.32 69.61 -12.76
C1 EDO ZA . -47.31 74.62 -8.91
O1 EDO ZA . -48.70 74.88 -9.15
C2 EDO ZA . -46.61 74.16 -10.19
O2 EDO ZA . -45.45 74.96 -10.51
CBA J4V AB . -29.72 24.57 10.12
CAZ J4V AB . -29.83 25.84 10.94
CBF J4V AB . -31.34 26.13 11.22
CBC J4V AB . -31.96 24.92 11.93
CBB J4V AB . -31.22 24.71 13.31
CBD J4V AB . -31.81 23.67 11.05
CBE J4V AB . -30.40 23.70 11.05
CBG J4V AB . -29.66 23.11 12.16
CAY J4V AB . -29.72 24.38 13.04
CAW J4V AB . -29.08 25.60 12.30
CAV J4V AB . -27.57 25.44 12.01
OAX J4V AB . -26.86 24.61 12.57
N J4V AB . -27.06 26.31 11.11
CA J4V AB . -25.65 26.31 10.72
C J4V AB . -25.58 26.68 9.23
O J4V AB . -26.14 27.69 8.80
NAS J4V AB . -24.89 25.83 8.45
OAT J4V AB . -24.80 26.19 6.95
CAC J4V AB . -24.95 27.25 11.48
CAD J4V AB . -23.55 27.29 11.45
CAE J4V AB . -22.84 28.22 12.19
CAB J4V AB . -25.62 28.17 12.28
CAA J4V AB . -24.91 29.11 13.03
CAF J4V AB . -23.52 29.14 13.00
CAG J4V AB . -22.81 30.09 13.75
CAH J4V AB . -23.44 31.25 14.18
CAI J4V AB . -22.75 32.21 14.92
FAO J4V AB . -23.37 33.43 15.37
CAJ J4V AB . -21.42 31.99 15.23
FAN J4V AB . -20.76 32.85 15.92
CAK J4V AB . -20.78 30.84 14.83
FAM J4V AB . -19.41 30.68 15.19
CAL J4V AB . -21.47 29.89 14.07
C CO3 BB . -25.56 22.37 7.56
O1 CO3 BB . -26.14 21.53 6.81
O2 CO3 BB . -25.69 22.21 8.84
O3 CO3 BB . -24.85 23.37 7.06
ZN ZN CB . -26.63 27.58 6.62
S SO4 DB . -15.88 44.71 14.25
O1 SO4 DB . -14.79 45.33 13.45
O2 SO4 DB . -15.94 43.28 13.95
O3 SO4 DB . -15.63 44.90 15.67
O4 SO4 DB . -17.16 45.35 13.91
S SO4 EB . 2.82 38.73 -4.08
O1 SO4 EB . 3.78 39.69 -4.63
O2 SO4 EB . 3.32 37.37 -4.23
O3 SO4 EB . 2.67 39.02 -2.65
O4 SO4 EB . 1.55 38.91 -4.77
C1 EDO FB . -20.77 24.53 -17.63
O1 EDO FB . -20.80 25.85 -17.10
C2 EDO FB . -19.42 23.90 -17.30
O2 EDO FB . -19.57 22.48 -17.24
C1 EDO GB . -36.44 21.26 18.14
O1 EDO GB . -37.87 21.24 18.10
C2 EDO GB . -35.89 20.80 16.79
O2 EDO GB . -34.45 20.85 16.79
C13 1PE HB . 6.11 32.60 -1.02
C23 1PE HB . 7.58 32.26 -0.77
OH4 1PE HB . 5.34 31.45 -0.83
C14 1PE HB . 4.17 29.90 -2.16
C24 1PE HB . 4.20 31.34 -1.65
OH5 1PE HB . 3.45 29.84 -3.35
C15 1PE HB . 4.69 28.10 -4.45
C25 1PE HB . 4.24 29.56 -4.48
OH6 1PE HB . 5.96 28.03 -5.03
C13 1PE IB . 0.30 31.33 -11.66
C23 1PE IB . 1.74 30.83 -11.72
OH4 1PE IB . 0.35 32.74 -11.69
C14 1PE IB . -0.20 34.86 -10.65
C24 1PE IB . -0.61 33.39 -10.91
OH5 1PE IB . 0.99 34.89 -9.91
C15 1PE IB . 2.35 35.91 -8.22
C25 1PE IB . 0.93 35.65 -8.72
OH6 1PE IB . 2.49 35.39 -6.92
CBA J4V JB . 47.61 -44.87 -9.18
CAZ J4V JB . 48.08 -45.52 -10.49
CBF J4V JB . 48.65 -44.40 -11.44
CBC J4V JB . 49.81 -43.67 -10.73
CBB J4V JB . 50.95 -44.69 -10.39
CBD J4V JB . 49.27 -43.08 -9.42
CBE J4V JB . 48.88 -44.32 -8.85
CBG J4V JB . 49.81 -45.15 -8.20
CAY J4V JB . 50.37 -45.83 -9.46
CAW J4V JB . 49.22 -46.55 -10.21
CAV J4V JB . 48.74 -47.85 -9.54
OAX J4V JB . 49.32 -48.89 -9.79
N J4V JB . 47.65 -47.83 -8.75
CA J4V JB . 47.17 -49.07 -8.11
C J4V JB . 46.50 -48.71 -6.79
O J4V JB . 45.64 -47.83 -6.72
NAS J4V JB . 46.95 -49.43 -5.75
OAT J4V JB . 46.37 -49.14 -4.47
CAC J4V JB . 46.26 -49.81 -8.92
CAD J4V JB . 46.07 -51.17 -8.67
CAE J4V JB . 45.17 -51.92 -9.44
CAB J4V JB . 45.55 -49.20 -9.95
CAA J4V JB . 44.66 -49.95 -10.71
CAF J4V JB . 44.47 -51.31 -10.46
CAG J4V JB . 43.57 -52.03 -11.23
CAH J4V JB . 42.56 -51.37 -11.91
CAI J4V JB . 41.65 -52.07 -12.69
FAO J4V JB . 40.62 -51.42 -13.38
CAJ J4V JB . 41.74 -53.44 -12.78
FAN J4V JB . 40.85 -54.11 -13.53
CAK J4V JB . 42.76 -54.11 -12.11
FAM J4V JB . 42.86 -55.48 -12.21
CAL J4V JB . 43.68 -53.41 -11.33
C CO3 KB . 50.93 -49.10 -4.58
O1 CO3 KB . 51.35 -49.17 -5.81
O2 CO3 KB . 49.84 -49.73 -4.16
O3 CO3 KB . 51.62 -48.38 -3.78
ZN ZN LB . 45.48 -47.47 -4.63
S SO4 MB . 30.63 -74.16 8.34
O1 SO4 MB . 32.05 -73.84 8.36
O2 SO4 MB . 30.41 -75.14 7.29
O3 SO4 MB . 30.24 -74.67 9.64
O4 SO4 MB . 29.83 -72.99 8.02
S SO4 NB . 59.30 -34.59 -7.67
O1 SO4 NB . 60.35 -34.75 -8.66
O2 SO4 NB . 59.83 -34.88 -6.33
O3 SO4 NB . 58.21 -35.49 -8.01
O4 SO4 NB . 58.81 -33.20 -7.70
S DMS OB . 34.75 -47.74 -14.63
O DMS OB . 36.11 -47.70 -14.03
C1 DMS OB . 34.57 -46.34 -15.78
C2 DMS OB . 34.69 -49.16 -15.78
C1 EDO PB . 23.11 -62.17 3.91
O1 EDO PB . 22.70 -63.44 3.36
C2 EDO PB . 24.61 -62.14 4.18
O2 EDO PB . 24.94 -62.76 5.44
C13 1PE QB . 36.99 -79.14 6.62
C23 1PE QB . 37.32 -80.27 7.59
OH4 1PE QB . 37.94 -78.10 6.76
C14 1PE QB . 38.56 -75.89 7.53
C24 1PE QB . 37.57 -77.06 7.65
OH5 1PE QB . 39.65 -76.10 8.40
C15 1PE QB . 40.63 -76.32 10.57
C25 1PE QB . 39.38 -75.94 9.78
OH6 1PE QB . 40.25 -77.15 11.66
C13 1PE RB . 36.22 -75.37 11.93
C23 1PE RB . 36.76 -76.05 13.20
OH4 1PE RB . 34.82 -75.42 11.96
C14 1PE RB . 33.16 -73.76 12.61
C24 1PE RB . 34.16 -74.26 11.54
OH5 1PE RB . 33.33 -72.38 12.82
C15 1PE RB . 33.76 -70.55 14.28
C25 1PE RB . 33.20 -71.97 14.16
OH6 1PE RB . 34.69 -70.50 15.34
CBA J4V SB . 37.43 -21.36 -9.92
CAZ J4V SB . 37.92 -22.83 -9.83
CBF J4V SB . 36.80 -23.76 -10.29
CBC J4V SB . 36.40 -23.38 -11.73
CBB J4V SB . 37.64 -23.54 -12.67
CBD J4V SB . 35.93 -21.88 -11.77
CBE J4V SB . 37.14 -21.35 -11.30
CBG J4V SB . 38.19 -21.15 -12.22
CAY J4V SB . 38.75 -22.58 -12.21
CAW J4V SB . 39.13 -22.98 -10.75
CAV J4V SB . 40.29 -22.14 -10.19
OAX J4V SB . 40.76 -21.14 -10.74
N J4V SB . 40.74 -22.67 -9.06
CA J4V SB . 41.84 -22.17 -8.28
C J4V SB . 41.59 -22.64 -6.83
O J4V SB . 41.34 -23.83 -6.59
NAS J4V SB . 41.59 -21.67 -5.92
OAT J4V SB . 41.32 -22.02 -4.53
CAC J4V SB . 43.06 -22.67 -8.77
CAD J4V SB . 44.26 -22.11 -8.32
CAE J4V SB . 45.48 -22.58 -8.77
CAB J4V SB . 43.09 -23.72 -9.69
CAA J4V SB . 44.30 -24.21 -10.14
CAF J4V SB . 45.50 -23.63 -9.68
CAG J4V SB . 46.71 -24.12 -10.14
CAH J4V SB . 46.78 -25.41 -10.66
CAI J4V SB . 48.00 -25.89 -11.14
FAO J4V SB . 48.09 -27.16 -11.65
CAJ J4V SB . 49.14 -25.10 -11.10
FAN J4V SB . 50.38 -25.62 -11.60
CAK J4V SB . 49.06 -23.81 -10.58
FAM J4V SB . 50.23 -23.00 -10.53
CAL J4V SB . 47.85 -23.32 -10.09
C CO3 TB . 39.18 -18.93 -5.83
O1 CO3 TB . 39.48 -18.95 -7.10
O2 CO3 TB . 40.00 -19.46 -4.96
O3 CO3 TB . 38.06 -18.39 -5.45
ZN ZN UB . 40.26 -24.10 -4.94
S SO4 VB . 34.04 -37.51 8.01
O1 SO4 VB . 34.89 -36.40 7.57
O2 SO4 VB . 34.63 -38.75 7.51
O3 SO4 VB . 33.93 -37.47 9.46
O4 SO4 VB . 32.70 -37.38 7.47
S SO4 WB . 66.57 -22.09 15.12
O1 SO4 WB . 67.63 -22.27 14.13
O2 SO4 WB . 66.04 -23.40 15.48
O3 SO4 WB . 67.14 -21.42 16.30
O4 SO4 WB . 65.49 -21.28 14.60
S SO4 XB . 23.43 -19.22 -12.77
O1 SO4 XB . 24.12 -18.39 -13.76
O2 SO4 XB . 24.39 -20.17 -12.23
O3 SO4 XB . 22.35 -19.96 -13.41
O4 SO4 XB . 22.87 -18.38 -11.71
O1 2PE YB . 67.74 -17.80 20.38
C2 2PE YB . 69.10 -17.84 20.72
C3 2PE YB . 69.65 -16.42 20.83
O4 2PE YB . 69.18 -15.79 22.00
C5 2PE YB . 69.55 -14.44 22.06
C6 2PE YB . 68.60 -13.67 22.96
O7 2PE YB . 67.65 -13.01 22.16
C8 2PE YB . 66.75 -12.17 22.85
C9 2PE YB . 65.50 -11.97 21.97
O10 2PE YB . 65.14 -13.18 21.34
C11 2PE YB . 63.90 -13.17 20.66
C12 2PE YB . 63.57 -14.55 20.07
O13 2PE YB . 64.61 -14.98 19.22
C14 2PE YB . 64.21 -15.52 17.99
C15 2PE YB . 65.09 -16.71 17.63
O16 2PE YB . 64.30 -17.85 17.40
C17 2PE YB . 64.73 -19.03 18.03
C18 2PE YB . 63.71 -20.15 17.80
O19 2PE YB . 62.87 -20.27 18.92
C20 2PE YB . 61.56 -20.69 18.64
C21 2PE YB . 60.65 -20.41 19.83
O22 2PE YB . 60.16 -19.09 19.80
C23 2PE YB . 59.55 -18.66 20.99
C24 2PE YB . 59.39 -17.13 21.01
O25 2PE YB . 60.66 -16.52 20.99
C22 1PE ZB . 64.52 -11.41 16.81
OH3 1PE ZB . 63.55 -12.19 16.15
C13 1PE ZB . 63.23 -13.49 14.11
C23 1PE ZB . 63.66 -12.16 14.75
OH4 1PE ZB . 64.38 -14.22 13.79
C14 1PE ZB . 66.31 -13.31 12.69
C24 1PE ZB . 64.99 -14.06 12.53
OH5 1PE ZB . 67.40 -14.16 12.46
C25 1PE ZB . 68.61 -13.69 13.03
C1 EDO AC . 58.99 7.01 3.32
O1 EDO AC . 58.09 6.88 4.43
C2 EDO AC . 58.58 8.22 2.49
O2 EDO AC . 58.21 9.26 3.40
S DMS BC . 61.62 -10.39 -18.88
O DMS BC . 61.17 -9.59 -20.07
C1 DMS BC . 63.39 -10.76 -19.09
C2 DMS BC . 61.66 -9.31 -17.42
CBA J4V CC . 23.65 -44.10 -12.00
CAZ J4V CC . 24.53 -42.94 -12.43
CBF J4V CC . 26.00 -43.43 -12.61
CBC J4V CC . 26.05 -44.54 -13.64
CBB J4V CC . 25.52 -43.98 -14.98
CBD J4V CC . 25.12 -45.70 -13.14
CBE J4V CC . 23.92 -44.93 -13.12
CBG J4V CC . 23.18 -44.75 -14.31
CAY J4V CC . 24.03 -43.54 -14.81
CAW J4V CC . 24.01 -42.39 -13.78
CAV J4V CC . 22.63 -41.80 -13.50
OAX J4V CC . 21.65 -42.00 -14.20
N J4V CC . 22.62 -41.03 -12.40
CA J4V CC . 21.45 -40.28 -11.92
C J4V CC . 21.58 -40.11 -10.40
O J4V CC . 22.64 -39.76 -9.89
NAS J4V CC . 20.46 -40.40 -9.73
OAT J4V CC . 20.44 -40.30 -8.35
CAC J4V CC . 21.40 -39.02 -12.53
CAD J4V CC . 20.27 -38.24 -12.44
CAE J4V CC . 20.25 -36.97 -13.05
CAB J4V CC . 22.52 -38.53 -13.21
CAA J4V CC . 22.50 -37.28 -13.83
CAF J4V CC . 21.35 -36.49 -13.75
CAG J4V CC . 21.33 -35.23 -14.37
CAH J4V CC . 22.51 -34.62 -14.75
CAI J4V CC . 22.50 -33.38 -15.39
FAO J4V CC . 23.66 -32.77 -15.77
CAJ J4V CC . 21.31 -32.74 -15.65
FAN J4V CC . 21.32 -31.55 -16.25
CAK J4V CC . 20.12 -33.35 -15.28
FAM J4V CC . 18.95 -32.73 -15.53
CAL J4V CC . 20.12 -34.60 -14.63
C CO3 DC . 19.16 -44.04 -9.53
O1 CO3 DC . 19.29 -45.16 -8.93
O2 CO3 DC . 19.24 -42.93 -8.85
O3 CO3 DC . 18.95 -44.05 -10.82
ZN ZN EC . 22.94 -40.39 -7.90
S SO4 FC . 28.52 -57.86 -13.17
O1 SO4 FC . 29.85 -57.39 -12.81
O2 SO4 FC . 28.58 -58.64 -14.39
O3 SO4 FC . 27.98 -58.68 -12.06
O4 SO4 FC . 27.65 -56.71 -13.42
S SO4 GC . 4.08 -16.49 5.51
O1 SO4 GC . 5.04 -15.83 4.64
O2 SO4 GC . 4.72 -17.55 6.29
O3 SO4 GC . 3.44 -15.51 6.39
O4 SO4 GC . 3.04 -17.09 4.69
S SO4 HC . 29.60 -29.51 -15.02
O1 SO4 HC . 30.72 -28.89 -15.74
O2 SO4 HC . 29.74 -30.95 -15.12
O3 SO4 HC . 29.63 -29.15 -13.60
O4 SO4 HC . 28.34 -29.09 -15.60
C1 EDO IC . 10.36 -57.43 -23.84
O1 EDO IC . 9.93 -57.15 -22.52
C2 EDO IC . 11.61 -58.28 -23.70
O2 EDO IC . 11.20 -59.61 -23.35
OH3 1PE JC . 0.06 -20.90 8.06
C13 1PE JC . 1.84 -19.38 8.47
C23 1PE JC . 1.18 -20.31 7.46
OH4 1PE JC . 3.15 -19.83 8.72
C14 1PE JC . 4.37 -21.27 10.22
C24 1PE JC . 3.42 -20.07 10.07
OH5 1PE JC . 4.11 -21.86 11.46
C15 1PE JC . 3.02 -23.76 12.43
C25 1PE JC . 4.09 -23.27 11.46
OH6 1PE JC . 2.71 -25.11 12.15
C16 1PE JC . 0.32 -24.76 12.20
C26 1PE JC . 1.51 -25.58 12.71
C22 1PE KC . -2.50 -18.84 2.03
OH3 1PE KC . -2.36 -20.20 1.68
C13 1PE KC . -1.39 -22.36 2.12
C23 1PE KC . -1.30 -20.85 2.32
OH4 1PE KC . -1.03 -22.98 3.32
C14 1PE KC . -2.63 -23.45 5.01
C24 1PE KC . -1.88 -23.99 3.80
OH5 1PE KC . -3.64 -24.35 5.35
C25 1PE KC . -4.71 -23.76 6.03
CBA J4V LC . 25.03 -36.21 -34.14
CAZ J4V LC . 26.37 -36.83 -33.78
CBF J4V LC . 27.33 -35.74 -33.23
CBC J4V LC . 26.66 -35.05 -32.03
CBB J4V LC . 26.37 -36.09 -30.92
CBD J4V LC . 25.30 -34.43 -32.50
CBE J4V LC . 24.71 -35.64 -32.87
CBG J4V LC . 24.12 -36.48 -31.91
CAY J4V LC . 25.41 -37.18 -31.46
CAW J4V LC . 26.10 -37.86 -32.69
CAV J4V LC . 25.28 -39.01 -33.28
OAX J4V LC . 24.18 -39.35 -32.85
N J4V LC . 25.94 -39.65 -34.24
CA J4V LC . 25.44 -40.83 -34.94
C J4V LC . 26.11 -40.83 -36.32
O J4V LC . 27.33 -40.65 -36.41
NAS J4V LC . 25.29 -41.01 -37.37
OAT J4V LC . 25.89 -41.03 -38.83
CAC J4V LC . 25.73 -42.02 -34.22
CAD J4V LC . 25.07 -43.21 -34.56
CAE J4V LC . 25.34 -44.41 -33.89
CAB J4V LC . 26.68 -42.05 -33.19
CAA J4V LC . 26.95 -43.25 -32.52
CAF J4V LC . 26.28 -44.44 -32.87
CAG J4V LC . 26.58 -45.63 -32.18
CAH J4V LC . 27.77 -45.71 -31.47
CAI J4V LC . 28.11 -46.86 -30.78
FAO J4V LC . 29.28 -46.94 -30.08
CAJ J4V LC . 27.27 -47.96 -30.81
FAN J4V LC . 27.58 -49.03 -30.18
CAK J4V LC . 26.08 -47.89 -31.52
FAM J4V LC . 25.25 -49.04 -31.50
CAL J4V LC . 25.73 -46.73 -32.20
C CO3 MC . 22.68 -38.28 -38.30
O1 CO3 MC . 23.22 -39.27 -38.97
O2 CO3 MC . 22.40 -38.40 -37.04
O3 CO3 MC . 22.43 -37.16 -38.88
ZN ZN NC . 28.05 -40.05 -38.27
S SO4 OC . 26.08 -68.91 -54.52
O1 SO4 OC . 27.33 -68.32 -54.98
O2 SO4 OC . 25.70 -70.00 -55.41
O3 SO4 OC . 26.26 -69.44 -53.17
O4 SO4 OC . 25.03 -67.90 -54.53
S SO4 PC . 23.25 -22.26 -33.13
O1 SO4 PC . 24.39 -21.36 -32.94
O2 SO4 PC . 23.75 -23.63 -33.01
O3 SO4 PC . 22.25 -21.99 -32.10
O4 SO4 PC . 22.64 -22.07 -34.44
C1 EDO QC . 20.46 -29.66 -20.48
O1 EDO QC . 21.13 -28.99 -21.56
C2 EDO QC . 21.48 -30.32 -19.56
O2 EDO QC . 22.37 -29.34 -19.00
C1 EDO RC . 23.46 -31.46 -27.04
O1 EDO RC . 24.21 -32.66 -27.30
C2 EDO RC . 24.37 -30.23 -27.00
O2 EDO RC . 25.10 -30.19 -25.77
C1 EDO SC . 5.94 -54.29 -30.33
O1 EDO SC . 5.04 -53.17 -30.24
C2 EDO SC . 6.87 -54.31 -29.12
O2 EDO SC . 6.72 -55.55 -28.42
C13 1PE TC . 16.84 -64.71 -56.42
C23 1PE TC . 16.26 -65.73 -57.42
OH4 1PE TC . 17.83 -65.30 -55.61
C14 1PE TC . 18.53 -66.22 -53.46
C24 1PE TC . 17.44 -65.51 -54.27
OH5 1PE TC . 18.47 -67.60 -53.71
C15 1PE TC . 17.87 -69.86 -53.21
C25 1PE TC . 17.81 -68.39 -52.76
OH6 1PE TC . 16.72 -70.15 -53.97
C13 1PE UC . 25.25 -62.59 -61.11
C23 1PE UC . 24.08 -62.02 -61.91
OH4 1PE UC . 24.86 -63.74 -60.40
C14 1PE UC . 25.48 -65.46 -58.83
C24 1PE UC . 25.64 -64.00 -59.24
OH5 1PE UC . 24.16 -65.87 -59.05
C15 1PE UC . 22.16 -67.03 -58.45
C25 1PE UC . 23.63 -66.79 -58.11
OH6 1PE UC . 21.46 -67.34 -57.28
C22 1PE VC . 12.33 -24.07 -43.23
OH3 1PE VC . 13.09 -23.31 -44.15
C13 1PE VC . 13.32 -22.87 -46.50
C23 1PE VC . 12.41 -22.76 -45.26
OH4 1PE VC . 12.73 -22.41 -47.69
C14 1PE VC . 10.94 -23.84 -48.37
C24 1PE VC . 12.40 -23.42 -48.61
OH5 1PE VC . 10.63 -25.02 -49.07
C15 1PE VC . 9.03 -26.42 -47.94
C25 1PE VC . 9.28 -25.38 -49.03
OH6 1PE VC . 8.85 -25.80 -46.68
C16 1PE VC . 8.37 -25.90 -44.33
C26 1PE VC . 8.46 -26.66 -45.65
CBA J4V WC . 48.99 -23.42 -29.94
CAZ J4V WC . 47.83 -24.33 -30.37
CBF J4V WC . 48.23 -25.79 -30.14
CBC J4V WC . 48.56 -26.00 -28.66
CBB J4V WC . 47.31 -25.65 -27.79
CBD J4V WC . 49.75 -25.05 -28.31
CBE J4V WC . 49.07 -23.85 -28.61
CBG J4V WC . 48.17 -23.29 -27.66
CAY J4V WC . 46.93 -24.18 -28.00
CAW J4V WC . 46.58 -24.01 -29.50
CAV J4V WC . 46.02 -22.60 -29.87
OAX J4V WC . 46.22 -21.59 -29.21
N J4V WC . 45.26 -22.68 -30.97
CA J4V WC . 44.59 -21.54 -31.60
C J4V WC . 44.55 -21.93 -33.07
O J4V WC . 44.09 -23.02 -33.43
NAS J4V WC . 45.08 -21.03 -33.90
OAT J4V WC . 45.07 -21.38 -35.29
CAC J4V WC . 43.27 -21.38 -31.15
CAD J4V WC . 42.58 -20.22 -31.48
CAE J4V WC . 41.27 -20.04 -31.05
CAB J4V WC . 42.65 -22.38 -30.40
CAA J4V WC . 41.34 -22.20 -29.95
CAF J4V WC . 40.64 -21.04 -30.30
CAG J4V WC . 39.32 -20.86 -29.85
CAH J4V WC . 38.55 -21.95 -29.48
CAI J4V WC . 37.25 -21.75 -29.03
FAO J4V WC . 36.44 -22.79 -28.67
CAJ J4V WC . 36.73 -20.47 -28.93
FAN J4V WC . 35.46 -20.25 -28.50
CAK J4V WC . 37.51 -19.39 -29.29
FAM J4V WC . 36.99 -18.18 -29.18
CAL J4V WC . 38.81 -19.58 -29.75
C CO3 XC . 48.66 -19.86 -33.96
O1 CO3 XC . 49.82 -20.18 -34.41
O2 CO3 XC . 48.50 -19.81 -32.68
O3 CO3 XC . 47.66 -19.61 -34.76
ZN ZN YC . 44.91 -23.44 -35.43
S SO4 ZC . 43.27 -36.40 -49.91
O1 SO4 ZC . 44.33 -37.13 -49.26
O2 SO4 ZC . 43.56 -36.37 -51.34
O3 SO4 ZC . 43.15 -35.05 -49.37
O4 SO4 ZC . 42.00 -37.09 -49.68
S SO4 AD . 24.70 -5.14 -54.21
O1 SO4 AD . 25.99 -5.40 -53.59
O2 SO4 AD . 24.45 -6.20 -55.18
O3 SO4 AD . 23.68 -5.07 -53.18
O4 SO4 AD . 24.74 -3.86 -54.92
S SO4 BD . 4.82 5.45 -39.14
O1 SO4 BD . 5.59 6.33 -40.00
O2 SO4 BD . 5.73 4.48 -38.55
O3 SO4 BD . 4.14 6.23 -38.10
O4 SO4 BD . 3.81 4.76 -39.95
S SO4 CD . 60.98 -29.24 -27.23
O1 SO4 CD . 62.19 -28.93 -28.01
O2 SO4 CD . 61.34 -30.14 -26.15
O3 SO4 CD . 59.98 -29.86 -28.10
O4 SO4 CD . 60.42 -28.01 -26.68
C1 EDO DD . 22.18 9.34 -48.10
O1 EDO DD . 21.01 8.73 -47.54
C2 EDO DD . 23.24 9.44 -47.01
O2 EDO DD . 24.41 10.10 -47.53
C1 EDO ED . 8.15 -3.53 -23.65
O1 EDO ED . 7.17 -2.56 -24.04
C2 EDO ED . 9.26 -3.65 -24.69
O2 EDO ED . 9.85 -2.36 -24.91
C1 EDO FD . 12.62 -4.43 -39.76
O1 EDO FD . 11.47 -4.98 -39.08
C2 EDO FD . 13.79 -5.40 -39.56
O2 EDO FD . 14.08 -6.04 -40.80
C1 EDO GD . 50.16 -19.61 -60.25
O1 EDO GD . 50.32 -20.41 -59.07
C2 EDO GD . 50.39 -18.14 -59.92
O2 EDO GD . 51.60 -17.99 -59.15
C12 1PE HD . 29.72 -0.14 -55.93
C22 1PE HD . 29.07 -1.33 -55.21
OH3 1PE HD . 27.97 -1.81 -55.94
C13 1PE HD . 27.90 -3.83 -57.25
C23 1PE HD . 27.77 -3.20 -55.86
OH4 1PE HD . 28.63 -5.01 -57.17
C14 1PE HD . 30.31 -6.28 -58.33
C24 1PE HD . 28.98 -5.56 -58.43
OH5 1PE HD . 31.16 -5.74 -59.31
C15 1PE HD . 33.20 -4.75 -60.02
C25 1PE HD . 32.49 -5.55 -58.93
OH6 1PE HD . 33.21 -3.39 -59.67
C26 1PE HD . 34.51 -2.88 -59.57
C12 1PE ID . 27.17 4.84 -52.86
C22 1PE ID . 27.28 4.69 -51.34
OH3 1PE ID . 26.46 3.64 -50.91
C13 1PE ID . 27.09 1.47 -50.12
C23 1PE ID . 26.83 2.36 -51.33
OH4 1PE ID . 28.48 1.30 -49.98
C14 1PE ID . 30.49 0.19 -50.61
C24 1PE ID . 29.00 0.32 -50.84
OH5 1PE ID . 31.11 0.36 -51.84
C15 1PE ID . 32.73 1.41 -53.22
C25 1PE ID . 32.40 0.89 -51.82
OH6 1PE ID . 31.99 2.57 -53.55
C16 1PE ID . 31.59 4.21 -55.28
C26 1PE ID . 31.79 2.73 -54.93
OH7 1PE ID . 30.70 4.78 -54.36
CBA J4V JD . 47.81 -49.99 -31.23
CAZ J4V JD . 47.62 -48.66 -30.49
CBF J4V JD . 46.08 -48.43 -30.29
CBC J4V JD . 45.49 -49.61 -29.49
CBB J4V JD . 46.22 -49.69 -28.09
CBD J4V JD . 45.74 -50.91 -30.28
CBE J4V JD . 47.16 -50.81 -30.26
CBG J4V JD . 47.91 -51.26 -29.12
CAY J4V JD . 47.75 -49.96 -28.32
CAW J4V JD . 48.34 -48.77 -29.12
CAV J4V JD . 49.86 -48.88 -29.41
OAX J4V JD . 50.65 -49.53 -28.72
N J4V JD . 50.25 -48.12 -30.44
CA J4V JD . 51.65 -48.02 -30.87
C J4V JD . 51.63 -47.61 -32.33
O J4V JD . 50.88 -46.73 -32.72
NAS J4V JD . 52.45 -48.30 -33.13
OAT J4V JD . 52.44 -47.92 -34.57
CAC J4V JD . 52.30 -47.06 -30.09
CAD J4V JD . 53.68 -47.07 -30.02
CAE J4V JD . 54.35 -46.12 -29.26
CAB J4V JD . 51.58 -46.10 -29.40
CAA J4V JD . 52.25 -45.14 -28.63
CAF J4V JD . 53.63 -45.16 -28.56
CAG J4V JD . 54.30 -44.21 -27.79
CAH J4V JD . 53.63 -43.07 -27.37
CAI J4V JD . 54.30 -42.13 -26.60
FAO J4V JD . 53.71 -41.04 -26.18
CAJ J4V JD . 55.62 -42.32 -26.25
FAN J4V JD . 56.24 -41.39 -25.51
CAK J4V JD . 56.28 -43.45 -26.66
FAM J4V JD . 57.60 -43.61 -26.29
CAL J4V JD . 55.63 -44.40 -27.45
C CO3 KD . 51.41 -51.92 -33.93
O1 CO3 KD . 51.14 -52.90 -34.71
O2 CO3 KD . 51.11 -52.02 -32.68
O3 CO3 KD . 52.01 -50.85 -34.39
ZN ZN LD . 50.63 -46.71 -34.73
S SO4 MD . 36.20 -58.74 -31.54
O1 SO4 MD . 37.44 -57.97 -31.43
O2 SO4 MD . 36.27 -59.60 -32.72
O3 SO4 MD . 36.04 -59.56 -30.34
O4 SO4 MD . 35.05 -57.84 -31.66
S SO4 ND . 79.86 -35.47 -45.62
O1 SO4 ND . 81.24 -35.18 -45.95
O2 SO4 ND . 79.25 -36.25 -46.70
O3 SO4 ND . 79.84 -36.21 -44.37
O4 SO4 ND . 79.10 -34.23 -45.44
C1 EDO OD . 50.75 -70.35 -21.04
O1 EDO OD . 49.68 -69.46 -21.34
C2 EDO OD . 51.51 -70.64 -22.32
O2 EDO OD . 52.14 -69.43 -22.77
OH3 1PE PD . 45.43 -68.38 -38.54
C13 1PE PD . 44.09 -68.98 -40.50
C23 1PE PD . 45.06 -67.99 -39.85
OH4 1PE PD . 44.76 -69.55 -41.60
C14 1PE PD . 45.70 -69.44 -43.85
C24 1PE PD . 44.60 -68.97 -42.87
OH5 1PE PD . 46.98 -69.28 -43.25
C15 1PE PD . 48.69 -70.90 -43.81
C25 1PE PD . 48.11 -69.48 -44.04
OH6 1PE PD . 49.56 -70.89 -42.70
C16 1PE PD . 50.08 -71.57 -40.46
C26 1PE PD . 49.08 -71.65 -41.62
OH7 1PE PD . 49.40 -71.14 -39.30
C12 1PE QD . 77.41 -43.45 -53.06
C22 1PE QD . 77.08 -41.99 -53.38
OH3 1PE QD . 76.75 -41.32 -52.19
C13 1PE QD . 76.83 -39.32 -50.87
C23 1PE QD . 76.66 -39.94 -52.28
OH4 1PE QD . 78.07 -38.68 -50.80
C14 1PE QD . 80.10 -39.09 -49.61
C24 1PE QD . 78.65 -38.61 -49.52
OH5 1PE QD . 80.55 -39.43 -48.33
C15 1PE QD . 81.34 -41.66 -48.76
C25 1PE QD . 81.68 -40.26 -48.26
OH6 1PE QD . 82.52 -42.41 -48.96
OH3 1PE RD . 82.82 -42.32 -42.17
C13 1PE RD . 81.85 -44.03 -43.53
C23 1PE RD . 81.60 -42.93 -42.49
OH4 1PE RD . 80.70 -44.17 -44.33
C14 1PE RD . 81.54 -45.14 -46.32
C24 1PE RD . 80.67 -45.35 -45.08
OH5 1PE RD . 82.46 -46.20 -46.39
OH4 1PE SD . 40.98 -54.01 -24.08
C14 1PE SD . 42.40 -52.09 -24.37
C24 1PE SD . 42.00 -53.48 -24.89
OH5 1PE SD . 43.80 -51.98 -24.33
C25 1PE SD . 44.30 -50.69 -24.04
#